data_6GB2
#
_entry.id   6GB2
#
_cell.length_a   1.0
_cell.length_b   1.0
_cell.length_c   1.0
_cell.angle_alpha   90.00
_cell.angle_beta   90.00
_cell.angle_gamma   90.00
#
_symmetry.space_group_name_H-M   'P 1'
#
loop_
_entity.id
_entity.type
_entity.pdbx_description
1 polymer 'Mitochondrial ribosomal protein L12'
2 polymer 'Mitochondrial ribosomal protein L27'
3 polymer 'Mitochondrial ribosomal protein L28'
4 polymer 'Mitochondrial ribosomal protein L47'
5 polymer "'Mitochondrial ribosomal protein L30"
6 polymer "'Mitochondrial ribosomal protein L55"
7 polymer 'Mitochondrial ribosomal protein L32'
8 polymer 'Mitochondrial ribosomal protein L33'
9 polymer 'Mitochondrial ribosomal protein L34'
10 polymer 'Mitochondrial ribosomal protein L35'
11 polymer 'Ribosomal protein'
12 polymer '16S ribosomal RNA, mitochondrial'
13 polymer 'CP tRNAPhe, mitochondrial'
14 polymer 'Translation initiation factor IF-2, mitochondrial'
15 polymer 'Mitochondrial ribosomal protein L2'
16 polymer ICT1
17 polymer 'Mitochondrial ribosomal protein L4'
18 polymer 'Mitochondrial ribosomal protein L9'
19 polymer 'Mitochondrial ribosomal protein L10'
20 polymer 'Mitochondrial ribosomal protein L11'
21 polymer 'Mitochondrial ribosomal protein L13'
22 polymer 'Mitochondrial ribosomal protein L14'
23 polymer 'Mitochondrial ribosomal protein L15'
24 polymer 'Mitochondrial ribosomal protein L16'
25 polymer 'Mitochondrial ribosomal protein L17'
26 polymer 'Mitochondrial ribosomal protein L18'
27 polymer 'Mitochondrial ribosomal protein L19'
28 polymer 'Mitochondrial ribosomal protein L20'
29 polymer 'Mitochondrial ribosomal protein L21'
30 polymer 'Mitochondrial ribosomal protein L22'
31 polymer 'Mitochondrial ribosomal protein L23'
32 polymer 'Mitochondrial ribosomal protein L24'
33 polymer 'Mitochondrial ribosomal protein L37'
34 polymer 'Mitochondrial ribosomal protein L38'
35 polymer 'Mitochondrial ribosomal protein L39'
36 polymer 'Mitochondrial ribosomal protein L40'
37 polymer 'Mitochondrial ribosomal protein L41'
38 polymer 'Mitochondrial ribosomal protein L42'
39 polymer 'Mitochondrial ribosomal protein L43'
40 polymer 'Mitochondrial ribosomal protein L44'
41 polymer 'Mitochondrial ribosomal protein L45'
42 polymer 'Mitochondrial ribosomal protein L46'
43 polymer 'Mitochondrial ribosomal protein L48'
44 polymer Mrpl34
45 polymer 'Mitochondrial ribosomal protein L50'
46 polymer 'Mitochondrial ribosomal protein L51'
47 polymer 'Mitochondrial ribosomal protein L52'
48 polymer 'mL53, MRPL53'
49 polymer 'Uncharacterized protein'
50 polymer 'Mitochondrial ribosomal protein L57'
51 polymer 'Mitochondrial ribosomal protein L58'
52 polymer "'Mitochondrial ribosomal protein L59"
53 polymer 'mL65, MRPS30'
54 polymer 'Mitochondrial ribosomal protein S18A'
55 polymer 'unassigned secondary structure elements'
56 polymer 'P-site fMet-tRNAMet, mitochondrial'
57 non-polymer 'MAGNESIUM ION'
58 non-polymer 'ZINC ION'
59 non-polymer "GUANOSINE-5'-MONOPHOSPHATE"
60 non-polymer SPERMINE
61 non-polymer "5'-GUANOSINE-DIPHOSPHATE-MONOTHIOPHOSPHATE"
62 non-polymer 'SODIUM ION'
63 non-polymer N-FORMYLMETHIONINE
64 water water
#
loop_
_entity_poly.entity_id
_entity_poly.type
_entity_poly.pdbx_seq_one_letter_code
_entity_poly.pdbx_strand_id
1 'polypeptide(L)'
;MLPAAASSLWGPCFGLRAAALRVARHQGPRLCGVRLMRCSSHRKGEALAGAPLDNAPKEYPPKIQQLVQDIASLTLLEIS
DLNELLKKTLKIQDVGFMPMGAVAPGAPPAAAAPEAAEEDLPKRKEQTHFTVRLTEAKPVDKVKLIKEIKSHIQGINLVQ
AKKLVESLPQEIKANVPKAEAEKIKAALEAVGGTVVLE
;
CL,DL,EL,FL,GL,HL,BL
2 'polypeptide(L)'
;MALAVLALRTRAAVTALLSPPQAAALAVRYASKKTGGSSKNLGGKSPGKRFGIKKMEGHYVHAGNILATQRHFRWHPGAH
VGLGKNKCLYALEEGVVRYTKEVYVPNPSNSEAVDLVTRLPQGAVLYKTFVHVVPAKPEGTFKLVAML
;
B0
3 'polypeptide(L)'
;MPLHKVPVGLWKQLRLWEGIYSRLPRHYLRSLEEARTPTPVHYRPHGAKFKINPKNWQRERVEDVPIPVHYPPESQLGLW
GGEGWVLGHRYVNNDKLSKRVRKVWKPQLFQRELYSEILDKRFTVTVTMRTLDLIDQACGFDFYILKTPKEDLCSKFGMD
LKRGMLLRLARQDPQLHPDDPARRAAIYDRYKAFVIPEAEAEWVGLTLDEAVEKQRLLEEKDPIPLFKIFVEELLGQLQQ
QALSEPAVVQTRASRK
;
B1
4 'polypeptide(L)'
;MAAAGLAVFCRRVSAALKACRLLIRPQAPPSTSCRFSPSLLPKNTPNVTSFHQFRIFHTTFSRRGLEEFFDDPKNWGEEK
VKSGASWTCQQLRNKSNEDLHKLWYVLLKERNMLLTLEQEAKRQRLPMPSPERLEKVVDSMDALDKVVQEREDALRLLQT
GQEKARPGAWRRDIFGRIIWHKFKQWPIPWYLNKKYNRKRFFAMPYVERFVRMRIEKQARIKARKRSLERKKEKFLQEKF
PHLSETQKSSHV
;
B2
5 'polypeptide(L)'
;MAGILRSVVQRPPGRLQTVTKGMESLICTDWIRHKFTRSRIPDKVFQPSPEDHEKYGGDPQYPHKLHIVTRIKSTKRRPY
WEKDIIKMLGLEKAHTPQVHKNIPSVNAKLKVVKHLIRIKPLKLPQGLPTEEDMANTCLKSNGELVVRWLLNPANQEARK
S
;
B3
6 'polypeptide(L)'
;MAAKGSLLRLLWQRVVTGAAPESCRHLYTSSWRADCNRALLTRLHRQTYARLYPVLLVKQDGSTIHIRYREPRRMLTMPV
DLDSLSPEERRARFRKREAKFKEKKEEPELSDDFDVEQYKRFWTKK
;
B4
7 'polypeptide(L)'
;MASAMLVLVVPPWPAARGLLRNWWEQLQRKLQHNRLGLPLHPWGPALAVQGPAICTEPANDTNGSKAISSLLDSVFWMAA
PKNRRSIEVNRCRRRNPQKLIKVKNNIDVCPECGHLKQKHILCGYCYEKVRKETAEIRRQMGKQEGGPFRAPTTETVVLY
SGETPSEQDQGKRIIERERKRPSWFTQN
;
B5
8 'polypeptide(L)' MFLSAVTFAKSKSKTILVKMMSQAGTGFSFNTKRSRLREKLTLLHYDPVVKKKVLFVEQKKIRSL B6
9 'polypeptide(L)'
;MAFLARSVGRLLDPVSRSAALVGGRWLQPQAWLGFPDTWGLPAMQQTRGKARGNEYQPSNIKRKHKHGWVRRLRTPTGVQ
VILRRMHKGRKSLSH
;
B7
10 'polypeptide(L)'
;MAASAFAGAVRAATGILRPLHILASSAYQNCAKNACLSSVLSSRHFSHIQTSALLSAPRLITSVRNLMCGPTAPVLNRVA
PLLPHVLKPPVRTVTYFSSRKGKRKTVKAVIYRFLRLHSGLWLRRKAGYKKKLWKKTAARKRRLREFVFCNKTQSKLLDK
MTTSFWKRRNWYADDPYQKYQDRTNLKV
;
B8
11 'polypeptide(L)'
;MATAFLRTVLSAVGPLLHLGGRPLSTFAAGPPRAALAVGAQPSPAAALLSARPLLGPQPALGFKTKGVLKKRCRDCYLVK
RRGRWFIYCKTNPKHKQRQM
;
B9
12 'polyribonucleotide'
;ACCAAAGCUAGCUCAACAUACUAAACAAAUACAAAAAUACACCAAAAUAAAAUAAAACAUUCACCUAACAUUAAAGUAUA
GGAGAUAGAAAUUUUUAUCCUGACGCUAUAGAGAUAGUACCGUAAGGGAAAGAUGAAAGAAUAAAAUAAAAGUAAAAAAA
AGCAAAGAUUACCCCUUCUACCUUUUGCAUAAUGGUUUAACCAGAAAAAAUCUAACAAAGAGAACUUUAGCUAGAUACCC
CGAAACCAGACGAGCUACCCAUGAGCAGUUUAAAAGAACCAACUCAUCUAUGUGGCAAAAUAGUGAGAAGACUUGUAGGU
AGAGGUGAAAAGCCUAACGAGCCUGGUGAUAGCUGGUUGUCCGAGAAAGAAUUUUAGUUCAACCUUAAAAAUACCCCAAA
AACCCUAAAUUCCAAUGUAUUUUUAAGAGAUAGUCUAAAAAGGUACAGCUUUUUAGAAACGGAUACAACCUUGACUAGAG
AGUAAAAUCUUAAUACUACCAUAGUAGGCCUAAAAGCAGCCAUCAAUUGAGAAAGCGUUAAAGCUCAACAAAUUCACCAA
CAUAAUCCCAAAAACUAAUAACAAACUCCUAGCCCAAUACCGGACUAAUCUAUUGAAACAUAGAAGCAAUAAUGUUAAUA
UGAGUAACAAGAAGCCUUUCUCCUCGCACACGCUUACAUCAGUAACUAAUAAUAUACUGAUAAUUAACAACCAAUAAACC
AAAACAACACUAAAACGUUUAUUAAUUACAUUGUUAACCCAACACAGGAGUGCACCAAGGAAAGAUUAAAAGAAGUAAAA
GGAACUCGGCAAACACAAACCCCGCCUGUUUACCAAAAACAUCACCUCUAGCAUUACUAGUAUUAGAGGCAAUGCCUGCC
CAGUGACACCAGUUUAACGGCCGCGGUAUUCUGACCGUGCAAAGGUAGCAUAAUCACUUGUUCUCCAAAUAAGGACUUGU
AUGAAUGGCCACACGAGGGUUUUACUGUCUCUUACUUCCAAUCAGUGAAAUUAACCUUCCCGUGAAGAGGCGGGAAUAAA
AAAAUAAGACGAGAAGACCCUAUGGAGCUUUAAUUAACUAUUCCAAAAGUUAAACAACUCAACCACAAAGGGAUAAAACA
UAACUUAACAUGGACUAGCAAUUUCGGUUGGGGUGACCUCGGAGUACAAAAAACCCUCCGAGUGAUUUUAAUCUAGACAA
ACCAGUCAAAAUAACCAUAACAUCACUUAUUGAUCCAAAAUUUUGAUCAACGGAACAAGUUACCCUAGGGAUAACAGCGC
AAUCCUGUUCUAGAGUUCCUAUCGACAAUAGGGUUUACGACCUCGAUGUUGGAUCAGGACACCCAAAUGGUGCAACCGCU
AUUAAAGGUUCGUUUGUUCAACGAUUAAAGUCCUACGUGAUCUGAGUUCAGACCGGAGCAAUCCAGGUCGGUUUCUAUCU
AUUAUAAAUUUCUCCCAGUACGAAAGGACAAGAGAAAUGGGACCAACCUCACAAACGCGUCUCAGAGAUAAUUAAUGAUU
UAAUCUUAACCUAAUUAACUCAUAAUAAAUCCAGCCCUAGAACAGGGCACA
;
BA
13 'polyribonucleotide' GUUAAUGUAGCUUAAAUUAUCAAAGCAAGGCACUGAAAAUGCCUAGAUGAGCCUCACAGCUCCAUAAACACCA BB
14 'polypeptide(L)'
;SGGSGSGWKSQLSSTKSKKVVEVWIGMTIEELARAMEKNTDYVYEALLNTDIDIDSLEADSHLDEVWIKEVITKAGMKLK
WSKLKQDKVRKNKDAVRRPQADPALLTPRSPVVTIMGHVDHGKTTLLDKFRKTQVAAVETGGITQHIGAFLVSLPSGEKI
TFLDTPGHAAFSAMRARGAQVTDIVVLVVAADDGVMKQTVESIQHAKDAQVPIILAVNKCDKAEADPEKVKKELLAYDVV
CEDYGGDVQAVPVSALTGDNLMALAEATVALAEMLELKADPNGPVEGTVIESFTDKGRGLVTTAIIQRGTLRKGSVLVAG
KCWAKVRLMFDENGKTIDEAYPSMPVGITGWRDLPSAGEEILEVESEPRAREVVDWRKYEQEQEKGQEDLKIIEEKRKEH
KEAHQKAREKYGHLLWKKRSILRFLERKEQIPLKPKEKRERDSNVLSVIIKGDVDGSVEAILNIIDTYDASHECELELVH
FGVGDVSANDVNLAETFDGVIYGFNVNAGNVIQQSAAKKGVKIKLHKIIYRLVEDLQEELSSRLPCAVEEHPVGEASILA
TFSVTEGKKKVPVAGCRVQKGQLEKQKKFKLTRNGHVIWKGSLTSLKHHKDDISIVKTGMDCGLSLDEDNMEFQVGDRIV
CYEEKQIQAKTSWDPGF
;
BC
15 'polypeptide(L)'
;MALRVLTRALSSLSLTPRIAVAPGLNLLPAVQVTNNVLLTLPSGLMSLPCRPILTSVALSATSVSWKSRTKYTVMPVKMR
KSGGRNHTGQIQVHGIGGGHKQRYRMIDFLRFRPEHESKPGPFEEKVIAVRYDPCRSADIALVAGGNRKRWIIATENMKA
GDTVLNSDHIGRMAVAAREGDAHPLGALPVGTLINNVESEPGRGAQYIRAAGTCGVLLRKVNGTAIIQLPSKRQMQVLET
CIATVGRVSNVDHNKRVIGKAGRNRWLGKRPNSGLWQRKGGWAGRKIRPLPPMKSYVKLPSAAAQS
;
BD
16 'polypeptide(L)'
;MPGWGLLGRAGARVLGCGADGLGASRGLGNRTDICLLVRSLHGKSVTWWDEHLSEENVPFVKQLVSDENKAQLASKLCPL
KDEPWPIHPWEPGSSRVGLIALKLGMMPLWTKDGQKHVVTLLQVQDCHVLKYTPKENHNGRMAALTVGGKTVSHFHKSAS
ILEFYQELGLPPKQKVKIFNVTENAVIKPGTPLYAAHFRPGQYVDVTAKTIGKGFQGVMRRWGFKGQPATHGQTKTHRRP
GAISTGDVARVWPGTKMPGQLGNIDRTAFGLKVWRINTKHNIIYVNGSVPGHKNCLVKIKDSKLPAYKDFCKNLPFPTYF
PDGDEEALPEDLYDENVCQPGAPSITFT
;
BE
17 'polypeptide(L)'
;MLQLVRAGARTWFRPSGCRGLNTLAEEAVQQAEKPESVASLGLQPPVLRKCELPVPAHRRPVQAWIESLRGYEQERVGLT
ELHPDVFSTAPRLDILHQVAIWQKNFKRISYAKTKTRAEVRGGGRKPWVQKGSGRARHGSIRSPIWRGGGVAHGPRGPTS
YYYMLPMKVRVQGLKVALTVKLAQDDLHIVDSLELPTADPQYLIELARYRRWGDSVLLVDLEHEDMPQNVVAATSGLKTF
NLVPAVGLNVHSMLKHQTLVLTLPTVAFLEEKLLWHNSRYTPLYPFRLPYCDFP
;
BF
18 'polypeptide(L)'
;MAAAACTAAGGGLLRAGLERLLRGGVRALLRPRLEGVTPRSERAFSLSLSRSTVIVERWWKVPLAGEGRKPRLHRRHRVY
KLVEDTKHRPKDNLELVLTQSVEELGVRGDLVSVKKSVGRNRLLPQGLAVYASPENKKLFEEEKLLRQEGKLEKLQTKAG
EATVKFLRRCHLEVGMKNNVKWELNPEIVARHFLRNLGVVVAPHALKLPEEPITQRGEYWCEVTVNGLDTVRVPMSVVNF
ERPKTKRYKYWLAQQAAKGDVPTSSQMI
;
BI
19 'polypeptide(L)'
;MAAVVAGMLRGGLLPQAGRLPTFQTVRYGSKAVTRHRRVMHFERQKLMAVTEYIPPKPTINPRCLPPPPTPPQEETGLVR
LLRREIAAVFRDNRMIAVCQHVALSAEDKLLLRHQLRKHKILMKIFPNQVLKPFLEESKYQNLLPLFVGHNLLLVSEEPK
VKEMVRILKGIPFLPLLGGCIDDTILSRQGFINYSKLPSLALVQGELVGGLTFLTAQTYSMLQHQPRQLTALLDQYVKQQ
QEGHPAVPASGQPEPPDPVPDP
;
BJ
20 'polypeptide(L)'
;MSKLSRATRALKKPEASGMIRAIVRAGQARPGPPLGPILGQRGVSINQFCKEFNEKTKDIKEGIPLPTKIFVKPDRTFEI
KIGQPTVSYFLKAAAGIEKGARHTGKEVAGLVTLKHVYEIARVKAQDDAFALQDVPLSSVVRSIIGSARSLGIRVVKDLS
SEELAAFQKERALFLAAQREADLAAQAEAAKK
;
BK
21 'polypeptide(L)'
;MSSFSKAPQQWATFARVWYLLDGKMQPPGKLAAMASVKLQGLHKPVYHQLSDCGDHVVIMNTRHIAFSGNKWEQKVYSSH
TGYPGGFRQVTAAQLHQKDPVAIVKLAIYGMLPKNLHRRTMMQRLHLFPDEDIPEDILKNLVEELPQPRKVPRRLDEYTQ
EEIEAFPRVWSPPEDYRL
;
BN
22 'polypeptide(L)'
;MAFCTGLRGPFAQVSRALSQRCFSTTGSLSAIQKMTRVRVVDNSALGTTPYHRPPRCIHVYNKTGVGKVGDRILLAIRGQ
KKKALIVGHRMPGPRMTPRFDSNNVVLLEDNGNPVGTRIKTPIPSSLRQREGEFSKVLAIAQNFV
;
BO
23 'polypeptide(L)'
;MGGPVQGGGPRALDLLRALPRVSLANLKPNPGSRKPERRPRGRRRGRKCGRGHKGERQRGTRPRLGFEGGQTPFYLRIPK
YGFNEGHSFRHQYQPLSLNRLQYLIDLGRVDPTQPIDLTQLVNGRGVTIQPSKRDYGVQLVEEGADTFKAKVNIEVQMAS
ELAIAAIEKNGGVVTTAFYDPRSLEILCKPVPFFLRGQPIPKRMLPPEALVPYYTDAKNRGYLADPARFPEARLELARKY
GYVLPDITKDELFKMLSTRKDPRQIFFGLAPGWVVNMADKKILKPTDENLLKYYSS
;
BP
24 'polypeptide(L)'
;MWRLLARACAPLLRAPLSDSWAAPSATAGFKTLLPVPTFEDVAIPEKPKLRFVERVPLVPKVRRERKNLSDIRGPSTEAT
EFTEGRFAILALGGGYLHWGHFEMMRLTINRSMDPKNMFALWRVPAPFKPITRKGMGQRMGGGKGAIDHYVTPVKAGRLI
VEMGGRCEFKEVQGFLDLVAHKLPFPAKAVSRETLEKMRKDQEERERNNQNPWTFERIATANMLGIRKVLSPYDLTHKGR
YWGKFYTPERV
;
BQ
25 'polypeptide(L)'
;MRLSVAAAISHGRVFRRLGLGPESRIHLLQNLLTGLVRHERIEASWARVDELRGYAEKLIDYGKLGDTNERAMRMADFWL
TEKDLIPKLFQVLAPRFQGQNGGYTRMLQIPNRNEQDRAKMAVIEYKGNCLPPLPLPRRDSNLTLLNQLLQGLRQDQEAS
SHTAQTPAV
;
BR
26 'polypeptide(L)'
;MALRSRFWALLSICRNPGCRAAALSTSCKPATNPETDPVENEAVAPEFTNRNPRNLELLAVARKERGWGTVWPSREFWHR
LRVIRTQHHIEALVEHRNGQVVVSASTREWAIKKHLYSTRNVVACESVGRVLAERCLEAGINFMVYHPTPWEAASDSIKR
LQHAMTEGGVVLREPRRIYE
;
BS
27 'polypeptide(L)'
;MAASITRGSWAAVGLGQSFPPTRALLPAPASVICRTLAGSGRQQVTGSSEPGAFQPPPKPVIVDKRRPQRPETRFLSPEF
IPPRGRTNPLKFQIERKDMLERRKILHIPEFYVGSILRVTTADPYASAKTSQFLGICIQRSGSGLGATFILRNTIEGQGV
EICFELYNPRIQEIQVVKLEKRLDNSLLYLRDALPEYSTFDVNMKPITQEFNQEVPVNQLKVKMKPKPWSKRWERPKFNI
KGIRFDLCLTEEQMREAQKWSQPWLEFDMMREYDTSKIEAAIWDEIEASKNS
;
BT
28 'polypeptide(L)'
;MVFLTVPLWLRSRVTDRYWRVQEVLKHARHFRGRKNRCYRLAVRAVTRAFVKCTRARRLKKRSLRTLWINRITAASQEHG
LKYPAFIINLIKCQVELNRKVLADLAIYEPKTFKSLAALAKRRREEGFAAALGDGKEPDGIFSRVVQHR
;
BU
29 'polypeptide(L)'
;MAAAVAASVLQGTFGRLVSAYSRSVLRTSRPGTAPPWSAPRRLSSQHTSSLRGCVPKTSLGSPPWPDIVLPDPVEETRHH
AEVVGQVNELIAAGRYGRLFAVVHFAGHQWKVTAEDLILIENELDVACGERIRLEKVLLVGADNFTLLGKPLLGKELVRV
EATVIEKTESWPKINMKFQKRKNYQRKRITVNPQTVLRINSIEIAPCLC
;
BV
30 'polypeptide(L)'
;MAAAVLERLGGLWMQNLRGKLALRLLSSHSILPQSHIHTSASVEISRKWEKKNKIVYPPQLPGEPRRPAEIYHCRRQIKY
SKDKMWYLAKLIRGMSIDQALAQLEFSDKKGAQIIKEVLLEAQDMAVRDHNVEFRSNLYVAESTSGRGQYLKRIRYHGRG
RFGIMEKVFCHYFVKLVEGPPPPREAPKTAVAHAREYIQELRNRTITHAL
;
BW
31 'polypeptide(L)'
;MARNVLYPLYQLGNPQLRVFRTNFFIQLVRPGTAQPEDTVQFRIPMEMTRVDLRNYLERIYNVPVAAVRTRVQYGSNRRR
DHRNIRIKKPDYKVAYVQLALGQTFTFPDLFPERKGASVDVDVRDQVLEDQRQKHSPDPRRGGVPGWFGL
;
BX
32 'polypeptide(L)'
;MRLSALLALASKVTLPPNYRYGMSRPGSLSDKRKNPPGTRRRRVPVEPISDEDWHLFCGDKVEILEGKDAGKQGKVVQVI
RQRNWVVVEGLNTHYRYVGKTVDYRGTMIPSEAPLLHNQVKLVDPTDRKPTDVEWRFTEAGERVRVSTRSGRIIPKPEFP
RADGIVPETWIDGPKDTSVEDALEKTYVPRLKTLEEEVMEAMGIQETRRHKKVYWY
;
BY
33 'polypeptide(L)'
;MALASGPARRALARLGRLGLGGCGAPRRGAYEWGVRSTRKPEPPPLDRVYEIPGLEPITYAGKMHFMPGLARPVFPPWDP
GWTHPKFRRLPPLHEHPLYKDQACYVFHQRCRLLEGVKQALWLTKTQLIEGLPEKVLRLADDPRNHIENQDERVLNAISH
ARLWHSTEDIPKRETYCPVIVDSLIQLCKSQILKHPSLARRICAQNNTLSATWNRESILLQVHGSSGARLNAKDPLPPVA
SQEEVEATKNHVLETFYPISPTMGLQECNVYDVNDDTGFQEGYPYPCPHTLYFLESANLRPRRFQPDQLRAKMILFAFGS
ALAQARLLYGNDSKVLEQPVVVQSVGTDGRLFQFLVLQLNTTDLASDEGVKNLAWVDSDQLLYQHFWCLPVIKKKVVVEP
VGPIGFQPETFRKFLALYLHGAV
;
Ba
34 'polypeptide(L)'
;MAAPWWRAALCASRRWRGFSTSAALSRRAAPLGPMPNEDIDVSDLERLKKYRSFDRYRRRAEQEARKPHWWRTYREHFGE
ESGPKDRVDIGLPPPKVSRTQQLLERKQALRELRANVEEERAARLQTARIPLEAVRAEWERTCGPYHKQRLAEYCGLYRD
LFHGATFVPRVPLHVAYAVGEDDLMPVYHGNEVTPTEAAQAPEVTYEADEGSLWTLLLTNLDGHLLEPDAEYVHWLVTNI
PGNRVTEGQETCPYLPPFPARGSGFHRFAFLLFKQDKRIDFSGDTRPSPCYQLAQRTFHTFDFYKKHQDAMTPAGLAFFQ
CRWDDSVTRVFHQLLDMREPVFEFVRPPPYHPKQKRFPHRQPLRYLDRYRDSHEPTYGIY
;
Bb
35 'polypeptide(L)'
;MAMGAWGLRLWRAVPRGEAGWRLIATSPASQLSPTELIEMQNDLFNKEKNRQLSLTPRTEKIEVKHVGKTDPGTVFVMNK
NISTPYSCAMHLSEWYCRKSILALVDGQPWDMYKPLTKSCEIKFLTFKDDDPGEVNKAYWRSCAMMMGCVIERAFKDEYV
VSLVRAPEVPVIAGAFCYDVVLDKRLDEWMPTKENLHSFTKDARALIYKDLPFETLEVEAKVALEIFQHNKYKLDFIEEK
ASQNPERIVKLHRFGDFIDVSEGPLIPRTSICFQYEVSAVHNLQTQSSLVRRFQGLSLPVHLRAHFTIWNKLLERSRKMV
TEDKTKPTEESAST
;
Bc
36 'polypeptide(L)'
;MAAAALGAASRTLRPASRLVGAWPTQTRDAHERGSLFSFWGLVPMRAEPLRKKKKVDPKKDQAAKDRLKKRIRRLEKASQ
ELIPIEDFITPVKFLNKERQRPPVELPFEESERRALLLKRWSLYKQREHEMERSAIRSLLEAQEEALQELRLSSPELHAE
ATKRDPSLFPFERQGPDYTPPISDYQPPEGRYQDITKVYTQVEFKK
;
Bd
37 'polypeptide(L)'
;MGLLSGAARALVRGADRMSKWTSKRGPRTFCKGRGAKGTGFHGRDGKFVQIKEMIPELVVPELAGFKLKPYVNYRAPEGT
DTPLTAKQLFLETAAPAIEKDFKAGTFDPEHLEKYGFEPTQEGKLFQLYPKNFPR
;
Be
38 'polypeptide(L)'
;MALAAVKWVISSRTILKHLFPIQNSASYCVCHKSTYSSLPDDYNCKVELALTSDGRTIVCYHPSVDIPYEHTKPIPRPDP
VHNIEETHDLVLKTRLEEKGEHLEQGPMIEQLSKMFFTTKHRWYPRGQYHRRRRKPNPPKDR
;
Bf
39 'polypeptide(L)'
;MTARGTASRFLTSVLHNGLGRYVQQLQRLSFSLSRDAPSSRGAREFVEREVTDFARRNPGVVIYVNPRPCCVPRVVAEYL
NGAVREESIHCKSVEEIAALVQKLADQSGLDVIRIRKPFHTDSPSIQGQWHPFTNKPTTLGGLRPREVQDPAPAQVQAQ
;
Bg
40 'polypeptide(L)'
;MASGLVRLLQWGPRRLLAPAAPTLAPPVRGAKKGFRAAYRFQKELERWRLLRCPPPPVRRSEKPNWDYHAEIQAFGHRLQ
ETFSLDLLKTAFVNSCYIKSEEAKRQKLGIDKEAALLNLKDNQELSEQGISFSQTCLTQFFEDAFPDLPTEGVTSLVDFL
TSEEVVCHVARNLAVEQLALSAEFPVPPPVLRQTFFAVIGALLQSSGPERTALFIRDFLITQMTGKELFEMWTITNPMGL
LVEELKKRKISAPESRLTRQSGSTTALPVYFVGLYCDRKLIAEGPGETVLVAEEEAARVALRKLFGFTENRRPWDYSKPK
EHVRAEKTITAS
;
Bh
41 'polypeptide(L)'
;MAAPVTRGLSCLPRVLGWWSRQPVLVTQSTAVVPVRTKKRFTPPTYQPKYKSEKEFVEHARKAGLVIPHERLERPIHLAC
TAGIFDAYVPPEGDARISSLSKEGLAQRAERLKKNVASQLSIRKIRESDPNFKIKDFPEKAKDIFIEAHLCLNNSDHDRL
HTLVTENCFPDMVWDIRYKTVRWSFVESLEPPQVVQVRCSSLMNQGNIYGQVTVRMHTRQTLAIYDRFGRLMYGQEDVPR
DVLEYVVFEKHLVDPYGSWRMHGKIIPPWAPPKQPILKTVMIPGPQLKPWEEFEEPQGEVHKPQPA
;
Bi
42 'polypeptide(L)'
;MAAPVRRTMLRVVRGWRRFEGPWAHSLGSRNLALAVAPSSSSSPWRLLGALCLQRPPLVTKPLTPLQEEMADLLQQIEIE
RSLYSDHELRALDEAQQLAKKKSDLYEEEDEQNILLAQDLEDMWEQKFLHFKLGARLTEADKKDDRTSLHRKLDRNLILL
VREKLGDQDIWMLPQSDWQPGETLRQTAERTLATLSENNMEAKFLGNAPCGHYKFKFPQAMRTETSLGAKVFFFKALLLT
GDFSQAGKKGHHVWVSKEELGDYLKPKYLAQVRRFLLDL
;
Bj
43 'polypeptide(L)'
;MNGALGKALCLRNDTVLKQALSLIRVRASGESPICSAGGILLSTSRHYRSKPTHGIGRYKHLVKAQEPKKKKGKVEVRPI
NLGTDYEYGVLNIHLIAYDMALAESYAQYVHNLCNHLAIKVEESYAMPTKTMEVLQLQEQGSKMFLDAVLTTHERVVQIS
GLSATFAEIFLEIIHSNLPEGVKLSVREHTEEDFKGRFKARPELEELLAKLN
;
Bk
44 'polypeptide(L)'
;MAATVLCGVLRAWRTGVPLGCGLRRLSQTQGTPEYPSFVESVDEYHFVERLLPPASIPRPPKHEHYPTPSGWQPPRDPAP
SLPYFVRRSRMHNIPVYRDITHGNRQMTVIRKVEGDIWALQKDVEDFLSPLLGKTPVTQVNEVTGTLRVKGYFDQQLKAW
LLEKGF
;
Bl
45 'polypeptide(L)'
;MAARWVSGLARRSLTCAVSGAPRREFWSPFRKEKQPVVAETVEEVKKEPILVCPPIQSRTYIPPEDLQSRLESHVKEVFG
SSVPSNWQDISLEDVHLKFSFLARLANDLRHAVPNSRLHQMCRVRDVLDFYNVPVQDRSKFDELIASNLPHNLKITWGY
;
Bm
46 'polypeptide(L)'
;MAGSLSWVTGRGLWGRLPLTCRSFSLGIPRLFHVRVTLPPRKVVDRWNEKRAMFGVYDNIGILGNFEKHPKELIKGPIWL
RGWKGNELQRCIRKKRMVGNRMFIDDLHNLNKRISYLYKHFNRHGKYR
;
Bn
47 'polypeptide(L)'
;MAAWGILLSTGVRRLHCGTAAQAGSQWRLQQGFAANPSGYGPLTELPDWSYADGRPAPPMKGQLRRKAQREKFARRVVLL
SQEMDAGLQAWQLRQQEKLQEEEGKQKNALKSKGALLQNPQPSQ
;
Bo
48 'polypeptide(L)'
;MAAALARLGLRAVKQVRVQFCPFEKNVESTRTFLQAVSSEKVRCTNLNCSVIADVRHDGSEPCVDVLFGDGHRLIMRGAH
LTAQEMLTAFASHIQARGAAGSGDKPSASTGR
;
Bp
49 'polypeptide(L)'
;MAARRLFGAARSWAAWRAWELSDAAVSGRLHVRNYAKRPVIKGGKGGKGAVVGEALKDPEVCTDPFRLTTHAMGVNIYKE
GQDVVLKPDSEYPEWLFEMNVGPPKKLEELDPETREYWRLLRKHNIWRHNRLSKNRKF
;
Bq
50 'polypeptide(L)'
;MFLTALLRRNRIPGRQWIGKHRRPRPVSAQAKQNMIRRLETEAENQYWLSRPFLTAEQERGHAAVRRAAAFQALKAAQAA
RFPAHRRLEEQLGHLLVTRKWS
;
Bt
51 'polypeptide(L)'
;MAAARCLRWGLNRAGAWLLPSPTRYPRRALHKQVEGTEFQSIYSLDKLYPESRGSDTAWRLPDDAKQANDIPVDRLTISY
CRSSGPGGQNVNKVNSKAEVRFHLASADWIAEPVRLKLAVKHKNRINRSGELILTSECSRYQFRNLADCLQKLRDMIAEA
SQPAKEPSREDAELRRSRIENMNRERLRKKRISSAIKTSRRVDVD
;
Bu
52 'polypeptide(L)'
;MAAPVQQARTLLRLVTTLGQGSRGYRARPPPRRSQEPRWPDPDDPLTPRWQLSPRYAAKQFARHGAASGVAAGSLWPSQE
QLRELEAEEREWYPSLAAMQESLRVQQLAEEQKRQAREQLIEECMAKMPQMIENWRQQQQERREKEQADKDRRARLQAEA
QERLGYHVDPRSARFQELLQDMEKQHRKRLKEEKQRKKKEARAAAMAAAAAQDPADSETPSS
;
Bv
53 'polypeptide(L)'
;MAAARCWRFPLRGAGLSLHTAAKAAVTAPEVTGPDVPATPVARYPPIVASLTAKSKAARQRRVEQWQATVHAAKSVDEKL
RILTKMQFMKYVVYPQTFALNADNWYQSFTKTVFLSGLPPTPAKLEPEPTLDITALREAVCDCLLQEHFFLRRKKRAPVI
QDREAIASPFLDQLVASLTGLLSVHNPVLAAAALDCKRPVHFFWLRGEEIIPRGHRKGRVDALRYQINDKPHNQIRISRQ
LPEFVPLDYSIPIEVPVMSCKPDKLPLFKRQYENTIFIGSKTADPLCYGHTQFHLLPDKLKREKLLKQNCADQIEVVFRA
NAIASLFAWTGAQAMYQGFWSEADVTRPFVSQGVITDGKYFSFFCYQLNTLALTAQADQNNPRKNICWGTQSKPLYETIE
DNNVKGFNDDVLLQLVQFLLNRPKEDKSQLLEN
;
Bw
54 'polypeptide(L)'
;MVGLNVLVSGCGRLLRGLLAGPAATSWARPPSRGFREVVEILDGKTTIIEGRITETPQESPNPPNPTGQCPICRWNLKHK
YNYEDVLLLSQFIRPHGGMLPRRITGLCQEEHLKIEECVKMAHRAGLLPNHRPKLPEGFVPKSKPRLNRYLTRWSPRSVK
PIYNKGHRWNKVRMPVGSPLLKDNVSYSGRPLLLYH
;
Bx
55 'polypeptide(L)'
;AAAAAAAAAAAAAAAAAAAAAAAAAAAAAAAAAAAAAAAAAAAAAAAAAAAAAAAAAAAAAAAAAAAAAAAAAAAAAAAA
AA
;
Bz
56 'polyribonucleotide' AGUAAGGUCAGCUAAAUAAGCUAUCGGGCCCAUACCCCGAAAAUGUUGGUUAUACCCUUCCCGUACUACCA AV
#
# COMPACT_ATOMS: atom_id res chain seq x y z
N GLU A 46 88.46 -64.83 21.08
CA GLU A 46 88.60 -66.14 20.44
C GLU A 46 87.23 -66.73 20.11
N ALA A 47 87.21 -67.94 19.53
CA ALA A 47 85.96 -68.63 19.22
C ALA A 47 86.10 -70.15 19.43
N LEU A 48 84.97 -70.85 19.57
CA LEU A 48 84.98 -72.27 19.87
C LEU A 48 84.65 -73.15 18.65
N ALA A 49 84.54 -74.45 18.87
CA ALA A 49 84.33 -75.44 17.81
C ALA A 49 82.98 -75.28 17.09
N GLY A 50 82.92 -75.77 15.85
CA GLY A 50 81.72 -75.63 15.01
C GLY A 50 80.78 -76.85 14.99
N ALA A 51 81.10 -77.89 15.76
CA ALA A 51 80.22 -79.06 15.96
C ALA A 51 79.83 -79.86 14.71
N PRO A 52 80.76 -80.62 14.13
CA PRO A 52 80.43 -81.55 13.04
C PRO A 52 79.57 -82.68 13.57
N LEU A 53 78.84 -83.39 12.70
CA LEU A 53 77.86 -84.37 13.16
C LEU A 53 77.65 -85.62 12.28
N ASP A 54 76.55 -86.32 12.58
CA ASP A 54 76.29 -87.72 12.20
C ASP A 54 76.50 -88.15 10.74
N ASN A 55 75.86 -87.46 9.78
CA ASN A 55 75.91 -87.91 8.38
C ASN A 55 77.35 -87.99 7.89
N ALA A 56 78.09 -86.88 7.98
CA ALA A 56 79.52 -87.01 7.81
C ALA A 56 80.29 -86.36 8.96
N PRO A 57 80.88 -87.20 9.81
CA PRO A 57 82.07 -86.80 10.53
C PRO A 57 83.06 -87.98 10.55
N LYS A 58 84.13 -87.84 9.79
CA LYS A 58 85.25 -88.76 9.89
C LYS A 58 86.40 -88.12 10.68
N GLU A 59 86.24 -86.84 11.04
CA GLU A 59 87.38 -86.03 11.46
C GLU A 59 87.68 -86.07 12.96
N TYR A 60 88.85 -86.61 13.30
CA TYR A 60 89.36 -86.65 14.66
C TYR A 60 90.26 -85.44 14.95
N PRO A 61 90.37 -85.04 16.23
CA PRO A 61 91.13 -83.83 16.61
C PRO A 61 92.63 -83.86 16.26
N PRO A 62 93.27 -82.68 16.17
CA PRO A 62 94.73 -82.58 16.03
C PRO A 62 95.51 -83.02 17.28
N LYS A 63 94.92 -82.77 18.45
CA LYS A 63 95.56 -83.04 19.74
C LYS A 63 95.81 -84.52 19.97
N ILE A 64 94.78 -85.34 19.80
CA ILE A 64 94.89 -86.80 19.89
C ILE A 64 96.02 -87.35 18.98
N GLN A 65 96.10 -86.84 17.75
CA GLN A 65 97.10 -87.27 16.77
C GLN A 65 98.55 -86.87 17.11
N GLN A 66 98.76 -85.63 17.56
CA GLN A 66 100.10 -85.23 17.99
C GLN A 66 100.47 -85.90 19.31
N LEU A 67 99.45 -86.30 20.09
CA LEU A 67 99.68 -87.04 21.33
C LEU A 67 100.13 -88.49 21.04
N VAL A 68 99.46 -89.17 20.11
CA VAL A 68 99.84 -90.54 19.72
C VAL A 68 101.15 -90.55 18.91
N GLN A 69 101.46 -89.42 18.26
CA GLN A 69 102.76 -89.22 17.60
C GLN A 69 103.91 -89.06 18.61
N ASP A 70 103.72 -88.16 19.58
CA ASP A 70 104.70 -87.98 20.67
C ASP A 70 104.81 -89.24 21.54
N ILE A 71 103.76 -90.07 21.53
CA ILE A 71 103.76 -91.36 22.22
C ILE A 71 104.60 -92.37 21.42
N ALA A 72 104.40 -92.38 20.11
CA ALA A 72 105.06 -93.32 19.20
C ALA A 72 106.56 -93.02 18.99
N SER A 73 106.96 -91.77 19.22
CA SER A 73 108.37 -91.39 19.05
C SER A 73 109.25 -91.75 20.27
N LEU A 74 108.63 -92.20 21.37
CA LEU A 74 109.38 -92.52 22.59
C LEU A 74 110.03 -93.92 22.57
N THR A 75 111.26 -94.02 23.09
CA THR A 75 111.91 -95.30 23.40
C THR A 75 111.22 -96.01 24.59
N LEU A 76 111.32 -97.33 24.67
CA LEU A 76 110.55 -98.10 25.68
C LEU A 76 110.89 -97.81 27.18
N LEU A 77 112.03 -97.19 27.45
CA LEU A 77 112.34 -96.75 28.82
C LEU A 77 111.49 -95.52 29.18
N GLU A 78 111.26 -94.64 28.21
CA GLU A 78 110.41 -93.47 28.41
C GLU A 78 108.91 -93.82 28.31
N ILE A 79 108.61 -94.96 27.68
CA ILE A 79 107.28 -95.57 27.66
C ILE A 79 106.93 -96.22 29.00
N SER A 80 107.92 -96.87 29.63
CA SER A 80 107.71 -97.40 30.97
C SER A 80 107.66 -96.23 31.98
N ASP A 81 108.49 -95.21 31.81
CA ASP A 81 108.42 -93.99 32.63
C ASP A 81 107.04 -93.33 32.52
N LEU A 82 106.60 -93.11 31.28
CA LEU A 82 105.26 -92.61 30.95
C LEU A 82 104.17 -93.44 31.65
N ASN A 83 104.24 -94.76 31.49
CA ASN A 83 103.28 -95.67 32.11
C ASN A 83 103.23 -95.57 33.63
N GLU A 84 104.39 -95.43 34.28
CA GLU A 84 104.43 -95.26 35.74
C GLU A 84 103.84 -93.91 36.17
N LEU A 85 104.20 -92.83 35.46
CA LEU A 85 103.70 -91.48 35.78
C LEU A 85 102.19 -91.33 35.55
N LEU A 86 101.64 -92.11 34.63
CA LEU A 86 100.18 -92.20 34.45
C LEU A 86 99.49 -93.17 35.43
N LYS A 87 100.18 -94.24 35.83
CA LYS A 87 99.64 -95.20 36.80
C LYS A 87 99.50 -94.58 38.18
N LYS A 88 100.44 -93.71 38.54
CA LYS A 88 100.42 -93.06 39.85
C LYS A 88 99.34 -91.97 39.96
N THR A 89 99.26 -91.08 38.97
CA THR A 89 98.30 -89.96 39.01
C THR A 89 96.85 -90.44 38.88
N LEU A 90 96.65 -91.48 38.08
CA LEU A 90 95.32 -92.06 37.85
C LEU A 90 95.29 -93.52 38.29
N ILE B 64 107.05 -86.58 28.17
CA ILE B 64 106.16 -87.37 29.01
C ILE B 64 105.15 -86.49 29.77
N GLN B 65 105.61 -85.33 30.23
CA GLN B 65 104.78 -84.43 31.05
C GLN B 65 103.74 -83.66 30.22
N GLN B 66 104.14 -83.17 29.05
CA GLN B 66 103.24 -82.46 28.13
C GLN B 66 102.10 -83.37 27.67
N LEU B 67 102.41 -84.66 27.57
CA LEU B 67 101.43 -85.67 27.20
C LEU B 67 100.38 -85.90 28.30
N VAL B 68 100.82 -85.95 29.56
CA VAL B 68 99.93 -86.15 30.70
C VAL B 68 99.11 -84.89 31.01
N GLN B 69 99.69 -83.73 30.74
CA GLN B 69 98.95 -82.45 30.86
C GLN B 69 97.90 -82.31 29.77
N ASP B 70 98.28 -82.60 28.52
CA ASP B 70 97.34 -82.58 27.39
C ASP B 70 96.31 -83.73 27.49
N ILE B 71 96.61 -84.76 28.29
CA ILE B 71 95.66 -85.84 28.59
C ILE B 71 94.68 -85.38 29.69
N ALA B 72 95.19 -84.63 30.66
CA ALA B 72 94.35 -84.09 31.73
C ALA B 72 93.47 -82.93 31.24
N SER B 73 93.86 -82.33 30.12
CA SER B 73 93.09 -81.21 29.54
C SER B 73 91.90 -81.64 28.69
N LEU B 74 91.92 -82.88 28.17
CA LEU B 74 90.87 -83.35 27.28
C LEU B 74 89.52 -83.57 27.98
N THR B 75 88.44 -83.27 27.26
CA THR B 75 87.08 -83.55 27.72
C THR B 75 86.83 -85.05 27.65
N LEU B 76 85.63 -85.49 28.08
CA LEU B 76 85.32 -86.91 28.10
C LEU B 76 85.30 -87.52 26.69
N LEU B 77 84.70 -86.81 25.74
CA LEU B 77 84.59 -87.26 24.36
C LEU B 77 85.95 -87.52 23.69
N GLU B 78 86.89 -86.63 23.96
CA GLU B 78 88.21 -86.69 23.35
C GLU B 78 89.12 -87.73 24.04
N ILE B 79 88.95 -87.95 25.35
CA ILE B 79 89.68 -89.02 26.02
C ILE B 79 89.12 -90.38 25.58
N SER B 80 87.83 -90.39 25.19
CA SER B 80 87.20 -91.61 24.68
C SER B 80 87.65 -91.92 23.24
N ASP B 81 87.71 -90.90 22.38
CA ASP B 81 88.29 -91.07 21.04
C ASP B 81 89.75 -91.51 21.14
N LEU B 82 90.50 -90.91 22.06
CA LEU B 82 91.89 -91.30 22.31
C LEU B 82 91.98 -92.76 22.74
N ASN B 83 91.09 -93.19 23.64
CA ASN B 83 91.06 -94.58 24.10
C ASN B 83 90.70 -95.59 23.00
N GLU B 84 89.82 -95.19 22.08
CA GLU B 84 89.41 -96.06 20.98
C GLU B 84 90.46 -96.12 19.86
N LEU B 85 91.17 -95.01 19.64
CA LEU B 85 92.28 -94.98 18.66
C LEU B 85 93.51 -95.72 19.20
N LEU B 86 93.67 -95.73 20.52
CA LEU B 86 94.70 -96.50 21.20
C LEU B 86 94.31 -97.97 21.41
N LYS B 87 93.01 -98.27 21.28
CA LYS B 87 92.53 -99.64 21.24
C LYS B 87 92.68 -100.23 19.83
N LYS B 88 92.52 -99.39 18.81
CA LYS B 88 92.69 -99.81 17.41
C LYS B 88 94.15 -99.91 16.95
N THR B 89 94.96 -98.89 17.25
CA THR B 89 96.37 -98.87 16.82
C THR B 89 97.22 -99.98 17.46
N LEU B 90 97.24 -100.00 18.80
CA LEU B 90 97.93 -101.04 19.56
C LEU B 90 97.10 -102.31 19.60
N ILE C 64 114.29 -104.54 14.70
CA ILE C 64 113.09 -105.38 14.73
C ILE C 64 113.35 -106.79 14.17
N GLN C 65 114.01 -106.87 13.01
CA GLN C 65 114.34 -108.15 12.40
C GLN C 65 115.57 -108.79 13.05
N GLN C 66 116.53 -107.96 13.45
CA GLN C 66 117.72 -108.40 14.20
C GLN C 66 117.34 -109.00 15.54
N LEU C 67 116.30 -108.42 16.15
CA LEU C 67 115.75 -108.90 17.42
C LEU C 67 115.01 -110.23 17.30
N VAL C 68 114.23 -110.39 16.23
CA VAL C 68 113.53 -111.66 16.00
C VAL C 68 114.56 -112.76 15.68
N GLN C 69 115.62 -112.39 14.95
CA GLN C 69 116.73 -113.31 14.66
C GLN C 69 117.53 -113.72 15.92
N ASP C 70 117.78 -112.75 16.80
CA ASP C 70 118.50 -113.00 18.06
C ASP C 70 117.66 -113.76 19.09
N ILE C 71 116.34 -113.56 19.07
CA ILE C 71 115.46 -114.30 19.98
C ILE C 71 115.26 -115.72 19.40
N ALA C 72 115.35 -115.85 18.07
CA ALA C 72 115.18 -117.14 17.39
C ALA C 72 116.34 -118.11 17.65
N SER C 73 117.50 -117.58 18.04
CA SER C 73 118.69 -118.39 18.33
C SER C 73 118.82 -118.78 19.82
N LEU C 74 118.00 -118.19 20.68
CA LEU C 74 117.99 -118.52 22.11
C LEU C 74 117.31 -119.87 22.36
N THR C 75 117.87 -120.67 23.26
CA THR C 75 117.26 -121.93 23.68
C THR C 75 116.04 -121.63 24.56
N LEU C 76 115.29 -122.66 24.96
CA LEU C 76 114.01 -122.44 25.64
C LEU C 76 114.14 -121.82 27.06
N LEU C 77 115.12 -122.27 27.83
CA LEU C 77 115.32 -121.71 29.17
C LEU C 77 115.69 -120.22 29.10
N GLU C 78 116.34 -119.82 28.00
CA GLU C 78 116.78 -118.43 27.80
C GLU C 78 115.67 -117.46 27.33
N ILE C 79 114.70 -117.96 26.56
CA ILE C 79 113.50 -117.21 26.18
C ILE C 79 112.56 -117.07 27.41
N SER C 80 112.62 -118.08 28.30
CA SER C 80 111.82 -118.03 29.54
C SER C 80 112.53 -117.07 30.53
N ASP C 81 113.87 -117.03 30.53
CA ASP C 81 114.60 -116.03 31.32
C ASP C 81 114.35 -114.62 30.71
N LEU C 82 114.14 -114.55 29.39
CA LEU C 82 113.80 -113.29 28.70
C LEU C 82 112.41 -112.79 29.13
N ASN C 83 111.40 -113.67 29.11
CA ASN C 83 110.07 -113.32 29.59
C ASN C 83 110.05 -112.96 31.08
N GLU C 84 110.85 -113.68 31.87
CA GLU C 84 111.01 -113.41 33.31
C GLU C 84 111.63 -112.03 33.57
N LEU C 85 112.67 -111.67 32.81
CA LEU C 85 113.34 -110.38 32.95
C LEU C 85 112.51 -109.21 32.40
N LEU C 86 111.67 -109.49 31.40
CA LEU C 86 110.75 -108.48 30.86
C LEU C 86 109.56 -108.24 31.79
N LYS C 87 109.11 -109.29 32.48
CA LYS C 87 108.06 -109.14 33.49
C LYS C 87 108.63 -108.53 34.77
N LYS C 88 109.93 -108.70 34.99
CA LYS C 88 110.61 -108.01 36.09
C LYS C 88 110.76 -106.51 35.82
N THR C 89 111.33 -106.17 34.65
CA THR C 89 111.51 -104.76 34.28
C THR C 89 110.20 -104.01 34.06
N LEU C 90 109.41 -104.46 33.08
CA LEU C 90 108.18 -103.77 32.69
C LEU C 90 106.93 -104.13 33.53
N LYS C 91 106.77 -105.43 33.78
CA LYS C 91 105.61 -105.98 34.49
C LYS C 91 104.28 -105.54 33.86
N ILE D 64 120.44 -112.35 26.29
CA ILE D 64 119.19 -112.05 26.97
C ILE D 64 119.15 -110.61 27.49
N GLN D 65 120.30 -110.08 27.92
CA GLN D 65 120.39 -108.70 28.41
C GLN D 65 120.42 -107.68 27.26
N GLN D 66 121.16 -108.01 26.20
CA GLN D 66 121.29 -107.15 25.02
C GLN D 66 119.98 -107.06 24.23
N LEU D 67 119.13 -108.07 24.40
CA LEU D 67 117.81 -108.11 23.78
C LEU D 67 116.82 -107.20 24.48
N VAL D 68 116.87 -107.20 25.81
CA VAL D 68 116.04 -106.29 26.60
C VAL D 68 116.53 -104.85 26.42
N GLN D 69 117.85 -104.66 26.29
CA GLN D 69 118.42 -103.32 26.06
C GLN D 69 118.18 -102.79 24.63
N ASP D 70 118.12 -103.68 23.65
CA ASP D 70 117.78 -103.31 22.28
C ASP D 70 116.26 -103.16 22.08
N ILE D 71 115.48 -103.84 22.92
CA ILE D 71 114.02 -103.67 22.89
C ILE D 71 113.67 -102.34 23.58
N ALA D 72 114.48 -101.95 24.58
CA ALA D 72 114.28 -100.71 25.33
C ALA D 72 114.62 -99.43 24.53
N SER D 73 115.34 -99.61 23.42
CA SER D 73 115.73 -98.49 22.56
C SER D 73 114.83 -98.28 21.34
N LEU D 74 113.83 -99.13 21.16
CA LEU D 74 112.90 -99.03 20.04
C LEU D 74 111.75 -98.06 20.37
N THR D 75 111.36 -97.27 19.36
CA THR D 75 110.15 -96.43 19.42
C THR D 75 108.88 -97.28 19.45
N LEU D 76 107.78 -96.71 19.94
CA LEU D 76 106.52 -97.44 20.11
C LEU D 76 105.98 -98.12 18.83
N LEU D 77 106.11 -97.44 17.69
CA LEU D 77 105.73 -98.01 16.39
C LEU D 77 106.48 -99.31 16.11
N GLU D 78 107.75 -99.35 16.49
CA GLU D 78 108.64 -100.47 16.17
C GLU D 78 108.44 -101.71 17.04
N ILE D 79 108.02 -101.50 18.30
CA ILE D 79 107.63 -102.61 19.19
C ILE D 79 106.22 -103.08 18.86
N SER D 80 105.42 -102.21 18.24
CA SER D 80 104.12 -102.62 17.70
C SER D 80 104.35 -103.55 16.49
N ASP D 81 105.17 -103.10 15.53
CA ASP D 81 105.52 -103.93 14.38
C ASP D 81 106.23 -105.22 14.82
N LEU D 82 107.06 -105.12 15.87
CA LEU D 82 107.74 -106.27 16.48
C LEU D 82 106.75 -107.28 17.07
N ASN D 83 105.74 -106.80 17.79
CA ASN D 83 104.70 -107.67 18.33
C ASN D 83 103.88 -108.33 17.22
N GLU D 84 103.58 -107.58 16.15
CA GLU D 84 102.86 -108.14 14.99
C GLU D 84 103.67 -109.22 14.26
N LEU D 85 104.99 -109.02 14.15
CA LEU D 85 105.89 -110.03 13.57
C LEU D 85 106.01 -111.27 14.46
N LEU D 86 106.02 -111.06 15.78
CA LEU D 86 106.04 -112.17 16.75
C LEU D 86 104.70 -112.93 16.75
N LYS D 87 103.61 -112.27 16.37
CA LYS D 87 102.30 -112.95 16.23
C LYS D 87 102.18 -113.73 14.92
N LYS D 88 102.72 -113.13 13.85
CA LYS D 88 102.72 -113.75 12.52
C LYS D 88 103.62 -114.99 12.50
N THR D 89 104.81 -114.89 13.08
CA THR D 89 105.78 -115.99 13.11
C THR D 89 105.37 -117.11 14.09
N LEU D 90 105.03 -116.72 15.32
CA LEU D 90 104.74 -117.69 16.40
C LEU D 90 103.39 -117.45 17.06
N ILE E 64 114.50 -132.80 16.15
CA ILE E 64 113.20 -132.60 16.77
C ILE E 64 112.23 -133.74 16.41
N GLN E 65 112.71 -134.70 15.61
CA GLN E 65 111.90 -135.85 15.16
C GLN E 65 111.84 -136.97 16.22
N GLN E 66 112.97 -137.23 16.87
CA GLN E 66 113.05 -138.23 17.94
C GLN E 66 112.22 -137.82 19.16
N LEU E 67 112.03 -136.51 19.31
CA LEU E 67 111.17 -135.95 20.36
C LEU E 67 109.68 -136.07 20.02
N VAL E 68 109.34 -135.97 18.73
CA VAL E 68 107.97 -136.19 18.27
C VAL E 68 107.62 -137.68 18.40
N GLN E 69 108.61 -138.54 18.18
CA GLN E 69 108.45 -139.99 18.39
C GLN E 69 108.32 -140.32 19.90
N ASP E 70 109.17 -139.68 20.72
CA ASP E 70 109.12 -139.84 22.18
C ASP E 70 107.80 -139.35 22.78
N ILE E 71 107.24 -138.27 22.23
CA ILE E 71 105.95 -137.72 22.69
C ILE E 71 104.75 -138.52 22.14
N ALA E 72 104.89 -139.08 20.93
CA ALA E 72 103.84 -139.91 20.35
C ALA E 72 103.81 -141.32 20.92
N SER E 73 104.90 -141.74 21.58
CA SER E 73 104.95 -143.05 22.22
C SER E 73 104.59 -143.00 23.72
N LEU E 74 104.31 -141.81 24.24
CA LEU E 74 103.90 -141.64 25.65
C LEU E 74 102.40 -141.89 25.85
N THR E 75 102.04 -142.48 26.99
CA THR E 75 100.64 -142.68 27.36
C THR E 75 100.04 -141.35 27.87
N LEU E 76 98.81 -141.37 28.38
CA LEU E 76 98.13 -140.13 28.78
C LEU E 76 98.64 -139.55 30.11
N LEU E 77 99.02 -140.43 31.03
CA LEU E 77 99.53 -140.02 32.34
C LEU E 77 100.95 -139.44 32.26
N GLU E 78 101.74 -139.95 31.31
CA GLU E 78 103.09 -139.45 31.08
C GLU E 78 103.07 -138.10 30.33
N ILE E 79 102.03 -137.86 29.54
CA ILE E 79 101.84 -136.56 28.87
C ILE E 79 101.19 -135.52 29.82
N SER E 80 100.34 -135.96 30.75
CA SER E 80 99.85 -135.07 31.80
C SER E 80 101.00 -134.67 32.76
N ASP E 81 101.86 -135.64 33.12
CA ASP E 81 103.07 -135.36 33.91
C ASP E 81 104.07 -134.48 33.16
N LEU E 82 104.24 -134.74 31.86
CA LEU E 82 105.03 -133.90 30.96
C LEU E 82 104.51 -132.46 30.98
N ASN E 83 103.18 -132.31 30.92
CA ASN E 83 102.55 -131.00 30.97
C ASN E 83 102.80 -130.26 32.30
N GLU E 84 102.61 -130.97 33.41
CA GLU E 84 102.88 -130.39 34.74
C GLU E 84 104.34 -129.96 34.91
N LEU E 85 105.29 -130.79 34.46
CA LEU E 85 106.70 -130.46 34.57
C LEU E 85 107.17 -129.36 33.59
N LEU E 86 106.52 -129.27 32.43
CA LEU E 86 106.82 -128.21 31.44
C LEU E 86 106.16 -126.87 31.78
N LYS E 87 105.09 -126.91 32.58
CA LYS E 87 104.50 -125.68 33.14
C LYS E 87 105.29 -125.24 34.38
N LYS E 88 105.82 -126.21 35.13
CA LYS E 88 106.67 -125.93 36.30
C LYS E 88 108.06 -125.38 35.91
N THR E 89 108.68 -125.95 34.88
CA THR E 89 110.02 -125.52 34.47
C THR E 89 109.98 -124.03 34.03
N LEU E 90 108.94 -123.65 33.31
CA LEU E 90 108.80 -122.28 32.81
C LEU E 90 107.50 -121.64 33.32
N ILE F 64 110.78 -138.77 29.94
CA ILE F 64 110.06 -137.57 30.35
C ILE F 64 111.01 -136.47 30.88
N GLN F 65 112.05 -136.86 31.61
CA GLN F 65 113.07 -135.89 32.07
C GLN F 65 114.08 -135.56 30.97
N GLN F 66 114.53 -136.60 30.26
CA GLN F 66 115.43 -136.45 29.12
C GLN F 66 114.72 -135.73 27.97
N LEU F 67 113.40 -135.83 27.96
CA LEU F 67 112.56 -135.16 26.98
C LEU F 67 112.44 -133.65 27.27
N VAL F 68 112.32 -133.27 28.55
CA VAL F 68 112.28 -131.85 28.94
C VAL F 68 113.68 -131.21 28.84
N GLN F 69 114.74 -132.01 29.04
CA GLN F 69 116.11 -131.55 28.81
C GLN F 69 116.38 -131.33 27.31
N ASP F 70 115.97 -132.29 26.48
CA ASP F 70 116.11 -132.17 25.01
C ASP F 70 115.16 -131.14 24.40
N ILE F 71 114.06 -130.81 25.07
CA ILE F 71 113.19 -129.72 24.63
C ILE F 71 113.76 -128.36 25.10
N ALA F 72 114.40 -128.34 26.27
CA ALA F 72 115.00 -127.12 26.85
C ALA F 72 116.33 -126.73 26.17
N SER F 73 116.99 -127.70 25.54
CA SER F 73 118.21 -127.40 24.78
C SER F 73 117.91 -126.91 23.35
N LEU F 74 116.64 -126.98 22.94
CA LEU F 74 116.21 -126.52 21.61
C LEU F 74 116.18 -124.98 21.51
N THR F 75 116.82 -124.44 20.46
CA THR F 75 116.70 -123.02 20.09
C THR F 75 115.28 -122.75 19.59
N LEU F 76 114.83 -121.49 19.65
CA LEU F 76 113.44 -121.13 19.33
C LEU F 76 112.94 -121.61 17.94
N LEU F 77 113.81 -121.70 16.94
CA LEU F 77 113.37 -122.17 15.63
C LEU F 77 113.03 -123.67 15.62
N GLU F 78 113.74 -124.46 16.43
CA GLU F 78 113.55 -125.91 16.50
C GLU F 78 112.32 -126.32 17.31
N ILE F 79 111.95 -125.48 18.29
CA ILE F 79 110.70 -125.64 19.05
C ILE F 79 109.51 -125.11 18.25
N SER F 80 109.79 -124.13 17.37
CA SER F 80 108.80 -123.64 16.43
C SER F 80 108.48 -124.75 15.41
N ASP F 81 109.51 -125.44 14.92
CA ASP F 81 109.33 -126.57 13.99
C ASP F 81 108.78 -127.84 14.70
N LEU F 82 109.13 -128.02 15.97
CA LEU F 82 108.61 -129.11 16.82
C LEU F 82 107.11 -128.94 17.06
N ASN F 83 106.69 -127.75 17.48
CA ASN F 83 105.27 -127.46 17.68
C ASN F 83 104.50 -127.39 16.35
N GLU F 84 105.18 -126.97 15.27
CA GLU F 84 104.58 -126.96 13.92
C GLU F 84 104.31 -128.39 13.41
N LEU F 85 105.21 -129.32 13.73
CA LEU F 85 105.03 -130.73 13.36
C LEU F 85 104.12 -131.50 14.35
N LEU F 86 103.95 -130.98 15.56
CA LEU F 86 102.97 -131.53 16.51
C LEU F 86 101.53 -130.96 16.28
N LYS F 87 101.43 -129.82 15.60
CA LYS F 87 100.11 -129.22 15.29
C LYS F 87 99.44 -129.90 14.09
N LYS F 88 100.25 -130.44 13.18
CA LYS F 88 99.74 -131.12 11.99
C LYS F 88 99.19 -132.51 12.34
N THR F 89 99.43 -132.95 13.59
CA THR F 89 98.93 -134.21 14.15
C THR F 89 98.95 -135.38 13.17
N SER G 39 4.36 3.56 37.88
CA SER G 39 5.58 2.75 37.78
C SER G 39 6.43 2.96 39.03
N LYS G 40 7.53 2.21 39.14
CA LYS G 40 8.37 2.37 40.31
C LYS G 40 9.32 3.57 40.20
N ASN G 41 10.04 3.68 39.08
CA ASN G 41 11.02 4.76 38.91
C ASN G 41 10.39 6.01 38.35
N LEU G 42 10.79 7.16 38.88
CA LEU G 42 10.17 8.43 38.52
C LEU G 42 11.15 9.59 38.52
N GLY G 43 10.85 10.57 37.68
CA GLY G 43 11.54 11.84 37.71
C GLY G 43 13.06 11.89 37.63
N GLY G 44 13.69 10.95 36.96
CA GLY G 44 15.13 11.05 36.76
C GLY G 44 15.53 12.16 35.79
N LYS G 45 14.55 12.88 35.29
CA LYS G 45 14.74 13.75 34.13
C LYS G 45 15.07 15.18 34.53
N SER G 46 16.33 15.58 34.34
CA SER G 46 16.71 16.97 34.52
C SER G 46 17.85 17.25 33.57
N PRO G 47 17.93 18.48 33.05
CA PRO G 47 18.95 18.79 32.06
C PRO G 47 20.29 18.97 32.70
N GLY G 48 21.35 18.86 31.92
CA GLY G 48 22.69 19.10 32.42
C GLY G 48 22.86 20.52 32.92
N LYS G 49 23.85 20.73 33.78
CA LYS G 49 24.05 22.05 34.37
C LYS G 49 25.12 22.84 33.64
N ARG G 50 25.73 22.22 32.61
CA ARG G 50 26.83 22.82 31.87
C ARG G 50 27.96 23.28 32.79
N PHE G 51 28.14 22.55 33.89
CA PHE G 51 29.33 22.72 34.72
C PHE G 51 30.51 22.33 33.89
N GLY G 52 31.48 23.23 33.77
CA GLY G 52 32.66 22.93 33.00
C GLY G 52 33.68 24.00 33.20
N ILE G 53 34.71 23.96 32.39
CA ILE G 53 35.73 24.97 32.51
C ILE G 53 35.67 25.84 31.27
N LYS G 54 35.33 27.10 31.46
CA LYS G 54 35.00 27.97 30.35
C LYS G 54 36.22 28.51 29.63
N LYS G 55 37.19 29.03 30.37
CA LYS G 55 38.42 29.48 29.75
C LYS G 55 39.50 28.45 30.02
N MET G 56 40.43 28.31 29.10
CA MET G 56 41.42 27.27 29.22
C MET G 56 42.80 27.89 29.30
N GLU G 57 43.79 27.10 29.71
CA GLU G 57 45.14 27.60 29.90
C GLU G 57 45.64 28.35 28.67
N GLY G 58 46.12 29.57 28.90
CA GLY G 58 46.73 30.37 27.86
C GLY G 58 45.82 31.40 27.21
N HIS G 59 44.52 31.31 27.51
CA HIS G 59 43.57 32.25 26.96
C HIS G 59 43.73 33.63 27.54
N TYR G 60 43.27 34.63 26.81
CA TYR G 60 43.18 35.97 27.35
C TYR G 60 41.87 36.15 28.10
N VAL G 61 41.87 36.96 29.15
CA VAL G 61 40.62 37.25 29.85
C VAL G 61 40.46 38.69 30.27
N HIS G 62 39.22 39.11 30.39
CA HIS G 62 38.91 40.46 30.86
C HIS G 62 38.33 40.32 32.24
N ALA G 63 38.50 41.35 33.06
CA ALA G 63 38.07 41.25 34.45
C ALA G 63 36.58 40.99 34.56
N GLY G 64 36.23 39.92 35.26
CA GLY G 64 34.84 39.56 35.42
C GLY G 64 34.42 38.34 34.63
N ASN G 65 35.32 37.83 33.79
CA ASN G 65 35.01 36.61 33.05
C ASN G 65 34.95 35.40 33.96
N ILE G 66 33.99 34.54 33.75
CA ILE G 66 33.93 33.32 34.51
C ILE G 66 34.89 32.30 33.95
N LEU G 67 35.86 31.89 34.75
CA LEU G 67 36.88 30.95 34.29
C LEU G 67 36.37 29.52 34.34
N ALA G 68 35.60 29.21 35.38
CA ALA G 68 35.00 27.87 35.47
C ALA G 68 33.71 27.92 36.28
N THR G 69 32.93 26.86 36.19
CA THR G 69 31.78 26.70 37.06
C THR G 69 31.67 25.23 37.45
N GLN G 70 31.43 24.95 38.73
CA GLN G 70 31.56 23.58 39.23
C GLN G 70 30.55 23.21 40.32
N ARG G 71 30.24 21.93 40.46
CA ARG G 71 29.31 21.50 41.50
C ARG G 71 29.98 21.36 42.86
N HIS G 72 31.17 20.77 42.86
CA HIS G 72 31.99 20.68 44.07
C HIS G 72 33.31 21.34 43.72
N PHE G 73 34.14 21.62 44.71
CA PHE G 73 35.42 22.19 44.34
C PHE G 73 36.24 21.16 43.60
N ARG G 74 36.57 21.51 42.37
CA ARG G 74 37.44 20.69 41.56
C ARG G 74 38.65 21.56 41.34
N TRP G 75 38.43 22.72 40.73
CA TRP G 75 39.49 23.71 40.66
C TRP G 75 39.32 24.75 41.75
N HIS G 76 40.40 25.03 42.48
CA HIS G 76 40.38 26.11 43.47
C HIS G 76 40.87 27.41 42.87
N PRO G 77 40.33 28.54 43.33
CA PRO G 77 40.80 29.83 42.83
C PRO G 77 42.18 30.15 43.34
N GLY G 78 43.05 30.62 42.45
CA GLY G 78 44.38 31.07 42.81
C GLY G 78 44.50 32.58 42.72
N ALA G 79 45.70 33.05 42.43
CA ALA G 79 45.98 34.48 42.29
C ALA G 79 45.05 35.22 41.31
N HIS G 80 44.47 36.32 41.78
CA HIS G 80 43.63 37.20 40.98
C HIS G 80 42.38 36.53 40.45
N VAL G 81 41.96 35.46 41.10
CA VAL G 81 40.74 34.81 40.72
C VAL G 81 39.77 34.81 41.87
N GLY G 82 38.63 35.44 41.65
CA GLY G 82 37.59 35.50 42.65
C GLY G 82 36.74 34.27 42.66
N LEU G 83 36.27 33.95 43.87
CA LEU G 83 35.35 32.84 44.10
C LEU G 83 33.94 33.36 44.33
N GLY G 84 32.98 32.81 43.59
CA GLY G 84 31.58 33.18 43.75
C GLY G 84 30.93 32.30 44.80
N LYS G 85 29.69 32.63 45.18
CA LYS G 85 29.05 31.87 46.24
C LYS G 85 28.47 30.54 45.74
N ASN G 86 28.44 30.36 44.43
CA ASN G 86 28.04 29.09 43.85
C ASN G 86 29.27 28.25 43.49
N LYS G 87 30.43 28.70 43.95
CA LYS G 87 31.72 28.07 43.69
C LYS G 87 32.18 28.19 42.25
N CYS G 88 31.89 29.29 41.60
CA CYS G 88 32.42 29.44 40.25
C CYS G 88 33.57 30.43 40.27
N LEU G 89 34.52 30.24 39.39
CA LEU G 89 35.72 31.05 39.43
C LEU G 89 35.72 32.07 38.31
N TYR G 90 35.97 33.32 38.71
CA TYR G 90 35.97 34.41 37.76
C TYR G 90 37.22 35.27 37.88
N ALA G 91 37.61 35.93 36.80
CA ALA G 91 38.83 36.71 36.79
C ALA G 91 38.62 38.07 37.43
N LEU G 92 39.54 38.45 38.31
CA LEU G 92 39.50 39.77 38.93
C LEU G 92 40.37 40.78 38.20
N GLU G 93 41.16 40.30 37.25
CA GLU G 93 42.09 41.14 36.53
C GLU G 93 42.12 40.77 35.06
N GLU G 94 42.39 41.73 34.20
CA GLU G 94 42.64 41.43 32.79
C GLU G 94 44.00 40.75 32.64
N GLY G 95 44.08 39.70 31.83
CA GLY G 95 45.30 38.91 31.78
C GLY G 95 45.23 37.56 31.07
N VAL G 96 46.09 36.65 31.50
CA VAL G 96 46.18 35.31 30.89
C VAL G 96 45.97 34.19 31.93
N VAL G 97 45.09 33.25 31.62
CA VAL G 97 44.75 32.17 32.54
C VAL G 97 45.86 31.14 32.64
N ARG G 98 46.13 30.67 33.85
CA ARG G 98 47.08 29.59 34.03
C ARG G 98 46.60 28.59 35.07
N TYR G 99 46.73 27.31 34.78
CA TYR G 99 46.37 26.29 35.74
C TYR G 99 47.61 25.73 36.36
N THR G 100 47.52 25.38 37.64
CA THR G 100 48.71 25.00 38.36
C THR G 100 48.42 24.01 39.49
N LYS G 101 49.29 23.03 39.75
CA LYS G 101 49.14 22.24 40.96
C LYS G 101 49.87 22.94 42.11
N GLU G 102 49.26 22.99 43.30
CA GLU G 102 49.87 23.68 44.45
C GLU G 102 49.45 23.15 45.81
N VAL G 103 50.22 23.48 46.85
CA VAL G 103 49.95 22.92 48.17
C VAL G 103 48.74 23.55 48.86
N TYR G 104 47.99 22.73 49.57
CA TYR G 104 46.71 23.11 50.10
C TYR G 104 46.76 23.25 51.62
N VAL G 105 46.64 24.47 52.09
CA VAL G 105 46.66 24.72 53.52
C VAL G 105 45.38 25.40 53.92
N PRO G 106 44.39 24.62 54.34
CA PRO G 106 43.03 25.07 54.61
C PRO G 106 42.97 26.13 55.69
N ASN G 107 41.87 26.88 55.77
CA ASN G 107 41.68 27.87 56.83
C ASN G 107 41.32 27.21 58.16
N PRO G 108 42.06 27.56 59.24
CA PRO G 108 41.85 26.96 60.57
C PRO G 108 40.43 27.13 61.13
N SER G 109 39.61 27.99 60.54
CA SER G 109 38.22 28.10 60.95
C SER G 109 37.37 26.95 60.40
N ASN G 110 37.95 26.20 59.46
CA ASN G 110 37.26 25.06 58.86
C ASN G 110 37.61 23.78 59.61
N SER G 111 36.62 23.23 60.30
CA SER G 111 36.85 22.05 61.14
C SER G 111 37.24 20.84 60.30
N GLU G 112 36.40 20.53 59.33
CA GLU G 112 36.57 19.36 58.48
C GLU G 112 37.97 19.28 57.85
N ALA G 113 38.36 20.35 57.17
CA ALA G 113 39.61 20.37 56.44
C ALA G 113 40.81 20.24 57.38
N VAL G 114 40.78 20.93 58.51
CA VAL G 114 41.86 20.83 59.48
C VAL G 114 41.94 19.42 60.06
N ASP G 115 40.81 18.76 60.21
CA ASP G 115 40.82 17.37 60.65
C ASP G 115 41.46 16.46 59.62
N LEU G 116 41.11 16.66 58.36
CA LEU G 116 41.69 15.87 57.28
C LEU G 116 43.20 16.08 57.19
N VAL G 117 43.63 17.31 57.42
CA VAL G 117 45.04 17.65 57.36
C VAL G 117 45.80 17.07 58.55
N THR G 118 45.11 17.02 59.70
CA THR G 118 45.73 16.64 60.95
C THR G 118 46.00 15.13 61.03
N ARG G 119 45.28 14.34 60.24
CA ARG G 119 45.44 12.88 60.33
C ARG G 119 46.47 12.29 59.35
N LEU G 120 47.13 13.16 58.59
CA LEU G 120 48.07 12.70 57.58
C LEU G 120 49.38 12.22 58.18
N PRO G 121 50.00 11.21 57.55
CA PRO G 121 51.36 10.80 57.92
C PRO G 121 52.34 11.94 57.76
N GLN G 122 53.38 11.97 58.58
CA GLN G 122 54.15 13.19 58.83
C GLN G 122 54.88 13.80 57.63
N GLY G 123 54.98 13.09 56.51
CA GLY G 123 55.67 13.66 55.36
C GLY G 123 54.73 14.19 54.29
N ALA G 124 53.46 13.82 54.39
CA ALA G 124 52.51 14.02 53.30
C ALA G 124 51.98 15.44 53.20
N VAL G 125 51.77 15.91 51.97
CA VAL G 125 51.17 17.22 51.75
C VAL G 125 50.06 17.17 50.71
N LEU G 126 48.87 17.60 51.12
CA LEU G 126 47.76 17.78 50.20
C LEU G 126 48.09 18.70 49.03
N TYR G 127 47.82 18.25 47.81
CA TYR G 127 47.93 19.16 46.65
C TYR G 127 46.57 19.37 46.00
N LYS G 128 46.41 20.49 45.33
CA LYS G 128 45.16 20.79 44.65
C LYS G 128 45.44 21.50 43.34
N THR G 129 44.41 21.69 42.53
CA THR G 129 44.56 22.41 41.27
C THR G 129 43.97 23.82 41.32
N PHE G 130 44.78 24.79 40.92
CA PHE G 130 44.43 26.20 41.01
C PHE G 130 44.36 26.90 39.65
N VAL G 131 43.59 27.99 39.60
CA VAL G 131 43.53 28.84 38.42
C VAL G 131 44.02 30.23 38.76
N HIS G 132 44.94 30.77 37.99
CA HIS G 132 45.36 32.14 38.21
C HIS G 132 45.16 32.95 36.96
N VAL G 133 45.20 34.26 37.13
CA VAL G 133 45.34 35.11 35.98
C VAL G 133 46.61 35.92 36.14
N VAL G 134 47.57 35.67 35.26
CA VAL G 134 48.75 36.50 35.21
C VAL G 134 48.37 37.81 34.55
N PRO G 135 48.43 38.91 35.31
CA PRO G 135 47.94 40.22 34.89
C PRO G 135 48.70 40.79 33.71
N ALA G 136 48.00 41.44 32.79
CA ALA G 136 48.60 41.83 31.51
C ALA G 136 48.99 43.31 31.46
N LYS G 137 48.01 44.20 31.41
CA LYS G 137 48.27 45.64 31.39
C LYS G 137 49.03 46.06 32.64
N PRO G 138 49.87 47.10 32.51
CA PRO G 138 50.46 47.65 33.73
C PRO G 138 49.36 48.35 34.52
N GLU G 139 49.55 48.46 35.83
CA GLU G 139 48.55 49.04 36.72
C GLU G 139 48.06 50.44 36.30
N GLY G 140 48.97 51.25 35.78
CA GLY G 140 48.64 52.58 35.30
C GLY G 140 49.91 53.25 34.80
N THR G 141 49.76 54.43 34.21
CA THR G 141 50.90 55.15 33.66
C THR G 141 50.99 56.55 34.24
N PHE G 142 52.17 57.17 34.11
CA PHE G 142 52.32 58.57 34.46
C PHE G 142 52.40 59.42 33.20
N LYS G 143 51.50 60.39 33.08
CA LYS G 143 51.44 61.26 31.91
C LYS G 143 51.77 62.68 32.31
N LEU G 144 52.18 63.49 31.35
CA LEU G 144 52.47 64.89 31.63
C LEU G 144 51.21 65.72 31.45
N VAL G 145 50.68 66.23 32.55
CA VAL G 145 49.44 66.98 32.54
C VAL G 145 49.68 68.38 32.03
N ALA G 146 50.48 69.14 32.77
CA ALA G 146 50.76 70.52 32.41
C ALA G 146 52.17 70.90 32.82
N MET G 147 52.82 71.71 32.01
CA MET G 147 54.12 72.25 32.39
C MET G 147 53.96 73.70 32.84
N LEU G 148 54.13 73.89 34.14
CA LEU G 148 53.92 75.20 34.78
C LEU G 148 55.15 76.10 34.70
N PRO H 2 -25.44 48.29 -13.99
CA PRO H 2 -25.75 49.72 -14.09
C PRO H 2 -26.22 50.27 -12.76
N LEU H 3 -26.44 51.58 -12.69
CA LEU H 3 -26.76 52.23 -11.42
C LEU H 3 -28.04 53.04 -11.47
N HIS H 4 -28.75 53.06 -10.35
CA HIS H 4 -29.85 53.99 -10.18
C HIS H 4 -29.28 55.39 -10.17
N LYS H 5 -29.94 56.34 -10.81
CA LYS H 5 -29.37 57.68 -10.79
C LYS H 5 -29.58 58.30 -9.42
N VAL H 6 -30.70 58.03 -8.77
CA VAL H 6 -30.86 58.63 -7.45
C VAL H 6 -30.85 57.53 -6.41
N PRO H 7 -30.16 57.77 -5.28
CA PRO H 7 -30.05 56.81 -4.19
C PRO H 7 -31.40 56.32 -3.71
N VAL H 8 -31.49 55.06 -3.35
CA VAL H 8 -32.78 54.47 -2.99
C VAL H 8 -33.36 55.06 -1.71
N GLY H 9 -32.49 55.57 -0.83
CA GLY H 9 -32.96 56.22 0.38
C GLY H 9 -33.85 57.42 0.08
N LEU H 10 -33.64 58.01 -1.09
CA LEU H 10 -34.42 59.17 -1.53
C LEU H 10 -35.62 58.78 -2.36
N TRP H 11 -35.88 57.49 -2.50
CA TRP H 11 -37.02 57.07 -3.31
C TRP H 11 -38.32 57.30 -2.56
N LYS H 12 -38.27 57.34 -1.23
CA LYS H 12 -39.45 57.66 -0.44
C LYS H 12 -39.78 59.15 -0.58
N GLN H 13 -38.76 60.00 -0.57
CA GLN H 13 -38.95 61.45 -0.65
C GLN H 13 -39.46 61.91 -2.01
N LEU H 14 -38.83 61.43 -3.08
CA LEU H 14 -39.20 61.83 -4.43
C LEU H 14 -40.47 61.11 -4.89
N ARG H 15 -40.94 60.19 -4.05
CA ARG H 15 -42.27 59.61 -4.21
C ARG H 15 -43.32 60.66 -3.85
N LEU H 16 -42.95 61.56 -2.95
CA LEU H 16 -43.86 62.59 -2.42
C LEU H 16 -43.83 63.89 -3.24
N TRP H 17 -42.87 64.03 -4.15
CA TRP H 17 -42.75 65.21 -5.01
C TRP H 17 -43.53 65.08 -6.32
N GLU H 18 -44.01 63.87 -6.58
CA GLU H 18 -44.72 63.57 -7.82
C GLU H 18 -46.10 63.01 -7.47
N GLY H 19 -47.00 63.03 -8.44
CA GLY H 19 -48.34 62.51 -8.22
C GLY H 19 -49.12 63.33 -7.22
N ILE H 20 -50.18 62.71 -6.70
CA ILE H 20 -51.17 63.41 -5.89
C ILE H 20 -50.58 64.10 -4.65
N TYR H 21 -49.46 63.58 -4.16
CA TYR H 21 -48.82 64.12 -2.96
C TYR H 21 -48.36 65.56 -3.18
N SER H 22 -48.16 65.93 -4.44
CA SER H 22 -47.75 67.28 -4.77
C SER H 22 -48.85 68.27 -4.46
N ARG H 23 -50.10 67.81 -4.53
CA ARG H 23 -51.24 68.70 -4.40
C ARG H 23 -51.76 68.77 -2.96
N LEU H 24 -51.08 68.10 -2.05
CA LEU H 24 -51.40 68.18 -0.62
C LEU H 24 -51.07 69.57 -0.08
N PRO H 25 -51.80 70.01 0.95
CA PRO H 25 -51.53 71.32 1.57
C PRO H 25 -50.11 71.39 2.15
N ARG H 26 -49.43 72.51 1.93
CA ARG H 26 -48.01 72.62 2.25
C ARG H 26 -47.72 72.50 3.73
N HIS H 27 -48.63 73.01 4.57
CA HIS H 27 -48.41 72.98 6.02
C HIS H 27 -48.36 71.54 6.55
N TYR H 28 -49.19 70.69 5.97
CA TYR H 28 -49.21 69.27 6.32
C TYR H 28 -47.88 68.57 5.96
N LEU H 29 -47.46 68.72 4.71
CA LEU H 29 -46.20 68.17 4.25
C LEU H 29 -45.02 68.70 5.06
N ARG H 30 -45.10 69.94 5.53
CA ARG H 30 -44.04 70.51 6.38
C ARG H 30 -44.12 69.97 7.81
N SER H 31 -45.29 69.49 8.21
CA SER H 31 -45.41 68.82 9.50
C SER H 31 -44.85 67.39 9.45
N LEU H 32 -44.96 66.74 8.28
CA LEU H 32 -44.36 65.41 8.11
C LEU H 32 -42.86 65.44 7.85
N GLU H 33 -42.40 66.46 7.13
CA GLU H 33 -40.99 66.57 6.74
C GLU H 33 -40.06 66.53 7.94
N GLU H 34 -40.25 67.46 8.86
CA GLU H 34 -39.35 67.58 10.00
C GLU H 34 -39.68 66.56 11.08
N ALA H 35 -38.72 65.69 11.35
CA ALA H 35 -38.84 64.73 12.42
C ALA H 35 -38.06 65.26 13.61
N ARG H 36 -38.78 65.72 14.62
CA ARG H 36 -38.16 66.24 15.83
C ARG H 36 -37.78 65.06 16.71
N THR H 37 -36.63 65.14 17.38
CA THR H 37 -36.21 64.03 18.22
C THR H 37 -37.16 63.86 19.40
N PRO H 38 -37.77 62.67 19.51
CA PRO H 38 -38.73 62.37 20.60
C PRO H 38 -38.07 62.47 21.98
N THR H 39 -38.84 62.92 22.96
CA THR H 39 -38.35 63.05 24.33
C THR H 39 -37.83 61.72 24.85
N PRO H 40 -36.62 61.72 25.42
CA PRO H 40 -36.03 60.51 26.03
C PRO H 40 -36.91 59.91 27.10
N VAL H 41 -37.17 58.61 27.00
CA VAL H 41 -38.14 57.93 27.86
C VAL H 41 -37.50 56.81 28.64
N HIS H 42 -36.95 55.85 27.90
CA HIS H 42 -36.34 54.67 28.50
C HIS H 42 -34.86 54.91 28.82
N TYR H 43 -34.05 55.29 27.84
CA TYR H 43 -32.71 55.77 28.17
C TYR H 43 -32.72 57.12 28.86
N ARG H 44 -31.76 57.33 29.75
CA ARG H 44 -31.62 58.58 30.49
C ARG H 44 -30.42 59.38 29.99
N PRO H 45 -30.68 60.58 29.42
CA PRO H 45 -29.66 61.39 28.73
C PRO H 45 -28.71 62.11 29.67
N HIS H 46 -27.45 62.25 29.27
CA HIS H 46 -26.51 63.12 29.98
C HIS H 46 -26.57 64.50 29.35
N GLY H 47 -26.58 65.53 30.21
CA GLY H 47 -26.82 66.87 29.74
C GLY H 47 -25.70 67.48 28.93
N ALA H 48 -24.48 67.33 29.42
CA ALA H 48 -23.32 67.98 28.80
C ALA H 48 -23.01 67.45 27.40
N LYS H 49 -22.48 68.34 26.56
CA LYS H 49 -21.92 67.91 25.29
C LYS H 49 -20.53 67.34 25.51
N PHE H 50 -19.80 67.94 26.43
CA PHE H 50 -18.43 67.51 26.71
C PHE H 50 -18.32 66.89 28.09
N LYS H 51 -17.52 65.85 28.18
CA LYS H 51 -17.40 65.08 29.40
C LYS H 51 -15.95 64.72 29.59
N ILE H 52 -15.43 64.94 30.79
CA ILE H 52 -14.03 64.59 31.03
C ILE H 52 -13.91 63.10 31.28
N ASN H 53 -13.15 62.44 30.41
CA ASN H 53 -12.88 61.02 30.49
C ASN H 53 -12.23 60.69 31.84
N PRO H 54 -12.90 59.83 32.63
CA PRO H 54 -12.44 59.48 33.97
C PRO H 54 -11.07 58.78 34.00
N LYS H 55 -10.84 57.85 33.08
CA LYS H 55 -9.57 57.13 32.99
C LYS H 55 -8.46 58.02 32.44
N ASN H 56 -8.79 58.74 31.39
CA ASN H 56 -7.82 59.49 30.59
C ASN H 56 -7.44 60.88 31.12
N TRP H 57 -8.39 61.53 31.79
CA TRP H 57 -8.29 62.93 32.24
C TRP H 57 -8.26 63.90 31.07
N GLN H 58 -9.05 63.62 30.05
CA GLN H 58 -9.11 64.49 28.87
C GLN H 58 -10.54 64.86 28.52
N ARG H 59 -10.70 66.05 27.94
CA ARG H 59 -12.02 66.51 27.51
C ARG H 59 -12.48 65.73 26.30
N GLU H 60 -13.65 65.10 26.42
CA GLU H 60 -14.14 64.21 25.40
C GLU H 60 -15.48 64.69 24.85
N ARG H 61 -15.66 64.61 23.54
CA ARG H 61 -16.94 64.91 22.92
C ARG H 61 -17.90 63.77 23.25
N VAL H 62 -19.14 64.10 23.57
CA VAL H 62 -20.10 63.07 23.96
C VAL H 62 -21.45 63.32 23.33
N GLU H 63 -22.07 62.24 22.82
CA GLU H 63 -23.36 62.36 22.15
C GLU H 63 -24.39 61.46 22.78
N ASP H 64 -25.64 61.74 22.48
CA ASP H 64 -26.74 61.00 23.06
C ASP H 64 -27.43 60.14 22.01
N VAL H 65 -27.41 58.82 22.22
CA VAL H 65 -28.00 57.92 21.24
C VAL H 65 -29.23 57.23 21.76
N PRO H 66 -30.38 57.49 21.12
CA PRO H 66 -31.67 56.95 21.52
C PRO H 66 -31.72 55.43 21.46
N ILE H 67 -32.42 54.83 22.42
CA ILE H 67 -32.56 53.39 22.46
C ILE H 67 -33.83 52.95 21.76
N PRO H 68 -33.68 52.06 20.76
CA PRO H 68 -34.80 51.65 19.90
C PRO H 68 -35.91 51.02 20.72
N VAL H 69 -37.12 51.53 20.55
CA VAL H 69 -38.24 51.03 21.31
C VAL H 69 -39.33 50.58 20.35
N HIS H 70 -39.94 49.45 20.66
CA HIS H 70 -40.96 48.87 19.80
C HIS H 70 -42.35 49.24 20.29
N TYR H 71 -43.22 49.65 19.37
CA TYR H 71 -44.60 49.96 19.75
C TYR H 71 -45.56 48.97 19.12
N PRO H 72 -46.08 48.03 19.93
CA PRO H 72 -47.09 47.12 19.38
C PRO H 72 -48.31 47.92 18.91
N PRO H 73 -49.03 47.42 17.89
CA PRO H 73 -50.14 48.20 17.32
C PRO H 73 -51.26 48.50 18.32
N GLU H 74 -51.39 47.68 19.36
CA GLU H 74 -52.39 47.94 20.40
C GLU H 74 -52.04 49.16 21.24
N SER H 75 -50.80 49.63 21.12
CA SER H 75 -50.39 50.87 21.75
C SER H 75 -50.94 52.07 21.00
N GLN H 76 -51.39 51.84 19.77
CA GLN H 76 -51.92 52.92 18.95
C GLN H 76 -53.40 53.15 19.26
N LEU H 77 -54.01 52.20 19.94
CA LEU H 77 -55.40 52.33 20.39
C LEU H 77 -55.54 53.10 21.71
N GLY H 78 -54.49 53.08 22.52
CA GLY H 78 -54.48 53.85 23.77
C GLY H 78 -53.50 55.02 23.76
N LEU H 79 -53.09 55.45 24.96
CA LEU H 79 -51.99 56.40 25.14
C LEU H 79 -51.00 55.84 26.15
N TRP H 80 -49.79 55.48 25.71
CA TRP H 80 -48.84 54.85 26.63
C TRP H 80 -47.79 55.81 27.19
N GLY H 81 -47.88 57.07 26.82
CA GLY H 81 -46.94 58.06 27.32
C GLY H 81 -45.62 57.99 26.59
N GLY H 82 -45.68 57.82 25.27
CA GLY H 82 -44.50 57.85 24.42
C GLY H 82 -43.57 56.66 24.59
N GLU H 83 -43.97 55.73 25.45
CA GLU H 83 -43.15 54.57 25.70
C GLU H 83 -43.71 53.31 25.07
N GLY H 84 -43.02 52.19 25.26
CA GLY H 84 -43.33 50.96 24.57
C GLY H 84 -42.41 49.83 24.99
N TRP H 85 -42.31 48.82 24.14
CA TRP H 85 -41.47 47.66 24.42
C TRP H 85 -40.01 47.91 24.10
N VAL H 86 -39.15 47.51 25.03
CA VAL H 86 -37.72 47.56 24.78
C VAL H 86 -37.22 46.18 24.40
N LEU H 87 -36.84 46.02 23.14
CA LEU H 87 -36.33 44.76 22.65
C LEU H 87 -34.82 44.81 22.68
N GLY H 88 -34.21 43.87 23.39
CA GLY H 88 -32.78 43.94 23.55
C GLY H 88 -32.17 42.67 24.06
N HIS H 89 -30.94 42.76 24.53
CA HIS H 89 -30.25 41.63 25.12
C HIS H 89 -29.74 42.02 26.49
N ARG H 90 -29.30 41.03 27.25
CA ARG H 90 -28.80 41.30 28.59
C ARG H 90 -27.77 40.26 28.99
N TYR H 91 -26.81 40.63 29.82
CA TYR H 91 -25.95 39.61 30.43
C TYR H 91 -26.63 39.15 31.70
N VAL H 92 -26.53 37.87 32.01
CA VAL H 92 -27.01 37.42 33.30
C VAL H 92 -26.00 37.83 34.36
N ASN H 93 -26.48 38.20 35.55
CA ASN H 93 -25.66 38.67 36.66
C ASN H 93 -24.94 39.99 36.39
N ASN H 94 -25.06 40.50 35.17
CA ASN H 94 -24.39 41.72 34.72
C ASN H 94 -22.88 41.58 34.60
N ASP H 95 -22.34 40.39 34.87
CA ASP H 95 -20.97 40.08 34.50
C ASP H 95 -20.86 40.00 32.99
N LYS H 96 -19.95 40.74 32.39
CA LYS H 96 -19.79 40.68 30.94
C LYS H 96 -19.42 39.27 30.48
N LEU H 97 -18.89 38.46 31.39
CA LEU H 97 -18.41 37.14 31.03
C LEU H 97 -19.49 36.07 31.09
N SER H 98 -20.71 36.45 31.42
CA SER H 98 -21.77 35.45 31.54
C SER H 98 -22.47 35.22 30.21
N LYS H 99 -23.55 34.45 30.21
CA LYS H 99 -24.31 34.23 28.98
C LYS H 99 -24.94 35.50 28.49
N ARG H 100 -25.16 35.60 27.19
CA ARG H 100 -25.88 36.73 26.66
C ARG H 100 -27.22 36.29 26.15
N VAL H 101 -28.25 37.01 26.57
CA VAL H 101 -29.58 36.45 26.54
C VAL H 101 -30.57 37.46 25.96
N ARG H 102 -31.50 37.03 25.12
CA ARG H 102 -32.43 38.01 24.60
C ARG H 102 -33.45 38.33 25.69
N LYS H 103 -33.79 39.60 25.80
CA LYS H 103 -34.69 40.09 26.84
C LYS H 103 -35.55 41.21 26.31
N VAL H 104 -36.82 41.20 26.68
CA VAL H 104 -37.72 42.28 26.29
C VAL H 104 -38.41 42.85 27.51
N TRP H 105 -38.32 44.17 27.66
CA TRP H 105 -38.96 44.88 28.76
C TRP H 105 -40.27 45.51 28.34
N LYS H 106 -41.36 45.05 28.98
CA LYS H 106 -42.71 45.51 28.67
C LYS H 106 -43.26 46.50 29.71
N PRO H 107 -43.82 47.63 29.24
CA PRO H 107 -44.51 48.64 30.06
C PRO H 107 -45.70 48.03 30.83
N GLN H 108 -45.95 48.52 32.05
CA GLN H 108 -47.12 48.05 32.81
C GLN H 108 -48.37 48.84 32.43
N LEU H 109 -49.39 48.15 31.95
CA LEU H 109 -50.56 48.82 31.40
C LEU H 109 -51.76 48.82 32.35
N PHE H 110 -52.53 49.90 32.29
CA PHE H 110 -53.72 50.05 33.13
C PHE H 110 -54.93 50.49 32.36
N GLN H 111 -56.08 50.00 32.80
CA GLN H 111 -57.35 50.42 32.25
C GLN H 111 -57.85 51.62 33.07
N ARG H 112 -57.94 52.77 32.43
CA ARG H 112 -58.31 53.99 33.13
C ARG H 112 -59.23 54.81 32.25
N GLU H 113 -60.29 55.37 32.83
CA GLU H 113 -61.17 56.23 32.07
C GLU H 113 -60.84 57.70 32.33
N LEU H 114 -60.67 58.45 31.25
CA LEU H 114 -60.21 59.83 31.32
C LEU H 114 -61.28 60.78 30.80
N TYR H 115 -61.35 61.97 31.40
CA TYR H 115 -62.37 62.93 31.02
C TYR H 115 -61.80 64.05 30.17
N SER H 116 -62.33 64.19 28.95
CA SER H 116 -61.99 65.30 28.09
C SER H 116 -63.04 66.39 28.21
N GLU H 117 -62.56 67.58 28.58
CA GLU H 117 -63.39 68.76 28.76
C GLU H 117 -63.96 69.30 27.45
N ILE H 118 -63.07 69.55 26.50
CA ILE H 118 -63.49 70.13 25.23
C ILE H 118 -64.34 69.15 24.45
N LEU H 119 -64.07 67.86 24.59
CA LEU H 119 -64.85 66.86 23.86
C LEU H 119 -66.01 66.34 24.70
N ASP H 120 -66.08 66.80 25.94
CA ASP H 120 -67.13 66.40 26.90
C ASP H 120 -67.39 64.92 26.90
N LYS H 121 -66.38 64.13 27.21
CA LYS H 121 -66.59 62.69 27.13
C LYS H 121 -65.64 61.93 28.04
N ARG H 122 -66.04 60.72 28.41
CA ARG H 122 -65.15 59.84 29.15
C ARG H 122 -64.71 58.69 28.26
N PHE H 123 -63.41 58.59 28.02
CA PHE H 123 -62.88 57.49 27.21
C PHE H 123 -62.26 56.43 28.10
N THR H 124 -62.52 55.17 27.80
CA THR H 124 -61.84 54.11 28.53
C THR H 124 -60.59 53.73 27.75
N VAL H 125 -59.43 54.05 28.32
CA VAL H 125 -58.17 53.98 27.60
C VAL H 125 -57.16 53.17 28.40
N THR H 126 -56.33 52.39 27.69
CA THR H 126 -55.18 51.77 28.30
C THR H 126 -54.05 52.79 28.34
N VAL H 127 -53.60 53.12 29.54
CA VAL H 127 -52.51 54.07 29.69
C VAL H 127 -51.47 53.52 30.63
N THR H 128 -50.30 54.15 30.62
CA THR H 128 -49.25 53.79 31.53
C THR H 128 -49.24 54.76 32.70
N MET H 129 -48.39 54.50 33.68
CA MET H 129 -48.29 55.37 34.83
C MET H 129 -47.57 56.64 34.40
N ARG H 130 -46.73 56.50 33.38
CA ARG H 130 -46.04 57.65 32.81
C ARG H 130 -47.00 58.61 32.13
N THR H 131 -48.03 58.08 31.47
CA THR H 131 -49.04 58.92 30.85
C THR H 131 -49.76 59.72 31.92
N LEU H 132 -50.15 59.05 33.00
CA LEU H 132 -50.86 59.72 34.08
C LEU H 132 -50.01 60.79 34.73
N ASP H 133 -48.71 60.53 34.84
CA ASP H 133 -47.81 61.53 35.40
C ASP H 133 -47.65 62.73 34.46
N LEU H 134 -47.72 62.48 33.16
CA LEU H 134 -47.61 63.58 32.19
C LEU H 134 -48.88 64.41 32.11
N ILE H 135 -50.02 63.76 32.28
CA ILE H 135 -51.30 64.46 32.36
C ILE H 135 -51.33 65.32 33.62
N ASP H 136 -50.96 64.70 34.74
CA ASP H 136 -50.78 65.39 36.01
C ASP H 136 -49.89 66.61 35.88
N GLN H 137 -48.77 66.44 35.20
CA GLN H 137 -47.75 67.48 35.07
C GLN H 137 -48.18 68.61 34.15
N ALA H 138 -48.95 68.27 33.12
CA ALA H 138 -49.44 69.29 32.19
C ALA H 138 -50.79 69.85 32.65
N CYS H 139 -51.27 69.34 33.79
CA CYS H 139 -52.40 69.92 34.56
C CYS H 139 -53.81 69.66 34.02
N GLY H 140 -53.93 68.93 32.92
CA GLY H 140 -55.24 68.49 32.45
C GLY H 140 -55.09 67.46 31.35
N PHE H 141 -56.13 66.67 31.14
CA PHE H 141 -56.12 65.70 30.06
C PHE H 141 -55.99 66.41 28.72
N ASP H 142 -56.93 67.32 28.47
CA ASP H 142 -56.98 68.09 27.23
C ASP H 142 -55.71 68.92 27.05
N PHE H 143 -55.19 69.39 28.18
CA PHE H 143 -53.92 70.08 28.19
C PHE H 143 -52.82 69.18 27.64
N TYR H 144 -52.68 68.01 28.24
CA TYR H 144 -51.66 67.04 27.86
C TYR H 144 -51.73 66.67 26.38
N ILE H 145 -52.94 66.64 25.85
CA ILE H 145 -53.11 66.29 24.44
C ILE H 145 -52.83 67.44 23.47
N LEU H 146 -53.13 68.68 23.85
CA LEU H 146 -52.81 69.80 22.96
C LEU H 146 -51.34 70.22 23.04
N LYS H 147 -50.77 70.04 24.23
CA LYS H 147 -49.49 70.62 24.62
C LYS H 147 -48.31 69.73 24.28
N THR H 148 -48.59 68.58 23.69
CA THR H 148 -47.55 67.59 23.46
C THR H 148 -47.40 67.41 21.95
N PRO H 149 -46.17 67.26 21.47
CA PRO H 149 -45.94 67.06 20.03
C PRO H 149 -46.30 65.65 19.58
N LYS H 150 -46.45 65.45 18.28
CA LYS H 150 -46.80 64.15 17.73
C LYS H 150 -45.85 63.04 18.17
N GLU H 151 -44.55 63.32 18.14
CA GLU H 151 -43.53 62.32 18.41
C GLU H 151 -43.57 61.80 19.83
N ASP H 152 -44.02 62.64 20.76
CA ASP H 152 -44.05 62.28 22.18
C ASP H 152 -45.30 61.49 22.65
N LEU H 153 -46.42 61.66 21.96
CA LEU H 153 -47.63 60.88 22.26
C LEU H 153 -47.48 59.46 21.72
N CYS H 154 -47.05 59.41 20.45
CA CYS H 154 -46.79 58.18 19.71
C CYS H 154 -48.04 57.42 19.30
N SER H 155 -49.20 57.88 19.72
CA SER H 155 -50.43 57.17 19.40
C SER H 155 -51.20 57.84 18.26
N LYS H 156 -51.78 57.02 17.40
CA LYS H 156 -52.70 57.51 16.40
C LYS H 156 -53.96 58.02 17.10
N PHE H 157 -54.31 57.38 18.21
CA PHE H 157 -55.47 57.78 18.99
C PHE H 157 -55.29 59.14 19.67
N GLY H 158 -54.10 59.38 20.20
CA GLY H 158 -53.79 60.67 20.79
C GLY H 158 -53.93 61.74 19.74
N MET H 159 -53.40 61.47 18.56
CA MET H 159 -53.47 62.40 17.45
C MET H 159 -54.89 62.64 16.95
N ASP H 160 -55.76 61.63 17.09
CA ASP H 160 -57.16 61.82 16.68
C ASP H 160 -57.96 62.61 17.72
N LEU H 161 -57.69 62.34 19.00
CA LEU H 161 -58.20 63.16 20.09
C LEU H 161 -57.86 64.63 19.84
N LYS H 162 -56.57 64.89 19.63
CA LYS H 162 -56.08 66.24 19.37
C LYS H 162 -56.70 66.87 18.12
N ARG H 163 -56.80 66.12 17.03
CA ARG H 163 -57.47 66.61 15.83
C ARG H 163 -58.88 67.05 16.17
N GLY H 164 -59.56 66.24 16.98
CA GLY H 164 -60.92 66.52 17.40
C GLY H 164 -61.11 67.80 18.20
N MET H 165 -60.38 67.96 19.30
CA MET H 165 -60.56 69.15 20.13
C MET H 165 -59.93 70.40 19.50
N LEU H 166 -58.93 70.22 18.64
CA LEU H 166 -58.40 71.31 17.84
C LEU H 166 -59.45 71.85 16.87
N LEU H 167 -60.17 70.94 16.20
CA LEU H 167 -61.31 71.33 15.40
C LEU H 167 -62.40 72.04 16.22
N ARG H 168 -62.69 71.49 17.39
CA ARG H 168 -63.73 72.07 18.24
C ARG H 168 -63.35 73.47 18.73
N LEU H 169 -62.05 73.74 18.84
CA LEU H 169 -61.56 75.08 19.19
C LEU H 169 -61.59 76.07 18.02
N ALA H 170 -61.14 75.63 16.84
CA ALA H 170 -61.13 76.52 15.67
C ALA H 170 -62.55 76.84 15.20
N ARG H 171 -63.47 75.89 15.40
CA ARG H 171 -64.86 76.07 14.99
C ARG H 171 -65.66 76.87 16.01
N GLN H 172 -65.25 76.81 17.27
CA GLN H 172 -66.05 77.28 18.39
C GLN H 172 -67.41 76.60 18.34
N ASP H 173 -67.36 75.29 18.19
CA ASP H 173 -68.55 74.47 17.98
C ASP H 173 -69.55 74.65 19.12
N PRO H 174 -70.75 75.15 18.78
CA PRO H 174 -71.82 75.38 19.74
C PRO H 174 -72.32 74.10 20.40
N GLN H 175 -72.16 72.96 19.73
CA GLN H 175 -72.71 71.69 20.22
C GLN H 175 -71.94 71.13 21.41
N LEU H 176 -70.86 71.79 21.79
CA LEU H 176 -70.08 71.45 22.98
C LEU H 176 -70.97 71.36 24.21
N HIS H 177 -71.47 72.51 24.65
CA HIS H 177 -72.44 72.56 25.71
C HIS H 177 -73.62 73.35 25.19
N PRO H 178 -74.61 72.64 24.63
CA PRO H 178 -75.76 73.26 23.95
C PRO H 178 -76.54 74.27 24.82
N ASP H 179 -76.78 73.91 26.08
CA ASP H 179 -77.64 74.71 26.98
C ASP H 179 -76.96 75.88 27.72
N ASP H 180 -75.64 75.82 27.88
CA ASP H 180 -74.92 76.78 28.73
C ASP H 180 -73.76 77.48 28.03
N PRO H 181 -74.01 78.63 27.38
CA PRO H 181 -72.91 79.40 26.79
C PRO H 181 -71.88 79.88 27.83
N ALA H 182 -72.27 79.89 29.11
CA ALA H 182 -71.37 80.21 30.21
C ALA H 182 -70.22 79.22 30.29
N ARG H 183 -70.58 77.95 30.49
CA ARG H 183 -69.62 76.86 30.50
C ARG H 183 -68.78 76.86 29.22
N ARG H 184 -69.44 77.09 28.10
CA ARG H 184 -68.81 77.00 26.78
C ARG H 184 -67.70 78.04 26.63
N ALA H 185 -68.01 79.32 26.86
CA ALA H 185 -66.99 80.36 26.79
C ALA H 185 -65.91 80.14 27.84
N ALA H 186 -66.34 79.65 29.02
CA ALA H 186 -65.43 79.34 30.12
C ALA H 186 -64.34 78.35 29.72
N ILE H 187 -64.76 77.26 29.10
CA ILE H 187 -63.83 76.22 28.67
C ILE H 187 -63.01 76.68 27.47
N TYR H 188 -63.67 77.21 26.44
CA TYR H 188 -62.96 77.69 25.26
C TYR H 188 -61.96 78.79 25.62
N ASP H 189 -62.10 79.34 26.82
CA ASP H 189 -61.19 80.39 27.29
C ASP H 189 -59.77 79.91 27.61
N ARG H 190 -59.64 78.91 28.49
CA ARG H 190 -58.33 78.54 29.00
C ARG H 190 -57.41 77.95 27.94
N TYR H 191 -58.01 77.42 26.88
CA TYR H 191 -57.26 76.75 25.83
C TYR H 191 -56.91 77.67 24.67
N LYS H 192 -57.17 78.96 24.84
CA LYS H 192 -57.00 79.93 23.76
C LYS H 192 -55.59 80.04 23.19
N ALA H 193 -54.61 79.47 23.89
CA ALA H 193 -53.23 79.51 23.41
C ALA H 193 -52.99 78.62 22.18
N PHE H 194 -53.74 77.52 22.10
CA PHE H 194 -53.51 76.49 21.08
C PHE H 194 -54.34 76.67 19.82
N VAL H 195 -55.25 77.64 19.83
CA VAL H 195 -56.18 77.84 18.72
C VAL H 195 -55.46 78.15 17.39
N ILE H 196 -55.86 77.39 16.37
CA ILE H 196 -55.17 77.39 15.08
C ILE H 196 -56.28 77.58 14.03
N PRO H 197 -55.94 78.03 12.80
CA PRO H 197 -57.03 78.20 11.82
C PRO H 197 -57.67 76.86 11.42
N GLU H 198 -58.71 76.90 10.59
CA GLU H 198 -59.48 75.69 10.28
C GLU H 198 -58.83 74.78 9.24
N ALA H 199 -58.22 75.38 8.22
CA ALA H 199 -57.54 74.63 7.17
C ALA H 199 -56.41 73.77 7.75
N GLU H 200 -55.77 74.26 8.79
CA GLU H 200 -54.71 73.51 9.46
C GLU H 200 -55.26 72.42 10.36
N ALA H 201 -56.39 72.73 11.01
CA ALA H 201 -56.88 71.91 12.12
C ALA H 201 -57.40 70.55 11.69
N GLU H 202 -57.83 70.41 10.44
CA GLU H 202 -58.37 69.11 10.04
C GLU H 202 -57.30 68.20 9.45
N TRP H 203 -56.12 68.74 9.20
CA TRP H 203 -55.01 67.94 8.69
C TRP H 203 -53.98 67.50 9.74
N VAL H 204 -54.24 67.81 11.01
CA VAL H 204 -53.21 67.60 12.04
C VAL H 204 -52.84 66.13 12.29
N GLY H 205 -53.82 65.29 12.63
CA GLY H 205 -53.49 63.96 13.10
C GLY H 205 -53.48 62.89 12.03
N LEU H 206 -53.31 63.29 10.77
CA LEU H 206 -53.52 62.36 9.68
C LEU H 206 -52.30 61.56 9.28
N THR H 207 -52.53 60.27 9.03
CA THR H 207 -51.55 59.39 8.40
C THR H 207 -51.48 59.76 6.93
N LEU H 208 -50.37 59.45 6.27
CA LEU H 208 -50.22 59.81 4.87
C LEU H 208 -51.33 59.18 4.02
N ASP H 209 -51.78 57.99 4.42
CA ASP H 209 -52.87 57.31 3.72
C ASP H 209 -54.17 58.10 3.76
N GLU H 210 -54.57 58.45 4.98
CA GLU H 210 -55.80 59.20 5.21
C GLU H 210 -55.74 60.54 4.50
N ALA H 211 -54.56 61.15 4.47
CA ALA H 211 -54.37 62.43 3.81
C ALA H 211 -54.56 62.30 2.31
N VAL H 212 -53.88 61.33 1.71
CA VAL H 212 -54.01 61.11 0.29
C VAL H 212 -55.47 60.82 -0.08
N GLU H 213 -56.15 60.02 0.73
CA GLU H 213 -57.57 59.76 0.50
C GLU H 213 -58.39 61.06 0.52
N LYS H 214 -58.26 61.82 1.60
CA LYS H 214 -58.95 63.09 1.76
C LYS H 214 -58.78 63.99 0.55
N GLN H 215 -57.53 64.17 0.15
CA GLN H 215 -57.23 65.01 -1.01
C GLN H 215 -57.79 64.43 -2.30
N ARG H 216 -57.90 63.11 -2.38
CA ARG H 216 -58.50 62.48 -3.56
C ARG H 216 -59.99 62.77 -3.60
N LEU H 217 -60.62 62.88 -2.43
CA LEU H 217 -62.06 63.16 -2.35
C LEU H 217 -62.41 64.63 -2.59
N LEU H 218 -61.53 65.53 -2.17
CA LEU H 218 -61.73 66.96 -2.47
C LEU H 218 -61.53 67.22 -3.96
N GLU H 219 -60.75 66.33 -4.60
CA GLU H 219 -60.43 66.46 -6.02
C GLU H 219 -61.36 65.64 -6.93
N GLU H 220 -62.40 65.05 -6.34
CA GLU H 220 -63.29 64.16 -7.07
C GLU H 220 -64.29 64.93 -7.93
N LYS H 221 -64.19 64.72 -9.26
CA LYS H 221 -65.07 65.38 -10.21
C LYS H 221 -65.42 64.46 -11.38
N ASP H 222 -66.70 64.38 -11.72
CA ASP H 222 -67.12 63.67 -12.93
C ASP H 222 -66.75 64.51 -14.13
N PRO H 223 -65.88 63.97 -15.01
CA PRO H 223 -65.35 64.72 -16.16
C PRO H 223 -66.46 65.43 -16.95
N ILE H 224 -66.21 66.70 -17.28
CA ILE H 224 -67.25 67.55 -17.85
C ILE H 224 -67.54 67.22 -19.31
N PRO H 225 -68.83 67.00 -19.64
CA PRO H 225 -69.31 66.65 -20.98
C PRO H 225 -68.76 67.59 -22.06
N LEU H 226 -68.35 67.05 -23.21
CA LEU H 226 -67.77 67.88 -24.26
C LEU H 226 -68.79 68.81 -24.92
N PHE H 227 -70.07 68.57 -24.64
CA PHE H 227 -71.13 69.45 -25.12
C PHE H 227 -71.02 70.82 -24.46
N LYS H 228 -70.76 70.85 -23.16
CA LYS H 228 -70.52 72.09 -22.41
C LYS H 228 -69.37 72.92 -22.99
N ILE H 229 -68.17 72.34 -22.96
CA ILE H 229 -66.98 72.98 -23.50
C ILE H 229 -67.15 73.48 -24.94
N PHE H 230 -67.74 72.65 -25.80
CA PHE H 230 -67.98 73.08 -27.19
C PHE H 230 -69.00 74.22 -27.27
N VAL H 231 -70.01 74.20 -26.42
CA VAL H 231 -70.99 75.29 -26.36
C VAL H 231 -70.34 76.61 -25.94
N GLU H 232 -69.42 76.56 -24.97
CA GLU H 232 -68.72 77.79 -24.55
C GLU H 232 -67.74 78.32 -25.60
N GLU H 233 -67.01 77.43 -26.27
CA GLU H 233 -66.18 77.87 -27.41
C GLU H 233 -67.04 78.56 -28.47
N LEU H 234 -68.20 77.95 -28.75
CA LEU H 234 -69.12 78.50 -29.74
C LEU H 234 -69.71 79.86 -29.34
N LEU H 235 -70.06 80.03 -28.07
CA LEU H 235 -70.57 81.32 -27.60
C LEU H 235 -69.48 82.39 -27.63
N GLY H 236 -68.24 82.01 -27.30
CA GLY H 236 -67.12 82.93 -27.42
C GLY H 236 -66.96 83.43 -28.85
N GLN H 237 -66.88 82.50 -29.79
CA GLN H 237 -66.76 82.85 -31.21
C GLN H 237 -67.94 83.68 -31.74
N LEU H 238 -69.17 83.36 -31.31
CA LEU H 238 -70.37 84.06 -31.79
C LEU H 238 -70.48 85.48 -31.21
N GLN H 239 -70.05 85.66 -29.96
CA GLN H 239 -70.02 87.01 -29.36
C GLN H 239 -68.89 87.86 -29.93
N GLN H 240 -67.79 87.22 -30.34
CA GLN H 240 -66.73 87.96 -31.04
C GLN H 240 -67.05 88.22 -32.52
N GLN H 241 -67.98 87.46 -33.08
CA GLN H 241 -68.53 87.78 -34.40
C GLN H 241 -69.61 88.85 -34.32
N ALA H 242 -70.27 88.94 -33.16
CA ALA H 242 -71.29 89.97 -32.94
C ALA H 242 -70.68 91.34 -32.58
N LEU H 243 -69.56 91.32 -31.85
CA LEU H 243 -68.93 92.57 -31.41
C LEU H 243 -67.98 93.22 -32.45
N SER H 244 -67.60 92.47 -33.48
CA SER H 244 -66.68 92.99 -34.51
C SER H 244 -67.39 93.82 -35.56
N GLU H 245 -68.72 93.66 -35.65
CA GLU H 245 -69.54 94.44 -36.58
C GLU H 245 -70.36 95.49 -35.84
N GLY I 65 -83.67 28.49 -47.60
CA GLY I 65 -82.82 29.53 -47.06
C GLY I 65 -81.49 28.98 -46.60
N LEU I 66 -81.25 27.71 -46.92
CA LEU I 66 -79.98 27.06 -46.57
C LEU I 66 -78.89 27.28 -47.60
N GLU I 67 -79.27 27.76 -48.78
CA GLU I 67 -78.31 27.88 -49.87
C GLU I 67 -77.43 29.11 -49.78
N GLU I 68 -77.79 30.06 -48.91
CA GLU I 68 -76.99 31.25 -48.72
C GLU I 68 -75.62 30.91 -48.12
N PHE I 69 -75.44 29.64 -47.77
CA PHE I 69 -74.15 29.14 -47.33
C PHE I 69 -73.26 28.70 -48.49
N PHE I 70 -73.79 28.82 -49.71
CA PHE I 70 -73.03 28.43 -50.89
C PHE I 70 -73.11 29.49 -51.95
N ASP I 71 -72.07 29.54 -52.78
CA ASP I 71 -72.04 30.45 -53.91
C ASP I 71 -73.07 30.00 -54.94
N ASP I 72 -73.46 30.89 -55.86
CA ASP I 72 -74.32 30.52 -56.98
C ASP I 72 -73.73 29.31 -57.68
N PRO I 73 -74.58 28.32 -57.96
CA PRO I 73 -74.13 27.06 -58.57
C PRO I 73 -73.32 27.28 -59.86
N LYS I 74 -73.47 28.44 -60.48
CA LYS I 74 -72.68 28.81 -61.65
C LYS I 74 -71.19 28.94 -61.36
N ASN I 75 -70.83 29.11 -60.09
CA ASN I 75 -69.45 29.31 -59.68
C ASN I 75 -68.69 28.10 -59.16
N TRP I 76 -69.36 26.97 -59.01
CA TRP I 76 -68.85 25.94 -58.09
C TRP I 76 -67.50 25.34 -58.46
N GLY I 77 -67.34 24.85 -59.67
CA GLY I 77 -66.10 24.21 -60.04
C GLY I 77 -65.00 25.12 -60.55
N GLU I 78 -65.19 26.44 -60.45
CA GLU I 78 -64.28 27.37 -61.11
C GLU I 78 -63.11 27.82 -60.23
N GLU I 79 -61.93 27.85 -60.84
CA GLU I 79 -60.70 28.29 -60.17
C GLU I 79 -60.78 29.71 -59.66
N LYS I 80 -60.88 30.66 -60.58
CA LYS I 80 -60.92 32.08 -60.23
C LYS I 80 -62.33 32.63 -60.29
N VAL I 81 -62.79 33.12 -59.14
CA VAL I 81 -64.04 33.86 -59.05
C VAL I 81 -63.71 35.28 -58.65
N LYS I 82 -63.91 36.24 -59.56
CA LYS I 82 -63.42 37.58 -59.26
C LYS I 82 -64.42 38.34 -58.39
N SER I 83 -64.03 39.54 -57.97
CA SER I 83 -64.69 40.22 -56.86
C SER I 83 -64.15 41.62 -56.64
N GLY I 84 -64.94 42.43 -55.96
CA GLY I 84 -64.62 43.83 -55.80
C GLY I 84 -63.68 44.07 -54.65
N ALA I 85 -63.33 45.33 -54.44
CA ALA I 85 -62.49 45.70 -53.33
C ALA I 85 -63.33 45.80 -52.07
N SER I 86 -62.68 45.59 -50.92
CA SER I 86 -63.33 45.70 -49.62
C SER I 86 -63.69 47.15 -49.34
N TRP I 87 -64.59 47.37 -48.40
CA TRP I 87 -64.99 48.73 -48.05
C TRP I 87 -63.90 49.46 -47.29
N THR I 88 -63.61 50.68 -47.73
CA THR I 88 -62.78 51.59 -46.97
C THR I 88 -63.61 52.10 -45.81
N CYS I 89 -62.95 52.64 -44.78
CA CYS I 89 -63.66 53.31 -43.70
C CYS I 89 -64.43 54.51 -44.25
N GLN I 90 -63.76 55.28 -45.11
CA GLN I 90 -64.30 56.54 -45.63
C GLN I 90 -65.64 56.40 -46.33
N GLN I 91 -65.76 55.35 -47.14
CA GLN I 91 -66.99 55.12 -47.87
C GLN I 91 -68.10 54.76 -46.89
N LEU I 92 -67.72 54.21 -45.74
CA LEU I 92 -68.68 53.82 -44.71
C LEU I 92 -69.11 55.00 -43.83
N ARG I 93 -68.24 55.99 -43.64
CA ARG I 93 -68.61 57.17 -42.83
C ARG I 93 -69.75 57.94 -43.48
N ASN I 94 -69.92 57.74 -44.79
CA ASN I 94 -70.96 58.40 -45.57
C ASN I 94 -72.35 57.77 -45.45
N LYS I 95 -72.40 56.49 -45.12
CA LYS I 95 -73.67 55.79 -45.01
C LYS I 95 -74.34 56.06 -43.67
N SER I 96 -75.66 55.96 -43.62
CA SER I 96 -76.40 56.20 -42.38
C SER I 96 -76.24 55.04 -41.43
N ASN I 97 -76.86 55.13 -40.26
CA ASN I 97 -76.80 54.05 -39.30
C ASN I 97 -77.59 52.83 -39.79
N GLU I 98 -78.78 53.06 -40.34
CA GLU I 98 -79.62 51.98 -40.83
C GLU I 98 -78.93 51.15 -41.90
N ASP I 99 -78.28 51.84 -42.83
CA ASP I 99 -77.66 51.19 -43.97
C ASP I 99 -76.42 50.41 -43.55
N LEU I 100 -75.74 50.90 -42.52
CA LEU I 100 -74.63 50.12 -41.97
C LEU I 100 -75.18 48.87 -41.31
N HIS I 101 -76.25 49.03 -40.55
CA HIS I 101 -76.92 47.91 -39.91
C HIS I 101 -77.28 46.83 -40.93
N LYS I 102 -77.75 47.22 -42.11
CA LYS I 102 -78.07 46.25 -43.15
C LYS I 102 -76.82 45.63 -43.79
N LEU I 103 -75.90 46.50 -44.17
CA LEU I 103 -74.66 46.08 -44.79
C LEU I 103 -73.94 45.06 -43.92
N TRP I 104 -74.15 45.16 -42.62
CA TRP I 104 -73.54 44.21 -41.69
C TRP I 104 -74.06 42.81 -41.94
N TYR I 105 -75.34 42.70 -42.29
CA TYR I 105 -75.91 41.38 -42.53
C TYR I 105 -75.58 40.86 -43.91
N VAL I 106 -75.55 41.77 -44.89
CA VAL I 106 -75.10 41.38 -46.22
C VAL I 106 -73.66 40.83 -46.18
N LEU I 107 -72.82 41.48 -45.37
CA LEU I 107 -71.45 41.04 -45.17
C LEU I 107 -71.38 39.76 -44.36
N LEU I 108 -72.30 39.62 -43.41
CA LEU I 108 -72.33 38.43 -42.56
C LEU I 108 -72.58 37.19 -43.39
N LYS I 109 -73.67 37.20 -44.14
CA LYS I 109 -74.06 36.04 -44.95
C LYS I 109 -72.91 35.58 -45.83
N GLU I 110 -72.23 36.54 -46.43
CA GLU I 110 -71.12 36.27 -47.33
C GLU I 110 -69.89 35.73 -46.60
N ARG I 111 -69.60 36.25 -45.42
CA ARG I 111 -68.49 35.73 -44.63
C ARG I 111 -68.75 34.28 -44.25
N ASN I 112 -69.98 33.99 -43.82
CA ASN I 112 -70.40 32.62 -43.53
C ASN I 112 -70.18 31.69 -44.70
N MET I 113 -70.71 32.09 -45.86
CA MET I 113 -70.54 31.30 -47.07
C MET I 113 -69.07 31.01 -47.33
N LEU I 114 -68.27 32.06 -47.31
CA LEU I 114 -66.84 31.95 -47.56
C LEU I 114 -66.13 30.99 -46.62
N LEU I 115 -66.48 31.02 -45.33
CA LEU I 115 -65.91 30.09 -44.36
C LEU I 115 -66.31 28.66 -44.65
N THR I 116 -67.57 28.48 -45.02
CA THR I 116 -68.07 27.18 -45.45
C THR I 116 -67.24 26.61 -46.60
N LEU I 117 -67.06 27.42 -47.63
CA LEU I 117 -66.26 27.05 -48.79
C LEU I 117 -64.84 26.72 -48.39
N GLU I 118 -64.28 27.51 -47.49
CA GLU I 118 -62.95 27.29 -46.93
C GLU I 118 -62.77 25.86 -46.38
N GLN I 119 -63.58 25.53 -45.36
CA GLN I 119 -63.50 24.21 -44.74
C GLN I 119 -63.73 23.11 -45.76
N GLU I 120 -64.70 23.32 -46.65
CA GLU I 120 -65.01 22.33 -47.66
C GLU I 120 -63.88 22.16 -48.68
N ALA I 121 -63.05 23.18 -48.80
CA ALA I 121 -61.88 23.08 -49.65
C ALA I 121 -60.84 22.21 -48.97
N LYS I 122 -60.66 22.42 -47.66
CA LYS I 122 -59.74 21.57 -46.90
C LYS I 122 -60.16 20.11 -46.95
N ARG I 123 -61.46 19.87 -46.89
CA ARG I 123 -62.01 18.51 -46.88
C ARG I 123 -61.67 17.74 -48.15
N GLN I 124 -61.69 18.45 -49.28
CA GLN I 124 -61.51 17.83 -50.59
C GLN I 124 -60.05 17.86 -51.05
N ARG I 125 -59.15 18.31 -50.18
CA ARG I 125 -57.72 18.40 -50.48
C ARG I 125 -57.43 19.32 -51.66
N LEU I 126 -58.32 20.28 -51.91
CA LEU I 126 -58.18 21.15 -53.06
C LEU I 126 -57.90 22.57 -52.60
N PRO I 127 -57.22 23.35 -53.44
CA PRO I 127 -57.05 24.77 -53.10
C PRO I 127 -58.39 25.50 -53.16
N MET I 128 -58.58 26.50 -52.30
CA MET I 128 -59.82 27.25 -52.27
C MET I 128 -59.90 28.23 -53.44
N PRO I 129 -61.09 28.32 -54.07
CA PRO I 129 -61.27 29.31 -55.15
C PRO I 129 -61.09 30.76 -54.65
N SER I 130 -60.19 31.49 -55.30
CA SER I 130 -59.91 32.91 -54.99
C SER I 130 -59.97 33.21 -53.50
N PRO I 131 -58.99 32.73 -52.73
CA PRO I 131 -58.98 32.82 -51.26
C PRO I 131 -59.11 34.26 -50.75
N GLU I 132 -58.57 35.18 -51.53
CA GLU I 132 -58.50 36.60 -51.18
C GLU I 132 -59.82 37.22 -50.72
N ARG I 133 -60.95 36.76 -51.28
CA ARG I 133 -62.25 37.28 -50.89
C ARG I 133 -62.39 37.29 -49.39
N LEU I 134 -62.02 36.17 -48.78
CA LEU I 134 -62.21 36.01 -47.35
C LEU I 134 -61.50 37.11 -46.59
N GLU I 135 -60.30 37.49 -47.04
CA GLU I 135 -59.61 38.62 -46.47
C GLU I 135 -60.48 39.87 -46.58
N LYS I 136 -60.83 40.22 -47.82
CA LYS I 136 -61.53 41.46 -48.12
C LYS I 136 -62.75 41.62 -47.23
N VAL I 137 -63.64 40.63 -47.29
CA VAL I 137 -64.85 40.63 -46.49
C VAL I 137 -64.55 40.95 -45.04
N VAL I 138 -63.61 40.22 -44.45
CA VAL I 138 -63.24 40.46 -43.06
C VAL I 138 -62.94 41.93 -42.83
N ASP I 139 -62.03 42.48 -43.64
CA ASP I 139 -61.63 43.88 -43.48
C ASP I 139 -62.85 44.77 -43.48
N SER I 140 -63.75 44.52 -44.45
CA SER I 140 -64.96 45.32 -44.58
C SER I 140 -65.70 45.32 -43.26
N MET I 141 -66.02 44.11 -42.76
CA MET I 141 -66.74 43.99 -41.51
C MET I 141 -65.97 44.72 -40.44
N ASP I 142 -64.67 44.43 -40.38
CA ASP I 142 -63.81 45.05 -39.37
C ASP I 142 -63.89 46.56 -39.51
N ALA I 143 -63.72 47.04 -40.74
CA ALA I 143 -63.79 48.47 -41.01
C ALA I 143 -65.11 49.03 -40.52
N LEU I 144 -66.20 48.34 -40.87
CA LEU I 144 -67.54 48.75 -40.49
C LEU I 144 -67.59 48.93 -38.98
N ASP I 145 -67.06 47.95 -38.27
CA ASP I 145 -67.02 48.01 -36.82
C ASP I 145 -66.35 49.31 -36.39
N LYS I 146 -65.15 49.55 -36.90
CA LYS I 146 -64.38 50.73 -36.52
C LYS I 146 -65.21 52.00 -36.66
N VAL I 147 -66.06 52.04 -37.69
CA VAL I 147 -66.87 53.23 -37.92
C VAL I 147 -67.94 53.39 -36.87
N VAL I 148 -68.72 52.34 -36.65
CA VAL I 148 -69.86 52.45 -35.76
C VAL I 148 -69.36 52.83 -34.37
N GLN I 149 -68.31 52.13 -33.95
CA GLN I 149 -67.65 52.42 -32.69
C GLN I 149 -67.30 53.90 -32.57
N GLU I 150 -66.71 54.48 -33.61
CA GLU I 150 -66.41 55.91 -33.61
C GLU I 150 -67.62 56.72 -33.21
N ARG I 151 -68.72 56.50 -33.91
CA ARG I 151 -69.90 57.30 -33.71
C ARG I 151 -70.47 57.12 -32.30
N GLU I 152 -70.17 56.01 -31.65
CA GLU I 152 -70.57 55.88 -30.26
C GLU I 152 -69.61 56.66 -29.39
N ASP I 153 -68.32 56.44 -29.61
CA ASP I 153 -67.31 56.97 -28.70
C ASP I 153 -67.24 58.51 -28.81
N ALA I 154 -67.50 59.02 -30.01
CA ALA I 154 -67.68 60.45 -30.18
C ALA I 154 -68.85 60.87 -29.33
N LEU I 155 -69.98 60.22 -29.58
CA LEU I 155 -71.24 60.57 -28.95
C LEU I 155 -71.18 60.62 -27.44
N ARG I 156 -70.66 59.57 -26.82
CA ARG I 156 -70.64 59.54 -25.36
C ARG I 156 -69.69 60.60 -24.83
N LEU I 157 -68.61 60.88 -25.55
CA LEU I 157 -67.72 61.98 -25.16
C LEU I 157 -68.51 63.26 -25.04
N LEU I 158 -69.48 63.44 -25.93
CA LEU I 158 -70.37 64.59 -25.86
C LEU I 158 -71.27 64.51 -24.64
N GLN I 159 -71.94 63.38 -24.48
CA GLN I 159 -73.00 63.29 -23.48
C GLN I 159 -72.44 63.20 -22.09
N THR I 160 -71.67 62.15 -21.84
CA THR I 160 -71.04 61.97 -20.54
C THR I 160 -69.68 62.66 -20.49
N GLY I 161 -68.77 62.25 -21.36
CA GLY I 161 -67.41 62.79 -21.33
C GLY I 161 -66.39 61.80 -20.79
N GLN I 162 -66.81 60.55 -20.66
CA GLN I 162 -65.90 59.47 -20.30
C GLN I 162 -65.30 58.83 -21.55
N GLU I 163 -63.99 58.60 -21.52
CA GLU I 163 -63.31 58.07 -22.69
C GLU I 163 -63.45 56.55 -22.80
N LYS I 164 -63.89 55.91 -21.71
CA LYS I 164 -64.01 54.46 -21.65
C LYS I 164 -65.46 54.02 -21.39
N ALA I 165 -65.96 53.12 -22.23
CA ALA I 165 -67.37 52.70 -22.17
C ALA I 165 -67.65 51.80 -20.97
N ARG I 166 -66.59 51.25 -20.41
CA ARG I 166 -66.72 50.39 -19.25
C ARG I 166 -66.12 51.07 -18.02
N PRO I 167 -66.92 51.20 -16.95
CA PRO I 167 -66.42 51.77 -15.69
C PRO I 167 -65.21 50.99 -15.21
N GLY I 168 -64.17 51.68 -14.76
CA GLY I 168 -62.98 51.00 -14.28
C GLY I 168 -62.08 51.87 -13.41
N ALA I 169 -61.18 51.24 -12.66
CA ALA I 169 -60.31 52.00 -11.75
C ALA I 169 -58.86 51.57 -11.83
N TRP I 170 -57.95 52.49 -11.52
CA TRP I 170 -56.53 52.15 -11.38
C TRP I 170 -56.29 51.61 -10.00
N ARG I 171 -55.81 50.38 -9.92
CA ARG I 171 -55.65 49.73 -8.62
C ARG I 171 -54.27 49.13 -8.49
N ARG I 172 -53.96 48.74 -7.26
CA ARG I 172 -52.70 48.09 -6.99
C ARG I 172 -53.05 46.72 -6.36
N ASP I 173 -52.69 45.63 -7.04
CA ASP I 173 -53.10 44.29 -6.61
C ASP I 173 -52.15 43.70 -5.56
N ILE I 174 -52.35 42.42 -5.20
CA ILE I 174 -51.48 41.75 -4.25
C ILE I 174 -50.04 41.84 -4.66
N PHE I 175 -49.78 41.63 -5.94
CA PHE I 175 -48.41 41.51 -6.40
C PHE I 175 -47.75 42.86 -6.58
N GLY I 176 -48.47 43.92 -6.27
CA GLY I 176 -47.88 45.25 -6.28
C GLY I 176 -47.83 45.88 -7.65
N ARG I 177 -48.26 45.14 -8.66
CA ARG I 177 -48.37 45.71 -9.99
C ARG I 177 -49.45 46.77 -9.98
N ILE I 178 -49.30 47.79 -10.81
CA ILE I 178 -50.38 48.74 -10.95
C ILE I 178 -51.21 48.33 -12.15
N ILE I 179 -52.42 47.89 -11.85
CA ILE I 179 -53.29 47.21 -12.78
C ILE I 179 -54.50 48.09 -13.10
N TRP I 180 -55.04 47.95 -14.30
CA TRP I 180 -56.34 48.54 -14.60
C TRP I 180 -57.43 47.51 -14.33
N HIS I 181 -58.24 47.77 -13.32
CA HIS I 181 -59.28 46.83 -12.93
C HIS I 181 -60.60 47.26 -13.54
N LYS I 182 -61.09 46.44 -14.48
CA LYS I 182 -62.40 46.64 -15.09
C LYS I 182 -63.45 46.31 -14.07
N PHE I 183 -64.60 46.97 -14.15
CA PHE I 183 -65.63 46.67 -13.19
C PHE I 183 -66.55 45.59 -13.74
N LYS I 184 -67.46 45.15 -12.89
CA LYS I 184 -68.34 44.02 -13.17
C LYS I 184 -69.71 44.41 -12.65
N GLN I 185 -70.77 43.87 -13.22
CA GLN I 185 -72.10 44.25 -12.78
C GLN I 185 -72.63 43.28 -11.74
N TRP I 186 -73.07 43.81 -10.62
CA TRP I 186 -73.62 42.96 -9.58
C TRP I 186 -74.96 43.52 -9.11
N PRO I 187 -75.86 42.63 -8.69
CA PRO I 187 -77.18 42.98 -8.16
C PRO I 187 -77.11 43.60 -6.77
N ILE I 188 -76.01 43.39 -6.07
CA ILE I 188 -75.85 43.92 -4.73
C ILE I 188 -74.64 44.83 -4.62
N PRO I 189 -74.70 45.83 -3.73
CA PRO I 189 -73.61 46.79 -3.62
C PRO I 189 -72.37 46.16 -3.01
N TRP I 190 -71.23 46.78 -3.24
CA TRP I 190 -69.95 46.14 -3.05
C TRP I 190 -69.60 45.66 -1.64
N TYR I 191 -70.14 46.30 -0.62
CA TYR I 191 -69.76 45.92 0.75
C TYR I 191 -70.54 44.70 1.23
N LEU I 192 -71.59 44.36 0.48
CA LEU I 192 -72.40 43.20 0.83
C LEU I 192 -71.99 41.96 0.06
N ASN I 193 -70.91 42.07 -0.70
CA ASN I 193 -70.47 41.01 -1.59
C ASN I 193 -69.30 40.21 -1.04
N LYS I 194 -69.56 38.97 -0.65
CA LYS I 194 -68.57 38.05 -0.11
C LYS I 194 -67.33 37.89 -1.01
N LYS I 195 -67.59 37.36 -2.21
CA LYS I 195 -66.57 37.03 -3.19
C LYS I 195 -65.68 38.23 -3.54
N TYR I 196 -66.29 39.37 -3.84
CA TYR I 196 -65.51 40.57 -4.17
C TYR I 196 -64.73 41.07 -2.97
N ASN I 197 -65.32 40.97 -1.79
CA ASN I 197 -64.68 41.42 -0.57
C ASN I 197 -63.41 40.64 -0.27
N ARG I 198 -63.32 39.40 -0.76
CA ARG I 198 -62.09 38.66 -0.48
C ARG I 198 -60.98 38.83 -1.52
N LYS I 199 -61.14 39.72 -2.49
CA LYS I 199 -59.97 40.20 -3.25
C LYS I 199 -59.23 41.25 -2.44
N ARG I 200 -57.93 41.36 -2.62
CA ARG I 200 -57.16 42.41 -1.97
C ARG I 200 -56.57 43.39 -2.97
N PHE I 201 -57.07 44.63 -3.04
CA PHE I 201 -56.31 45.58 -3.83
C PHE I 201 -55.51 46.43 -2.87
N PHE I 202 -54.28 46.00 -2.67
CA PHE I 202 -53.25 46.71 -1.91
C PHE I 202 -52.14 45.72 -1.77
N ALA I 203 -50.95 46.20 -1.46
CA ALA I 203 -49.82 45.30 -1.34
C ALA I 203 -49.41 45.25 0.11
N MET I 204 -48.81 44.15 0.51
CA MET I 204 -48.25 44.10 1.86
C MET I 204 -46.84 44.70 1.84
N PRO I 205 -46.22 44.87 3.02
CA PRO I 205 -44.92 45.55 2.95
C PRO I 205 -43.83 44.74 2.24
N TYR I 206 -43.82 43.42 2.38
CA TYR I 206 -42.75 42.61 1.79
C TYR I 206 -42.67 42.81 0.28
N VAL I 207 -43.83 42.94 -0.34
CA VAL I 207 -43.93 43.14 -1.76
C VAL I 207 -43.01 44.23 -2.27
N GLU I 208 -42.80 45.25 -1.44
CA GLU I 208 -41.96 46.39 -1.82
C GLU I 208 -40.60 45.98 -2.36
N ARG I 209 -40.02 44.95 -1.75
CA ARG I 209 -38.74 44.44 -2.25
C ARG I 209 -38.86 43.99 -3.71
N PHE I 210 -39.81 43.09 -3.97
CA PHE I 210 -40.02 42.55 -5.31
C PHE I 210 -40.23 43.64 -6.34
N VAL I 211 -41.01 44.64 -5.98
CA VAL I 211 -41.22 45.78 -6.85
C VAL I 211 -39.90 46.33 -7.34
N ARG I 212 -39.01 46.61 -6.39
CA ARG I 212 -37.68 47.10 -6.72
C ARG I 212 -37.00 46.21 -7.74
N MET I 213 -36.99 44.90 -7.47
CA MET I 213 -36.35 43.94 -8.37
C MET I 213 -36.90 44.14 -9.77
N ARG I 214 -38.23 44.21 -9.88
CA ARG I 214 -38.88 44.38 -11.17
C ARG I 214 -38.22 45.53 -11.90
N ILE I 215 -38.22 46.70 -11.26
CA ILE I 215 -37.63 47.90 -11.85
C ILE I 215 -36.23 47.60 -12.37
N GLU I 216 -35.39 47.08 -11.48
CA GLU I 216 -34.00 46.85 -11.82
C GLU I 216 -33.89 45.92 -13.01
N LYS I 217 -34.69 44.86 -13.01
CA LYS I 217 -34.64 43.91 -14.11
C LYS I 217 -34.98 44.66 -15.38
N GLN I 218 -36.09 45.38 -15.36
CA GLN I 218 -36.50 46.17 -16.49
C GLN I 218 -35.34 47.04 -16.95
N ALA I 219 -34.73 47.74 -16.00
CA ALA I 219 -33.69 48.72 -16.30
C ALA I 219 -32.56 48.08 -17.05
N ARG I 220 -32.18 46.87 -16.59
CA ARG I 220 -31.11 46.12 -17.22
C ARG I 220 -31.42 45.89 -18.67
N ILE I 221 -32.61 45.37 -18.92
CA ILE I 221 -32.96 44.96 -20.27
C ILE I 221 -32.81 46.15 -21.19
N LYS I 222 -33.52 47.23 -20.87
CA LYS I 222 -33.42 48.48 -21.63
C LYS I 222 -31.95 48.87 -21.80
N ALA I 223 -31.21 48.83 -20.69
CA ALA I 223 -29.80 49.22 -20.67
C ALA I 223 -28.98 48.48 -21.72
N ARG I 224 -29.18 47.17 -21.86
CA ARG I 224 -28.33 46.43 -22.78
C ARG I 224 -28.99 46.29 -24.14
N LYS I 225 -30.21 46.80 -24.28
CA LYS I 225 -30.78 46.91 -25.62
C LYS I 225 -30.14 48.11 -26.26
N ARG I 226 -30.12 49.19 -25.49
CA ARG I 226 -29.54 50.45 -25.90
C ARG I 226 -28.11 50.24 -26.39
N SER I 227 -27.29 49.65 -25.52
CA SER I 227 -25.89 49.37 -25.84
C SER I 227 -25.74 48.55 -27.11
N LEU I 228 -26.70 47.68 -27.37
CA LEU I 228 -26.64 46.85 -28.57
C LEU I 228 -26.77 47.74 -29.77
N GLU I 229 -27.80 48.59 -29.76
CA GLU I 229 -28.09 49.44 -30.91
C GLU I 229 -26.89 50.31 -31.24
N ARG I 230 -26.36 50.95 -30.21
CA ARG I 230 -25.14 51.75 -30.30
C ARG I 230 -24.05 50.96 -31.03
N LYS I 231 -23.81 49.74 -30.57
CA LYS I 231 -22.78 48.89 -31.17
C LYS I 231 -23.04 48.68 -32.66
N LYS I 232 -24.28 48.38 -33.00
CA LYS I 232 -24.63 48.06 -34.38
C LYS I 232 -24.29 49.22 -35.29
N GLU I 233 -24.32 50.43 -34.74
CA GLU I 233 -24.05 51.59 -35.56
C GLU I 233 -22.58 51.66 -35.90
N LYS I 234 -21.73 51.38 -34.90
CA LYS I 234 -20.29 51.49 -35.09
C LYS I 234 -19.84 50.52 -36.17
N PHE I 235 -20.28 49.26 -36.04
CA PHE I 235 -19.92 48.21 -36.98
C PHE I 235 -20.18 48.68 -38.39
N LEU I 236 -21.43 49.05 -38.66
CA LEU I 236 -21.83 49.52 -39.98
C LEU I 236 -20.94 50.66 -40.48
N GLN I 237 -20.60 51.60 -39.61
CA GLN I 237 -19.78 52.76 -40.00
C GLN I 237 -18.39 52.38 -40.51
N GLU I 238 -17.85 51.26 -40.03
CA GLU I 238 -16.55 50.81 -40.52
C GLU I 238 -16.68 49.83 -41.69
N LYS I 239 -17.89 49.31 -41.89
CA LYS I 239 -18.20 48.46 -43.03
C LYS I 239 -18.54 49.32 -44.26
N PHE I 240 -19.34 50.37 -44.01
CA PHE I 240 -19.76 51.29 -45.06
C PHE I 240 -19.38 52.73 -44.70
N PRO I 241 -18.10 53.09 -44.90
CA PRO I 241 -17.64 54.43 -44.52
C PRO I 241 -17.79 55.41 -45.67
N HIS I 242 -19.03 55.62 -46.10
CA HIS I 242 -19.32 56.51 -47.22
C HIS I 242 -19.45 57.96 -46.77
N LEU I 243 -19.32 58.16 -45.47
CA LEU I 243 -19.34 59.50 -44.87
C LEU I 243 -18.03 60.24 -45.13
N LYS J 35 31.94 4.19 19.85
CA LYS J 35 32.02 5.32 18.93
C LYS J 35 33.18 5.17 17.98
N PHE J 36 32.94 5.44 16.71
CA PHE J 36 34.02 5.57 15.76
C PHE J 36 34.50 6.99 15.81
N THR J 37 35.81 7.14 15.90
CA THR J 37 36.39 8.43 16.18
C THR J 37 37.59 8.64 15.30
N ARG J 38 38.33 9.71 15.55
CA ARG J 38 39.61 9.88 14.90
C ARG J 38 40.56 8.85 15.50
N SER J 39 41.78 8.77 15.01
CA SER J 39 42.68 7.73 15.50
C SER J 39 44.12 8.19 15.71
N ARG J 40 44.65 7.87 16.89
CA ARG J 40 46.07 8.05 17.16
C ARG J 40 46.86 7.03 16.35
N ILE J 41 48.06 7.43 15.95
CA ILE J 41 48.97 6.53 15.27
C ILE J 41 50.31 6.56 16.00
N PRO J 42 50.57 5.56 16.85
CA PRO J 42 51.76 5.46 17.69
C PRO J 42 53.04 5.72 16.90
N ASP J 43 53.98 6.44 17.50
CA ASP J 43 55.18 6.88 16.78
C ASP J 43 56.03 5.71 16.32
N LYS J 44 55.88 4.57 16.99
CA LYS J 44 56.67 3.39 16.66
C LYS J 44 56.48 2.97 15.20
N VAL J 45 55.31 3.25 14.65
CA VAL J 45 55.00 2.96 13.25
C VAL J 45 55.99 3.66 12.31
N PHE J 46 56.36 4.88 12.67
CA PHE J 46 57.18 5.73 11.84
C PHE J 46 58.69 5.67 12.13
N GLN J 47 59.12 4.75 12.99
CA GLN J 47 60.55 4.47 13.14
C GLN J 47 60.97 3.42 12.11
N PRO J 48 61.73 3.84 11.08
CA PRO J 48 62.08 2.97 9.95
C PRO J 48 63.14 1.92 10.32
N SER J 49 62.99 0.71 9.79
CA SER J 49 63.98 -0.34 9.98
C SER J 49 65.08 -0.18 8.92
N PRO J 50 66.32 -0.60 9.24
CA PRO J 50 67.47 -0.35 8.36
C PRO J 50 67.35 -0.98 6.97
N GLU J 51 66.51 -2.00 6.84
CA GLU J 51 66.31 -2.69 5.57
C GLU J 51 65.41 -1.90 4.66
N ASP J 52 64.50 -1.13 5.28
CA ASP J 52 63.54 -0.32 4.54
C ASP J 52 64.23 0.68 3.63
N HIS J 53 65.39 1.18 4.04
CA HIS J 53 66.15 2.10 3.22
C HIS J 53 66.53 1.43 1.91
N GLU J 54 67.08 0.22 2.02
CA GLU J 54 67.43 -0.58 0.85
C GLU J 54 66.22 -0.83 -0.04
N LYS J 55 65.09 -1.12 0.62
CA LYS J 55 63.88 -1.57 -0.06
C LYS J 55 63.20 -0.52 -0.91
N TYR J 56 62.93 0.65 -0.34
CA TYR J 56 62.17 1.68 -1.03
C TYR J 56 63.06 2.69 -1.73
N GLY J 57 64.37 2.55 -1.53
CA GLY J 57 65.33 3.38 -2.26
C GLY J 57 65.61 4.74 -1.65
N GLY J 58 65.42 4.87 -0.34
CA GLY J 58 65.76 6.09 0.36
C GLY J 58 67.17 6.03 0.90
N ASP J 59 67.80 7.19 1.04
CA ASP J 59 69.17 7.25 1.57
C ASP J 59 69.10 7.26 3.08
N PRO J 60 69.87 6.36 3.73
CA PRO J 60 69.95 6.32 5.20
C PRO J 60 70.33 7.68 5.80
N GLN J 61 71.30 8.35 5.19
CA GLN J 61 71.81 9.62 5.71
C GLN J 61 70.87 10.83 5.55
N TYR J 62 70.47 11.15 4.32
CA TYR J 62 69.72 12.38 4.03
C TYR J 62 68.28 12.15 3.59
N PRO J 63 67.32 12.69 4.35
CA PRO J 63 65.91 12.75 3.95
C PRO J 63 65.72 13.55 2.68
N HIS J 64 64.73 13.18 1.86
CA HIS J 64 64.46 13.89 0.62
C HIS J 64 63.76 15.21 0.92
N LYS J 65 63.84 16.14 -0.03
CA LYS J 65 63.28 17.47 0.20
C LYS J 65 61.78 17.59 -0.06
N LEU J 66 61.28 16.99 -1.14
CA LEU J 66 59.90 17.20 -1.56
C LEU J 66 59.10 15.92 -1.79
N HIS J 67 57.79 16.03 -1.57
CA HIS J 67 56.85 14.96 -1.86
C HIS J 67 56.15 15.19 -3.17
N ILE J 68 55.97 14.12 -3.92
CA ILE J 68 54.91 14.08 -4.92
C ILE J 68 53.81 13.22 -4.34
N VAL J 69 52.70 13.84 -4.00
CA VAL J 69 51.56 13.14 -3.47
C VAL J 69 50.52 13.02 -4.55
N THR J 70 49.85 11.87 -4.59
CA THR J 70 48.79 11.62 -5.56
C THR J 70 47.61 11.07 -4.80
N ARG J 71 46.40 11.44 -5.17
CA ARG J 71 45.27 10.85 -4.47
C ARG J 71 44.80 9.61 -5.21
N ILE J 72 45.06 8.48 -4.59
CA ILE J 72 44.80 7.19 -5.18
C ILE J 72 43.40 6.61 -4.94
N LYS J 73 42.78 7.00 -3.83
CA LYS J 73 41.45 6.49 -3.47
C LYS J 73 40.45 7.63 -3.41
N SER J 74 39.22 7.31 -3.03
CA SER J 74 38.19 8.33 -2.98
C SER J 74 37.85 8.73 -1.58
N THR J 75 37.45 9.99 -1.43
CA THR J 75 37.10 10.51 -0.11
C THR J 75 35.71 10.07 0.34
N LYS J 76 34.86 9.65 -0.61
CA LYS J 76 33.53 9.13 -0.26
C LYS J 76 33.65 7.90 0.65
N ARG J 77 32.68 7.73 1.55
CA ARG J 77 32.67 6.64 2.54
C ARG J 77 33.75 6.83 3.61
N ARG J 78 34.46 7.95 3.56
CA ARG J 78 35.41 8.30 4.61
C ARG J 78 34.89 9.49 5.42
N PRO J 79 35.30 9.61 6.69
CA PRO J 79 34.85 10.67 7.59
C PRO J 79 35.16 12.07 7.09
N TYR J 80 34.38 13.06 7.50
CA TYR J 80 34.50 14.41 6.95
C TYR J 80 35.90 14.98 7.11
N TRP J 81 36.57 14.62 8.20
CA TRP J 81 37.86 15.23 8.48
C TRP J 81 38.92 14.82 7.46
N GLU J 82 38.86 13.58 6.99
CA GLU J 82 39.73 13.16 5.90
C GLU J 82 39.37 13.87 4.63
N LYS J 83 38.08 14.12 4.42
CA LYS J 83 37.65 14.86 3.25
C LYS J 83 38.27 16.25 3.24
N ASP J 84 38.30 16.88 4.42
CA ASP J 84 38.87 18.21 4.56
C ASP J 84 40.36 18.21 4.34
N ILE J 85 41.05 17.27 4.99
CA ILE J 85 42.50 17.14 4.81
C ILE J 85 42.84 16.97 3.34
N ILE J 86 42.11 16.12 2.63
CA ILE J 86 42.37 15.95 1.20
C ILE J 86 42.14 17.26 0.47
N LYS J 87 41.10 18.00 0.85
CA LYS J 87 40.84 19.25 0.15
C LYS J 87 41.95 20.26 0.33
N MET J 88 42.49 20.34 1.55
CA MET J 88 43.49 21.36 1.84
C MET J 88 44.90 20.92 1.46
N LEU J 89 45.05 19.70 0.95
CA LEU J 89 46.34 19.27 0.41
C LEU J 89 46.42 19.48 -1.09
N GLY J 90 45.33 19.95 -1.69
CA GLY J 90 45.27 20.16 -3.13
C GLY J 90 45.07 18.88 -3.90
N LEU J 91 44.69 17.85 -3.16
CA LEU J 91 44.57 16.51 -3.67
C LEU J 91 43.18 16.21 -4.23
N GLU J 92 42.36 17.24 -4.40
CA GLU J 92 40.96 17.11 -4.83
C GLU J 92 40.73 16.16 -6.00
N LYS J 93 41.48 16.37 -7.08
CA LYS J 93 41.38 15.56 -8.29
C LYS J 93 42.23 14.30 -8.19
N ALA J 94 41.70 13.15 -8.59
CA ALA J 94 42.43 11.90 -8.48
C ALA J 94 43.52 11.77 -9.52
N HIS J 95 44.50 10.92 -9.26
CA HIS J 95 45.57 10.57 -10.20
C HIS J 95 46.22 11.78 -10.81
N THR J 96 46.30 12.85 -10.04
CA THR J 96 47.02 14.04 -10.47
C THR J 96 48.09 14.27 -9.43
N PRO J 97 49.32 14.53 -9.87
CA PRO J 97 50.37 14.73 -8.86
C PRO J 97 50.35 16.14 -8.29
N GLN J 98 50.81 16.26 -7.05
CA GLN J 98 50.93 17.54 -6.36
C GLN J 98 52.20 17.51 -5.52
N VAL J 99 52.88 18.63 -5.37
CA VAL J 99 54.14 18.59 -4.64
C VAL J 99 54.07 19.36 -3.33
N HIS J 100 54.68 18.79 -2.29
CA HIS J 100 54.57 19.37 -0.96
C HIS J 100 55.88 19.30 -0.20
N LYS J 101 56.11 20.24 0.70
CA LYS J 101 57.30 20.22 1.52
C LYS J 101 57.34 18.98 2.39
N ASN J 102 58.53 18.52 2.71
CA ASN J 102 58.69 17.36 3.57
C ASN J 102 58.80 17.72 5.06
N ILE J 103 58.55 18.99 5.38
CA ILE J 103 58.41 19.45 6.77
C ILE J 103 57.28 18.78 7.56
N PRO J 104 57.44 18.66 8.90
CA PRO J 104 56.49 18.01 9.82
C PRO J 104 55.04 18.55 9.80
N SER J 105 54.89 19.86 9.64
CA SER J 105 53.56 20.48 9.49
C SER J 105 52.70 19.74 8.47
N VAL J 106 53.34 19.38 7.35
CA VAL J 106 52.66 18.72 6.25
C VAL J 106 52.54 17.23 6.51
N ASN J 107 53.62 16.65 6.99
CA ASN J 107 53.63 15.24 7.30
C ASN J 107 52.53 14.84 8.26
N ALA J 108 52.06 15.78 9.08
CA ALA J 108 50.98 15.47 9.99
C ALA J 108 49.69 15.13 9.24
N LYS J 109 49.27 16.05 8.38
CA LYS J 109 48.08 15.83 7.57
C LYS J 109 48.22 14.59 6.70
N LEU J 110 49.37 14.49 6.04
CA LEU J 110 49.61 13.32 5.20
C LEU J 110 49.43 12.06 6.03
N LYS J 111 49.96 12.05 7.25
CA LYS J 111 49.80 10.90 8.15
C LYS J 111 48.33 10.59 8.36
N VAL J 112 47.48 11.61 8.54
CA VAL J 112 46.04 11.32 8.67
C VAL J 112 45.48 10.57 7.45
N VAL J 113 45.76 11.07 6.25
CA VAL J 113 45.14 10.45 5.05
C VAL J 113 45.95 9.39 4.30
N LYS J 114 47.06 8.92 4.87
CA LYS J 114 48.03 8.07 4.17
C LYS J 114 47.48 6.84 3.44
N HIS J 115 46.27 6.42 3.77
CA HIS J 115 45.62 5.30 3.09
C HIS J 115 44.86 5.72 1.83
N LEU J 116 44.72 7.02 1.63
CA LEU J 116 44.04 7.55 0.46
C LEU J 116 44.99 7.99 -0.64
N ILE J 117 46.29 7.88 -0.39
CA ILE J 117 47.25 8.53 -1.28
C ILE J 117 48.45 7.67 -1.62
N ARG J 118 49.22 8.14 -2.60
CA ARG J 118 50.54 7.58 -2.87
C ARG J 118 51.56 8.69 -2.77
N ILE J 119 52.61 8.46 -1.98
CA ILE J 119 53.64 9.45 -1.75
C ILE J 119 54.98 8.97 -2.28
N LYS J 120 55.55 9.71 -3.23
CA LYS J 120 56.87 9.33 -3.74
C LYS J 120 57.79 10.55 -3.76
N PRO J 121 59.06 10.33 -3.40
CA PRO J 121 60.02 11.43 -3.31
C PRO J 121 60.32 12.03 -4.67
N LEU J 122 60.31 13.35 -4.74
CA LEU J 122 60.70 14.06 -5.95
C LEU J 122 62.21 13.94 -6.17
N LYS J 123 62.61 13.67 -7.42
CA LYS J 123 64.03 13.55 -7.75
C LYS J 123 64.42 14.56 -8.82
N LEU J 124 65.63 15.09 -8.72
CA LEU J 124 66.10 16.07 -9.69
C LEU J 124 67.46 15.66 -10.26
N PRO J 125 67.46 14.89 -11.35
CA PRO J 125 68.70 14.43 -11.99
C PRO J 125 69.44 15.60 -12.62
N GLN J 126 68.68 16.49 -13.23
CA GLN J 126 69.23 17.64 -13.92
C GLN J 126 69.22 18.85 -13.00
N GLY J 127 68.81 18.64 -11.75
CA GLY J 127 68.76 19.71 -10.77
C GLY J 127 67.49 20.52 -10.88
N LEU J 128 67.40 21.60 -10.12
CA LEU J 128 66.25 22.49 -10.17
C LEU J 128 66.27 23.34 -11.44
N PRO J 129 65.09 23.63 -11.99
CA PRO J 129 64.95 24.43 -13.23
C PRO J 129 65.34 25.90 -13.07
N THR J 130 66.05 26.44 -14.05
CA THR J 130 66.29 27.87 -14.11
C THR J 130 65.10 28.51 -14.79
N GLU J 131 65.19 29.79 -15.10
CA GLU J 131 64.06 30.47 -15.74
C GLU J 131 63.98 30.20 -17.24
N GLU J 132 65.06 29.70 -17.83
CA GLU J 132 65.06 29.35 -19.25
C GLU J 132 64.42 28.00 -19.47
N ASP J 133 64.38 27.21 -18.40
CA ASP J 133 63.94 25.82 -18.46
C ASP J 133 62.49 25.59 -18.02
N MET J 134 61.77 26.67 -17.70
CA MET J 134 60.41 26.52 -17.18
C MET J 134 59.44 25.91 -18.19
N ALA J 135 59.57 26.29 -19.45
CA ALA J 135 58.65 25.80 -20.47
C ALA J 135 58.91 24.34 -20.84
N ASN J 136 60.15 23.90 -20.68
CA ASN J 136 60.57 22.56 -21.11
C ASN J 136 60.50 21.52 -20.01
N THR J 137 59.96 21.87 -18.86
CA THR J 137 59.96 20.95 -17.72
C THR J 137 58.91 19.86 -17.85
N CYS J 138 59.25 18.63 -17.48
CA CYS J 138 58.25 17.58 -17.41
C CYS J 138 58.49 16.60 -16.28
N LEU J 139 57.41 15.96 -15.82
CA LEU J 139 57.49 15.09 -14.66
C LEU J 139 57.23 13.63 -15.01
N LYS J 140 58.29 12.83 -14.97
CA LYS J 140 58.18 11.41 -15.28
C LYS J 140 57.73 10.56 -14.10
N SER J 141 56.99 9.50 -14.45
CA SER J 141 56.32 8.62 -13.50
C SER J 141 57.21 7.97 -12.42
N ASN J 142 58.50 7.80 -12.68
CA ASN J 142 59.41 7.30 -11.66
C ASN J 142 59.61 8.35 -10.58
N GLY J 143 58.96 9.49 -10.78
CA GLY J 143 58.89 10.55 -9.81
C GLY J 143 59.98 11.55 -10.02
N GLU J 144 60.51 11.60 -11.23
CA GLU J 144 61.68 12.46 -11.43
C GLU J 144 61.36 13.61 -12.36
N LEU J 145 61.90 14.79 -12.06
CA LEU J 145 61.60 15.98 -12.84
C LEU J 145 62.72 16.26 -13.83
N VAL J 146 62.40 16.13 -15.11
CA VAL J 146 63.36 16.38 -16.17
C VAL J 146 63.23 17.81 -16.65
N VAL J 147 64.36 18.50 -16.74
CA VAL J 147 64.36 19.92 -17.07
C VAL J 147 64.30 20.19 -18.58
N ARG J 148 65.05 19.44 -19.38
CA ARG J 148 65.03 19.67 -20.82
C ARG J 148 64.23 18.57 -21.49
N TRP J 149 63.09 18.97 -22.05
CA TRP J 149 62.17 18.03 -22.67
C TRP J 149 62.13 18.25 -24.17
N LEU J 150 62.48 17.20 -24.92
CA LEU J 150 62.34 17.20 -26.36
C LEU J 150 63.15 18.31 -27.05
N LEU J 151 64.46 18.12 -27.09
CA LEU J 151 65.38 18.95 -27.88
C LEU J 151 65.35 18.59 -29.37
N ASN J 152 65.03 19.59 -30.20
CA ASN J 152 65.01 19.45 -31.66
C ASN J 152 64.34 18.17 -32.18
N ASP K 35 62.13 3.10 91.96
CA ASP K 35 61.12 3.30 90.93
C ASP K 35 59.73 3.42 91.52
N CYS K 36 59.63 3.16 92.82
CA CYS K 36 58.34 3.12 93.49
C CYS K 36 57.76 4.52 93.69
N ASN K 37 58.63 5.53 93.61
CA ASN K 37 58.24 6.91 93.88
C ASN K 37 57.90 7.69 92.61
N ARG K 38 57.90 6.99 91.49
CA ARG K 38 57.66 7.59 90.17
C ARG K 38 56.40 8.44 90.11
N ALA K 39 55.25 7.77 90.18
CA ALA K 39 53.96 8.44 90.08
C ALA K 39 53.38 8.77 91.45
N LEU K 40 54.14 8.50 92.50
CA LEU K 40 53.65 8.69 93.87
C LEU K 40 53.37 10.16 94.20
N LEU K 41 54.06 11.07 93.52
CA LEU K 41 53.96 12.49 93.86
C LEU K 41 53.00 13.20 92.93
N THR K 42 51.82 13.52 93.44
CA THR K 42 50.77 14.15 92.65
C THR K 42 49.73 14.85 93.51
N ARG K 43 48.95 15.72 92.87
CA ARG K 43 47.78 16.31 93.50
C ARG K 43 46.55 15.91 92.73
N LEU K 44 45.38 16.00 93.35
CA LEU K 44 44.15 15.68 92.65
C LEU K 44 43.81 16.82 91.69
N HIS K 45 43.50 16.47 90.44
CA HIS K 45 43.40 17.44 89.36
C HIS K 45 41.97 17.95 89.07
N ARG K 46 40.98 17.45 89.79
CA ARG K 46 39.61 17.91 89.58
C ARG K 46 39.46 19.36 90.06
N GLN K 47 38.59 20.11 89.39
CA GLN K 47 38.51 21.57 89.58
C GLN K 47 37.94 21.98 90.94
N THR K 48 36.76 21.47 91.28
CA THR K 48 36.12 21.77 92.56
C THR K 48 36.02 20.51 93.43
N TYR K 49 36.80 20.49 94.51
CA TYR K 49 36.92 19.31 95.37
C TYR K 49 37.18 19.69 96.83
N ALA K 50 36.84 18.80 97.75
CA ALA K 50 36.98 19.09 99.16
C ALA K 50 38.45 19.09 99.60
N ARG K 51 38.67 19.35 100.88
CA ARG K 51 40.02 19.24 101.43
C ARG K 51 40.35 17.77 101.59
N LEU K 52 41.54 17.40 101.15
CA LEU K 52 41.99 16.02 101.25
C LEU K 52 43.17 15.97 102.21
N TYR K 53 43.09 15.05 103.17
CA TYR K 53 44.09 14.98 104.23
C TYR K 53 44.71 13.59 104.30
N PRO K 54 46.01 13.55 104.58
CA PRO K 54 46.77 12.29 104.66
C PRO K 54 46.21 11.36 105.74
N VAL K 55 45.99 10.10 105.39
CA VAL K 55 45.47 9.10 106.33
C VAL K 55 46.30 7.82 106.23
N LEU K 56 46.60 7.20 107.37
CA LEU K 56 47.28 5.91 107.40
C LEU K 56 46.26 4.77 107.59
N LEU K 57 46.15 3.93 106.57
CA LEU K 57 45.15 2.87 106.58
C LEU K 57 45.78 1.49 106.78
N VAL K 58 45.37 0.80 107.84
CA VAL K 58 45.81 -0.56 108.07
C VAL K 58 44.70 -1.54 107.70
N LYS K 59 44.93 -2.32 106.65
CA LYS K 59 44.03 -3.42 106.32
C LYS K 59 44.37 -4.57 107.26
N GLN K 60 43.85 -5.76 107.00
CA GLN K 60 44.20 -6.83 107.91
C GLN K 60 45.37 -7.57 107.30
N ASP K 61 46.55 -7.08 107.67
CA ASP K 61 47.84 -7.68 107.33
C ASP K 61 48.77 -7.51 108.52
N GLY K 62 48.89 -6.24 108.92
CA GLY K 62 50.08 -5.68 109.54
C GLY K 62 50.67 -4.63 108.61
N SER K 63 50.06 -4.49 107.44
CA SER K 63 50.50 -3.50 106.44
C SER K 63 49.71 -2.17 106.48
N THR K 64 50.43 -1.08 106.23
CA THR K 64 49.83 0.25 106.22
C THR K 64 50.02 0.96 104.88
N ILE K 65 49.02 1.75 104.50
CA ILE K 65 49.01 2.47 103.24
C ILE K 65 48.67 3.94 103.49
N HIS K 66 48.91 4.81 102.51
CA HIS K 66 48.51 6.21 102.65
C HIS K 66 47.35 6.56 101.73
N ILE K 67 46.19 6.79 102.34
CA ILE K 67 45.00 7.20 101.60
C ILE K 67 44.70 8.67 101.87
N ARG K 68 44.45 9.44 100.81
CA ARG K 68 44.02 10.81 101.01
C ARG K 68 42.51 10.78 101.25
N TYR K 69 42.11 11.22 102.44
CA TYR K 69 40.72 11.17 102.84
C TYR K 69 40.32 12.51 103.47
N ARG K 70 39.07 12.91 103.26
CA ARG K 70 38.58 14.22 103.69
C ARG K 70 38.64 14.43 105.20
N GLU K 71 38.60 13.34 105.96
CA GLU K 71 38.68 13.40 107.42
C GLU K 71 40.15 13.40 107.88
N PRO K 72 40.52 14.43 108.69
CA PRO K 72 41.86 14.72 109.23
C PRO K 72 42.45 13.60 110.11
N ARG K 73 41.61 12.63 110.48
CA ARG K 73 42.04 11.52 111.31
C ARG K 73 43.30 10.86 110.78
N ARG K 74 44.28 10.70 111.67
CA ARG K 74 45.60 10.23 111.26
C ARG K 74 45.63 8.74 110.94
N MET K 75 44.62 7.99 111.34
CA MET K 75 44.62 6.55 111.09
C MET K 75 43.23 5.91 111.00
N LEU K 76 43.13 4.87 110.18
CA LEU K 76 41.94 4.03 110.14
C LEU K 76 42.36 2.56 109.96
N THR K 77 41.56 1.63 110.45
CA THR K 77 41.92 0.21 110.37
C THR K 77 40.72 -0.71 110.11
N MET K 78 40.88 -1.65 109.18
CA MET K 78 39.79 -2.57 108.83
C MET K 78 39.87 -3.92 109.54
N PRO K 79 38.74 -4.35 110.13
CA PRO K 79 38.62 -5.66 110.81
C PRO K 79 38.37 -6.83 109.85
N ALA L 79 -16.88 -11.08 -14.02
CA ALA L 79 -15.48 -10.84 -14.36
C ALA L 79 -15.33 -9.73 -15.40
N ALA L 80 -14.51 -8.75 -15.06
CA ALA L 80 -14.33 -7.53 -15.85
C ALA L 80 -12.98 -7.48 -16.53
N PRO L 81 -12.95 -7.13 -17.82
CA PRO L 81 -11.68 -7.05 -18.55
C PRO L 81 -10.67 -6.16 -17.86
N LYS L 82 -9.46 -6.67 -17.70
CA LYS L 82 -8.42 -5.98 -16.98
C LYS L 82 -7.78 -4.86 -17.79
N ASN L 83 -7.70 -5.04 -19.11
CA ASN L 83 -7.20 -3.98 -19.97
C ASN L 83 -7.95 -3.90 -21.28
N ARG L 84 -7.94 -2.72 -21.89
CA ARG L 84 -8.49 -2.53 -23.22
C ARG L 84 -7.79 -3.44 -24.21
N ARG L 85 -8.54 -4.12 -25.06
CA ARG L 85 -7.89 -4.91 -26.10
C ARG L 85 -7.43 -3.99 -27.23
N SER L 86 -6.19 -4.17 -27.68
CA SER L 86 -5.64 -3.34 -28.73
C SER L 86 -6.23 -3.67 -30.08
N ILE L 87 -6.14 -2.73 -31.00
CA ILE L 87 -6.74 -2.89 -32.31
C ILE L 87 -6.06 -3.98 -33.11
N GLU L 88 -4.80 -4.24 -32.81
CA GLU L 88 -4.05 -5.28 -33.50
C GLU L 88 -4.60 -6.65 -33.14
N VAL L 89 -4.72 -6.88 -31.84
CA VAL L 89 -5.36 -8.07 -31.32
C VAL L 89 -6.76 -8.27 -31.88
N ASN L 90 -7.55 -7.21 -31.88
CA ASN L 90 -8.93 -7.32 -32.33
C ASN L 90 -9.01 -7.61 -33.82
N ARG L 91 -8.19 -6.98 -34.64
CA ARG L 91 -8.12 -7.35 -36.05
C ARG L 91 -7.78 -8.82 -36.22
N CYS L 92 -6.83 -9.31 -35.43
CA CYS L 92 -6.54 -10.74 -35.40
C CYS L 92 -7.75 -11.61 -35.12
N ARG L 93 -8.60 -11.17 -34.20
CA ARG L 93 -9.78 -11.98 -33.92
C ARG L 93 -10.79 -11.92 -35.03
N ARG L 94 -11.13 -10.73 -35.51
CA ARG L 94 -12.24 -10.68 -36.45
C ARG L 94 -11.89 -10.78 -37.92
N ARG L 95 -10.63 -10.70 -38.28
CA ARG L 95 -10.27 -10.94 -39.67
C ARG L 95 -9.79 -12.35 -39.88
N ASN L 96 -9.87 -13.14 -38.81
CA ASN L 96 -9.54 -14.55 -38.86
C ASN L 96 -10.34 -15.26 -39.96
N PRO L 97 -9.71 -16.23 -40.64
CA PRO L 97 -10.34 -17.01 -41.72
C PRO L 97 -11.66 -17.66 -41.33
N GLN L 98 -11.75 -18.06 -40.07
CA GLN L 98 -12.91 -18.81 -39.60
C GLN L 98 -14.15 -17.92 -39.40
N LYS L 99 -13.94 -16.62 -39.23
CA LYS L 99 -15.07 -15.70 -39.12
C LYS L 99 -15.44 -15.07 -40.45
N LEU L 100 -14.68 -15.38 -41.49
CA LEU L 100 -14.95 -14.83 -42.81
C LEU L 100 -16.08 -15.56 -43.49
N ILE L 101 -16.86 -14.84 -44.32
CA ILE L 101 -17.90 -15.49 -45.12
C ILE L 101 -17.25 -16.43 -46.12
N LYS L 102 -17.71 -17.68 -46.18
CA LYS L 102 -17.06 -18.68 -47.01
C LYS L 102 -17.74 -18.77 -48.37
N VAL L 103 -16.92 -18.88 -49.41
CA VAL L 103 -17.42 -18.80 -50.79
C VAL L 103 -18.14 -20.07 -51.23
N LYS L 104 -19.39 -19.90 -51.67
CA LYS L 104 -20.20 -21.03 -52.09
C LYS L 104 -19.85 -21.46 -53.50
N ASN L 105 -19.45 -22.72 -53.64
CA ASN L 105 -19.03 -23.26 -54.94
C ASN L 105 -20.10 -24.08 -55.67
N ASN L 106 -21.27 -24.22 -55.07
CA ASN L 106 -22.33 -25.03 -55.66
C ASN L 106 -23.36 -24.27 -56.50
N ILE L 107 -23.14 -22.98 -56.74
CA ILE L 107 -24.07 -22.19 -57.54
C ILE L 107 -24.00 -22.54 -59.04
N ASP L 108 -25.18 -22.55 -59.68
CA ASP L 108 -25.29 -22.76 -61.12
C ASP L 108 -26.48 -22.05 -61.76
N VAL L 109 -26.63 -22.20 -63.06
CA VAL L 109 -27.73 -21.58 -63.78
C VAL L 109 -28.85 -22.57 -64.05
N CYS L 110 -30.08 -22.10 -63.94
CA CYS L 110 -31.26 -22.90 -64.23
C CYS L 110 -31.42 -22.98 -65.75
N PRO L 111 -31.42 -24.20 -66.29
CA PRO L 111 -31.51 -24.46 -67.74
C PRO L 111 -32.76 -23.86 -68.35
N GLU L 112 -33.76 -23.61 -67.51
CA GLU L 112 -35.02 -23.08 -67.98
C GLU L 112 -34.97 -21.55 -68.16
N CYS L 113 -34.95 -20.81 -67.06
CA CYS L 113 -35.04 -19.35 -67.11
C CYS L 113 -33.68 -18.64 -67.11
N GLY L 114 -32.62 -19.38 -66.85
CA GLY L 114 -31.29 -18.82 -66.83
C GLY L 114 -30.98 -17.89 -65.67
N HIS L 115 -31.74 -18.01 -64.59
CA HIS L 115 -31.40 -17.34 -63.34
C HIS L 115 -30.46 -18.22 -62.54
N LEU L 116 -30.22 -17.88 -61.29
CA LEU L 116 -29.29 -18.64 -60.47
C LEU L 116 -29.97 -19.54 -59.47
N LYS L 117 -29.34 -20.67 -59.19
CA LYS L 117 -29.82 -21.57 -58.15
C LYS L 117 -28.70 -22.42 -57.59
N GLN L 118 -28.86 -22.85 -56.34
CA GLN L 118 -27.93 -23.83 -55.79
C GLN L 118 -28.34 -25.18 -56.36
N LYS L 119 -27.40 -26.10 -56.45
CA LYS L 119 -27.64 -27.33 -57.20
C LYS L 119 -28.60 -28.27 -56.47
N HIS L 120 -28.65 -28.17 -55.15
CA HIS L 120 -29.47 -29.09 -54.36
C HIS L 120 -30.84 -28.51 -54.04
N ILE L 121 -31.13 -27.34 -54.60
CA ILE L 121 -32.36 -26.62 -54.30
C ILE L 121 -33.12 -26.25 -55.56
N LEU L 122 -34.46 -26.24 -55.49
CA LEU L 122 -35.28 -25.79 -56.61
C LEU L 122 -34.97 -24.37 -57.00
N CYS L 123 -35.16 -24.06 -58.28
CA CYS L 123 -34.98 -22.69 -58.74
C CYS L 123 -36.05 -21.78 -58.18
N GLY L 124 -35.64 -20.68 -57.55
CA GLY L 124 -36.56 -19.74 -56.96
C GLY L 124 -37.58 -19.20 -57.96
N TYR L 125 -37.09 -18.79 -59.12
CA TYR L 125 -37.91 -18.18 -60.15
C TYR L 125 -39.02 -19.10 -60.66
N CYS L 126 -38.60 -20.28 -61.12
CA CYS L 126 -39.53 -21.26 -61.67
C CYS L 126 -40.57 -21.65 -60.62
N TYR L 127 -40.08 -21.87 -59.41
CA TYR L 127 -40.97 -22.21 -58.32
C TYR L 127 -41.94 -21.07 -58.05
N GLU L 128 -41.56 -19.85 -58.36
CA GLU L 128 -42.53 -18.75 -58.26
C GLU L 128 -43.62 -18.82 -59.33
N LYS L 129 -43.26 -19.13 -60.57
CA LYS L 129 -44.31 -19.36 -61.58
C LYS L 129 -45.32 -20.37 -61.07
N VAL L 130 -44.78 -21.53 -60.70
CA VAL L 130 -45.62 -22.63 -60.21
C VAL L 130 -46.47 -22.19 -59.02
N ARG L 131 -45.89 -21.38 -58.14
CA ARG L 131 -46.62 -20.92 -56.96
C ARG L 131 -47.81 -20.03 -57.33
N LYS L 132 -47.58 -19.04 -58.19
CA LYS L 132 -48.66 -18.18 -58.68
C LYS L 132 -49.80 -18.97 -59.29
N GLU L 133 -49.45 -19.86 -60.23
CA GLU L 133 -50.48 -20.64 -60.90
C GLU L 133 -51.26 -21.51 -59.90
N THR L 134 -50.53 -22.12 -58.97
CA THR L 134 -51.15 -22.91 -57.93
C THR L 134 -52.16 -22.08 -57.16
N ALA L 135 -51.78 -20.86 -56.80
CA ALA L 135 -52.65 -19.97 -56.04
C ALA L 135 -53.92 -19.68 -56.83
N GLU L 136 -53.79 -19.39 -58.11
CA GLU L 136 -54.95 -19.08 -58.94
C GLU L 136 -55.91 -20.24 -59.03
N ILE L 137 -55.37 -21.42 -59.32
CA ILE L 137 -56.14 -22.65 -59.33
C ILE L 137 -56.90 -22.83 -58.00
N ARG L 138 -56.22 -22.60 -56.89
CA ARG L 138 -56.83 -22.82 -55.59
C ARG L 138 -57.93 -21.80 -55.30
N ARG L 139 -57.73 -20.56 -55.74
CA ARG L 139 -58.75 -19.53 -55.65
C ARG L 139 -60.01 -20.01 -56.36
N GLN L 140 -59.85 -20.39 -57.62
CA GLN L 140 -60.99 -20.75 -58.44
C GLN L 140 -61.62 -22.06 -58.03
N MET L 141 -60.90 -22.87 -57.28
CA MET L 141 -61.51 -24.08 -56.73
C MET L 141 -61.99 -23.80 -55.32
N GLY L 142 -61.83 -22.55 -54.90
CA GLY L 142 -62.46 -22.08 -53.68
C GLY L 142 -63.79 -21.45 -54.03
N LYS L 143 -63.94 -20.97 -55.26
CA LYS L 143 -65.23 -20.46 -55.72
C LYS L 143 -66.25 -21.57 -55.94
N GLN L 144 -65.77 -22.76 -56.28
CA GLN L 144 -66.63 -23.92 -56.53
C GLN L 144 -67.09 -24.58 -55.25
N GLU L 145 -66.43 -24.24 -54.15
CA GLU L 145 -66.80 -24.77 -52.84
C GLU L 145 -67.45 -23.70 -52.00
N GLY L 146 -68.75 -23.86 -51.74
CA GLY L 146 -69.53 -22.80 -51.16
C GLY L 146 -69.16 -22.47 -49.73
N GLY L 147 -68.24 -23.24 -49.16
CA GLY L 147 -67.88 -23.03 -47.78
C GLY L 147 -66.61 -23.72 -47.33
N PRO L 148 -66.29 -23.55 -46.05
CA PRO L 148 -65.03 -24.04 -45.47
C PRO L 148 -64.86 -25.55 -45.55
N PHE L 149 -65.90 -26.30 -45.19
CA PHE L 149 -65.77 -27.73 -44.99
C PHE L 149 -66.18 -28.61 -46.15
N ARG L 150 -66.55 -28.02 -47.28
CA ARG L 150 -66.92 -28.86 -48.40
C ARG L 150 -65.71 -29.08 -49.29
N ALA L 151 -65.23 -30.32 -49.27
CA ALA L 151 -64.16 -30.76 -50.14
C ALA L 151 -64.67 -31.96 -50.90
N PRO L 152 -64.31 -32.07 -52.18
CA PRO L 152 -64.93 -33.08 -53.06
C PRO L 152 -64.55 -34.49 -52.65
N THR L 153 -65.43 -35.44 -52.94
CA THR L 153 -65.17 -36.84 -52.65
C THR L 153 -64.57 -37.50 -53.89
N THR L 154 -64.31 -36.69 -54.91
CA THR L 154 -63.74 -37.18 -56.16
C THR L 154 -62.41 -36.50 -56.47
N GLU L 155 -61.63 -37.12 -57.34
CA GLU L 155 -60.40 -36.51 -57.85
C GLU L 155 -60.79 -35.28 -58.67
N THR L 156 -59.87 -34.33 -58.83
CA THR L 156 -60.16 -33.15 -59.65
C THR L 156 -59.15 -33.00 -60.79
N VAL L 157 -59.52 -32.24 -61.81
CA VAL L 157 -58.66 -31.98 -62.96
C VAL L 157 -58.78 -30.52 -63.37
N VAL L 158 -57.67 -29.91 -63.71
CA VAL L 158 -57.67 -28.49 -64.06
C VAL L 158 -57.55 -28.30 -65.57
N LEU L 159 -58.39 -27.42 -66.13
CA LEU L 159 -58.44 -27.20 -67.57
C LEU L 159 -58.23 -25.74 -67.97
N TYR L 160 -57.94 -25.54 -69.25
CA TYR L 160 -57.63 -24.20 -69.75
C TYR L 160 -58.43 -23.91 -71.02
N SER L 161 -58.34 -22.67 -71.50
CA SER L 161 -59.09 -22.25 -72.69
C SER L 161 -58.91 -23.21 -73.85
N GLY L 162 -60.04 -23.63 -74.43
CA GLY L 162 -60.02 -24.54 -75.56
C GLY L 162 -59.65 -25.96 -75.19
N GLU L 163 -60.27 -26.47 -74.13
CA GLU L 163 -60.07 -27.87 -73.72
C GLU L 163 -61.38 -28.49 -73.25
N THR L 164 -61.43 -29.83 -73.32
CA THR L 164 -62.62 -30.60 -72.96
C THR L 164 -62.19 -31.84 -72.18
N PRO L 165 -62.96 -32.22 -71.15
CA PRO L 165 -62.62 -33.41 -70.36
C PRO L 165 -62.62 -34.70 -71.17
N SER L 166 -61.54 -35.47 -71.06
CA SER L 166 -61.44 -36.78 -71.71
C SER L 166 -62.39 -37.76 -71.03
N GLU L 167 -62.67 -38.87 -71.71
CA GLU L 167 -63.47 -39.94 -71.13
C GLU L 167 -62.84 -40.52 -69.85
N GLN L 168 -61.51 -40.59 -69.83
CA GLN L 168 -60.78 -41.04 -68.63
C GLN L 168 -60.86 -40.03 -67.49
N ASP L 169 -61.00 -38.76 -67.85
CA ASP L 169 -61.00 -37.66 -66.88
C ASP L 169 -62.39 -37.19 -66.45
N GLN L 170 -63.44 -37.76 -67.05
CA GLN L 170 -64.80 -37.40 -66.66
C GLN L 170 -65.23 -38.17 -65.40
N GLY L 171 -66.17 -37.58 -64.67
CA GLY L 171 -66.57 -38.12 -63.38
C GLY L 171 -65.74 -37.47 -62.29
N LYS L 172 -64.99 -36.44 -62.68
CA LYS L 172 -64.12 -35.71 -61.76
C LYS L 172 -64.56 -34.26 -61.66
N ARG L 173 -64.15 -33.60 -60.57
CA ARG L 173 -64.38 -32.17 -60.41
C ARG L 173 -63.58 -31.38 -61.43
N ILE L 174 -64.23 -30.44 -62.10
CA ILE L 174 -63.56 -29.68 -63.15
C ILE L 174 -63.34 -28.22 -62.78
N ILE L 175 -62.08 -27.78 -62.88
CA ILE L 175 -61.74 -26.37 -62.74
C ILE L 175 -61.40 -25.80 -64.11
N GLU L 176 -62.13 -24.76 -64.53
CA GLU L 176 -61.89 -24.14 -65.83
C GLU L 176 -61.19 -22.78 -65.69
N ARG L 177 -59.97 -22.69 -66.21
CA ARG L 177 -59.20 -21.45 -66.09
C ARG L 177 -59.09 -20.72 -67.43
N GLU L 178 -58.99 -19.40 -67.36
CA GLU L 178 -59.03 -18.54 -68.56
C GLU L 178 -57.75 -18.56 -69.40
N ARG L 179 -56.61 -18.53 -68.72
CA ARG L 179 -55.30 -18.53 -69.36
C ARG L 179 -55.11 -19.75 -70.26
N LYS L 180 -54.33 -19.62 -71.34
CA LYS L 180 -53.96 -20.76 -72.17
C LYS L 180 -53.01 -21.67 -71.39
N ARG L 181 -53.11 -22.98 -71.61
CA ARG L 181 -52.29 -23.94 -70.85
C ARG L 181 -50.80 -23.66 -70.96
N PRO L 182 -50.15 -23.39 -69.82
CA PRO L 182 -48.73 -23.01 -69.71
C PRO L 182 -47.78 -24.05 -70.29
N SER L 183 -46.66 -23.58 -70.85
CA SER L 183 -45.70 -24.42 -71.55
C SER L 183 -45.12 -25.55 -70.69
N TRP L 184 -44.82 -25.25 -69.44
CA TRP L 184 -44.22 -26.23 -68.55
C TRP L 184 -45.25 -27.26 -68.09
N PHE L 185 -46.49 -26.81 -67.92
CA PHE L 185 -47.60 -27.65 -67.48
C PHE L 185 -48.07 -28.51 -68.64
N THR L 186 -48.01 -29.83 -68.48
CA THR L 186 -48.44 -30.72 -69.55
C THR L 186 -49.90 -31.09 -69.34
N GLN L 187 -50.49 -31.80 -70.31
CA GLN L 187 -51.93 -32.08 -70.27
C GLN L 187 -52.30 -33.28 -69.41
N ASN L 188 -51.49 -34.35 -69.50
CA ASN L 188 -51.67 -35.54 -68.66
C ASN L 188 -53.09 -36.12 -68.69
N SER M 13 2.77 21.85 61.27
CA SER M 13 2.95 23.29 61.42
C SER M 13 2.87 24.03 60.08
N LYS M 14 2.39 25.28 60.14
CA LYS M 14 2.41 26.21 59.02
C LYS M 14 3.22 27.45 59.39
N THR M 15 3.79 28.10 58.39
CA THR M 15 4.38 29.42 58.57
C THR M 15 3.48 30.48 57.91
N ILE M 16 3.84 31.75 58.06
CA ILE M 16 2.94 32.85 57.72
C ILE M 16 3.75 33.99 57.11
N LEU M 17 3.16 34.74 56.19
CA LEU M 17 3.85 35.88 55.57
C LEU M 17 3.34 37.16 56.17
N VAL M 18 4.19 37.83 56.95
CA VAL M 18 3.77 39.03 57.64
C VAL M 18 4.38 40.26 57.01
N LYS M 19 3.63 41.35 57.05
CA LYS M 19 4.10 42.65 56.57
C LYS M 19 4.68 43.42 57.73
N MET M 20 5.96 43.72 57.64
CA MET M 20 6.61 44.44 58.72
C MET M 20 6.95 45.86 58.33
N MET M 21 6.67 46.73 59.29
CA MET M 21 6.70 48.17 59.11
C MET M 21 7.80 48.80 59.95
N SER M 22 8.33 49.90 59.44
CA SER M 22 9.39 50.60 60.13
C SER M 22 8.82 51.46 61.23
N GLN M 23 9.58 51.58 62.31
CA GLN M 23 9.26 52.51 63.36
C GLN M 23 9.95 53.84 63.11
N ALA M 24 10.60 53.98 61.95
CA ALA M 24 11.30 55.22 61.62
C ALA M 24 10.33 56.27 61.06
N GLY M 25 9.04 55.94 61.02
CA GLY M 25 8.03 56.88 60.56
C GLY M 25 8.00 56.99 59.05
N THR M 26 9.01 56.43 58.41
CA THR M 26 9.03 56.23 56.98
C THR M 26 8.16 55.06 56.62
N GLY M 27 7.18 55.25 55.74
CA GLY M 27 6.46 54.08 55.29
C GLY M 27 7.45 53.25 54.50
N PHE M 28 7.74 52.07 55.04
CA PHE M 28 8.55 51.06 54.36
C PHE M 28 8.10 49.71 54.86
N SER M 29 8.02 48.75 53.94
CA SER M 29 7.47 47.46 54.27
C SER M 29 8.35 46.35 53.76
N PHE M 30 8.49 45.31 54.55
CA PHE M 30 9.03 44.10 53.95
C PHE M 30 8.40 42.89 54.59
N ASN M 31 8.21 41.86 53.77
CA ASN M 31 7.47 40.69 54.19
C ASN M 31 8.40 39.57 54.64
N THR M 32 7.98 38.83 55.66
CA THR M 32 8.81 37.76 56.18
C THR M 32 7.99 36.53 56.51
N LYS M 33 8.56 35.38 56.18
CA LYS M 33 8.05 34.11 56.65
C LYS M 33 8.38 33.98 58.14
N ARG M 34 7.34 33.73 58.93
CA ARG M 34 7.44 33.71 60.38
C ARG M 34 6.61 32.52 60.92
N SER M 35 7.09 31.89 61.99
CA SER M 35 6.40 30.72 62.58
C SER M 35 5.01 31.07 63.13
N ARG M 36 4.00 30.29 62.76
CA ARG M 36 2.61 30.60 63.13
C ARG M 36 2.37 30.60 64.63
N LEU M 37 2.94 29.62 65.30
CA LEU M 37 2.74 29.45 66.74
C LEU M 37 3.69 30.32 67.56
N ARG M 38 4.52 31.11 66.89
CA ARG M 38 5.43 32.00 67.60
C ARG M 38 4.82 33.37 67.91
N GLU M 39 5.61 34.20 68.59
CA GLU M 39 5.21 35.56 68.99
C GLU M 39 5.25 36.59 67.85
N LYS M 40 4.58 37.72 68.05
CA LYS M 40 4.65 38.82 67.09
C LYS M 40 6.11 39.25 66.80
N LEU M 41 6.44 39.36 65.52
CA LEU M 41 7.84 39.50 65.12
C LEU M 41 8.34 40.95 65.16
N THR M 42 9.57 41.12 65.65
CA THR M 42 10.25 42.42 65.68
C THR M 42 11.74 42.24 65.37
N LEU M 43 12.26 43.07 64.47
CA LEU M 43 13.64 42.91 63.98
C LEU M 43 14.36 44.22 63.86
N LEU M 44 15.67 44.16 63.63
CA LEU M 44 16.43 45.34 63.22
C LEU M 44 16.78 45.26 61.75
N HIS M 45 16.18 46.12 60.94
CA HIS M 45 16.32 46.01 59.49
C HIS M 45 16.93 47.27 58.91
N TYR M 46 17.12 47.29 57.60
CA TYR M 46 17.63 48.50 56.96
C TYR M 46 16.49 49.26 56.30
N ASP M 47 16.34 50.53 56.69
CA ASP M 47 15.39 51.41 56.03
C ASP M 47 16.17 52.32 55.07
N PRO M 48 15.84 52.23 53.76
CA PRO M 48 16.48 52.93 52.62
C PRO M 48 16.29 54.45 52.59
N VAL M 49 15.15 54.90 53.08
CA VAL M 49 14.84 56.32 53.04
C VAL M 49 15.66 57.06 54.10
N VAL M 50 15.63 56.54 55.32
CA VAL M 50 16.43 57.10 56.40
C VAL M 50 17.89 56.64 56.28
N LYS M 51 18.11 55.60 55.49
CA LYS M 51 19.43 55.01 55.29
C LYS M 51 20.04 54.55 56.61
N LYS M 52 19.25 53.84 57.42
CA LYS M 52 19.73 53.42 58.73
C LYS M 52 19.30 52.01 59.11
N LYS M 53 19.92 51.48 60.15
CA LYS M 53 19.46 50.23 60.76
C LYS M 53 18.47 50.60 61.87
N VAL M 54 17.21 50.24 61.67
CA VAL M 54 16.12 50.72 62.50
C VAL M 54 15.33 49.54 63.05
N LEU M 55 14.35 49.79 63.91
CA LEU M 55 13.49 48.74 64.40
C LEU M 55 12.24 48.62 63.54
N PHE M 56 11.99 47.41 63.07
CA PHE M 56 10.76 47.07 62.37
C PHE M 56 9.89 46.19 63.25
N VAL M 57 8.63 46.57 63.38
CA VAL M 57 7.66 45.75 64.09
C VAL M 57 6.56 45.36 63.12
N GLU M 58 6.09 44.13 63.23
CA GLU M 58 5.16 43.58 62.26
C GLU M 58 3.83 44.31 62.36
N GLN M 59 3.44 44.95 61.27
CA GLN M 59 2.15 45.63 61.25
C GLN M 59 1.02 44.66 60.97
N LYS M 60 1.19 43.87 59.91
CA LYS M 60 0.04 43.16 59.34
C LYS M 60 0.35 41.69 59.02
N LYS M 61 -0.70 40.90 58.83
CA LYS M 61 -0.55 39.52 58.39
C LYS M 61 -0.97 39.40 56.93
N ILE M 62 -0.02 39.11 56.04
CA ILE M 62 -0.36 39.07 54.62
C ILE M 62 -0.84 37.70 54.13
N ARG M 63 0.05 36.72 54.11
CA ARG M 63 -0.32 35.42 53.60
C ARG M 63 -0.18 34.34 54.68
N SER M 64 -1.02 33.31 54.61
CA SER M 64 -1.02 32.30 55.67
C SER M 64 -0.48 30.96 55.17
N LYS N 50 -43.64 -1.99 -0.02
CA LYS N 50 -43.03 -3.17 -0.64
C LYS N 50 -42.18 -2.75 -1.85
N ALA N 51 -42.79 -2.46 -3.00
CA ALA N 51 -42.07 -1.81 -4.09
C ALA N 51 -42.47 -0.35 -4.06
N ARG N 52 -41.55 0.54 -4.45
CA ARG N 52 -41.75 1.97 -4.24
C ARG N 52 -41.62 2.71 -5.54
N GLY N 53 -42.00 3.99 -5.54
CA GLY N 53 -41.80 4.82 -6.71
C GLY N 53 -43.11 5.19 -7.37
N ASN N 54 -44.17 4.53 -6.97
CA ASN N 54 -45.51 4.88 -7.43
C ASN N 54 -46.14 5.90 -6.49
N GLU N 55 -45.30 6.52 -5.67
CA GLU N 55 -45.74 7.45 -4.65
C GLU N 55 -46.73 8.49 -5.11
N TYR N 56 -46.76 8.83 -6.39
CA TYR N 56 -47.70 9.83 -6.85
C TYR N 56 -48.99 9.22 -7.38
N GLN N 57 -50.08 9.39 -6.65
CA GLN N 57 -51.37 8.88 -7.08
C GLN N 57 -52.29 10.03 -7.42
N PRO N 58 -52.50 10.25 -8.72
CA PRO N 58 -53.10 11.51 -9.19
C PRO N 58 -54.52 11.75 -8.70
N SER N 59 -54.78 12.99 -8.31
CA SER N 59 -56.13 13.51 -8.14
C SER N 59 -56.14 14.96 -8.57
N ASN N 60 -57.15 15.38 -9.33
CA ASN N 60 -57.17 16.76 -9.73
C ASN N 60 -57.59 17.62 -8.56
N ILE N 61 -58.52 17.10 -7.77
CA ILE N 61 -58.95 17.84 -6.60
C ILE N 61 -57.81 18.10 -5.64
N LYS N 62 -57.10 17.06 -5.25
CA LYS N 62 -55.97 17.24 -4.34
C LYS N 62 -54.98 18.21 -4.94
N ARG N 63 -54.69 18.05 -6.22
CA ARG N 63 -53.70 18.86 -6.90
C ARG N 63 -54.02 20.32 -6.78
N LYS N 64 -55.24 20.67 -7.14
CA LYS N 64 -55.63 22.06 -7.20
C LYS N 64 -55.91 22.62 -5.83
N HIS N 65 -56.16 21.75 -4.85
CA HIS N 65 -56.32 22.27 -3.50
C HIS N 65 -54.98 22.57 -2.87
N LYS N 66 -54.01 21.71 -3.12
CA LYS N 66 -52.71 21.88 -2.52
C LYS N 66 -51.89 22.97 -3.20
N HIS N 67 -51.76 22.85 -4.51
CA HIS N 67 -50.91 23.75 -5.25
C HIS N 67 -51.60 24.81 -6.09
N GLY N 68 -52.91 24.89 -6.05
CA GLY N 68 -53.64 25.76 -6.96
C GLY N 68 -53.42 27.25 -6.74
N TRP N 69 -53.92 28.08 -7.65
CA TRP N 69 -53.74 29.53 -7.61
C TRP N 69 -54.34 30.12 -6.34
N VAL N 70 -55.59 29.76 -6.07
CA VAL N 70 -56.27 30.28 -4.91
C VAL N 70 -55.54 29.94 -3.62
N ARG N 71 -55.03 28.72 -3.54
CA ARG N 71 -54.27 28.29 -2.36
C ARG N 71 -53.00 29.10 -2.14
N ARG N 72 -52.32 29.42 -3.23
CA ARG N 72 -51.11 30.22 -3.13
C ARG N 72 -51.46 31.63 -2.68
N LEU N 73 -52.61 32.15 -3.12
CA LEU N 73 -52.94 33.53 -2.76
C LEU N 73 -53.57 33.74 -1.41
N ARG N 74 -53.89 32.68 -0.68
CA ARG N 74 -54.60 32.87 0.59
C ARG N 74 -53.67 33.17 1.76
N THR N 75 -52.38 32.86 1.61
CA THR N 75 -51.42 33.09 2.69
C THR N 75 -50.34 34.04 2.17
N PRO N 76 -49.70 34.81 3.06
CA PRO N 76 -48.69 35.75 2.54
C PRO N 76 -47.47 35.01 1.98
N THR N 77 -47.15 33.88 2.60
CA THR N 77 -46.05 33.05 2.13
C THR N 77 -46.28 32.61 0.69
N GLY N 78 -47.47 32.11 0.42
CA GLY N 78 -47.82 31.70 -0.93
C GLY N 78 -47.66 32.84 -1.92
N VAL N 79 -48.17 34.01 -1.56
CA VAL N 79 -48.07 35.18 -2.43
C VAL N 79 -46.62 35.44 -2.76
N GLN N 80 -45.75 35.25 -1.77
CA GLN N 80 -44.32 35.38 -2.04
C GLN N 80 -43.82 34.30 -3.00
N VAL N 81 -44.38 33.10 -2.94
CA VAL N 81 -44.04 32.09 -3.94
C VAL N 81 -44.37 32.61 -5.34
N ILE N 82 -45.63 32.99 -5.54
CA ILE N 82 -46.03 33.57 -6.82
C ILE N 82 -45.07 34.67 -7.24
N LEU N 83 -44.71 35.55 -6.30
CA LEU N 83 -43.88 36.70 -6.62
C LEU N 83 -42.51 36.28 -7.11
N ARG N 84 -41.93 35.30 -6.44
CA ARG N 84 -40.65 34.77 -6.87
C ARG N 84 -40.73 34.22 -8.27
N ARG N 85 -41.75 33.40 -8.55
CA ARG N 85 -41.83 32.82 -9.87
C ARG N 85 -42.03 33.88 -10.95
N MET N 86 -42.86 34.87 -10.65
CA MET N 86 -43.04 36.01 -11.54
C MET N 86 -41.70 36.67 -11.82
N HIS N 87 -40.88 36.79 -10.78
CA HIS N 87 -39.56 37.37 -10.94
C HIS N 87 -38.69 36.54 -11.86
N LYS N 88 -38.64 35.24 -11.61
CA LYS N 88 -37.80 34.34 -12.38
C LYS N 88 -38.36 34.16 -13.79
N GLY N 89 -39.56 34.69 -14.02
CA GLY N 89 -40.19 34.65 -15.34
C GLY N 89 -40.75 33.30 -15.72
N ARG N 90 -41.29 32.57 -14.75
CA ARG N 90 -41.83 31.23 -14.98
C ARG N 90 -43.05 31.27 -15.87
N LYS N 91 -43.17 30.26 -16.74
CA LYS N 91 -44.29 30.22 -17.68
C LYS N 91 -45.59 29.95 -16.92
N SER N 92 -45.54 29.00 -15.99
CA SER N 92 -46.67 28.69 -15.13
C SER N 92 -46.40 29.08 -13.69
N LEU N 93 -47.10 30.08 -13.20
CA LEU N 93 -46.87 30.56 -11.84
C LEU N 93 -47.29 29.55 -10.81
N SER N 94 -48.35 28.83 -11.14
CA SER N 94 -48.99 27.92 -10.22
C SER N 94 -49.68 26.84 -11.01
N HIS N 95 -50.07 25.78 -10.34
CA HIS N 95 -50.91 24.78 -11.01
C HIS N 95 -52.25 25.35 -11.51
N VAL O 94 -2.92 39.80 13.14
CA VAL O 94 -2.84 41.11 12.50
C VAL O 94 -3.82 41.23 11.36
N THR O 95 -4.49 42.37 11.29
CA THR O 95 -5.31 42.67 10.13
C THR O 95 -4.47 43.41 9.10
N TYR O 96 -4.22 42.80 7.95
CA TYR O 96 -3.43 43.44 6.91
C TYR O 96 -4.22 44.41 6.07
N PHE O 97 -5.49 44.11 5.84
CA PHE O 97 -6.37 45.09 5.21
C PHE O 97 -7.61 45.20 6.05
N SER O 98 -7.89 46.41 6.53
CA SER O 98 -9.01 46.59 7.43
C SER O 98 -10.29 46.49 6.63
N SER O 99 -11.43 46.51 7.30
CA SER O 99 -12.68 46.42 6.55
C SER O 99 -13.10 47.81 6.05
N ARG O 100 -13.30 48.79 6.94
CA ARG O 100 -13.62 50.14 6.48
C ARG O 100 -12.55 50.82 5.64
N LYS O 101 -11.34 50.97 6.19
CA LYS O 101 -10.31 51.78 5.54
C LYS O 101 -9.44 51.06 4.52
N GLY O 102 -9.40 49.74 4.57
CA GLY O 102 -8.48 48.99 3.75
C GLY O 102 -7.00 49.15 4.08
N LYS O 103 -6.69 49.87 5.16
CA LYS O 103 -5.32 50.00 5.64
C LYS O 103 -4.94 48.81 6.51
N ARG O 104 -3.78 48.91 7.14
CA ARG O 104 -3.26 47.84 7.98
C ARG O 104 -3.30 48.22 9.45
N LYS O 105 -3.98 47.43 10.27
CA LYS O 105 -4.16 47.73 11.70
C LYS O 105 -2.94 47.43 12.58
N THR O 106 -2.89 48.04 13.76
CA THR O 106 -1.83 47.76 14.71
C THR O 106 -2.36 46.85 15.80
N VAL O 107 -1.48 46.02 16.36
CA VAL O 107 -1.92 45.16 17.45
C VAL O 107 -1.64 45.86 18.76
N LYS O 108 -2.69 46.36 19.42
CA LYS O 108 -2.49 47.24 20.57
C LYS O 108 -1.83 46.53 21.74
N ALA O 109 -1.93 45.21 21.78
CA ALA O 109 -1.35 44.44 22.87
C ALA O 109 0.15 44.60 22.93
N VAL O 110 0.76 45.01 21.82
CA VAL O 110 2.19 45.30 21.76
C VAL O 110 2.49 46.65 22.37
N ILE O 111 1.69 47.62 21.96
CA ILE O 111 1.92 49.02 22.30
C ILE O 111 1.81 49.26 23.80
N TYR O 112 1.14 48.37 24.50
CA TYR O 112 1.12 48.50 25.95
C TYR O 112 2.37 47.94 26.61
N ARG O 113 2.95 46.86 26.12
CA ARG O 113 4.14 46.40 26.80
C ARG O 113 5.51 46.71 26.21
N PHE O 114 5.57 47.33 25.04
CA PHE O 114 6.92 47.58 24.52
C PHE O 114 7.16 49.03 24.22
N LEU O 115 8.39 49.36 23.88
CA LEU O 115 8.73 50.74 23.55
C LEU O 115 9.67 50.75 22.38
N ARG O 116 9.33 51.51 21.33
CA ARG O 116 10.21 51.51 20.19
C ARG O 116 11.07 52.76 20.14
N LEU O 117 12.38 52.59 20.28
CA LEU O 117 13.28 53.69 20.07
C LEU O 117 13.34 53.90 18.58
N HIS O 118 13.98 54.96 18.11
CA HIS O 118 13.85 55.28 16.70
C HIS O 118 14.87 54.51 15.89
N SER O 119 15.87 54.01 16.59
CA SER O 119 16.94 53.26 15.98
C SER O 119 16.44 51.91 15.50
N GLY O 120 15.32 51.47 16.05
CA GLY O 120 14.78 50.17 15.73
C GLY O 120 14.88 49.18 16.88
N LEU O 121 15.58 49.57 17.94
CA LEU O 121 15.64 48.73 19.13
C LEU O 121 14.31 48.79 19.87
N TRP O 122 13.87 47.66 20.39
CA TRP O 122 12.68 47.67 21.23
C TRP O 122 13.07 47.45 22.67
N LEU O 123 12.34 48.08 23.56
CA LEU O 123 12.63 48.02 24.99
C LEU O 123 11.45 47.48 25.77
N ARG O 124 11.71 46.56 26.69
CA ARG O 124 10.64 45.87 27.42
C ARG O 124 10.96 45.67 28.89
N ARG O 125 9.93 45.49 29.71
CA ARG O 125 10.16 45.09 31.10
C ARG O 125 10.52 43.62 31.17
N LYS O 126 11.12 43.20 32.27
CA LYS O 126 11.37 41.79 32.50
C LYS O 126 10.09 41.12 32.95
N ALA O 127 9.95 39.81 32.75
CA ALA O 127 8.72 39.12 33.13
C ALA O 127 8.73 38.67 34.58
N GLY O 128 7.60 38.82 35.25
CA GLY O 128 7.45 38.40 36.63
C GLY O 128 8.10 39.32 37.63
N TYR O 129 8.30 40.58 37.26
CA TYR O 129 9.04 41.50 38.12
C TYR O 129 8.21 42.03 39.29
N LYS O 130 6.89 41.95 39.21
CA LYS O 130 6.08 42.32 40.35
C LYS O 130 5.63 41.11 41.14
N LYS O 131 6.03 39.92 40.70
CA LYS O 131 5.49 38.70 41.27
C LYS O 131 6.34 38.06 42.38
N LYS O 132 5.70 37.78 43.52
CA LYS O 132 6.30 37.06 44.64
C LYS O 132 7.68 37.60 45.03
N LEU O 133 7.73 38.85 45.49
CA LEU O 133 9.01 39.46 45.75
C LEU O 133 9.69 38.98 47.02
N TRP O 134 8.91 38.59 48.02
CA TRP O 134 9.48 38.17 49.29
C TRP O 134 10.33 36.93 49.12
N LYS O 135 9.99 36.15 48.11
CA LYS O 135 10.60 34.85 47.92
C LYS O 135 11.93 34.92 47.15
N LYS O 136 12.31 36.11 46.69
CA LYS O 136 13.44 36.26 45.79
C LYS O 136 14.65 36.97 46.41
N THR O 137 15.83 36.65 45.89
CA THR O 137 17.08 37.34 46.23
C THR O 137 17.02 38.81 45.81
N ALA O 138 17.78 39.68 46.48
CA ALA O 138 17.84 41.09 46.09
C ALA O 138 18.53 41.25 44.74
N ALA O 139 19.50 40.38 44.49
CA ALA O 139 20.20 40.34 43.21
C ALA O 139 19.23 40.02 42.06
N ARG O 140 18.49 38.93 42.23
CA ARG O 140 17.46 38.55 41.28
C ARG O 140 16.44 39.68 41.11
N LYS O 141 16.02 40.27 42.22
CA LYS O 141 15.08 41.38 42.17
C LYS O 141 15.60 42.50 41.28
N ARG O 142 16.88 42.83 41.42
CA ARG O 142 17.49 43.84 40.56
C ARG O 142 17.43 43.41 39.11
N ARG O 143 17.89 42.19 38.82
CA ARG O 143 17.87 41.67 37.46
C ARG O 143 16.48 41.80 36.86
N LEU O 144 15.46 41.71 37.71
CA LEU O 144 14.08 41.83 37.28
C LEU O 144 13.64 43.28 37.07
N ARG O 145 14.16 44.21 37.87
CA ARG O 145 13.70 45.59 37.76
C ARG O 145 14.22 46.30 36.53
N GLU O 146 15.05 45.62 35.75
CA GLU O 146 15.66 46.20 34.55
C GLU O 146 14.69 46.51 33.40
N PHE O 147 15.12 47.39 32.51
CA PHE O 147 14.52 47.53 31.19
C PHE O 147 15.47 46.89 30.22
N VAL O 148 15.01 45.93 29.41
CA VAL O 148 15.94 45.22 28.55
C VAL O 148 15.61 45.31 27.07
N PHE O 149 16.59 44.98 26.23
CA PHE O 149 16.44 45.05 24.77
C PHE O 149 16.07 43.70 24.16
N CYS O 150 15.26 43.71 23.10
CA CYS O 150 14.86 42.46 22.43
C CYS O 150 15.76 42.09 21.24
N ASN O 151 15.97 40.80 21.05
CA ASN O 151 16.79 40.33 19.93
C ASN O 151 16.17 40.67 18.60
N LYS O 152 16.95 40.57 17.53
CA LYS O 152 16.48 40.92 16.20
C LYS O 152 15.15 40.30 15.80
N THR O 153 14.99 39.00 16.05
CA THR O 153 13.78 38.31 15.62
C THR O 153 12.55 38.93 16.22
N GLN O 154 12.56 39.05 17.55
CA GLN O 154 11.47 39.69 18.25
C GLN O 154 11.20 41.07 17.71
N SER O 155 12.27 41.82 17.44
CA SER O 155 12.13 43.18 16.93
C SER O 155 11.38 43.21 15.62
N LYS O 156 11.76 42.32 14.70
CA LYS O 156 11.11 42.31 13.40
C LYS O 156 9.66 41.91 13.57
N LEU O 157 9.42 40.93 14.44
CA LEU O 157 8.05 40.51 14.74
C LEU O 157 7.20 41.69 15.25
N LEU O 158 7.75 42.48 16.16
CA LEU O 158 7.03 43.59 16.74
C LEU O 158 6.82 44.66 15.70
N ASP O 159 7.78 44.85 14.82
CA ASP O 159 7.64 45.87 13.81
C ASP O 159 6.49 45.49 12.90
N LYS O 160 6.39 44.21 12.53
CA LYS O 160 5.29 43.78 11.66
C LYS O 160 3.93 43.98 12.32
N MET O 161 3.89 43.88 13.65
CA MET O 161 2.64 43.89 14.40
C MET O 161 2.21 45.30 14.73
N THR O 162 2.95 46.25 14.17
CA THR O 162 2.83 47.64 14.56
C THR O 162 2.90 48.53 13.34
N THR O 163 1.99 49.49 13.23
CA THR O 163 1.93 50.29 12.02
C THR O 163 3.03 51.33 11.96
N SER O 164 2.95 52.19 10.96
CA SER O 164 4.00 53.16 10.66
C SER O 164 4.07 54.25 11.71
N PHE O 165 2.91 54.67 12.17
CA PHE O 165 2.78 55.75 13.14
C PHE O 165 3.69 55.59 14.34
N TRP O 166 3.93 54.35 14.76
CA TRP O 166 4.67 54.11 15.97
C TRP O 166 6.18 54.16 15.75
N LYS O 167 6.58 54.24 14.50
CA LYS O 167 8.00 54.30 14.21
C LYS O 167 8.48 55.72 13.94
N ARG O 168 7.58 56.69 14.04
CA ARG O 168 7.90 58.09 13.73
C ARG O 168 8.90 58.68 14.72
N ARG O 169 9.55 59.76 14.31
CA ARG O 169 10.50 60.43 15.21
C ARG O 169 9.75 61.30 16.19
N ASN O 170 9.86 61.00 17.47
CA ASN O 170 9.15 61.77 18.49
C ASN O 170 10.06 62.70 19.28
N TRP O 171 9.64 63.95 19.40
CA TRP O 171 10.29 64.85 20.33
C TRP O 171 9.32 65.17 21.44
N TYR O 172 9.54 64.60 22.62
CA TYR O 172 8.65 64.92 23.72
C TYR O 172 9.38 65.89 24.62
N ALA O 173 8.65 66.82 25.23
CA ALA O 173 9.25 67.63 26.27
C ALA O 173 9.45 66.75 27.49
N ASP O 174 10.59 66.93 28.17
CA ASP O 174 10.89 66.23 29.44
C ASP O 174 11.18 64.73 29.30
N ASP O 175 11.07 64.20 28.08
CA ASP O 175 11.19 62.76 27.82
C ASP O 175 12.47 62.12 28.36
N PRO O 176 12.33 61.08 29.20
CA PRO O 176 13.50 60.34 29.71
C PRO O 176 14.32 59.74 28.58
N TYR O 177 13.63 59.20 27.60
CA TYR O 177 14.25 58.33 26.62
C TYR O 177 14.79 59.03 25.37
N GLN O 178 14.75 60.35 25.31
CA GLN O 178 15.18 61.05 24.10
C GLN O 178 16.68 60.93 23.93
N LYS O 179 17.35 60.78 25.05
CA LYS O 179 18.78 60.52 25.12
C LYS O 179 19.19 59.27 24.31
N TYR O 180 18.31 58.27 24.29
CA TYR O 180 18.61 56.94 23.75
C TYR O 180 18.16 56.64 22.34
N GLN O 181 17.55 57.58 21.65
CA GLN O 181 16.90 57.24 20.38
C GLN O 181 17.81 57.21 19.16
N ASP O 182 18.89 57.99 19.17
CA ASP O 182 19.93 57.77 18.18
C ASP O 182 20.94 56.70 18.60
N ARG O 183 21.59 56.11 17.61
CA ARG O 183 22.67 55.17 17.86
C ARG O 183 24.01 55.82 17.55
N THR O 184 25.04 55.46 18.31
CA THR O 184 26.35 56.09 18.17
C THR O 184 27.46 55.06 18.01
N ASN O 185 28.55 55.45 17.33
CA ASN O 185 29.78 54.64 17.24
C ASN O 185 29.57 53.18 16.87
N LEU O 186 28.59 52.92 16.01
CA LEU O 186 28.30 51.54 15.65
C LEU O 186 28.99 51.20 14.34
N LYS O 187 30.01 50.35 14.43
CA LYS O 187 30.72 49.91 13.24
C LYS O 187 30.25 48.52 12.90
N VAL O 188 29.55 48.42 11.79
CA VAL O 188 29.05 47.14 11.32
C VAL O 188 29.21 47.03 9.80
N PHE P 63 21.10 -52.20 15.00
CA PHE P 63 21.79 -51.03 14.49
C PHE P 63 21.21 -49.73 14.99
N LYS P 64 22.08 -48.82 15.42
CA LYS P 64 21.66 -47.49 15.79
C LYS P 64 22.46 -46.47 15.01
N THR P 65 21.81 -45.38 14.63
CA THR P 65 22.51 -44.29 13.98
C THR P 65 23.02 -43.34 15.06
N LYS P 66 24.32 -43.10 15.08
CA LYS P 66 24.93 -42.26 16.10
C LYS P 66 25.84 -41.20 15.52
N GLY P 67 26.05 -40.12 16.27
CA GLY P 67 26.98 -39.07 15.88
C GLY P 67 28.39 -39.41 16.29
N VAL P 68 28.52 -40.16 17.38
CA VAL P 68 29.82 -40.63 17.86
C VAL P 68 29.83 -42.14 18.00
N LEU P 69 30.81 -42.79 17.40
CA LEU P 69 30.95 -44.23 17.57
C LEU P 69 31.93 -44.53 18.68
N LYS P 70 31.56 -45.46 19.56
CA LYS P 70 32.53 -45.97 20.52
C LYS P 70 32.30 -47.43 20.82
N LYS P 71 33.41 -48.16 20.93
CA LYS P 71 33.37 -49.57 21.20
C LYS P 71 32.88 -49.81 22.60
N ARG P 72 31.87 -50.66 22.74
CA ARG P 72 31.27 -50.91 24.04
C ARG P 72 31.84 -52.14 24.71
N CYS P 73 32.73 -52.85 24.01
CA CYS P 73 33.43 -53.98 24.60
C CYS P 73 34.67 -54.33 23.78
N ARG P 74 35.42 -55.32 24.23
CA ARG P 74 36.69 -55.63 23.60
C ARG P 74 36.50 -56.27 22.22
N ASP P 75 35.32 -56.82 21.99
CA ASP P 75 35.05 -57.60 20.78
C ASP P 75 34.49 -56.76 19.63
N CYS P 76 34.30 -55.46 19.86
CA CYS P 76 33.81 -54.56 18.84
C CYS P 76 34.92 -54.23 17.87
N TYR P 77 34.60 -54.26 16.59
CA TYR P 77 35.56 -53.75 15.63
C TYR P 77 34.93 -52.70 14.73
N LEU P 78 35.80 -51.95 14.09
CA LEU P 78 35.45 -50.66 13.52
C LEU P 78 35.78 -50.69 12.03
N VAL P 79 34.79 -50.38 11.18
CA VAL P 79 34.92 -50.71 9.76
C VAL P 79 34.29 -49.67 8.85
N LYS P 80 34.97 -49.31 7.76
CA LYS P 80 34.40 -48.29 6.87
C LYS P 80 33.75 -48.87 5.63
N ARG P 81 32.42 -48.80 5.57
CA ARG P 81 31.66 -49.34 4.44
C ARG P 81 30.67 -48.34 3.93
N ARG P 82 30.41 -48.37 2.63
CA ARG P 82 29.44 -47.49 2.00
C ARG P 82 29.64 -46.01 2.35
N GLY P 83 30.90 -45.59 2.47
CA GLY P 83 31.23 -44.22 2.77
C GLY P 83 30.87 -43.79 4.18
N ARG P 84 30.73 -44.77 5.07
CA ARG P 84 30.41 -44.53 6.47
C ARG P 84 31.34 -45.30 7.36
N TRP P 85 31.32 -44.95 8.64
CA TRP P 85 31.97 -45.77 9.64
C TRP P 85 30.92 -46.61 10.35
N PHE P 86 31.30 -47.83 10.73
CA PHE P 86 30.41 -48.76 11.40
C PHE P 86 31.11 -49.42 12.55
N ILE P 87 30.35 -49.80 13.57
CA ILE P 87 30.85 -50.69 14.58
C ILE P 87 30.11 -52.01 14.53
N TYR P 88 30.81 -53.08 14.20
CA TYR P 88 30.19 -54.39 14.24
C TYR P 88 30.69 -55.16 15.46
N CYS P 89 29.84 -55.98 16.03
CA CYS P 89 30.24 -56.78 17.19
C CYS P 89 29.67 -58.17 17.03
N LYS P 90 30.51 -59.18 17.09
CA LYS P 90 29.99 -60.52 16.93
C LYS P 90 29.36 -61.06 18.22
N THR P 91 29.98 -60.79 19.36
CA THR P 91 29.44 -61.29 20.63
C THR P 91 28.12 -60.64 21.04
N ASN P 92 28.10 -59.30 21.18
CA ASN P 92 26.83 -58.62 21.45
C ASN P 92 26.39 -57.84 20.24
N PRO P 93 25.39 -58.34 19.54
CA PRO P 93 24.93 -57.63 18.35
C PRO P 93 24.32 -56.29 18.73
N LYS P 94 23.96 -56.13 20.01
CA LYS P 94 23.39 -54.86 20.45
C LYS P 94 24.41 -53.73 20.43
N HIS P 95 25.68 -54.06 20.19
CA HIS P 95 26.71 -53.04 20.14
C HIS P 95 26.89 -52.48 18.74
N LYS P 96 26.09 -52.97 17.80
CA LYS P 96 26.13 -52.47 16.44
C LYS P 96 25.84 -50.97 16.34
N GLN P 97 26.63 -50.25 15.56
CA GLN P 97 26.50 -48.80 15.44
C GLN P 97 26.81 -48.28 14.04
N ARG P 98 26.05 -47.30 13.60
CA ARG P 98 26.29 -46.67 12.31
C ARG P 98 26.49 -45.18 12.47
N GLN P 99 27.62 -44.66 11.99
CA GLN P 99 27.87 -43.23 12.05
C GLN P 99 26.98 -42.49 11.08
N MET P 100 26.36 -41.40 11.53
CA MET P 100 25.51 -40.60 10.65
C MET P 100 26.30 -39.44 10.05
N ASP S 87 -22.78 -94.69 79.96
CA ASP S 87 -24.18 -95.12 79.94
C ASP S 87 -24.61 -95.46 78.52
N LYS S 88 -24.33 -94.53 77.60
CA LYS S 88 -24.55 -94.79 76.17
C LYS S 88 -23.26 -94.50 75.41
N VAL S 89 -22.64 -95.56 74.89
CA VAL S 89 -21.48 -95.46 74.00
C VAL S 89 -21.92 -95.90 72.61
N ARG S 90 -21.63 -95.09 71.60
CA ARG S 90 -22.14 -95.34 70.25
C ARG S 90 -21.50 -96.59 69.67
N LYS S 91 -22.33 -97.56 69.28
CA LYS S 91 -21.84 -98.77 68.63
C LYS S 91 -21.06 -98.32 67.40
N ASN S 92 -19.92 -98.94 67.15
CA ASN S 92 -19.18 -98.55 65.97
C ASN S 92 -19.64 -99.45 64.83
N LYS S 93 -20.46 -98.87 63.95
CA LYS S 93 -20.96 -99.61 62.81
C LYS S 93 -20.57 -98.89 61.54
N ASP S 94 -19.64 -99.50 60.81
CA ASP S 94 -19.24 -99.02 59.50
C ASP S 94 -18.76 -100.22 58.70
N ALA S 95 -19.07 -100.25 57.41
CA ALA S 95 -18.55 -101.32 56.56
C ALA S 95 -17.03 -101.18 56.52
N VAL S 96 -16.33 -102.25 56.88
CA VAL S 96 -14.87 -102.24 56.84
C VAL S 96 -14.43 -103.20 55.75
N ARG S 97 -13.38 -102.84 55.02
CA ARG S 97 -12.82 -103.71 54.00
C ARG S 97 -12.42 -105.05 54.61
N ARG S 98 -12.95 -106.14 54.04
CA ARG S 98 -12.77 -107.49 54.58
C ARG S 98 -11.30 -107.88 54.69
N PRO S 99 -10.96 -108.72 55.68
CA PRO S 99 -9.57 -109.19 55.78
C PRO S 99 -9.14 -109.96 54.54
N GLN S 100 -7.84 -110.00 54.25
CA GLN S 100 -7.33 -110.57 53.00
C GLN S 100 -7.83 -111.99 52.74
N ALA S 101 -8.25 -112.22 51.50
CA ALA S 101 -8.84 -113.49 51.07
C ALA S 101 -7.86 -114.66 51.20
N ASP S 102 -8.39 -115.86 51.51
CA ASP S 102 -7.55 -117.03 51.71
C ASP S 102 -6.80 -117.42 50.43
N PRO S 103 -5.65 -118.08 50.57
CA PRO S 103 -4.96 -118.61 49.39
C PRO S 103 -5.81 -119.63 48.62
N ALA S 104 -6.84 -120.16 49.26
CA ALA S 104 -7.69 -121.17 48.65
C ALA S 104 -8.62 -120.59 47.58
N LEU S 105 -9.29 -119.48 47.88
CA LEU S 105 -10.30 -118.95 46.96
C LEU S 105 -9.81 -117.86 45.99
N LEU S 106 -8.50 -117.59 45.96
CA LEU S 106 -8.02 -116.50 45.11
C LEU S 106 -8.00 -116.95 43.65
N THR S 107 -8.85 -116.27 42.90
CA THR S 107 -9.19 -116.55 41.51
C THR S 107 -8.32 -115.72 40.53
N PRO S 108 -8.03 -116.24 39.32
CA PRO S 108 -7.36 -115.42 38.31
C PRO S 108 -8.09 -114.12 38.03
N ARG S 109 -7.38 -113.00 38.06
CA ARG S 109 -8.00 -111.70 37.87
C ARG S 109 -7.74 -111.20 36.43
N SER S 110 -8.25 -110.02 36.09
CA SER S 110 -7.96 -109.43 34.79
C SER S 110 -7.23 -108.10 35.03
N PRO S 111 -6.27 -107.76 34.14
CA PRO S 111 -5.43 -106.57 34.33
C PRO S 111 -6.15 -105.24 34.17
N VAL S 112 -5.93 -104.32 35.10
CA VAL S 112 -6.37 -102.94 34.94
C VAL S 112 -5.14 -102.09 34.66
N VAL S 113 -5.17 -101.36 33.55
CA VAL S 113 -4.01 -100.62 33.09
C VAL S 113 -4.28 -99.14 32.87
N THR S 114 -3.52 -98.28 33.54
CA THR S 114 -3.62 -96.83 33.30
C THR S 114 -2.64 -96.35 32.27
N ILE S 115 -3.11 -95.59 31.29
CA ILE S 115 -2.20 -95.06 30.29
C ILE S 115 -1.86 -93.61 30.61
N MET S 116 -0.62 -93.39 31.05
CA MET S 116 -0.20 -92.09 31.55
C MET S 116 1.02 -91.54 30.82
N GLY S 117 1.09 -90.21 30.74
CA GLY S 117 2.23 -89.54 30.16
C GLY S 117 1.95 -88.09 29.84
N HIS S 118 2.92 -87.44 29.20
CA HIS S 118 2.84 -86.03 28.83
C HIS S 118 1.78 -85.76 27.78
N VAL S 119 1.41 -84.49 27.68
CA VAL S 119 0.47 -84.01 26.67
C VAL S 119 0.89 -84.39 25.25
N ASP S 120 -0.10 -84.82 24.47
CA ASP S 120 0.04 -85.12 23.05
C ASP S 120 1.08 -86.19 22.75
N HIS S 121 1.29 -87.09 23.71
CA HIS S 121 2.15 -88.23 23.46
C HIS S 121 1.33 -89.43 22.98
N GLY S 122 0.01 -89.27 22.87
CA GLY S 122 -0.84 -90.18 22.11
C GLY S 122 -1.62 -91.29 22.80
N LYS S 123 -1.80 -91.17 24.12
CA LYS S 123 -2.54 -92.15 24.93
C LYS S 123 -3.90 -92.56 24.35
N THR S 124 -4.64 -91.51 24.01
CA THR S 124 -5.98 -91.59 23.45
C THR S 124 -5.94 -92.32 22.12
N THR S 125 -4.83 -92.17 21.40
CA THR S 125 -4.69 -92.79 20.10
C THR S 125 -4.52 -94.30 20.26
N LEU S 126 -3.69 -94.70 21.21
CA LEU S 126 -3.57 -96.10 21.64
C LEU S 126 -4.93 -96.70 21.92
N LEU S 127 -5.64 -96.12 22.89
CA LEU S 127 -7.00 -96.59 23.21
C LEU S 127 -7.84 -96.74 21.96
N ASP S 128 -7.77 -95.74 21.09
CA ASP S 128 -8.61 -95.68 19.90
C ASP S 128 -8.32 -96.80 18.91
N LYS S 129 -7.05 -97.05 18.66
CA LYS S 129 -6.69 -98.11 17.76
C LYS S 129 -7.01 -99.48 18.37
N PHE S 130 -6.98 -99.56 19.70
CA PHE S 130 -7.33 -100.83 20.38
C PHE S 130 -8.82 -101.16 20.28
N ARG S 131 -9.65 -100.19 20.65
CA ARG S 131 -11.09 -100.44 20.79
C ARG S 131 -11.83 -100.31 19.47
N LYS S 132 -11.09 -100.00 18.40
CA LYS S 132 -11.65 -99.80 17.06
C LYS S 132 -12.60 -98.60 17.01
N THR S 133 -12.41 -97.64 17.90
CA THR S 133 -13.25 -96.46 17.98
C THR S 133 -12.43 -95.20 17.72
N GLN S 134 -13.05 -94.09 17.34
CA GLN S 134 -12.27 -92.85 17.36
C GLN S 134 -12.83 -91.87 18.40
N VAL S 135 -12.17 -91.74 19.55
CA VAL S 135 -12.57 -90.70 20.48
C VAL S 135 -11.57 -89.52 20.46
N ALA S 136 -10.48 -89.65 19.70
CA ALA S 136 -9.50 -88.56 19.60
C ALA S 136 -10.01 -87.48 18.64
N ALA S 137 -10.81 -87.87 17.66
CA ALA S 137 -11.40 -86.91 16.71
C ALA S 137 -12.61 -86.19 17.31
N VAL S 138 -13.36 -86.89 18.17
CA VAL S 138 -14.58 -86.34 18.75
C VAL S 138 -14.33 -85.41 19.94
N GLU S 139 -13.23 -85.66 20.67
CA GLU S 139 -12.90 -84.94 21.90
C GLU S 139 -12.90 -83.43 21.73
N THR S 140 -13.43 -82.72 22.72
CA THR S 140 -13.50 -81.27 22.63
C THR S 140 -12.11 -80.68 22.83
N GLY S 141 -11.67 -79.89 21.84
CA GLY S 141 -10.36 -79.28 21.84
C GLY S 141 -9.20 -80.22 21.53
N GLY S 142 -9.52 -81.47 21.18
CA GLY S 142 -8.51 -82.50 21.00
C GLY S 142 -7.82 -82.76 22.33
N ILE S 143 -8.59 -82.61 23.41
CA ILE S 143 -8.09 -82.67 24.78
C ILE S 143 -8.79 -83.75 25.61
N THR S 144 -8.03 -84.52 26.36
CA THR S 144 -8.63 -85.46 27.27
C THR S 144 -8.84 -84.74 28.61
N GLN S 145 -10.08 -84.45 28.96
CA GLN S 145 -10.39 -83.76 30.21
C GLN S 145 -10.93 -84.66 31.34
N HIS S 146 -11.14 -85.93 31.03
CA HIS S 146 -11.76 -86.81 32.00
C HIS S 146 -11.05 -88.16 32.14
N ILE S 147 -11.17 -88.78 33.31
CA ILE S 147 -10.75 -90.17 33.43
C ILE S 147 -11.89 -91.01 32.89
N GLY S 148 -11.55 -92.08 32.18
CA GLY S 148 -12.54 -93.01 31.71
C GLY S 148 -11.94 -94.39 31.61
N ALA S 149 -12.80 -95.40 31.68
CA ALA S 149 -12.38 -96.79 31.63
C ALA S 149 -12.84 -97.35 30.29
N PHE S 150 -12.14 -98.36 29.80
CA PHE S 150 -12.52 -99.03 28.57
C PHE S 150 -12.21 -100.52 28.63
N LEU S 151 -13.14 -101.35 28.15
CA LEU S 151 -12.92 -102.78 28.15
C LEU S 151 -12.32 -103.21 26.81
N VAL S 152 -11.13 -103.79 26.85
CA VAL S 152 -10.43 -104.20 25.64
C VAL S 152 -10.09 -105.69 25.64
N SER S 153 -10.55 -106.36 24.60
CA SER S 153 -10.25 -107.77 24.41
C SER S 153 -9.33 -107.93 23.21
N LEU S 154 -8.22 -108.63 23.42
CA LEU S 154 -7.21 -108.82 22.39
C LEU S 154 -7.46 -110.14 21.66
N PRO S 155 -6.66 -110.43 20.61
CA PRO S 155 -6.77 -111.73 19.94
C PRO S 155 -6.49 -112.93 20.86
N SER S 156 -5.52 -112.80 21.76
CA SER S 156 -5.10 -113.91 22.63
C SER S 156 -6.12 -114.26 23.72
N GLY S 157 -7.20 -113.47 23.82
CA GLY S 157 -8.25 -113.71 24.79
C GLY S 157 -8.00 -112.92 26.06
N GLU S 158 -7.10 -111.94 25.94
CA GLU S 158 -6.72 -111.09 27.07
C GLU S 158 -7.74 -109.98 27.29
N LYS S 159 -8.31 -109.95 28.49
CA LYS S 159 -9.24 -108.89 28.88
C LYS S 159 -8.52 -107.85 29.72
N ILE S 160 -8.47 -106.62 29.21
CA ILE S 160 -7.76 -105.55 29.89
C ILE S 160 -8.62 -104.29 30.01
N THR S 161 -8.60 -103.69 31.19
CA THR S 161 -9.33 -102.45 31.45
C THR S 161 -8.41 -101.23 31.42
N PHE S 162 -8.71 -100.29 30.53
CA PHE S 162 -7.85 -99.16 30.26
C PHE S 162 -8.38 -97.86 30.87
N LEU S 163 -7.55 -97.20 31.66
CA LEU S 163 -7.90 -95.89 32.20
C LEU S 163 -7.11 -94.76 31.54
N ASP S 164 -7.82 -93.90 30.82
CA ASP S 164 -7.21 -92.78 30.12
C ASP S 164 -7.10 -91.54 31.03
N THR S 165 -5.86 -91.09 31.26
CA THR S 165 -5.63 -89.91 32.09
C THR S 165 -5.16 -88.67 31.30
N PRO S 166 -5.81 -87.53 31.53
CA PRO S 166 -5.46 -86.22 30.96
C PRO S 166 -4.00 -85.85 31.17
N GLY S 167 -3.44 -85.08 30.25
CA GLY S 167 -2.02 -84.75 30.30
C GLY S 167 -1.64 -83.46 30.98
N HIS S 168 -2.60 -82.59 31.27
CA HIS S 168 -2.31 -81.26 31.80
C HIS S 168 -1.96 -81.28 33.29
N ALA S 169 -1.13 -80.31 33.67
CA ALA S 169 -0.60 -80.23 35.02
C ALA S 169 -1.69 -79.95 36.06
N ALA S 170 -2.84 -79.46 35.57
CA ALA S 170 -3.96 -79.11 36.42
C ALA S 170 -4.67 -80.35 36.98
N PHE S 171 -4.50 -81.48 36.29
CA PHE S 171 -5.27 -82.68 36.59
C PHE S 171 -4.57 -83.70 37.51
N SER S 172 -3.43 -83.33 38.10
CA SER S 172 -2.63 -84.24 38.92
C SER S 172 -3.42 -84.92 40.06
N ALA S 173 -4.56 -84.33 40.42
CA ALA S 173 -5.49 -84.95 41.35
C ALA S 173 -6.08 -86.22 40.73
N MET S 174 -6.34 -86.17 39.43
CA MET S 174 -6.88 -87.31 38.72
C MET S 174 -5.83 -88.39 38.49
N ARG S 175 -4.65 -87.98 38.04
CA ARG S 175 -3.58 -88.92 37.76
C ARG S 175 -3.29 -89.81 38.96
N ALA S 176 -3.17 -89.21 40.14
CA ALA S 176 -2.99 -89.93 41.39
C ALA S 176 -4.04 -91.03 41.56
N ARG S 177 -5.31 -90.69 41.34
CA ARG S 177 -6.38 -91.71 41.38
C ARG S 177 -6.05 -92.89 40.50
N GLY S 178 -5.65 -92.60 39.26
CA GLY S 178 -5.35 -93.63 38.31
C GLY S 178 -4.22 -94.55 38.75
N ALA S 179 -3.34 -94.06 39.61
CA ALA S 179 -2.23 -94.88 40.11
C ALA S 179 -2.68 -95.80 41.25
N GLN S 180 -3.80 -95.47 41.90
CA GLN S 180 -4.25 -96.24 43.06
C GLN S 180 -5.04 -97.50 42.68
N VAL S 181 -5.91 -97.39 41.69
CA VAL S 181 -6.85 -98.47 41.38
C VAL S 181 -6.26 -99.49 40.41
N THR S 182 -5.02 -99.27 39.97
CA THR S 182 -4.50 -100.03 38.84
C THR S 182 -3.45 -101.08 39.16
N ASP S 183 -3.48 -102.13 38.34
CA ASP S 183 -2.49 -103.18 38.32
C ASP S 183 -1.22 -102.73 37.62
N ILE S 184 -1.36 -102.35 36.35
CA ILE S 184 -0.23 -101.95 35.52
C ILE S 184 -0.39 -100.52 35.00
N VAL S 185 0.73 -99.82 34.84
CA VAL S 185 0.66 -98.51 34.17
C VAL S 185 1.54 -98.49 32.92
N VAL S 186 0.96 -98.02 31.82
CA VAL S 186 1.69 -97.80 30.58
C VAL S 186 2.14 -96.35 30.52
N LEU S 187 3.45 -96.14 30.59
CA LEU S 187 4.03 -94.81 30.51
C LEU S 187 4.37 -94.48 29.06
N VAL S 188 3.67 -93.52 28.45
CA VAL S 188 3.88 -93.19 27.05
C VAL S 188 4.77 -91.96 26.86
N VAL S 189 5.90 -92.12 26.18
CA VAL S 189 6.85 -91.02 25.97
C VAL S 189 7.19 -90.84 24.48
N ALA S 190 6.85 -89.69 23.90
CA ALA S 190 7.12 -89.46 22.49
C ALA S 190 8.62 -89.53 22.23
N ALA S 191 8.99 -90.12 21.08
CA ALA S 191 10.40 -90.36 20.78
C ALA S 191 11.13 -89.06 20.47
N ASP S 192 10.45 -88.18 19.74
CA ASP S 192 11.07 -86.95 19.27
C ASP S 192 11.30 -85.96 20.41
N ASP S 193 10.49 -86.09 21.46
CA ASP S 193 10.56 -85.21 22.62
C ASP S 193 11.44 -85.80 23.73
N GLY S 194 10.96 -86.88 24.33
CA GLY S 194 11.64 -87.50 25.45
C GLY S 194 11.00 -87.19 26.78
N VAL S 195 11.75 -87.48 27.84
CA VAL S 195 11.27 -87.26 29.20
C VAL S 195 11.02 -85.79 29.50
N MET S 196 9.84 -85.52 30.05
CA MET S 196 9.42 -84.17 30.35
C MET S 196 8.68 -84.10 31.68
N LYS S 197 8.10 -82.94 31.99
CA LYS S 197 7.49 -82.70 33.30
C LYS S 197 6.38 -83.69 33.69
N GLN S 198 5.36 -83.82 32.85
CA GLN S 198 4.24 -84.72 33.15
C GLN S 198 4.68 -86.18 33.18
N THR S 199 5.68 -86.49 32.38
CA THR S 199 6.29 -87.81 32.40
C THR S 199 6.97 -88.03 33.77
N VAL S 200 7.67 -87.00 34.28
CA VAL S 200 8.31 -87.06 35.60
C VAL S 200 7.30 -87.26 36.75
N GLU S 201 6.22 -86.46 36.71
CA GLU S 201 5.15 -86.58 37.70
C GLU S 201 4.51 -87.96 37.65
N SER S 202 4.22 -88.45 36.44
CA SER S 202 3.62 -89.78 36.25
C SER S 202 4.53 -90.86 36.85
N ILE S 203 5.83 -90.73 36.59
CA ILE S 203 6.84 -91.58 37.20
C ILE S 203 6.73 -91.56 38.71
N GLN S 204 6.57 -90.37 39.29
CA GLN S 204 6.45 -90.27 40.74
C GLN S 204 5.16 -90.93 41.25
N HIS S 205 4.07 -90.80 40.51
CA HIS S 205 2.80 -91.43 40.87
C HIS S 205 2.92 -92.95 40.94
N ALA S 206 3.37 -93.55 39.84
CA ALA S 206 3.49 -95.01 39.78
C ALA S 206 4.63 -95.54 40.65
N LYS S 207 5.58 -94.68 41.00
CA LYS S 207 6.70 -95.05 41.88
C LYS S 207 6.28 -95.05 43.36
N ASP S 208 5.45 -94.08 43.73
CA ASP S 208 4.96 -93.98 45.10
C ASP S 208 3.83 -94.99 45.37
N ALA S 209 3.01 -95.24 44.35
CA ALA S 209 1.89 -96.17 44.49
C ALA S 209 2.31 -97.65 44.32
N GLN S 210 3.59 -97.85 43.99
CA GLN S 210 4.21 -99.17 43.86
C GLN S 210 3.55 -100.08 42.80
N VAL S 211 3.14 -99.46 41.70
CA VAL S 211 2.59 -100.17 40.54
C VAL S 211 3.70 -100.46 39.51
N PRO S 212 3.67 -101.67 38.90
CA PRO S 212 4.55 -102.01 37.77
C PRO S 212 4.30 -101.12 36.55
N ILE S 213 5.39 -100.62 35.97
CA ILE S 213 5.29 -99.72 34.81
C ILE S 213 5.89 -100.34 33.54
N ILE S 214 5.31 -99.98 32.40
CA ILE S 214 5.83 -100.37 31.10
C ILE S 214 6.00 -99.14 30.21
N LEU S 215 7.25 -98.83 29.87
CA LEU S 215 7.56 -97.72 28.97
C LEU S 215 7.23 -98.02 27.52
N ALA S 216 6.35 -97.21 26.93
CA ALA S 216 6.16 -97.24 25.49
C ALA S 216 6.71 -95.95 24.87
N VAL S 217 7.79 -96.08 24.09
CA VAL S 217 8.29 -94.98 23.30
C VAL S 217 7.41 -94.83 22.05
N ASN S 218 6.88 -93.63 21.84
CA ASN S 218 5.87 -93.43 20.81
C ASN S 218 6.34 -92.43 19.75
N LYS S 219 5.66 -92.45 18.59
CA LYS S 219 6.04 -91.68 17.42
C LYS S 219 7.46 -92.05 16.95
N CYS S 220 7.62 -93.31 16.55
CA CYS S 220 8.86 -93.79 15.95
C CYS S 220 8.75 -93.78 14.42
N ASP S 221 7.61 -93.31 13.93
CA ASP S 221 7.38 -93.13 12.50
C ASP S 221 7.80 -91.72 12.11
N LYS S 222 8.36 -91.01 13.08
CA LYS S 222 8.75 -89.62 12.88
C LYS S 222 10.15 -89.53 12.28
N ALA S 223 10.56 -88.30 11.97
CA ALA S 223 11.86 -88.06 11.35
C ALA S 223 12.98 -88.12 12.38
N GLU S 224 12.75 -87.46 13.50
CA GLU S 224 13.78 -87.22 14.51
C GLU S 224 13.77 -88.23 15.65
N ALA S 225 12.93 -89.25 15.53
CA ALA S 225 12.70 -90.23 16.60
C ALA S 225 13.98 -90.92 17.08
N ASP S 226 14.23 -90.82 18.38
CA ASP S 226 15.45 -91.35 19.00
C ASP S 226 15.15 -92.05 20.32
N PRO S 227 14.74 -93.34 20.26
CA PRO S 227 14.44 -94.08 21.50
C PRO S 227 15.61 -94.11 22.50
N GLU S 228 16.83 -93.95 21.99
CA GLU S 228 18.05 -94.00 22.78
C GLU S 228 18.10 -92.89 23.84
N LYS S 229 17.93 -91.65 23.38
CA LYS S 229 17.86 -90.50 24.27
C LYS S 229 16.84 -90.74 25.40
N VAL S 230 15.65 -91.19 25.00
CA VAL S 230 14.57 -91.51 25.95
C VAL S 230 15.03 -92.51 27.02
N LYS S 231 15.72 -93.56 26.58
CA LYS S 231 16.22 -94.56 27.52
C LYS S 231 17.27 -94.00 28.50
N LYS S 232 18.21 -93.20 27.99
CA LYS S 232 19.19 -92.54 28.86
C LYS S 232 18.52 -91.64 29.91
N GLU S 233 17.64 -90.76 29.42
CA GLU S 233 16.91 -89.83 30.28
C GLU S 233 16.11 -90.58 31.34
N LEU S 234 15.63 -91.77 30.96
CA LEU S 234 14.96 -92.65 31.91
C LEU S 234 15.93 -93.15 32.98
N LEU S 235 17.14 -93.52 32.56
CA LEU S 235 18.15 -93.97 33.53
C LEU S 235 18.50 -92.85 34.51
N ALA S 236 18.34 -91.60 34.10
CA ALA S 236 18.57 -90.48 35.02
C ALA S 236 17.63 -90.50 36.24
N TYR S 237 16.37 -90.87 36.01
CA TYR S 237 15.30 -90.85 37.02
C TYR S 237 15.11 -92.17 37.76
N ASP S 238 16.06 -93.09 37.58
CA ASP S 238 16.08 -94.41 38.22
C ASP S 238 14.99 -95.35 37.68
N VAL S 239 14.77 -95.28 36.38
CA VAL S 239 13.96 -96.27 35.67
C VAL S 239 14.88 -96.99 34.69
N VAL S 240 15.03 -98.30 34.86
CA VAL S 240 15.98 -99.06 34.05
C VAL S 240 15.30 -99.89 32.96
N CYS S 241 15.69 -99.61 31.72
CA CYS S 241 15.11 -100.28 30.55
C CYS S 241 15.47 -101.76 30.49
N GLU S 242 14.71 -102.49 29.66
CA GLU S 242 14.88 -103.92 29.45
C GLU S 242 16.20 -104.25 28.74
N ASP S 243 16.78 -103.26 28.05
CA ASP S 243 18.10 -103.43 27.43
C ASP S 243 19.22 -103.30 28.46
N TYR S 244 18.95 -102.59 29.56
CA TYR S 244 19.95 -102.35 30.60
C TYR S 244 19.87 -103.36 31.74
N GLY S 245 18.97 -104.32 31.61
CA GLY S 245 18.85 -105.39 32.59
C GLY S 245 17.73 -105.18 33.59
N GLY S 246 17.29 -103.93 33.71
CA GLY S 246 16.19 -103.56 34.58
C GLY S 246 14.89 -104.22 34.15
N ASP S 247 13.88 -104.15 35.02
CA ASP S 247 12.64 -104.88 34.83
C ASP S 247 11.59 -104.12 34.03
N VAL S 248 11.83 -102.82 33.84
CA VAL S 248 10.92 -101.97 33.07
C VAL S 248 11.05 -102.28 31.59
N GLN S 249 9.93 -102.67 30.98
CA GLN S 249 9.97 -103.19 29.63
C GLN S 249 9.69 -102.12 28.59
N ALA S 250 10.65 -101.95 27.68
CA ALA S 250 10.60 -100.88 26.69
C ALA S 250 10.22 -101.38 25.30
N VAL S 251 9.03 -101.01 24.87
CA VAL S 251 8.55 -101.35 23.55
C VAL S 251 8.35 -100.08 22.72
N PRO S 252 9.24 -99.82 21.75
CA PRO S 252 9.08 -98.68 20.84
C PRO S 252 7.87 -98.85 19.91
N VAL S 253 6.98 -97.86 19.86
CA VAL S 253 5.73 -98.06 19.12
C VAL S 253 5.35 -96.82 18.31
N SER S 254 4.76 -97.03 17.14
CA SER S 254 4.10 -95.92 16.44
C SER S 254 2.59 -96.13 16.48
N ALA S 255 1.89 -95.18 17.09
CA ALA S 255 0.46 -95.29 17.33
C ALA S 255 -0.37 -95.04 16.07
N LEU S 256 0.17 -94.24 15.15
CA LEU S 256 -0.49 -93.95 13.89
C LEU S 256 -0.39 -95.11 12.90
N THR S 257 0.82 -95.65 12.77
CA THR S 257 1.08 -96.73 11.82
C THR S 257 0.93 -98.14 12.43
N GLY S 258 0.79 -98.23 13.75
CA GLY S 258 0.58 -99.52 14.40
C GLY S 258 1.75 -100.48 14.29
N ASP S 259 2.91 -100.04 14.79
CA ASP S 259 4.18 -100.75 14.58
C ASP S 259 4.35 -101.95 15.53
N ASN S 260 4.65 -101.65 16.80
CA ASN S 260 4.90 -102.69 17.79
C ASN S 260 3.71 -103.06 18.66
N LEU S 261 2.52 -102.55 18.32
CA LEU S 261 1.33 -102.67 19.17
C LEU S 261 1.15 -104.05 19.80
N MET S 262 1.43 -105.07 19.00
CA MET S 262 1.43 -106.44 19.46
C MET S 262 2.49 -106.70 20.54
N ALA S 263 3.65 -106.06 20.42
CA ALA S 263 4.76 -106.31 21.35
C ALA S 263 4.50 -105.63 22.69
N LEU S 264 3.80 -104.50 22.66
CA LEU S 264 3.36 -103.83 23.88
C LEU S 264 2.19 -104.58 24.52
N ALA S 265 1.31 -105.12 23.67
CA ALA S 265 0.24 -105.98 24.12
C ALA S 265 0.81 -107.18 24.89
N GLU S 266 1.81 -107.84 24.32
CA GLU S 266 2.46 -109.00 24.96
C GLU S 266 3.37 -108.64 26.13
N ALA S 267 3.91 -107.42 26.17
CA ALA S 267 4.67 -106.93 27.32
C ALA S 267 3.71 -106.87 28.50
N THR S 268 2.53 -106.29 28.24
CA THR S 268 1.50 -106.15 29.27
C THR S 268 0.96 -107.49 29.76
N VAL S 269 0.65 -108.38 28.83
CA VAL S 269 0.23 -109.73 29.17
C VAL S 269 1.27 -110.46 30.02
N ALA S 270 2.53 -110.40 29.61
CA ALA S 270 3.63 -111.08 30.31
C ALA S 270 3.79 -110.52 31.72
N LEU S 271 3.72 -109.20 31.86
CA LEU S 271 3.82 -108.58 33.18
C LEU S 271 2.62 -108.95 34.07
N ALA S 272 1.45 -109.04 33.46
CA ALA S 272 0.20 -109.41 34.13
C ALA S 272 0.26 -110.84 34.71
N GLU S 273 0.76 -111.78 33.89
CA GLU S 273 0.94 -113.16 34.32
C GLU S 273 2.02 -113.24 35.38
N MET S 274 2.98 -112.32 35.28
CA MET S 274 4.10 -112.24 36.23
C MET S 274 3.68 -111.78 37.61
N LEU S 275 2.71 -110.88 37.67
CA LEU S 275 2.20 -110.39 38.95
C LEU S 275 1.34 -111.43 39.69
N GLU S 276 0.70 -112.29 38.89
CA GLU S 276 -0.28 -113.26 39.39
C GLU S 276 -1.42 -112.57 40.12
N LEU S 277 -2.24 -111.85 39.35
CA LEU S 277 -3.35 -111.08 39.90
C LEU S 277 -4.46 -111.98 40.43
N LYS S 278 -4.85 -111.73 41.67
CA LYS S 278 -5.86 -112.55 42.31
C LYS S 278 -7.06 -111.68 42.74
N ALA S 279 -8.25 -112.29 42.76
CA ALA S 279 -9.45 -111.62 43.25
C ALA S 279 -10.45 -112.64 43.83
N ASP S 280 -11.42 -112.15 44.59
CA ASP S 280 -12.45 -113.01 45.18
C ASP S 280 -13.83 -112.69 44.57
N PRO S 281 -14.30 -113.56 43.66
CA PRO S 281 -15.58 -113.40 42.95
C PRO S 281 -16.81 -113.67 43.83
N ASN S 282 -16.64 -114.53 44.83
CA ASN S 282 -17.76 -114.98 45.65
C ASN S 282 -18.15 -114.04 46.79
N GLY S 283 -17.18 -113.33 47.35
CA GLY S 283 -17.45 -112.42 48.46
C GLY S 283 -18.28 -111.22 48.02
N PRO S 284 -18.51 -110.27 48.95
CA PRO S 284 -19.26 -109.04 48.66
C PRO S 284 -18.42 -108.10 47.82
N VAL S 285 -19.01 -106.97 47.47
CA VAL S 285 -18.37 -106.09 46.52
C VAL S 285 -17.49 -105.04 47.20
N GLU S 286 -16.20 -105.12 46.91
CA GLU S 286 -15.32 -104.02 47.21
C GLU S 286 -14.88 -103.41 45.88
N GLY S 287 -14.81 -102.08 45.84
CA GLY S 287 -14.44 -101.37 44.62
C GLY S 287 -13.90 -99.97 44.84
N THR S 288 -13.75 -99.20 43.77
CA THR S 288 -13.32 -97.81 43.86
C THR S 288 -14.05 -96.93 42.82
N VAL S 289 -14.38 -95.70 43.20
CA VAL S 289 -15.10 -94.80 42.30
C VAL S 289 -14.14 -94.02 41.41
N ILE S 290 -14.38 -94.07 40.10
CA ILE S 290 -13.61 -93.25 39.18
C ILE S 290 -14.19 -91.84 39.14
N GLU S 291 -15.36 -91.72 38.51
CA GLU S 291 -16.02 -90.44 38.26
C GLU S 291 -17.52 -90.51 38.54
N SER S 292 -17.98 -89.69 39.49
CA SER S 292 -19.40 -89.56 39.79
C SER S 292 -20.03 -88.38 39.03
N PHE S 293 -21.09 -88.64 38.28
CA PHE S 293 -21.80 -87.57 37.56
C PHE S 293 -23.33 -87.69 37.60
N THR S 294 -23.98 -86.63 37.12
CA THR S 294 -25.44 -86.61 37.12
C THR S 294 -26.04 -86.59 35.73
N ASP S 295 -26.95 -87.53 35.51
CA ASP S 295 -27.70 -87.64 34.28
C ASP S 295 -29.16 -87.33 34.57
N LYS S 296 -29.84 -86.74 33.60
CA LYS S 296 -31.25 -86.42 33.76
C LYS S 296 -32.13 -87.67 33.75
N GLY S 297 -31.88 -88.58 32.82
CA GLY S 297 -32.67 -89.81 32.73
C GLY S 297 -32.28 -90.87 33.73
N ARG S 298 -31.00 -90.95 34.04
CA ARG S 298 -30.47 -91.99 34.92
C ARG S 298 -30.22 -91.56 36.36
N GLY S 299 -30.42 -90.29 36.68
CA GLY S 299 -30.18 -89.81 38.04
C GLY S 299 -28.70 -89.75 38.40
N LEU S 300 -28.38 -90.10 39.64
CA LEU S 300 -26.99 -90.10 40.11
C LEU S 300 -26.27 -91.34 39.63
N VAL S 301 -25.20 -91.15 38.88
CA VAL S 301 -24.47 -92.28 38.33
C VAL S 301 -23.00 -92.21 38.70
N THR S 302 -22.39 -93.37 38.97
CA THR S 302 -20.93 -93.41 39.14
C THR S 302 -20.26 -94.38 38.18
N THR S 303 -18.96 -94.17 37.98
CA THR S 303 -18.14 -95.11 37.22
C THR S 303 -17.17 -95.80 38.18
N ALA S 304 -17.28 -97.12 38.31
CA ALA S 304 -16.49 -97.87 39.29
C ALA S 304 -15.74 -99.07 38.72
N ILE S 305 -14.50 -99.24 39.18
CA ILE S 305 -13.72 -100.46 38.93
C ILE S 305 -13.93 -101.38 40.12
N ILE S 306 -14.57 -102.52 39.88
CA ILE S 306 -14.79 -103.49 40.95
C ILE S 306 -13.45 -104.10 41.32
N GLN S 307 -13.07 -104.00 42.60
CA GLN S 307 -11.83 -104.60 43.05
C GLN S 307 -12.05 -106.09 43.19
N ARG S 308 -12.96 -106.47 44.07
CA ARG S 308 -13.34 -107.87 44.20
C ARG S 308 -14.83 -108.00 44.46
N GLY S 309 -15.34 -109.20 44.26
CA GLY S 309 -16.75 -109.46 44.46
C GLY S 309 -17.53 -109.29 43.19
N THR S 310 -18.60 -110.06 43.09
CA THR S 310 -19.52 -109.96 41.96
C THR S 310 -20.67 -109.03 42.34
N LEU S 311 -20.95 -108.06 41.48
CA LEU S 311 -22.06 -107.16 41.70
C LEU S 311 -23.28 -107.64 40.94
N ARG S 312 -24.41 -107.72 41.65
CA ARG S 312 -25.65 -108.15 41.00
C ARG S 312 -26.78 -107.14 41.25
N LYS S 313 -27.68 -107.06 40.28
CA LYS S 313 -28.75 -106.06 40.25
C LYS S 313 -29.62 -106.06 41.51
N GLY S 314 -29.75 -104.90 42.14
CA GLY S 314 -30.59 -104.76 43.32
C GLY S 314 -29.81 -104.87 44.63
N SER S 315 -28.49 -104.78 44.55
CA SER S 315 -27.66 -104.85 45.74
C SER S 315 -27.65 -103.51 46.48
N VAL S 316 -26.96 -103.47 47.61
CA VAL S 316 -26.90 -102.25 48.41
C VAL S 316 -25.46 -101.89 48.74
N LEU S 317 -25.05 -100.72 48.25
CA LEU S 317 -23.67 -100.27 48.33
C LEU S 317 -23.51 -99.02 49.17
N VAL S 318 -22.34 -98.88 49.75
CA VAL S 318 -22.00 -97.69 50.51
C VAL S 318 -20.66 -97.13 50.08
N ALA S 319 -20.64 -95.86 49.67
CA ALA S 319 -19.40 -95.19 49.33
C ALA S 319 -19.34 -93.80 49.98
N GLY S 320 -18.22 -93.57 50.66
CA GLY S 320 -17.98 -92.32 51.37
C GLY S 320 -19.09 -92.08 52.37
N LYS S 321 -19.73 -90.92 52.28
CA LYS S 321 -20.83 -90.59 53.19
C LYS S 321 -22.21 -90.87 52.64
N CYS S 322 -22.27 -91.49 51.46
CA CYS S 322 -23.56 -91.78 50.83
C CYS S 322 -23.73 -93.26 50.49
N TRP S 323 -24.97 -93.65 50.21
CA TRP S 323 -25.28 -95.05 49.87
C TRP S 323 -26.18 -95.14 48.63
N ALA S 324 -26.34 -96.36 48.11
CA ALA S 324 -27.20 -96.60 46.95
C ALA S 324 -27.81 -98.01 46.90
N LYS S 325 -28.98 -98.10 46.29
CA LYS S 325 -29.55 -99.36 45.82
C LYS S 325 -29.38 -99.46 44.32
N VAL S 326 -28.65 -100.46 43.83
CA VAL S 326 -28.39 -100.50 42.38
C VAL S 326 -29.65 -100.80 41.60
N ARG S 327 -30.00 -99.88 40.71
CA ARG S 327 -31.17 -100.04 39.86
C ARG S 327 -30.74 -100.60 38.50
N LEU S 328 -29.94 -99.82 37.78
CA LEU S 328 -29.39 -100.25 36.49
C LEU S 328 -27.88 -100.06 36.46
N MET S 329 -27.14 -101.15 36.42
CA MET S 329 -25.72 -101.04 36.18
C MET S 329 -25.48 -101.24 34.69
N PHE S 330 -24.62 -100.41 34.09
CA PHE S 330 -24.47 -100.44 32.65
C PHE S 330 -23.02 -100.34 32.18
N ASP S 331 -22.83 -100.35 30.87
CA ASP S 331 -21.52 -100.21 30.28
C ASP S 331 -21.50 -98.99 29.36
N GLU S 332 -20.30 -98.51 29.03
CA GLU S 332 -20.12 -97.17 28.45
C GLU S 332 -20.70 -97.00 27.05
N ASN S 333 -20.90 -98.11 26.36
CA ASN S 333 -21.44 -98.07 25.01
C ASN S 333 -22.95 -98.07 25.05
N GLY S 334 -23.51 -98.08 26.26
CA GLY S 334 -24.95 -98.06 26.46
C GLY S 334 -25.53 -99.38 26.93
N LYS S 335 -24.76 -100.45 26.81
CA LYS S 335 -25.20 -101.80 27.21
C LYS S 335 -25.58 -101.87 28.68
N THR S 336 -26.71 -102.52 28.95
CA THR S 336 -27.08 -102.81 30.33
C THR S 336 -26.60 -104.22 30.66
N ILE S 337 -25.60 -104.31 31.54
CA ILE S 337 -25.00 -105.59 31.86
C ILE S 337 -25.55 -106.12 33.19
N ASP S 338 -25.82 -107.42 33.23
CA ASP S 338 -26.48 -108.03 34.37
C ASP S 338 -25.52 -108.34 35.51
N GLU S 339 -24.26 -108.58 35.17
CA GLU S 339 -23.25 -108.89 36.17
C GLU S 339 -21.96 -108.12 35.95
N ALA S 340 -21.28 -107.89 37.06
CA ALA S 340 -19.95 -107.29 37.04
C ALA S 340 -19.02 -108.16 37.87
N TYR S 341 -17.80 -108.34 37.40
CA TYR S 341 -16.84 -109.19 38.10
C TYR S 341 -15.64 -108.36 38.52
N PRO S 342 -14.72 -108.95 39.30
CA PRO S 342 -13.50 -108.21 39.64
C PRO S 342 -12.78 -107.59 38.43
N SER S 343 -12.33 -106.35 38.59
CA SER S 343 -11.58 -105.57 37.60
C SER S 343 -12.42 -105.03 36.42
N MET S 344 -13.71 -105.36 36.37
CA MET S 344 -14.56 -104.80 35.32
C MET S 344 -15.04 -103.37 35.65
N PRO S 345 -14.85 -102.44 34.70
CA PRO S 345 -15.44 -101.10 34.80
C PRO S 345 -16.95 -101.12 34.60
N VAL S 346 -17.69 -100.45 35.47
CA VAL S 346 -19.15 -100.47 35.41
C VAL S 346 -19.75 -99.14 35.87
N GLY S 347 -20.78 -98.67 35.15
CA GLY S 347 -21.58 -97.56 35.65
C GLY S 347 -22.63 -98.10 36.60
N ILE S 348 -22.90 -97.36 37.68
CA ILE S 348 -23.87 -97.76 38.71
C ILE S 348 -24.84 -96.62 39.00
N THR S 349 -26.11 -96.99 39.09
CA THR S 349 -27.22 -96.05 39.23
C THR S 349 -27.94 -96.31 40.56
N GLY S 350 -28.62 -95.30 41.10
CA GLY S 350 -29.37 -95.45 42.34
C GLY S 350 -28.75 -94.82 43.58
N TRP S 351 -27.74 -93.97 43.38
CA TRP S 351 -27.16 -93.20 44.48
C TRP S 351 -28.09 -92.11 44.98
N ARG S 352 -28.20 -92.01 46.30
CA ARG S 352 -28.98 -90.94 46.94
C ARG S 352 -28.18 -89.65 46.96
N ASP S 353 -26.92 -89.74 47.39
CA ASP S 353 -26.00 -88.60 47.29
C ASP S 353 -24.82 -89.01 46.42
N LEU S 354 -24.18 -88.04 45.77
CA LEU S 354 -23.02 -88.35 44.94
C LEU S 354 -21.79 -88.60 45.81
N PRO S 355 -21.06 -89.68 45.52
CA PRO S 355 -19.80 -90.02 46.20
C PRO S 355 -18.63 -89.15 45.75
N SER S 356 -17.73 -88.84 46.66
CA SER S 356 -16.50 -88.12 46.33
C SER S 356 -15.63 -89.06 45.50
N ALA S 357 -15.24 -88.65 44.30
CA ALA S 357 -14.49 -89.54 43.42
C ALA S 357 -13.13 -89.87 44.05
N GLY S 358 -12.65 -91.08 43.78
CA GLY S 358 -11.48 -91.62 44.45
C GLY S 358 -11.84 -92.37 45.72
N GLU S 359 -13.12 -92.72 45.87
CA GLU S 359 -13.62 -93.37 47.09
C GLU S 359 -13.72 -94.88 46.93
N GLU S 360 -13.48 -95.63 48.00
CA GLU S 360 -13.70 -97.08 47.97
C GLU S 360 -15.15 -97.41 48.28
N ILE S 361 -15.68 -98.41 47.57
CA ILE S 361 -17.05 -98.87 47.74
C ILE S 361 -17.08 -100.15 48.52
N LEU S 362 -17.95 -100.22 49.53
CA LEU S 362 -18.16 -101.46 50.26
C LEU S 362 -19.64 -101.84 50.25
N GLU S 363 -19.92 -103.11 49.98
CA GLU S 363 -21.29 -103.59 49.94
C GLU S 363 -21.80 -103.95 51.33
N VAL S 364 -23.02 -103.53 51.64
CA VAL S 364 -23.64 -103.90 52.89
C VAL S 364 -24.77 -104.93 52.71
N GLU S 365 -25.32 -105.39 53.82
CA GLU S 365 -26.33 -106.45 53.80
C GLU S 365 -27.72 -105.94 53.43
N SER S 366 -28.15 -104.88 54.11
CA SER S 366 -29.49 -104.34 53.90
C SER S 366 -29.49 -102.81 54.02
N GLU S 367 -30.66 -102.20 53.82
CA GLU S 367 -30.78 -100.74 53.85
C GLU S 367 -30.55 -100.11 55.23
N PRO S 368 -31.19 -100.65 56.30
CA PRO S 368 -30.94 -100.02 57.60
C PRO S 368 -29.48 -100.10 58.04
N ARG S 369 -28.83 -101.21 57.69
CA ARG S 369 -27.39 -101.38 57.93
C ARG S 369 -26.59 -100.29 57.20
N ALA S 370 -26.96 -100.03 55.95
CA ALA S 370 -26.35 -98.97 55.15
C ALA S 370 -26.49 -97.61 55.85
N ARG S 371 -27.69 -97.34 56.36
CA ARG S 371 -27.94 -96.09 57.05
C ARG S 371 -27.14 -95.99 58.36
N GLU S 372 -26.99 -97.11 59.05
CA GLU S 372 -26.08 -97.19 60.19
C GLU S 372 -24.67 -96.75 59.79
N VAL S 373 -24.19 -97.30 58.68
CA VAL S 373 -22.86 -96.93 58.18
C VAL S 373 -22.78 -95.41 57.94
N VAL S 374 -23.68 -94.90 57.11
CA VAL S 374 -23.77 -93.47 56.80
C VAL S 374 -23.71 -92.62 58.07
N ASP S 375 -24.69 -92.82 58.95
CA ASP S 375 -24.77 -92.13 60.23
C ASP S 375 -23.44 -92.15 61.01
N TRP S 376 -22.80 -93.32 61.09
CA TRP S 376 -21.58 -93.39 61.89
C TRP S 376 -20.46 -92.55 61.28
N ARG S 377 -20.32 -92.61 59.95
CA ARG S 377 -19.30 -91.78 59.29
C ARG S 377 -19.56 -90.28 59.46
N LYS S 378 -20.82 -89.87 59.31
CA LYS S 378 -21.22 -88.50 59.58
C LYS S 378 -20.86 -88.05 60.99
N TYR S 379 -21.39 -88.77 61.97
CA TYR S 379 -21.14 -88.46 63.38
C TYR S 379 -19.65 -88.30 63.66
N GLU S 380 -18.87 -89.26 63.21
CA GLU S 380 -17.41 -89.21 63.29
C GLU S 380 -16.83 -87.88 62.76
N GLN S 381 -17.05 -87.62 61.48
CA GLN S 381 -16.51 -86.41 60.84
C GLN S 381 -16.94 -85.12 61.55
N GLU S 382 -18.20 -85.06 61.96
CA GLU S 382 -18.70 -83.95 62.73
C GLU S 382 -18.02 -83.83 64.09
N GLN S 383 -17.56 -84.95 64.64
CA GLN S 383 -16.83 -84.89 65.90
C GLN S 383 -15.48 -84.22 65.66
N GLU S 384 -14.77 -84.67 64.62
CA GLU S 384 -13.49 -84.04 64.27
C GLU S 384 -13.64 -82.53 64.07
N LYS S 385 -14.52 -82.17 63.13
CA LYS S 385 -14.81 -80.77 62.85
C LYS S 385 -15.16 -80.02 64.12
N GLY S 386 -16.00 -80.64 64.95
CA GLY S 386 -16.38 -80.11 66.25
C GLY S 386 -15.19 -79.82 67.16
N GLN S 387 -14.17 -80.65 67.08
CA GLN S 387 -12.97 -80.44 67.90
C GLN S 387 -12.20 -79.22 67.40
N GLU S 388 -11.88 -79.20 66.11
CA GLU S 388 -11.16 -78.05 65.54
C GLU S 388 -11.86 -76.72 65.86
N ASP S 389 -13.16 -76.68 65.55
CA ASP S 389 -13.99 -75.53 65.84
C ASP S 389 -14.00 -75.21 67.34
N LEU S 390 -13.98 -76.24 68.18
CA LEU S 390 -13.91 -76.02 69.63
C LEU S 390 -12.66 -75.24 70.02
N LYS S 391 -11.51 -75.62 69.44
CA LYS S 391 -10.27 -74.92 69.73
C LYS S 391 -10.34 -73.45 69.27
N ILE S 392 -10.77 -73.24 68.03
CA ILE S 392 -10.95 -71.87 67.52
C ILE S 392 -11.84 -71.00 68.44
N ILE S 393 -13.03 -71.51 68.76
CA ILE S 393 -13.99 -70.80 69.60
C ILE S 393 -13.41 -70.51 70.99
N GLU S 394 -12.76 -71.50 71.60
CA GLU S 394 -12.07 -71.30 72.87
C GLU S 394 -11.11 -70.10 72.81
N GLU S 395 -10.33 -70.04 71.74
CA GLU S 395 -9.41 -68.93 71.56
C GLU S 395 -10.14 -67.59 71.52
N LYS S 396 -11.15 -67.46 70.66
CA LYS S 396 -11.87 -66.20 70.53
C LYS S 396 -12.53 -65.74 71.84
N ARG S 397 -13.19 -66.69 72.52
CA ARG S 397 -13.89 -66.37 73.75
C ARG S 397 -12.92 -66.09 74.91
N LYS S 398 -11.69 -66.59 74.79
CA LYS S 398 -10.65 -66.28 75.75
C LYS S 398 -10.10 -64.88 75.49
N GLU S 399 -10.06 -64.46 74.23
CA GLU S 399 -9.75 -63.08 73.89
C GLU S 399 -10.77 -62.13 74.50
N HIS S 400 -12.05 -62.48 74.40
CA HIS S 400 -13.08 -61.62 75.00
C HIS S 400 -13.05 -61.67 76.53
N LYS S 401 -12.78 -62.84 77.10
CA LYS S 401 -12.66 -62.98 78.55
C LYS S 401 -11.53 -62.10 79.09
N GLU S 402 -10.39 -62.18 78.43
CA GLU S 402 -9.24 -61.31 78.73
C GLU S 402 -9.56 -59.82 78.57
N ALA S 403 -10.25 -59.44 77.49
CA ALA S 403 -10.64 -58.04 77.27
C ALA S 403 -11.61 -57.55 78.35
N HIS S 404 -12.38 -58.47 78.90
CA HIS S 404 -13.32 -58.15 79.97
C HIS S 404 -12.58 -57.97 81.30
N GLN S 405 -11.66 -58.89 81.59
CA GLN S 405 -10.79 -58.75 82.77
C GLN S 405 -10.08 -57.40 82.72
N LYS S 406 -9.63 -57.01 81.52
CA LYS S 406 -9.06 -55.68 81.29
C LYS S 406 -10.06 -54.58 81.67
N ALA S 407 -11.14 -54.49 80.91
CA ALA S 407 -12.11 -53.40 81.06
C ALA S 407 -12.66 -53.27 82.49
N ARG S 408 -12.70 -54.38 83.23
CA ARG S 408 -13.20 -54.35 84.61
C ARG S 408 -12.11 -54.04 85.64
N GLU S 409 -11.10 -54.92 85.72
CA GLU S 409 -10.06 -54.81 86.74
C GLU S 409 -9.15 -53.59 86.55
N LYS S 410 -8.89 -53.20 85.31
CA LYS S 410 -8.03 -52.02 85.04
C LYS S 410 -8.69 -50.73 85.51
N TYR S 411 -10.02 -50.72 85.46
CA TYR S 411 -10.83 -49.53 85.73
C TYR S 411 -11.31 -49.43 87.18
N GLY S 412 -10.71 -50.22 88.07
CA GLY S 412 -10.94 -50.02 89.49
C GLY S 412 -12.25 -50.47 90.08
N HIS S 413 -12.48 -51.78 90.04
CA HIS S 413 -13.62 -52.40 90.69
C HIS S 413 -13.79 -51.93 92.14
N LEU S 414 -15.00 -51.50 92.47
CA LEU S 414 -15.37 -51.10 93.83
C LEU S 414 -16.68 -51.78 94.24
N LEU S 415 -17.75 -51.29 93.63
CA LEU S 415 -19.07 -51.92 93.63
C LEU S 415 -19.54 -51.80 92.17
N TRP S 416 -20.58 -52.52 91.74
CA TRP S 416 -20.99 -52.42 90.33
C TRP S 416 -21.69 -51.08 90.02
N LYS S 417 -22.22 -50.43 91.06
CA LYS S 417 -22.78 -49.08 90.92
C LYS S 417 -21.66 -48.07 90.82
N LYS S 418 -20.67 -48.23 91.68
CA LYS S 418 -19.49 -47.37 91.69
C LYS S 418 -18.62 -47.64 90.46
N ARG S 419 -18.79 -48.81 89.84
CA ARG S 419 -18.19 -49.14 88.56
C ARG S 419 -18.96 -48.50 87.39
N SER S 420 -20.28 -48.39 87.53
CA SER S 420 -21.07 -47.65 86.55
C SER S 420 -20.80 -46.13 86.63
N ILE S 421 -20.39 -45.66 87.81
CA ILE S 421 -19.97 -44.27 87.96
C ILE S 421 -18.51 -44.06 87.49
N LEU S 422 -17.66 -45.04 87.76
CA LEU S 422 -16.23 -44.99 87.41
C LEU S 422 -15.98 -45.46 85.97
N ARG S 423 -17.07 -45.76 85.27
CA ARG S 423 -17.01 -46.11 83.86
C ARG S 423 -17.13 -44.84 83.01
N PHE S 424 -17.13 -43.68 83.66
CA PHE S 424 -17.08 -42.39 82.96
C PHE S 424 -15.65 -41.84 82.89
N LEU S 425 -14.70 -42.62 83.40
CA LEU S 425 -13.28 -42.32 83.24
C LEU S 425 -12.87 -42.55 81.78
N GLU S 426 -13.23 -43.71 81.23
CA GLU S 426 -13.32 -43.89 79.79
C GLU S 426 -14.79 -43.77 79.42
N ARG S 427 -15.14 -42.65 78.80
CA ARG S 427 -16.53 -42.26 78.54
C ARG S 427 -16.82 -42.40 77.06
N LYS S 428 -16.09 -41.60 76.28
CA LYS S 428 -16.22 -41.61 74.84
C LYS S 428 -15.54 -42.85 74.32
N GLU S 429 -16.33 -43.70 73.66
CA GLU S 429 -15.84 -44.94 73.10
C GLU S 429 -16.11 -44.94 71.61
N GLN S 430 -15.04 -44.86 70.82
CA GLN S 430 -15.21 -44.90 69.37
C GLN S 430 -14.81 -46.27 68.81
N ILE S 431 -15.84 -47.05 68.46
CA ILE S 431 -15.69 -48.35 67.80
C ILE S 431 -16.80 -48.47 66.75
N PRO S 432 -16.44 -48.65 65.47
CA PRO S 432 -17.46 -48.67 64.42
C PRO S 432 -17.61 -50.06 63.81
N LEU S 433 -18.76 -50.69 64.05
CA LEU S 433 -19.07 -51.99 63.47
C LEU S 433 -20.32 -51.95 62.58
N LYS S 434 -20.13 -52.22 61.29
CA LYS S 434 -21.22 -52.22 60.32
C LYS S 434 -21.54 -53.64 59.85
N PRO S 435 -22.83 -53.99 59.85
CA PRO S 435 -23.28 -55.34 59.53
C PRO S 435 -23.67 -55.52 58.06
N LYS S 436 -23.56 -54.45 57.27
CA LYS S 436 -23.96 -54.48 55.86
C LYS S 436 -22.95 -55.24 54.99
N GLU S 437 -23.41 -55.70 53.82
CA GLU S 437 -22.61 -56.58 52.97
C GLU S 437 -21.81 -55.83 51.89
N LYS S 438 -21.96 -54.51 51.86
CA LYS S 438 -21.26 -53.67 50.87
C LYS S 438 -19.93 -53.14 51.41
N ARG S 439 -19.54 -53.58 52.60
CA ARG S 439 -18.32 -53.12 53.26
C ARG S 439 -17.05 -53.68 52.63
N GLU S 440 -17.10 -54.93 52.14
CA GLU S 440 -15.93 -55.55 51.53
C GLU S 440 -15.87 -55.40 50.01
N ARG S 441 -16.85 -54.72 49.41
CA ARG S 441 -16.88 -54.55 47.95
C ARG S 441 -15.71 -53.70 47.46
N ASP S 442 -15.28 -52.74 48.28
CA ASP S 442 -14.13 -51.89 47.98
C ASP S 442 -12.80 -52.61 48.22
N SER S 443 -12.82 -53.65 49.07
CA SER S 443 -11.66 -54.49 49.29
C SER S 443 -11.55 -55.55 48.18
N ASN S 444 -12.53 -55.50 47.28
CA ASN S 444 -12.57 -56.32 46.06
C ASN S 444 -12.51 -57.82 46.32
N VAL S 445 -13.60 -58.36 46.86
CA VAL S 445 -13.75 -59.80 46.99
C VAL S 445 -14.48 -60.34 45.78
N LEU S 446 -14.10 -61.53 45.32
CA LEU S 446 -14.74 -62.17 44.18
C LEU S 446 -15.55 -63.42 44.59
N SER S 447 -16.87 -63.37 44.42
CA SER S 447 -17.67 -64.54 44.74
C SER S 447 -17.89 -65.41 43.50
N VAL S 448 -17.54 -66.68 43.63
CA VAL S 448 -17.52 -67.56 42.48
C VAL S 448 -18.30 -68.85 42.72
N ILE S 449 -19.19 -69.17 41.78
CA ILE S 449 -19.88 -70.44 41.81
C ILE S 449 -19.34 -71.36 40.71
N ILE S 450 -18.96 -72.57 41.10
CA ILE S 450 -18.45 -73.55 40.14
C ILE S 450 -19.37 -74.75 39.97
N LYS S 451 -19.80 -74.95 38.73
CA LYS S 451 -20.56 -76.11 38.32
C LYS S 451 -19.81 -76.87 37.24
N GLY S 452 -19.33 -78.07 37.59
CA GLY S 452 -18.68 -78.94 36.62
C GLY S 452 -19.58 -80.09 36.21
N ASP S 453 -19.14 -80.85 35.21
CA ASP S 453 -19.90 -82.02 34.78
C ASP S 453 -19.66 -83.22 35.67
N VAL S 454 -18.40 -83.42 36.03
CA VAL S 454 -18.06 -84.58 36.83
C VAL S 454 -17.26 -84.14 38.05
N ASP S 455 -17.23 -85.02 39.05
CA ASP S 455 -16.63 -84.72 40.34
C ASP S 455 -15.16 -84.37 40.19
N GLY S 456 -14.45 -85.18 39.41
CA GLY S 456 -13.01 -85.01 39.22
C GLY S 456 -12.64 -83.63 38.67
N SER S 457 -13.41 -83.18 37.68
CA SER S 457 -13.20 -81.87 37.09
C SER S 457 -13.39 -80.76 38.12
N VAL S 458 -14.50 -80.83 38.87
CA VAL S 458 -14.80 -79.87 39.93
C VAL S 458 -13.66 -79.80 40.92
N GLU S 459 -13.14 -80.96 41.33
CA GLU S 459 -11.99 -81.01 42.24
C GLU S 459 -10.74 -80.38 41.66
N ALA S 460 -10.47 -80.63 40.37
CA ALA S 460 -9.39 -79.97 39.66
C ALA S 460 -9.51 -78.46 39.82
N ILE S 461 -10.72 -77.96 39.56
CA ILE S 461 -10.97 -76.52 39.64
C ILE S 461 -10.74 -76.00 41.06
N LEU S 462 -11.22 -76.73 42.07
CA LEU S 462 -11.04 -76.32 43.47
C LEU S 462 -9.59 -76.33 43.95
N ASN S 463 -8.78 -77.24 43.39
CA ASN S 463 -7.37 -77.28 43.73
C ASN S 463 -6.64 -76.11 43.07
N ILE S 464 -6.95 -75.88 41.80
CA ILE S 464 -6.44 -74.69 41.10
C ILE S 464 -6.78 -73.41 41.88
N ILE S 465 -7.95 -73.38 42.50
CA ILE S 465 -8.33 -72.24 43.34
C ILE S 465 -7.56 -72.24 44.67
N ASP S 466 -7.29 -73.43 45.18
CA ASP S 466 -6.51 -73.58 46.41
C ASP S 466 -5.09 -73.05 46.21
N THR S 467 -4.61 -73.06 44.97
CA THR S 467 -3.26 -72.55 44.65
C THR S 467 -3.14 -71.00 44.76
N TYR S 468 -4.24 -70.31 45.04
CA TYR S 468 -4.26 -68.85 44.95
C TYR S 468 -3.42 -68.18 46.05
N ASP S 469 -2.38 -67.46 45.63
CA ASP S 469 -1.38 -66.94 46.58
C ASP S 469 -1.52 -65.48 47.04
N ALA S 470 -2.29 -64.64 46.35
CA ALA S 470 -2.30 -63.23 46.75
C ALA S 470 -3.66 -62.74 47.26
N SER S 471 -3.78 -62.61 48.59
CA SER S 471 -5.02 -62.16 49.22
C SER S 471 -5.00 -60.68 49.61
N HIS S 472 -3.86 -60.02 49.42
CA HIS S 472 -3.78 -58.59 49.70
C HIS S 472 -4.22 -57.80 48.47
N GLU S 473 -4.31 -58.50 47.34
CA GLU S 473 -4.79 -57.93 46.08
C GLU S 473 -6.31 -57.98 46.01
N CYS S 474 -6.83 -59.20 45.87
CA CYS S 474 -8.24 -59.53 45.99
C CYS S 474 -8.41 -60.78 46.83
N GLU S 475 -9.66 -61.17 47.06
CA GLU S 475 -9.96 -62.42 47.75
C GLU S 475 -10.92 -63.30 46.95
N LEU S 476 -10.41 -64.47 46.56
CA LEU S 476 -11.20 -65.45 45.84
C LEU S 476 -12.01 -66.25 46.84
N GLU S 477 -13.32 -66.16 46.73
CA GLU S 477 -14.18 -66.87 47.66
C GLU S 477 -15.16 -67.75 46.93
N LEU S 478 -15.04 -69.05 47.19
CA LEU S 478 -15.89 -70.03 46.55
C LEU S 478 -17.09 -70.28 47.43
N VAL S 479 -18.25 -69.79 46.98
CA VAL S 479 -19.48 -69.93 47.74
C VAL S 479 -20.10 -71.33 47.61
N HIS S 480 -20.22 -71.80 46.38
CA HIS S 480 -20.93 -73.03 46.10
C HIS S 480 -20.22 -73.83 45.02
N PHE S 481 -19.89 -75.09 45.31
CA PHE S 481 -19.33 -75.95 44.29
C PHE S 481 -20.20 -77.19 44.16
N GLY S 482 -20.67 -77.45 42.95
CA GLY S 482 -21.62 -78.52 42.76
C GLY S 482 -21.57 -79.15 41.39
N VAL S 483 -22.07 -80.37 41.31
CA VAL S 483 -22.09 -81.13 40.07
C VAL S 483 -23.47 -81.02 39.41
N GLY S 484 -23.49 -80.93 38.09
CA GLY S 484 -24.73 -80.79 37.36
C GLY S 484 -24.88 -79.40 36.78
N ASP S 485 -25.84 -79.24 35.88
CA ASP S 485 -26.04 -77.96 35.16
C ASP S 485 -26.55 -76.86 36.08
N VAL S 486 -26.42 -75.61 35.62
CA VAL S 486 -26.77 -74.45 36.45
C VAL S 486 -28.27 -74.35 36.67
N SER S 487 -28.68 -74.32 37.92
CA SER S 487 -30.10 -74.19 38.28
C SER S 487 -30.42 -72.77 38.73
N ALA S 488 -31.67 -72.54 39.13
CA ALA S 488 -32.10 -71.23 39.58
C ALA S 488 -31.57 -70.95 40.99
N ASN S 489 -31.39 -72.02 41.76
CA ASN S 489 -30.81 -71.92 43.09
C ASN S 489 -29.43 -71.25 43.04
N ASP S 490 -28.59 -71.74 42.14
CA ASP S 490 -27.25 -71.21 41.92
C ASP S 490 -27.30 -69.75 41.48
N VAL S 491 -28.26 -69.44 40.63
CA VAL S 491 -28.45 -68.06 40.20
C VAL S 491 -28.75 -67.17 41.41
N ASN S 492 -29.60 -67.64 42.31
CA ASN S 492 -29.91 -66.89 43.52
C ASN S 492 -28.68 -66.67 44.39
N LEU S 493 -28.01 -67.76 44.76
CA LEU S 493 -26.78 -67.67 45.54
C LEU S 493 -25.82 -66.65 44.94
N ALA S 494 -25.70 -66.71 43.62
CA ALA S 494 -24.77 -65.85 42.89
C ALA S 494 -25.19 -64.39 43.00
N GLU S 495 -26.47 -64.13 42.80
CA GLU S 495 -27.00 -62.78 42.89
C GLU S 495 -26.79 -62.15 44.28
N THR S 496 -27.03 -62.95 45.32
CA THR S 496 -27.00 -62.39 46.67
C THR S 496 -25.59 -62.00 47.10
N PHE S 497 -24.58 -62.70 46.57
CA PHE S 497 -23.18 -62.39 46.83
C PHE S 497 -22.49 -61.58 45.73
N ASP S 498 -23.23 -61.22 44.68
CA ASP S 498 -22.65 -60.67 43.44
C ASP S 498 -21.67 -61.65 42.83
N GLY S 499 -22.19 -62.81 42.47
CA GLY S 499 -21.34 -63.90 42.03
C GLY S 499 -21.20 -64.06 40.54
N VAL S 500 -20.15 -64.78 40.17
CA VAL S 500 -19.95 -65.25 38.81
C VAL S 500 -20.21 -66.73 38.80
N ILE S 501 -21.00 -67.21 37.86
CA ILE S 501 -21.19 -68.64 37.75
C ILE S 501 -20.32 -69.22 36.65
N TYR S 502 -19.35 -70.03 37.03
CA TYR S 502 -18.49 -70.68 36.05
C TYR S 502 -18.90 -72.12 35.83
N GLY S 503 -19.52 -72.38 34.68
CA GLY S 503 -19.88 -73.74 34.32
C GLY S 503 -18.72 -74.46 33.64
N PHE S 504 -18.60 -75.76 33.92
CA PHE S 504 -17.64 -76.62 33.23
C PHE S 504 -18.37 -77.79 32.56
N ASN S 505 -18.41 -77.77 31.23
CA ASN S 505 -19.14 -78.77 30.44
C ASN S 505 -20.60 -78.95 30.86
N VAL S 506 -21.20 -77.91 31.42
CA VAL S 506 -22.58 -77.96 31.87
C VAL S 506 -23.48 -77.17 30.93
N ASN S 507 -24.76 -77.06 31.26
CA ASN S 507 -25.71 -76.34 30.39
C ASN S 507 -26.50 -75.26 31.14
N ALA S 508 -26.90 -74.21 30.43
CA ALA S 508 -27.79 -73.19 30.98
C ALA S 508 -28.96 -72.96 30.03
N GLY S 509 -30.17 -73.22 30.51
CA GLY S 509 -31.36 -73.14 29.68
C GLY S 509 -31.78 -71.72 29.40
N ASN S 510 -32.99 -71.56 28.88
CA ASN S 510 -33.52 -70.22 28.61
C ASN S 510 -34.01 -69.54 29.88
N VAL S 511 -34.74 -70.30 30.68
CA VAL S 511 -35.27 -69.81 31.96
C VAL S 511 -34.18 -69.28 32.89
N ILE S 512 -33.15 -70.11 33.11
CA ILE S 512 -32.00 -69.76 33.93
C ILE S 512 -31.28 -68.50 33.44
N GLN S 513 -31.15 -68.36 32.12
CA GLN S 513 -30.44 -67.22 31.54
C GLN S 513 -31.24 -65.92 31.59
N GLN S 514 -32.55 -65.98 31.33
CA GLN S 514 -33.38 -64.79 31.48
C GLN S 514 -33.46 -64.38 32.95
N SER S 515 -33.53 -65.36 33.84
CA SER S 515 -33.54 -65.08 35.29
C SER S 515 -32.24 -64.39 35.73
N ALA S 516 -31.11 -64.97 35.35
CA ALA S 516 -29.81 -64.39 35.66
C ALA S 516 -29.66 -63.00 35.04
N ALA S 517 -30.28 -62.80 33.87
CA ALA S 517 -30.26 -61.49 33.20
C ALA S 517 -31.06 -60.46 34.00
N LYS S 518 -32.17 -60.90 34.59
CA LYS S 518 -32.98 -60.04 35.45
C LYS S 518 -32.26 -59.67 36.74
N LYS S 519 -31.52 -60.64 37.29
CA LYS S 519 -30.92 -60.46 38.61
C LYS S 519 -29.51 -59.87 38.56
N GLY S 520 -28.99 -59.64 37.36
CA GLY S 520 -27.65 -59.11 37.20
C GLY S 520 -26.57 -60.15 37.49
N VAL S 521 -26.79 -61.37 37.01
CA VAL S 521 -25.84 -62.46 37.23
C VAL S 521 -25.17 -62.86 35.92
N LYS S 522 -23.87 -63.17 35.98
CA LYS S 522 -23.17 -63.62 34.77
C LYS S 522 -22.79 -65.09 34.82
N ILE S 523 -23.30 -65.82 33.82
CA ILE S 523 -23.00 -67.24 33.62
C ILE S 523 -21.95 -67.41 32.51
N LYS S 524 -20.79 -67.92 32.88
CA LYS S 524 -19.72 -68.20 31.93
C LYS S 524 -19.49 -69.70 31.81
N LEU S 525 -19.86 -70.25 30.66
CA LEU S 525 -19.76 -71.69 30.43
C LEU S 525 -18.50 -72.03 29.64
N HIS S 526 -17.74 -72.99 30.14
CA HIS S 526 -16.47 -73.33 29.52
C HIS S 526 -16.34 -74.83 29.30
N LYS S 527 -16.06 -75.20 28.06
CA LYS S 527 -15.82 -76.61 27.76
C LYS S 527 -14.37 -76.99 28.02
N ILE S 528 -13.49 -76.01 28.18
CA ILE S 528 -12.07 -76.28 28.41
C ILE S 528 -11.61 -75.71 29.75
N ILE S 529 -10.67 -76.39 30.40
CA ILE S 529 -10.29 -76.02 31.76
C ILE S 529 -9.40 -74.77 31.83
N TYR S 530 -8.42 -74.64 30.94
CA TYR S 530 -7.54 -73.49 31.04
C TYR S 530 -8.20 -72.23 30.48
N ARG S 531 -9.25 -72.38 29.68
CA ARG S 531 -10.07 -71.21 29.31
C ARG S 531 -10.77 -70.68 30.54
N LEU S 532 -11.24 -71.60 31.37
CA LEU S 532 -11.91 -71.26 32.62
C LEU S 532 -10.94 -70.55 33.55
N VAL S 533 -9.74 -71.10 33.73
CA VAL S 533 -8.76 -70.47 34.61
C VAL S 533 -8.30 -69.10 34.06
N GLU S 534 -8.06 -69.03 32.76
CA GLU S 534 -7.79 -67.75 32.11
C GLU S 534 -8.89 -66.73 32.42
N ASP S 535 -10.15 -67.18 32.38
CA ASP S 535 -11.26 -66.27 32.68
C ASP S 535 -11.30 -65.87 34.16
N LEU S 536 -10.89 -66.77 35.04
CA LEU S 536 -10.80 -66.43 36.46
C LEU S 536 -9.74 -65.37 36.69
N GLN S 537 -8.59 -65.51 36.03
CA GLN S 537 -7.54 -64.50 36.07
C GLN S 537 -8.08 -63.17 35.55
N GLU S 538 -8.78 -63.22 34.42
CA GLU S 538 -9.40 -62.03 33.83
C GLU S 538 -10.29 -61.30 34.82
N GLU S 539 -11.21 -62.04 35.44
CA GLU S 539 -12.16 -61.48 36.39
C GLU S 539 -11.46 -60.92 37.64
N LEU S 540 -10.49 -61.65 38.17
CA LEU S 540 -9.72 -61.20 39.32
C LEU S 540 -8.96 -59.91 39.05
N SER S 541 -8.27 -59.87 37.92
CA SER S 541 -7.51 -58.69 37.56
C SER S 541 -8.45 -57.52 37.24
N SER S 542 -9.67 -57.83 36.79
CA SER S 542 -10.60 -56.77 36.41
C SER S 542 -11.05 -55.94 37.61
N ARG S 543 -11.26 -56.61 38.76
CA ARG S 543 -11.68 -55.90 39.97
C ARG S 543 -10.51 -55.38 40.79
N LEU S 544 -9.29 -55.76 40.42
CA LEU S 544 -8.10 -55.33 41.16
C LEU S 544 -8.04 -53.81 41.29
N PRO S 545 -7.71 -53.28 42.50
CA PRO S 545 -7.63 -51.83 42.64
C PRO S 545 -6.65 -51.22 41.62
N CYS S 546 -7.10 -50.23 40.86
CA CYS S 546 -6.22 -49.64 39.85
C CYS S 546 -5.05 -48.95 40.54
N ALA S 547 -3.84 -49.32 40.15
CA ALA S 547 -2.65 -48.75 40.75
C ALA S 547 -2.41 -47.37 40.14
N VAL S 548 -2.46 -46.34 40.98
CA VAL S 548 -2.40 -44.97 40.49
C VAL S 548 -0.99 -44.43 40.55
N GLU S 549 -0.51 -43.95 39.41
CA GLU S 549 0.81 -43.36 39.31
C GLU S 549 0.72 -41.86 39.12
N GLU S 550 1.53 -41.13 39.89
CA GLU S 550 1.61 -39.70 39.71
C GLU S 550 2.83 -39.34 38.86
N HIS S 551 2.58 -38.78 37.68
CA HIS S 551 3.67 -38.29 36.84
C HIS S 551 3.50 -36.78 36.68
N PRO S 552 4.62 -36.04 36.66
CA PRO S 552 4.52 -34.57 36.68
C PRO S 552 4.07 -33.94 35.35
N VAL S 553 3.44 -32.76 35.45
CA VAL S 553 3.05 -31.93 34.32
C VAL S 553 3.93 -30.68 34.25
N GLY S 554 3.93 -29.87 35.31
CA GLY S 554 4.73 -28.65 35.33
C GLY S 554 5.30 -28.21 36.67
N GLU S 555 6.20 -27.23 36.63
CA GLU S 555 6.76 -26.65 37.85
C GLU S 555 6.94 -25.13 37.72
N ALA S 556 6.41 -24.39 38.70
CA ALA S 556 6.40 -22.93 38.65
C ALA S 556 6.83 -22.36 39.99
N SER S 557 7.64 -21.30 39.97
CA SER S 557 8.08 -20.72 41.24
C SER S 557 7.32 -19.44 41.52
N ILE S 558 6.99 -19.22 42.79
CA ILE S 558 6.21 -18.05 43.15
C ILE S 558 7.16 -16.88 43.40
N LEU S 559 6.70 -15.69 43.03
CA LEU S 559 7.51 -14.48 43.11
C LEU S 559 6.93 -13.50 44.13
N ALA S 560 5.73 -13.00 43.85
CA ALA S 560 5.09 -12.02 44.72
C ALA S 560 3.75 -12.54 45.26
N THR S 561 3.27 -11.91 46.33
CA THR S 561 2.01 -12.29 46.96
C THR S 561 1.05 -11.09 47.05
N PHE S 562 -0.15 -11.26 46.52
CA PHE S 562 -1.15 -10.19 46.40
C PHE S 562 -2.32 -10.37 47.38
N SER S 563 -2.94 -9.27 47.81
CA SER S 563 -4.25 -9.30 48.44
C SER S 563 -5.28 -8.54 47.57
N VAL S 564 -6.21 -9.31 46.98
CA VAL S 564 -7.20 -8.75 46.07
C VAL S 564 -8.61 -8.82 46.68
N THR S 565 -9.36 -7.72 46.59
CA THR S 565 -10.70 -7.67 47.20
C THR S 565 -11.79 -7.87 46.13
N GLU S 566 -12.44 -9.03 46.16
CA GLU S 566 -13.55 -9.32 45.24
C GLU S 566 -14.79 -9.81 45.98
N GLY S 567 -15.86 -9.02 45.95
CA GLY S 567 -17.09 -9.40 46.63
C GLY S 567 -16.95 -9.48 48.14
N LYS S 568 -16.29 -8.48 48.73
CA LYS S 568 -16.11 -8.36 50.18
C LYS S 568 -15.34 -9.55 50.81
N LYS S 569 -14.55 -10.23 49.99
CA LYS S 569 -13.73 -11.34 50.46
C LYS S 569 -12.27 -11.11 50.06
N LYS S 570 -11.36 -11.19 51.02
CA LYS S 570 -9.95 -10.94 50.74
C LYS S 570 -9.28 -12.25 50.31
N VAL S 571 -8.85 -12.28 49.05
CA VAL S 571 -8.38 -13.50 48.41
C VAL S 571 -6.86 -13.50 48.25
N PRO S 572 -6.16 -14.43 48.92
CA PRO S 572 -4.70 -14.53 48.76
C PRO S 572 -4.32 -14.99 47.35
N VAL S 573 -3.39 -14.28 46.72
CA VAL S 573 -3.00 -14.54 45.34
C VAL S 573 -1.50 -14.81 45.24
N ALA S 574 -1.14 -15.87 44.52
CA ALA S 574 0.26 -16.19 44.26
C ALA S 574 0.61 -15.82 42.83
N GLY S 575 1.41 -14.76 42.68
CA GLY S 575 2.03 -14.43 41.41
C GLY S 575 3.12 -15.43 41.13
N CYS S 576 3.08 -16.08 39.96
CA CYS S 576 3.99 -17.17 39.67
C CYS S 576 4.64 -17.06 38.30
N ARG S 577 5.78 -17.72 38.16
CA ARG S 577 6.39 -17.85 36.85
C ARG S 577 6.62 -19.32 36.56
N VAL S 578 6.08 -19.80 35.44
CA VAL S 578 6.22 -21.20 35.08
C VAL S 578 7.62 -21.48 34.50
N GLN S 579 8.35 -22.41 35.10
CA GLN S 579 9.74 -22.68 34.72
C GLN S 579 9.91 -23.85 33.74
N LYS S 580 9.55 -25.05 34.17
CA LYS S 580 9.57 -26.20 33.26
C LYS S 580 8.21 -26.88 33.26
N GLY S 581 7.74 -27.21 32.06
CA GLY S 581 6.41 -27.77 31.93
C GLY S 581 5.36 -26.67 31.90
N GLN S 582 4.12 -27.03 32.26
CA GLN S 582 2.99 -26.11 32.17
C GLN S 582 1.99 -26.34 33.31
N LEU S 583 1.08 -25.40 33.54
CA LEU S 583 0.02 -25.59 34.53
C LEU S 583 -1.37 -25.48 33.88
N GLU S 584 -2.18 -26.52 34.05
CA GLU S 584 -3.56 -26.50 33.59
C GLU S 584 -4.50 -26.49 34.79
N LYS S 585 -5.65 -25.84 34.63
CA LYS S 585 -6.56 -25.60 35.75
C LYS S 585 -7.16 -26.87 36.40
N GLN S 586 -7.48 -27.88 35.59
CA GLN S 586 -8.19 -29.05 36.11
C GLN S 586 -7.27 -30.15 36.69
N LYS S 587 -5.96 -30.03 36.48
CA LYS S 587 -5.00 -30.97 37.07
C LYS S 587 -4.88 -30.80 38.59
N LYS S 588 -4.32 -31.81 39.25
CA LYS S 588 -4.09 -31.73 40.69
C LYS S 588 -2.72 -31.13 41.00
N PHE S 589 -2.68 -30.30 42.05
CA PHE S 589 -1.50 -29.50 42.38
C PHE S 589 -0.93 -29.89 43.74
N LYS S 590 0.35 -29.60 43.93
CA LYS S 590 0.97 -29.71 45.25
C LYS S 590 1.97 -28.60 45.47
N LEU S 591 2.03 -28.12 46.70
CA LEU S 591 2.91 -27.02 47.07
C LEU S 591 4.20 -27.52 47.72
N THR S 592 5.31 -26.86 47.39
CA THR S 592 6.63 -27.28 47.85
C THR S 592 7.36 -26.15 48.59
N ARG S 593 7.74 -26.38 49.85
CA ARG S 593 8.57 -25.43 50.58
C ARG S 593 9.96 -25.97 50.91
N ASN S 594 10.97 -25.47 50.20
CA ASN S 594 12.37 -25.85 50.42
C ASN S 594 12.60 -27.37 50.47
N GLY S 595 11.84 -28.11 49.68
CA GLY S 595 11.93 -29.57 49.65
C GLY S 595 10.78 -30.31 50.34
N HIS S 596 10.10 -29.62 51.26
CA HIS S 596 8.91 -30.16 51.93
C HIS S 596 7.69 -30.09 51.01
N VAL S 597 6.68 -30.91 51.28
CA VAL S 597 5.39 -30.78 50.60
C VAL S 597 4.35 -30.22 51.57
N ILE S 598 3.96 -28.96 51.35
CA ILE S 598 3.03 -28.26 52.24
C ILE S 598 1.56 -28.58 51.97
N TRP S 599 1.18 -28.63 50.70
CA TRP S 599 -0.22 -28.68 50.33
C TRP S 599 -0.52 -29.68 49.19
N LYS S 600 -1.77 -30.12 49.12
CA LYS S 600 -2.30 -30.86 47.96
C LYS S 600 -3.73 -30.40 47.73
N GLY S 601 -4.12 -30.22 46.47
CA GLY S 601 -5.50 -29.90 46.18
C GLY S 601 -5.71 -29.14 44.87
N SER S 602 -6.93 -28.66 44.68
CA SER S 602 -7.29 -27.95 43.47
C SER S 602 -7.35 -26.43 43.67
N LEU S 603 -6.84 -25.70 42.69
CA LEU S 603 -6.94 -24.25 42.66
C LEU S 603 -8.39 -23.79 42.62
N THR S 604 -8.69 -22.63 43.17
CA THR S 604 -10.00 -22.03 42.96
C THR S 604 -9.95 -21.23 41.65
N SER S 605 -9.02 -20.29 41.53
CA SER S 605 -8.93 -19.55 40.27
C SER S 605 -7.52 -19.37 39.76
N LEU S 606 -7.32 -19.78 38.51
CA LEU S 606 -6.12 -19.49 37.76
C LEU S 606 -6.37 -18.28 36.87
N LYS S 607 -5.73 -17.16 37.18
CA LYS S 607 -6.03 -15.91 36.52
C LYS S 607 -4.77 -15.20 36.02
N HIS S 608 -4.65 -15.05 34.71
CA HIS S 608 -3.47 -14.42 34.13
C HIS S 608 -3.82 -13.09 33.43
N HIS S 609 -3.40 -11.98 34.04
CA HIS S 609 -3.59 -10.63 33.47
C HIS S 609 -5.05 -10.27 33.18
N LYS S 610 -5.90 -10.35 34.21
CA LYS S 610 -7.34 -10.02 34.13
C LYS S 610 -8.18 -11.04 33.36
N ASP S 611 -7.50 -12.00 32.74
CA ASP S 611 -8.13 -13.10 32.00
C ASP S 611 -7.94 -14.44 32.71
N ASP S 612 -9.00 -15.24 32.78
CA ASP S 612 -8.85 -16.62 33.19
C ASP S 612 -8.35 -17.40 31.98
N ILE S 613 -7.28 -18.17 32.17
CA ILE S 613 -6.70 -18.97 31.09
C ILE S 613 -6.56 -20.43 31.56
N SER S 614 -7.01 -21.37 30.72
CA SER S 614 -7.05 -22.78 31.11
C SER S 614 -5.64 -23.37 31.24
N ILE S 615 -4.78 -23.07 30.27
CA ILE S 615 -3.44 -23.64 30.22
C ILE S 615 -2.36 -22.57 30.07
N VAL S 616 -1.54 -22.39 31.11
CA VAL S 616 -0.41 -21.47 31.02
C VAL S 616 0.86 -22.22 30.58
N LYS S 617 1.51 -21.70 29.54
CA LYS S 617 2.72 -22.32 29.03
C LYS S 617 3.94 -21.87 29.84
N THR S 618 5.11 -22.32 29.40
CA THR S 618 6.38 -22.04 30.09
C THR S 618 6.73 -20.56 29.96
N GLY S 619 7.29 -20.00 31.03
CA GLY S 619 7.72 -18.61 31.05
C GLY S 619 6.60 -17.65 31.41
N MET S 620 5.37 -18.12 31.24
CA MET S 620 4.19 -17.32 31.49
C MET S 620 4.06 -16.94 32.96
N ASP S 621 3.67 -15.69 33.22
CA ASP S 621 3.33 -15.23 34.56
C ASP S 621 1.85 -15.53 34.85
N CYS S 622 1.54 -16.00 36.05
CA CYS S 622 0.15 -16.33 36.37
C CYS S 622 -0.24 -16.11 37.82
N GLY S 623 -1.44 -15.58 38.02
CA GLY S 623 -2.01 -15.48 39.36
C GLY S 623 -2.71 -16.77 39.77
N LEU S 624 -2.56 -17.12 41.05
CA LEU S 624 -3.10 -18.38 41.57
C LEU S 624 -3.81 -18.19 42.89
N SER S 625 -5.09 -18.53 42.92
CA SER S 625 -5.82 -18.56 44.18
C SER S 625 -6.29 -19.98 44.50
N LEU S 626 -5.90 -20.40 45.70
CA LEU S 626 -6.31 -21.68 46.29
C LEU S 626 -7.69 -21.65 46.91
N ASP S 627 -8.24 -22.85 47.06
CA ASP S 627 -9.45 -23.08 47.84
C ASP S 627 -9.19 -23.16 49.35
N GLU S 628 -7.96 -23.51 49.71
CA GLU S 628 -7.58 -23.62 51.10
C GLU S 628 -7.08 -22.26 51.61
N ASP S 629 -7.78 -21.71 52.60
CA ASP S 629 -7.45 -20.41 53.15
C ASP S 629 -6.25 -20.49 54.10
N ASN S 630 -6.07 -21.64 54.75
CA ASN S 630 -5.05 -21.80 55.79
C ASN S 630 -3.62 -21.81 55.25
N MET S 631 -3.49 -21.90 53.94
CA MET S 631 -2.20 -21.95 53.28
C MET S 631 -1.51 -20.60 53.26
N GLU S 632 -0.22 -20.61 53.57
CA GLU S 632 0.58 -19.41 53.49
C GLU S 632 1.54 -19.47 52.29
N PHE S 633 1.45 -18.46 51.43
CA PHE S 633 2.36 -18.34 50.30
C PHE S 633 3.52 -17.40 50.65
N GLN S 634 4.73 -17.93 50.67
CA GLN S 634 5.90 -17.10 50.88
C GLN S 634 6.43 -16.58 49.55
N VAL S 635 7.55 -15.87 49.60
CA VAL S 635 8.11 -15.27 48.40
C VAL S 635 8.96 -16.28 47.61
N GLY S 636 9.46 -17.31 48.28
CA GLY S 636 10.35 -18.26 47.63
C GLY S 636 9.85 -19.66 47.35
N ASP S 637 8.55 -19.90 47.56
CA ASP S 637 8.01 -21.26 47.43
C ASP S 637 8.04 -21.78 46.01
N ARG S 638 7.92 -23.11 45.89
CA ARG S 638 7.85 -23.78 44.61
C ARG S 638 6.46 -24.42 44.50
N ILE S 639 5.96 -24.59 43.28
CA ILE S 639 4.67 -25.24 43.06
C ILE S 639 4.80 -26.29 41.96
N VAL S 640 4.30 -27.50 42.22
CA VAL S 640 4.32 -28.56 41.21
C VAL S 640 2.91 -28.92 40.79
N CYS S 641 2.69 -29.04 39.48
CA CYS S 641 1.42 -29.51 38.94
C CYS S 641 1.60 -30.91 38.38
N TYR S 642 0.79 -31.83 38.87
CA TYR S 642 0.94 -33.22 38.49
C TYR S 642 -0.36 -33.81 37.95
N GLU S 643 -0.23 -34.91 37.23
CA GLU S 643 -1.37 -35.57 36.62
C GLU S 643 -1.32 -37.03 37.01
N GLU S 644 -2.47 -37.59 37.33
CA GLU S 644 -2.53 -38.98 37.75
C GLU S 644 -3.02 -39.88 36.64
N LYS S 645 -2.14 -40.78 36.19
CA LYS S 645 -2.50 -41.76 35.18
C LYS S 645 -2.75 -43.12 35.85
N GLN S 646 -3.69 -43.87 35.30
CA GLN S 646 -4.08 -45.15 35.90
C GLN S 646 -3.43 -46.32 35.17
N ILE S 647 -2.64 -47.09 35.91
CA ILE S 647 -2.05 -48.32 35.41
C ILE S 647 -2.88 -49.51 35.89
N GLN S 648 -3.31 -50.35 34.96
CA GLN S 648 -4.20 -51.46 35.29
C GLN S 648 -3.44 -52.75 35.58
N ALA S 649 -3.50 -53.19 36.83
CA ALA S 649 -2.73 -54.33 37.29
C ALA S 649 -3.42 -55.67 37.01
N LYS S 650 -2.67 -56.63 36.47
CA LYS S 650 -3.17 -57.98 36.31
C LYS S 650 -3.05 -58.74 37.63
N THR S 651 -3.51 -59.99 37.65
CA THR S 651 -3.50 -60.77 38.88
C THR S 651 -2.08 -61.17 39.25
N SER S 652 -1.70 -60.92 40.50
CA SER S 652 -0.38 -61.29 40.99
C SER S 652 -0.26 -62.80 41.18
N TRP S 653 -1.39 -63.48 40.99
CA TRP S 653 -1.46 -64.94 41.11
C TRP S 653 -1.22 -65.66 39.79
N ASP S 654 -0.19 -66.49 39.77
CA ASP S 654 0.11 -67.35 38.64
C ASP S 654 -0.06 -68.81 39.06
N PRO S 655 -1.12 -69.47 38.56
CA PRO S 655 -1.33 -70.90 38.82
C PRO S 655 -0.19 -71.73 38.26
N GLY S 656 0.30 -72.70 39.03
CA GLY S 656 1.48 -73.46 38.65
C GLY S 656 1.45 -74.00 37.23
N PHE S 657 0.27 -74.39 36.79
CA PHE S 657 0.06 -74.95 35.46
C PHE S 657 -0.07 -73.85 34.41
N ALA T 61 -55.19 23.26 10.35
CA ALA T 61 -56.03 24.37 9.94
C ALA T 61 -57.04 24.72 11.04
N THR T 62 -58.29 24.91 10.65
CA THR T 62 -59.34 25.16 11.64
C THR T 62 -60.56 24.28 11.41
N SER T 63 -60.99 23.62 12.47
CA SER T 63 -62.22 22.85 12.47
C SER T 63 -63.24 23.55 13.36
N VAL T 64 -64.51 23.44 13.01
CA VAL T 64 -65.57 23.98 13.85
C VAL T 64 -66.09 22.86 14.76
N SER T 65 -66.46 23.19 15.98
CA SER T 65 -66.98 22.19 16.91
C SER T 65 -68.40 21.78 16.55
N TRP T 66 -68.70 20.50 16.71
CA TRP T 66 -70.03 19.97 16.37
C TRP T 66 -71.07 20.41 17.36
N LYS T 67 -70.60 21.06 18.42
CA LYS T 67 -71.41 21.28 19.61
C LYS T 67 -72.36 22.45 19.43
N SER T 68 -72.52 22.93 18.21
CA SER T 68 -73.50 23.97 17.97
C SER T 68 -74.88 23.48 17.55
N ARG T 69 -75.82 23.53 18.47
CA ARG T 69 -77.24 23.46 18.17
C ARG T 69 -77.92 24.32 19.22
N THR T 70 -78.76 25.28 18.81
CA THR T 70 -79.28 26.21 19.81
C THR T 70 -80.50 25.70 20.58
N LYS T 71 -81.46 25.09 19.88
CA LYS T 71 -82.73 24.73 20.50
C LYS T 71 -82.70 23.34 21.08
N TYR T 72 -83.28 23.18 22.26
CA TYR T 72 -83.31 21.88 22.93
C TYR T 72 -84.25 20.90 22.23
N THR T 73 -83.80 19.66 22.10
CA THR T 73 -84.61 18.60 21.49
C THR T 73 -84.44 17.30 22.23
N VAL T 74 -85.51 16.54 22.33
CA VAL T 74 -85.37 15.22 22.90
C VAL T 74 -84.81 14.28 21.84
N MET T 75 -85.07 14.59 20.57
CA MET T 75 -84.56 13.79 19.46
C MET T 75 -83.05 13.65 19.49
N PRO T 76 -82.54 12.43 19.25
CA PRO T 76 -81.09 12.23 19.24
C PRO T 76 -80.46 13.08 18.15
N VAL T 77 -79.34 13.72 18.45
CA VAL T 77 -78.70 14.60 17.49
C VAL T 77 -77.34 14.03 17.11
N LYS T 78 -76.93 14.24 15.86
CA LYS T 78 -75.71 13.61 15.35
C LYS T 78 -74.48 14.41 15.74
N MET T 79 -73.40 13.70 16.03
CA MET T 79 -72.19 14.30 16.57
C MET T 79 -70.93 13.71 15.97
N ARG T 80 -69.86 14.51 15.98
CA ARG T 80 -68.59 14.08 15.42
C ARG T 80 -67.55 13.93 16.49
N LYS T 81 -67.08 12.71 16.69
CA LYS T 81 -65.97 12.48 17.59
C LYS T 81 -64.72 13.11 16.98
N SER T 82 -63.76 13.50 17.82
CA SER T 82 -62.43 13.86 17.34
C SER T 82 -61.41 13.24 18.24
N GLY T 83 -60.64 12.28 17.76
CA GLY T 83 -59.82 11.58 18.71
C GLY T 83 -58.77 12.55 19.21
N GLY T 84 -58.95 13.01 20.43
CA GLY T 84 -57.91 13.74 21.14
C GLY T 84 -57.35 14.99 20.48
N ARG T 85 -57.86 15.39 19.31
CA ARG T 85 -57.22 16.51 18.63
C ARG T 85 -57.89 17.81 19.02
N ASN T 86 -57.11 18.86 19.27
CA ASN T 86 -57.71 20.16 19.46
C ASN T 86 -58.12 20.75 18.11
N HIS T 87 -58.66 21.96 18.12
CA HIS T 87 -59.17 22.60 16.90
C HIS T 87 -58.07 22.93 15.91
N THR T 88 -56.82 22.91 16.36
CA THR T 88 -55.68 23.15 15.50
C THR T 88 -55.36 21.88 14.69
N GLY T 89 -55.72 20.74 15.25
CA GLY T 89 -55.48 19.45 14.60
C GLY T 89 -54.42 18.61 15.29
N GLN T 90 -53.67 19.23 16.19
CA GLN T 90 -52.67 18.52 16.98
C GLN T 90 -53.32 17.61 18.02
N ILE T 91 -52.59 16.60 18.47
CA ILE T 91 -53.08 15.76 19.56
C ILE T 91 -52.88 16.43 20.90
N GLN T 92 -53.97 16.61 21.63
CA GLN T 92 -53.93 17.15 22.98
C GLN T 92 -53.99 16.02 23.98
N VAL T 93 -55.07 15.26 23.88
CA VAL T 93 -55.27 14.08 24.70
C VAL T 93 -54.94 12.80 23.96
N HIS T 94 -54.00 12.00 24.49
CA HIS T 94 -53.63 10.76 23.84
C HIS T 94 -54.58 9.61 24.10
N GLY T 95 -54.62 8.68 23.16
CA GLY T 95 -55.32 7.42 23.35
C GLY T 95 -56.82 7.46 23.14
N ILE T 96 -57.29 8.42 22.37
CA ILE T 96 -58.71 8.50 22.06
C ILE T 96 -58.92 8.33 20.57
N GLY T 97 -59.84 7.46 20.18
CA GLY T 97 -60.38 7.55 18.85
C GLY T 97 -61.08 6.33 18.33
N GLY T 98 -61.89 6.53 17.29
CA GLY T 98 -62.53 5.44 16.58
C GLY T 98 -63.38 4.47 17.39
N GLY T 99 -64.40 4.96 18.07
CA GLY T 99 -65.32 4.05 18.70
C GLY T 99 -66.42 3.71 17.72
N HIS T 100 -67.51 3.14 18.25
CA HIS T 100 -68.72 3.01 17.48
C HIS T 100 -69.25 4.41 17.16
N LYS T 101 -70.02 4.56 16.10
CA LYS T 101 -70.66 5.83 15.79
C LYS T 101 -71.76 6.14 16.82
N GLN T 102 -71.84 7.36 17.32
CA GLN T 102 -72.82 7.71 18.36
C GLN T 102 -73.66 8.94 18.06
N ARG T 103 -74.96 8.84 18.30
CA ARG T 103 -75.81 10.03 18.45
C ARG T 103 -75.78 10.54 19.89
N TYR T 104 -76.07 11.82 20.10
CA TYR T 104 -76.05 12.42 21.44
C TYR T 104 -77.43 12.87 21.91
N ARG T 105 -77.85 12.45 23.12
CA ARG T 105 -79.11 12.94 23.68
C ARG T 105 -78.88 14.13 24.59
N MET T 106 -79.48 15.26 24.25
CA MET T 106 -79.39 16.44 25.08
C MET T 106 -80.00 16.19 26.44
N ILE T 107 -79.24 16.45 27.49
CA ILE T 107 -79.72 16.25 28.83
C ILE T 107 -79.96 17.59 29.49
N ASP T 108 -81.13 17.75 30.09
CA ASP T 108 -81.41 18.96 30.83
C ASP T 108 -80.94 18.74 32.25
N PHE T 109 -79.90 19.47 32.66
CA PHE T 109 -79.31 19.24 33.96
C PHE T 109 -79.83 20.18 35.03
N LEU T 110 -80.71 21.09 34.60
CA LEU T 110 -81.43 21.95 35.53
C LEU T 110 -82.75 21.25 35.79
N ARG T 111 -82.90 20.68 36.98
CA ARG T 111 -84.03 19.78 37.21
C ARG T 111 -85.29 20.58 37.46
N PHE T 112 -85.13 21.72 38.13
CA PHE T 112 -86.27 22.60 38.29
C PHE T 112 -86.25 23.62 37.17
N ARG T 113 -87.17 23.45 36.21
CA ARG T 113 -87.25 24.31 35.05
C ARG T 113 -88.70 24.52 34.64
N PRO T 114 -89.36 25.50 35.27
CA PRO T 114 -90.77 25.78 34.98
C PRO T 114 -91.00 25.96 33.50
N GLU T 115 -92.00 25.27 32.96
CA GLU T 115 -92.29 25.31 31.53
C GLU T 115 -92.50 26.74 31.04
N HIS T 116 -93.53 27.38 31.56
CA HIS T 116 -93.76 28.79 31.26
C HIS T 116 -93.38 29.64 32.46
N GLU T 117 -92.91 30.85 32.20
CA GLU T 117 -92.56 31.79 33.27
C GLU T 117 -93.83 32.36 33.91
N SER T 118 -94.98 32.03 33.33
CA SER T 118 -96.26 32.47 33.85
C SER T 118 -96.61 31.78 35.16
N LYS T 119 -96.58 30.45 35.18
CA LYS T 119 -96.84 29.72 36.43
C LYS T 119 -95.53 29.15 36.99
N PRO T 120 -95.01 29.81 38.05
CA PRO T 120 -93.77 29.52 38.77
C PRO T 120 -93.77 28.31 39.70
N GLY T 121 -94.95 27.85 40.12
CA GLY T 121 -95.04 26.84 41.17
C GLY T 121 -94.35 25.52 40.89
N PRO T 122 -94.07 24.74 41.94
CA PRO T 122 -93.51 23.38 41.86
C PRO T 122 -94.37 22.45 41.02
N PHE T 123 -93.75 21.75 40.08
CA PHE T 123 -94.51 20.99 39.09
C PHE T 123 -94.11 19.53 39.07
N GLU T 124 -94.94 18.74 38.42
CA GLU T 124 -94.75 17.31 38.47
C GLU T 124 -94.75 16.69 37.08
N GLU T 125 -93.86 15.72 36.88
CA GLU T 125 -93.66 15.13 35.55
C GLU T 125 -93.79 13.62 35.53
N LYS T 126 -94.19 13.08 34.37
CA LYS T 126 -94.28 11.63 34.22
C LYS T 126 -93.06 11.04 33.51
N VAL T 127 -92.58 9.90 34.01
CA VAL T 127 -91.49 9.17 33.38
C VAL T 127 -92.05 8.19 32.37
N ILE T 128 -91.75 8.47 31.10
CA ILE T 128 -92.20 7.66 29.97
C ILE T 128 -91.39 6.40 29.67
N ALA T 129 -90.07 6.55 29.58
CA ALA T 129 -89.19 5.41 29.32
C ALA T 129 -87.79 5.65 29.85
N VAL T 130 -87.08 4.58 30.17
CA VAL T 130 -85.72 4.70 30.67
C VAL T 130 -84.75 3.97 29.73
N ARG T 131 -83.88 4.74 29.10
CA ARG T 131 -83.07 4.24 28.00
C ARG T 131 -81.57 4.25 28.28
N TYR T 132 -80.86 3.35 27.60
CA TYR T 132 -79.42 3.31 27.61
C TYR T 132 -78.86 4.57 27.01
N ASP T 133 -77.73 5.05 27.50
CA ASP T 133 -77.08 6.17 26.81
C ASP T 133 -75.65 5.80 26.47
N PRO T 134 -75.25 6.08 25.22
CA PRO T 134 -73.88 5.86 24.77
C PRO T 134 -72.92 6.88 25.35
N CYS T 135 -73.43 8.06 25.64
CA CYS T 135 -72.55 9.17 26.00
C CYS T 135 -72.12 9.21 27.44
N ARG T 136 -72.95 8.73 28.37
CA ARG T 136 -72.56 8.72 29.78
C ARG T 136 -72.84 7.39 30.44
N SER T 137 -72.19 7.17 31.57
CA SER T 137 -72.25 5.86 32.22
C SER T 137 -73.62 5.59 32.84
N ALA T 138 -74.31 6.63 33.28
CA ALA T 138 -75.64 6.45 33.86
C ALA T 138 -76.68 6.16 32.78
N ASP T 139 -77.79 5.56 33.18
CA ASP T 139 -78.94 5.35 32.27
C ASP T 139 -79.87 6.56 32.37
N ILE T 140 -80.48 6.95 31.26
CA ILE T 140 -81.27 8.18 31.29
C ILE T 140 -82.74 7.98 31.03
N ALA T 141 -83.55 8.88 31.58
CA ALA T 141 -85.00 8.76 31.51
C ALA T 141 -85.67 9.91 30.77
N LEU T 142 -86.59 9.56 29.89
CA LEU T 142 -87.40 10.51 29.16
C LEU T 142 -88.58 10.92 30.03
N VAL T 143 -88.74 12.22 30.20
CA VAL T 143 -89.62 12.77 31.21
C VAL T 143 -90.50 13.87 30.62
N ALA T 144 -91.81 13.71 30.70
CA ALA T 144 -92.72 14.66 30.06
C ALA T 144 -93.74 15.25 31.02
N GLY T 145 -93.98 16.55 30.85
CA GLY T 145 -95.03 17.23 31.60
C GLY T 145 -95.48 18.43 30.81
N GLY T 146 -96.72 18.83 31.02
CA GLY T 146 -97.32 19.89 30.23
C GLY T 146 -97.25 19.58 28.76
N ASN T 147 -96.66 20.50 27.99
CA ASN T 147 -96.40 20.28 26.57
C ASN T 147 -95.00 19.82 26.24
N ARG T 148 -94.14 19.70 27.25
CA ARG T 148 -92.71 19.54 27.02
C ARG T 148 -92.14 18.20 27.49
N LYS T 149 -91.14 17.70 26.75
CA LYS T 149 -90.35 16.53 27.16
C LYS T 149 -88.90 16.92 27.38
N ARG T 150 -88.19 16.17 28.22
CA ARG T 150 -86.75 16.33 28.36
C ARG T 150 -86.09 15.04 28.83
N TRP T 151 -84.79 14.91 28.54
CA TRP T 151 -84.01 13.81 29.08
C TRP T 151 -83.41 14.23 30.40
N ILE T 152 -83.63 13.43 31.44
CA ILE T 152 -82.96 13.68 32.70
C ILE T 152 -82.19 12.44 33.10
N ILE T 153 -81.23 12.58 33.99
CA ILE T 153 -80.51 11.40 34.45
C ILE T 153 -81.40 10.59 35.37
N ALA T 154 -81.46 9.29 35.12
CA ALA T 154 -82.38 8.43 35.85
C ALA T 154 -81.80 7.93 37.16
N THR T 155 -82.59 8.04 38.21
CA THR T 155 -82.24 7.46 39.50
C THR T 155 -82.45 5.96 39.50
N GLU T 156 -81.81 5.27 40.44
CA GLU T 156 -81.63 3.82 40.39
C GLU T 156 -82.85 2.98 40.05
N ASN T 157 -83.94 3.15 40.80
CA ASN T 157 -85.14 2.32 40.60
C ASN T 157 -86.20 2.95 39.70
N MET T 158 -85.92 4.15 39.19
CA MET T 158 -86.87 4.84 38.31
C MET T 158 -87.27 3.95 37.15
N LYS T 159 -88.57 3.83 36.93
CA LYS T 159 -89.08 2.94 35.89
C LYS T 159 -90.09 3.66 35.03
N ALA T 160 -90.45 3.06 33.91
CA ALA T 160 -91.40 3.65 32.99
C ALA T 160 -92.78 3.75 33.63
N GLY T 161 -93.60 4.69 33.12
CA GLY T 161 -94.91 4.92 33.68
C GLY T 161 -94.80 5.36 35.13
N ASP T 162 -94.07 6.44 35.39
CA ASP T 162 -93.80 6.83 36.77
C ASP T 162 -94.09 8.31 37.04
N THR T 163 -94.10 8.70 38.32
CA THR T 163 -94.36 10.08 38.68
C THR T 163 -93.18 10.66 39.48
N VAL T 164 -92.76 11.87 39.09
CA VAL T 164 -91.57 12.48 39.65
C VAL T 164 -91.80 13.96 39.93
N LEU T 165 -91.52 14.40 41.15
CA LEU T 165 -91.80 15.80 41.50
C LEU T 165 -90.57 16.71 41.43
N ASN T 166 -90.76 17.90 40.85
CA ASN T 166 -89.74 18.94 40.79
C ASN T 166 -90.20 20.21 41.52
N SER T 167 -89.51 20.54 42.61
CA SER T 167 -89.95 21.62 43.51
C SER T 167 -88.81 22.52 43.98
N ASP T 168 -89.07 23.83 43.99
CA ASP T 168 -88.12 24.79 44.54
C ASP T 168 -88.48 25.22 45.96
N HIS T 169 -89.61 24.71 46.46
CA HIS T 169 -90.20 25.18 47.71
C HIS T 169 -89.56 24.53 48.93
N ILE T 170 -88.99 25.36 49.82
CA ILE T 170 -88.55 24.88 51.12
C ILE T 170 -89.71 25.04 52.10
N GLY T 171 -89.54 24.55 53.32
CA GLY T 171 -90.57 24.63 54.34
C GLY T 171 -89.94 24.23 55.65
N ARG T 172 -90.63 24.49 56.75
CA ARG T 172 -90.07 24.20 58.06
C ARG T 172 -90.08 22.69 58.35
N MET T 173 -90.91 21.95 57.63
CA MET T 173 -91.18 20.55 57.96
C MET T 173 -90.37 19.49 57.21
N ALA T 174 -89.43 19.94 56.39
CA ALA T 174 -88.72 19.10 55.43
C ALA T 174 -89.69 18.32 54.54
N VAL T 175 -89.28 17.11 54.14
CA VAL T 175 -90.04 16.32 53.17
C VAL T 175 -89.70 14.83 53.28
N ALA T 176 -90.69 13.96 53.05
CA ALA T 176 -90.39 12.53 52.88
C ALA T 176 -89.87 12.32 51.46
N ALA T 177 -88.63 11.86 51.35
CA ALA T 177 -87.94 11.83 50.06
C ALA T 177 -88.21 10.56 49.25
N ARG T 178 -88.73 10.73 48.04
CA ARG T 178 -88.84 9.65 47.07
C ARG T 178 -87.56 9.65 46.22
N GLU T 179 -87.54 8.90 45.13
CA GLU T 179 -86.33 8.86 44.32
C GLU T 179 -86.23 10.01 43.32
N GLY T 180 -87.13 10.04 42.35
CA GLY T 180 -87.04 11.04 41.29
C GLY T 180 -87.16 12.48 41.76
N ASP T 181 -87.53 12.65 43.03
CA ASP T 181 -87.74 13.96 43.63
C ASP T 181 -86.54 14.89 43.53
N ALA T 182 -86.79 16.09 43.03
CA ALA T 182 -85.80 17.16 43.09
C ALA T 182 -86.25 18.22 44.08
N HIS T 183 -85.42 18.49 45.09
CA HIS T 183 -85.76 19.50 46.08
C HIS T 183 -84.58 20.42 46.32
N PRO T 184 -84.82 21.61 46.88
CA PRO T 184 -83.67 22.38 47.34
C PRO T 184 -83.01 21.64 48.49
N LEU T 185 -81.73 21.88 48.72
CA LEU T 185 -80.99 21.11 49.72
C LEU T 185 -81.57 21.33 51.11
N GLY T 186 -81.91 22.57 51.42
CA GLY T 186 -82.42 22.92 52.73
C GLY T 186 -83.71 22.21 53.10
N ALA T 187 -84.42 21.71 52.08
CA ALA T 187 -85.71 21.09 52.29
C ALA T 187 -85.61 19.60 52.61
N LEU T 188 -84.41 19.05 52.51
CA LEU T 188 -84.24 17.62 52.75
C LEU T 188 -83.90 17.30 54.20
N PRO T 189 -84.13 16.05 54.62
CA PRO T 189 -83.60 15.50 55.86
C PRO T 189 -82.08 15.53 55.87
N VAL T 190 -81.44 15.39 57.02
CA VAL T 190 -80.00 15.61 57.10
C VAL T 190 -79.14 14.37 56.78
N GLY T 191 -79.77 13.23 56.54
CA GLY T 191 -79.03 12.02 56.18
C GLY T 191 -79.20 11.55 54.75
N THR T 192 -79.87 12.37 53.94
CA THR T 192 -80.39 11.94 52.65
C THR T 192 -79.28 11.61 51.66
N LEU T 193 -79.60 10.81 50.64
CA LEU T 193 -78.69 10.56 49.52
C LEU T 193 -79.08 11.42 48.32
N ILE T 194 -78.12 12.17 47.80
CA ILE T 194 -78.38 13.09 46.71
C ILE T 194 -77.45 12.91 45.50
N ASN T 195 -77.98 13.21 44.31
CA ASN T 195 -77.18 13.27 43.10
C ASN T 195 -77.63 14.45 42.22
N ASN T 196 -76.86 14.73 41.18
CA ASN T 196 -77.12 15.87 40.29
C ASN T 196 -77.17 17.18 41.08
N VAL T 197 -76.03 17.51 41.68
CA VAL T 197 -75.97 18.60 42.64
C VAL T 197 -75.45 19.91 42.06
N GLU T 198 -76.29 20.93 42.12
CA GLU T 198 -75.94 22.27 41.70
C GLU T 198 -74.85 22.83 42.61
N SER T 199 -74.08 23.79 42.09
CA SER T 199 -73.10 24.49 42.92
C SER T 199 -73.66 25.84 43.39
N GLU T 200 -73.90 26.75 42.45
CA GLU T 200 -74.60 28.02 42.70
C GLU T 200 -76.04 27.92 42.22
N PRO T 201 -77.01 28.43 43.02
CA PRO T 201 -78.42 28.23 42.64
C PRO T 201 -78.76 28.86 41.29
N GLY T 202 -79.39 28.08 40.42
CA GLY T 202 -79.73 28.51 39.08
C GLY T 202 -78.72 28.11 38.02
N ARG T 203 -77.66 27.43 38.44
CA ARG T 203 -76.54 27.07 37.56
C ARG T 203 -76.80 25.84 36.71
N GLY T 204 -77.39 24.82 37.31
CA GLY T 204 -77.58 23.54 36.66
C GLY T 204 -76.64 22.53 37.26
N ALA T 205 -76.98 21.25 37.13
CA ALA T 205 -76.23 20.22 37.83
C ALA T 205 -74.89 19.90 37.17
N GLN T 206 -73.88 19.69 38.01
CA GLN T 206 -72.54 19.31 37.59
C GLN T 206 -72.11 18.06 38.36
N TYR T 207 -72.10 18.19 39.67
CA TYR T 207 -71.55 17.16 40.54
C TYR T 207 -72.47 15.96 40.78
N ILE T 208 -71.83 14.79 40.93
CA ILE T 208 -72.48 13.51 41.18
C ILE T 208 -73.43 13.08 40.05
N ARG T 209 -72.98 13.13 38.80
CA ARG T 209 -73.79 12.56 37.73
C ARG T 209 -73.45 11.14 37.29
N ALA T 210 -72.31 10.61 37.71
CA ALA T 210 -71.84 9.34 37.14
C ALA T 210 -72.71 8.18 37.58
N ALA T 211 -72.63 7.07 36.87
CA ALA T 211 -73.49 5.93 37.12
C ALA T 211 -73.34 5.35 38.52
N GLY T 212 -74.46 5.25 39.23
CA GLY T 212 -74.49 4.61 40.53
C GLY T 212 -73.75 5.36 41.62
N THR T 213 -73.50 6.65 41.41
CA THR T 213 -72.84 7.44 42.44
C THR T 213 -73.88 8.09 43.30
N CYS T 214 -73.56 8.27 44.58
CA CYS T 214 -74.39 9.08 45.43
C CYS T 214 -73.53 9.82 46.43
N GLY T 215 -73.89 11.07 46.66
CA GLY T 215 -73.30 11.82 47.74
C GLY T 215 -74.28 11.75 48.90
N VAL T 216 -73.96 12.43 49.98
CA VAL T 216 -74.85 12.48 51.11
C VAL T 216 -74.89 13.90 51.65
N LEU T 217 -76.09 14.36 51.98
CA LEU T 217 -76.23 15.61 52.69
C LEU T 217 -75.73 15.40 54.12
N LEU T 218 -74.78 16.23 54.54
CA LEU T 218 -74.16 16.08 55.85
C LEU T 218 -74.84 16.95 56.89
N ARG T 219 -74.82 18.26 56.69
CA ARG T 219 -75.53 19.11 57.64
C ARG T 219 -76.05 20.42 57.07
N LYS T 220 -76.74 21.19 57.91
CA LYS T 220 -77.26 22.49 57.52
C LYS T 220 -76.93 23.54 58.57
N VAL T 221 -76.14 24.53 58.17
CA VAL T 221 -75.75 25.61 59.05
C VAL T 221 -75.95 26.95 58.37
N ASN T 222 -76.54 27.92 59.08
CA ASN T 222 -76.51 29.30 58.61
C ASN T 222 -77.11 29.49 57.20
N GLY T 223 -78.26 28.86 56.96
CA GLY T 223 -78.91 28.94 55.66
C GLY T 223 -78.02 28.41 54.55
N THR T 224 -77.33 27.32 54.84
CA THR T 224 -76.35 26.74 53.93
C THR T 224 -76.25 25.23 54.14
N ALA T 225 -76.07 24.48 53.06
CA ALA T 225 -75.92 23.04 53.14
C ALA T 225 -74.48 22.61 53.00
N ILE T 226 -74.10 21.56 53.72
CA ILE T 226 -72.79 20.95 53.53
C ILE T 226 -72.96 19.47 53.20
N ILE T 227 -72.46 19.11 52.01
CA ILE T 227 -72.68 17.80 51.41
C ILE T 227 -71.37 17.03 51.23
N GLN T 228 -71.47 15.71 51.09
CA GLN T 228 -70.29 14.88 50.93
C GLN T 228 -70.21 14.25 49.53
N LEU T 229 -69.27 14.73 48.72
CA LEU T 229 -69.05 14.24 47.35
C LEU T 229 -68.59 12.79 47.30
N PRO T 230 -68.78 12.10 46.15
CA PRO T 230 -68.42 10.67 46.04
C PRO T 230 -66.94 10.38 46.29
N SER T 231 -66.11 11.42 46.21
CA SER T 231 -64.68 11.30 46.50
C SER T 231 -64.44 11.48 47.99
N LYS T 232 -65.54 11.63 48.73
CA LYS T 232 -65.52 11.82 50.18
C LYS T 232 -64.86 13.13 50.55
N ARG T 233 -64.97 14.12 49.67
CA ARG T 233 -64.59 15.48 50.03
C ARG T 233 -65.86 16.28 50.30
N GLN T 234 -65.79 17.23 51.22
CA GLN T 234 -66.96 18.01 51.62
C GLN T 234 -67.10 19.33 50.86
N MET T 235 -68.35 19.65 50.52
CA MET T 235 -68.68 20.77 49.66
C MET T 235 -69.76 21.63 50.31
N GLN T 236 -69.49 22.92 50.46
CA GLN T 236 -70.43 23.87 51.07
C GLN T 236 -71.16 24.70 50.03
N VAL T 237 -72.49 24.72 50.13
CA VAL T 237 -73.36 25.29 49.11
C VAL T 237 -74.47 26.07 49.81
N LEU T 238 -75.15 27.00 49.13
CA LEU T 238 -76.38 27.56 49.68
C LEU T 238 -77.43 26.48 49.77
N GLU T 239 -78.40 26.61 50.67
CA GLU T 239 -79.41 25.57 50.83
C GLU T 239 -80.51 25.74 49.77
N THR T 240 -80.37 26.81 48.98
CA THR T 240 -81.31 27.15 47.91
C THR T 240 -81.07 26.37 46.61
N CYS T 241 -80.02 25.56 46.59
CA CYS T 241 -79.64 24.76 45.41
C CYS T 241 -80.37 23.43 45.31
N ILE T 242 -80.69 23.04 44.10
CA ILE T 242 -81.49 21.84 43.87
C ILE T 242 -80.62 20.58 43.78
N ALA T 243 -81.15 19.49 44.30
CA ALA T 243 -80.55 18.17 44.09
C ALA T 243 -81.65 17.14 43.90
N THR T 244 -81.29 16.05 43.24
CA THR T 244 -82.18 14.91 43.04
C THR T 244 -81.91 13.91 44.16
N VAL T 245 -82.93 13.20 44.60
CA VAL T 245 -82.76 12.33 45.75
C VAL T 245 -82.57 10.86 45.39
N GLY T 246 -81.37 10.34 45.54
CA GLY T 246 -81.15 8.91 45.37
C GLY T 246 -79.81 8.56 44.80
N ARG T 247 -79.63 7.30 44.47
CA ARG T 247 -78.42 6.86 43.78
C ARG T 247 -78.69 6.83 42.29
N VAL T 248 -77.70 7.21 41.52
CA VAL T 248 -77.85 7.25 40.08
C VAL T 248 -77.99 5.84 39.50
N SER T 249 -78.50 5.74 38.28
CA SER T 249 -78.85 4.46 37.67
C SER T 249 -77.67 3.54 37.47
N ASN T 250 -77.97 2.26 37.26
CA ASN T 250 -76.98 1.34 36.76
C ASN T 250 -75.81 1.21 37.74
N VAL T 251 -76.09 0.62 38.90
CA VAL T 251 -75.14 0.52 39.99
C VAL T 251 -74.04 -0.51 39.75
N ASP T 252 -74.30 -1.44 38.85
CA ASP T 252 -73.37 -2.53 38.57
C ASP T 252 -72.37 -2.17 37.49
N HIS T 253 -72.42 -0.91 37.03
CA HIS T 253 -71.51 -0.43 36.00
C HIS T 253 -70.05 -0.59 36.42
N ASN T 254 -69.85 -0.60 37.73
CA ASN T 254 -68.54 -0.87 38.33
C ASN T 254 -68.01 -2.24 37.97
N LYS T 255 -68.89 -3.22 38.07
CA LYS T 255 -68.52 -4.62 37.98
C LYS T 255 -68.54 -5.15 36.56
N ARG T 256 -68.80 -4.28 35.59
CA ARG T 256 -68.77 -4.71 34.20
C ARG T 256 -67.37 -5.21 33.86
N VAL T 257 -67.30 -6.29 33.09
CA VAL T 257 -66.01 -6.83 32.69
C VAL T 257 -65.84 -6.71 31.19
N ILE T 258 -64.89 -5.88 30.77
CA ILE T 258 -64.50 -5.79 29.38
C ILE T 258 -63.71 -7.05 29.06
N GLY T 259 -64.18 -7.86 28.12
CA GLY T 259 -63.60 -9.18 27.96
C GLY T 259 -62.31 -9.23 27.18
N LYS T 260 -62.22 -8.35 26.18
CA LYS T 260 -61.22 -8.45 25.13
C LYS T 260 -60.77 -7.05 24.77
N ALA T 261 -59.57 -6.90 24.21
CA ALA T 261 -59.06 -5.58 23.84
C ALA T 261 -59.98 -4.90 22.81
N GLY T 262 -60.55 -5.72 21.94
CA GLY T 262 -61.50 -5.24 20.96
C GLY T 262 -62.62 -4.45 21.60
N ARG T 263 -63.11 -4.93 22.74
CA ARG T 263 -64.20 -4.26 23.42
C ARG T 263 -63.79 -2.85 23.81
N ASN T 264 -62.56 -2.70 24.27
CA ASN T 264 -62.06 -1.38 24.59
C ASN T 264 -62.05 -0.49 23.38
N ARG T 265 -61.63 -1.06 22.26
CA ARG T 265 -61.62 -0.28 21.02
C ARG T 265 -63.02 0.17 20.64
N TRP T 266 -64.03 -0.62 20.97
CA TRP T 266 -65.41 -0.22 20.67
C TRP T 266 -65.80 1.04 21.43
N LEU T 267 -65.13 1.27 22.56
CA LEU T 267 -65.44 2.41 23.39
C LEU T 267 -64.64 3.63 22.97
N GLY T 268 -63.91 3.51 21.88
CA GLY T 268 -63.15 4.63 21.36
C GLY T 268 -61.86 4.84 22.12
N LYS T 269 -61.31 3.76 22.64
CA LYS T 269 -60.09 3.82 23.43
C LYS T 269 -58.91 3.15 22.72
N ARG T 270 -57.95 3.95 22.27
CA ARG T 270 -56.75 3.43 21.62
C ARG T 270 -55.74 3.03 22.68
N PRO T 271 -54.93 1.99 22.41
CA PRO T 271 -54.03 1.40 23.41
C PRO T 271 -52.98 2.35 23.95
N ASN T 272 -52.37 1.98 25.09
CA ASN T 272 -51.34 2.81 25.70
C ASN T 272 -50.09 2.74 24.83
N SER T 273 -49.07 3.54 25.14
CA SER T 273 -47.88 3.53 24.30
C SER T 273 -47.09 2.28 24.59
N GLY T 274 -46.06 2.03 23.81
CA GLY T 274 -45.26 0.84 24.03
C GLY T 274 -43.97 1.25 24.70
N LEU T 275 -43.74 2.56 24.76
CA LEU T 275 -42.53 3.10 25.36
C LEU T 275 -42.45 2.73 26.83
N TRP T 276 -41.25 2.39 27.28
CA TRP T 276 -41.08 2.06 28.68
C TRP T 276 -40.53 3.24 29.46
N GLN T 277 -41.31 3.73 30.41
CA GLN T 277 -40.87 4.81 31.28
C GLN T 277 -40.56 4.25 32.66
N ARG T 278 -39.38 4.58 33.19
CA ARG T 278 -39.07 4.23 34.57
C ARG T 278 -39.95 5.04 35.50
N LYS T 279 -40.46 4.42 36.57
CA LYS T 279 -41.29 5.13 37.54
C LYS T 279 -40.48 6.21 38.27
N GLY T 280 -41.11 7.35 38.52
CA GLY T 280 -40.46 8.45 39.20
C GLY T 280 -40.81 8.56 40.67
N GLY T 281 -40.48 9.71 41.26
CA GLY T 281 -40.78 9.94 42.66
C GLY T 281 -42.27 10.12 42.92
N TRP T 282 -42.99 10.61 41.93
CA TRP T 282 -44.45 10.76 41.99
C TRP T 282 -45.14 9.44 42.35
N ALA T 283 -44.48 8.34 42.02
CA ALA T 283 -44.99 6.99 42.25
C ALA T 283 -44.76 6.53 43.68
N GLY T 284 -45.72 5.81 44.22
CA GLY T 284 -45.62 5.23 45.53
C GLY T 284 -47.01 5.32 46.09
N ARG T 285 -47.20 4.95 47.35
CA ARG T 285 -48.51 5.16 47.97
C ARG T 285 -48.44 6.36 48.88
N LYS T 286 -49.05 7.45 48.44
CA LYS T 286 -49.03 8.68 49.21
C LYS T 286 -50.28 8.73 50.08
N ILE T 287 -50.09 8.95 51.37
CA ILE T 287 -51.25 9.10 52.24
C ILE T 287 -51.35 10.56 52.67
N ARG T 288 -52.30 11.25 52.07
CA ARG T 288 -52.53 12.67 52.32
C ARG T 288 -53.76 12.93 53.17
N PRO T 289 -53.63 13.79 54.19
CA PRO T 289 -54.83 14.21 54.92
C PRO T 289 -55.85 14.78 53.94
N LEU T 290 -57.11 14.35 54.06
CA LEU T 290 -58.17 14.77 53.14
C LEU T 290 -58.27 16.31 53.04
N PRO T 291 -58.38 16.83 51.81
CA PRO T 291 -58.32 18.28 51.54
C PRO T 291 -59.38 19.10 52.29
N PRO T 292 -59.13 20.41 52.46
CA PRO T 292 -60.09 21.30 53.11
C PRO T 292 -61.38 21.38 52.32
N MET T 293 -62.46 21.80 52.96
CA MET T 293 -63.79 21.80 52.36
C MET T 293 -64.03 22.96 51.39
N LYS T 294 -64.44 22.63 50.16
CA LYS T 294 -64.75 23.64 49.15
C LYS T 294 -66.03 24.39 49.49
N SER T 295 -65.96 25.72 49.50
CA SER T 295 -67.14 26.53 49.77
C SER T 295 -67.45 27.43 48.57
N TYR T 296 -68.64 27.27 48.01
CA TYR T 296 -69.10 28.10 46.90
C TYR T 296 -69.93 29.27 47.44
N VAL T 297 -69.98 29.36 48.77
CA VAL T 297 -70.65 30.45 49.45
C VAL T 297 -69.77 31.71 49.44
N LYS T 298 -70.27 32.78 48.82
CA LYS T 298 -69.48 34.00 48.71
C LYS T 298 -69.77 34.93 49.88
N LEU T 299 -68.78 35.11 50.74
CA LEU T 299 -68.93 35.95 51.93
C LEU T 299 -68.89 37.43 51.55
N PRO T 300 -69.72 38.25 52.22
CA PRO T 300 -69.80 39.70 51.95
C PRO T 300 -68.49 40.44 52.22
N HIS U 42 -10.11 -19.32 -62.76
CA HIS U 42 -11.01 -20.47 -62.89
C HIS U 42 -11.67 -20.79 -61.55
N GLY U 43 -13.00 -20.92 -61.59
CA GLY U 43 -13.82 -21.07 -60.41
C GLY U 43 -14.32 -22.48 -60.13
N LYS U 44 -13.58 -23.51 -60.56
CA LYS U 44 -14.14 -24.84 -60.85
C LYS U 44 -15.07 -25.38 -59.77
N SER U 45 -16.27 -25.75 -60.23
CA SER U 45 -17.39 -26.12 -59.38
C SER U 45 -17.20 -27.49 -58.75
N VAL U 46 -17.94 -27.74 -57.67
CA VAL U 46 -17.86 -29.01 -56.98
C VAL U 46 -18.61 -30.08 -57.79
N THR U 47 -18.19 -31.33 -57.66
CA THR U 47 -18.80 -32.40 -58.44
C THR U 47 -18.75 -33.71 -57.69
N TRP U 48 -19.79 -34.53 -57.84
CA TRP U 48 -19.76 -35.88 -57.30
C TRP U 48 -19.99 -36.90 -58.41
N TRP U 49 -19.85 -38.18 -58.07
CA TRP U 49 -19.80 -39.24 -59.07
C TRP U 49 -21.10 -39.35 -59.84
N ASP U 50 -22.18 -39.01 -59.16
CA ASP U 50 -23.49 -39.23 -59.70
C ASP U 50 -23.93 -38.17 -60.67
N GLU U 51 -23.33 -36.98 -60.55
CA GLU U 51 -23.97 -35.76 -61.01
C GLU U 51 -24.40 -35.74 -62.46
N HIS U 52 -23.53 -36.22 -63.34
CA HIS U 52 -23.76 -36.05 -64.77
C HIS U 52 -24.38 -37.27 -65.44
N LEU U 53 -24.65 -38.30 -64.67
CA LEU U 53 -25.17 -39.53 -65.25
C LEU U 53 -26.66 -39.40 -65.53
N SER U 54 -27.14 -40.05 -66.58
CA SER U 54 -28.57 -40.07 -66.88
C SER U 54 -29.25 -41.13 -66.02
N GLU U 55 -30.58 -41.24 -66.09
CA GLU U 55 -31.32 -42.22 -65.28
C GLU U 55 -31.05 -43.60 -65.84
N GLU U 56 -30.62 -43.62 -67.09
CA GLU U 56 -30.23 -44.83 -67.79
C GLU U 56 -28.89 -45.39 -67.25
N ASN U 57 -27.90 -44.51 -67.17
CA ASN U 57 -26.54 -44.92 -66.89
C ASN U 57 -26.23 -45.19 -65.42
N VAL U 58 -27.07 -44.71 -64.51
CA VAL U 58 -26.79 -44.94 -63.09
C VAL U 58 -26.86 -46.44 -62.72
N PRO U 59 -27.95 -47.14 -63.10
CA PRO U 59 -27.95 -48.58 -62.81
C PRO U 59 -26.80 -49.29 -63.49
N PHE U 60 -26.44 -48.81 -64.68
CA PHE U 60 -25.34 -49.40 -65.41
C PHE U 60 -24.04 -49.29 -64.63
N VAL U 61 -23.71 -48.07 -64.20
CA VAL U 61 -22.48 -47.84 -63.47
C VAL U 61 -22.45 -48.68 -62.19
N LYS U 62 -23.57 -48.71 -61.48
CA LYS U 62 -23.65 -49.55 -60.29
C LYS U 62 -23.34 -51.02 -60.61
N GLN U 63 -23.99 -51.57 -61.63
CA GLN U 63 -23.70 -52.94 -62.09
C GLN U 63 -22.24 -53.16 -62.37
N LEU U 64 -21.66 -52.23 -63.13
CA LEU U 64 -20.26 -52.26 -63.50
C LEU U 64 -19.37 -52.44 -62.28
N VAL U 65 -19.54 -51.53 -61.32
CA VAL U 65 -18.71 -51.55 -60.12
C VAL U 65 -18.92 -52.82 -59.30
N SER U 66 -20.17 -53.15 -58.98
CA SER U 66 -20.45 -54.31 -58.12
C SER U 66 -19.94 -55.61 -58.74
N ASP U 67 -20.13 -55.75 -60.04
CA ASP U 67 -19.69 -56.95 -60.74
C ASP U 67 -18.17 -57.07 -60.72
N GLU U 68 -17.47 -55.97 -60.96
CA GLU U 68 -16.02 -56.07 -60.88
C GLU U 68 -15.55 -56.30 -59.44
N ASN U 69 -16.35 -55.88 -58.46
CA ASN U 69 -16.05 -56.22 -57.07
C ASN U 69 -16.15 -57.72 -56.82
N LYS U 70 -17.22 -58.35 -57.30
CA LYS U 70 -17.38 -59.79 -57.17
C LYS U 70 -16.21 -60.53 -57.82
N ALA U 71 -15.91 -60.16 -59.07
CA ALA U 71 -14.77 -60.75 -59.79
C ALA U 71 -13.49 -60.64 -58.98
N GLN U 72 -13.17 -59.42 -58.56
CA GLN U 72 -11.93 -59.17 -57.84
C GLN U 72 -11.81 -59.93 -56.53
N LEU U 73 -12.91 -59.99 -55.79
CA LEU U 73 -12.88 -60.68 -54.49
C LEU U 73 -12.73 -62.17 -54.69
N ALA U 74 -13.46 -62.74 -55.64
CA ALA U 74 -13.39 -64.19 -55.85
C ALA U 74 -12.09 -64.62 -56.57
N SER U 75 -11.37 -63.66 -57.13
CA SER U 75 -10.11 -63.98 -57.81
C SER U 75 -8.99 -64.23 -56.80
N LYS U 76 -8.97 -63.40 -55.75
CA LYS U 76 -7.92 -63.50 -54.74
C LYS U 76 -8.34 -64.50 -53.68
N LEU U 77 -9.44 -65.18 -53.97
CA LEU U 77 -10.02 -66.21 -53.13
C LEU U 77 -9.14 -67.47 -53.02
N CYS U 78 -8.15 -67.59 -53.91
CA CYS U 78 -7.29 -68.77 -53.93
C CYS U 78 -5.81 -68.43 -53.71
N PRO U 79 -5.41 -68.19 -52.44
CA PRO U 79 -4.08 -67.66 -52.11
C PRO U 79 -2.93 -68.63 -52.37
N LEU U 80 -3.13 -69.90 -52.06
CA LEU U 80 -2.03 -70.86 -51.98
C LEU U 80 -1.55 -71.32 -53.36
N LYS U 81 -2.40 -71.18 -54.37
CA LYS U 81 -2.04 -71.61 -55.71
C LYS U 81 -1.49 -70.47 -56.56
N ASP U 82 -1.36 -69.28 -56.00
CA ASP U 82 -0.90 -68.17 -56.83
C ASP U 82 0.62 -68.03 -56.83
N GLU U 83 1.16 -67.32 -55.84
CA GLU U 83 2.60 -67.28 -55.60
C GLU U 83 2.85 -67.09 -54.11
N PRO U 84 2.48 -68.09 -53.30
CA PRO U 84 2.60 -67.88 -51.85
C PRO U 84 4.02 -67.57 -51.43
N TRP U 85 4.18 -66.59 -50.53
CA TRP U 85 5.48 -66.32 -49.95
C TRP U 85 5.85 -67.52 -49.08
N PRO U 86 7.15 -67.81 -49.00
CA PRO U 86 7.61 -69.01 -48.29
C PRO U 86 7.07 -69.09 -46.87
N ILE U 87 6.48 -70.24 -46.55
CA ILE U 87 5.95 -70.49 -45.20
C ILE U 87 7.07 -71.02 -44.29
N HIS U 88 7.16 -70.45 -43.10
CA HIS U 88 8.23 -70.79 -42.18
C HIS U 88 7.62 -71.53 -41.01
N PRO U 89 8.43 -72.36 -40.33
CA PRO U 89 7.91 -73.03 -39.14
C PRO U 89 7.84 -72.07 -37.96
N TRP U 90 7.29 -72.52 -36.84
CA TRP U 90 7.06 -71.63 -35.72
C TRP U 90 8.25 -71.49 -34.79
N GLU U 91 8.74 -70.27 -34.65
CA GLU U 91 9.79 -69.96 -33.68
C GLU U 91 9.17 -69.51 -32.36
N PRO U 92 9.90 -69.64 -31.24
CA PRO U 92 9.34 -69.39 -29.91
C PRO U 92 8.83 -67.96 -29.63
N GLY U 93 9.57 -66.93 -30.01
CA GLY U 93 9.16 -65.57 -29.71
C GLY U 93 8.33 -64.90 -30.79
N SER U 94 7.69 -65.70 -31.63
CA SER U 94 6.98 -65.22 -32.82
C SER U 94 5.60 -64.58 -32.55
N SER U 95 5.14 -63.74 -33.47
CA SER U 95 3.80 -63.13 -33.37
C SER U 95 3.07 -63.07 -34.72
N ARG U 96 1.81 -63.51 -34.70
CA ARG U 96 0.95 -63.61 -35.88
C ARG U 96 0.32 -62.30 -36.38
N VAL U 97 -0.20 -62.33 -37.62
CA VAL U 97 -1.08 -61.25 -38.08
C VAL U 97 -2.39 -61.19 -37.33
N GLY U 98 -3.06 -60.05 -37.42
CA GLY U 98 -4.37 -59.91 -36.81
C GLY U 98 -5.49 -59.82 -37.82
N LEU U 99 -6.67 -59.44 -37.35
CA LEU U 99 -7.85 -59.35 -38.19
C LEU U 99 -8.57 -58.04 -38.00
N ILE U 100 -9.40 -57.70 -38.97
CA ILE U 100 -10.33 -56.61 -38.78
C ILE U 100 -11.76 -57.11 -38.86
N ALA U 101 -12.44 -57.09 -37.72
CA ALA U 101 -13.77 -57.67 -37.64
C ALA U 101 -14.82 -56.60 -37.43
N LEU U 102 -16.06 -57.04 -37.25
CA LEU U 102 -17.20 -56.16 -37.21
C LEU U 102 -18.05 -56.58 -36.02
N LYS U 103 -18.26 -55.69 -35.08
CA LYS U 103 -18.99 -56.05 -33.86
C LYS U 103 -20.46 -56.22 -34.18
N LEU U 104 -20.99 -57.40 -33.94
CA LEU U 104 -22.34 -57.75 -34.31
C LEU U 104 -23.34 -57.38 -33.23
N GLY U 105 -23.17 -58.01 -32.08
CA GLY U 105 -24.05 -57.79 -30.95
C GLY U 105 -23.47 -58.63 -29.85
N MET U 106 -24.28 -58.92 -28.83
CA MET U 106 -23.84 -59.79 -27.76
C MET U 106 -24.84 -60.91 -27.54
N MET U 107 -24.36 -61.98 -26.92
CA MET U 107 -25.13 -63.19 -26.77
C MET U 107 -24.74 -63.83 -25.46
N PRO U 108 -25.68 -64.51 -24.81
CA PRO U 108 -25.25 -65.32 -23.67
C PRO U 108 -24.67 -66.66 -24.15
N LEU U 109 -23.86 -67.30 -23.30
CA LEU U 109 -23.30 -68.63 -23.58
C LEU U 109 -23.02 -69.35 -22.27
N TRP U 110 -23.20 -70.67 -22.22
CA TRP U 110 -23.02 -71.37 -20.95
C TRP U 110 -21.87 -72.37 -20.91
N THR U 111 -21.34 -72.57 -19.72
CA THR U 111 -20.24 -73.51 -19.53
C THR U 111 -20.69 -74.74 -18.72
N LYS U 112 -20.03 -75.88 -18.94
CA LYS U 112 -20.46 -77.18 -18.39
C LYS U 112 -20.51 -77.24 -16.86
N ASP U 113 -19.87 -76.26 -16.22
CA ASP U 113 -19.88 -76.15 -14.76
C ASP U 113 -21.14 -75.46 -14.27
N GLY U 114 -21.94 -74.97 -15.21
CA GLY U 114 -23.17 -74.29 -14.90
C GLY U 114 -23.16 -72.78 -15.06
N GLN U 115 -21.98 -72.17 -15.09
CA GLN U 115 -21.90 -70.71 -15.10
C GLN U 115 -22.34 -70.11 -16.43
N LYS U 116 -22.87 -68.89 -16.32
CA LYS U 116 -23.31 -68.12 -17.47
C LYS U 116 -22.21 -67.17 -17.87
N HIS U 117 -22.04 -67.00 -19.18
CA HIS U 117 -21.13 -65.99 -19.69
C HIS U 117 -21.87 -65.14 -20.70
N VAL U 118 -21.34 -63.97 -20.99
CA VAL U 118 -21.87 -63.19 -22.09
C VAL U 118 -20.73 -63.02 -23.08
N VAL U 119 -21.04 -63.05 -24.37
CA VAL U 119 -20.00 -63.01 -25.37
C VAL U 119 -20.29 -61.98 -26.45
N THR U 120 -19.24 -61.55 -27.14
CA THR U 120 -19.40 -60.60 -28.23
C THR U 120 -19.13 -61.30 -29.55
N LEU U 121 -20.07 -61.17 -30.49
CA LEU U 121 -19.90 -61.73 -31.82
C LEU U 121 -19.14 -60.76 -32.71
N LEU U 122 -18.00 -61.21 -33.24
CA LEU U 122 -17.23 -60.39 -34.18
C LEU U 122 -17.18 -61.07 -35.52
N GLN U 123 -17.85 -60.50 -36.51
CA GLN U 123 -17.84 -61.12 -37.82
C GLN U 123 -16.73 -60.54 -38.69
N VAL U 124 -15.90 -61.41 -39.24
CA VAL U 124 -14.91 -60.97 -40.22
C VAL U 124 -15.56 -60.89 -41.59
N GLN U 125 -15.51 -59.73 -42.24
CA GLN U 125 -16.31 -59.56 -43.46
C GLN U 125 -15.49 -59.72 -44.74
N ASP U 126 -14.68 -58.72 -45.09
CA ASP U 126 -13.70 -58.92 -46.14
C ASP U 126 -12.37 -58.46 -45.62
N CYS U 127 -11.46 -59.39 -45.40
CA CYS U 127 -10.26 -59.01 -44.71
C CYS U 127 -9.05 -59.46 -45.50
N HIS U 128 -8.28 -58.48 -45.96
CA HIS U 128 -7.11 -58.80 -46.75
C HIS U 128 -5.88 -58.07 -46.23
N VAL U 129 -4.71 -58.68 -46.40
CA VAL U 129 -3.47 -57.96 -46.11
C VAL U 129 -3.19 -57.08 -47.33
N LEU U 130 -2.82 -55.83 -47.08
CA LEU U 130 -2.76 -54.84 -48.15
C LEU U 130 -1.35 -54.54 -48.59
N LYS U 131 -0.50 -54.07 -47.67
CA LYS U 131 0.92 -54.00 -48.01
C LYS U 131 1.81 -54.52 -46.91
N TYR U 132 3.10 -54.58 -47.21
CA TYR U 132 4.11 -55.14 -46.34
C TYR U 132 5.30 -54.20 -46.21
N THR U 133 5.55 -53.72 -45.01
CA THR U 133 6.72 -52.90 -44.76
C THR U 133 7.75 -53.72 -44.03
N PRO U 134 8.97 -53.81 -44.58
CA PRO U 134 9.99 -54.69 -43.99
C PRO U 134 10.41 -54.22 -42.60
N LYS U 135 11.26 -55.00 -41.95
CA LYS U 135 11.61 -54.75 -40.55
C LYS U 135 12.41 -53.46 -40.36
N GLU U 136 13.30 -53.18 -41.31
CA GLU U 136 14.23 -52.05 -41.21
C GLU U 136 13.61 -50.75 -41.67
N ASN U 137 12.48 -50.86 -42.36
CA ASN U 137 11.78 -49.69 -42.88
C ASN U 137 10.71 -49.15 -41.94
N HIS U 138 10.42 -49.88 -40.87
CA HIS U 138 9.31 -49.51 -39.99
C HIS U 138 9.73 -49.23 -38.54
N ASN U 139 9.88 -50.29 -37.74
CA ASN U 139 10.26 -50.12 -36.35
C ASN U 139 11.73 -50.43 -36.08
N GLY U 140 12.42 -50.93 -37.10
CA GLY U 140 13.74 -51.50 -36.91
C GLY U 140 13.76 -52.75 -36.03
N ARG U 141 12.57 -53.24 -35.67
CA ARG U 141 12.43 -54.43 -34.81
C ARG U 141 11.52 -55.48 -35.44
N MET U 142 10.26 -55.12 -35.63
CA MET U 142 9.28 -56.01 -36.23
C MET U 142 8.71 -55.45 -37.53
N ALA U 143 8.37 -56.36 -38.45
CA ALA U 143 7.76 -55.99 -39.72
C ALA U 143 6.32 -55.52 -39.52
N ALA U 144 5.78 -54.86 -40.53
CA ALA U 144 4.41 -54.36 -40.43
C ALA U 144 3.54 -54.83 -41.59
N LEU U 145 2.43 -55.47 -41.26
CA LEU U 145 1.43 -55.82 -42.26
C LEU U 145 0.21 -54.92 -42.14
N THR U 146 -0.25 -54.37 -43.26
CA THR U 146 -1.42 -53.50 -43.25
C THR U 146 -2.68 -54.21 -43.71
N VAL U 147 -3.64 -54.32 -42.82
CA VAL U 147 -4.83 -55.13 -43.08
C VAL U 147 -6.05 -54.27 -43.32
N GLY U 148 -6.83 -54.64 -44.33
CA GLY U 148 -8.07 -53.97 -44.68
C GLY U 148 -9.33 -54.54 -44.04
N GLY U 149 -10.31 -53.66 -43.81
CA GLY U 149 -11.58 -54.02 -43.21
C GLY U 149 -12.63 -54.18 -44.29
N LYS U 150 -13.90 -53.91 -43.97
CA LYS U 150 -14.97 -54.30 -44.89
C LYS U 150 -15.05 -53.39 -46.12
N THR U 151 -15.65 -53.92 -47.19
CA THR U 151 -15.66 -53.21 -48.46
C THR U 151 -16.56 -51.99 -48.42
N VAL U 152 -16.14 -50.92 -49.07
CA VAL U 152 -16.96 -49.70 -49.18
C VAL U 152 -17.13 -49.28 -50.62
N SER U 153 -17.89 -48.22 -50.84
CA SER U 153 -18.12 -47.75 -52.19
C SER U 153 -16.88 -47.11 -52.76
N HIS U 154 -16.70 -47.24 -54.07
CA HIS U 154 -15.58 -46.62 -54.74
C HIS U 154 -15.70 -45.12 -54.76
N PHE U 155 -16.91 -44.64 -54.94
CA PHE U 155 -17.14 -43.27 -55.35
C PHE U 155 -16.79 -42.24 -54.28
N HIS U 156 -16.85 -42.65 -53.03
CA HIS U 156 -16.62 -41.72 -51.95
C HIS U 156 -15.21 -41.75 -51.34
N LYS U 157 -14.28 -42.46 -51.99
CA LYS U 157 -12.88 -42.32 -51.61
C LYS U 157 -12.14 -41.33 -52.51
N SER U 158 -10.83 -41.23 -52.26
CA SER U 158 -9.95 -40.25 -52.90
C SER U 158 -9.04 -40.86 -53.97
N ALA U 159 -8.66 -40.06 -54.95
CA ALA U 159 -7.83 -40.50 -56.07
C ALA U 159 -6.64 -41.35 -55.62
N SER U 160 -5.95 -40.87 -54.59
CA SER U 160 -4.78 -41.57 -54.05
C SER U 160 -5.12 -43.00 -53.63
N ILE U 161 -6.12 -43.11 -52.76
CA ILE U 161 -6.51 -44.39 -52.19
C ILE U 161 -7.00 -45.37 -53.26
N LEU U 162 -7.86 -44.87 -54.13
CA LEU U 162 -8.36 -45.68 -55.23
C LEU U 162 -7.21 -46.19 -56.10
N GLU U 163 -6.19 -45.36 -56.32
CA GLU U 163 -5.00 -45.81 -57.02
C GLU U 163 -4.31 -46.94 -56.26
N PHE U 164 -4.25 -46.80 -54.94
CA PHE U 164 -3.60 -47.82 -54.12
C PHE U 164 -4.28 -49.18 -54.24
N TYR U 165 -5.61 -49.18 -54.30
CA TYR U 165 -6.32 -50.45 -54.47
C TYR U 165 -6.30 -50.94 -55.91
N GLN U 166 -6.32 -50.01 -56.86
CA GLN U 166 -6.28 -50.34 -58.28
C GLN U 166 -5.08 -51.24 -58.60
N GLU U 167 -3.90 -50.84 -58.11
CA GLU U 167 -2.66 -51.55 -58.34
C GLU U 167 -2.60 -52.84 -57.55
N LEU U 168 -3.54 -52.97 -56.62
CA LEU U 168 -3.68 -54.16 -55.80
C LEU U 168 -4.63 -55.14 -56.47
N GLY U 169 -5.86 -54.67 -56.73
CA GLY U 169 -6.87 -55.50 -57.38
C GLY U 169 -7.97 -55.90 -56.44
N LEU U 170 -7.96 -55.30 -55.25
CA LEU U 170 -9.08 -55.34 -54.32
C LEU U 170 -10.00 -54.14 -54.46
N PRO U 171 -11.24 -54.27 -54.00
CA PRO U 171 -12.10 -53.10 -53.77
C PRO U 171 -11.68 -52.37 -52.49
N PRO U 172 -12.02 -51.08 -52.37
CA PRO U 172 -11.58 -50.28 -51.22
C PRO U 172 -12.08 -50.81 -49.87
N LYS U 173 -11.24 -50.75 -48.84
CA LYS U 173 -11.63 -51.19 -47.50
C LYS U 173 -11.96 -49.99 -46.61
N GLN U 174 -12.93 -50.15 -45.72
CA GLN U 174 -13.33 -49.05 -44.86
C GLN U 174 -12.23 -48.64 -43.93
N LYS U 175 -11.73 -49.60 -43.18
CA LYS U 175 -10.76 -49.35 -42.14
C LYS U 175 -9.45 -50.08 -42.45
N VAL U 176 -8.33 -49.49 -42.08
CA VAL U 176 -7.03 -50.08 -42.35
C VAL U 176 -6.11 -49.98 -41.16
N LYS U 177 -5.65 -51.10 -40.64
CA LYS U 177 -4.78 -51.01 -39.46
C LYS U 177 -3.44 -51.65 -39.71
N ILE U 178 -2.49 -51.36 -38.85
CA ILE U 178 -1.13 -51.86 -39.01
C ILE U 178 -0.76 -52.83 -37.89
N PHE U 179 -0.30 -54.00 -38.28
CA PHE U 179 0.05 -55.07 -37.35
C PHE U 179 1.55 -55.31 -37.30
N ASN U 180 2.08 -55.40 -36.08
CA ASN U 180 3.47 -55.75 -35.86
C ASN U 180 3.64 -57.27 -35.89
N VAL U 181 4.58 -57.71 -36.72
CA VAL U 181 4.70 -59.11 -37.09
C VAL U 181 6.16 -59.53 -37.17
N THR U 182 6.51 -60.65 -36.53
CA THR U 182 7.86 -61.19 -36.65
C THR U 182 8.06 -61.73 -38.05
N GLU U 183 9.25 -61.52 -38.62
CA GLU U 183 9.42 -61.66 -40.06
C GLU U 183 9.21 -63.07 -40.62
N ASN U 184 9.10 -64.07 -39.73
CA ASN U 184 8.76 -65.41 -40.17
C ASN U 184 7.25 -65.59 -40.37
N ALA U 185 6.48 -64.58 -39.96
CA ALA U 185 5.02 -64.64 -40.01
C ALA U 185 4.40 -63.95 -41.24
N VAL U 186 5.24 -63.34 -42.07
CA VAL U 186 4.77 -62.46 -43.13
C VAL U 186 3.94 -63.14 -44.21
N ILE U 187 2.87 -62.49 -44.67
CA ILE U 187 2.09 -63.00 -45.79
C ILE U 187 2.22 -62.10 -47.00
N LYS U 188 1.62 -62.50 -48.12
CA LYS U 188 1.70 -61.74 -49.35
C LYS U 188 0.51 -60.82 -49.46
N PRO U 189 0.74 -59.52 -49.69
CA PRO U 189 -0.35 -58.56 -49.88
C PRO U 189 -1.31 -59.03 -50.95
N GLY U 190 -2.61 -58.93 -50.66
CA GLY U 190 -3.62 -59.46 -51.56
C GLY U 190 -4.18 -60.81 -51.11
N THR U 191 -3.97 -61.16 -49.84
CA THR U 191 -4.31 -62.50 -49.35
C THR U 191 -5.51 -62.37 -48.43
N PRO U 192 -6.43 -63.33 -48.49
CA PRO U 192 -7.60 -63.31 -47.61
C PRO U 192 -7.27 -63.77 -46.21
N LEU U 193 -8.05 -63.31 -45.25
CA LEU U 193 -7.90 -63.76 -43.87
C LEU U 193 -9.26 -64.16 -43.35
N TYR U 194 -9.34 -65.28 -42.64
CA TYR U 194 -10.64 -65.75 -42.21
C TYR U 194 -10.72 -65.89 -40.71
N ALA U 195 -11.91 -66.22 -40.22
CA ALA U 195 -12.16 -66.24 -38.80
C ALA U 195 -11.47 -67.42 -38.15
N ALA U 196 -11.24 -68.45 -38.97
CA ALA U 196 -10.59 -69.69 -38.51
C ALA U 196 -9.18 -69.44 -38.02
N HIS U 197 -8.66 -68.25 -38.35
CA HIS U 197 -7.34 -67.84 -37.94
C HIS U 197 -7.18 -67.90 -36.43
N PHE U 198 -8.29 -67.78 -35.71
CA PHE U 198 -8.28 -67.97 -34.27
C PHE U 198 -8.94 -69.28 -33.91
N ARG U 199 -8.27 -70.08 -33.10
CA ARG U 199 -8.87 -71.31 -32.58
C ARG U 199 -9.48 -71.11 -31.20
N PRO U 200 -10.63 -71.75 -30.96
CA PRO U 200 -11.36 -71.66 -29.70
C PRO U 200 -10.56 -72.18 -28.52
N GLY U 201 -10.50 -71.31 -27.53
CA GLY U 201 -9.66 -71.37 -26.36
C GLY U 201 -8.46 -70.67 -26.95
N GLN U 202 -8.04 -69.59 -26.33
CA GLN U 202 -7.03 -68.69 -26.85
C GLN U 202 -7.27 -67.42 -26.06
N TYR U 203 -6.44 -66.41 -26.25
CA TYR U 203 -6.82 -65.13 -25.73
C TYR U 203 -6.50 -64.07 -26.76
N VAL U 204 -7.37 -63.08 -26.87
CA VAL U 204 -7.14 -62.04 -27.85
C VAL U 204 -7.22 -60.65 -27.27
N ASP U 205 -6.86 -59.69 -28.11
CA ASP U 205 -6.86 -58.27 -27.79
C ASP U 205 -7.68 -57.58 -28.83
N VAL U 206 -8.65 -56.79 -28.38
CA VAL U 206 -9.53 -56.13 -29.31
C VAL U 206 -9.47 -54.63 -29.13
N THR U 207 -9.11 -53.94 -30.21
CA THR U 207 -8.96 -52.51 -30.16
C THR U 207 -10.02 -51.84 -31.00
N ALA U 208 -10.62 -50.79 -30.47
CA ALA U 208 -11.54 -49.99 -31.27
C ALA U 208 -11.74 -48.61 -30.71
N LYS U 209 -12.35 -47.75 -31.51
CA LYS U 209 -12.88 -46.49 -31.01
C LYS U 209 -14.04 -46.74 -30.06
N THR U 210 -13.96 -46.15 -28.87
CA THR U 210 -15.05 -46.26 -27.90
C THR U 210 -16.25 -45.42 -28.30
N ILE U 211 -17.40 -45.71 -27.71
CA ILE U 211 -18.62 -44.99 -27.99
C ILE U 211 -18.50 -43.52 -27.66
N GLY U 212 -18.70 -42.65 -28.64
CA GLY U 212 -18.61 -41.22 -28.41
C GLY U 212 -19.74 -40.60 -27.62
N LYS U 213 -19.40 -40.09 -26.43
CA LYS U 213 -20.39 -39.50 -25.57
C LYS U 213 -20.35 -37.99 -25.60
N GLY U 214 -19.43 -37.44 -26.39
CA GLY U 214 -19.50 -36.02 -26.73
C GLY U 214 -18.83 -35.14 -25.70
N PHE U 215 -19.21 -33.87 -25.64
CA PHE U 215 -18.66 -33.00 -24.61
C PHE U 215 -19.36 -33.29 -23.30
N GLN U 216 -18.60 -33.72 -22.30
CA GLN U 216 -19.22 -34.16 -21.07
C GLN U 216 -18.80 -33.39 -19.84
N GLY U 217 -19.68 -33.39 -18.85
CA GLY U 217 -19.44 -32.73 -17.58
C GLY U 217 -18.37 -33.43 -16.78
N VAL U 218 -18.09 -32.93 -15.60
CA VAL U 218 -17.01 -33.50 -14.81
C VAL U 218 -17.44 -34.82 -14.13
N MET U 219 -18.72 -34.95 -13.83
CA MET U 219 -19.23 -36.15 -13.17
C MET U 219 -19.23 -37.36 -14.08
N ARG U 220 -19.70 -37.20 -15.31
CA ARG U 220 -19.64 -38.34 -16.21
C ARG U 220 -18.23 -38.59 -16.74
N ARG U 221 -17.45 -37.55 -16.96
CA ARG U 221 -16.17 -37.74 -17.61
C ARG U 221 -15.11 -38.25 -16.66
N TRP U 222 -15.22 -37.88 -15.40
CA TRP U 222 -14.19 -38.18 -14.41
C TRP U 222 -14.77 -38.97 -13.29
N GLY U 223 -15.92 -38.56 -12.77
CA GLY U 223 -16.54 -39.38 -11.76
C GLY U 223 -16.44 -38.73 -10.41
N PHE U 224 -16.16 -37.44 -10.46
CA PHE U 224 -16.35 -36.56 -9.33
C PHE U 224 -17.77 -36.70 -8.79
N LYS U 225 -17.91 -36.72 -7.47
CA LYS U 225 -19.21 -36.48 -6.85
C LYS U 225 -19.55 -35.04 -7.12
N GLY U 226 -20.81 -34.69 -7.05
CA GLY U 226 -21.15 -33.28 -7.15
C GLY U 226 -21.21 -32.72 -5.75
N GLN U 227 -21.84 -31.56 -5.63
CA GLN U 227 -22.17 -31.04 -4.32
C GLN U 227 -23.59 -31.50 -4.03
N PRO U 228 -23.97 -31.54 -2.75
CA PRO U 228 -25.31 -31.95 -2.35
C PRO U 228 -26.39 -31.16 -3.06
N ALA U 229 -27.57 -31.76 -3.20
CA ALA U 229 -28.64 -31.18 -3.98
C ALA U 229 -29.40 -30.09 -3.26
N THR U 230 -29.79 -30.38 -2.03
CA THR U 230 -30.83 -29.58 -1.43
C THR U 230 -30.50 -28.54 -0.35
N HIS U 231 -29.36 -28.63 0.30
CA HIS U 231 -29.25 -27.99 1.60
C HIS U 231 -28.87 -26.52 1.53
N GLY U 232 -29.17 -25.92 0.38
CA GLY U 232 -29.00 -24.50 0.17
C GLY U 232 -27.96 -24.20 -0.86
N GLN U 233 -27.41 -25.25 -1.48
CA GLN U 233 -26.50 -25.08 -2.62
C GLN U 233 -27.13 -24.28 -3.75
N THR U 234 -26.40 -23.27 -4.23
CA THR U 234 -26.86 -22.44 -5.33
C THR U 234 -26.08 -22.69 -6.61
N LYS U 235 -26.77 -23.28 -7.59
CA LYS U 235 -26.23 -23.45 -8.93
C LYS U 235 -24.96 -24.28 -8.95
N THR U 236 -24.71 -25.08 -7.93
CA THR U 236 -23.50 -25.89 -7.93
C THR U 236 -23.61 -27.41 -8.10
N HIS U 237 -24.80 -27.96 -8.18
CA HIS U 237 -24.99 -29.38 -7.90
C HIS U 237 -24.13 -30.36 -8.72
N ARG U 238 -23.44 -29.87 -9.72
CA ARG U 238 -22.61 -30.70 -10.59
C ARG U 238 -21.14 -30.22 -10.68
N ARG U 239 -20.91 -28.92 -10.85
CA ARG U 239 -19.58 -28.34 -11.11
C ARG U 239 -18.40 -28.93 -10.32
N PRO U 240 -17.20 -28.93 -10.93
CA PRO U 240 -15.94 -29.53 -10.45
C PRO U 240 -15.44 -29.06 -9.09
N GLY U 241 -15.99 -27.99 -8.55
CA GLY U 241 -15.54 -27.50 -7.26
C GLY U 241 -14.27 -26.67 -7.42
N ALA U 242 -13.38 -26.73 -6.43
CA ALA U 242 -12.07 -26.08 -6.55
C ALA U 242 -11.21 -26.78 -7.60
N ILE U 243 -10.60 -26.02 -8.51
CA ILE U 243 -9.75 -26.66 -9.49
C ILE U 243 -8.26 -26.60 -9.19
N SER U 244 -7.88 -25.93 -8.12
CA SER U 244 -6.46 -25.84 -7.76
C SER U 244 -6.18 -25.22 -6.39
N THR U 245 -4.89 -24.98 -6.16
CA THR U 245 -4.36 -24.46 -4.90
C THR U 245 -4.26 -22.95 -4.92
N GLY U 246 -4.42 -22.33 -3.76
CA GLY U 246 -4.21 -20.90 -3.65
C GLY U 246 -2.84 -20.39 -4.11
N ASP U 247 -1.77 -20.97 -3.59
CA ASP U 247 -0.42 -20.42 -3.80
C ASP U 247 0.16 -20.67 -5.20
N VAL U 248 -0.14 -21.84 -5.76
CA VAL U 248 0.40 -22.22 -7.05
C VAL U 248 0.07 -21.19 -8.12
N ALA U 249 -1.08 -20.54 -7.98
CA ALA U 249 -1.43 -19.39 -8.82
C ALA U 249 -1.72 -19.73 -10.28
N ARG U 250 -1.63 -21.00 -10.62
CA ARG U 250 -2.06 -21.46 -11.94
C ARG U 250 -2.85 -22.72 -11.73
N VAL U 251 -3.33 -23.33 -12.80
CA VAL U 251 -3.90 -24.67 -12.67
C VAL U 251 -3.00 -25.63 -13.40
N TRP U 252 -2.67 -26.73 -12.74
CA TRP U 252 -1.70 -27.68 -13.29
C TRP U 252 -2.19 -28.29 -14.58
N PRO U 253 -1.27 -28.82 -15.39
CA PRO U 253 -1.60 -29.42 -16.68
C PRO U 253 -2.44 -30.71 -16.66
N GLY U 254 -2.36 -31.51 -15.61
CA GLY U 254 -3.14 -32.73 -15.65
C GLY U 254 -4.60 -32.55 -15.28
N THR U 255 -4.93 -31.34 -14.85
CA THR U 255 -6.16 -31.09 -14.09
C THR U 255 -7.41 -31.62 -14.78
N LYS U 256 -8.14 -32.47 -14.08
CA LYS U 256 -9.34 -33.07 -14.66
C LYS U 256 -10.44 -32.04 -14.81
N MET U 257 -10.93 -31.90 -16.03
CA MET U 257 -11.92 -30.88 -16.31
C MET U 257 -12.87 -31.35 -17.38
N PRO U 258 -14.05 -30.72 -17.47
CA PRO U 258 -15.06 -31.01 -18.48
C PRO U 258 -14.49 -31.04 -19.86
N GLY U 259 -14.97 -31.94 -20.70
CA GLY U 259 -14.44 -31.99 -22.05
C GLY U 259 -14.85 -33.24 -22.76
N GLN U 260 -14.27 -33.45 -23.93
CA GLN U 260 -14.67 -34.54 -24.81
C GLN U 260 -14.45 -35.93 -24.20
N LEU U 261 -15.46 -36.77 -24.36
CA LEU U 261 -15.44 -38.11 -23.81
C LEU U 261 -15.87 -39.11 -24.85
N GLY U 262 -14.95 -40.03 -25.12
CA GLY U 262 -15.28 -41.32 -25.68
C GLY U 262 -14.97 -41.67 -27.11
N ASN U 263 -14.77 -40.71 -27.99
CA ASN U 263 -14.43 -41.16 -29.32
C ASN U 263 -12.90 -41.15 -29.41
N ILE U 264 -12.32 -42.34 -29.34
CA ILE U 264 -10.92 -42.50 -28.94
C ILE U 264 -10.65 -43.98 -28.91
N ASP U 265 -9.39 -44.40 -28.96
CA ASP U 265 -9.11 -45.82 -29.08
C ASP U 265 -8.69 -46.50 -27.80
N ARG U 266 -9.38 -47.57 -27.46
CA ARG U 266 -8.97 -48.38 -26.33
C ARG U 266 -8.84 -49.81 -26.75
N THR U 267 -8.22 -50.58 -25.87
CA THR U 267 -7.98 -51.98 -26.12
C THR U 267 -8.46 -52.82 -24.94
N ALA U 268 -9.20 -53.88 -25.24
CA ALA U 268 -9.52 -54.89 -24.27
C ALA U 268 -8.48 -55.99 -24.35
N PHE U 269 -7.99 -56.44 -23.20
CA PHE U 269 -7.00 -57.50 -23.15
C PHE U 269 -7.55 -58.78 -22.54
N GLY U 270 -6.75 -59.84 -22.57
CA GLY U 270 -7.10 -61.09 -21.92
C GLY U 270 -8.51 -61.61 -22.20
N LEU U 271 -8.94 -61.54 -23.45
CA LEU U 271 -10.25 -62.04 -23.82
C LEU U 271 -10.19 -63.46 -24.33
N LYS U 272 -10.84 -64.38 -23.62
CA LYS U 272 -10.94 -65.76 -24.09
C LYS U 272 -11.83 -65.82 -25.32
N VAL U 273 -11.44 -66.61 -26.30
CA VAL U 273 -12.36 -66.90 -27.40
C VAL U 273 -12.99 -68.27 -27.14
N TRP U 274 -14.30 -68.33 -27.26
CA TRP U 274 -15.06 -69.53 -26.94
C TRP U 274 -15.36 -70.34 -28.18
N ARG U 275 -16.03 -69.69 -29.13
CA ARG U 275 -16.60 -70.41 -30.25
C ARG U 275 -16.29 -69.75 -31.59
N ILE U 276 -16.12 -70.56 -32.63
CA ILE U 276 -15.89 -70.06 -33.98
C ILE U 276 -16.91 -70.59 -34.96
N ASN U 277 -17.67 -69.70 -35.59
CA ASN U 277 -18.57 -70.09 -36.65
C ASN U 277 -17.87 -69.94 -38.00
N THR U 278 -17.63 -71.06 -38.65
CA THR U 278 -16.85 -71.10 -39.88
C THR U 278 -17.64 -70.70 -41.15
N LYS U 279 -18.95 -70.94 -41.15
CA LYS U 279 -19.78 -70.57 -42.30
C LYS U 279 -19.83 -69.05 -42.52
N HIS U 280 -20.20 -68.31 -41.48
CA HIS U 280 -20.36 -66.86 -41.57
C HIS U 280 -19.12 -66.09 -41.11
N ASN U 281 -18.08 -66.82 -40.69
CA ASN U 281 -16.87 -66.22 -40.12
C ASN U 281 -17.18 -65.35 -38.91
N ILE U 282 -17.53 -65.99 -37.80
CA ILE U 282 -17.87 -65.27 -36.59
C ILE U 282 -17.06 -65.76 -35.40
N ILE U 283 -16.45 -64.83 -34.67
CA ILE U 283 -15.70 -65.16 -33.47
C ILE U 283 -16.52 -64.79 -32.24
N TYR U 284 -16.66 -65.70 -31.29
CA TYR U 284 -17.36 -65.35 -30.06
C TYR U 284 -16.32 -65.09 -29.00
N VAL U 285 -16.17 -63.84 -28.59
CA VAL U 285 -15.18 -63.54 -27.56
C VAL U 285 -15.86 -63.35 -26.23
N ASN U 286 -15.07 -63.26 -25.18
CA ASN U 286 -15.61 -63.22 -23.84
C ASN U 286 -15.82 -61.78 -23.40
N GLY U 287 -16.98 -61.49 -22.82
CA GLY U 287 -17.21 -60.17 -22.25
C GLY U 287 -17.39 -59.07 -23.28
N SER U 288 -17.21 -57.84 -22.83
CA SER U 288 -17.48 -56.67 -23.69
C SER U 288 -16.26 -56.17 -24.45
N VAL U 289 -16.49 -55.82 -25.69
CA VAL U 289 -15.46 -55.27 -26.54
C VAL U 289 -15.77 -53.81 -26.88
N PRO U 290 -14.79 -52.92 -26.63
CA PRO U 290 -15.02 -51.48 -26.79
C PRO U 290 -15.40 -51.06 -28.21
N GLY U 291 -16.52 -50.38 -28.35
CA GLY U 291 -16.90 -49.73 -29.59
C GLY U 291 -18.40 -49.85 -29.64
N HIS U 292 -19.06 -49.19 -30.58
CA HIS U 292 -20.51 -49.41 -30.72
C HIS U 292 -20.77 -50.62 -31.60
N LYS U 293 -21.92 -51.28 -31.42
CA LYS U 293 -22.24 -52.42 -32.28
C LYS U 293 -22.34 -51.92 -33.70
N ASN U 294 -21.91 -52.76 -34.64
CA ASN U 294 -21.84 -52.47 -36.07
C ASN U 294 -20.60 -51.70 -36.49
N CYS U 295 -19.75 -51.37 -35.52
CA CYS U 295 -18.45 -50.75 -35.80
C CYS U 295 -17.34 -51.75 -36.13
N LEU U 296 -16.31 -51.27 -36.82
CA LEU U 296 -15.13 -52.07 -37.12
C LEU U 296 -14.12 -52.14 -35.97
N VAL U 297 -13.42 -53.26 -35.89
CA VAL U 297 -12.65 -53.62 -34.72
C VAL U 297 -11.34 -54.28 -35.13
N LYS U 298 -10.32 -54.20 -34.29
CA LYS U 298 -9.01 -54.78 -34.59
C LYS U 298 -8.64 -55.90 -33.61
N ILE U 299 -8.57 -57.14 -34.09
CA ILE U 299 -8.21 -58.26 -33.22
C ILE U 299 -6.80 -58.77 -33.45
N LYS U 300 -6.19 -59.24 -32.37
CA LYS U 300 -4.91 -59.93 -32.47
C LYS U 300 -4.77 -60.85 -31.28
N ASP U 301 -3.69 -61.61 -31.20
CA ASP U 301 -3.48 -62.46 -30.05
C ASP U 301 -3.08 -61.59 -28.86
N SER U 302 -3.39 -62.06 -27.66
CA SER U 302 -3.10 -61.27 -26.47
C SER U 302 -1.60 -61.14 -26.26
N LYS U 303 -1.19 -59.91 -25.98
CA LYS U 303 0.22 -59.63 -25.73
C LYS U 303 0.48 -59.69 -24.25
N LEU U 304 -0.55 -60.02 -23.48
CA LEU U 304 -0.39 -60.23 -22.06
C LEU U 304 0.64 -61.32 -21.83
N PRO U 305 1.44 -61.18 -20.78
CA PRO U 305 2.56 -62.06 -20.43
C PRO U 305 2.21 -63.54 -20.25
N ALA U 306 1.13 -63.87 -19.52
CA ALA U 306 0.81 -65.27 -19.21
C ALA U 306 0.48 -66.09 -20.45
N TYR U 307 0.03 -65.42 -21.50
CA TYR U 307 -0.39 -66.08 -22.74
C TYR U 307 0.65 -66.06 -23.86
N LYS U 308 1.86 -65.57 -23.57
CA LYS U 308 2.88 -65.27 -24.59
C LYS U 308 3.14 -66.35 -25.66
N ASP U 309 3.36 -67.58 -25.24
CA ASP U 309 3.80 -68.64 -26.17
C ASP U 309 2.68 -69.51 -26.75
N PHE U 310 1.43 -69.14 -26.49
CA PHE U 310 0.26 -69.91 -26.91
C PHE U 310 0.20 -70.19 -28.43
N CYS U 311 0.95 -69.42 -29.20
CA CYS U 311 0.90 -69.42 -30.66
C CYS U 311 1.25 -70.74 -31.38
N LYS U 312 1.98 -71.62 -30.69
CA LYS U 312 2.57 -72.81 -31.35
C LYS U 312 1.53 -73.77 -31.91
N ASN U 313 0.35 -73.78 -31.32
CA ASN U 313 -0.72 -74.70 -31.70
C ASN U 313 -1.67 -74.08 -32.72
N LEU U 314 -1.30 -72.92 -33.24
CA LEU U 314 -2.19 -72.13 -34.08
C LEU U 314 -1.71 -72.14 -35.53
N PRO U 315 -2.64 -71.96 -36.48
CA PRO U 315 -2.43 -72.13 -37.92
C PRO U 315 -1.51 -71.05 -38.47
N PHE U 316 -0.21 -71.28 -38.49
CA PHE U 316 0.72 -70.16 -38.59
C PHE U 316 1.74 -70.06 -39.72
N PRO U 317 1.36 -69.55 -40.89
CA PRO U 317 1.58 -68.11 -41.10
C PRO U 317 0.27 -67.43 -40.67
N THR U 318 -0.81 -68.10 -41.09
CA THR U 318 -2.25 -67.82 -40.86
C THR U 318 -3.03 -69.06 -41.30
N TYR U 319 -4.35 -68.96 -41.34
CA TYR U 319 -5.17 -70.08 -41.81
C TYR U 319 -5.39 -70.03 -43.33
N PHE U 320 -5.34 -71.19 -43.96
CA PHE U 320 -5.51 -71.33 -45.40
C PHE U 320 -6.53 -72.39 -45.77
N PRO U 321 -7.78 -71.97 -46.03
CA PRO U 321 -8.86 -72.91 -46.37
C PRO U 321 -8.56 -73.73 -47.63
N ASP U 322 -7.66 -73.23 -48.47
CA ASP U 322 -7.19 -73.98 -49.64
C ASP U 322 -6.40 -75.25 -49.30
N GLY U 323 -5.31 -75.07 -48.58
CA GLY U 323 -4.25 -76.06 -48.49
C GLY U 323 -4.55 -77.42 -47.87
N ASP U 324 -5.29 -77.43 -46.77
CA ASP U 324 -5.56 -78.67 -46.05
C ASP U 324 -6.42 -79.63 -46.88
N GLU U 325 -7.29 -79.06 -47.72
CA GLU U 325 -8.23 -79.81 -48.56
C GLU U 325 -9.20 -80.66 -47.72
N GLU U 326 -9.43 -80.22 -46.48
CA GLU U 326 -10.46 -80.75 -45.61
C GLU U 326 -11.27 -79.59 -45.03
N ALA U 327 -12.59 -79.72 -45.00
CA ALA U 327 -13.42 -78.66 -44.44
C ALA U 327 -13.34 -78.67 -42.92
N LEU U 328 -13.58 -77.51 -42.32
CA LEU U 328 -13.75 -77.43 -40.87
C LEU U 328 -15.22 -77.62 -40.53
N PRO U 329 -15.51 -78.08 -39.31
CA PRO U 329 -16.90 -78.20 -38.85
C PRO U 329 -17.58 -76.86 -38.92
N GLU U 330 -18.91 -76.84 -38.97
CA GLU U 330 -19.65 -75.59 -38.96
C GLU U 330 -19.19 -74.70 -37.80
N ASP U 331 -18.96 -75.32 -36.65
CA ASP U 331 -18.56 -74.59 -35.46
C ASP U 331 -17.44 -75.29 -34.71
N LEU U 332 -16.51 -74.50 -34.17
CA LEU U 332 -15.50 -75.05 -33.26
C LEU U 332 -15.77 -74.50 -31.87
N TYR U 333 -15.69 -75.36 -30.85
CA TYR U 333 -16.01 -74.93 -29.50
C TYR U 333 -14.85 -75.17 -28.55
N ASP U 334 -14.87 -74.47 -27.42
CA ASP U 334 -14.01 -74.80 -26.31
C ASP U 334 -14.61 -76.00 -25.55
N GLU U 335 -13.78 -76.72 -24.81
CA GLU U 335 -14.21 -77.95 -24.13
C GLU U 335 -15.04 -77.71 -22.88
N ASN U 336 -15.14 -76.46 -22.45
CA ASN U 336 -15.98 -76.12 -21.32
C ASN U 336 -17.36 -75.61 -21.73
N VAL U 337 -17.57 -75.50 -23.04
CA VAL U 337 -18.79 -74.89 -23.56
C VAL U 337 -19.93 -75.89 -23.74
N CYS U 338 -21.05 -75.63 -23.06
CA CYS U 338 -22.30 -76.33 -23.35
C CYS U 338 -22.75 -76.00 -24.75
N GLN U 339 -23.02 -77.00 -25.56
CA GLN U 339 -23.37 -76.75 -26.95
C GLN U 339 -24.89 -76.55 -27.14
N PRO U 340 -25.29 -75.91 -28.27
CA PRO U 340 -26.69 -75.66 -28.63
C PRO U 340 -27.54 -76.93 -28.66
N GLY U 341 -26.88 -78.08 -28.68
CA GLY U 341 -27.57 -79.34 -28.45
C GLY U 341 -26.57 -80.22 -27.74
N ALA U 342 -27.10 -81.09 -26.87
CA ALA U 342 -26.32 -81.61 -25.76
C ALA U 342 -27.20 -82.42 -24.82
N PRO U 343 -26.58 -83.14 -23.89
CA PRO U 343 -27.26 -83.85 -22.81
C PRO U 343 -28.12 -83.01 -21.82
N SER U 344 -28.03 -81.68 -21.78
CA SER U 344 -28.78 -80.88 -20.78
C SER U 344 -28.38 -81.19 -19.33
N ILE U 345 -27.26 -80.62 -18.90
CA ILE U 345 -26.46 -81.13 -17.77
C ILE U 345 -27.16 -81.51 -16.48
N THR U 346 -26.78 -82.70 -16.00
CA THR U 346 -27.24 -83.24 -14.74
C THR U 346 -26.06 -83.41 -13.80
N PHE U 347 -26.06 -82.70 -12.68
CA PHE U 347 -25.05 -82.88 -11.66
C PHE U 347 -25.21 -84.25 -11.01
N THR U 348 -24.10 -84.78 -10.51
CA THR U 348 -24.12 -86.06 -9.81
C THR U 348 -22.93 -86.17 -8.86
N PRO V 45 14.10 92.26 -42.66
CA PRO V 45 14.56 92.62 -41.31
C PRO V 45 14.92 91.38 -40.47
N PRO V 46 16.19 91.27 -40.04
CA PRO V 46 16.61 90.11 -39.23
C PRO V 46 15.90 90.03 -37.87
N VAL V 47 15.33 88.88 -37.54
CA VAL V 47 14.75 88.67 -36.22
C VAL V 47 15.74 87.88 -35.36
N LEU V 48 16.26 88.54 -34.33
CA LEU V 48 17.25 87.93 -33.46
C LEU V 48 16.66 87.81 -32.07
N ARG V 49 16.69 86.62 -31.48
CA ARG V 49 16.08 86.47 -30.16
C ARG V 49 17.07 86.05 -29.09
N LYS V 50 17.27 86.95 -28.14
CA LYS V 50 18.09 86.72 -26.96
C LYS V 50 17.30 86.00 -25.85
N CYS V 51 17.96 85.18 -25.05
CA CYS V 51 17.34 84.53 -23.90
C CYS V 51 16.88 85.52 -22.82
N GLU V 52 15.74 85.25 -22.20
CA GLU V 52 15.18 86.15 -21.19
C GLU V 52 15.49 85.73 -19.75
N LEU V 53 16.26 84.65 -19.59
CA LEU V 53 16.55 84.11 -18.27
C LEU V 53 18.04 83.83 -18.06
N PRO V 54 18.51 83.92 -16.81
CA PRO V 54 19.96 83.76 -16.54
C PRO V 54 20.47 82.38 -16.90
N VAL V 55 21.52 82.32 -17.70
CA VAL V 55 22.21 81.05 -17.96
C VAL V 55 23.32 80.90 -16.94
N PRO V 56 23.66 79.64 -16.58
CA PRO V 56 24.78 79.42 -15.67
C PRO V 56 26.10 79.94 -16.24
N ALA V 57 27.02 80.33 -15.37
CA ALA V 57 28.26 80.95 -15.80
C ALA V 57 29.12 80.03 -16.67
N HIS V 58 29.01 78.73 -16.45
CA HIS V 58 29.89 77.78 -17.12
C HIS V 58 29.34 77.29 -18.45
N ARG V 59 28.20 77.82 -18.87
CA ARG V 59 27.51 77.28 -20.02
C ARG V 59 26.94 78.36 -20.96
N ARG V 60 27.30 78.28 -22.24
CA ARG V 60 26.76 79.17 -23.26
C ARG V 60 25.44 78.64 -23.79
N PRO V 61 24.57 79.54 -24.29
CA PRO V 61 23.31 79.07 -24.88
C PRO V 61 23.53 78.30 -26.19
N VAL V 62 22.44 77.81 -26.76
CA VAL V 62 22.49 77.04 -27.99
C VAL V 62 21.71 77.84 -29.03
N GLN V 63 21.93 77.61 -30.32
CA GLN V 63 21.27 78.46 -31.31
C GLN V 63 20.55 77.70 -32.40
N ALA V 64 19.49 78.31 -32.91
CA ALA V 64 18.73 77.72 -34.01
C ALA V 64 18.18 78.77 -34.97
N TRP V 65 18.11 78.40 -36.25
CA TRP V 65 17.50 79.25 -37.27
C TRP V 65 16.05 79.54 -36.91
N ILE V 66 15.64 80.80 -37.07
CA ILE V 66 14.21 81.08 -37.03
C ILE V 66 13.69 81.03 -38.44
N GLU V 67 12.86 80.03 -38.70
CA GLU V 67 12.31 79.84 -40.02
C GLU V 67 10.96 80.55 -40.09
N SER V 68 10.60 81.04 -41.26
CA SER V 68 9.26 81.57 -41.43
C SER V 68 8.47 80.64 -42.30
N LEU V 69 7.17 80.65 -42.10
CA LEU V 69 6.29 79.69 -42.75
C LEU V 69 5.64 80.24 -44.02
N ARG V 70 5.87 81.51 -44.32
CA ARG V 70 5.14 82.14 -45.42
C ARG V 70 5.60 81.70 -46.81
N GLY V 71 6.89 81.80 -47.09
CA GLY V 71 7.38 81.34 -48.38
C GLY V 71 7.86 79.91 -48.29
N TYR V 72 7.81 79.19 -49.41
CA TYR V 72 8.48 77.90 -49.47
C TYR V 72 9.96 78.13 -49.23
N GLU V 73 10.48 79.18 -49.84
CA GLU V 73 11.91 79.35 -50.04
C GLU V 73 12.63 80.13 -48.94
N GLN V 74 11.89 80.73 -48.01
CA GLN V 74 12.59 81.45 -46.96
C GLN V 74 12.81 80.50 -45.80
N GLU V 75 14.06 80.08 -45.67
CA GLU V 75 14.41 79.03 -44.73
C GLU V 75 14.92 79.66 -43.46
N ARG V 76 16.05 80.37 -43.53
CA ARG V 76 16.49 81.08 -42.33
C ARG V 76 16.11 82.57 -42.45
N VAL V 77 15.08 82.92 -41.69
CA VAL V 77 14.61 84.30 -41.59
C VAL V 77 15.19 85.01 -40.36
N GLY V 78 15.81 84.24 -39.47
CA GLY V 78 16.42 84.83 -38.28
C GLY V 78 17.32 83.91 -37.47
N LEU V 79 17.72 84.38 -36.29
CA LEU V 79 18.61 83.62 -35.43
C LEU V 79 18.20 83.69 -33.96
N THR V 80 18.12 82.52 -33.32
CA THR V 80 17.61 82.46 -31.94
C THR V 80 18.56 81.76 -30.97
N GLU V 81 18.64 82.29 -29.76
CA GLU V 81 19.28 81.60 -28.66
C GLU V 81 18.25 80.87 -27.81
N LEU V 82 18.49 79.57 -27.63
CA LEU V 82 17.71 78.72 -26.74
C LEU V 82 18.54 78.43 -25.49
N HIS V 83 17.86 78.32 -24.36
CA HIS V 83 18.50 78.12 -23.06
C HIS V 83 19.06 76.70 -22.91
N PRO V 84 20.32 76.61 -22.47
CA PRO V 84 21.05 75.34 -22.36
C PRO V 84 20.46 74.37 -21.34
N ASP V 85 19.76 74.89 -20.34
CA ASP V 85 19.19 74.04 -19.32
C ASP V 85 17.85 73.48 -19.75
N VAL V 86 17.40 73.86 -20.93
CA VAL V 86 16.16 73.32 -21.49
C VAL V 86 16.48 72.52 -22.72
N PHE V 87 17.07 73.16 -23.73
CA PHE V 87 17.34 72.44 -24.95
C PHE V 87 18.70 71.72 -25.00
N SER V 88 19.61 72.06 -24.11
CA SER V 88 20.92 71.37 -24.10
C SER V 88 21.08 70.29 -23.01
N THR V 89 20.02 70.01 -22.25
CA THR V 89 20.08 69.06 -21.13
C THR V 89 20.69 67.71 -21.52
N ALA V 90 21.46 67.11 -20.62
CA ALA V 90 22.03 65.78 -20.86
C ALA V 90 20.93 64.81 -21.26
N PRO V 91 21.07 64.20 -22.46
CA PRO V 91 19.97 63.42 -23.01
C PRO V 91 19.72 62.17 -22.19
N ARG V 92 18.48 61.99 -21.78
CA ARG V 92 18.21 60.90 -20.88
C ARG V 92 17.05 60.11 -21.45
N LEU V 93 17.37 58.96 -22.04
CA LEU V 93 16.37 58.23 -22.76
C LEU V 93 15.59 57.39 -21.77
N ASP V 94 16.24 57.13 -20.64
CA ASP V 94 15.68 56.40 -19.54
C ASP V 94 14.46 57.15 -18.99
N ILE V 95 14.64 58.45 -18.76
CA ILE V 95 13.56 59.28 -18.25
C ILE V 95 12.49 59.49 -19.31
N LEU V 96 12.91 59.64 -20.55
CA LEU V 96 11.98 59.66 -21.66
C LEU V 96 11.04 58.45 -21.59
N HIS V 97 11.63 57.28 -21.42
CA HIS V 97 10.87 56.05 -21.30
C HIS V 97 9.87 56.10 -20.14
N GLN V 98 10.36 56.40 -18.93
CA GLN V 98 9.49 56.53 -17.76
C GLN V 98 8.27 57.37 -18.05
N VAL V 99 8.49 58.54 -18.64
CA VAL V 99 7.39 59.48 -18.88
C VAL V 99 6.45 59.05 -19.99
N ALA V 100 6.97 58.41 -21.03
CA ALA V 100 6.11 57.96 -22.11
C ALA V 100 5.20 56.85 -21.61
N ILE V 101 5.80 55.92 -20.87
CA ILE V 101 5.06 54.83 -20.27
C ILE V 101 4.00 55.41 -19.35
N TRP V 102 4.40 56.40 -18.56
CA TRP V 102 3.46 57.03 -17.64
C TRP V 102 2.27 57.57 -18.40
N GLN V 103 2.52 58.44 -19.38
CA GLN V 103 1.44 59.00 -20.18
C GLN V 103 0.52 57.92 -20.71
N LYS V 104 1.10 56.80 -21.12
CA LYS V 104 0.27 55.74 -21.66
C LYS V 104 -0.64 55.14 -20.60
N ASN V 105 -0.04 54.73 -19.50
CA ASN V 105 -0.76 53.96 -18.51
C ASN V 105 -1.65 54.74 -17.56
N PHE V 106 -1.17 55.83 -16.97
CA PHE V 106 -1.86 56.44 -15.84
C PHE V 106 -3.34 56.77 -16.13
N LYS V 107 -3.68 56.93 -17.39
CA LYS V 107 -5.05 57.23 -17.79
C LYS V 107 -5.93 56.01 -17.76
N ARG V 108 -5.30 54.85 -17.93
CA ARG V 108 -6.01 53.62 -18.27
C ARG V 108 -6.88 53.03 -17.18
N ILE V 109 -8.11 52.69 -17.56
CA ILE V 109 -9.01 51.93 -16.71
C ILE V 109 -9.51 50.73 -17.50
N SER V 110 -9.18 49.53 -17.03
CA SER V 110 -9.64 48.33 -17.73
C SER V 110 -11.01 47.96 -17.24
N TYR V 111 -12.00 47.92 -18.13
CA TYR V 111 -13.25 47.33 -17.71
C TYR V 111 -13.20 45.96 -18.28
N ALA V 112 -12.77 45.01 -17.48
CA ALA V 112 -12.82 43.64 -17.89
C ALA V 112 -13.21 42.89 -16.66
N LYS V 113 -14.34 42.23 -16.71
CA LYS V 113 -14.76 41.54 -15.52
C LYS V 113 -15.17 40.14 -15.89
N THR V 114 -14.88 39.23 -14.98
CA THR V 114 -15.22 37.84 -15.16
C THR V 114 -16.04 37.48 -13.92
N LYS V 115 -16.93 36.50 -14.01
CA LYS V 115 -17.66 36.10 -12.80
C LYS V 115 -16.92 35.03 -12.04
N THR V 116 -16.81 35.19 -10.72
CA THR V 116 -16.28 34.16 -9.84
C THR V 116 -17.35 33.10 -9.65
N ARG V 117 -16.97 31.94 -9.14
CA ARG V 117 -17.96 30.90 -8.92
C ARG V 117 -19.09 31.36 -8.01
N ALA V 118 -18.93 32.51 -7.38
CA ALA V 118 -19.98 33.10 -6.57
C ALA V 118 -21.06 33.81 -7.37
N GLU V 119 -20.69 34.43 -8.48
CA GLU V 119 -21.60 35.31 -9.20
C GLU V 119 -22.31 34.62 -10.34
N VAL V 120 -21.96 33.37 -10.58
CA VAL V 120 -22.60 32.59 -11.63
C VAL V 120 -24.00 32.15 -11.17
N ARG V 121 -24.86 31.81 -12.12
CA ARG V 121 -26.30 31.87 -11.93
C ARG V 121 -26.96 30.94 -10.89
N GLY V 122 -26.40 29.77 -10.63
CA GLY V 122 -27.16 28.77 -9.90
C GLY V 122 -26.13 27.85 -9.30
N GLY V 123 -26.53 26.65 -8.90
CA GLY V 123 -25.55 25.71 -8.36
C GLY V 123 -25.22 26.03 -6.93
N GLY V 124 -26.27 26.19 -6.14
CA GLY V 124 -26.09 26.29 -4.72
C GLY V 124 -26.09 24.91 -4.10
N ARG V 125 -26.29 23.88 -4.92
CA ARG V 125 -26.50 22.57 -4.33
C ARG V 125 -25.60 21.47 -4.88
N LYS V 126 -25.22 20.58 -3.97
CA LYS V 126 -24.32 19.48 -4.27
C LYS V 126 -24.95 18.51 -5.28
N PRO V 127 -24.37 18.41 -6.48
CA PRO V 127 -24.93 17.73 -7.65
C PRO V 127 -25.10 16.23 -7.48
N TRP V 128 -24.37 15.62 -6.56
CA TRP V 128 -24.73 14.29 -6.10
C TRP V 128 -24.06 14.03 -4.77
N VAL V 129 -24.39 12.90 -4.16
CA VAL V 129 -23.96 12.65 -2.80
C VAL V 129 -22.47 12.35 -2.74
N GLN V 130 -21.87 12.73 -1.61
CA GLN V 130 -20.43 12.66 -1.45
C GLN V 130 -19.84 11.28 -1.67
N LYS V 131 -20.56 10.22 -1.33
CA LYS V 131 -20.00 8.88 -1.43
C LYS V 131 -20.91 7.88 -2.11
N GLY V 132 -20.32 6.89 -2.78
CA GLY V 132 -21.06 5.74 -3.29
C GLY V 132 -21.49 5.78 -4.74
N SER V 133 -21.62 6.99 -5.29
CA SER V 133 -22.06 7.15 -6.67
C SER V 133 -20.95 6.70 -7.61
N GLY V 134 -19.75 6.59 -7.06
CA GLY V 134 -18.66 6.04 -7.81
C GLY V 134 -17.86 7.06 -8.57
N ARG V 135 -18.32 8.31 -8.61
CA ARG V 135 -17.59 9.33 -9.36
C ARG V 135 -16.98 10.41 -8.49
N ALA V 136 -16.34 11.37 -9.14
CA ALA V 136 -15.62 12.46 -8.46
C ALA V 136 -16.54 13.30 -7.60
N ARG V 137 -16.03 13.82 -6.49
CA ARG V 137 -16.89 14.57 -5.59
C ARG V 137 -16.91 16.06 -5.92
N HIS V 138 -18.09 16.64 -5.89
CA HIS V 138 -18.22 18.06 -6.20
C HIS V 138 -19.22 18.75 -5.30
N GLY V 139 -19.00 20.03 -5.10
CA GLY V 139 -19.95 20.96 -4.53
C GLY V 139 -20.63 21.53 -5.74
N SER V 140 -20.91 22.82 -5.72
CA SER V 140 -21.59 23.49 -6.82
C SER V 140 -21.15 23.11 -8.24
N ILE V 141 -22.13 22.96 -9.13
CA ILE V 141 -21.85 22.75 -10.54
C ILE V 141 -21.31 24.03 -11.21
N ARG V 142 -21.20 25.11 -10.45
CA ARG V 142 -20.59 26.31 -11.00
C ARG V 142 -19.14 26.50 -10.62
N SER V 143 -18.57 25.51 -9.93
CA SER V 143 -17.14 25.50 -9.62
C SER V 143 -16.28 25.73 -10.87
N PRO V 144 -15.11 26.38 -10.71
CA PRO V 144 -14.25 26.71 -11.84
C PRO V 144 -13.76 25.51 -12.64
N ILE V 145 -13.89 24.32 -12.11
CA ILE V 145 -13.58 23.13 -12.87
C ILE V 145 -14.60 22.88 -13.96
N TRP V 146 -15.87 23.05 -13.61
CA TRP V 146 -17.00 22.69 -14.47
C TRP V 146 -17.11 23.52 -15.72
N ARG V 147 -17.86 23.02 -16.69
CA ARG V 147 -17.96 23.68 -17.97
C ARG V 147 -18.45 25.12 -17.82
N GLY V 148 -19.71 25.30 -17.48
CA GLY V 148 -20.23 26.65 -17.46
C GLY V 148 -19.76 27.49 -16.28
N GLY V 149 -18.98 26.88 -15.38
CA GLY V 149 -18.71 27.42 -14.07
C GLY V 149 -17.94 28.72 -14.00
N GLY V 150 -17.72 29.20 -12.77
CA GLY V 150 -17.09 30.48 -12.53
C GLY V 150 -15.63 30.47 -12.89
N VAL V 151 -15.07 31.65 -13.14
CA VAL V 151 -13.67 31.77 -13.52
C VAL V 151 -12.74 31.87 -12.31
N ALA V 152 -11.70 31.05 -12.30
CA ALA V 152 -10.86 30.90 -11.11
C ALA V 152 -10.22 32.19 -10.65
N HIS V 153 -9.46 32.86 -11.51
CA HIS V 153 -9.00 34.17 -11.13
C HIS V 153 -9.50 35.23 -12.07
N GLY V 154 -8.89 35.39 -13.22
CA GLY V 154 -9.48 36.28 -14.20
C GLY V 154 -9.51 37.73 -13.77
N PRO V 155 -9.94 38.60 -14.68
CA PRO V 155 -9.96 40.04 -14.43
C PRO V 155 -11.03 40.38 -13.43
N ARG V 156 -10.83 41.41 -12.62
CA ARG V 156 -11.82 41.72 -11.61
C ARG V 156 -12.11 43.20 -11.55
N GLY V 157 -13.36 43.53 -11.87
CA GLY V 157 -13.88 44.88 -11.73
C GLY V 157 -13.33 45.83 -12.77
N PRO V 158 -13.91 47.03 -12.86
CA PRO V 158 -13.11 48.08 -13.49
C PRO V 158 -11.89 48.31 -12.62
N THR V 159 -10.72 48.29 -13.24
CA THR V 159 -9.45 48.43 -12.55
C THR V 159 -8.80 49.71 -12.98
N SER V 160 -8.22 50.46 -12.05
CA SER V 160 -7.50 51.64 -12.48
C SER V 160 -6.03 51.39 -12.35
N TYR V 161 -5.31 51.76 -13.39
CA TYR V 161 -3.88 51.88 -13.29
C TYR V 161 -3.66 53.34 -13.16
N TYR V 162 -3.31 53.82 -11.98
CA TYR V 162 -3.10 55.24 -11.90
C TYR V 162 -1.94 55.53 -11.00
N TYR V 163 -1.03 56.36 -11.46
CA TYR V 163 0.07 56.76 -10.62
C TYR V 163 0.62 58.07 -11.10
N MET V 164 1.36 58.73 -10.22
CA MET V 164 1.98 59.97 -10.62
C MET V 164 3.49 59.91 -10.52
N LEU V 165 4.14 60.08 -11.66
CA LEU V 165 5.54 60.43 -11.67
C LEU V 165 5.69 61.78 -10.98
N PRO V 166 6.65 61.88 -10.04
CA PRO V 166 6.94 63.13 -9.33
C PRO V 166 7.19 64.29 -10.30
N MET V 167 6.75 65.50 -9.93
CA MET V 167 6.77 66.67 -10.81
C MET V 167 8.05 66.81 -11.60
N LYS V 168 9.14 66.99 -10.85
CA LYS V 168 10.45 67.25 -11.41
C LYS V 168 10.85 66.19 -12.45
N VAL V 169 10.34 64.98 -12.30
CA VAL V 169 10.61 63.96 -13.31
C VAL V 169 9.86 64.23 -14.62
N ARG V 170 8.60 64.62 -14.55
CA ARG V 170 7.84 64.90 -15.76
C ARG V 170 8.40 66.12 -16.49
N VAL V 171 8.79 67.12 -15.69
CA VAL V 171 9.46 68.29 -16.23
C VAL V 171 10.73 67.88 -16.98
N GLN V 172 11.61 67.18 -16.28
CA GLN V 172 12.84 66.67 -16.89
C GLN V 172 12.59 65.89 -18.18
N GLY V 173 11.51 65.11 -18.19
CA GLY V 173 11.11 64.38 -19.37
C GLY V 173 10.86 65.32 -20.53
N LEU V 174 10.07 66.37 -20.28
CA LEU V 174 9.82 67.37 -21.31
C LEU V 174 11.09 68.07 -21.83
N LYS V 175 11.94 68.49 -20.90
CA LYS V 175 13.23 69.06 -21.26
C LYS V 175 13.94 68.13 -22.22
N VAL V 176 14.12 66.87 -21.80
CA VAL V 176 14.84 65.89 -22.59
C VAL V 176 14.25 65.67 -23.99
N ALA V 177 12.93 65.57 -24.07
CA ALA V 177 12.30 65.42 -25.38
C ALA V 177 12.68 66.59 -26.27
N LEU V 178 12.59 67.81 -25.73
CA LEU V 178 12.97 68.99 -26.51
C LEU V 178 14.43 68.96 -26.96
N THR V 179 15.31 68.68 -26.01
CA THR V 179 16.73 68.52 -26.27
C THR V 179 17.01 67.57 -27.41
N VAL V 180 16.33 66.44 -27.40
CA VAL V 180 16.60 65.37 -28.35
C VAL V 180 16.04 65.71 -29.72
N LYS V 181 14.86 66.31 -29.74
CA LYS V 181 14.30 66.81 -31.00
C LYS V 181 15.27 67.78 -31.66
N LEU V 182 15.91 68.61 -30.84
CA LEU V 182 16.88 69.57 -31.37
C LEU V 182 18.18 68.93 -31.84
N ALA V 183 18.79 68.08 -31.00
CA ALA V 183 20.09 67.48 -31.28
C ALA V 183 20.08 66.61 -32.54
N GLN V 184 18.91 66.10 -32.89
CA GLN V 184 18.73 65.28 -34.08
C GLN V 184 18.23 66.06 -35.28
N ASP V 185 18.19 67.39 -35.15
CA ASP V 185 17.99 68.31 -36.28
C ASP V 185 16.51 68.44 -36.64
N ASP V 186 15.67 67.75 -35.90
CA ASP V 186 14.25 67.68 -36.21
C ASP V 186 13.37 68.72 -35.52
N LEU V 187 14.01 69.68 -34.83
CA LEU V 187 13.30 70.81 -34.24
C LEU V 187 13.46 72.07 -35.06
N HIS V 188 12.35 72.75 -35.35
CA HIS V 188 12.38 73.97 -36.14
C HIS V 188 11.66 75.11 -35.46
N ILE V 189 12.41 76.12 -35.05
CA ILE V 189 11.80 77.28 -34.46
C ILE V 189 11.25 78.16 -35.57
N VAL V 190 9.96 78.38 -35.53
CA VAL V 190 9.30 79.17 -36.55
C VAL V 190 8.86 80.47 -35.90
N ASP V 191 8.82 81.54 -36.68
CA ASP V 191 8.18 82.76 -36.20
C ASP V 191 6.72 82.64 -36.63
N SER V 192 5.90 83.65 -36.36
CA SER V 192 4.61 83.73 -37.05
C SER V 192 3.72 82.50 -36.84
N LEU V 193 3.66 81.69 -37.91
CA LEU V 193 2.61 80.72 -38.26
C LEU V 193 1.58 81.30 -39.25
N GLU V 194 1.71 82.57 -39.64
CA GLU V 194 0.89 83.08 -40.74
C GLU V 194 1.10 82.25 -42.01
N LEU V 195 0.01 81.69 -42.52
CA LEU V 195 0.03 80.97 -43.79
C LEU V 195 -0.64 81.74 -44.93
N PRO V 196 0.02 81.79 -46.10
CA PRO V 196 -0.41 82.43 -47.35
C PRO V 196 -1.78 82.01 -47.85
N THR V 197 -2.29 80.89 -47.35
CA THR V 197 -3.53 80.32 -47.87
C THR V 197 -4.00 79.13 -47.03
N ALA V 198 -5.26 78.77 -47.20
CA ALA V 198 -5.88 77.74 -46.39
C ALA V 198 -5.82 76.36 -47.07
N ASP V 199 -5.20 76.31 -48.25
CA ASP V 199 -5.03 75.02 -48.94
C ASP V 199 -3.99 74.19 -48.21
N PRO V 200 -4.39 73.03 -47.68
CA PRO V 200 -3.48 72.12 -46.98
C PRO V 200 -2.38 71.55 -47.87
N GLN V 201 -2.65 71.46 -49.17
CA GLN V 201 -1.65 70.97 -50.11
C GLN V 201 -0.40 71.83 -50.05
N TYR V 202 -0.61 73.12 -49.84
CA TYR V 202 0.48 74.05 -49.62
C TYR V 202 1.38 73.59 -48.48
N LEU V 203 0.77 73.17 -47.38
CA LEU V 203 1.52 72.74 -46.20
C LEU V 203 2.28 71.45 -46.46
N ILE V 204 1.61 70.49 -47.10
CA ILE V 204 2.25 69.22 -47.41
C ILE V 204 3.49 69.42 -48.27
N GLU V 205 3.32 70.19 -49.34
CA GLU V 205 4.43 70.43 -50.26
C GLU V 205 5.51 71.31 -49.62
N LEU V 206 5.12 72.13 -48.66
CA LEU V 206 6.11 72.91 -47.90
C LEU V 206 6.98 71.98 -47.07
N ALA V 207 6.35 71.00 -46.45
CA ALA V 207 7.09 70.02 -45.67
C ALA V 207 7.92 69.13 -46.58
N ARG V 208 7.51 68.99 -47.84
CA ARG V 208 8.30 68.23 -48.79
C ARG V 208 9.53 69.01 -49.23
N TYR V 209 9.39 70.32 -49.37
CA TYR V 209 10.50 71.13 -49.85
C TYR V 209 11.60 71.29 -48.79
N ARG V 210 11.22 71.32 -47.52
CA ARG V 210 12.22 71.48 -46.45
C ARG V 210 12.67 70.14 -45.87
N ARG V 211 12.15 69.05 -46.44
CA ARG V 211 12.40 67.70 -45.95
C ARG V 211 12.15 67.59 -44.46
N TRP V 212 10.88 67.70 -44.10
CA TRP V 212 10.45 67.70 -42.70
C TRP V 212 10.02 66.34 -42.19
N GLY V 213 10.02 65.34 -43.07
CA GLY V 213 9.53 64.03 -42.67
C GLY V 213 8.02 63.95 -42.78
N ASP V 214 7.48 62.76 -42.48
CA ASP V 214 6.08 62.44 -42.74
C ASP V 214 5.10 63.19 -41.86
N SER V 215 5.45 63.32 -40.59
CA SER V 215 4.56 63.87 -39.60
C SER V 215 5.14 65.14 -38.98
N VAL V 216 4.27 66.08 -38.62
CA VAL V 216 4.70 67.36 -38.07
C VAL V 216 3.84 67.81 -36.90
N LEU V 217 4.49 68.23 -35.81
CA LEU V 217 3.78 68.78 -34.66
C LEU V 217 3.94 70.30 -34.55
N LEU V 218 2.86 71.02 -34.81
CA LEU V 218 2.86 72.49 -34.78
C LEU V 218 2.34 73.04 -33.46
N VAL V 219 3.24 73.63 -32.68
CA VAL V 219 2.86 74.16 -31.38
C VAL V 219 2.61 75.66 -31.44
N ASP V 220 1.50 76.09 -30.88
CA ASP V 220 1.14 77.50 -30.86
C ASP V 220 0.97 77.94 -29.40
N LEU V 221 0.96 79.25 -29.15
CA LEU V 221 0.96 79.73 -27.76
C LEU V 221 -0.38 79.57 -27.02
N GLU V 222 -1.48 79.96 -27.65
CA GLU V 222 -2.79 79.78 -27.02
C GLU V 222 -3.81 79.28 -28.02
N HIS V 223 -4.95 78.80 -27.51
CA HIS V 223 -5.88 78.11 -28.37
C HIS V 223 -6.70 79.04 -29.26
N GLU V 224 -7.08 80.19 -28.73
CA GLU V 224 -7.91 81.12 -29.47
C GLU V 224 -7.10 81.93 -30.48
N ASP V 225 -5.83 82.14 -30.18
CA ASP V 225 -4.99 83.05 -30.95
C ASP V 225 -4.41 82.42 -32.21
N MET V 226 -4.71 81.16 -32.45
CA MET V 226 -4.23 80.50 -33.66
C MET V 226 -4.81 81.13 -34.91
N PRO V 227 -3.92 81.53 -35.83
CA PRO V 227 -4.31 82.05 -37.15
C PRO V 227 -5.23 81.11 -37.90
N GLN V 228 -6.23 81.65 -38.59
CA GLN V 228 -7.28 80.83 -39.17
C GLN V 228 -6.84 80.03 -40.38
N ASN V 229 -5.86 80.54 -41.12
CA ASN V 229 -5.33 79.81 -42.27
C ASN V 229 -4.72 78.47 -41.84
N VAL V 230 -3.95 78.52 -40.76
CA VAL V 230 -3.38 77.32 -40.18
C VAL V 230 -4.46 76.35 -39.76
N VAL V 231 -5.42 76.82 -38.98
CA VAL V 231 -6.48 75.98 -38.45
C VAL V 231 -7.25 75.27 -39.57
N ALA V 232 -7.65 76.02 -40.59
CA ALA V 232 -8.25 75.44 -41.77
C ALA V 232 -7.36 74.34 -42.36
N ALA V 233 -6.14 74.71 -42.77
CA ALA V 233 -5.20 73.77 -43.40
C ALA V 233 -4.97 72.48 -42.61
N THR V 234 -4.83 72.63 -41.30
CA THR V 234 -4.42 71.56 -40.42
C THR V 234 -5.60 70.76 -39.88
N SER V 235 -6.83 71.25 -40.09
CA SER V 235 -7.98 70.51 -39.61
C SER V 235 -8.30 69.35 -40.54
N GLY V 236 -7.85 69.45 -41.79
CA GLY V 236 -8.13 68.42 -42.78
C GLY V 236 -6.96 67.47 -43.02
N LEU V 237 -5.94 67.57 -42.17
CA LEU V 237 -4.75 66.73 -42.33
C LEU V 237 -4.63 65.73 -41.20
N LYS V 238 -4.20 64.52 -41.54
CA LYS V 238 -3.96 63.51 -40.54
C LYS V 238 -2.60 63.66 -39.85
N THR V 239 -1.54 63.82 -40.62
CA THR V 239 -0.19 63.81 -40.08
C THR V 239 0.27 65.13 -39.45
N PHE V 240 -0.27 66.25 -39.94
CA PHE V 240 0.08 67.56 -39.39
C PHE V 240 -0.87 67.92 -38.29
N ASN V 241 -0.33 68.18 -37.11
CA ASN V 241 -1.21 68.40 -35.98
C ASN V 241 -0.92 69.68 -35.25
N LEU V 242 -1.96 70.48 -35.06
CA LEU V 242 -1.84 71.76 -34.40
C LEU V 242 -2.28 71.64 -32.95
N VAL V 243 -1.40 72.02 -32.03
CA VAL V 243 -1.72 71.94 -30.62
C VAL V 243 -1.18 73.16 -29.86
N PRO V 244 -1.94 73.68 -28.88
CA PRO V 244 -1.48 74.79 -28.05
C PRO V 244 -0.34 74.38 -27.12
N ALA V 245 0.37 75.35 -26.56
CA ALA V 245 1.58 75.08 -25.77
C ALA V 245 1.29 74.15 -24.60
N VAL V 246 0.23 74.43 -23.85
CA VAL V 246 -0.12 73.63 -22.68
C VAL V 246 -0.44 72.19 -23.03
N GLY V 247 -0.56 71.90 -24.32
CA GLY V 247 -0.78 70.55 -24.77
C GLY V 247 0.49 69.89 -25.31
N LEU V 248 1.65 70.45 -25.00
CA LEU V 248 2.88 69.80 -25.40
C LEU V 248 3.15 68.66 -24.41
N ASN V 249 3.66 67.55 -24.94
CA ASN V 249 3.86 66.35 -24.13
C ASN V 249 4.85 65.41 -24.78
N VAL V 250 5.42 64.51 -23.99
CA VAL V 250 6.42 63.59 -24.50
C VAL V 250 5.89 62.66 -25.60
N HIS V 251 4.77 62.01 -25.34
CA HIS V 251 4.21 61.06 -26.29
C HIS V 251 4.03 61.66 -27.67
N SER V 252 3.32 62.78 -27.75
CA SER V 252 3.05 63.43 -29.03
C SER V 252 4.33 63.86 -29.72
N MET V 253 5.33 64.22 -28.93
CA MET V 253 6.60 64.61 -29.51
C MET V 253 7.36 63.42 -30.09
N LEU V 254 7.18 62.24 -29.50
CA LEU V 254 7.83 61.07 -30.06
C LEU V 254 7.01 60.43 -31.18
N LYS V 255 5.74 60.82 -31.29
CA LYS V 255 4.88 60.26 -32.32
C LYS V 255 5.10 60.99 -33.65
N HIS V 256 5.38 62.29 -33.58
CA HIS V 256 5.57 63.10 -34.77
C HIS V 256 7.05 63.27 -35.06
N GLN V 257 7.44 63.12 -36.32
CA GLN V 257 8.85 63.13 -36.65
C GLN V 257 9.50 64.49 -36.43
N THR V 258 8.73 65.55 -36.60
CA THR V 258 9.29 66.89 -36.58
C THR V 258 8.49 67.83 -35.67
N LEU V 259 9.19 68.60 -34.87
CA LEU V 259 8.56 69.56 -33.98
C LEU V 259 8.73 70.98 -34.52
N VAL V 260 7.63 71.73 -34.58
CA VAL V 260 7.68 73.13 -34.99
C VAL V 260 7.17 74.06 -33.89
N LEU V 261 8.08 74.82 -33.30
CA LEU V 261 7.75 75.69 -32.18
C LEU V 261 7.68 77.16 -32.57
N THR V 262 6.56 77.82 -32.26
CA THR V 262 6.44 79.27 -32.42
C THR V 262 7.44 79.99 -31.51
N LEU V 263 7.82 81.22 -31.85
CA LEU V 263 8.80 81.96 -31.05
C LEU V 263 8.31 82.35 -29.63
N PRO V 264 7.10 82.91 -29.52
CA PRO V 264 6.60 83.13 -28.16
C PRO V 264 6.42 81.82 -27.40
N THR V 265 6.16 80.74 -28.13
CA THR V 265 6.02 79.41 -27.52
C THR V 265 7.32 78.98 -26.85
N VAL V 266 8.44 79.18 -27.54
CA VAL V 266 9.74 78.94 -26.96
C VAL V 266 9.92 79.79 -25.71
N ALA V 267 9.66 81.09 -25.82
CA ALA V 267 9.83 81.97 -24.66
C ALA V 267 8.96 81.53 -23.47
N PHE V 268 7.87 80.85 -23.77
CA PHE V 268 6.93 80.34 -22.76
C PHE V 268 7.51 79.11 -22.08
N LEU V 269 7.71 78.06 -22.88
CA LEU V 269 8.27 76.79 -22.41
C LEU V 269 9.52 76.99 -21.57
N GLU V 270 10.46 77.76 -22.12
CA GLU V 270 11.75 78.00 -21.49
C GLU V 270 11.54 78.39 -20.03
N GLU V 271 10.68 79.39 -19.83
CA GLU V 271 10.36 79.88 -18.50
C GLU V 271 9.62 78.86 -17.63
N LYS V 272 8.60 78.25 -18.19
CA LYS V 272 7.78 77.28 -17.45
C LYS V 272 8.60 76.11 -16.90
N LEU V 273 9.44 75.53 -17.75
CA LEU V 273 10.26 74.40 -17.35
C LEU V 273 11.40 74.82 -16.42
N LEU V 274 12.10 75.90 -16.78
CA LEU V 274 13.20 76.38 -15.95
C LEU V 274 12.78 76.72 -14.53
N TRP V 275 11.52 77.13 -14.37
CA TRP V 275 11.04 77.54 -13.07
C TRP V 275 11.31 76.51 -11.98
N HIS V 276 11.40 75.23 -12.36
CA HIS V 276 11.44 74.16 -11.38
C HIS V 276 12.80 73.88 -10.78
N ASN V 277 13.88 74.35 -11.40
CA ASN V 277 15.20 74.08 -10.84
C ASN V 277 15.42 74.90 -9.58
N SER V 278 14.78 76.05 -9.55
CA SER V 278 14.98 77.02 -8.47
C SER V 278 13.89 77.02 -7.41
N ARG V 279 12.92 76.12 -7.53
CA ARG V 279 11.73 76.21 -6.67
C ARG V 279 11.75 75.35 -5.41
N TYR V 280 11.14 75.88 -4.35
CA TYR V 280 10.91 75.11 -3.13
C TYR V 280 9.95 73.99 -3.41
N THR V 281 9.95 73.01 -2.52
CA THR V 281 8.87 72.04 -2.49
C THR V 281 7.61 72.80 -2.09
N PRO V 282 6.46 72.45 -2.69
CA PRO V 282 5.18 73.07 -2.39
C PRO V 282 4.83 72.99 -0.91
N LEU V 283 4.37 74.10 -0.35
CA LEU V 283 3.87 74.13 1.01
C LEU V 283 2.44 73.61 0.99
N TYR V 284 1.60 74.27 0.20
CA TYR V 284 0.29 73.76 -0.15
C TYR V 284 0.21 73.83 -1.68
N PRO V 285 -0.89 73.36 -2.30
CA PRO V 285 -0.98 73.34 -3.77
C PRO V 285 -0.69 74.69 -4.42
N PHE V 286 -0.06 74.64 -5.59
CA PHE V 286 0.40 75.86 -6.25
C PHE V 286 -0.72 76.68 -6.85
N ARG V 287 -1.93 76.13 -6.81
CA ARG V 287 -3.10 76.83 -7.36
C ARG V 287 -3.57 77.91 -6.38
N LEU V 288 -3.08 77.82 -5.16
CA LEU V 288 -3.34 78.80 -4.11
C LEU V 288 -2.35 79.97 -4.16
N PRO V 289 -2.63 81.07 -3.42
CA PRO V 289 -1.72 82.21 -3.31
C PRO V 289 -0.31 81.88 -2.84
N TYR V 290 0.67 82.35 -3.60
CA TYR V 290 2.05 82.31 -3.18
C TYR V 290 2.59 83.71 -3.30
N CYS V 291 3.68 83.99 -2.60
CA CYS V 291 4.31 85.30 -2.65
C CYS V 291 4.61 85.77 -4.08
N ASP V 292 5.60 85.14 -4.70
CA ASP V 292 6.04 85.49 -6.05
C ASP V 292 5.18 84.88 -7.14
N PHE V 293 4.57 83.73 -6.81
CA PHE V 293 3.95 82.90 -7.83
C PHE V 293 2.52 83.30 -8.13
N PRO V 294 2.15 83.24 -9.42
CA PRO V 294 0.78 83.39 -9.92
C PRO V 294 -0.17 82.30 -9.40
N THR W 53 -42.15 52.07 33.88
CA THR W 53 -41.12 52.53 32.95
C THR W 53 -39.75 52.05 33.41
N VAL W 54 -39.09 51.25 32.57
CA VAL W 54 -37.73 50.82 32.87
C VAL W 54 -36.73 51.73 32.19
N ILE W 55 -35.73 52.12 32.96
CA ILE W 55 -34.65 52.95 32.45
C ILE W 55 -33.43 52.07 32.27
N VAL W 56 -32.92 52.08 31.05
CA VAL W 56 -31.97 51.10 30.58
C VAL W 56 -30.73 51.77 30.00
N GLU W 57 -29.57 51.13 30.12
CA GLU W 57 -28.33 51.73 29.63
C GLU W 57 -27.47 50.73 28.86
N ARG W 58 -26.72 51.21 27.87
CA ARG W 58 -25.92 50.34 27.02
C ARG W 58 -24.64 49.83 27.66
N TRP W 59 -24.34 48.55 27.45
CA TRP W 59 -23.13 47.93 27.98
C TRP W 59 -21.90 48.31 27.20
N TRP W 60 -22.09 48.55 25.91
CA TRP W 60 -20.99 48.85 25.01
C TRP W 60 -21.06 50.27 24.56
N LYS W 61 -19.93 50.96 24.62
CA LYS W 61 -19.91 52.33 24.18
C LYS W 61 -20.18 52.41 22.69
N VAL W 62 -20.97 53.38 22.29
CA VAL W 62 -21.22 53.64 20.87
C VAL W 62 -20.24 54.69 20.37
N PRO W 63 -19.66 54.49 19.19
CA PRO W 63 -18.79 55.52 18.62
C PRO W 63 -19.56 56.79 18.30
N LEU W 64 -18.86 57.80 17.83
CA LEU W 64 -19.47 59.10 17.59
C LEU W 64 -19.79 59.29 16.12
N ALA W 65 -20.86 60.02 15.83
CA ALA W 65 -20.97 60.65 14.53
C ALA W 65 -21.46 62.08 14.76
N GLY W 66 -20.63 63.07 14.49
CA GLY W 66 -20.88 64.40 15.05
C GLY W 66 -21.54 65.46 14.20
N GLU W 67 -21.54 65.26 12.89
CA GLU W 67 -21.97 66.31 11.98
C GLU W 67 -23.49 66.43 11.95
N GLY W 68 -24.15 65.53 12.66
CA GLY W 68 -25.58 65.35 12.49
C GLY W 68 -25.84 64.02 11.81
N ARG W 69 -24.77 63.34 11.41
CA ARG W 69 -24.87 61.97 10.95
C ARG W 69 -25.51 61.08 12.00
N LYS W 70 -26.27 60.09 11.58
CA LYS W 70 -26.85 59.15 12.52
C LYS W 70 -25.80 58.14 12.95
N PRO W 71 -25.84 57.72 14.22
CA PRO W 71 -24.80 56.85 14.76
C PRO W 71 -24.84 55.49 14.11
N ARG W 72 -23.68 54.90 13.91
CA ARG W 72 -23.60 53.62 13.23
C ARG W 72 -23.69 52.50 14.25
N LEU W 73 -24.80 51.77 14.22
CA LEU W 73 -25.05 50.78 15.27
C LEU W 73 -24.73 49.35 14.86
N HIS W 74 -24.20 48.60 15.82
CA HIS W 74 -23.82 47.22 15.64
C HIS W 74 -24.83 46.43 16.45
N ARG W 75 -24.75 45.12 16.42
CA ARG W 75 -25.69 44.33 17.18
C ARG W 75 -25.33 44.39 18.65
N ARG W 76 -24.05 44.60 18.95
CA ARG W 76 -23.60 44.56 20.35
C ARG W 76 -24.06 45.79 21.10
N HIS W 77 -24.62 46.75 20.38
CA HIS W 77 -25.16 47.93 21.03
C HIS W 77 -26.60 47.72 21.48
N ARG W 78 -27.10 46.50 21.27
CA ARG W 78 -28.43 46.11 21.74
C ARG W 78 -28.36 45.44 23.10
N VAL W 79 -27.18 45.37 23.71
CA VAL W 79 -27.09 44.72 25.02
C VAL W 79 -27.18 45.73 26.15
N TYR W 80 -28.29 45.66 26.89
CA TYR W 80 -28.62 46.67 27.89
C TYR W 80 -28.42 46.17 29.31
N LYS W 81 -28.05 47.07 30.20
CA LYS W 81 -28.12 46.77 31.63
C LYS W 81 -29.23 47.63 32.20
N LEU W 82 -29.91 47.12 33.21
CA LEU W 82 -31.08 47.81 33.73
C LEU W 82 -30.67 48.70 34.88
N VAL W 83 -30.68 50.01 34.65
CA VAL W 83 -30.25 50.96 35.70
C VAL W 83 -31.34 51.32 36.68
N GLU W 84 -32.59 51.32 36.23
CA GLU W 84 -33.65 51.68 37.15
C GLU W 84 -34.98 51.12 36.72
N ASP W 85 -35.88 50.90 37.67
CA ASP W 85 -37.28 50.80 37.31
C ASP W 85 -38.04 51.90 38.02
N THR W 86 -38.54 52.84 37.24
CA THR W 86 -39.26 54.01 37.74
C THR W 86 -40.38 53.60 38.70
N LYS W 87 -41.01 52.47 38.40
CA LYS W 87 -42.12 52.01 39.22
C LYS W 87 -41.65 51.62 40.60
N HIS W 88 -40.36 51.42 40.76
CA HIS W 88 -39.85 51.01 42.06
C HIS W 88 -39.29 52.17 42.89
N ARG W 89 -39.35 53.38 42.35
CA ARG W 89 -38.93 54.56 43.11
C ARG W 89 -39.89 54.82 44.26
N PRO W 90 -39.40 55.42 45.35
CA PRO W 90 -40.35 55.88 46.36
C PRO W 90 -41.23 56.95 45.74
N LYS W 91 -42.55 56.81 45.85
CA LYS W 91 -43.41 57.65 45.02
C LYS W 91 -43.65 59.03 45.62
N ASP W 92 -43.79 60.00 44.73
CA ASP W 92 -43.99 61.40 45.09
C ASP W 92 -45.43 61.67 45.54
N ASN W 93 -45.74 62.95 45.71
CA ASN W 93 -47.08 63.38 46.10
C ASN W 93 -47.65 64.34 45.08
N LEU W 94 -48.96 64.52 45.14
CA LEU W 94 -49.66 65.42 44.24
C LEU W 94 -50.18 66.63 45.00
N GLU W 95 -49.99 67.81 44.42
CA GLU W 95 -50.43 69.05 45.05
C GLU W 95 -51.68 69.63 44.38
N LEU W 96 -52.71 69.84 45.18
CA LEU W 96 -54.01 70.26 44.66
C LEU W 96 -54.64 71.43 45.40
N VAL W 97 -55.64 72.02 44.76
CA VAL W 97 -56.44 73.09 45.33
C VAL W 97 -57.90 72.67 45.38
N LEU W 98 -58.45 72.51 46.59
CA LEU W 98 -59.79 71.99 46.76
C LEU W 98 -60.86 73.02 46.38
N THR W 99 -61.84 72.60 45.57
CA THR W 99 -62.98 73.46 45.19
C THR W 99 -64.24 73.20 46.03
N GLN W 100 -64.14 72.25 46.97
CA GLN W 100 -65.17 72.02 47.98
C GLN W 100 -64.48 71.65 49.26
N SER W 101 -65.24 71.32 50.29
CA SER W 101 -64.62 70.91 51.55
C SER W 101 -64.64 69.40 51.70
N VAL W 102 -63.45 68.80 51.62
CA VAL W 102 -63.29 67.36 51.80
C VAL W 102 -63.27 67.05 53.29
N GLU W 103 -63.79 65.88 53.65
CA GLU W 103 -63.91 65.47 55.04
C GLU W 103 -62.60 65.65 55.84
N GLU W 104 -61.61 64.81 55.56
CA GLU W 104 -60.38 64.84 56.34
C GLU W 104 -59.43 65.96 55.91
N LEU W 105 -59.27 66.11 54.60
CA LEU W 105 -58.19 66.93 54.04
C LEU W 105 -58.28 68.42 54.34
N GLY W 106 -59.40 69.04 53.97
CA GLY W 106 -59.53 70.45 54.21
C GLY W 106 -60.71 71.19 53.61
N VAL W 107 -60.66 72.50 53.78
CA VAL W 107 -61.69 73.44 53.33
C VAL W 107 -61.67 73.75 51.84
N ARG W 108 -62.78 74.28 51.35
CA ARG W 108 -62.83 74.89 50.03
C ARG W 108 -61.78 76.01 49.97
N GLY W 109 -61.04 76.08 48.86
CA GLY W 109 -60.01 77.09 48.71
C GLY W 109 -58.79 76.83 49.58
N ASP W 110 -58.29 75.60 49.52
CA ASP W 110 -57.16 75.16 50.35
C ASP W 110 -56.09 74.46 49.48
N LEU W 111 -54.83 74.56 49.89
CA LEU W 111 -53.73 73.94 49.15
C LEU W 111 -53.21 72.71 49.88
N VAL W 112 -53.47 71.52 49.33
CA VAL W 112 -53.20 70.28 50.05
C VAL W 112 -52.29 69.33 49.25
N SER W 113 -51.52 68.50 49.96
CA SER W 113 -50.68 67.48 49.34
C SER W 113 -51.15 66.07 49.71
N VAL W 114 -51.53 65.30 48.69
CA VAL W 114 -52.00 63.94 48.92
C VAL W 114 -51.15 62.93 48.14
N LYS W 115 -51.46 61.66 48.29
CA LYS W 115 -50.82 60.64 47.46
C LYS W 115 -51.63 60.51 46.16
N LYS W 116 -50.94 60.32 45.05
CA LYS W 116 -51.55 60.41 43.72
C LYS W 116 -52.72 59.47 43.48
N SER W 117 -52.82 58.40 44.27
CA SER W 117 -53.93 57.46 44.14
C SER W 117 -55.25 58.14 44.48
N VAL W 118 -55.28 58.74 45.66
CA VAL W 118 -56.44 59.46 46.17
C VAL W 118 -56.80 60.68 45.31
N GLY W 119 -55.79 61.38 44.79
CA GLY W 119 -56.01 62.54 43.97
C GLY W 119 -56.52 62.23 42.57
N ARG W 120 -55.97 61.18 41.97
CA ARG W 120 -56.37 60.77 40.64
C ARG W 120 -57.72 60.08 40.61
N ASN W 121 -57.95 59.16 41.55
CA ASN W 121 -59.13 58.30 41.49
C ASN W 121 -60.34 58.73 42.32
N ARG W 122 -60.22 59.81 43.08
CA ARG W 122 -61.34 60.30 43.90
C ARG W 122 -61.64 61.79 43.68
N LEU W 123 -60.72 62.63 44.12
CA LEU W 123 -60.89 64.09 44.09
C LEU W 123 -61.11 64.68 42.68
N LEU W 124 -60.12 64.57 41.81
CA LEU W 124 -60.19 65.15 40.46
C LEU W 124 -61.36 64.68 39.56
N PRO W 125 -61.76 63.39 39.64
CA PRO W 125 -62.98 63.00 38.90
C PRO W 125 -64.27 63.64 39.42
N GLN W 126 -64.38 63.80 40.74
CA GLN W 126 -65.59 64.28 41.40
C GLN W 126 -65.67 65.80 41.49
N GLY W 127 -64.69 66.50 40.92
CA GLY W 127 -64.66 67.95 40.96
C GLY W 127 -64.45 68.49 42.36
N LEU W 128 -63.88 67.67 43.23
CA LEU W 128 -63.59 68.06 44.60
C LEU W 128 -62.25 68.77 44.72
N ALA W 129 -61.48 68.75 43.64
CA ALA W 129 -60.20 69.46 43.60
C ALA W 129 -59.76 69.78 42.18
N VAL W 130 -58.87 70.76 42.05
CA VAL W 130 -58.26 71.12 40.78
C VAL W 130 -56.75 71.14 40.95
N TYR W 131 -56.01 71.14 39.84
CA TYR W 131 -54.55 71.12 39.90
C TYR W 131 -53.97 72.44 40.41
N ALA W 132 -52.73 72.36 40.87
CA ALA W 132 -52.03 73.47 41.51
C ALA W 132 -51.60 74.58 40.54
N SER W 133 -51.91 74.40 39.26
CA SER W 133 -51.45 75.29 38.19
C SER W 133 -51.64 76.78 38.50
N PRO W 134 -50.68 77.62 38.05
CA PRO W 134 -50.71 79.08 38.30
C PRO W 134 -52.03 79.76 37.90
N GLU W 135 -52.55 79.42 36.72
CA GLU W 135 -53.78 80.02 36.23
C GLU W 135 -54.99 79.61 37.09
N ASN W 136 -54.90 78.43 37.68
CA ASN W 136 -55.91 77.94 38.60
C ASN W 136 -55.65 78.44 40.02
N LYS W 137 -54.42 78.92 40.25
CA LYS W 137 -54.00 79.42 41.55
C LYS W 137 -54.46 80.86 41.80
N LYS W 138 -54.33 81.70 40.78
CA LYS W 138 -54.70 83.12 40.90
C LYS W 138 -56.20 83.29 41.17
N LEU W 139 -56.99 82.31 40.73
CA LEU W 139 -58.42 82.30 40.98
C LEU W 139 -58.70 82.26 42.48
N PHE W 140 -57.91 81.47 43.19
CA PHE W 140 -58.10 81.35 44.63
C PHE W 140 -57.28 82.38 45.41
N GLU W 141 -56.38 83.06 44.71
CA GLU W 141 -55.81 84.31 45.25
C GLU W 141 -56.91 85.36 45.35
N GLU W 142 -57.60 85.60 44.24
CA GLU W 142 -58.74 86.50 44.19
C GLU W 142 -59.86 86.08 45.15
N GLU W 143 -60.15 84.77 45.19
CA GLU W 143 -61.15 84.24 46.11
C GLU W 143 -60.78 84.48 47.57
N LYS W 144 -59.48 84.34 47.89
CA LYS W 144 -59.00 84.63 49.23
C LYS W 144 -59.07 86.12 49.58
N LEU W 145 -58.86 86.98 48.59
CA LEU W 145 -58.96 88.44 48.81
C LEU W 145 -60.41 88.92 48.96
N LEU W 146 -61.34 88.27 48.27
CA LEU W 146 -62.75 88.68 48.30
C LEU W 146 -63.58 87.88 49.32
N ARG W 147 -62.95 86.92 49.98
CA ARG W 147 -63.56 86.16 51.08
C ARG W 147 -63.44 86.90 52.42
N GLN W 148 -62.19 87.17 52.80
CA GLN W 148 -61.86 87.89 54.05
C GLN W 148 -62.46 89.30 54.13
N GLU W 149 -63.01 89.77 53.01
CA GLU W 149 -63.64 91.09 52.92
C GLU W 149 -64.98 91.13 53.65
N GLY W 150 -65.94 90.36 53.17
CA GLY W 150 -67.25 90.25 53.80
C GLY W 150 -67.60 88.83 54.20
N GLY X 29 19.73 -4.70 14.48
CA GLY X 29 20.96 -4.45 15.22
C GLY X 29 21.21 -5.44 16.35
N SER X 30 22.43 -5.96 16.45
CA SER X 30 22.80 -6.95 17.46
C SER X 30 23.73 -6.35 18.49
N LYS X 31 23.71 -6.88 19.71
CA LYS X 31 24.67 -6.45 20.72
C LYS X 31 26.08 -6.87 20.31
N ALA X 32 27.07 -6.24 20.94
CA ALA X 32 28.48 -6.55 20.68
C ALA X 32 28.80 -8.02 20.92
N VAL X 33 28.35 -8.54 22.06
CA VAL X 33 28.49 -9.95 22.40
C VAL X 33 27.18 -10.65 22.08
N THR X 34 27.25 -11.80 21.42
CA THR X 34 26.06 -12.56 21.08
C THR X 34 26.31 -14.08 21.10
N ARG X 35 25.23 -14.87 21.05
CA ARG X 35 25.36 -16.32 21.05
C ARG X 35 25.74 -16.92 19.69
N HIS X 36 25.35 -16.25 18.61
CA HIS X 36 25.33 -16.90 17.29
C HIS X 36 26.50 -16.68 16.33
N ARG X 37 27.57 -16.03 16.79
CA ARG X 37 28.82 -15.88 16.01
C ARG X 37 28.86 -14.69 15.02
N ARG X 38 27.72 -14.07 14.71
CA ARG X 38 27.75 -12.66 14.24
C ARG X 38 28.56 -12.36 12.99
N VAL X 39 27.96 -12.54 11.82
CA VAL X 39 28.62 -12.22 10.54
C VAL X 39 29.30 -10.84 10.49
N MET X 40 30.55 -10.84 10.04
CA MET X 40 31.37 -9.63 9.98
C MET X 40 31.07 -8.76 8.77
N HIS X 41 31.34 -7.48 8.91
CA HIS X 41 31.36 -6.56 7.77
C HIS X 41 32.40 -7.08 6.80
N PHE X 42 32.10 -7.05 5.50
CA PHE X 42 32.91 -7.75 4.52
C PHE X 42 34.37 -7.36 4.58
N GLU X 43 34.61 -6.08 4.80
CA GLU X 43 35.96 -5.57 4.83
C GLU X 43 36.75 -6.18 5.98
N ARG X 44 36.07 -6.39 7.11
CA ARG X 44 36.70 -7.08 8.22
C ARG X 44 37.06 -8.52 7.86
N GLN X 45 36.19 -9.19 7.10
CA GLN X 45 36.47 -10.54 6.62
C GLN X 45 37.72 -10.57 5.76
N LYS X 46 37.83 -9.61 4.86
CA LYS X 46 39.02 -9.52 4.02
C LYS X 46 40.25 -9.35 4.91
N LEU X 47 40.13 -8.52 5.94
CA LEU X 47 41.23 -8.37 6.90
C LEU X 47 41.65 -9.71 7.51
N MET X 48 40.67 -10.41 8.08
CA MET X 48 40.86 -11.74 8.64
C MET X 48 41.53 -12.72 7.70
N ALA X 49 41.14 -12.66 6.42
CA ALA X 49 41.64 -13.61 5.44
C ALA X 49 43.05 -13.29 5.00
N VAL X 50 43.40 -12.02 5.00
CA VAL X 50 44.75 -11.64 4.61
C VAL X 50 45.74 -11.90 5.75
N THR X 51 45.28 -11.73 6.98
CA THR X 51 46.18 -11.82 8.13
C THR X 51 46.32 -13.22 8.75
N GLU X 52 45.79 -14.25 8.08
CA GLU X 52 45.94 -15.62 8.56
C GLU X 52 47.39 -16.03 8.78
N TYR X 53 47.60 -16.94 9.72
CA TYR X 53 48.93 -17.47 9.98
C TYR X 53 49.46 -18.27 8.80
N ILE X 54 50.71 -18.02 8.42
CA ILE X 54 51.41 -18.86 7.45
C ILE X 54 52.56 -19.57 8.11
N PRO X 55 52.48 -20.91 8.19
CA PRO X 55 53.54 -21.69 8.80
C PRO X 55 54.80 -21.67 7.94
N PRO X 56 55.99 -21.61 8.56
CA PRO X 56 57.21 -21.59 7.76
C PRO X 56 57.37 -22.92 7.03
N LYS X 57 57.83 -22.87 5.78
CA LYS X 57 57.99 -24.08 4.99
C LYS X 57 59.46 -24.32 4.69
N PRO X 58 60.03 -25.37 5.29
CA PRO X 58 61.45 -25.66 5.07
C PRO X 58 61.72 -25.98 3.60
N THR X 59 62.91 -25.66 3.11
CA THR X 59 63.28 -25.92 1.73
C THR X 59 63.26 -27.42 1.42
N ILE X 60 63.89 -28.20 2.28
CA ILE X 60 63.80 -29.66 2.21
C ILE X 60 63.15 -30.19 3.48
N ASN X 61 62.21 -31.11 3.32
CA ASN X 61 61.59 -31.75 4.46
C ASN X 61 62.66 -32.47 5.29
N PRO X 62 62.64 -32.26 6.62
CA PRO X 62 63.64 -32.87 7.51
C PRO X 62 63.60 -34.38 7.51
N ARG X 63 62.48 -34.96 7.13
CA ARG X 63 62.35 -36.41 7.10
C ARG X 63 63.12 -36.97 5.91
N CYS X 64 63.01 -36.31 4.76
CA CYS X 64 63.62 -36.81 3.52
C CYS X 64 65.09 -36.40 3.43
N LEU X 65 65.56 -35.63 4.41
CA LEU X 65 66.99 -35.37 4.60
C LEU X 65 67.62 -36.61 5.21
N PRO X 66 68.97 -36.69 5.24
CA PRO X 66 69.58 -37.89 5.82
C PRO X 66 69.24 -38.04 7.29
N PRO X 67 69.62 -39.16 7.91
CA PRO X 67 69.18 -39.35 9.30
C PRO X 67 69.68 -38.23 10.20
N PRO X 68 68.94 -37.97 11.28
CA PRO X 68 69.38 -37.07 12.35
C PRO X 68 70.66 -37.61 12.97
N PRO X 69 71.39 -36.78 13.74
CA PRO X 69 72.63 -37.32 14.31
C PRO X 69 72.35 -38.50 15.24
N THR X 70 73.42 -39.11 15.76
CA THR X 70 73.27 -40.38 16.47
C THR X 70 73.05 -40.18 17.98
N PRO X 71 71.89 -40.63 18.49
CA PRO X 71 71.48 -40.63 19.90
C PRO X 71 71.87 -41.90 20.69
N PRO X 72 73.12 -41.99 21.20
CA PRO X 72 73.52 -43.24 21.85
C PRO X 72 72.68 -43.58 23.08
N GLN X 73 72.12 -44.78 23.11
CA GLN X 73 71.33 -45.24 24.26
C GLN X 73 72.28 -45.67 25.37
N GLU X 74 71.80 -45.68 26.61
CA GLU X 74 72.65 -46.01 27.75
C GLU X 74 72.22 -47.28 28.48
N GLU X 75 73.20 -48.03 28.97
CA GLU X 75 72.94 -49.25 29.73
C GLU X 75 72.21 -48.98 31.03
N THR X 76 71.13 -49.71 31.27
CA THR X 76 70.42 -49.64 32.53
C THR X 76 71.10 -50.55 33.54
N GLY X 77 70.59 -50.57 34.76
CA GLY X 77 71.10 -51.47 35.79
C GLY X 77 70.71 -52.90 35.48
N LEU X 78 69.55 -53.05 34.83
CA LEU X 78 69.03 -54.36 34.46
C LEU X 78 69.95 -55.05 33.47
N VAL X 79 70.35 -54.31 32.44
CA VAL X 79 71.23 -54.81 31.40
C VAL X 79 72.58 -55.27 31.98
N ARG X 80 73.13 -54.47 32.89
CA ARG X 80 74.40 -54.80 33.54
C ARG X 80 74.28 -56.01 34.46
N LEU X 81 73.15 -56.09 35.17
CA LEU X 81 72.89 -57.23 36.06
C LEU X 81 72.78 -58.53 35.27
N LEU X 82 72.09 -58.46 34.14
CA LEU X 82 71.95 -59.62 33.27
C LEU X 82 73.27 -60.01 32.63
N ARG X 83 74.04 -59.03 32.17
CA ARG X 83 75.36 -59.30 31.62
C ARG X 83 76.26 -59.99 32.65
N ARG X 84 76.33 -59.44 33.86
CA ARG X 84 77.11 -60.05 34.95
C ARG X 84 76.65 -61.47 35.23
N GLU X 85 75.32 -61.63 35.33
CA GLU X 85 74.71 -62.91 35.66
C GLU X 85 75.03 -63.99 34.63
N ILE X 86 74.90 -63.64 33.36
CA ILE X 86 75.20 -64.56 32.26
C ILE X 86 76.70 -64.85 32.18
N ALA X 87 77.50 -63.83 32.48
CA ALA X 87 78.95 -63.99 32.53
C ALA X 87 79.35 -65.01 33.60
N ALA X 88 78.62 -65.01 34.71
CA ALA X 88 78.83 -66.00 35.77
C ALA X 88 78.29 -67.36 35.37
N VAL X 89 77.13 -67.37 34.70
CA VAL X 89 76.49 -68.60 34.25
C VAL X 89 77.38 -69.39 33.30
N PHE X 90 78.03 -68.71 32.36
CA PHE X 90 78.89 -69.41 31.42
C PHE X 90 80.20 -69.87 32.06
N ARG X 91 80.60 -69.22 33.15
CA ARG X 91 81.76 -69.69 33.93
C ARG X 91 81.47 -70.96 34.69
N ASP X 92 80.45 -70.89 35.53
CA ASP X 92 80.22 -71.91 36.57
C ASP X 92 79.83 -73.28 36.03
N ASN X 93 78.72 -73.32 35.27
CA ASN X 93 78.22 -74.59 34.76
C ASN X 93 79.11 -75.19 33.69
N ARG X 94 79.41 -76.48 33.84
CA ARG X 94 80.19 -77.17 32.84
C ARG X 94 79.32 -77.50 31.64
N MET X 95 78.06 -77.81 31.88
CA MET X 95 77.16 -78.16 30.78
C MET X 95 76.06 -77.11 30.60
N ILE X 96 76.10 -76.40 29.48
CA ILE X 96 75.04 -75.46 29.15
C ILE X 96 74.33 -76.00 27.92
N ALA X 97 73.10 -76.45 28.06
CA ALA X 97 72.38 -77.07 26.96
C ALA X 97 71.18 -76.22 26.53
N VAL X 98 71.22 -75.73 25.29
CA VAL X 98 70.12 -74.93 24.76
C VAL X 98 68.96 -75.82 24.35
N CYS X 99 67.80 -75.54 24.92
CA CYS X 99 66.61 -76.30 24.60
C CYS X 99 65.44 -75.36 24.33
N GLN X 100 64.88 -75.42 23.13
CA GLN X 100 63.84 -74.49 22.72
C GLN X 100 62.66 -74.49 23.69
N HIS X 101 62.35 -73.31 24.20
CA HIS X 101 61.27 -73.13 25.15
C HIS X 101 59.95 -73.47 24.48
N VAL X 102 59.18 -74.34 25.12
CA VAL X 102 57.94 -74.82 24.53
C VAL X 102 56.81 -74.63 25.52
N ALA X 103 55.64 -74.25 25.00
CA ALA X 103 54.50 -73.94 25.86
C ALA X 103 53.96 -75.18 26.55
N LEU X 104 53.94 -75.13 27.87
CA LEU X 104 53.46 -76.23 28.71
C LEU X 104 52.50 -75.69 29.77
N SER X 105 51.80 -76.58 30.45
CA SER X 105 51.04 -76.19 31.63
C SER X 105 52.00 -75.72 32.70
N ALA X 106 51.52 -74.91 33.63
CA ALA X 106 52.35 -74.48 34.75
C ALA X 106 52.71 -75.69 35.61
N GLU X 107 51.77 -76.62 35.72
CA GLU X 107 51.96 -77.88 36.42
C GLU X 107 53.14 -78.66 35.86
N ASP X 108 53.15 -78.83 34.54
CA ASP X 108 54.17 -79.60 33.85
C ASP X 108 55.54 -78.93 33.89
N LYS X 109 55.55 -77.60 33.82
CA LYS X 109 56.79 -76.85 33.92
C LYS X 109 57.38 -76.96 35.32
N LEU X 110 56.50 -76.90 36.32
CA LEU X 110 56.92 -77.11 37.69
C LEU X 110 57.48 -78.51 37.89
N LEU X 111 56.78 -79.51 37.36
CA LEU X 111 57.21 -80.90 37.44
C LEU X 111 58.57 -81.09 36.79
N LEU X 112 58.79 -80.42 35.65
CA LEU X 112 60.06 -80.51 34.95
C LEU X 112 61.17 -79.86 35.75
N ARG X 113 60.85 -78.73 36.37
CA ARG X 113 61.80 -78.06 37.25
C ARG X 113 62.20 -78.94 38.43
N HIS X 114 61.23 -79.68 38.96
CA HIS X 114 61.46 -80.53 40.11
C HIS X 114 62.21 -81.81 39.73
N GLN X 115 61.98 -82.30 38.52
CA GLN X 115 62.71 -83.47 38.01
C GLN X 115 64.12 -83.06 37.63
N LEU X 116 64.32 -81.76 37.41
CA LEU X 116 65.67 -81.22 37.28
C LEU X 116 66.28 -80.96 38.66
N ARG X 117 65.43 -80.81 39.67
CA ARG X 117 65.93 -80.61 41.02
C ARG X 117 66.42 -81.92 41.65
N LYS X 118 65.97 -83.04 41.09
CA LYS X 118 66.32 -84.36 41.61
C LYS X 118 67.73 -84.78 41.21
N HIS X 119 68.13 -84.43 40.01
CA HIS X 119 69.53 -84.64 39.61
C HIS X 119 70.34 -83.36 39.85
N LYS X 120 69.71 -82.35 40.47
CA LYS X 120 70.36 -81.12 40.92
C LYS X 120 70.59 -80.11 39.78
N ILE X 121 70.27 -80.50 38.54
CA ILE X 121 70.41 -79.60 37.39
C ILE X 121 69.44 -78.41 37.48
N LEU X 122 69.93 -77.23 37.09
CA LEU X 122 69.18 -75.98 37.22
C LEU X 122 68.77 -75.45 35.84
N MET X 123 67.66 -74.72 35.76
CA MET X 123 67.25 -74.11 34.49
C MET X 123 67.15 -72.59 34.59
N LYS X 124 67.52 -71.90 33.52
CA LYS X 124 67.56 -70.44 33.50
C LYS X 124 67.02 -69.90 32.18
N ILE X 125 66.45 -68.69 32.24
CA ILE X 125 65.92 -68.05 31.04
C ILE X 125 66.33 -66.58 30.97
N PHE X 126 66.95 -66.20 29.86
CA PHE X 126 67.34 -64.82 29.63
C PHE X 126 66.69 -64.29 28.37
N PRO X 127 66.53 -62.96 28.28
CA PRO X 127 66.02 -62.35 27.05
C PRO X 127 67.02 -62.42 25.89
N ASN X 128 66.54 -62.67 24.68
CA ASN X 128 67.41 -62.74 23.52
C ASN X 128 68.12 -61.43 23.30
N GLN X 129 67.44 -60.36 23.69
CA GLN X 129 67.95 -59.01 23.59
C GLN X 129 69.33 -58.84 24.22
N VAL X 130 69.45 -59.20 25.49
CA VAL X 130 70.74 -59.06 26.16
C VAL X 130 71.60 -60.33 26.07
N LEU X 131 71.02 -61.44 25.63
CA LEU X 131 71.80 -62.68 25.49
C LEU X 131 72.60 -62.74 24.18
N LYS X 132 72.03 -62.18 23.11
CA LYS X 132 72.63 -62.28 21.77
C LYS X 132 73.95 -61.50 21.59
N PRO X 133 73.97 -60.19 21.93
CA PRO X 133 75.27 -59.51 21.74
C PRO X 133 76.35 -60.06 22.67
N PHE X 134 75.99 -60.42 23.89
CA PHE X 134 76.94 -61.04 24.81
C PHE X 134 77.53 -62.29 24.20
N LEU X 135 76.70 -63.08 23.52
CA LEU X 135 77.14 -64.34 22.93
C LEU X 135 77.89 -64.20 21.62
N GLU X 136 77.64 -63.13 20.89
CA GLU X 136 78.38 -62.90 19.65
C GLU X 136 79.75 -62.32 19.97
N GLU X 137 79.87 -61.63 21.10
CA GLU X 137 81.18 -61.15 21.53
C GLU X 137 81.88 -62.19 22.39
N SER X 138 81.13 -63.23 22.79
CA SER X 138 81.65 -64.38 23.52
C SER X 138 82.50 -65.32 22.65
N LYS X 139 83.27 -66.17 23.30
CA LYS X 139 83.94 -67.28 22.64
C LYS X 139 82.92 -68.28 22.09
N TYR X 140 81.67 -68.13 22.51
CA TYR X 140 80.61 -69.09 22.23
C TYR X 140 79.75 -68.79 21.00
N GLN X 141 80.17 -67.81 20.20
CA GLN X 141 79.34 -67.24 19.12
C GLN X 141 78.72 -68.26 18.13
N ASN X 142 79.28 -69.46 18.05
CA ASN X 142 78.68 -70.51 17.22
C ASN X 142 77.30 -70.98 17.67
N LEU X 143 76.83 -70.48 18.82
CA LEU X 143 75.49 -70.79 19.28
C LEU X 143 74.46 -69.73 18.83
N LEU X 144 74.92 -68.72 18.09
CA LEU X 144 74.04 -67.65 17.60
C LEU X 144 72.82 -68.13 16.80
N PRO X 145 73.00 -69.06 15.83
CA PRO X 145 71.83 -69.57 15.11
C PRO X 145 70.81 -70.33 15.96
N LEU X 146 71.17 -70.69 17.19
CA LEU X 146 70.26 -71.42 18.05
C LEU X 146 69.21 -70.56 18.75
N PHE X 147 69.56 -69.31 19.05
CA PHE X 147 68.70 -68.49 19.90
C PHE X 147 67.70 -67.62 19.14
N VAL X 148 67.65 -67.79 17.82
CA VAL X 148 66.79 -66.95 16.99
C VAL X 148 65.30 -67.09 17.38
N GLY X 149 64.90 -68.28 17.80
CA GLY X 149 63.53 -68.45 18.28
C GLY X 149 63.42 -68.24 19.78
N HIS X 150 62.36 -68.79 20.35
CA HIS X 150 62.24 -68.95 21.80
C HIS X 150 63.33 -69.92 22.28
N ASN X 151 63.71 -69.82 23.54
CA ASN X 151 64.68 -70.76 24.09
C ASN X 151 64.66 -70.85 25.60
N LEU X 152 65.28 -71.92 26.11
CA LEU X 152 65.44 -72.18 27.53
C LEU X 152 66.86 -72.70 27.77
N LEU X 153 67.57 -72.07 28.70
CA LEU X 153 68.97 -72.41 28.94
C LEU X 153 69.10 -73.42 30.08
N LEU X 154 69.60 -74.61 29.76
CA LEU X 154 69.77 -75.63 30.79
C LEU X 154 71.17 -75.58 31.39
N VAL X 155 71.22 -75.22 32.67
CA VAL X 155 72.45 -75.06 33.42
C VAL X 155 72.78 -76.28 34.29
N SER X 156 73.99 -76.80 34.12
CA SER X 156 74.44 -77.93 34.90
C SER X 156 75.87 -77.74 35.40
N GLU X 157 76.00 -77.79 36.73
CA GLU X 157 77.29 -77.84 37.41
C GLU X 157 77.59 -79.30 37.75
N GLU X 158 78.81 -79.73 37.48
CA GLU X 158 79.21 -81.14 37.65
C GLU X 158 78.21 -82.04 36.92
N PRO X 159 78.25 -82.00 35.58
CA PRO X 159 77.17 -82.49 34.72
C PRO X 159 77.09 -84.00 34.66
N LYS X 160 75.87 -84.51 34.52
CA LYS X 160 75.67 -85.83 33.95
C LYS X 160 74.56 -85.70 32.92
N VAL X 161 74.95 -85.97 31.68
CA VAL X 161 74.13 -85.67 30.53
C VAL X 161 73.04 -86.73 30.33
N LYS X 162 73.36 -88.01 30.55
CA LYS X 162 72.37 -89.07 30.37
C LYS X 162 71.14 -88.82 31.24
N GLU X 163 71.36 -88.18 32.40
CA GLU X 163 70.28 -87.88 33.33
C GLU X 163 69.41 -86.72 32.85
N MET X 164 70.02 -85.80 32.12
CA MET X 164 69.31 -84.69 31.50
C MET X 164 68.49 -85.19 30.31
N VAL X 165 69.06 -86.16 29.59
CA VAL X 165 68.41 -86.75 28.43
C VAL X 165 67.24 -87.63 28.85
N ARG X 166 67.37 -88.28 30.01
CA ARG X 166 66.32 -89.12 30.56
C ARG X 166 64.96 -88.41 30.65
N ILE X 167 64.96 -87.17 31.13
CA ILE X 167 63.72 -86.43 31.33
C ILE X 167 63.17 -85.86 30.02
N LEU X 168 64.07 -85.38 29.17
CA LEU X 168 63.70 -84.87 27.85
C LEU X 168 63.11 -85.98 26.99
N LYS X 169 63.51 -87.22 27.27
CA LYS X 169 62.99 -88.39 26.58
C LYS X 169 61.51 -88.58 26.87
N GLY X 170 61.09 -88.24 28.08
CA GLY X 170 59.70 -88.37 28.49
C GLY X 170 58.79 -87.51 27.63
N ILE X 171 59.26 -86.31 27.32
CA ILE X 171 58.47 -85.37 26.51
C ILE X 171 59.03 -85.25 25.10
N PRO X 172 58.31 -85.82 24.12
CA PRO X 172 58.72 -85.92 22.71
C PRO X 172 58.76 -84.59 21.92
N PHE X 173 57.93 -83.63 22.30
CA PHE X 173 57.82 -82.38 21.58
C PHE X 173 58.74 -81.30 22.13
N LEU X 174 59.61 -81.67 23.05
CA LEU X 174 60.48 -80.71 23.72
C LEU X 174 61.94 -81.00 23.38
N PRO X 175 62.42 -80.40 22.29
CA PRO X 175 63.71 -80.69 21.67
C PRO X 175 64.91 -80.07 22.39
N LEU X 176 66.01 -80.81 22.41
CA LEU X 176 67.29 -80.28 22.83
C LEU X 176 68.09 -79.99 21.58
N LEU X 177 68.59 -78.76 21.44
CA LEU X 177 69.13 -78.34 20.15
C LEU X 177 70.64 -78.36 20.07
N GLY X 178 71.26 -77.33 20.64
CA GLY X 178 72.71 -77.25 20.70
C GLY X 178 73.17 -77.45 22.12
N GLY X 179 74.43 -77.13 22.37
CA GLY X 179 74.93 -77.08 23.73
C GLY X 179 76.44 -77.08 23.80
N CYS X 180 76.98 -76.85 24.99
CA CYS X 180 78.40 -77.06 25.24
C CYS X 180 78.59 -77.85 26.52
N ILE X 181 79.24 -78.99 26.40
CA ILE X 181 79.59 -79.82 27.54
C ILE X 181 81.11 -79.83 27.70
N ASP X 182 81.58 -79.22 28.79
CA ASP X 182 83.00 -79.07 29.07
C ASP X 182 83.74 -78.56 27.83
N ASP X 183 83.38 -77.36 27.39
CA ASP X 183 84.00 -76.70 26.23
C ASP X 183 83.75 -77.38 24.89
N THR X 184 83.09 -78.54 24.87
CA THR X 184 82.80 -79.22 23.60
C THR X 184 81.42 -78.79 23.08
N ILE X 185 81.39 -78.07 21.97
CA ILE X 185 80.10 -77.64 21.37
C ILE X 185 79.49 -78.79 20.55
N LEU X 186 78.27 -79.17 20.93
CA LEU X 186 77.60 -80.32 20.32
C LEU X 186 76.16 -80.02 19.87
N SER X 187 75.72 -80.75 18.85
CA SER X 187 74.32 -80.88 18.48
C SER X 187 73.69 -81.96 19.34
N ARG X 188 72.45 -82.32 19.05
CA ARG X 188 71.76 -83.32 19.85
C ARG X 188 72.49 -84.65 19.82
N GLN X 189 73.05 -84.99 18.65
CA GLN X 189 73.75 -86.25 18.48
C GLN X 189 75.01 -86.34 19.35
N GLY X 190 75.66 -85.20 19.55
CA GLY X 190 76.82 -85.11 20.42
C GLY X 190 76.45 -85.33 21.86
N PHE X 191 75.23 -84.95 22.22
CA PHE X 191 74.70 -85.20 23.55
C PHE X 191 74.35 -86.66 23.73
N ILE X 192 73.82 -87.25 22.66
CA ILE X 192 73.54 -88.68 22.67
C ILE X 192 74.84 -89.47 22.79
N ASN X 193 75.92 -88.96 22.21
CA ASN X 193 77.22 -89.63 22.28
C ASN X 193 77.87 -89.50 23.66
N TYR X 194 77.80 -88.30 24.21
CA TYR X 194 78.37 -88.02 25.52
C TYR X 194 77.58 -88.81 26.59
N SER X 195 76.28 -88.98 26.36
CA SER X 195 75.43 -89.73 27.29
C SER X 195 75.87 -91.19 27.46
N LYS X 196 75.94 -91.94 26.35
CA LYS X 196 76.28 -93.37 26.38
C LYS X 196 77.67 -93.65 26.93
N LEU X 197 78.45 -92.60 27.11
CA LEU X 197 79.81 -92.68 27.62
C LEU X 197 79.89 -92.93 29.15
N PRO X 198 80.86 -93.77 29.59
CA PRO X 198 81.13 -93.96 31.02
C PRO X 198 81.65 -92.68 31.71
N SER X 199 81.86 -92.73 33.01
CA SER X 199 82.37 -91.59 33.77
C SER X 199 83.85 -91.33 33.45
N LEU X 200 84.33 -90.12 33.74
CA LEU X 200 85.73 -89.75 33.53
C LEU X 200 86.68 -90.67 34.31
N ALA X 201 86.21 -91.23 35.43
CA ALA X 201 87.01 -92.13 36.27
C ALA X 201 87.26 -93.47 35.55
N LEU X 202 86.19 -94.04 34.98
CA LEU X 202 86.27 -95.29 34.22
C LEU X 202 87.08 -95.15 32.92
N VAL X 203 86.91 -94.02 32.24
CA VAL X 203 87.63 -93.73 31.00
C VAL X 203 89.14 -93.51 31.27
N GLN X 204 89.45 -92.69 32.26
CA GLN X 204 90.83 -92.51 32.72
C GLN X 204 91.41 -93.82 33.28
N GLY X 205 90.53 -94.73 33.69
CA GLY X 205 90.93 -96.05 34.18
C GLY X 205 91.28 -97.05 33.08
N GLU X 206 90.53 -97.01 31.98
CA GLU X 206 90.81 -97.86 30.82
C GLU X 206 91.95 -97.30 29.95
N LEU X 207 92.20 -96.00 30.07
CA LEU X 207 93.31 -95.35 29.37
C LEU X 207 94.66 -96.03 29.66
N VAL X 208 94.90 -96.37 30.93
CA VAL X 208 96.19 -96.95 31.32
C VAL X 208 96.36 -98.39 30.79
N GLY X 209 95.26 -99.13 30.65
CA GLY X 209 95.28 -100.45 30.07
C GLY X 209 95.47 -100.44 28.56
N GLY X 210 94.82 -99.48 27.90
CA GLY X 210 95.01 -99.27 26.47
C GLY X 210 96.41 -98.79 26.10
N LEU X 211 97.04 -98.03 26.99
CA LEU X 211 98.41 -97.55 26.79
C LEU X 211 99.49 -98.60 27.14
N THR X 212 99.22 -99.43 28.15
CA THR X 212 100.14 -100.52 28.52
C THR X 212 99.83 -101.83 27.79
N PHE X 213 98.87 -101.77 26.88
CA PHE X 213 98.51 -102.91 26.04
C PHE X 213 99.69 -103.43 25.21
N LEU X 214 100.62 -102.54 24.86
CA LEU X 214 101.77 -102.92 24.02
C LEU X 214 102.76 -103.83 24.75
N THR X 215 103.06 -103.48 26.00
CA THR X 215 103.91 -104.29 26.88
C THR X 215 103.20 -105.57 27.34
N ALA X 216 101.93 -105.43 27.74
CA ALA X 216 101.12 -106.60 28.11
C ALA X 216 101.03 -107.60 26.95
N GLN X 217 101.01 -107.08 25.71
CA GLN X 217 100.95 -107.91 24.50
C GLN X 217 102.30 -108.50 24.08
N THR X 218 103.40 -107.77 24.30
CA THR X 218 104.73 -108.34 24.06
C THR X 218 104.96 -109.51 25.02
N TYR X 219 104.58 -109.33 26.29
CA TYR X 219 104.73 -110.42 27.25
C TYR X 219 103.72 -111.57 27.02
N SER X 220 102.47 -111.26 26.68
CA SER X 220 101.46 -112.28 26.39
C SER X 220 101.82 -113.12 25.15
N MET X 221 102.37 -112.46 24.13
CA MET X 221 102.76 -113.17 22.91
C MET X 221 104.09 -113.90 23.05
N LEU X 222 104.99 -113.39 23.90
CA LEU X 222 106.23 -114.11 24.20
C LEU X 222 105.98 -115.31 25.12
N GLN X 223 104.92 -115.24 25.90
CA GLN X 223 104.55 -116.35 26.77
C GLN X 223 103.47 -117.23 26.13
N HIS X 224 103.04 -116.86 24.92
CA HIS X 224 102.06 -117.69 24.21
C HIS X 224 102.75 -118.85 23.47
N GLN X 225 104.07 -118.76 23.33
CA GLN X 225 104.87 -119.85 22.74
C GLN X 225 104.93 -121.10 23.66
N PRO X 226 105.15 -120.93 24.99
CA PRO X 226 105.03 -122.10 25.89
C PRO X 226 103.60 -122.65 26.12
N ARG X 227 102.56 -121.85 25.88
CA ARG X 227 101.18 -122.28 26.14
C ARG X 227 100.58 -123.07 24.96
N GLN X 228 101.21 -122.96 23.79
CA GLN X 228 100.82 -123.73 22.60
C GLN X 228 101.14 -125.21 22.79
N LEU X 229 102.28 -125.48 23.42
CA LEU X 229 102.71 -126.84 23.78
C LEU X 229 101.74 -127.48 24.77
N THR X 230 101.38 -126.72 25.81
CA THR X 230 100.40 -127.16 26.82
C THR X 230 99.03 -127.45 26.20
N ALA X 231 98.53 -126.51 25.38
CA ALA X 231 97.24 -126.67 24.69
C ALA X 231 97.23 -127.87 23.74
N LEU X 232 98.36 -128.10 23.06
CA LEU X 232 98.51 -129.25 22.14
C LEU X 232 98.55 -130.60 22.85
N LEU X 233 99.41 -130.72 23.86
CA LEU X 233 99.53 -131.98 24.60
C LEU X 233 98.23 -132.29 25.35
N ASP X 234 97.57 -131.26 25.89
CA ASP X 234 96.26 -131.45 26.53
C ASP X 234 95.15 -131.75 25.49
N GLN X 235 95.35 -131.29 24.26
CA GLN X 235 94.49 -131.64 23.14
C GLN X 235 94.68 -133.12 22.73
N TYR X 236 95.88 -133.66 22.93
CA TYR X 236 96.11 -135.08 22.68
C TYR X 236 95.62 -135.95 23.85
N VAL X 237 95.71 -135.45 25.09
CA VAL X 237 95.15 -136.16 26.26
C VAL X 237 93.60 -136.10 26.22
N LYS X 238 93.06 -135.11 25.50
CA LYS X 238 91.60 -134.96 25.33
C LYS X 238 91.00 -136.02 24.37
N GLN X 239 91.79 -136.48 23.41
CA GLN X 239 91.36 -137.43 22.39
C GLN X 239 91.17 -138.86 22.92
N GLN X 240 91.89 -139.21 24.00
CA GLN X 240 91.84 -140.53 24.61
C GLN X 240 91.37 -140.49 26.06
N SER Y 17 35.63 -83.21 36.34
CA SER Y 17 35.10 -81.99 35.77
C SER Y 17 35.87 -80.76 36.27
N GLY Y 18 36.88 -80.98 37.11
CA GLY Y 18 37.70 -79.89 37.58
C GLY Y 18 38.37 -80.10 38.93
N MET Y 19 38.68 -79.01 39.62
CA MET Y 19 39.29 -79.06 40.93
C MET Y 19 38.53 -78.21 41.94
N ILE Y 20 38.77 -78.49 43.23
CA ILE Y 20 38.13 -77.75 44.31
C ILE Y 20 39.12 -77.48 45.44
N ARG Y 21 39.16 -76.22 45.91
CA ARG Y 21 39.97 -75.89 47.07
C ARG Y 21 39.08 -75.79 48.30
N ALA Y 22 39.27 -76.68 49.27
CA ALA Y 22 38.43 -76.69 50.45
C ALA Y 22 39.25 -76.59 51.73
N ILE Y 23 39.08 -75.48 52.46
CA ILE Y 23 39.78 -75.31 53.74
C ILE Y 23 38.90 -75.84 54.86
N VAL Y 24 39.33 -76.94 55.48
CA VAL Y 24 38.46 -77.65 56.42
C VAL Y 24 39.16 -78.00 57.74
N ARG Y 25 38.44 -77.85 58.84
CA ARG Y 25 38.96 -78.10 60.19
C ARG Y 25 39.29 -79.58 60.44
N ALA Y 26 40.10 -79.84 61.47
CA ALA Y 26 40.71 -81.16 61.70
C ALA Y 26 39.72 -82.33 61.74
N GLY Y 27 38.94 -82.44 62.81
CA GLY Y 27 38.05 -83.57 62.99
C GLY Y 27 36.64 -83.30 62.48
N GLN Y 28 36.49 -82.20 61.74
CA GLN Y 28 35.17 -81.74 61.34
C GLN Y 28 34.93 -81.79 59.83
N ALA Y 29 34.10 -82.74 59.39
CA ALA Y 29 33.62 -82.79 58.01
C ALA Y 29 32.12 -83.13 58.01
N ARG Y 30 31.30 -82.23 57.50
CA ARG Y 30 29.84 -82.40 57.61
C ARG Y 30 29.12 -82.25 56.27
N PRO Y 31 28.09 -83.10 56.04
CA PRO Y 31 27.27 -83.11 54.82
C PRO Y 31 26.35 -81.89 54.68
N GLY Y 32 26.94 -80.70 54.72
CA GLY Y 32 26.22 -79.45 54.52
C GLY Y 32 27.23 -78.43 54.05
N PRO Y 33 26.79 -77.18 53.79
CA PRO Y 33 27.69 -76.12 53.31
C PRO Y 33 28.92 -75.92 54.21
N PRO Y 34 30.10 -75.69 53.59
CA PRO Y 34 30.38 -75.56 52.15
C PRO Y 34 30.30 -76.85 51.31
N LEU Y 35 30.51 -78.02 51.91
CA LEU Y 35 30.64 -79.27 51.15
C LEU Y 35 29.38 -79.68 50.38
N GLY Y 36 28.21 -79.30 50.89
CA GLY Y 36 26.94 -79.61 50.25
C GLY Y 36 26.71 -78.91 48.91
N PRO Y 37 26.77 -77.56 48.90
CA PRO Y 37 26.70 -76.78 47.65
C PRO Y 37 27.88 -76.99 46.70
N ILE Y 38 29.09 -77.15 47.23
CA ILE Y 38 30.30 -77.26 46.41
C ILE Y 38 30.45 -78.66 45.79
N LEU Y 39 30.65 -79.67 46.63
CA LEU Y 39 30.81 -81.05 46.14
C LEU Y 39 29.51 -81.62 45.57
N GLY Y 40 28.37 -81.20 46.13
CA GLY Y 40 27.07 -81.69 45.71
C GLY Y 40 26.66 -81.19 44.34
N GLN Y 41 27.23 -80.07 43.90
CA GLN Y 41 26.95 -79.52 42.58
C GLN Y 41 27.74 -80.25 41.48
N ARG Y 42 28.92 -80.76 41.84
CA ARG Y 42 29.77 -81.50 40.91
C ARG Y 42 29.25 -82.91 40.64
N GLY Y 43 28.29 -83.35 41.45
CA GLY Y 43 27.73 -84.69 41.35
C GLY Y 43 28.56 -85.73 42.08
N VAL Y 44 29.24 -85.29 43.14
CA VAL Y 44 30.14 -86.15 43.90
C VAL Y 44 29.55 -86.55 45.25
N SER Y 45 29.75 -87.81 45.64
CA SER Y 45 29.28 -88.31 46.93
C SER Y 45 29.92 -87.54 48.09
N ILE Y 46 29.07 -87.01 48.96
CA ILE Y 46 29.52 -86.21 50.10
C ILE Y 46 29.99 -87.11 51.25
N ASN Y 47 29.32 -88.23 51.45
CA ASN Y 47 29.59 -89.13 52.57
C ASN Y 47 30.89 -89.92 52.43
N GLN Y 48 31.18 -90.38 51.21
CA GLN Y 48 32.44 -91.05 50.91
C GLN Y 48 33.64 -90.16 51.23
N PHE Y 49 33.52 -88.88 50.83
CA PHE Y 49 34.58 -87.91 51.05
C PHE Y 49 34.71 -87.50 52.53
N CYS Y 50 33.58 -87.35 53.21
CA CYS Y 50 33.63 -87.10 54.66
C CYS Y 50 34.34 -88.24 55.35
N LYS Y 51 34.03 -89.47 54.92
CA LYS Y 51 34.66 -90.67 55.45
C LYS Y 51 36.17 -90.68 55.25
N GLU Y 52 36.61 -90.55 54.01
CA GLU Y 52 38.05 -90.58 53.69
C GLU Y 52 38.81 -89.42 54.37
N PHE Y 53 38.27 -88.21 54.21
CA PHE Y 53 38.85 -87.00 54.78
C PHE Y 53 38.99 -87.12 56.30
N ASN Y 54 37.98 -87.67 56.95
CA ASN Y 54 38.05 -87.87 58.39
C ASN Y 54 39.02 -88.98 58.77
N GLU Y 55 39.12 -90.01 57.94
CA GLU Y 55 40.13 -91.06 58.14
C GLU Y 55 41.52 -90.46 58.22
N LYS Y 56 41.83 -89.60 57.25
CA LYS Y 56 43.17 -89.01 57.17
C LYS Y 56 43.40 -87.89 58.19
N THR Y 57 42.35 -87.11 58.49
CA THR Y 57 42.47 -85.91 59.33
C THR Y 57 42.11 -86.12 60.81
N LYS Y 58 41.70 -87.34 61.18
CA LYS Y 58 41.49 -87.67 62.60
C LYS Y 58 42.80 -88.01 63.27
N ASP Y 59 43.84 -88.19 62.45
CA ASP Y 59 45.17 -88.53 62.93
C ASP Y 59 45.97 -87.27 63.27
N ILE Y 60 45.42 -86.11 62.95
CA ILE Y 60 45.99 -84.85 63.41
C ILE Y 60 45.17 -84.35 64.60
N LYS Y 61 45.76 -84.46 65.78
CA LYS Y 61 45.11 -84.10 67.02
C LYS Y 61 45.51 -82.68 67.42
N GLU Y 62 46.30 -82.05 66.56
CA GLU Y 62 46.74 -80.68 66.77
C GLU Y 62 45.61 -79.69 66.48
N GLY Y 63 44.51 -80.19 65.89
CA GLY Y 63 43.32 -79.40 65.64
C GLY Y 63 43.48 -78.26 64.64
N ILE Y 64 44.07 -78.56 63.49
CA ILE Y 64 44.43 -77.54 62.50
C ILE Y 64 43.61 -77.64 61.20
N PRO Y 65 42.79 -76.62 60.90
CA PRO Y 65 42.14 -76.61 59.59
C PRO Y 65 43.14 -76.53 58.43
N LEU Y 66 43.05 -77.49 57.52
CA LEU Y 66 43.93 -77.58 56.36
C LEU Y 66 43.21 -77.29 55.05
N PRO Y 67 43.79 -76.40 54.22
CA PRO Y 67 43.40 -76.28 52.81
C PRO Y 67 43.71 -77.56 52.05
N THR Y 68 42.74 -78.09 51.32
CA THR Y 68 42.92 -79.36 50.64
C THR Y 68 42.45 -79.28 49.19
N LYS Y 69 43.15 -79.98 48.31
CA LYS Y 69 42.83 -79.98 46.89
C LYS Y 69 42.07 -81.24 46.49
N ILE Y 70 40.81 -81.06 46.14
CA ILE Y 70 39.92 -82.14 45.74
C ILE Y 70 39.80 -82.19 44.23
N PHE Y 71 40.37 -83.22 43.61
CA PHE Y 71 40.21 -83.36 42.17
C PHE Y 71 38.92 -84.10 41.87
N VAL Y 72 38.00 -83.42 41.19
CA VAL Y 72 36.70 -84.02 40.85
C VAL Y 72 36.67 -84.43 39.37
N LYS Y 73 36.49 -85.75 39.18
CA LYS Y 73 36.63 -86.40 37.87
C LYS Y 73 35.35 -86.38 37.02
N PRO Y 74 35.49 -86.61 35.69
CA PRO Y 74 34.38 -86.77 34.75
C PRO Y 74 33.30 -87.80 35.13
N ASP Y 75 33.68 -88.91 35.77
CA ASP Y 75 32.74 -89.99 36.09
C ASP Y 75 32.08 -89.81 37.47
N ARG Y 76 32.34 -88.64 38.08
CA ARG Y 76 31.78 -88.20 39.37
C ARG Y 76 32.52 -88.81 40.58
N THR Y 77 33.49 -89.67 40.30
CA THR Y 77 34.43 -90.12 41.33
C THR Y 77 35.43 -89.00 41.62
N PHE Y 78 36.34 -89.22 42.57
CA PHE Y 78 37.23 -88.14 43.00
C PHE Y 78 38.54 -88.62 43.60
N GLU Y 79 39.49 -87.70 43.71
CA GLU Y 79 40.73 -87.95 44.44
C GLU Y 79 41.01 -86.77 45.38
N ILE Y 80 41.81 -87.01 46.41
CA ILE Y 80 42.05 -85.98 47.42
C ILE Y 80 43.54 -85.82 47.77
N LYS Y 81 43.97 -84.56 47.88
CA LYS Y 81 45.32 -84.23 48.33
C LYS Y 81 45.28 -83.25 49.49
N ILE Y 82 45.72 -83.71 50.66
CA ILE Y 82 45.74 -82.89 51.85
C ILE Y 82 47.06 -82.13 51.98
N GLY Y 83 46.97 -80.81 52.16
CA GLY Y 83 48.13 -79.99 52.36
C GLY Y 83 48.31 -79.53 53.79
N GLN Y 84 49.40 -78.81 54.04
CA GLN Y 84 49.61 -78.18 55.33
C GLN Y 84 48.50 -77.16 55.59
N PRO Y 85 48.12 -77.01 56.87
CA PRO Y 85 47.13 -76.04 57.33
C PRO Y 85 47.52 -74.59 57.04
N THR Y 86 46.53 -73.70 57.08
CA THR Y 86 46.72 -72.29 56.75
C THR Y 86 47.74 -71.60 57.67
N VAL Y 87 48.48 -70.63 57.12
CA VAL Y 87 49.41 -69.84 57.92
C VAL Y 87 48.64 -68.94 58.88
N SER Y 88 47.40 -68.63 58.52
CA SER Y 88 46.52 -67.84 59.38
C SER Y 88 46.33 -68.52 60.74
N TYR Y 89 46.09 -69.83 60.70
CA TYR Y 89 45.93 -70.60 61.93
C TYR Y 89 47.23 -70.69 62.72
N PHE Y 90 48.30 -71.12 62.05
CA PHE Y 90 49.61 -71.26 62.68
C PHE Y 90 50.05 -69.99 63.39
N LEU Y 91 49.79 -68.84 62.78
CA LEU Y 91 50.15 -67.57 63.40
C LEU Y 91 49.15 -67.11 64.46
N LYS Y 92 47.87 -67.43 64.29
CA LYS Y 92 46.88 -67.17 65.33
C LYS Y 92 47.27 -67.87 66.62
N ALA Y 93 47.79 -69.10 66.50
CA ALA Y 93 48.25 -69.88 67.64
C ALA Y 93 49.62 -69.42 68.14
N ALA Y 94 50.50 -69.01 67.21
CA ALA Y 94 51.83 -68.54 67.56
C ALA Y 94 51.79 -67.27 68.41
N ALA Y 95 50.83 -66.41 68.14
CA ALA Y 95 50.62 -65.19 68.94
C ALA Y 95 49.65 -65.47 70.07
N GLY Y 96 49.04 -66.65 70.05
CA GLY Y 96 48.10 -67.06 71.08
C GLY Y 96 46.77 -66.34 71.04
N ILE Y 97 46.55 -65.55 69.99
CA ILE Y 97 45.32 -64.77 69.88
C ILE Y 97 44.21 -65.56 69.21
N GLU Y 98 43.02 -64.95 69.13
CA GLU Y 98 41.85 -65.63 68.58
C GLU Y 98 41.59 -65.17 67.15
N LYS Y 99 41.12 -63.93 67.02
CA LYS Y 99 40.90 -63.32 65.72
C LYS Y 99 41.95 -62.25 65.46
N GLY Y 100 42.30 -62.08 64.19
CA GLY Y 100 43.29 -61.09 63.79
C GLY Y 100 42.78 -59.66 63.89
N ALA Y 101 43.68 -58.71 63.65
CA ALA Y 101 43.39 -57.29 63.83
C ALA Y 101 42.27 -56.79 62.91
N ARG Y 102 41.39 -55.97 63.49
CA ARG Y 102 40.33 -55.30 62.76
C ARG Y 102 40.92 -54.34 61.72
N HIS Y 103 41.74 -53.40 62.19
CA HIS Y 103 42.54 -52.54 61.32
C HIS Y 103 44.01 -52.93 61.43
N THR Y 104 44.54 -53.53 60.37
CA THR Y 104 45.86 -54.15 60.42
C THR Y 104 47.01 -53.16 60.23
N GLY Y 105 47.97 -53.19 61.15
CA GLY Y 105 49.13 -52.33 61.10
C GLY Y 105 48.87 -51.01 61.81
N LYS Y 106 47.61 -50.63 61.89
CA LYS Y 106 47.18 -49.49 62.71
C LYS Y 106 47.22 -49.88 64.16
N GLU Y 107 46.98 -51.17 64.40
CA GLU Y 107 46.89 -51.73 65.74
C GLU Y 107 47.60 -53.09 65.74
N VAL Y 108 47.93 -53.58 66.93
CA VAL Y 108 48.59 -54.88 67.03
C VAL Y 108 47.60 -55.93 67.53
N ALA Y 109 47.77 -57.17 67.07
CA ALA Y 109 46.92 -58.28 67.48
C ALA Y 109 47.67 -59.20 68.45
N GLY Y 110 48.81 -59.76 67.99
CA GLY Y 110 49.69 -60.55 68.83
C GLY Y 110 51.16 -60.49 68.43
N LEU Y 111 52.03 -61.07 69.25
CA LEU Y 111 53.50 -60.96 69.09
C LEU Y 111 54.21 -62.31 68.92
N VAL Y 112 55.29 -62.31 68.13
CA VAL Y 112 56.08 -63.50 67.87
C VAL Y 112 57.56 -63.22 67.71
N THR Y 113 58.35 -64.29 67.71
CA THR Y 113 59.79 -64.17 67.51
C THR Y 113 60.26 -64.92 66.27
N LEU Y 114 61.58 -64.94 66.11
CA LEU Y 114 62.25 -65.73 65.09
C LEU Y 114 61.81 -67.18 65.06
N LYS Y 115 61.77 -67.75 66.25
CA LYS Y 115 61.54 -69.17 66.46
C LYS Y 115 60.18 -69.63 65.94
N HIS Y 116 59.14 -68.87 66.25
CA HIS Y 116 57.78 -69.16 65.78
C HIS Y 116 57.75 -69.31 64.26
N VAL Y 117 58.27 -68.29 63.58
CA VAL Y 117 58.19 -68.25 62.14
C VAL Y 117 59.04 -69.37 61.55
N TYR Y 118 60.19 -69.66 62.18
CA TYR Y 118 61.02 -70.75 61.72
C TYR Y 118 60.31 -72.10 61.77
N GLU Y 119 59.71 -72.39 62.93
CA GLU Y 119 58.96 -73.63 63.11
C GLU Y 119 57.84 -73.75 62.08
N ILE Y 120 56.99 -72.72 62.04
CA ILE Y 120 55.87 -72.69 61.11
C ILE Y 120 56.36 -72.89 59.67
N ALA Y 121 57.56 -72.40 59.38
CA ALA Y 121 58.14 -72.52 58.05
C ALA Y 121 58.53 -73.95 57.71
N ARG Y 122 59.35 -74.57 58.56
CA ARG Y 122 59.81 -75.92 58.30
C ARG Y 122 58.64 -76.92 58.37
N VAL Y 123 57.55 -76.48 58.97
CA VAL Y 123 56.30 -77.26 58.92
C VAL Y 123 55.63 -77.17 57.54
N LYS Y 124 55.66 -75.97 56.96
CA LYS Y 124 54.97 -75.71 55.69
C LYS Y 124 55.85 -75.87 54.45
N ALA Y 125 57.10 -76.29 54.64
CA ALA Y 125 57.98 -76.54 53.50
C ALA Y 125 57.57 -77.81 52.76
N GLN Y 126 56.76 -78.65 53.42
CA GLN Y 126 56.28 -79.89 52.81
C GLN Y 126 54.90 -79.71 52.19
N ASP Y 127 54.43 -78.47 52.17
CA ASP Y 127 53.20 -78.11 51.48
C ASP Y 127 53.32 -78.44 49.98
N ASP Y 128 52.21 -78.77 49.34
CA ASP Y 128 52.15 -79.05 47.91
C ASP Y 128 52.83 -77.96 47.07
N ALA Y 129 52.54 -76.71 47.42
CA ALA Y 129 53.04 -75.57 46.66
C ALA Y 129 54.54 -75.31 46.88
N PHE Y 130 55.00 -75.43 48.13
CA PHE Y 130 56.41 -75.17 48.44
C PHE Y 130 57.28 -76.42 48.30
N ALA Y 131 56.65 -77.57 48.01
CA ALA Y 131 57.38 -78.82 47.85
C ALA Y 131 58.20 -78.81 46.57
N LEU Y 132 57.54 -78.51 45.46
CA LEU Y 132 58.18 -78.51 44.15
C LEU Y 132 59.20 -77.37 44.04
N GLN Y 133 58.92 -76.27 44.74
CA GLN Y 133 59.86 -75.17 44.85
C GLN Y 133 61.02 -75.59 45.75
N ASP Y 134 62.25 -75.45 45.24
CA ASP Y 134 63.44 -75.88 45.96
C ASP Y 134 63.93 -74.80 46.92
N VAL Y 135 63.15 -73.73 47.04
CA VAL Y 135 63.51 -72.57 47.86
C VAL Y 135 63.95 -72.91 49.28
N PRO Y 136 65.00 -72.24 49.76
CA PRO Y 136 65.47 -72.46 51.14
C PRO Y 136 64.41 -72.00 52.16
N LEU Y 137 64.71 -72.20 53.43
CA LEU Y 137 63.74 -71.88 54.48
C LEU Y 137 63.66 -70.37 54.72
N SER Y 138 64.72 -69.64 54.34
CA SER Y 138 64.69 -68.18 54.43
C SER Y 138 63.56 -67.59 53.60
N SER Y 139 63.36 -68.15 52.42
CA SER Y 139 62.28 -67.76 51.53
C SER Y 139 60.91 -67.99 52.17
N VAL Y 140 60.69 -69.21 52.68
CA VAL Y 140 59.43 -69.56 53.31
C VAL Y 140 59.16 -68.69 54.54
N VAL Y 141 60.22 -68.35 55.26
CA VAL Y 141 60.10 -67.46 56.42
C VAL Y 141 59.73 -66.05 55.98
N ARG Y 142 60.29 -65.59 54.87
CA ARG Y 142 59.85 -64.33 54.28
C ARG Y 142 58.35 -64.34 53.99
N SER Y 143 57.89 -65.41 53.35
CA SER Y 143 56.46 -65.57 53.05
C SER Y 143 55.60 -65.53 54.31
N ILE Y 144 56.01 -66.28 55.34
CA ILE Y 144 55.25 -66.33 56.57
C ILE Y 144 55.26 -64.96 57.27
N ILE Y 145 56.39 -64.25 57.20
CA ILE Y 145 56.49 -62.91 57.77
C ILE Y 145 55.50 -61.96 57.10
N GLY Y 146 55.49 -62.00 55.76
CA GLY Y 146 54.57 -61.18 55.01
C GLY Y 146 53.13 -61.52 55.33
N SER Y 147 52.87 -62.79 55.60
CA SER Y 147 51.52 -63.23 55.95
C SER Y 147 51.19 -62.86 57.41
N ALA Y 148 52.23 -62.52 58.17
CA ALA Y 148 52.04 -62.00 59.51
C ALA Y 148 51.69 -60.52 59.45
N ARG Y 149 52.31 -59.81 58.51
CA ARG Y 149 52.05 -58.37 58.35
C ARG Y 149 50.57 -58.06 58.24
N SER Y 150 49.87 -58.86 57.45
CA SER Y 150 48.45 -58.62 57.14
C SER Y 150 47.49 -59.23 58.16
N LEU Y 151 48.02 -60.10 59.00
CA LEU Y 151 47.21 -60.74 60.03
C LEU Y 151 47.21 -59.87 61.30
N GLY Y 152 48.08 -58.87 61.31
CA GLY Y 152 48.14 -57.92 62.40
C GLY Y 152 49.13 -58.36 63.47
N ILE Y 153 49.95 -59.34 63.12
CA ILE Y 153 50.86 -59.95 64.06
C ILE Y 153 52.28 -59.45 63.87
N ARG Y 154 52.90 -59.03 64.97
CA ARG Y 154 54.22 -58.43 64.89
C ARG Y 154 55.35 -59.39 65.27
N VAL Y 155 56.38 -59.46 64.43
CA VAL Y 155 57.63 -60.17 64.71
C VAL Y 155 58.57 -59.31 65.55
N VAL Y 156 59.46 -59.93 66.34
CA VAL Y 156 60.60 -59.23 66.99
C VAL Y 156 61.81 -60.17 67.07
N LYS Y 157 63.01 -59.62 66.95
CA LYS Y 157 64.23 -60.44 66.91
C LYS Y 157 64.45 -61.33 68.13
N ASP Y 158 64.90 -60.76 69.25
CA ASP Y 158 64.96 -61.50 70.51
C ASP Y 158 64.06 -60.82 71.53
N LEU Y 159 62.87 -61.38 71.75
CA LEU Y 159 61.93 -60.74 72.66
C LEU Y 159 61.68 -61.41 74.02
N SER Y 160 62.25 -62.58 74.32
CA SER Y 160 61.67 -63.51 75.33
C SER Y 160 61.23 -62.92 76.71
N SER Y 161 62.15 -62.27 77.42
CA SER Y 161 61.83 -61.64 78.71
C SER Y 161 60.83 -60.50 78.51
N GLU Y 162 61.14 -59.66 77.52
CA GLU Y 162 60.24 -58.63 77.03
C GLU Y 162 59.04 -59.26 76.32
N GLU Y 163 59.14 -60.53 75.91
CA GLU Y 163 57.97 -61.23 75.37
C GLU Y 163 56.93 -61.30 76.46
N LEU Y 164 57.35 -61.75 77.66
CA LEU Y 164 56.37 -61.93 78.73
C LEU Y 164 55.99 -60.63 79.44
N ALA Y 165 56.97 -59.75 79.68
CA ALA Y 165 56.67 -58.38 80.14
C ALA Y 165 55.61 -57.82 79.20
N ALA Y 166 55.87 -57.94 77.89
CA ALA Y 166 54.88 -57.58 76.88
C ALA Y 166 53.56 -58.28 77.17
N PHE Y 167 53.48 -59.60 77.02
CA PHE Y 167 52.21 -60.32 77.14
C PHE Y 167 51.37 -59.85 78.32
N GLN Y 168 52.02 -59.55 79.43
CA GLN Y 168 51.29 -58.99 80.58
C GLN Y 168 50.87 -57.53 80.35
N LYS Y 169 51.59 -56.80 79.49
CA LYS Y 169 51.12 -55.46 79.09
C LYS Y 169 50.19 -55.52 77.86
N GLU Y 170 50.74 -55.96 76.73
CA GLU Y 170 50.04 -56.18 75.49
C GLU Y 170 48.70 -56.89 75.65
N ARG Y 171 48.64 -58.02 76.36
CA ARG Y 171 47.34 -58.69 76.48
C ARG Y 171 46.30 -57.81 77.17
N ALA Y 172 46.76 -57.00 78.13
CA ALA Y 172 45.88 -56.09 78.84
C ALA Y 172 45.41 -54.95 77.94
N LEU Y 173 46.29 -54.54 77.02
CA LEU Y 173 45.93 -53.52 76.04
C LEU Y 173 44.99 -54.08 74.95
N PHE Y 174 45.14 -55.36 74.61
CA PHE Y 174 44.27 -56.00 73.61
C PHE Y 174 42.92 -56.33 74.22
N LEU Y 175 42.91 -56.56 75.53
CA LEU Y 175 41.67 -56.73 76.28
C LEU Y 175 40.96 -55.37 76.38
N ALA Y 176 41.74 -54.32 76.65
CA ALA Y 176 41.20 -52.96 76.73
C ALA Y 176 40.58 -52.54 75.39
N ALA Y 177 41.29 -52.81 74.30
CA ALA Y 177 40.87 -52.40 72.96
C ALA Y 177 39.75 -53.30 72.40
N GLN Y 178 39.75 -54.59 72.77
CA GLN Y 178 38.70 -55.51 72.33
C GLN Y 178 37.41 -55.27 73.11
N ARG Y 179 37.55 -54.85 74.36
CA ARG Y 179 36.39 -54.50 75.19
C ARG Y 179 35.82 -53.15 74.76
N GLU Y 180 36.71 -52.22 74.40
CA GLU Y 180 36.30 -50.91 73.88
C GLU Y 180 35.62 -51.04 72.51
N ALA Y 181 36.13 -51.96 71.68
CA ALA Y 181 35.53 -52.23 70.37
C ALA Y 181 34.22 -53.00 70.51
N ASP Y 182 34.11 -53.87 71.52
CA ASP Y 182 32.86 -54.58 71.77
C ASP Y 182 31.78 -53.63 72.29
N LEU Y 183 32.17 -52.70 73.15
CA LEU Y 183 31.25 -51.70 73.70
C LEU Y 183 30.80 -50.70 72.63
N ALA Y 184 31.76 -50.21 71.85
CA ALA Y 184 31.46 -49.31 70.74
C ALA Y 184 30.67 -50.02 69.64
N ALA Y 185 30.82 -51.35 69.54
CA ALA Y 185 30.04 -52.15 68.59
C ALA Y 185 28.62 -52.39 69.13
N GLN Y 186 28.48 -52.38 70.45
CA GLN Y 186 27.16 -52.44 71.07
C GLN Y 186 26.43 -51.10 70.88
N ALA Y 187 27.17 -50.00 70.99
CA ALA Y 187 26.62 -48.67 70.75
C ALA Y 187 26.29 -48.41 69.27
N GLU Y 188 27.10 -48.96 68.37
CA GLU Y 188 26.84 -48.83 66.93
C GLU Y 188 25.79 -49.84 66.44
N ALA Y 189 25.62 -50.93 67.19
CA ALA Y 189 24.52 -51.88 66.92
C ALA Y 189 23.20 -51.30 67.42
N ALA Y 190 23.25 -50.55 68.52
CA ALA Y 190 22.06 -49.88 69.05
C ALA Y 190 21.67 -48.66 68.21
N LYS Y 191 22.66 -47.88 67.77
CA LYS Y 191 22.40 -46.71 66.93
C LYS Y 191 21.86 -47.11 65.55
N LYS Y 192 22.26 -48.29 65.08
CA LYS Y 192 21.78 -48.80 63.79
C LYS Y 192 20.34 -49.31 63.87
N HIS Z 129 31.96 -130.15 27.46
CA HIS Z 129 30.98 -129.07 27.53
C HIS Z 129 29.55 -129.63 27.55
N PHE Z 130 28.66 -128.98 28.29
CA PHE Z 130 27.33 -129.52 28.56
C PHE Z 130 26.20 -128.59 28.12
N THR Z 131 25.02 -129.18 27.93
CA THR Z 131 23.86 -128.44 27.46
C THR Z 131 22.72 -128.49 28.48
N VAL Z 132 22.34 -127.33 29.00
CA VAL Z 132 21.18 -127.21 29.89
C VAL Z 132 19.91 -126.98 29.08
N ARG Z 133 19.03 -127.96 29.10
CA ARG Z 133 17.74 -127.90 28.41
C ARG Z 133 16.58 -127.93 29.41
N LEU Z 134 15.56 -127.13 29.15
CA LEU Z 134 14.35 -127.15 29.97
C LEU Z 134 13.36 -128.11 29.30
N THR Z 135 13.09 -129.23 29.96
CA THR Z 135 12.17 -130.24 29.42
C THR Z 135 10.74 -129.73 29.55
N GLU Z 136 10.28 -129.50 30.77
CA GLU Z 136 8.90 -129.00 30.94
C GLU Z 136 8.72 -128.02 32.09
N ALA Z 137 7.73 -127.14 31.95
CA ALA Z 137 7.37 -126.20 33.00
C ALA Z 137 6.21 -126.75 33.81
N LYS Z 138 6.46 -127.08 35.08
CA LYS Z 138 5.41 -127.54 36.00
C LYS Z 138 4.30 -126.49 36.09
N PRO Z 139 3.03 -126.95 36.13
CA PRO Z 139 1.84 -126.07 36.06
C PRO Z 139 1.84 -124.89 37.03
N VAL Z 140 2.37 -125.08 38.24
CA VAL Z 140 2.35 -124.03 39.25
C VAL Z 140 3.48 -123.01 39.05
N ASP Z 141 4.62 -123.49 38.54
CA ASP Z 141 5.88 -122.77 38.66
C ASP Z 141 6.26 -121.87 37.46
N LYS Z 142 5.36 -121.76 36.48
CA LYS Z 142 5.65 -121.02 35.24
C LYS Z 142 6.22 -119.63 35.48
N VAL Z 143 5.60 -118.89 36.41
CA VAL Z 143 6.07 -117.55 36.79
C VAL Z 143 7.47 -117.57 37.44
N LYS Z 144 7.63 -118.40 38.47
CA LYS Z 144 8.92 -118.59 39.16
C LYS Z 144 10.02 -118.97 38.17
N LEU Z 145 9.65 -119.86 37.26
CA LEU Z 145 10.56 -120.36 36.23
C LEU Z 145 10.98 -119.28 35.24
N ILE Z 146 10.04 -118.44 34.79
CA ILE Z 146 10.39 -117.34 33.87
C ILE Z 146 11.29 -116.32 34.58
N LYS Z 147 11.00 -116.07 35.87
CA LYS Z 147 11.90 -115.25 36.69
C LYS Z 147 13.33 -115.80 36.68
N GLU Z 148 13.47 -117.10 36.95
CA GLU Z 148 14.79 -117.73 37.03
C GLU Z 148 15.48 -117.75 35.65
N ILE Z 149 14.72 -118.04 34.60
CA ILE Z 149 15.21 -117.99 33.21
C ILE Z 149 15.79 -116.60 32.93
N LYS Z 150 14.96 -115.58 33.11
CA LYS Z 150 15.38 -114.18 32.91
C LYS Z 150 16.60 -113.77 33.73
N SER Z 151 16.73 -114.28 34.95
CA SER Z 151 17.91 -113.97 35.76
C SER Z 151 19.18 -114.68 35.23
N HIS Z 152 19.05 -115.95 34.83
CA HIS Z 152 20.21 -116.76 34.46
C HIS Z 152 20.76 -116.59 33.03
N ILE Z 153 19.91 -116.32 32.05
CA ILE Z 153 20.41 -116.14 30.69
C ILE Z 153 21.13 -114.78 30.55
N GLN Z 154 20.72 -113.83 31.40
CA GLN Z 154 21.36 -112.51 31.56
C GLN Z 154 21.14 -111.56 30.37
N GLY Z 155 20.68 -112.11 29.24
CA GLY Z 155 20.38 -111.31 28.08
C GLY Z 155 18.92 -111.17 27.69
N ILE Z 156 18.04 -111.93 28.34
CA ILE Z 156 16.75 -112.23 27.76
C ILE Z 156 15.59 -111.36 28.30
N ASN Z 157 14.71 -110.96 27.39
CA ASN Z 157 13.52 -110.18 27.72
C ASN Z 157 12.42 -111.04 28.35
N LEU Z 158 11.45 -110.37 28.96
CA LEU Z 158 10.34 -111.07 29.59
C LEU Z 158 9.42 -111.75 28.56
N VAL Z 159 9.15 -111.08 27.43
CA VAL Z 159 8.34 -111.69 26.37
C VAL Z 159 9.08 -112.90 25.77
N GLN Z 160 10.40 -112.79 25.65
CA GLN Z 160 11.23 -113.87 25.10
C GLN Z 160 11.35 -115.05 26.06
N ALA Z 161 11.49 -114.77 27.35
CA ALA Z 161 11.57 -115.80 28.38
C ALA Z 161 10.22 -116.50 28.55
N LYS Z 162 9.14 -115.72 28.39
CA LYS Z 162 7.79 -116.28 28.43
C LYS Z 162 7.55 -117.20 27.24
N LYS Z 163 7.94 -116.75 26.04
CA LYS Z 163 7.83 -117.59 24.84
C LYS Z 163 8.72 -118.83 24.93
N LEU Z 164 9.87 -118.69 25.60
CA LEU Z 164 10.81 -119.81 25.81
C LEU Z 164 10.25 -120.86 26.78
N VAL Z 165 9.62 -120.41 27.87
CA VAL Z 165 9.06 -121.33 28.87
C VAL Z 165 7.72 -121.92 28.39
N GLU Z 166 7.06 -121.26 27.45
CA GLU Z 166 5.85 -121.82 26.85
C GLU Z 166 6.14 -122.64 25.59
N SER Z 167 7.37 -122.60 25.08
CA SER Z 167 7.74 -123.36 23.87
C SER Z 167 8.39 -124.72 24.18
N LEU Z 168 8.44 -125.09 25.45
CA LEU Z 168 9.09 -126.32 25.94
C LEU Z 168 8.61 -127.63 25.30
N PRO Z 169 9.51 -128.60 25.12
CA PRO Z 169 10.94 -128.62 25.51
C PRO Z 169 11.83 -127.69 24.67
N GLN Z 170 12.79 -127.05 25.33
CA GLN Z 170 13.63 -126.04 24.69
C GLN Z 170 15.06 -126.10 25.22
N GLU Z 171 16.04 -125.73 24.40
CA GLU Z 171 17.43 -125.69 24.84
C GLU Z 171 17.81 -124.29 25.31
N ILE Z 172 18.03 -124.16 26.61
CA ILE Z 172 18.40 -122.87 27.21
C ILE Z 172 19.84 -122.47 26.97
N LYS Z 173 20.77 -123.37 27.30
CA LYS Z 173 22.18 -123.00 27.24
C LYS Z 173 23.06 -124.12 26.68
N ALA Z 174 23.95 -123.75 25.76
CA ALA Z 174 24.86 -124.71 25.15
C ALA Z 174 26.33 -124.37 25.42
N ASN Z 175 27.17 -125.39 25.43
CA ASN Z 175 28.63 -125.27 25.60
C ASN Z 175 29.08 -124.58 26.90
N VAL Z 176 28.27 -124.72 27.95
CA VAL Z 176 28.66 -124.30 29.30
C VAL Z 176 29.34 -125.48 30.03
N PRO Z 177 30.33 -125.19 30.91
CA PRO Z 177 31.03 -126.23 31.67
C PRO Z 177 30.12 -127.01 32.63
N LYS Z 178 30.72 -127.90 33.42
CA LYS Z 178 29.94 -128.76 34.31
C LYS Z 178 29.35 -128.00 35.51
N ALA Z 179 30.17 -127.14 36.13
CA ALA Z 179 29.74 -126.34 37.29
C ALA Z 179 28.54 -125.44 36.99
N GLU Z 180 28.61 -124.73 35.86
CA GLU Z 180 27.54 -123.81 35.44
C GLU Z 180 26.25 -124.55 35.04
N ALA Z 181 26.40 -125.69 34.36
CA ALA Z 181 25.24 -126.51 33.99
C ALA Z 181 24.54 -127.11 35.22
N GLU Z 182 25.31 -127.56 36.21
CA GLU Z 182 24.75 -128.12 37.45
C GLU Z 182 24.13 -127.05 38.36
N LYS Z 183 24.70 -125.84 38.35
CA LYS Z 183 24.14 -124.72 39.12
C LYS Z 183 22.86 -124.17 38.47
N ILE Z 184 22.86 -124.05 37.14
CA ILE Z 184 21.65 -123.65 36.41
C ILE Z 184 20.54 -124.71 36.55
N LYS Z 185 20.90 -125.98 36.46
CA LYS Z 185 19.91 -127.05 36.65
C LYS Z 185 19.40 -127.11 38.10
N ALA Z 186 20.28 -126.82 39.07
CA ALA Z 186 19.89 -126.80 40.48
C ALA Z 186 18.94 -125.63 40.79
N ALA Z 187 19.20 -124.47 40.19
CA ALA Z 187 18.32 -123.31 40.36
C ALA Z 187 16.98 -123.48 39.63
N LEU Z 188 17.01 -124.06 38.42
CA LEU Z 188 15.79 -124.28 37.65
C LEU Z 188 14.94 -125.45 38.17
N GLU Z 189 15.55 -126.37 38.91
CA GLU Z 189 14.78 -127.37 39.67
C GLU Z 189 14.31 -126.83 41.01
N ALA Z 190 15.04 -125.85 41.54
CA ALA Z 190 14.63 -125.16 42.76
C ALA Z 190 13.41 -124.26 42.53
N VAL Z 191 13.28 -123.69 41.33
CA VAL Z 191 12.09 -122.89 41.02
C VAL Z 191 10.97 -123.74 40.40
N GLY Z 192 11.19 -125.05 40.31
CA GLY Z 192 10.14 -125.96 39.89
C GLY Z 192 10.03 -126.33 38.44
N GLY Z 193 11.15 -126.25 37.70
CA GLY Z 193 11.18 -126.72 36.34
C GLY Z 193 11.67 -128.16 36.22
N THR Z 194 11.27 -128.84 35.15
CA THR Z 194 11.82 -130.15 34.82
C THR Z 194 12.94 -129.98 33.78
N VAL Z 195 14.17 -130.24 34.25
CA VAL Z 195 15.40 -129.90 33.53
C VAL Z 195 16.24 -131.14 33.23
N VAL Z 196 16.90 -131.15 32.07
CA VAL Z 196 17.78 -132.25 31.67
C VAL Z 196 19.15 -131.74 31.18
N LEU Z 197 20.22 -132.19 31.85
CA LEU Z 197 21.58 -131.84 31.45
C LEU Z 197 22.18 -132.91 30.53
N GLU Z 198 22.75 -132.47 29.41
CA GLU Z 198 23.28 -133.39 28.41
C GLU Z 198 24.73 -133.08 28.06
N SER AA 2 43.76 -11.67 -53.75
CA SER AA 2 42.97 -10.59 -53.14
C SER AA 2 41.93 -10.12 -54.11
N SER AA 3 42.18 -10.30 -55.41
CA SER AA 3 41.26 -9.78 -56.41
C SER AA 3 40.25 -10.83 -56.78
N PHE AA 4 39.03 -10.61 -56.35
CA PHE AA 4 37.93 -11.53 -56.59
C PHE AA 4 36.82 -10.65 -57.08
N SER AA 5 35.78 -11.21 -57.65
CA SER AA 5 34.62 -10.38 -57.95
C SER AA 5 33.95 -10.10 -56.61
N LYS AA 6 32.91 -9.28 -56.58
CA LYS AA 6 32.32 -8.99 -55.28
C LYS AA 6 31.63 -10.21 -54.69
N ALA AA 7 30.72 -10.80 -55.46
CA ALA AA 7 29.91 -11.92 -54.97
C ALA AA 7 30.75 -13.11 -54.47
N PRO AA 8 31.69 -13.62 -55.29
CA PRO AA 8 32.47 -14.74 -54.77
C PRO AA 8 33.31 -14.36 -53.56
N GLN AA 9 33.77 -13.11 -53.48
CA GLN AA 9 34.53 -12.67 -52.33
C GLN AA 9 33.70 -12.79 -51.06
N GLN AA 10 32.54 -12.14 -51.10
CA GLN AA 10 31.63 -12.14 -49.97
C GLN AA 10 31.25 -13.57 -49.61
N TRP AA 11 31.08 -14.42 -50.62
CA TRP AA 11 30.65 -15.79 -50.38
C TRP AA 11 31.71 -16.58 -49.66
N ALA AA 12 32.96 -16.39 -50.10
CA ALA AA 12 34.10 -17.06 -49.49
C ALA AA 12 34.27 -16.64 -48.05
N THR AA 13 34.09 -15.36 -47.77
CA THR AA 13 34.28 -14.85 -46.42
C THR AA 13 33.33 -15.46 -45.39
N PHE AA 14 32.04 -15.46 -45.71
CA PHE AA 14 31.03 -15.90 -44.77
C PHE AA 14 30.68 -17.37 -44.91
N ALA AA 15 31.47 -18.08 -45.71
CA ALA AA 15 31.31 -19.51 -45.91
C ALA AA 15 31.21 -20.32 -44.62
N ARG AA 16 30.31 -21.31 -44.60
CA ARG AA 16 30.26 -22.25 -43.47
C ARG AA 16 31.32 -23.35 -43.60
N VAL AA 17 31.69 -23.93 -42.47
CA VAL AA 17 32.76 -24.91 -42.45
C VAL AA 17 32.32 -26.06 -41.55
N TRP AA 18 32.79 -27.28 -41.80
CA TRP AA 18 32.42 -28.40 -40.93
C TRP AA 18 33.60 -28.95 -40.18
N TYR AA 19 33.57 -28.80 -38.86
CA TYR AA 19 34.64 -29.32 -38.05
C TYR AA 19 34.29 -30.70 -37.51
N LEU AA 20 35.29 -31.55 -37.42
CA LEU AA 20 35.11 -32.86 -36.81
C LEU AA 20 35.85 -32.91 -35.50
N LEU AA 21 35.17 -33.42 -34.48
CA LEU AA 21 35.74 -33.43 -33.15
C LEU AA 21 35.56 -34.82 -32.55
N ASP AA 22 36.67 -35.49 -32.28
CA ASP AA 22 36.62 -36.83 -31.69
C ASP AA 22 36.30 -36.71 -30.21
N GLY AA 23 35.43 -37.57 -29.71
CA GLY AA 23 35.01 -37.46 -28.33
C GLY AA 23 35.59 -38.48 -27.37
N LYS AA 24 36.29 -39.48 -27.88
CA LYS AA 24 36.66 -40.62 -27.06
C LYS AA 24 37.57 -40.23 -25.90
N MET AA 25 37.15 -40.59 -24.70
CA MET AA 25 37.89 -40.31 -23.46
C MET AA 25 38.06 -38.83 -23.16
N GLN AA 26 37.11 -38.01 -23.61
CA GLN AA 26 37.16 -36.58 -23.34
C GLN AA 26 36.04 -36.19 -22.41
N PRO AA 27 36.31 -35.23 -21.51
CA PRO AA 27 35.28 -34.68 -20.64
C PRO AA 27 34.28 -33.91 -21.47
N PRO AA 28 33.00 -34.18 -21.26
CA PRO AA 28 32.01 -33.54 -22.12
C PRO AA 28 32.08 -32.03 -22.00
N GLY AA 29 32.60 -31.54 -20.88
CA GLY AA 29 32.70 -30.12 -20.70
C GLY AA 29 33.72 -29.46 -21.61
N LYS AA 30 34.95 -29.97 -21.59
CA LYS AA 30 36.01 -29.44 -22.43
C LYS AA 30 35.64 -29.57 -23.90
N LEU AA 31 34.91 -30.62 -24.22
CA LEU AA 31 34.36 -30.81 -25.55
C LEU AA 31 33.41 -29.68 -25.91
N ALA AA 32 32.42 -29.51 -25.05
CA ALA AA 32 31.37 -28.52 -25.24
C ALA AA 32 31.92 -27.12 -25.31
N ALA AA 33 33.09 -26.88 -24.73
CA ALA AA 33 33.67 -25.54 -24.78
C ALA AA 33 34.04 -25.15 -26.22
N MET AA 34 34.88 -25.96 -26.86
CA MET AA 34 35.28 -25.69 -28.22
C MET AA 34 34.11 -25.86 -29.17
N ALA AA 35 33.25 -26.83 -28.89
CA ALA AA 35 32.05 -26.99 -29.70
C ALA AA 35 31.24 -25.70 -29.68
N SER AA 36 31.08 -25.11 -28.49
CA SER AA 36 30.32 -23.88 -28.34
C SER AA 36 30.93 -22.72 -29.12
N VAL AA 37 32.23 -22.52 -28.94
CA VAL AA 37 32.92 -21.49 -29.69
C VAL AA 37 32.66 -21.64 -31.19
N LYS AA 38 32.84 -22.84 -31.72
CA LYS AA 38 32.72 -23.04 -33.17
C LYS AA 38 31.29 -22.92 -33.65
N LEU AA 39 30.32 -23.21 -32.78
CA LEU AA 39 28.93 -23.06 -33.14
C LEU AA 39 28.54 -21.61 -33.27
N GLN AA 40 29.03 -20.76 -32.37
CA GLN AA 40 28.67 -19.33 -32.43
C GLN AA 40 29.43 -18.57 -33.47
N GLY AA 41 30.43 -19.22 -34.07
CA GLY AA 41 31.30 -18.55 -35.02
C GLY AA 41 32.13 -17.49 -34.34
N LEU AA 42 32.60 -17.79 -33.15
CA LEU AA 42 33.43 -16.86 -32.40
C LEU AA 42 34.90 -17.04 -32.72
N HIS AA 43 35.20 -17.95 -33.62
CA HIS AA 43 36.57 -18.20 -34.02
C HIS AA 43 36.87 -17.46 -35.31
N LYS AA 44 35.87 -16.78 -35.83
CA LYS AA 44 36.01 -15.99 -37.05
C LYS AA 44 36.26 -14.52 -36.73
N PRO AA 45 37.39 -13.96 -37.18
CA PRO AA 45 37.61 -12.52 -37.06
C PRO AA 45 36.49 -11.66 -37.61
N VAL AA 46 35.65 -12.22 -38.48
CA VAL AA 46 34.53 -11.46 -39.05
C VAL AA 46 33.28 -11.53 -38.19
N TYR AA 47 33.41 -12.17 -37.04
CA TYR AA 47 32.28 -12.41 -36.15
C TYR AA 47 31.47 -11.19 -35.84
N HIS AA 48 30.16 -11.36 -35.83
CA HIS AA 48 29.27 -10.43 -35.22
C HIS AA 48 28.03 -11.19 -34.83
N GLN AA 49 27.26 -10.66 -33.90
CA GLN AA 49 26.12 -11.41 -33.40
C GLN AA 49 24.93 -11.41 -34.35
N LEU AA 50 24.87 -10.42 -35.25
CA LEU AA 50 23.79 -10.34 -36.23
C LEU AA 50 24.13 -10.91 -37.61
N SER AA 51 25.36 -11.37 -37.77
CA SER AA 51 25.73 -12.23 -38.89
C SER AA 51 25.44 -13.67 -38.47
N ASP AA 52 25.00 -14.48 -39.43
CA ASP AA 52 24.59 -15.85 -39.14
C ASP AA 52 25.79 -16.74 -38.82
N CYS AA 53 26.99 -16.17 -38.96
CA CYS AA 53 28.19 -16.99 -39.01
C CYS AA 53 28.28 -17.92 -37.82
N GLY AA 54 28.38 -19.19 -38.14
CA GLY AA 54 28.60 -20.23 -37.16
C GLY AA 54 28.84 -21.42 -38.04
N ASP AA 55 29.56 -22.39 -37.54
CA ASP AA 55 29.97 -23.50 -38.37
C ASP AA 55 29.40 -24.80 -37.85
N HIS AA 56 29.28 -25.80 -38.71
CA HIS AA 56 28.84 -27.10 -38.26
C HIS AA 56 29.92 -27.79 -37.46
N VAL AA 57 29.51 -28.49 -36.41
CA VAL AA 57 30.43 -29.26 -35.62
C VAL AA 57 29.92 -30.67 -35.57
N VAL AA 58 30.78 -31.62 -35.90
CA VAL AA 58 30.39 -33.02 -35.80
C VAL AA 58 31.17 -33.70 -34.70
N ILE AA 59 30.50 -34.08 -33.63
CA ILE AA 59 31.17 -34.79 -32.57
C ILE AA 59 30.88 -36.27 -32.68
N MET AA 60 31.90 -37.09 -32.54
CA MET AA 60 31.71 -38.53 -32.63
C MET AA 60 32.36 -39.26 -31.47
N ASN AA 61 32.05 -40.55 -31.36
CA ASN AA 61 32.47 -41.36 -30.22
C ASN AA 61 31.94 -40.78 -28.93
N THR AA 62 30.69 -40.33 -28.96
CA THR AA 62 30.08 -39.66 -27.84
C THR AA 62 29.83 -40.63 -26.68
N ARG AA 63 29.58 -41.89 -27.00
CA ARG AA 63 29.39 -42.92 -25.98
C ARG AA 63 30.62 -43.08 -25.09
N HIS AA 64 31.79 -42.78 -25.64
CA HIS AA 64 33.06 -43.05 -24.97
C HIS AA 64 33.58 -41.85 -24.18
N ILE AA 65 32.71 -40.89 -24.00
CA ILE AA 65 32.92 -39.74 -23.13
C ILE AA 65 33.46 -40.13 -21.74
N ALA AA 66 34.35 -39.32 -21.19
CA ALA AA 66 34.85 -39.53 -19.83
C ALA AA 66 34.44 -38.43 -18.86
N PHE AA 67 34.31 -38.76 -17.58
CA PHE AA 67 33.94 -37.77 -16.56
C PHE AA 67 34.95 -37.78 -15.42
N SER AA 68 35.59 -36.65 -15.15
CA SER AA 68 36.59 -36.64 -14.07
C SER AA 68 35.89 -36.78 -12.74
N GLY AA 69 36.61 -37.32 -11.75
CA GLY AA 69 36.03 -37.51 -10.43
C GLY AA 69 34.92 -38.55 -10.37
N ASN AA 70 33.99 -38.35 -9.44
CA ASN AA 70 32.84 -39.22 -9.29
C ASN AA 70 31.60 -38.73 -10.01
N LYS AA 71 31.78 -37.72 -10.86
CA LYS AA 71 30.67 -37.09 -11.54
C LYS AA 71 29.66 -38.05 -12.15
N TRP AA 72 30.10 -39.22 -12.61
CA TRP AA 72 29.17 -40.21 -13.15
C TRP AA 72 28.06 -40.57 -12.16
N GLU AA 73 28.40 -40.61 -10.87
CA GLU AA 73 27.43 -40.87 -9.80
C GLU AA 73 26.69 -39.66 -9.28
N GLN AA 74 27.42 -38.57 -9.07
CA GLN AA 74 26.83 -37.41 -8.40
C GLN AA 74 26.09 -36.41 -9.27
N LYS AA 75 26.39 -36.36 -10.55
CA LYS AA 75 25.82 -35.28 -11.35
C LYS AA 75 24.45 -35.67 -11.87
N VAL AA 76 23.40 -34.94 -11.44
CA VAL AA 76 22.06 -35.37 -11.81
C VAL AA 76 21.37 -34.37 -12.73
N TYR AA 77 20.83 -34.93 -13.80
CA TYR AA 77 20.08 -34.18 -14.77
C TYR AA 77 18.63 -34.23 -14.35
N SER AA 78 18.04 -33.08 -14.11
CA SER AA 78 16.66 -33.05 -13.66
C SER AA 78 15.77 -32.46 -14.74
N SER AA 79 14.52 -32.90 -14.77
CA SER AA 79 13.54 -32.35 -15.69
C SER AA 79 12.12 -32.51 -15.15
N HIS AA 80 11.17 -31.79 -15.74
CA HIS AA 80 9.80 -31.88 -15.26
C HIS AA 80 8.82 -31.93 -16.42
N THR AA 81 8.01 -32.99 -16.45
CA THR AA 81 7.03 -33.18 -17.52
C THR AA 81 5.97 -32.10 -17.51
N GLY AA 82 5.80 -31.48 -16.35
CA GLY AA 82 4.81 -30.43 -16.18
C GLY AA 82 3.58 -30.90 -15.44
N TYR AA 83 3.35 -32.21 -15.43
CA TYR AA 83 2.24 -32.81 -14.71
C TYR AA 83 2.60 -32.98 -13.25
N PRO AA 84 1.61 -32.87 -12.35
CA PRO AA 84 1.89 -33.09 -10.93
C PRO AA 84 2.55 -34.45 -10.72
N GLY AA 85 3.65 -34.43 -9.97
CA GLY AA 85 4.44 -35.62 -9.76
C GLY AA 85 5.24 -36.00 -10.99
N GLY AA 86 5.60 -35.02 -11.80
CA GLY AA 86 6.33 -35.29 -13.02
C GLY AA 86 7.78 -34.91 -12.92
N PHE AA 87 8.28 -34.74 -11.70
CA PHE AA 87 9.64 -34.31 -11.51
C PHE AA 87 10.59 -35.50 -11.49
N ARG AA 88 11.53 -35.48 -12.44
CA ARG AA 88 12.43 -36.60 -12.68
C ARG AA 88 13.88 -36.21 -12.51
N GLN AA 89 14.52 -36.75 -11.49
CA GLN AA 89 15.97 -36.61 -11.34
C GLN AA 89 16.62 -37.88 -11.82
N VAL AA 90 17.67 -37.73 -12.64
CA VAL AA 90 18.35 -38.90 -13.18
C VAL AA 90 19.86 -38.75 -13.15
N THR AA 91 20.54 -39.70 -12.53
CA THR AA 91 21.99 -39.69 -12.45
C THR AA 91 22.63 -39.79 -13.83
N ALA AA 92 23.72 -39.06 -14.03
CA ALA AA 92 24.41 -39.01 -15.33
C ALA AA 92 24.69 -40.39 -15.91
N ALA AA 93 25.08 -41.34 -15.06
CA ALA AA 93 25.24 -42.73 -15.48
C ALA AA 93 23.97 -43.27 -16.15
N GLN AA 94 22.81 -43.02 -15.53
CA GLN AA 94 21.55 -43.51 -16.05
C GLN AA 94 21.20 -42.85 -17.37
N LEU AA 95 21.35 -41.52 -17.40
CA LEU AA 95 21.04 -40.77 -18.60
C LEU AA 95 21.87 -41.25 -19.76
N HIS AA 96 23.16 -41.45 -19.52
CA HIS AA 96 24.09 -41.88 -20.56
C HIS AA 96 23.80 -43.30 -21.03
N GLN AA 97 23.52 -44.17 -20.07
CA GLN AA 97 23.08 -45.52 -20.35
C GLN AA 97 21.89 -45.54 -21.32
N LYS AA 98 20.88 -44.72 -21.03
CA LYS AA 98 19.69 -44.61 -21.88
C LYS AA 98 19.95 -44.02 -23.28
N ASP AA 99 20.51 -42.81 -23.32
CA ASP AA 99 20.70 -42.03 -24.55
C ASP AA 99 22.13 -41.49 -24.73
N PRO AA 100 22.94 -42.17 -25.56
CA PRO AA 100 24.38 -41.90 -25.72
C PRO AA 100 24.76 -40.43 -25.96
N VAL AA 101 23.95 -39.74 -26.75
CA VAL AA 101 24.25 -38.37 -27.14
C VAL AA 101 23.95 -37.30 -26.05
N ALA AA 102 23.02 -37.65 -25.16
CA ALA AA 102 22.42 -36.72 -24.20
C ALA AA 102 23.44 -35.85 -23.47
N ILE AA 103 24.36 -36.48 -22.74
CA ILE AA 103 25.30 -35.74 -21.89
C ILE AA 103 26.01 -34.59 -22.64
N VAL AA 104 26.68 -34.93 -23.74
CA VAL AA 104 27.43 -33.93 -24.47
C VAL AA 104 26.48 -32.89 -25.07
N LYS AA 105 25.29 -33.33 -25.50
CA LYS AA 105 24.33 -32.39 -26.09
C LYS AA 105 23.90 -31.33 -25.09
N LEU AA 106 23.55 -31.79 -23.90
CA LEU AA 106 23.12 -30.92 -22.81
C LEU AA 106 24.20 -29.95 -22.43
N ALA AA 107 25.41 -30.44 -22.25
CA ALA AA 107 26.52 -29.54 -21.91
C ALA AA 107 26.66 -28.42 -22.96
N ILE AA 108 26.69 -28.78 -24.24
CA ILE AA 108 26.79 -27.75 -25.28
C ILE AA 108 25.62 -26.77 -25.24
N TYR AA 109 24.42 -27.30 -24.99
CA TYR AA 109 23.22 -26.49 -24.97
C TYR AA 109 23.23 -25.53 -23.78
N GLY AA 110 23.99 -25.89 -22.77
CA GLY AA 110 24.13 -25.03 -21.60
C GLY AA 110 25.15 -23.94 -21.83
N MET AA 111 26.15 -24.21 -22.65
CA MET AA 111 27.20 -23.20 -22.86
C MET AA 111 26.95 -22.22 -24.00
N LEU AA 112 25.93 -22.45 -24.82
CA LEU AA 112 25.62 -21.47 -25.85
C LEU AA 112 24.97 -20.26 -25.20
N PRO AA 113 24.98 -19.08 -25.86
CA PRO AA 113 24.28 -17.95 -25.24
C PRO AA 113 22.79 -18.24 -25.23
N LYS AA 114 22.04 -17.60 -24.35
CA LYS AA 114 20.69 -18.06 -24.02
C LYS AA 114 19.57 -17.46 -24.87
N ASN AA 115 19.93 -16.72 -25.91
CA ASN AA 115 18.97 -16.10 -26.82
C ASN AA 115 18.32 -17.08 -27.79
N LEU AA 116 17.59 -16.57 -28.77
CA LEU AA 116 16.93 -17.40 -29.75
C LEU AA 116 17.87 -18.09 -30.73
N HIS AA 117 19.04 -17.52 -30.96
CA HIS AA 117 19.97 -18.11 -31.91
C HIS AA 117 20.51 -19.44 -31.43
N ARG AA 118 20.43 -19.69 -30.13
CA ARG AA 118 20.82 -20.96 -29.55
C ARG AA 118 20.11 -22.11 -30.23
N ARG AA 119 18.83 -21.91 -30.47
CA ARG AA 119 18.00 -22.92 -31.10
C ARG AA 119 18.42 -23.20 -32.53
N THR AA 120 18.83 -22.15 -33.25
CA THR AA 120 19.32 -22.33 -34.60
C THR AA 120 20.67 -23.02 -34.60
N MET AA 121 21.64 -22.49 -33.88
CA MET AA 121 22.97 -23.05 -33.95
C MET AA 121 23.06 -24.40 -33.25
N MET AA 122 21.97 -24.81 -32.60
CA MET AA 122 21.87 -26.18 -32.09
C MET AA 122 21.61 -27.15 -33.24
N GLN AA 123 21.04 -26.62 -34.33
CA GLN AA 123 20.75 -27.39 -35.54
C GLN AA 123 21.98 -27.68 -36.37
N ARG AA 124 23.04 -26.91 -36.15
CA ARG AA 124 24.29 -27.16 -36.83
C ARG AA 124 25.21 -28.11 -36.07
N LEU AA 125 24.71 -28.68 -34.98
CA LEU AA 125 25.50 -29.64 -34.20
C LEU AA 125 25.08 -31.06 -34.51
N HIS AA 126 26.04 -31.92 -34.85
CA HIS AA 126 25.71 -33.31 -35.17
C HIS AA 126 26.44 -34.25 -34.28
N LEU AA 127 25.71 -35.12 -33.60
CA LEU AA 127 26.33 -35.99 -32.61
C LEU AA 127 26.11 -37.45 -32.94
N PHE AA 128 27.20 -38.19 -33.04
CA PHE AA 128 27.16 -39.62 -33.28
C PHE AA 128 27.81 -40.41 -32.17
N PRO AA 129 27.08 -41.35 -31.57
CA PRO AA 129 27.54 -42.15 -30.43
C PRO AA 129 28.88 -42.87 -30.68
N ASP AA 130 29.06 -43.42 -31.88
CA ASP AA 130 30.26 -44.18 -32.26
C ASP AA 130 30.82 -43.57 -33.52
N GLU AA 131 31.77 -44.21 -34.21
CA GLU AA 131 32.05 -43.67 -35.53
C GLU AA 131 31.29 -44.45 -36.56
N ASP AA 132 30.10 -43.95 -36.87
CA ASP AA 132 29.33 -44.30 -38.04
C ASP AA 132 28.74 -42.98 -38.47
N ILE AA 133 29.12 -42.48 -39.62
CA ILE AA 133 28.59 -41.21 -40.00
C ILE AA 133 28.06 -41.37 -41.40
N PRO AA 134 26.91 -40.76 -41.69
CA PRO AA 134 26.40 -40.73 -43.06
C PRO AA 134 27.46 -40.18 -43.99
N GLU AA 135 27.75 -40.87 -45.08
CA GLU AA 135 28.82 -40.44 -45.98
C GLU AA 135 28.57 -39.02 -46.48
N ASP AA 136 27.29 -38.65 -46.55
CA ASP AA 136 26.90 -37.27 -46.82
C ASP AA 136 27.61 -36.32 -45.88
N ILE AA 137 27.55 -36.62 -44.58
CA ILE AA 137 28.11 -35.73 -43.58
C ILE AA 137 29.63 -35.86 -43.52
N LEU AA 138 30.15 -37.01 -43.90
CA LEU AA 138 31.59 -37.18 -43.99
C LEU AA 138 32.19 -36.29 -45.07
N LYS AA 139 31.48 -36.18 -46.19
CA LYS AA 139 32.03 -35.48 -47.34
C LYS AA 139 32.12 -33.96 -47.18
N ASN AA 140 31.57 -33.41 -46.09
CA ASN AA 140 31.74 -31.98 -45.85
C ASN AA 140 32.86 -31.61 -44.91
N LEU AA 141 33.49 -32.59 -44.26
CA LEU AA 141 34.38 -32.25 -43.17
C LEU AA 141 35.65 -31.58 -43.67
N VAL AA 142 35.89 -30.35 -43.20
CA VAL AA 142 37.09 -29.62 -43.57
C VAL AA 142 38.32 -30.03 -42.78
N GLU AA 143 38.17 -30.05 -41.46
CA GLU AA 143 39.32 -30.32 -40.62
C GLU AA 143 38.93 -30.85 -39.25
N GLU AA 144 39.90 -31.44 -38.55
CA GLU AA 144 39.64 -32.07 -37.26
C GLU AA 144 40.31 -31.34 -36.10
N LEU AA 145 39.50 -30.88 -35.15
CA LEU AA 145 40.01 -30.19 -33.97
C LEU AA 145 40.81 -31.15 -33.08
N PRO AA 146 41.91 -30.64 -32.51
CA PRO AA 146 42.73 -31.42 -31.57
C PRO AA 146 41.97 -31.73 -30.28
N GLN AA 147 42.01 -32.97 -29.80
CA GLN AA 147 41.28 -33.33 -28.57
C GLN AA 147 41.80 -32.56 -27.37
N PRO AA 148 40.89 -31.93 -26.61
CA PRO AA 148 41.21 -31.04 -25.48
C PRO AA 148 41.84 -31.72 -24.27
N ARG AA 149 41.79 -33.05 -24.17
CA ARG AA 149 42.50 -33.74 -23.10
C ARG AA 149 43.49 -34.73 -23.69
N LYS AA 150 44.71 -34.77 -23.16
CA LYS AA 150 45.66 -35.81 -23.55
C LYS AA 150 45.36 -37.07 -22.76
N VAL AA 151 45.04 -38.13 -23.48
CA VAL AA 151 44.65 -39.39 -22.86
C VAL AA 151 45.87 -40.20 -22.43
N PRO AA 152 45.95 -40.51 -21.12
CA PRO AA 152 47.03 -41.31 -20.56
C PRO AA 152 46.94 -42.76 -21.02
N ARG AA 153 48.07 -43.36 -21.38
CA ARG AA 153 48.08 -44.75 -21.79
C ARG AA 153 47.99 -45.63 -20.57
N ARG AA 154 47.40 -46.81 -20.73
CA ARG AA 154 47.39 -47.80 -19.67
C ARG AA 154 48.78 -48.40 -19.55
N LEU AA 155 48.96 -49.37 -18.65
CA LEU AA 155 50.29 -49.96 -18.47
C LEU AA 155 50.70 -50.84 -19.65
N ASP AA 156 49.73 -51.49 -20.30
CA ASP AA 156 50.01 -52.40 -21.40
C ASP AA 156 50.29 -51.69 -22.73
N GLU AA 157 50.11 -50.37 -22.75
CA GLU AA 157 50.37 -49.60 -23.96
C GLU AA 157 51.85 -49.30 -24.15
N TYR AA 158 52.61 -49.31 -23.06
CA TYR AA 158 54.00 -48.91 -23.12
C TYR AA 158 54.90 -49.95 -23.78
N THR AA 159 55.79 -49.48 -24.66
CA THR AA 159 56.81 -50.33 -25.28
C THR AA 159 57.78 -50.82 -24.21
N GLN AA 160 58.31 -52.02 -24.37
CA GLN AA 160 59.27 -52.56 -23.40
C GLN AA 160 60.50 -51.67 -23.28
N GLU AA 161 60.83 -50.98 -24.36
CA GLU AA 161 61.89 -49.97 -24.32
C GLU AA 161 61.61 -48.93 -23.25
N GLU AA 162 60.38 -48.42 -23.23
CA GLU AA 162 59.97 -47.37 -22.28
C GLU AA 162 59.88 -47.91 -20.85
N ILE AA 163 59.62 -49.21 -20.71
CA ILE AA 163 59.50 -49.85 -19.42
C ILE AA 163 60.87 -50.11 -18.79
N GLU AA 164 61.84 -50.50 -19.60
CA GLU AA 164 63.20 -50.71 -19.10
C GLU AA 164 63.96 -49.39 -19.00
N ALA AA 165 63.47 -48.36 -19.70
CA ALA AA 165 64.09 -47.04 -19.64
C ALA AA 165 63.78 -46.31 -18.33
N PHE AA 166 62.66 -46.65 -17.71
CA PHE AA 166 62.27 -46.05 -16.43
C PHE AA 166 62.84 -46.86 -15.25
N PRO AA 167 63.51 -46.17 -14.31
CA PRO AA 167 64.30 -46.80 -13.23
C PRO AA 167 63.53 -47.66 -12.25
N ARG AA 168 64.12 -48.76 -11.79
CA ARG AA 168 63.57 -49.47 -10.64
C ARG AA 168 63.95 -48.63 -9.43
N VAL AA 169 62.93 -48.17 -8.72
CA VAL AA 169 63.13 -47.20 -7.66
C VAL AA 169 63.59 -47.84 -6.35
N TRP AA 170 63.06 -49.01 -6.05
CA TRP AA 170 63.39 -49.71 -4.82
C TRP AA 170 63.77 -51.14 -5.10
N SER AA 171 64.50 -51.75 -4.17
CA SER AA 171 64.94 -53.12 -4.36
C SER AA 171 64.28 -54.05 -3.34
N PRO AA 172 63.34 -54.89 -3.81
CA PRO AA 172 62.59 -55.80 -2.94
C PRO AA 172 63.45 -56.94 -2.43
N PRO AA 173 63.23 -57.33 -1.17
CA PRO AA 173 63.91 -58.49 -0.58
C PRO AA 173 63.53 -59.76 -1.31
N GLU AA 174 64.49 -60.66 -1.47
CA GLU AA 174 64.26 -61.89 -2.22
C GLU AA 174 63.33 -62.84 -1.49
N ASP AA 175 63.34 -62.74 -0.16
CA ASP AA 175 62.52 -63.60 0.69
C ASP AA 175 61.04 -63.28 0.52
N TYR AA 176 60.73 -62.00 0.33
CA TYR AA 176 59.35 -61.53 0.29
C TYR AA 176 58.60 -62.08 -0.90
N ARG AA 177 57.35 -62.46 -0.66
CA ARG AA 177 56.57 -63.15 -1.66
C ARG AA 177 55.45 -62.26 -2.18
N LEU AA 178 55.18 -62.35 -3.48
CA LEU AA 178 54.20 -61.50 -4.12
C LEU AA 178 53.07 -62.34 -4.72
N ALA BA 31 -29.70 -56.37 -1.01
CA ALA BA 31 -29.06 -55.11 -0.66
C ALA BA 31 -29.51 -54.64 0.71
N ILE BA 32 -29.05 -55.34 1.73
CA ILE BA 32 -29.19 -54.84 3.07
C ILE BA 32 -27.99 -53.97 3.37
N GLN BA 33 -28.22 -52.84 4.02
CA GLN BA 33 -27.13 -51.95 4.40
C GLN BA 33 -27.37 -51.31 5.76
N LYS BA 34 -26.50 -50.37 6.13
CA LYS BA 34 -26.67 -49.69 7.40
C LYS BA 34 -28.05 -49.10 7.50
N MET BA 35 -28.63 -49.24 8.70
CA MET BA 35 -29.96 -48.73 9.04
C MET BA 35 -31.13 -49.38 8.30
N THR BA 36 -30.99 -50.61 7.81
CA THR BA 36 -32.15 -51.30 7.26
C THR BA 36 -32.94 -51.95 8.37
N ARG BA 37 -34.26 -51.99 8.21
CA ARG BA 37 -35.09 -52.73 9.12
C ARG BA 37 -35.24 -54.16 8.58
N VAL BA 38 -34.95 -55.14 9.43
CA VAL BA 38 -34.90 -56.54 9.01
C VAL BA 38 -35.91 -57.38 9.77
N ARG BA 39 -36.22 -58.57 9.25
CA ARG BA 39 -37.18 -59.48 9.87
C ARG BA 39 -36.50 -60.78 10.33
N VAL BA 40 -36.42 -61.00 11.63
CA VAL BA 40 -35.74 -62.19 12.16
C VAL BA 40 -36.58 -63.42 11.97
N VAL BA 41 -36.06 -64.37 11.19
CA VAL BA 41 -36.87 -65.48 10.76
C VAL BA 41 -37.00 -66.60 11.79
N ASP BA 42 -35.88 -66.99 12.39
CA ASP BA 42 -35.85 -68.13 13.31
C ASP BA 42 -36.63 -67.90 14.61
N ASN BA 43 -36.98 -69.00 15.27
CA ASN BA 43 -37.55 -68.90 16.61
C ASN BA 43 -36.47 -68.47 17.60
N SER BA 44 -36.73 -67.38 18.32
CA SER BA 44 -35.72 -66.89 19.24
C SER BA 44 -36.33 -66.10 20.38
N ALA BA 45 -35.58 -66.03 21.47
CA ALA BA 45 -35.90 -65.11 22.55
C ALA BA 45 -35.98 -63.70 21.97
N LEU BA 46 -34.85 -63.20 21.49
CA LEU BA 46 -34.76 -61.88 20.87
C LEU BA 46 -35.65 -61.72 19.66
N GLY BA 47 -35.66 -62.74 18.81
CA GLY BA 47 -36.34 -62.69 17.54
C GLY BA 47 -37.83 -62.42 17.64
N THR BA 48 -38.53 -63.24 18.40
CA THR BA 48 -39.98 -63.19 18.40
C THR BA 48 -40.57 -62.09 19.28
N THR BA 49 -40.02 -61.91 20.49
CA THR BA 49 -40.63 -61.01 21.47
C THR BA 49 -40.64 -59.56 20.97
N PRO BA 50 -41.77 -58.87 21.15
CA PRO BA 50 -41.94 -57.51 20.62
C PRO BA 50 -41.06 -56.49 21.31
N TYR BA 51 -40.92 -55.33 20.67
CA TYR BA 51 -40.13 -54.22 21.16
C TYR BA 51 -40.67 -52.99 20.45
N HIS BA 52 -40.40 -51.79 20.95
CA HIS BA 52 -40.96 -50.63 20.30
C HIS BA 52 -40.22 -50.28 19.00
N ARG BA 53 -38.89 -50.41 19.00
CA ARG BA 53 -38.10 -50.21 17.77
C ARG BA 53 -37.90 -51.52 17.04
N PRO BA 54 -38.21 -51.56 15.73
CA PRO BA 54 -37.91 -52.76 14.92
C PRO BA 54 -36.41 -53.06 14.94
N PRO BA 55 -36.03 -54.33 14.79
CA PRO BA 55 -34.59 -54.66 14.79
C PRO BA 55 -33.88 -54.01 13.60
N ARG BA 56 -32.77 -53.32 13.86
CA ARG BA 56 -32.10 -52.56 12.79
C ARG BA 56 -30.73 -53.12 12.46
N CYS BA 57 -30.29 -52.88 11.23
CA CYS BA 57 -28.93 -53.21 10.86
C CYS BA 57 -27.96 -52.09 11.19
N ILE BA 58 -26.97 -52.40 12.01
CA ILE BA 58 -25.95 -51.43 12.34
C ILE BA 58 -24.84 -51.44 11.30
N HIS BA 59 -24.12 -52.55 11.20
CA HIS BA 59 -22.92 -52.59 10.39
C HIS BA 59 -22.76 -53.91 9.64
N VAL BA 60 -22.55 -53.86 8.33
CA VAL BA 60 -22.34 -55.12 7.60
C VAL BA 60 -20.85 -55.42 7.49
N TYR BA 61 -20.48 -56.70 7.58
CA TYR BA 61 -19.09 -57.12 7.72
C TYR BA 61 -18.36 -57.35 6.39
N ASN BA 62 -19.04 -57.06 5.29
CA ASN BA 62 -18.44 -56.97 3.98
C ASN BA 62 -17.55 -55.70 3.86
N LYS BA 63 -16.66 -55.61 2.87
CA LYS BA 63 -15.90 -54.36 2.65
C LYS BA 63 -16.69 -53.28 1.88
N THR BA 64 -17.42 -53.70 0.85
CA THR BA 64 -18.53 -52.91 0.37
C THR BA 64 -19.50 -52.77 1.53
N GLY BA 65 -20.09 -51.60 1.71
CA GLY BA 65 -21.02 -51.44 2.81
C GLY BA 65 -22.35 -52.19 2.63
N VAL BA 66 -22.44 -52.99 1.56
CA VAL BA 66 -23.68 -53.67 1.18
C VAL BA 66 -23.66 -55.17 1.45
N GLY BA 67 -24.68 -55.63 2.18
CA GLY BA 67 -24.84 -57.06 2.41
C GLY BA 67 -25.69 -57.77 1.36
N LYS BA 68 -25.32 -59.02 1.09
CA LYS BA 68 -26.09 -59.90 0.21
C LYS BA 68 -26.39 -61.20 0.93
N VAL BA 69 -27.00 -62.14 0.22
CA VAL BA 69 -27.33 -63.44 0.79
C VAL BA 69 -26.07 -64.16 1.25
N GLY BA 70 -26.10 -64.65 2.48
CA GLY BA 70 -24.96 -65.33 3.04
C GLY BA 70 -23.89 -64.32 3.40
N ASP BA 71 -24.31 -63.26 4.08
CA ASP BA 71 -23.36 -62.25 4.54
C ASP BA 71 -23.58 -61.90 6.02
N ARG BA 72 -22.47 -61.71 6.74
CA ARG BA 72 -22.53 -61.37 8.15
C ARG BA 72 -23.06 -59.95 8.33
N ILE BA 73 -23.63 -59.69 9.49
CA ILE BA 73 -24.25 -58.41 9.79
C ILE BA 73 -24.17 -58.15 11.29
N LEU BA 74 -24.03 -56.89 11.70
CA LEU BA 74 -24.23 -56.57 13.10
C LEU BA 74 -25.61 -55.95 13.24
N LEU BA 75 -26.31 -56.37 14.28
CA LEU BA 75 -27.72 -56.07 14.44
C LEU BA 75 -28.01 -55.44 15.79
N ALA BA 76 -28.74 -54.33 15.78
CA ALA BA 76 -29.27 -53.79 17.02
C ALA BA 76 -30.69 -54.29 17.25
N ILE BA 77 -30.85 -55.14 18.25
CA ILE BA 77 -32.16 -55.64 18.66
C ILE BA 77 -32.36 -55.42 20.15
N ARG BA 78 -33.53 -54.91 20.50
CA ARG BA 78 -33.91 -54.74 21.90
C ARG BA 78 -32.79 -54.09 22.69
N GLY BA 79 -32.24 -53.01 22.15
CA GLY BA 79 -31.21 -52.26 22.85
C GLY BA 79 -29.88 -52.98 23.10
N GLN BA 80 -29.60 -54.00 22.30
CA GLN BA 80 -28.30 -54.66 22.39
C GLN BA 80 -27.86 -55.14 21.02
N LYS BA 81 -26.58 -55.45 20.87
CA LYS BA 81 -26.07 -55.90 19.58
C LYS BA 81 -25.89 -57.41 19.52
N LYS BA 82 -26.32 -58.01 18.42
CA LYS BA 82 -26.25 -59.45 18.20
C LYS BA 82 -25.77 -59.60 16.76
N LYS BA 83 -25.23 -60.74 16.35
CA LYS BA 83 -24.78 -60.78 14.96
C LYS BA 83 -25.80 -61.54 14.15
N ALA BA 84 -25.95 -61.23 12.87
CA ALA BA 84 -26.94 -61.93 12.08
C ALA BA 84 -26.35 -62.44 10.78
N LEU BA 85 -26.98 -63.47 10.23
CA LEU BA 85 -26.65 -63.90 8.89
C LEU BA 85 -27.79 -63.58 7.94
N ILE BA 86 -27.50 -62.91 6.83
CA ILE BA 86 -28.56 -62.60 5.87
C ILE BA 86 -28.99 -63.86 5.13
N VAL BA 87 -30.29 -64.13 5.18
CA VAL BA 87 -30.85 -65.30 4.56
C VAL BA 87 -31.44 -64.97 3.19
N GLY BA 88 -32.40 -64.06 3.14
CA GLY BA 88 -32.92 -63.66 1.85
C GLY BA 88 -33.27 -62.19 1.86
N HIS BA 89 -33.41 -61.60 0.67
CA HIS BA 89 -33.62 -60.16 0.60
C HIS BA 89 -34.41 -59.79 -0.65
N ARG BA 90 -34.94 -58.57 -0.65
CA ARG BA 90 -35.86 -58.15 -1.69
C ARG BA 90 -35.15 -57.74 -2.97
N MET BA 91 -33.87 -57.44 -2.87
CA MET BA 91 -33.13 -56.97 -4.03
C MET BA 91 -32.83 -58.11 -4.98
N PRO BA 92 -33.06 -57.88 -6.27
CA PRO BA 92 -32.77 -58.90 -7.29
C PRO BA 92 -31.30 -59.29 -7.31
N GLY BA 93 -31.00 -60.44 -7.92
CA GLY BA 93 -29.69 -61.06 -7.85
C GLY BA 93 -29.50 -61.86 -9.13
N PRO BA 94 -28.44 -62.67 -9.21
CA PRO BA 94 -28.16 -63.46 -10.43
C PRO BA 94 -29.39 -64.30 -10.80
N ARG BA 95 -29.58 -64.67 -12.07
CA ARG BA 95 -30.77 -65.41 -12.44
C ARG BA 95 -30.88 -66.73 -11.68
N MET BA 96 -32.13 -67.14 -11.46
CA MET BA 96 -32.45 -68.47 -10.91
C MET BA 96 -32.15 -68.53 -9.42
N THR BA 97 -31.65 -67.43 -8.88
CA THR BA 97 -31.61 -67.19 -7.45
C THR BA 97 -32.99 -66.73 -6.96
N PRO BA 98 -33.43 -67.26 -5.80
CA PRO BA 98 -34.71 -66.84 -5.21
C PRO BA 98 -34.64 -65.40 -4.72
N ARG BA 99 -35.74 -64.67 -4.91
CA ARG BA 99 -35.85 -63.32 -4.40
C ARG BA 99 -37.07 -63.21 -3.49
N PHE BA 100 -36.90 -62.58 -2.33
CA PHE BA 100 -37.87 -62.74 -1.24
C PHE BA 100 -38.62 -61.47 -0.95
N ASP BA 101 -39.76 -61.60 -0.28
CA ASP BA 101 -40.65 -60.47 -0.07
C ASP BA 101 -40.35 -59.68 1.20
N SER BA 102 -39.36 -60.17 1.95
CA SER BA 102 -38.92 -59.50 3.16
C SER BA 102 -37.42 -59.62 3.27
N ASN BA 103 -36.79 -58.79 4.09
CA ASN BA 103 -35.36 -58.93 4.31
C ASN BA 103 -35.11 -59.78 5.54
N ASN BA 104 -34.61 -61.00 5.31
CA ASN BA 104 -34.60 -62.02 6.34
C ASN BA 104 -33.24 -62.24 6.96
N VAL BA 105 -33.19 -62.41 8.27
CA VAL BA 105 -31.92 -62.69 8.94
C VAL BA 105 -32.04 -63.85 9.91
N VAL BA 106 -30.90 -64.40 10.29
CA VAL BA 106 -30.82 -65.42 11.32
C VAL BA 106 -29.93 -64.93 12.44
N LEU BA 107 -30.53 -64.77 13.62
CA LEU BA 107 -29.76 -64.38 14.78
C LEU BA 107 -28.68 -65.40 15.03
N LEU BA 108 -27.53 -64.88 15.41
CA LEU BA 108 -26.28 -65.61 15.36
C LEU BA 108 -25.32 -65.07 16.40
N GLU BA 109 -24.58 -65.99 17.02
CA GLU BA 109 -23.59 -65.64 18.03
C GLU BA 109 -22.22 -65.45 17.41
N ASP BA 110 -21.21 -65.35 18.28
CA ASP BA 110 -19.84 -65.09 17.85
C ASP BA 110 -19.14 -66.29 17.23
N ASN BA 111 -19.54 -67.50 17.62
CA ASN BA 111 -18.87 -68.71 17.17
C ASN BA 111 -19.37 -69.19 15.81
N GLY BA 112 -20.45 -68.58 15.33
CA GLY BA 112 -21.11 -69.03 14.12
C GLY BA 112 -22.21 -70.01 14.47
N ASN BA 113 -22.53 -70.08 15.76
CA ASN BA 113 -23.60 -70.94 16.25
C ASN BA 113 -24.93 -70.22 16.22
N PRO BA 114 -25.88 -70.73 15.42
CA PRO BA 114 -27.21 -70.15 15.38
C PRO BA 114 -27.84 -70.19 16.76
N VAL BA 115 -28.44 -69.07 17.18
CA VAL BA 115 -29.01 -68.98 18.51
C VAL BA 115 -30.46 -69.43 18.49
N GLY BA 116 -30.96 -69.71 17.29
CA GLY BA 116 -32.29 -70.28 17.12
C GLY BA 116 -32.24 -71.79 17.07
N THR BA 117 -33.36 -72.42 17.44
CA THR BA 117 -33.46 -73.87 17.36
C THR BA 117 -33.73 -74.30 15.92
N ARG BA 118 -34.65 -73.62 15.26
CA ARG BA 118 -34.98 -73.96 13.88
C ARG BA 118 -35.60 -72.81 13.09
N ILE BA 119 -35.52 -72.92 11.77
CA ILE BA 119 -35.90 -71.86 10.86
C ILE BA 119 -37.00 -72.32 9.92
N LYS BA 120 -38.18 -71.73 10.06
CA LYS BA 120 -39.32 -72.20 9.29
C LYS BA 120 -39.31 -71.69 7.84
N THR BA 121 -39.39 -70.37 7.67
CA THR BA 121 -39.47 -69.74 6.34
C THR BA 121 -38.33 -70.17 5.41
N PRO BA 122 -38.60 -70.22 4.09
CA PRO BA 122 -37.64 -70.80 3.14
C PRO BA 122 -36.32 -70.05 3.02
N ILE BA 123 -35.33 -70.72 2.45
CA ILE BA 123 -33.95 -70.26 2.41
C ILE BA 123 -33.33 -70.64 1.06
N PRO BA 124 -32.44 -69.78 0.53
CA PRO BA 124 -31.68 -70.05 -0.70
C PRO BA 124 -30.89 -71.35 -0.67
N SER BA 125 -31.03 -72.16 -1.71
CA SER BA 125 -30.26 -73.39 -1.83
C SER BA 125 -28.79 -73.05 -2.01
N SER BA 126 -28.53 -71.89 -2.61
CA SER BA 126 -27.19 -71.40 -2.88
C SER BA 126 -26.32 -71.32 -1.63
N LEU BA 127 -26.97 -71.27 -0.47
CA LEU BA 127 -26.25 -71.22 0.80
C LEU BA 127 -25.42 -72.46 1.04
N ARG BA 128 -25.87 -73.60 0.50
CA ARG BA 128 -25.19 -74.86 0.76
C ARG BA 128 -23.83 -74.95 0.07
N GLN BA 129 -23.52 -73.97 -0.77
CA GLN BA 129 -22.21 -73.88 -1.39
C GLN BA 129 -21.15 -73.70 -0.32
N ARG BA 130 -21.43 -72.84 0.66
CA ARG BA 130 -20.51 -72.70 1.77
C ARG BA 130 -20.96 -73.59 2.91
N GLU BA 131 -20.25 -74.70 3.12
CA GLU BA 131 -20.53 -75.55 4.25
C GLU BA 131 -19.79 -75.08 5.50
N GLY BA 132 -18.54 -74.68 5.31
CA GLY BA 132 -17.64 -74.42 6.41
C GLY BA 132 -18.21 -73.53 7.49
N GLU BA 133 -18.73 -72.37 7.10
CA GLU BA 133 -19.30 -71.42 8.05
C GLU BA 133 -20.73 -71.77 8.45
N PHE BA 134 -21.54 -72.14 7.46
CA PHE BA 134 -22.98 -72.17 7.62
C PHE BA 134 -23.51 -73.54 8.03
N SER BA 135 -22.58 -74.45 8.32
CA SER BA 135 -22.90 -75.81 8.72
C SER BA 135 -23.98 -75.87 9.79
N LYS BA 136 -23.67 -75.30 10.95
CA LYS BA 136 -24.58 -75.32 12.08
C LYS BA 136 -25.88 -74.58 11.81
N VAL BA 137 -25.84 -73.59 10.92
CA VAL BA 137 -27.03 -72.85 10.55
C VAL BA 137 -27.90 -73.60 9.55
N LEU BA 138 -27.25 -74.21 8.56
CA LEU BA 138 -27.96 -75.00 7.57
C LEU BA 138 -28.57 -76.25 8.19
N ALA BA 139 -28.00 -76.70 9.31
CA ALA BA 139 -28.51 -77.88 10.00
C ALA BA 139 -29.94 -77.67 10.52
N ILE BA 140 -30.25 -76.46 10.95
CA ILE BA 140 -31.55 -76.16 11.54
C ILE BA 140 -32.57 -75.61 10.53
N ALA BA 141 -32.19 -75.57 9.27
CA ALA BA 141 -33.09 -75.08 8.23
C ALA BA 141 -34.07 -76.15 7.78
N GLN BA 142 -35.32 -75.73 7.56
CA GLN BA 142 -36.37 -76.65 7.10
C GLN BA 142 -36.49 -76.65 5.59
N ASN BA 143 -37.01 -75.55 5.04
CA ASN BA 143 -37.33 -75.48 3.62
C ASN BA 143 -36.29 -74.75 2.80
N PHE BA 144 -35.87 -75.40 1.71
CA PHE BA 144 -34.88 -74.81 0.81
C PHE BA 144 -35.52 -74.47 -0.53
N VAL BA 145 -35.36 -73.21 -0.92
CA VAL BA 145 -35.89 -72.72 -2.19
C VAL BA 145 -34.88 -71.83 -2.91
N GLY CA 9 28.10 71.41 -24.01
CA GLY CA 9 28.27 70.76 -22.72
C GLY CA 9 28.32 69.24 -22.81
N PRO CA 10 27.15 68.60 -22.91
CA PRO CA 10 26.90 67.14 -22.91
C PRO CA 10 27.30 66.43 -24.21
N ARG CA 11 28.55 65.95 -24.28
CA ARG CA 11 29.08 65.29 -25.47
C ARG CA 11 28.17 64.17 -26.00
N ALA CA 12 27.32 63.66 -25.12
CA ALA CA 12 26.28 62.71 -25.51
C ALA CA 12 25.43 63.21 -26.66
N LEU CA 13 25.18 64.52 -26.67
CA LEU CA 13 24.37 65.14 -27.70
C LEU CA 13 24.96 64.94 -29.09
N ASP CA 14 26.28 64.85 -29.16
CA ASP CA 14 26.97 64.74 -30.43
C ASP CA 14 26.88 63.32 -31.00
N LEU CA 15 26.59 62.36 -30.14
CA LEU CA 15 26.41 60.99 -30.59
C LEU CA 15 25.02 60.81 -31.13
N LEU CA 16 24.12 61.73 -30.79
CA LEU CA 16 22.72 61.65 -31.20
C LEU CA 16 22.47 62.12 -32.63
N ARG CA 17 23.40 62.88 -33.20
CA ARG CA 17 23.30 63.22 -34.61
C ARG CA 17 23.44 61.96 -35.44
N ALA CA 18 24.38 61.10 -35.04
CA ALA CA 18 24.75 59.91 -35.80
C ALA CA 18 23.68 58.81 -35.76
N LEU CA 19 22.95 58.72 -34.65
CA LEU CA 19 21.97 57.66 -34.42
C LEU CA 19 20.57 58.02 -34.95
N PRO CA 20 19.73 56.99 -35.20
CA PRO CA 20 18.35 57.16 -35.67
C PRO CA 20 17.45 57.91 -34.71
N ARG CA 21 16.30 58.37 -35.19
CA ARG CA 21 15.36 59.13 -34.36
C ARG CA 21 15.05 58.41 -33.08
N VAL CA 22 14.88 59.16 -32.01
CA VAL CA 22 14.27 58.60 -30.83
C VAL CA 22 12.78 58.59 -31.10
N SER CA 23 12.18 57.41 -31.08
CA SER CA 23 10.76 57.27 -31.31
C SER CA 23 10.15 56.40 -30.25
N LEU CA 24 8.85 56.15 -30.36
CA LEU CA 24 8.20 55.25 -29.41
C LEU CA 24 8.65 53.81 -29.61
N ALA CA 25 9.16 53.55 -30.82
CA ALA CA 25 9.56 52.20 -31.21
C ALA CA 25 10.79 51.70 -30.46
N ASN CA 26 11.80 52.54 -30.24
CA ASN CA 26 12.96 52.09 -29.47
C ASN CA 26 13.10 52.81 -28.15
N LEU CA 27 12.65 52.17 -27.08
CA LEU CA 27 12.74 52.76 -25.77
C LEU CA 27 13.04 51.69 -24.74
N LYS CA 28 14.10 51.85 -23.99
CA LYS CA 28 14.51 50.84 -23.03
C LYS CA 28 14.44 51.39 -21.63
N PRO CA 29 13.69 50.72 -20.75
CA PRO CA 29 13.86 51.04 -19.34
C PRO CA 29 15.29 50.76 -18.89
N ASN CA 30 15.82 51.61 -18.00
CA ASN CA 30 17.15 51.47 -17.42
C ASN CA 30 17.38 50.06 -16.88
N PRO CA 31 18.49 49.41 -17.27
CA PRO CA 31 18.70 48.01 -16.87
C PRO CA 31 18.75 47.84 -15.36
N GLY CA 32 17.96 46.91 -14.84
CA GLY CA 32 17.83 46.71 -13.41
C GLY CA 32 16.57 47.36 -12.84
N SER CA 33 15.95 48.24 -13.63
CA SER CA 33 14.76 48.94 -13.14
C SER CA 33 13.63 47.98 -12.87
N ARG CA 34 13.45 47.04 -13.79
CA ARG CA 34 12.39 46.06 -13.65
C ARG CA 34 12.94 44.69 -13.40
N LYS CA 35 12.77 44.19 -12.18
CA LYS CA 35 13.06 42.80 -11.92
C LYS CA 35 11.85 42.01 -12.40
N PRO CA 36 12.07 41.11 -13.37
CA PRO CA 36 10.95 40.40 -13.99
C PRO CA 36 10.30 39.47 -12.98
N GLU CA 37 8.97 39.47 -12.91
CA GLU CA 37 8.27 38.55 -12.02
C GLU CA 37 8.28 37.15 -12.59
N ARG CA 38 8.07 36.17 -11.73
CA ARG CA 38 8.10 34.79 -12.18
C ARG CA 38 6.83 34.07 -11.81
N ARG CA 39 6.38 33.21 -12.70
CA ARG CA 39 5.10 32.55 -12.51
C ARG CA 39 5.30 31.07 -12.35
N PRO CA 40 4.44 30.44 -11.54
CA PRO CA 40 4.59 29.03 -11.23
C PRO CA 40 4.25 28.12 -12.41
N ARG CA 41 4.95 28.33 -13.53
CA ARG CA 41 4.83 27.48 -14.69
C ARG CA 41 6.13 26.74 -14.94
N GLY CA 42 6.02 25.54 -15.46
CA GLY CA 42 7.21 24.80 -15.85
C GLY CA 42 7.85 23.98 -14.75
N ARG CA 43 8.96 23.35 -15.09
CA ARG CA 43 9.60 22.41 -14.21
C ARG CA 43 10.15 23.07 -12.96
N ARG CA 44 10.70 24.27 -13.07
CA ARG CA 44 11.31 24.86 -11.89
C ARG CA 44 10.28 25.41 -10.92
N ARG CA 45 9.49 26.36 -11.38
CA ARG CA 45 8.59 27.06 -10.49
C ARG CA 45 7.20 26.42 -10.36
N GLY CA 46 6.99 25.27 -11.00
CA GLY CA 46 5.74 24.54 -10.83
C GLY CA 46 5.84 23.43 -9.79
N ARG CA 47 4.83 22.55 -9.73
CA ARG CA 47 4.86 21.36 -8.85
C ARG CA 47 5.17 21.69 -7.40
N LYS CA 48 4.16 22.18 -6.69
CA LYS CA 48 4.23 22.63 -5.29
C LYS CA 48 4.66 24.09 -5.22
N CYS CA 49 5.16 24.63 -6.33
CA CYS CA 49 5.21 26.07 -6.54
C CYS CA 49 5.66 26.93 -5.35
N GLY CA 50 6.68 26.46 -4.65
CA GLY CA 50 7.25 27.23 -3.56
C GLY CA 50 6.43 27.19 -2.29
N ARG CA 51 5.42 26.34 -2.25
CA ARG CA 51 4.57 26.29 -1.08
C ARG CA 51 4.90 25.16 -0.13
N GLY CA 52 5.88 24.34 -0.49
CA GLY CA 52 6.24 23.23 0.38
C GLY CA 52 5.32 22.06 0.23
N HIS CA 53 5.24 21.21 1.25
CA HIS CA 53 4.50 19.97 1.09
C HIS CA 53 3.53 19.64 2.21
N LYS CA 54 2.25 19.55 1.86
CA LYS CA 54 1.17 19.29 2.80
C LYS CA 54 1.20 20.23 3.97
N GLY CA 55 0.87 19.71 5.14
CA GLY CA 55 0.83 20.53 6.33
C GLY CA 55 -0.13 21.69 6.23
N GLU CA 56 0.06 22.66 7.11
CA GLU CA 56 -0.78 23.84 7.18
C GLU CA 56 -0.39 24.88 6.17
N ARG CA 57 0.91 24.96 5.92
CA ARG CA 57 1.43 26.00 5.08
C ARG CA 57 1.21 25.80 3.57
N GLN CA 58 1.26 24.56 3.09
CA GLN CA 58 1.04 24.35 1.67
C GLN CA 58 -0.38 24.66 1.33
N ARG CA 59 -1.25 24.58 2.32
CA ARG CA 59 -2.68 24.82 2.14
C ARG CA 59 -3.03 26.29 2.40
N GLY CA 60 -2.05 27.04 2.93
CA GLY CA 60 -2.19 28.48 3.13
C GLY CA 60 -2.82 28.89 4.44
N THR CA 61 -2.93 27.95 5.37
CA THR CA 61 -3.66 28.22 6.59
C THR CA 61 -2.85 28.54 7.85
N ARG CA 62 -1.53 28.67 7.77
CA ARG CA 62 -0.74 28.85 9.00
C ARG CA 62 -1.28 30.02 9.83
N PRO CA 63 -1.15 29.92 11.16
CA PRO CA 63 -1.80 30.83 12.11
C PRO CA 63 -1.37 32.27 11.98
N ARG CA 64 -1.95 33.14 12.80
CA ARG CA 64 -1.73 34.58 12.72
C ARG CA 64 -0.30 34.93 13.15
N LEU CA 65 0.03 36.22 13.13
CA LEU CA 65 1.44 36.63 13.21
C LEU CA 65 2.15 36.31 14.55
N GLY CA 66 1.61 36.79 15.65
CA GLY CA 66 2.28 36.58 16.92
C GLY CA 66 2.29 35.14 17.41
N PHE CA 67 1.41 34.32 16.87
CA PHE CA 67 1.14 33.00 17.42
C PHE CA 67 2.35 32.08 17.37
N GLU CA 68 2.67 31.52 18.54
CA GLU CA 68 3.86 30.70 18.71
C GLU CA 68 3.60 29.21 18.66
N GLY CA 69 2.39 28.80 18.33
CA GLY CA 69 2.11 27.39 18.22
C GLY CA 69 1.57 26.87 19.53
N GLY CA 70 0.98 27.78 20.28
CA GLY CA 70 0.23 27.42 21.47
C GLY CA 70 0.91 27.73 22.78
N GLN CA 71 2.23 27.83 22.77
CA GLN CA 71 2.92 28.27 23.97
C GLN CA 71 2.62 29.75 24.10
N THR CA 72 2.49 30.24 25.33
CA THR CA 72 2.11 31.62 25.56
C THR CA 72 3.04 32.56 24.84
N PRO CA 73 2.48 33.33 23.89
CA PRO CA 73 3.21 34.16 22.92
C PRO CA 73 4.17 35.10 23.60
N PHE CA 74 5.28 35.40 22.94
CA PHE CA 74 6.29 36.25 23.54
C PHE CA 74 5.71 37.61 23.85
N TYR CA 75 5.00 38.22 22.91
CA TYR CA 75 4.50 39.57 23.15
C TYR CA 75 3.42 39.61 24.23
N LEU CA 76 2.82 38.47 24.58
CA LEU CA 76 1.89 38.47 25.69
C LEU CA 76 2.40 38.00 27.04
N ARG CA 77 3.60 37.42 27.13
CA ARG CA 77 4.09 37.02 28.44
C ARG CA 77 4.76 38.20 29.12
N ILE CA 78 5.33 39.10 28.33
CA ILE CA 78 5.89 40.31 28.89
C ILE CA 78 4.80 41.16 29.51
N PRO CA 79 5.03 41.70 30.72
CA PRO CA 79 3.98 42.46 31.40
C PRO CA 79 3.75 43.84 30.82
N LYS CA 80 2.52 44.31 30.91
CA LYS CA 80 2.17 45.65 30.50
C LYS CA 80 2.88 46.66 31.38
N TYR CA 81 3.34 47.75 30.77
CA TYR CA 81 3.95 48.83 31.51
C TYR CA 81 3.71 50.12 30.76
N GLY CA 82 3.43 51.20 31.47
CA GLY CA 82 3.21 52.44 30.75
C GLY CA 82 4.51 52.88 30.11
N PHE CA 83 4.51 52.93 28.79
CA PHE CA 83 5.69 53.28 28.03
C PHE CA 83 5.21 54.34 27.12
N ASN CA 84 4.25 53.92 26.31
CA ASN CA 84 3.53 54.77 25.40
C ASN CA 84 2.33 55.36 26.12
N GLU CA 85 2.29 55.14 27.43
CA GLU CA 85 1.18 55.58 28.25
C GLU CA 85 0.86 57.06 28.08
N GLY CA 86 -0.39 57.34 27.71
CA GLY CA 86 -0.84 58.70 27.45
C GLY CA 86 -0.08 59.46 26.37
N HIS CA 87 0.61 58.74 25.49
CA HIS CA 87 1.53 59.34 24.51
C HIS CA 87 0.87 60.39 23.66
N SER CA 88 -0.41 60.21 23.40
CA SER CA 88 -1.12 61.07 22.48
C SER CA 88 -1.23 62.48 23.05
N PHE CA 89 -1.20 62.58 24.38
CA PHE CA 89 -1.39 63.85 25.07
C PHE CA 89 -0.12 64.54 25.53
N ARG CA 90 1.02 63.93 25.23
CA ARG CA 90 2.28 64.59 25.50
C ARG CA 90 2.54 65.68 24.47
N HIS CA 91 3.16 66.76 24.93
CA HIS CA 91 3.47 67.87 24.06
C HIS CA 91 4.73 67.60 23.27
N GLN CA 92 4.74 68.05 22.02
CA GLN CA 92 5.89 67.79 21.19
C GLN CA 92 6.47 69.05 20.58
N TYR CA 93 7.71 69.34 20.90
CA TYR CA 93 8.33 70.54 20.39
C TYR CA 93 9.43 70.21 19.40
N GLN CA 94 9.19 70.60 18.14
CA GLN CA 94 10.16 70.37 17.09
C GLN CA 94 11.44 71.17 17.30
N PRO CA 95 12.58 70.48 17.39
CA PRO CA 95 13.83 71.16 17.72
C PRO CA 95 14.39 71.97 16.56
N LEU CA 96 14.94 73.13 16.89
CA LEU CA 96 15.65 73.96 15.93
C LEU CA 96 16.96 74.39 16.58
N SER CA 97 18.06 73.93 16.01
CA SER CA 97 19.36 74.29 16.55
C SER CA 97 19.75 75.67 16.04
N LEU CA 98 20.60 76.36 16.79
CA LEU CA 98 21.12 77.63 16.33
C LEU CA 98 21.92 77.46 15.05
N ASN CA 99 22.44 76.26 14.84
CA ASN CA 99 23.20 75.98 13.63
C ASN CA 99 22.33 76.09 12.40
N ARG CA 100 21.12 75.55 12.49
CA ARG CA 100 20.19 75.64 11.37
C ARG CA 100 19.69 77.07 11.20
N LEU CA 101 19.44 77.76 12.31
CA LEU CA 101 18.97 79.15 12.25
C LEU CA 101 20.01 80.03 11.55
N GLN CA 102 21.26 79.86 11.95
CA GLN CA 102 22.37 80.58 11.35
C GLN CA 102 22.47 80.27 9.88
N TYR CA 103 22.40 78.98 9.55
CA TYR CA 103 22.51 78.54 8.17
C TYR CA 103 21.36 79.09 7.30
N LEU CA 104 20.20 79.30 7.90
CA LEU CA 104 19.05 79.86 7.17
C LEU CA 104 19.21 81.35 6.96
N ILE CA 105 19.73 82.03 7.97
CA ILE CA 105 19.96 83.48 7.88
C ILE CA 105 21.06 83.81 6.86
N ASP CA 106 22.14 83.05 6.92
CA ASP CA 106 23.26 83.17 6.00
C ASP CA 106 22.86 83.08 4.55
N LEU CA 107 21.91 82.20 4.28
CA LEU CA 107 21.51 81.92 2.90
C LEU CA 107 20.28 82.72 2.46
N GLY CA 108 19.81 83.57 3.37
CA GLY CA 108 18.74 84.50 3.05
C GLY CA 108 17.39 83.85 2.92
N ARG CA 109 17.12 82.88 3.76
CA ARG CA 109 15.82 82.26 3.78
C ARG CA 109 14.92 82.99 4.76
N VAL CA 110 15.28 82.99 6.03
CA VAL CA 110 14.66 83.95 6.94
C VAL CA 110 15.56 85.17 7.01
N ASP CA 111 14.98 86.37 7.02
CA ASP CA 111 15.79 87.58 7.22
C ASP CA 111 15.69 88.04 8.67
N PRO CA 112 16.85 88.34 9.28
CA PRO CA 112 16.90 88.79 10.67
C PRO CA 112 16.34 90.20 10.86
N THR CA 113 16.19 90.94 9.76
CA THR CA 113 15.73 92.33 9.82
C THR CA 113 14.36 92.50 10.46
N GLN CA 114 13.36 91.78 9.96
CA GLN CA 114 12.02 91.75 10.56
C GLN CA 114 11.94 90.66 11.64
N PRO CA 115 10.90 90.70 12.51
CA PRO CA 115 10.86 89.72 13.59
C PRO CA 115 10.59 88.29 13.11
N ILE CA 116 11.23 87.34 13.77
CA ILE CA 116 11.14 85.93 13.40
C ILE CA 116 10.29 85.14 14.38
N ASP CA 117 9.13 84.70 13.90
CA ASP CA 117 8.27 83.79 14.65
C ASP CA 117 8.09 82.54 13.81
N LEU CA 118 7.21 81.65 14.28
CA LEU CA 118 6.98 80.38 13.63
C LEU CA 118 6.69 80.47 12.12
N THR CA 119 5.78 81.36 11.72
CA THR CA 119 5.43 81.48 10.29
C THR CA 119 6.66 81.75 9.42
N GLN CA 120 7.57 82.56 9.92
CA GLN CA 120 8.78 82.87 9.17
C GLN CA 120 9.69 81.66 8.98
N LEU CA 121 9.84 80.85 10.03
CA LEU CA 121 10.60 79.62 9.95
C LEU CA 121 9.98 78.63 8.98
N VAL CA 122 8.65 78.49 9.04
CA VAL CA 122 7.93 77.59 8.15
C VAL CA 122 8.05 78.02 6.69
N ASN CA 123 7.98 79.32 6.45
CA ASN CA 123 8.04 79.79 5.07
C ASN CA 123 9.42 79.66 4.42
N GLY CA 124 10.46 79.59 5.24
CA GLY CA 124 11.80 79.37 4.72
C GLY CA 124 12.09 77.88 4.60
N ARG CA 125 11.10 77.07 4.99
CA ARG CA 125 11.25 75.63 5.15
C ARG CA 125 12.49 75.29 5.96
N GLY CA 126 12.67 76.00 7.06
CA GLY CA 126 13.74 75.67 7.98
C GLY CA 126 13.20 74.69 8.96
N VAL CA 127 11.87 74.63 9.04
CA VAL CA 127 11.23 73.80 10.03
C VAL CA 127 9.85 73.36 9.55
N THR CA 128 9.37 72.23 10.07
CA THR CA 128 8.07 71.70 9.67
C THR CA 128 7.23 71.31 10.86
N ILE CA 129 6.07 71.95 11.00
CA ILE CA 129 5.19 71.61 12.10
C ILE CA 129 3.99 70.81 11.60
N GLN CA 130 3.62 69.79 12.35
CA GLN CA 130 2.38 69.06 12.09
C GLN CA 130 1.56 68.94 13.38
N PRO CA 131 0.64 69.88 13.59
CA PRO CA 131 -0.14 69.99 14.82
C PRO CA 131 -0.89 68.72 15.11
N SER CA 132 -1.34 68.04 14.07
CA SER CA 132 -2.08 66.80 14.22
C SER CA 132 -1.30 65.75 15.03
N LYS CA 133 0.02 65.86 15.02
CA LYS CA 133 0.88 64.98 15.80
C LYS CA 133 1.15 65.55 17.18
N ARG CA 134 0.39 66.58 17.53
CA ARG CA 134 0.51 67.26 18.83
C ARG CA 134 1.81 68.04 18.93
N ASP CA 135 2.34 68.48 17.80
CA ASP CA 135 3.43 69.45 17.84
C ASP CA 135 2.83 70.71 18.44
N TYR CA 136 3.44 71.23 19.50
CA TYR CA 136 2.99 72.49 20.08
C TYR CA 136 3.83 73.66 19.61
N GLY CA 137 4.87 73.35 18.85
CA GLY CA 137 5.65 74.40 18.21
C GLY CA 137 7.13 74.07 18.16
N VAL CA 138 7.94 75.10 17.88
CA VAL CA 138 9.38 74.95 17.83
C VAL CA 138 10.01 75.13 19.19
N GLN CA 139 11.03 74.33 19.50
CA GLN CA 139 11.90 74.63 20.64
C GLN CA 139 13.30 75.00 20.14
N LEU CA 140 14.00 75.84 20.89
CA LEU CA 140 15.33 76.29 20.48
C LEU CA 140 16.42 75.55 21.24
N VAL CA 141 17.31 74.88 20.50
CA VAL CA 141 18.39 74.13 21.12
C VAL CA 141 19.77 74.63 20.69
N GLU CA 142 20.76 74.34 21.51
CA GLU CA 142 21.99 75.10 21.56
C GLU CA 142 23.12 74.64 20.65
N GLU CA 143 22.84 73.67 19.78
CA GLU CA 143 23.88 73.00 19.01
C GLU CA 143 24.93 73.93 18.39
N GLY CA 144 24.49 75.06 17.84
CA GLY CA 144 25.42 75.97 17.21
C GLY CA 144 25.84 77.18 18.04
N ALA CA 145 25.71 77.09 19.37
CA ALA CA 145 25.86 78.24 20.26
C ALA CA 145 27.12 79.08 20.03
N ASP CA 146 28.27 78.43 19.96
CA ASP CA 146 29.55 79.12 19.81
C ASP CA 146 29.67 79.84 18.47
N THR CA 147 29.18 79.19 17.45
CA THR CA 147 29.31 79.65 16.08
C THR CA 147 28.30 80.76 15.75
N PHE CA 148 27.34 80.97 16.63
CA PHE CA 148 26.18 81.79 16.27
C PHE CA 148 26.53 83.28 16.33
N LYS CA 149 26.55 83.92 15.16
CA LYS CA 149 26.87 85.35 15.08
C LYS CA 149 25.72 86.30 14.76
N ALA CA 150 24.53 85.78 14.51
CA ALA CA 150 23.44 86.62 13.98
C ALA CA 150 22.72 87.46 15.04
N LYS CA 151 22.12 88.56 14.61
CA LYS CA 151 21.34 89.41 15.52
C LYS CA 151 19.86 89.36 15.16
N VAL CA 152 19.07 88.72 16.03
CA VAL CA 152 17.69 88.35 15.70
C VAL CA 152 16.66 88.69 16.76
N ASN CA 153 15.44 88.95 16.32
CA ASN CA 153 14.30 88.90 17.23
C ASN CA 153 13.49 87.63 16.97
N ILE CA 154 13.57 86.68 17.90
CA ILE CA 154 13.02 85.35 17.69
C ILE CA 154 11.94 85.02 18.72
N GLU CA 155 10.90 84.33 18.27
CA GLU CA 155 9.86 83.87 19.15
C GLU CA 155 9.61 82.39 18.97
N VAL CA 156 9.92 81.61 20.00
CA VAL CA 156 9.73 80.16 19.95
C VAL CA 156 8.85 79.72 21.11
N GLN CA 157 8.50 78.45 21.16
CA GLN CA 157 7.62 77.98 22.22
C GLN CA 157 8.38 77.41 23.40
N MET CA 158 9.66 77.16 23.20
CA MET CA 158 10.51 76.71 24.28
C MET CA 158 11.94 77.04 23.94
N ALA CA 159 12.77 77.21 24.96
CA ALA CA 159 14.18 77.45 24.69
C ALA CA 159 15.02 77.04 25.90
N SER CA 160 16.30 76.86 25.65
CA SER CA 160 17.25 76.45 26.67
C SER CA 160 18.06 77.66 27.11
N GLU CA 161 18.48 77.67 28.37
CA GLU CA 161 19.32 78.75 28.88
C GLU CA 161 20.44 79.08 27.93
N LEU CA 162 21.16 78.05 27.49
CA LEU CA 162 22.32 78.26 26.64
C LEU CA 162 21.94 78.92 25.33
N ALA CA 163 20.82 78.51 24.74
CA ALA CA 163 20.35 79.09 23.49
C ALA CA 163 20.07 80.58 23.63
N ILE CA 164 19.28 80.91 24.65
CA ILE CA 164 18.98 82.30 24.96
C ILE CA 164 20.27 83.11 25.12
N ALA CA 165 21.15 82.61 25.99
CA ALA CA 165 22.45 83.23 26.22
C ALA CA 165 23.18 83.52 24.93
N ALA CA 166 23.12 82.57 24.00
CA ALA CA 166 23.82 82.72 22.74
C ALA CA 166 23.15 83.75 21.85
N ILE CA 167 21.84 83.97 22.03
CA ILE CA 167 21.20 85.02 21.22
C ILE CA 167 21.41 86.43 21.80
N GLU CA 168 21.36 86.55 23.13
CA GLU CA 168 21.58 87.83 23.81
C GLU CA 168 22.94 88.44 23.51
N LYS CA 169 23.97 87.61 23.61
CA LYS CA 169 25.34 88.05 23.42
C LYS CA 169 25.51 88.80 22.11
N ASN CA 170 24.68 88.46 21.14
CA ASN CA 170 24.74 89.08 19.84
C ASN CA 170 23.78 90.26 19.68
N GLY CA 171 23.09 90.59 20.76
CA GLY CA 171 22.26 91.78 20.80
C GLY CA 171 20.83 91.62 20.29
N GLY CA 172 20.34 90.40 20.35
CA GLY CA 172 18.98 90.13 19.94
C GLY CA 172 18.07 89.88 21.13
N VAL CA 173 16.85 89.45 20.85
CA VAL CA 173 15.88 89.20 21.90
C VAL CA 173 15.12 87.90 21.64
N VAL CA 174 15.03 87.06 22.67
CA VAL CA 174 14.24 85.84 22.59
C VAL CA 174 13.02 85.95 23.47
N THR CA 175 11.93 85.37 23.02
CA THR CA 175 10.73 85.32 23.82
C THR CA 175 10.02 84.00 23.56
N THR CA 176 9.55 83.39 24.63
CA THR CA 176 8.81 82.15 24.51
C THR CA 176 7.32 82.44 24.55
N ALA CA 177 6.62 82.04 23.50
CA ALA CA 177 5.18 82.25 23.42
C ALA CA 177 4.47 80.91 23.38
N PHE CA 178 3.18 80.90 23.73
CA PHE CA 178 2.40 79.67 23.65
C PHE CA 178 1.34 79.77 22.57
N TYR CA 179 1.13 78.67 21.87
CA TYR CA 179 0.01 78.56 20.96
C TYR CA 179 -0.73 77.27 21.26
N ASP CA 180 -2.06 77.32 21.31
CA ASP CA 180 -2.84 76.10 21.44
C ASP CA 180 -2.86 75.41 20.08
N PRO CA 181 -3.30 74.13 20.02
CA PRO CA 181 -3.30 73.38 18.75
C PRO CA 181 -3.97 74.07 17.56
N ARG CA 182 -5.16 74.61 17.75
CA ARG CA 182 -5.87 75.30 16.66
C ARG CA 182 -5.09 76.53 16.20
N SER CA 183 -4.73 77.36 17.18
CA SER CA 183 -3.90 78.53 16.97
C SER CA 183 -2.67 78.16 16.17
N LEU CA 184 -1.98 77.12 16.62
CA LEU CA 184 -0.77 76.67 15.99
C LEU CA 184 -0.97 76.33 14.52
N GLU CA 185 -1.95 75.47 14.26
CA GLU CA 185 -2.28 75.10 12.89
C GLU CA 185 -2.47 76.33 12.04
N ILE CA 186 -3.26 77.29 12.53
CA ILE CA 186 -3.51 78.51 11.77
C ILE CA 186 -2.23 79.31 11.52
N LEU CA 187 -1.40 79.38 12.55
CA LEU CA 187 -0.14 80.10 12.50
C LEU CA 187 0.78 79.56 11.40
N CYS CA 188 0.98 78.24 11.38
CA CYS CA 188 1.96 77.64 10.47
C CYS CA 188 1.57 77.74 9.01
N LYS CA 189 0.31 77.48 8.70
CA LYS CA 189 -0.16 77.59 7.32
C LYS CA 189 -1.29 78.62 7.21
N PRO CA 190 -0.92 79.92 7.21
CA PRO CA 190 -1.90 81.02 7.27
C PRO CA 190 -2.78 81.16 6.02
N VAL CA 191 -2.19 81.03 4.84
CA VAL CA 191 -2.94 81.20 3.59
C VAL CA 191 -4.02 80.13 3.38
N PRO CA 192 -3.74 78.87 3.74
CA PRO CA 192 -4.85 77.92 3.74
C PRO CA 192 -5.97 78.29 4.70
N PHE CA 193 -5.64 79.02 5.77
CA PHE CA 193 -6.67 79.46 6.69
C PHE CA 193 -7.46 80.65 6.16
N PHE CA 194 -6.81 81.51 5.39
CA PHE CA 194 -7.49 82.70 4.92
C PHE CA 194 -8.48 82.39 3.79
N LEU CA 195 -8.34 81.22 3.19
CA LEU CA 195 -9.29 80.75 2.17
C LEU CA 195 -10.45 80.04 2.84
N ARG CA 196 -10.35 79.89 4.14
CA ARG CA 196 -11.35 79.13 4.88
C ARG CA 196 -12.60 79.96 5.08
N GLY CA 197 -12.46 81.28 5.11
CA GLY CA 197 -13.59 82.18 5.22
C GLY CA 197 -14.11 82.35 6.63
N GLN CA 198 -13.23 82.22 7.61
CA GLN CA 198 -13.64 82.37 8.99
C GLN CA 198 -12.90 83.55 9.60
N PRO CA 199 -13.43 84.10 10.69
CA PRO CA 199 -12.69 85.18 11.36
C PRO CA 199 -11.39 84.67 11.95
N ILE CA 200 -10.54 85.55 12.43
CA ILE CA 200 -9.30 85.11 13.03
C ILE CA 200 -9.58 84.88 14.49
N PRO CA 201 -9.40 83.64 14.93
CA PRO CA 201 -9.81 83.22 16.27
C PRO CA 201 -8.89 83.76 17.36
N LYS CA 202 -9.42 83.80 18.58
CA LYS CA 202 -8.62 84.17 19.74
C LYS CA 202 -7.52 83.16 19.95
N ARG CA 203 -6.37 83.62 20.41
CA ARG CA 203 -5.34 82.71 20.87
C ARG CA 203 -5.73 82.21 22.26
N MET CA 204 -5.78 80.90 22.44
CA MET CA 204 -6.09 80.36 23.75
C MET CA 204 -4.90 80.56 24.67
N LEU CA 205 -5.17 80.47 25.97
CA LEU CA 205 -4.12 80.53 26.96
C LEU CA 205 -3.46 79.17 27.11
N PRO CA 206 -2.29 79.12 27.76
CA PRO CA 206 -1.69 77.83 28.11
C PRO CA 206 -2.47 77.11 29.22
N PRO CA 207 -2.43 75.76 29.25
CA PRO CA 207 -3.06 74.97 30.32
C PRO CA 207 -2.31 75.09 31.66
N GLU CA 208 -2.85 74.52 32.72
CA GLU CA 208 -2.38 74.84 34.08
C GLU CA 208 -0.97 74.35 34.34
N ALA CA 209 -0.57 73.30 33.63
CA ALA CA 209 0.75 72.72 33.83
C ALA CA 209 1.84 73.61 33.25
N LEU CA 210 1.49 74.34 32.19
CA LEU CA 210 2.45 75.16 31.46
C LEU CA 210 2.49 76.62 31.91
N VAL CA 211 1.63 76.99 32.85
CA VAL CA 211 1.63 78.36 33.34
C VAL CA 211 2.94 78.74 34.06
N PRO CA 212 3.46 77.88 34.97
CA PRO CA 212 4.71 78.26 35.62
C PRO CA 212 5.89 78.41 34.65
N TYR CA 213 5.76 77.87 33.44
CA TYR CA 213 6.79 78.07 32.42
C TYR CA 213 6.73 79.46 31.79
N TYR CA 214 5.54 79.89 31.36
CA TYR CA 214 5.42 81.12 30.58
C TYR CA 214 5.27 82.38 31.44
N THR CA 215 5.16 82.19 32.75
CA THR CA 215 5.07 83.31 33.68
C THR CA 215 6.46 83.75 34.17
N ASP CA 216 7.50 82.94 33.90
CA ASP CA 216 8.86 83.25 34.37
C ASP CA 216 9.67 84.07 33.38
N ALA CA 217 10.43 85.02 33.91
CA ALA CA 217 11.33 85.82 33.08
C ALA CA 217 12.59 85.01 32.78
N LYS CA 218 12.80 83.98 33.58
CA LYS CA 218 13.87 83.01 33.33
C LYS CA 218 13.80 82.53 31.89
N ASN CA 219 12.62 82.05 31.50
CA ASN CA 219 12.38 81.52 30.17
C ASN CA 219 12.09 82.61 29.17
N ARG CA 220 12.10 83.85 29.66
CA ARG CA 220 11.66 85.00 28.88
C ARG CA 220 10.24 84.75 28.36
N GLY CA 221 9.38 84.23 29.24
CA GLY CA 221 7.99 83.96 28.93
C GLY CA 221 7.19 85.17 28.44
N TYR CA 222 6.31 84.94 27.49
CA TYR CA 222 5.48 86.01 26.93
C TYR CA 222 4.45 86.51 27.95
N LEU CA 223 4.16 85.71 28.97
CA LEU CA 223 3.27 86.13 30.05
C LEU CA 223 4.01 86.67 31.25
N ALA CA 224 5.33 86.77 31.12
CA ALA CA 224 6.15 87.18 32.25
C ALA CA 224 6.07 88.67 32.52
N ASP CA 225 6.24 89.04 33.78
CA ASP CA 225 6.33 90.44 34.21
C ASP CA 225 7.62 91.07 33.67
N PRO CA 226 7.51 92.07 32.76
CA PRO CA 226 8.69 92.69 32.15
C PRO CA 226 9.65 93.32 33.15
N ALA CA 227 9.17 93.65 34.35
CA ALA CA 227 10.03 94.18 35.42
C ALA CA 227 11.20 93.25 35.75
N ARG CA 228 10.97 91.95 35.66
CA ARG CA 228 12.02 90.99 35.94
C ARG CA 228 12.92 90.74 34.74
N PHE CA 229 12.47 91.11 33.54
CA PHE CA 229 13.24 90.82 32.33
C PHE CA 229 14.67 91.34 32.36
N PRO CA 230 14.85 92.65 32.62
CA PRO CA 230 16.21 93.18 32.53
C PRO CA 230 17.10 92.67 33.65
N GLU CA 231 16.47 92.22 34.73
CA GLU CA 231 17.20 91.63 35.83
C GLU CA 231 17.71 90.25 35.43
N ALA CA 232 16.76 89.33 35.23
CA ALA CA 232 17.07 87.97 34.84
C ALA CA 232 18.01 87.93 33.63
N ARG CA 233 17.71 88.76 32.64
CA ARG CA 233 18.56 88.88 31.46
C ARG CA 233 20.02 89.12 31.82
N LEU CA 234 20.29 90.12 32.66
CA LEU CA 234 21.65 90.44 33.07
C LEU CA 234 22.27 89.26 33.81
N GLU CA 235 21.45 88.52 34.54
CA GLU CA 235 21.93 87.36 35.27
C GLU CA 235 22.60 86.41 34.29
N LEU CA 236 21.94 86.21 33.16
CA LEU CA 236 22.44 85.28 32.15
C LEU CA 236 23.82 85.69 31.66
N ALA CA 237 24.15 86.97 31.74
CA ALA CA 237 25.49 87.42 31.35
C ALA CA 237 26.52 86.98 32.39
N ARG CA 238 26.23 87.22 33.68
CA ARG CA 238 27.19 86.93 34.74
C ARG CA 238 27.64 85.48 34.64
N LYS CA 239 26.69 84.63 34.31
CA LYS CA 239 26.94 83.21 34.23
C LYS CA 239 27.85 82.86 33.05
N TYR CA 240 27.57 83.43 31.88
CA TYR CA 240 28.33 83.06 30.69
C TYR CA 240 29.43 84.06 30.34
N GLY CA 241 29.56 85.09 31.19
CA GLY CA 241 30.70 85.99 31.11
C GLY CA 241 30.84 86.77 29.82
N TYR CA 242 29.81 87.54 29.48
CA TYR CA 242 29.88 88.44 28.34
C TYR CA 242 29.16 89.73 28.68
N VAL CA 243 29.59 90.82 28.04
CA VAL CA 243 28.99 92.12 28.27
C VAL CA 243 27.66 92.19 27.56
N LEU CA 244 26.61 92.48 28.34
CA LEU CA 244 25.26 92.58 27.82
C LEU CA 244 25.04 93.91 27.11
N PRO CA 245 24.76 93.86 25.80
CA PRO CA 245 24.58 95.11 25.04
C PRO CA 245 23.32 95.86 25.45
N ASP CA 246 23.30 97.16 25.18
CA ASP CA 246 22.12 97.95 25.40
C ASP CA 246 21.32 97.93 24.12
N ILE CA 247 20.18 97.26 24.17
CA ILE CA 247 19.33 97.06 23.02
C ILE CA 247 18.59 98.35 22.69
N THR CA 248 18.51 99.23 23.68
CA THR CA 248 17.76 100.47 23.56
C THR CA 248 18.40 101.42 22.53
N LYS CA 249 19.74 101.44 22.50
CA LYS CA 249 20.46 102.42 21.71
C LYS CA 249 20.67 101.98 20.26
N ASP CA 250 20.16 100.81 19.91
CA ASP CA 250 20.28 100.29 18.55
C ASP CA 250 19.24 100.88 17.58
N GLU CA 251 19.59 100.88 16.29
CA GLU CA 251 18.72 101.46 15.26
C GLU CA 251 17.56 100.55 14.92
N LEU CA 252 17.75 99.24 15.09
CA LEU CA 252 16.71 98.29 14.77
C LEU CA 252 15.79 98.06 15.96
N PHE CA 253 15.99 98.83 17.02
CA PHE CA 253 15.31 98.61 18.28
C PHE CA 253 13.78 98.57 18.22
N LYS CA 254 13.19 99.35 17.32
CA LYS CA 254 11.73 99.39 17.28
C LYS CA 254 11.15 98.07 16.81
N MET CA 255 11.94 97.34 16.01
CA MET CA 255 11.55 96.00 15.58
C MET CA 255 11.80 94.98 16.68
N LEU CA 256 12.93 95.11 17.38
CA LEU CA 256 13.31 94.17 18.44
C LEU CA 256 12.35 94.14 19.63
N SER CA 257 11.64 95.24 19.86
CA SER CA 257 10.74 95.35 21.00
C SER CA 257 9.37 94.78 20.68
N THR CA 258 9.17 94.43 19.40
CA THR CA 258 7.85 94.03 18.93
C THR CA 258 7.36 92.76 19.60
N ARG CA 259 6.16 92.85 20.17
CA ARG CA 259 5.50 91.72 20.82
C ARG CA 259 4.27 91.31 20.04
N LYS CA 260 3.58 90.31 20.56
CA LYS CA 260 2.20 90.07 20.16
C LYS CA 260 1.36 90.23 21.41
N ASP CA 261 0.09 90.53 21.24
CA ASP CA 261 -0.81 90.34 22.36
C ASP CA 261 -0.81 88.88 22.68
N PRO CA 262 -0.96 88.53 23.96
CA PRO CA 262 -1.08 87.12 24.32
C PRO CA 262 -2.33 86.48 23.69
N ARG CA 263 -3.27 87.31 23.25
CA ARG CA 263 -4.48 86.85 22.59
C ARG CA 263 -4.46 86.90 21.05
N GLN CA 264 -3.32 87.30 20.49
CA GLN CA 264 -3.21 87.55 19.05
C GLN CA 264 -2.42 86.43 18.35
N ILE CA 265 -2.86 86.00 17.18
CA ILE CA 265 -2.12 84.99 16.42
C ILE CA 265 -0.96 85.60 15.62
N PHE CA 266 -1.22 86.72 14.97
CA PHE CA 266 -0.26 87.30 14.04
C PHE CA 266 0.33 88.61 14.50
N PHE CA 267 1.15 89.20 13.64
CA PHE CA 267 1.67 90.55 13.83
C PHE CA 267 0.81 91.53 13.06
N GLY CA 268 0.12 92.40 13.76
CA GLY CA 268 -0.54 93.52 13.11
C GLY CA 268 -1.97 93.26 12.68
N LEU CA 269 -2.44 92.03 12.88
CA LEU CA 269 -3.84 91.74 12.66
C LEU CA 269 -4.43 91.45 14.03
N ALA CA 270 -5.74 91.29 14.11
CA ALA CA 270 -6.37 91.21 15.43
C ALA CA 270 -7.50 90.21 15.42
N PRO CA 271 -7.72 89.55 16.56
CA PRO CA 271 -8.76 88.53 16.65
C PRO CA 271 -10.10 89.08 16.21
N GLY CA 272 -10.77 88.35 15.32
CA GLY CA 272 -12.08 88.75 14.87
C GLY CA 272 -12.11 89.39 13.51
N TRP CA 273 -10.96 89.69 12.94
CA TRP CA 273 -10.96 90.26 11.59
C TRP CA 273 -11.12 89.17 10.55
N VAL CA 274 -11.28 89.56 9.30
CA VAL CA 274 -11.49 88.61 8.22
C VAL CA 274 -10.71 89.07 7.01
N VAL CA 275 -9.90 88.19 6.44
CA VAL CA 275 -9.06 88.61 5.34
C VAL CA 275 -9.64 88.20 4.01
N ASN CA 276 -10.15 89.16 3.25
CA ASN CA 276 -10.62 88.84 1.92
C ASN CA 276 -9.47 89.05 0.95
N MET CA 277 -8.96 87.94 0.42
CA MET CA 277 -7.73 87.97 -0.35
C MET CA 277 -7.94 88.26 -1.82
N ALA CA 278 -9.18 88.16 -2.29
CA ALA CA 278 -9.47 88.46 -3.68
C ALA CA 278 -9.57 89.97 -3.91
N ASP CA 279 -10.10 90.67 -2.90
CA ASP CA 279 -10.21 92.12 -2.95
C ASP CA 279 -9.01 92.79 -2.31
N LYS CA 280 -8.16 91.98 -1.70
CA LYS CA 280 -7.02 92.46 -0.90
C LYS CA 280 -7.49 93.44 0.18
N LYS CA 281 -8.61 93.10 0.81
CA LYS CA 281 -9.21 93.92 1.87
C LYS CA 281 -9.28 93.19 3.20
N ILE CA 282 -9.31 93.95 4.29
CA ILE CA 282 -9.59 93.37 5.61
C ILE CA 282 -11.00 93.80 6.04
N LEU CA 283 -11.68 92.95 6.81
CA LEU CA 283 -13.01 93.26 7.32
C LEU CA 283 -13.04 93.15 8.83
N LYS CA 284 -13.51 94.18 9.52
CA LYS CA 284 -13.54 94.20 10.98
C LYS CA 284 -14.95 94.41 11.50
N PRO CA 285 -15.32 93.72 12.59
CA PRO CA 285 -16.66 93.85 13.15
C PRO CA 285 -16.88 95.19 13.86
N THR CA 286 -18.00 95.85 13.57
CA THR CA 286 -18.35 97.11 14.23
C THR CA 286 -19.24 96.86 15.44
N ASP CA 287 -19.76 95.64 15.54
CA ASP CA 287 -20.69 95.26 16.58
C ASP CA 287 -20.02 95.35 17.94
N GLU CA 288 -20.79 95.63 18.99
CA GLU CA 288 -20.25 95.74 20.34
C GLU CA 288 -19.96 94.38 20.98
N ASN CA 289 -20.91 93.46 20.88
CA ASN CA 289 -20.75 92.13 21.44
C ASN CA 289 -19.56 91.38 20.85
N LEU CA 290 -19.46 91.40 19.53
CA LEU CA 290 -18.35 90.78 18.82
C LEU CA 290 -17.02 91.37 19.26
N LEU CA 291 -16.98 92.69 19.37
CA LEU CA 291 -15.75 93.36 19.75
C LEU CA 291 -15.40 93.09 21.22
N LYS CA 292 -16.41 92.80 22.04
CA LYS CA 292 -16.14 92.46 23.44
C LYS CA 292 -15.61 91.04 23.56
N TYR CA 293 -16.16 90.14 22.74
CA TYR CA 293 -15.77 88.74 22.73
C TYR CA 293 -14.36 88.54 22.19
N TYR CA 294 -14.09 89.12 21.02
CA TYR CA 294 -12.80 88.96 20.38
C TYR CA 294 -11.68 89.69 21.11
N SER CA 295 -12.01 90.78 21.78
CA SER CA 295 -11.01 91.59 22.47
C SER CA 295 -10.87 91.20 23.93
N SER CA 296 -11.55 90.14 24.35
CA SER CA 296 -11.37 89.61 25.70
C SER CA 296 -10.49 88.36 25.70
N PHE DA 30 61.41 -58.39 25.45
CA PHE DA 30 62.09 -57.59 26.46
C PHE DA 30 61.80 -56.10 26.29
N LYS DA 31 61.50 -55.44 27.41
CA LYS DA 31 61.46 -53.99 27.46
C LYS DA 31 62.04 -53.51 28.78
N THR DA 32 62.85 -52.47 28.73
CA THR DA 32 63.43 -51.91 29.95
C THR DA 32 62.40 -50.99 30.62
N LEU DA 33 62.48 -50.92 31.94
CA LEU DA 33 61.54 -50.14 32.73
C LEU DA 33 61.91 -48.67 32.77
N LEU DA 34 61.05 -47.88 33.38
CA LEU DA 34 61.29 -46.46 33.58
C LEU DA 34 60.84 -46.08 34.98
N PRO DA 35 61.57 -45.15 35.61
CA PRO DA 35 61.20 -44.73 36.97
C PRO DA 35 59.80 -44.12 36.99
N VAL DA 36 58.97 -44.55 37.94
CA VAL DA 36 57.60 -44.05 38.06
C VAL DA 36 57.61 -42.70 38.77
N PRO DA 37 56.72 -41.77 38.34
CA PRO DA 37 56.58 -40.52 39.08
C PRO DA 37 56.02 -40.75 40.48
N THR DA 38 56.68 -40.18 41.48
CA THR DA 38 56.31 -40.41 42.86
C THR DA 38 55.97 -39.09 43.53
N PHE DA 39 54.88 -39.08 44.29
CA PHE DA 39 54.46 -37.87 44.97
C PHE DA 39 54.64 -38.04 46.47
N GLU DA 40 55.72 -37.49 46.99
CA GLU DA 40 55.95 -37.45 48.43
C GLU DA 40 55.57 -36.08 48.98
N ASP DA 41 55.41 -35.13 48.07
CA ASP DA 41 55.28 -33.73 48.43
C ASP DA 41 53.83 -33.27 48.45
N VAL DA 42 52.92 -34.17 48.08
CA VAL DA 42 51.52 -33.81 48.00
C VAL DA 42 50.85 -33.91 49.35
N ALA DA 43 50.31 -32.79 49.81
CA ALA DA 43 49.57 -32.77 51.06
C ALA DA 43 48.09 -32.57 50.78
N ILE DA 44 47.29 -33.58 51.11
CA ILE DA 44 45.84 -33.53 50.86
C ILE DA 44 45.09 -32.83 51.97
N PRO DA 45 44.37 -31.75 51.63
CA PRO DA 45 43.57 -31.03 52.63
C PRO DA 45 42.30 -31.80 53.01
N GLU DA 46 41.76 -31.51 54.18
CA GLU DA 46 40.49 -32.11 54.57
C GLU DA 46 39.36 -31.48 53.76
N LYS DA 47 38.24 -32.18 53.71
CA LYS DA 47 37.16 -31.84 52.78
C LYS DA 47 37.71 -31.68 51.37
N PRO DA 48 38.27 -32.76 50.80
CA PRO DA 48 38.85 -32.64 49.47
C PRO DA 48 37.79 -32.43 48.38
N LYS DA 49 36.58 -32.90 48.61
CA LYS DA 49 35.50 -32.77 47.64
C LYS DA 49 34.97 -31.34 47.56
N LEU DA 50 34.29 -31.01 46.47
CA LEU DA 50 33.85 -29.65 46.21
C LEU DA 50 32.73 -29.20 47.14
N ARG DA 51 32.84 -27.97 47.62
CA ARG DA 51 31.81 -27.37 48.45
C ARG DA 51 30.51 -27.19 47.69
N PHE DA 52 29.40 -27.34 48.39
CA PHE DA 52 28.10 -27.04 47.83
C PHE DA 52 27.96 -25.53 47.66
N VAL DA 53 27.49 -25.08 46.50
CA VAL DA 53 27.29 -23.65 46.28
C VAL DA 53 25.82 -23.32 46.22
N GLU DA 54 25.50 -22.10 46.64
CA GLU DA 54 24.12 -21.71 46.83
C GLU DA 54 23.49 -21.12 45.59
N ARG DA 55 22.23 -21.52 45.35
CA ARG DA 55 21.42 -21.07 44.23
C ARG DA 55 21.38 -19.56 44.12
N VAL DA 56 21.10 -18.93 45.26
CA VAL DA 56 20.93 -17.49 45.35
C VAL DA 56 21.86 -17.00 46.45
N PRO DA 57 22.50 -15.84 46.25
CA PRO DA 57 23.35 -15.32 47.33
C PRO DA 57 22.53 -15.05 48.60
N LEU DA 58 23.19 -15.03 49.75
CA LEU DA 58 22.49 -14.90 51.02
C LEU DA 58 21.87 -13.51 51.20
N VAL DA 59 22.47 -12.51 50.56
CA VAL DA 59 21.93 -11.16 50.56
C VAL DA 59 21.54 -10.81 49.14
N PRO DA 60 20.33 -11.22 48.74
CA PRO DA 60 19.85 -11.12 47.36
C PRO DA 60 19.84 -9.69 46.84
N LYS DA 61 20.41 -9.46 45.66
CA LYS DA 61 20.49 -8.11 45.13
C LYS DA 61 19.10 -7.61 44.78
N VAL DA 62 18.70 -6.51 45.42
CA VAL DA 62 17.39 -5.92 45.20
C VAL DA 62 17.39 -5.03 43.97
N ARG DA 63 18.50 -4.32 43.77
CA ARG DA 63 18.58 -3.41 42.65
C ARG DA 63 18.98 -4.13 41.38
N ARG DA 64 18.15 -3.99 40.36
CA ARG DA 64 18.35 -4.65 39.09
C ARG DA 64 19.49 -4.04 38.31
N GLU DA 65 20.45 -4.87 37.94
CA GLU DA 65 21.66 -4.40 37.26
C GLU DA 65 21.51 -4.44 35.76
N ARG DA 66 22.15 -3.51 35.07
CA ARG DA 66 22.23 -3.62 33.61
C ARG DA 66 23.14 -4.78 33.27
N LYS DA 67 22.99 -5.33 32.07
CA LYS DA 67 23.85 -6.45 31.71
C LYS DA 67 25.08 -5.99 30.97
N ASN DA 68 26.24 -6.05 31.64
CA ASN DA 68 27.47 -5.87 30.91
C ASN DA 68 27.60 -7.14 30.16
N LEU DA 69 27.65 -7.07 28.85
CA LEU DA 69 28.04 -8.25 28.13
C LEU DA 69 29.56 -8.17 28.09
N SER DA 70 30.05 -6.99 28.41
CA SER DA 70 31.47 -6.70 28.34
C SER DA 70 32.24 -7.50 29.37
N ASP DA 71 31.53 -8.18 30.27
CA ASP DA 71 32.22 -9.01 31.25
C ASP DA 71 32.46 -10.44 30.74
N ILE DA 72 31.81 -10.82 29.64
CA ILE DA 72 32.14 -12.06 28.94
C ILE DA 72 33.12 -11.84 27.79
N ARG DA 73 33.32 -10.58 27.44
CA ARG DA 73 33.98 -10.25 26.20
C ARG DA 73 35.48 -10.11 26.40
N GLY DA 74 36.24 -10.64 25.44
CA GLY DA 74 37.69 -10.53 25.49
C GLY DA 74 38.39 -11.48 26.44
N PRO DA 75 39.72 -11.40 26.50
CA PRO DA 75 40.56 -12.26 27.33
C PRO DA 75 40.26 -12.07 28.80
N SER DA 76 40.67 -13.03 29.61
CA SER DA 76 40.44 -12.97 31.04
C SER DA 76 41.66 -12.40 31.76
N THR DA 77 41.42 -11.59 32.77
CA THR DA 77 42.49 -11.05 33.60
C THR DA 77 42.66 -11.91 34.84
N GLU DA 78 41.60 -12.02 35.65
CA GLU DA 78 41.64 -12.84 36.86
C GLU DA 78 41.57 -14.35 36.60
N ALA DA 79 42.15 -15.13 37.54
CA ALA DA 79 42.09 -16.60 37.55
C ALA DA 79 42.76 -17.26 36.35
N THR DA 80 43.82 -16.64 35.85
CA THR DA 80 44.53 -17.16 34.69
C THR DA 80 45.56 -18.23 35.06
N GLU DA 81 45.97 -18.26 36.33
CA GLU DA 81 47.08 -19.12 36.74
C GLU DA 81 46.67 -20.15 37.77
N PHE DA 82 47.50 -21.18 37.93
CA PHE DA 82 47.27 -22.17 38.96
C PHE DA 82 47.56 -21.62 40.35
N THR DA 83 46.96 -22.23 41.37
CA THR DA 83 47.36 -21.89 42.73
C THR DA 83 47.95 -23.10 43.46
N GLU DA 84 47.09 -23.93 44.03
CA GLU DA 84 47.53 -25.13 44.74
C GLU DA 84 47.67 -26.38 43.85
N GLY DA 85 46.71 -26.57 42.96
CA GLY DA 85 46.59 -27.81 42.22
C GLY DA 85 47.35 -27.86 40.91
N ARG DA 86 47.56 -29.07 40.41
CA ARG DA 86 48.29 -29.25 39.17
C ARG DA 86 47.41 -29.47 37.93
N PHE DA 87 46.09 -29.57 38.13
CA PHE DA 87 45.17 -29.77 37.01
C PHE DA 87 44.05 -28.74 37.04
N ALA DA 88 43.44 -28.49 35.89
CA ALA DA 88 42.36 -27.51 35.81
C ALA DA 88 41.47 -27.69 34.59
N ILE DA 89 40.28 -27.13 34.66
CA ILE DA 89 39.46 -26.95 33.48
C ILE DA 89 39.64 -25.52 32.99
N LEU DA 90 40.02 -25.37 31.73
CA LEU DA 90 40.29 -24.07 31.12
C LEU DA 90 39.20 -23.65 30.12
N ALA DA 91 38.72 -22.42 30.24
CA ALA DA 91 37.62 -21.94 29.41
C ALA DA 91 38.13 -21.31 28.12
N LEU DA 92 37.81 -21.94 27.00
CA LEU DA 92 38.21 -21.45 25.68
C LEU DA 92 37.29 -20.39 25.08
N GLY DA 93 36.03 -20.39 25.49
CA GLY DA 93 35.13 -19.30 25.14
C GLY DA 93 34.84 -18.44 26.35
N GLY DA 94 33.96 -17.46 26.19
CA GLY DA 94 33.36 -16.79 27.32
C GLY DA 94 31.97 -17.38 27.54
N GLY DA 95 31.39 -17.20 28.73
CA GLY DA 95 30.04 -17.66 28.97
C GLY DA 95 29.46 -17.29 30.32
N TYR DA 96 28.20 -17.65 30.53
CA TYR DA 96 27.58 -17.52 31.85
C TYR DA 96 27.38 -18.88 32.47
N LEU DA 97 27.80 -19.01 33.73
CA LEU DA 97 27.63 -20.23 34.51
C LEU DA 97 26.51 -20.06 35.50
N HIS DA 98 25.40 -20.76 35.36
CA HIS DA 98 24.38 -20.66 36.39
C HIS DA 98 24.40 -21.90 37.27
N TRP DA 99 23.46 -21.98 38.19
CA TRP DA 99 23.49 -22.99 39.23
C TRP DA 99 23.49 -24.41 38.69
N GLY DA 100 22.80 -24.62 37.57
CA GLY DA 100 22.75 -25.92 36.94
C GLY DA 100 24.13 -26.49 36.66
N HIS DA 101 25.02 -25.62 36.18
CA HIS DA 101 26.37 -26.02 35.83
C HIS DA 101 27.18 -26.34 37.07
N PHE DA 102 27.04 -25.52 38.11
CA PHE DA 102 27.72 -25.80 39.36
C PHE DA 102 27.30 -27.15 39.93
N GLU DA 103 26.00 -27.41 39.94
CA GLU DA 103 25.48 -28.71 40.35
C GLU DA 103 26.12 -29.84 39.57
N MET DA 104 26.04 -29.72 38.24
CA MET DA 104 26.61 -30.71 37.35
C MET DA 104 28.07 -31.01 37.71
N MET DA 105 28.90 -29.98 37.78
CA MET DA 105 30.32 -30.18 38.06
C MET DA 105 30.55 -30.79 39.42
N ARG DA 106 29.81 -30.33 40.42
CA ARG DA 106 29.98 -30.81 41.78
C ARG DA 106 29.72 -32.30 41.86
N LEU DA 107 28.55 -32.72 41.41
CA LEU DA 107 28.23 -34.15 41.49
C LEU DA 107 29.20 -34.97 40.65
N THR DA 108 29.32 -34.60 39.38
CA THR DA 108 30.16 -35.36 38.44
C THR DA 108 31.59 -35.52 38.94
N ILE DA 109 32.20 -34.47 39.46
CA ILE DA 109 33.56 -34.58 39.97
C ILE DA 109 33.63 -35.35 41.29
N ASN DA 110 32.71 -35.06 42.21
CA ASN DA 110 32.74 -35.71 43.53
C ASN DA 110 32.64 -37.25 43.46
N ARG DA 111 31.79 -37.79 42.60
CA ARG DA 111 31.76 -39.25 42.55
C ARG DA 111 32.75 -39.83 41.54
N SER DA 112 33.48 -38.98 40.84
CA SER DA 112 34.50 -39.45 39.91
C SER DA 112 35.93 -39.42 40.45
N MET DA 113 36.09 -39.06 41.71
CA MET DA 113 37.43 -38.93 42.28
C MET DA 113 37.65 -39.83 43.49
N ASP DA 114 38.92 -40.17 43.75
CA ASP DA 114 39.30 -40.84 44.99
C ASP DA 114 39.53 -39.77 46.04
N PRO DA 115 38.65 -39.68 47.04
CA PRO DA 115 38.75 -38.59 48.00
C PRO DA 115 40.06 -38.63 48.80
N LYS DA 116 40.69 -39.80 48.84
CA LYS DA 116 41.99 -39.92 49.49
C LYS DA 116 43.09 -39.23 48.71
N ASN DA 117 43.18 -39.56 47.42
CA ASN DA 117 44.31 -39.18 46.60
C ASN DA 117 44.17 -37.88 45.82
N MET DA 118 42.96 -37.33 45.77
CA MET DA 118 42.71 -36.13 44.97
C MET DA 118 41.92 -35.10 45.75
N PHE DA 119 42.11 -33.84 45.40
CA PHE DA 119 41.27 -32.78 45.94
C PHE DA 119 40.90 -31.82 44.82
N ALA DA 120 39.75 -31.17 44.97
CA ALA DA 120 39.30 -30.23 43.97
C ALA DA 120 39.04 -28.89 44.61
N LEU DA 121 38.94 -27.85 43.79
CA LEU DA 121 38.77 -26.51 44.29
C LEU DA 121 38.00 -25.63 43.30
N TRP DA 122 37.11 -24.78 43.79
CA TRP DA 122 36.42 -23.82 42.93
C TRP DA 122 37.32 -22.66 42.60
N ARG DA 123 37.55 -22.42 41.31
CA ARG DA 123 38.27 -21.22 40.91
C ARG DA 123 37.29 -20.12 40.51
N VAL DA 124 36.01 -20.42 40.65
CA VAL DA 124 34.96 -19.49 40.25
C VAL DA 124 34.04 -19.15 41.43
N PRO DA 125 33.65 -17.88 41.58
CA PRO DA 125 32.74 -17.49 42.66
C PRO DA 125 31.33 -18.07 42.49
N ALA DA 126 30.55 -18.11 43.56
CA ALA DA 126 29.16 -18.52 43.47
C ALA DA 126 28.39 -17.51 42.62
N PRO DA 127 27.30 -17.95 41.95
CA PRO DA 127 26.69 -16.97 41.04
C PRO DA 127 26.11 -15.73 41.72
N PHE DA 128 26.67 -14.58 41.39
CA PHE DA 128 26.28 -13.30 41.98
C PHE DA 128 25.50 -12.32 41.09
N LYS DA 129 25.39 -12.58 39.80
CA LYS DA 129 24.90 -11.54 38.90
C LYS DA 129 23.47 -11.79 38.51
N PRO DA 130 22.57 -10.89 38.92
CA PRO DA 130 21.15 -11.04 38.67
C PRO DA 130 20.81 -10.88 37.19
N ILE DA 131 19.97 -11.77 36.69
CA ILE DA 131 19.55 -11.74 35.30
C ILE DA 131 18.04 -11.71 35.22
N THR DA 132 17.50 -10.74 34.49
CA THR DA 132 16.06 -10.55 34.53
C THR DA 132 15.31 -11.29 33.43
N ARG DA 133 13.98 -11.29 33.57
CA ARG DA 133 13.08 -11.85 32.58
C ARG DA 133 11.76 -11.13 32.70
N LYS DA 134 10.94 -11.29 31.70
CA LYS DA 134 9.56 -10.88 31.80
C LYS DA 134 8.75 -12.15 31.59
N GLY DA 135 7.50 -12.12 32.00
CA GLY DA 135 6.59 -13.20 31.67
C GLY DA 135 6.47 -13.28 30.17
N MET DA 136 6.56 -14.49 29.63
CA MET DA 136 6.35 -14.69 28.20
C MET DA 136 4.97 -14.16 27.84
N GLY DA 137 4.91 -13.37 26.76
CA GLY DA 137 3.65 -12.78 26.36
C GLY DA 137 3.54 -11.31 26.66
N GLN DA 138 4.62 -10.70 27.12
CA GLN DA 138 4.61 -9.27 27.40
C GLN DA 138 4.84 -8.50 26.10
N ARG DA 139 4.20 -7.34 25.98
CA ARG DA 139 4.59 -6.38 24.96
C ARG DA 139 5.91 -5.76 25.37
N MET DA 140 6.60 -5.16 24.42
CA MET DA 140 7.84 -4.47 24.70
C MET DA 140 7.59 -3.23 25.56
N GLY DA 141 8.49 -2.95 26.50
CA GLY DA 141 8.35 -1.78 27.35
C GLY DA 141 7.54 -2.06 28.62
N GLY DA 142 7.30 -1.02 29.41
CA GLY DA 142 6.61 -1.16 30.67
C GLY DA 142 7.54 -1.15 31.88
N GLY DA 143 8.81 -1.40 31.63
CA GLY DA 143 9.81 -1.29 32.69
C GLY DA 143 10.81 -2.41 32.48
N LYS DA 144 11.70 -2.60 33.44
CA LYS DA 144 12.61 -3.75 33.41
C LYS DA 144 11.82 -4.97 33.84
N GLY DA 145 12.42 -6.15 33.77
CA GLY DA 145 11.76 -7.36 34.21
C GLY DA 145 12.01 -7.61 35.68
N ALA DA 146 11.89 -8.86 36.11
CA ALA DA 146 12.17 -9.23 37.50
C ALA DA 146 13.30 -10.23 37.52
N ILE DA 147 13.92 -10.40 38.67
CA ILE DA 147 15.15 -11.20 38.72
C ILE DA 147 14.82 -12.68 38.70
N ASP DA 148 15.22 -13.37 37.63
CA ASP DA 148 14.90 -14.78 37.51
C ASP DA 148 15.91 -15.68 38.21
N HIS DA 149 17.19 -15.41 37.98
CA HIS DA 149 18.23 -16.29 38.47
C HIS DA 149 19.55 -15.53 38.48
N TYR DA 150 20.60 -16.21 38.92
CA TYR DA 150 21.90 -15.58 39.03
C TYR DA 150 22.90 -16.38 38.21
N VAL DA 151 23.90 -15.69 37.68
CA VAL DA 151 24.94 -16.33 36.88
C VAL DA 151 26.30 -15.82 37.26
N THR DA 152 27.31 -16.49 36.74
CA THR DA 152 28.65 -16.02 36.90
C THR DA 152 29.25 -15.79 35.54
N PRO DA 153 29.87 -14.63 35.37
CA PRO DA 153 30.55 -14.32 34.12
C PRO DA 153 31.88 -15.06 34.05
N VAL DA 154 32.20 -15.59 32.88
CA VAL DA 154 33.45 -16.29 32.70
C VAL DA 154 34.08 -15.84 31.40
N LYS DA 155 35.23 -15.20 31.50
CA LYS DA 155 35.96 -14.75 30.32
C LYS DA 155 36.88 -15.85 29.81
N ALA DA 156 37.06 -15.93 28.50
CA ALA DA 156 37.95 -16.92 27.91
C ALA DA 156 39.35 -16.88 28.52
N GLY DA 157 39.88 -18.05 28.88
CA GLY DA 157 41.22 -18.16 29.42
C GLY DA 157 41.26 -18.22 30.94
N ARG DA 158 40.11 -18.51 31.55
CA ARG DA 158 40.04 -18.57 33.00
C ARG DA 158 39.84 -20.00 33.45
N LEU DA 159 40.52 -20.38 34.53
CA LEU DA 159 40.37 -21.72 35.09
C LEU DA 159 39.06 -21.83 35.85
N ILE DA 160 38.23 -22.82 35.49
CA ILE DA 160 36.96 -23.04 36.18
C ILE DA 160 37.12 -23.83 37.49
N VAL DA 161 37.85 -24.94 37.41
CA VAL DA 161 37.96 -25.86 38.52
C VAL DA 161 39.38 -26.37 38.60
N GLU DA 162 39.94 -26.41 39.81
CA GLU DA 162 41.33 -26.78 39.95
C GLU DA 162 41.50 -28.03 40.80
N MET DA 163 41.97 -29.10 40.17
CA MET DA 163 42.17 -30.36 40.87
C MET DA 163 43.64 -30.69 41.09
N GLY DA 164 44.02 -30.87 42.34
CA GLY DA 164 45.34 -31.36 42.67
C GLY DA 164 45.29 -32.77 43.21
N GLY DA 165 46.45 -33.34 43.49
CA GLY DA 165 46.53 -34.66 44.10
C GLY DA 165 47.79 -35.43 43.77
N ARG DA 166 47.82 -36.68 44.20
CA ARG DA 166 48.92 -37.60 43.91
C ARG DA 166 48.63 -38.32 42.60
N CYS DA 167 47.59 -37.85 41.92
CA CYS DA 167 47.22 -38.34 40.60
C CYS DA 167 48.20 -37.98 39.49
N GLU DA 168 48.30 -38.86 38.50
CA GLU DA 168 48.84 -38.51 37.19
C GLU DA 168 47.77 -37.77 36.43
N PHE DA 169 48.16 -36.95 35.46
CA PHE DA 169 47.20 -36.13 34.75
C PHE DA 169 46.14 -36.95 34.03
N LYS DA 170 46.46 -38.18 33.66
CA LYS DA 170 45.62 -38.89 32.72
C LYS DA 170 44.22 -39.28 33.22
N GLU DA 171 44.11 -39.76 34.45
CA GLU DA 171 42.79 -40.12 35.00
C GLU DA 171 41.88 -38.89 35.13
N VAL DA 172 42.45 -37.91 35.83
CA VAL DA 172 41.82 -36.62 36.01
C VAL DA 172 41.37 -36.06 34.68
N GLN DA 173 42.22 -36.13 33.66
CA GLN DA 173 41.86 -35.65 32.32
C GLN DA 173 40.64 -36.38 31.80
N GLY DA 174 40.69 -37.71 31.88
CA GLY DA 174 39.61 -38.54 31.39
C GLY DA 174 38.27 -38.07 31.91
N PHE DA 175 38.11 -37.98 33.22
CA PHE DA 175 36.76 -37.61 33.69
C PHE DA 175 36.50 -36.11 33.71
N LEU DA 176 37.55 -35.31 33.66
CA LEU DA 176 37.38 -33.86 33.66
C LEU DA 176 36.85 -33.38 32.32
N ASP DA 177 37.27 -34.03 31.24
CA ASP DA 177 36.81 -33.63 29.90
C ASP DA 177 35.30 -33.77 29.74
N LEU DA 178 34.68 -34.67 30.48
CA LEU DA 178 33.22 -34.76 30.50
C LEU DA 178 32.63 -33.45 30.98
N VAL DA 179 33.03 -33.08 32.19
CA VAL DA 179 32.60 -31.83 32.81
C VAL DA 179 32.83 -30.66 31.86
N ALA DA 180 34.05 -30.58 31.33
CA ALA DA 180 34.44 -29.53 30.40
C ALA DA 180 33.47 -29.48 29.24
N HIS DA 181 33.08 -30.66 28.78
CA HIS DA 181 32.27 -30.73 27.60
C HIS DA 181 30.85 -30.28 27.91
N LYS DA 182 30.39 -30.46 29.14
CA LYS DA 182 29.01 -30.06 29.47
C LYS DA 182 28.88 -28.61 29.95
N LEU DA 183 29.98 -27.86 29.93
CA LEU DA 183 29.99 -26.42 30.20
C LEU DA 183 29.51 -25.64 28.98
N PRO DA 184 28.94 -24.45 29.20
CA PRO DA 184 28.30 -23.65 28.14
C PRO DA 184 29.28 -23.13 27.09
N PHE DA 185 30.49 -22.81 27.51
CA PHE DA 185 31.55 -22.40 26.60
C PHE DA 185 32.38 -23.60 26.20
N PRO DA 186 33.10 -23.52 25.07
CA PRO DA 186 34.10 -24.54 24.75
C PRO DA 186 35.22 -24.55 25.79
N ALA DA 187 35.69 -25.72 26.17
CA ALA DA 187 36.67 -25.81 27.25
C ALA DA 187 37.55 -27.07 27.18
N LYS DA 188 38.65 -27.05 27.92
CA LYS DA 188 39.58 -28.16 27.90
C LYS DA 188 40.02 -28.57 29.29
N ALA DA 189 40.57 -29.78 29.40
CA ALA DA 189 41.22 -30.17 30.64
C ALA DA 189 42.73 -30.02 30.45
N VAL DA 190 43.37 -29.32 31.38
CA VAL DA 190 44.79 -29.01 31.24
C VAL DA 190 45.57 -29.26 32.52
N SER DA 191 46.87 -29.49 32.37
CA SER DA 191 47.79 -29.58 33.50
C SER DA 191 48.68 -28.38 33.43
N ARG DA 192 49.63 -28.25 34.35
CA ARG DA 192 50.57 -27.14 34.28
C ARG DA 192 51.38 -27.27 32.99
N GLU DA 193 51.84 -28.49 32.75
CA GLU DA 193 52.64 -28.80 31.57
C GLU DA 193 51.90 -28.50 30.27
N THR DA 194 50.65 -28.94 30.21
CA THR DA 194 49.82 -28.75 29.01
C THR DA 194 49.62 -27.26 28.71
N LEU DA 195 49.32 -26.50 29.76
CA LEU DA 195 49.04 -25.08 29.66
C LEU DA 195 50.28 -24.31 29.16
N GLU DA 196 51.42 -24.51 29.81
CA GLU DA 196 52.63 -23.84 29.36
C GLU DA 196 53.06 -24.30 27.96
N LYS DA 197 52.77 -25.57 27.64
CA LYS DA 197 52.99 -26.09 26.30
C LYS DA 197 52.24 -25.24 25.28
N MET DA 198 50.93 -25.08 25.49
CA MET DA 198 50.12 -24.38 24.51
C MET DA 198 50.39 -22.87 24.49
N ARG DA 199 50.91 -22.32 25.59
CA ARG DA 199 51.28 -20.90 25.58
C ARG DA 199 52.58 -20.65 24.83
N LYS DA 200 53.60 -21.47 25.09
CA LYS DA 200 54.86 -21.36 24.35
C LYS DA 200 54.62 -21.60 22.86
N ASP DA 201 53.72 -22.54 22.56
CA ASP DA 201 53.33 -22.78 21.17
C ASP DA 201 52.61 -21.57 20.58
N GLN DA 202 51.79 -20.93 21.40
CA GLN DA 202 51.05 -19.76 20.93
C GLN DA 202 51.97 -18.61 20.56
N GLU DA 203 53.01 -18.38 21.35
CA GLU DA 203 53.92 -17.28 21.03
C GLU DA 203 54.92 -17.67 19.92
N GLU DA 204 55.31 -18.94 19.91
CA GLU DA 204 56.26 -19.43 18.93
C GLU DA 204 55.64 -19.40 17.55
N ARG DA 205 54.35 -19.69 17.47
CA ARG DA 205 53.63 -19.58 16.20
C ARG DA 205 53.62 -18.15 15.73
N GLU DA 206 53.61 -17.19 16.66
CA GLU DA 206 53.50 -15.81 16.27
C GLU DA 206 54.85 -15.13 15.98
N ARG DA 207 55.96 -15.75 16.39
CA ARG DA 207 57.25 -15.27 15.89
C ARG DA 207 57.74 -16.05 14.65
N ASN DA 208 57.07 -17.16 14.33
CA ASN DA 208 57.37 -17.94 13.13
C ASN DA 208 56.73 -17.38 11.87
N ASN DA 209 55.71 -16.56 12.06
CA ASN DA 209 54.77 -16.19 11.00
C ASN DA 209 55.44 -15.67 9.74
N GLN DA 210 55.06 -16.25 8.60
CA GLN DA 210 55.69 -15.88 7.34
C GLN DA 210 55.12 -14.62 6.71
N ASN DA 211 53.80 -14.40 6.81
CA ASN DA 211 53.24 -13.21 6.13
C ASN DA 211 53.41 -11.97 7.00
N PRO DA 212 53.82 -10.88 6.37
CA PRO DA 212 54.19 -9.62 7.04
C PRO DA 212 52.98 -8.96 7.66
N TRP DA 213 51.81 -9.40 7.23
CA TRP DA 213 50.59 -8.69 7.58
C TRP DA 213 49.87 -9.36 8.73
N THR DA 214 49.89 -8.69 9.87
CA THR DA 214 49.24 -9.20 11.05
C THR DA 214 48.12 -8.24 11.43
N PHE DA 215 47.13 -8.76 12.14
CA PHE DA 215 46.03 -7.94 12.60
C PHE DA 215 46.52 -6.75 13.41
N GLU DA 216 47.41 -6.99 14.39
CA GLU DA 216 47.96 -5.91 15.20
C GLU DA 216 48.52 -4.80 14.35
N ARG DA 217 49.46 -5.18 13.48
CA ARG DA 217 50.20 -4.23 12.67
C ARG DA 217 49.29 -3.33 11.86
N ILE DA 218 48.27 -3.92 11.24
CA ILE DA 218 47.37 -3.15 10.39
C ILE DA 218 46.43 -2.30 11.23
N ALA DA 219 45.88 -2.87 12.28
CA ALA DA 219 44.91 -2.16 13.10
C ALA DA 219 45.52 -0.94 13.78
N THR DA 220 46.65 -1.11 14.45
CA THR DA 220 47.23 0.00 15.19
C THR DA 220 47.56 1.19 14.31
N ALA DA 221 48.12 0.90 13.14
CA ALA DA 221 48.57 1.96 12.24
C ALA DA 221 47.42 2.49 11.37
N ASN DA 222 46.23 1.96 11.59
CA ASN DA 222 45.03 2.32 10.83
C ASN DA 222 45.27 2.27 9.32
N MET DA 223 45.77 1.14 8.85
CA MET DA 223 46.01 0.99 7.43
C MET DA 223 44.70 0.72 6.69
N LEU DA 224 44.60 1.27 5.48
CA LEU DA 224 43.38 1.23 4.68
C LEU DA 224 42.19 1.88 5.39
N GLY DA 225 42.46 2.73 6.38
CA GLY DA 225 41.39 3.25 7.22
C GLY DA 225 40.56 2.17 7.90
N ILE DA 226 41.16 0.99 8.09
CA ILE DA 226 40.43 -0.15 8.58
C ILE DA 226 39.77 0.09 9.95
N ARG DA 227 40.25 1.06 10.71
CA ARG DA 227 39.68 1.37 12.02
C ARG DA 227 38.21 1.72 11.92
N LYS DA 228 37.73 1.99 10.72
CA LYS DA 228 36.31 2.31 10.55
C LYS DA 228 35.44 1.08 10.80
N VAL DA 229 35.90 -0.04 10.28
CA VAL DA 229 35.20 -1.30 10.39
C VAL DA 229 35.46 -2.05 11.72
N LEU DA 230 36.61 -1.80 12.34
CA LEU DA 230 36.94 -2.38 13.63
C LEU DA 230 36.31 -1.66 14.82
N SER DA 231 36.19 -2.36 15.93
CA SER DA 231 35.83 -1.76 17.22
C SER DA 231 37.09 -1.33 17.95
N PRO DA 232 37.00 -0.31 18.83
CA PRO DA 232 38.16 0.12 19.64
C PRO DA 232 38.80 -1.02 20.40
N TYR DA 233 37.98 -1.86 21.02
CA TYR DA 233 38.48 -2.98 21.77
C TYR DA 233 39.43 -3.83 20.96
N ASP DA 234 39.21 -3.90 19.65
CA ASP DA 234 40.04 -4.74 18.78
C ASP DA 234 41.52 -4.49 18.97
N LEU DA 235 41.91 -3.23 19.20
CA LEU DA 235 43.31 -2.90 19.43
C LEU DA 235 43.97 -3.79 20.48
N THR DA 236 43.24 -4.11 21.54
CA THR DA 236 43.70 -5.04 22.57
C THR DA 236 43.51 -6.51 22.17
N HIS DA 237 42.36 -6.82 21.59
CA HIS DA 237 41.98 -8.20 21.31
C HIS DA 237 42.78 -8.77 20.15
N LYS DA 238 43.13 -7.90 19.20
CA LYS DA 238 44.01 -8.22 18.05
C LYS DA 238 43.46 -9.30 17.13
N GLY DA 239 42.13 -9.38 17.05
CA GLY DA 239 41.47 -10.29 16.14
C GLY DA 239 41.51 -11.73 16.60
N ARG DA 240 41.99 -11.95 17.81
CA ARG DA 240 41.93 -13.26 18.44
C ARG DA 240 40.57 -13.50 19.06
N TYR DA 241 39.98 -12.44 19.60
CA TYR DA 241 38.65 -12.51 20.23
C TYR DA 241 37.65 -11.77 19.37
N TRP DA 242 36.53 -12.42 19.10
CA TRP DA 242 35.44 -11.79 18.35
C TRP DA 242 34.15 -12.08 19.10
N GLY DA 243 33.52 -11.06 19.65
CA GLY DA 243 32.40 -11.29 20.56
C GLY DA 243 32.83 -12.12 21.76
N LYS DA 244 32.01 -13.09 22.16
CA LYS DA 244 32.39 -13.96 23.26
C LYS DA 244 33.28 -15.09 22.77
N PHE DA 245 33.42 -15.23 21.46
CA PHE DA 245 34.19 -16.33 20.91
C PHE DA 245 35.69 -16.06 20.90
N TYR DA 246 36.46 -17.12 21.07
CA TYR DA 246 37.92 -16.99 21.00
C TYR DA 246 38.51 -18.08 20.13
N THR DA 247 39.17 -17.69 19.06
CA THR DA 247 39.84 -18.67 18.21
C THR DA 247 41.33 -18.62 18.48
N PRO DA 248 41.88 -19.73 18.99
CA PRO DA 248 43.28 -19.85 19.41
C PRO DA 248 44.27 -19.86 18.24
N GLU DA 249 43.76 -20.13 17.04
CA GLU DA 249 44.59 -20.32 15.86
C GLU DA 249 45.01 -19.01 15.23
N ARG DA 250 44.56 -17.91 15.83
CA ARG DA 250 44.54 -16.60 15.17
C ARG DA 250 45.80 -15.76 15.32
N VAL DA 251 46.86 -16.32 15.88
CA VAL DA 251 48.11 -15.58 16.12
C VAL DA 251 47.90 -14.44 17.13
N ILE EA 9 -26.37 -36.84 -24.79
CA ILE EA 9 -26.15 -37.87 -25.79
C ILE EA 9 -27.43 -38.33 -26.48
N SER EA 10 -27.46 -38.11 -27.79
CA SER EA 10 -28.63 -38.22 -28.64
C SER EA 10 -28.81 -39.57 -29.34
N HIS EA 11 -28.00 -40.57 -28.96
CA HIS EA 11 -27.84 -41.79 -29.78
C HIS EA 11 -29.11 -42.55 -30.13
N GLY EA 12 -29.33 -42.71 -31.44
CA GLY EA 12 -30.50 -43.41 -31.92
C GLY EA 12 -31.81 -42.80 -31.48
N ARG EA 13 -31.91 -41.48 -31.54
CA ARG EA 13 -33.18 -40.83 -31.29
C ARG EA 13 -33.79 -40.45 -32.63
N VAL EA 14 -34.91 -41.08 -32.97
CA VAL EA 14 -35.48 -40.90 -34.30
C VAL EA 14 -36.28 -39.62 -34.47
N PHE EA 15 -36.93 -39.16 -33.40
CA PHE EA 15 -37.82 -38.00 -33.51
C PHE EA 15 -37.17 -36.73 -33.01
N ARG EA 16 -37.32 -35.65 -33.77
CA ARG EA 16 -36.79 -34.40 -33.30
C ARG EA 16 -37.78 -33.68 -32.39
N ARG EA 17 -37.25 -32.94 -31.43
CA ARG EA 17 -38.09 -32.14 -30.56
C ARG EA 17 -38.52 -30.83 -31.23
N LEU EA 18 -39.83 -30.63 -31.28
CA LEU EA 18 -40.44 -29.42 -31.80
C LEU EA 18 -41.40 -28.86 -30.77
N GLY EA 19 -41.87 -27.63 -31.00
CA GLY EA 19 -42.95 -27.05 -30.22
C GLY EA 19 -42.70 -26.94 -28.72
N LEU EA 20 -43.78 -26.93 -27.94
CA LEU EA 20 -43.67 -26.67 -26.52
C LEU EA 20 -43.36 -27.94 -25.71
N GLY EA 21 -43.27 -29.08 -26.38
CA GLY EA 21 -43.07 -30.34 -25.70
C GLY EA 21 -43.49 -31.47 -26.64
N PRO EA 22 -43.47 -32.72 -26.15
CA PRO EA 22 -43.86 -33.85 -27.02
C PRO EA 22 -45.30 -33.72 -27.58
N GLU EA 23 -46.24 -33.36 -26.72
CA GLU EA 23 -47.62 -33.22 -27.16
C GLU EA 23 -47.79 -32.11 -28.20
N SER EA 24 -47.15 -30.97 -27.95
CA SER EA 24 -47.20 -29.84 -28.88
C SER EA 24 -46.65 -30.27 -30.24
N ARG EA 25 -45.64 -31.12 -30.22
CA ARG EA 25 -45.07 -31.66 -31.44
C ARG EA 25 -46.14 -32.43 -32.21
N ILE EA 26 -46.83 -33.33 -31.51
CA ILE EA 26 -47.92 -34.08 -32.16
C ILE EA 26 -48.95 -33.15 -32.78
N HIS EA 27 -49.34 -32.09 -32.07
CA HIS EA 27 -50.36 -31.21 -32.62
C HIS EA 27 -49.86 -30.35 -33.79
N LEU EA 28 -48.57 -30.03 -33.77
CA LEU EA 28 -47.94 -29.41 -34.91
C LEU EA 28 -48.04 -30.28 -36.15
N LEU EA 29 -47.66 -31.54 -35.99
CA LEU EA 29 -47.73 -32.47 -37.11
C LEU EA 29 -49.18 -32.70 -37.54
N GLN EA 30 -50.10 -32.60 -36.59
CA GLN EA 30 -51.52 -32.68 -36.86
C GLN EA 30 -51.92 -31.64 -37.87
N ASN EA 31 -51.65 -30.37 -37.55
CA ASN EA 31 -52.00 -29.30 -38.47
C ASN EA 31 -51.32 -29.42 -39.81
N LEU EA 32 -50.06 -29.81 -39.79
CA LEU EA 32 -49.33 -29.93 -41.05
C LEU EA 32 -49.95 -31.03 -41.92
N LEU EA 33 -50.38 -32.10 -41.27
CA LEU EA 33 -50.92 -33.23 -41.98
C LEU EA 33 -52.23 -32.84 -42.59
N THR EA 34 -53.09 -32.24 -41.77
CA THR EA 34 -54.39 -31.78 -42.23
C THR EA 34 -54.23 -30.89 -43.45
N GLY EA 35 -53.28 -29.97 -43.35
CA GLY EA 35 -52.98 -29.09 -44.45
C GLY EA 35 -52.57 -29.85 -45.69
N LEU EA 36 -51.72 -30.86 -45.51
CA LEU EA 36 -51.24 -31.65 -46.64
C LEU EA 36 -52.36 -32.43 -47.30
N VAL EA 37 -53.24 -33.03 -46.51
CA VAL EA 37 -54.32 -33.83 -47.07
C VAL EA 37 -55.36 -32.95 -47.76
N ARG EA 38 -55.56 -31.74 -47.25
CA ARG EA 38 -56.49 -30.84 -47.91
C ARG EA 38 -55.89 -30.31 -49.20
N HIS EA 39 -54.79 -29.58 -49.10
CA HIS EA 39 -54.25 -28.87 -50.27
C HIS EA 39 -53.30 -29.68 -51.15
N GLU EA 40 -52.86 -30.83 -50.65
CA GLU EA 40 -52.04 -31.80 -51.39
C GLU EA 40 -50.62 -31.32 -51.67
N ARG EA 41 -50.37 -30.03 -51.52
CA ARG EA 41 -49.00 -29.52 -51.54
C ARG EA 41 -48.83 -28.36 -50.59
N ILE EA 42 -47.86 -28.46 -49.68
CA ILE EA 42 -47.63 -27.35 -48.74
C ILE EA 42 -46.15 -27.06 -48.58
N GLU EA 43 -45.82 -25.92 -48.00
CA GLU EA 43 -44.42 -25.59 -47.77
C GLU EA 43 -44.19 -25.13 -46.34
N ALA EA 44 -43.15 -25.67 -45.71
CA ALA EA 44 -42.91 -25.33 -44.31
C ALA EA 44 -41.46 -25.46 -43.96
N SER EA 45 -41.17 -25.29 -42.68
CA SER EA 45 -39.81 -25.43 -42.20
C SER EA 45 -39.26 -26.81 -42.56
N TRP EA 46 -38.12 -26.82 -43.23
CA TRP EA 46 -37.53 -28.05 -43.76
C TRP EA 46 -37.49 -29.16 -42.71
N ALA EA 47 -37.16 -28.80 -41.47
CA ALA EA 47 -37.13 -29.77 -40.40
C ALA EA 47 -38.52 -30.31 -40.08
N ARG EA 48 -39.51 -29.44 -40.05
CA ARG EA 48 -40.86 -29.90 -39.69
C ARG EA 48 -41.45 -30.74 -40.80
N VAL EA 49 -41.19 -30.36 -42.04
CA VAL EA 49 -41.64 -31.14 -43.18
C VAL EA 49 -41.00 -32.51 -43.17
N ASP EA 50 -39.68 -32.55 -42.98
CA ASP EA 50 -38.98 -33.83 -42.82
C ASP EA 50 -39.62 -34.68 -41.73
N GLU EA 51 -39.92 -34.06 -40.59
CA GLU EA 51 -40.52 -34.79 -39.48
C GLU EA 51 -41.86 -35.38 -39.90
N LEU EA 52 -42.66 -34.56 -40.56
CA LEU EA 52 -44.01 -34.92 -41.00
C LEU EA 52 -44.04 -36.09 -41.99
N ARG EA 53 -43.09 -36.09 -42.91
CA ARG EA 53 -43.10 -37.00 -44.06
C ARG EA 53 -43.42 -38.45 -43.68
N GLY EA 54 -42.87 -38.91 -42.55
CA GLY EA 54 -43.18 -40.23 -42.07
C GLY EA 54 -44.68 -40.44 -41.84
N TYR EA 55 -45.28 -39.55 -41.06
CA TYR EA 55 -46.69 -39.66 -40.75
C TYR EA 55 -47.54 -39.54 -42.01
N ALA EA 56 -47.12 -38.67 -42.93
CA ALA EA 56 -47.87 -38.50 -44.18
C ALA EA 56 -47.80 -39.75 -45.04
N GLU EA 57 -46.75 -40.53 -44.88
CA GLU EA 57 -46.62 -41.81 -45.59
C GLU EA 57 -47.43 -42.91 -44.94
N LYS EA 58 -47.50 -42.91 -43.61
CA LYS EA 58 -48.24 -43.97 -42.92
C LYS EA 58 -49.74 -43.77 -42.96
N LEU EA 59 -50.16 -42.50 -43.06
CA LEU EA 59 -51.58 -42.22 -43.10
C LEU EA 59 -52.24 -42.85 -44.31
N ILE EA 60 -51.52 -42.85 -45.42
CA ILE EA 60 -52.04 -43.42 -46.64
C ILE EA 60 -52.19 -44.93 -46.47
N ASP EA 61 -51.30 -45.54 -45.69
CA ASP EA 61 -51.40 -46.98 -45.44
C ASP EA 61 -52.51 -47.32 -44.43
N TYR EA 62 -52.93 -46.35 -43.62
CA TYR EA 62 -54.15 -46.54 -42.83
C TYR EA 62 -55.39 -46.31 -43.68
N GLY EA 63 -55.25 -45.50 -44.72
CA GLY EA 63 -56.35 -45.27 -45.65
C GLY EA 63 -56.60 -46.50 -46.51
N LYS EA 64 -55.52 -47.19 -46.84
CA LYS EA 64 -55.59 -48.41 -47.63
C LYS EA 64 -56.32 -49.52 -46.88
N LEU EA 65 -56.35 -49.42 -45.55
CA LEU EA 65 -56.97 -50.44 -44.71
C LEU EA 65 -58.48 -50.43 -44.78
N GLY EA 66 -59.03 -49.39 -45.40
CA GLY EA 66 -60.45 -49.33 -45.66
C GLY EA 66 -61.27 -48.58 -44.62
N ASP EA 67 -62.35 -48.01 -45.11
CA ASP EA 67 -63.37 -47.31 -44.33
C ASP EA 67 -63.85 -48.08 -43.10
N THR EA 68 -64.01 -49.39 -43.28
CA THR EA 68 -64.65 -50.25 -42.30
C THR EA 68 -63.76 -50.64 -41.12
N ASN EA 69 -62.44 -50.68 -41.33
CA ASN EA 69 -61.51 -50.92 -40.23
C ASN EA 69 -61.65 -49.83 -39.19
N GLU EA 70 -61.88 -50.23 -37.94
CA GLU EA 70 -62.12 -49.25 -36.88
C GLU EA 70 -60.86 -48.48 -36.49
N ARG EA 71 -59.76 -49.20 -36.37
CA ARG EA 71 -58.49 -48.60 -36.00
C ARG EA 71 -58.13 -47.48 -36.95
N ALA EA 72 -58.19 -47.78 -38.25
CA ALA EA 72 -57.89 -46.80 -39.29
C ALA EA 72 -58.81 -45.59 -39.20
N MET EA 73 -60.03 -45.82 -38.71
CA MET EA 73 -60.99 -44.73 -38.66
C MET EA 73 -60.74 -43.82 -37.48
N ARG EA 74 -60.41 -44.35 -36.31
CA ARG EA 74 -60.18 -43.41 -35.22
C ARG EA 74 -58.77 -42.84 -35.35
N MET EA 75 -57.92 -43.51 -36.10
CA MET EA 75 -56.61 -42.97 -36.44
C MET EA 75 -56.77 -41.74 -37.35
N ALA EA 76 -57.49 -41.92 -38.45
CA ALA EA 76 -57.79 -40.81 -39.34
C ALA EA 76 -58.66 -39.77 -38.66
N ASP EA 77 -59.33 -40.16 -37.58
CA ASP EA 77 -60.13 -39.22 -36.81
C ASP EA 77 -59.22 -38.28 -36.05
N PHE EA 78 -58.27 -38.85 -35.31
CA PHE EA 78 -57.32 -38.04 -34.56
C PHE EA 78 -56.45 -37.18 -35.48
N TRP EA 79 -55.85 -37.79 -36.50
CA TRP EA 79 -54.87 -37.06 -37.30
C TRP EA 79 -55.46 -36.02 -38.23
N LEU EA 80 -56.50 -36.37 -38.98
CA LEU EA 80 -57.18 -35.38 -39.80
C LEU EA 80 -58.10 -34.57 -38.92
N THR EA 81 -57.83 -33.28 -38.85
CA THR EA 81 -58.54 -32.43 -37.93
C THR EA 81 -59.90 -31.93 -38.42
N GLU EA 82 -59.95 -31.41 -39.63
CA GLU EA 82 -61.24 -31.01 -40.19
C GLU EA 82 -61.89 -32.27 -40.70
N LYS EA 83 -63.03 -32.62 -40.11
CA LYS EA 83 -63.54 -33.97 -40.23
C LYS EA 83 -63.92 -34.28 -41.67
N ASP EA 84 -64.22 -33.21 -42.40
CA ASP EA 84 -64.58 -33.28 -43.80
C ASP EA 84 -63.54 -34.01 -44.65
N LEU EA 85 -62.30 -34.03 -44.19
CA LEU EA 85 -61.24 -34.63 -44.94
C LEU EA 85 -61.25 -36.14 -44.85
N ILE EA 86 -61.77 -36.68 -43.76
CA ILE EA 86 -61.67 -38.12 -43.53
C ILE EA 86 -62.23 -38.95 -44.70
N PRO EA 87 -63.34 -38.53 -45.31
CA PRO EA 87 -63.71 -39.21 -46.56
C PRO EA 87 -62.66 -39.10 -47.66
N LYS EA 88 -62.12 -37.91 -47.88
CA LYS EA 88 -61.15 -37.72 -48.96
C LYS EA 88 -59.94 -38.63 -48.82
N LEU EA 89 -59.53 -38.88 -47.58
CA LEU EA 89 -58.46 -39.82 -47.31
C LEU EA 89 -58.82 -41.20 -47.84
N PHE EA 90 -60.02 -41.66 -47.47
CA PHE EA 90 -60.42 -43.01 -47.81
C PHE EA 90 -60.92 -43.17 -49.23
N GLN EA 91 -61.66 -42.19 -49.72
CA GLN EA 91 -62.32 -42.30 -51.01
C GLN EA 91 -61.63 -41.59 -52.17
N VAL EA 92 -60.51 -40.91 -51.91
CA VAL EA 92 -59.73 -40.31 -53.00
C VAL EA 92 -58.24 -40.66 -52.93
N LEU EA 93 -57.58 -40.28 -51.84
CA LEU EA 93 -56.15 -40.53 -51.69
C LEU EA 93 -55.80 -42.01 -51.68
N ALA EA 94 -56.35 -42.75 -50.72
CA ALA EA 94 -56.05 -44.17 -50.59
C ALA EA 94 -56.34 -44.99 -51.86
N PRO EA 95 -57.40 -44.67 -52.61
CA PRO EA 95 -57.56 -45.43 -53.86
C PRO EA 95 -56.49 -45.16 -54.91
N ARG EA 96 -56.02 -43.93 -55.03
CA ARG EA 96 -55.14 -43.60 -56.15
C ARG EA 96 -53.71 -44.03 -55.84
N PHE EA 97 -53.51 -44.56 -54.65
CA PHE EA 97 -52.31 -45.32 -54.35
C PHE EA 97 -52.72 -46.75 -54.14
N GLN EA 98 -52.42 -47.60 -55.11
CA GLN EA 98 -52.81 -49.00 -55.00
C GLN EA 98 -51.61 -49.89 -55.30
N GLY EA 99 -51.11 -49.77 -56.52
CA GLY EA 99 -49.91 -50.49 -56.92
C GLY EA 99 -48.75 -50.16 -56.01
N GLN EA 100 -48.45 -48.86 -55.88
CA GLN EA 100 -47.24 -48.46 -55.17
C GLN EA 100 -47.32 -48.70 -53.67
N ASN EA 101 -46.33 -49.43 -53.17
CA ASN EA 101 -46.14 -49.64 -51.74
C ASN EA 101 -45.84 -48.36 -50.94
N GLY EA 102 -44.69 -47.75 -51.17
CA GLY EA 102 -44.29 -46.56 -50.43
C GLY EA 102 -44.14 -45.21 -51.13
N GLY EA 103 -44.51 -45.09 -52.39
CA GLY EA 103 -44.03 -43.96 -53.15
C GLY EA 103 -44.81 -42.65 -53.03
N TYR EA 104 -45.60 -42.50 -51.97
CA TYR EA 104 -46.67 -41.50 -51.93
C TYR EA 104 -46.23 -40.04 -52.01
N THR EA 105 -45.09 -39.75 -51.41
CA THR EA 105 -44.73 -38.38 -51.10
C THR EA 105 -43.51 -37.91 -51.87
N ARG EA 106 -43.53 -36.64 -52.29
CA ARG EA 106 -42.34 -36.00 -52.83
C ARG EA 106 -41.96 -34.83 -51.93
N MET EA 107 -40.69 -34.78 -51.50
CA MET EA 107 -40.23 -33.69 -50.64
C MET EA 107 -38.97 -33.04 -51.19
N LEU EA 108 -39.05 -31.74 -51.47
CA LEU EA 108 -37.96 -31.02 -52.09
C LEU EA 108 -37.54 -29.78 -51.33
N GLN EA 109 -36.27 -29.41 -51.38
CA GLN EA 109 -35.87 -28.16 -50.74
C GLN EA 109 -36.14 -26.97 -51.65
N ILE EA 110 -36.87 -26.02 -51.11
CA ILE EA 110 -37.17 -24.74 -51.73
C ILE EA 110 -36.10 -23.73 -51.29
N PRO EA 111 -35.94 -22.61 -52.02
CA PRO EA 111 -34.99 -21.61 -51.53
C PRO EA 111 -35.38 -21.01 -50.16
N ASN EA 112 -34.40 -20.62 -49.35
CA ASN EA 112 -34.66 -20.11 -48.00
C ASN EA 112 -35.67 -18.98 -47.96
N ARG EA 113 -36.48 -18.97 -46.92
CA ARG EA 113 -37.59 -18.03 -46.80
C ARG EA 113 -37.14 -16.58 -46.94
N ASN EA 114 -37.93 -15.75 -47.62
CA ASN EA 114 -37.54 -14.38 -47.87
C ASN EA 114 -37.73 -13.43 -46.68
N GLU EA 115 -38.37 -13.92 -45.64
CA GLU EA 115 -38.51 -13.19 -44.38
C GLU EA 115 -37.19 -13.16 -43.61
N GLN EA 116 -37.08 -12.23 -42.68
CA GLN EA 116 -35.81 -11.98 -42.03
C GLN EA 116 -35.32 -13.13 -41.15
N ASP EA 117 -36.15 -14.13 -40.94
CA ASP EA 117 -35.70 -15.25 -40.11
C ASP EA 117 -34.97 -16.26 -40.98
N ARG EA 118 -35.08 -16.06 -42.30
CA ARG EA 118 -34.28 -16.81 -43.28
C ARG EA 118 -34.23 -18.28 -43.01
N ALA EA 119 -35.39 -18.94 -42.99
CA ALA EA 119 -35.41 -20.34 -42.58
C ALA EA 119 -35.06 -21.26 -43.72
N LYS EA 120 -34.93 -22.54 -43.40
CA LYS EA 120 -34.65 -23.55 -44.41
C LYS EA 120 -35.98 -24.17 -44.77
N MET EA 121 -36.36 -24.08 -46.04
CA MET EA 121 -37.72 -24.38 -46.44
C MET EA 121 -37.86 -25.60 -47.36
N ALA EA 122 -38.94 -26.35 -47.15
CA ALA EA 122 -39.23 -27.51 -47.99
C ALA EA 122 -40.65 -27.46 -48.51
N VAL EA 123 -40.85 -27.98 -49.71
CA VAL EA 123 -42.19 -28.25 -50.20
C VAL EA 123 -42.43 -29.75 -50.10
N ILE EA 124 -43.63 -30.13 -49.67
CA ILE EA 124 -43.99 -31.54 -49.54
C ILE EA 124 -45.32 -31.78 -50.23
N GLU EA 125 -45.45 -32.97 -50.79
CA GLU EA 125 -46.52 -33.20 -51.74
C GLU EA 125 -46.96 -34.66 -51.83
N TYR EA 126 -48.24 -34.87 -52.12
CA TYR EA 126 -48.74 -36.20 -52.45
C TYR EA 126 -48.67 -36.42 -53.95
N LYS EA 127 -48.03 -37.51 -54.37
CA LYS EA 127 -47.85 -37.78 -55.80
C LYS EA 127 -49.18 -37.93 -56.55
N GLY EA 128 -49.20 -37.55 -57.82
CA GLY EA 128 -50.38 -37.74 -58.65
C GLY EA 128 -51.49 -36.74 -58.40
N ASN EA 129 -51.15 -35.67 -57.68
CA ASN EA 129 -52.09 -34.59 -57.42
C ASN EA 129 -52.36 -33.79 -58.69
N CYS EA 130 -53.42 -32.99 -58.66
CA CYS EA 130 -53.72 -32.15 -59.80
C CYS EA 130 -53.27 -30.73 -59.54
N LEU EA 131 -52.06 -30.43 -59.96
CA LEU EA 131 -51.45 -29.13 -59.77
C LEU EA 131 -50.40 -28.96 -60.82
N PRO EA 132 -50.02 -27.71 -61.11
CA PRO EA 132 -48.82 -27.53 -61.94
C PRO EA 132 -47.67 -28.30 -61.32
N PRO EA 133 -46.95 -29.10 -62.11
CA PRO EA 133 -45.87 -29.92 -61.59
C PRO EA 133 -44.71 -29.08 -61.07
N LEU EA 134 -44.11 -29.52 -59.97
CA LEU EA 134 -42.91 -28.88 -59.44
C LEU EA 134 -41.79 -28.91 -60.46
N PRO EA 135 -40.95 -27.88 -60.50
CA PRO EA 135 -39.79 -27.97 -61.39
C PRO EA 135 -38.76 -28.94 -60.82
N LEU EA 136 -39.03 -30.24 -60.88
CA LEU EA 136 -38.10 -31.25 -60.37
C LEU EA 136 -36.75 -31.13 -61.04
N PRO EA 137 -35.70 -31.57 -60.34
CA PRO EA 137 -34.41 -31.70 -61.03
C PRO EA 137 -34.46 -32.84 -62.05
N ARG EA 138 -33.99 -32.57 -63.27
CA ARG EA 138 -33.89 -33.63 -64.27
C ARG EA 138 -32.47 -34.18 -64.29
N ARG EA 139 -32.35 -35.48 -64.49
CA ARG EA 139 -31.05 -36.07 -64.76
C ARG EA 139 -30.57 -35.56 -66.12
N ASP EA 140 -29.27 -35.65 -66.36
CA ASP EA 140 -28.73 -35.28 -67.67
C ASP EA 140 -29.31 -36.20 -68.75
N SER EA 141 -29.40 -35.72 -69.99
CA SER EA 141 -29.93 -36.56 -71.06
C SER EA 141 -28.89 -37.60 -71.45
N ASN EA 142 -29.27 -38.53 -72.32
CA ASN EA 142 -28.34 -39.58 -72.68
C ASN EA 142 -27.44 -39.11 -73.79
N LEU EA 143 -27.82 -38.01 -74.43
CA LEU EA 143 -27.09 -37.51 -75.58
C LEU EA 143 -25.84 -36.76 -75.13
N THR EA 144 -25.81 -36.42 -73.85
CA THR EA 144 -24.67 -35.75 -73.23
C THR EA 144 -23.37 -36.55 -73.39
N LEU EA 145 -22.27 -35.86 -73.65
CA LEU EA 145 -20.99 -36.46 -74.02
C LEU EA 145 -20.57 -37.66 -73.17
N LEU EA 146 -20.59 -37.48 -71.86
CA LEU EA 146 -20.15 -38.52 -70.93
C LEU EA 146 -21.08 -39.72 -70.97
N ASN EA 147 -22.38 -39.48 -71.02
CA ASN EA 147 -23.33 -40.56 -71.11
C ASN EA 147 -23.20 -41.31 -72.43
N GLN EA 148 -22.85 -40.58 -73.47
CA GLN EA 148 -22.65 -41.18 -74.79
C GLN EA 148 -21.42 -42.09 -74.74
N LEU EA 149 -20.40 -41.67 -73.98
CA LEU EA 149 -19.24 -42.53 -73.75
C LEU EA 149 -19.57 -43.78 -72.92
N LEU EA 150 -20.58 -43.68 -72.06
CA LEU EA 150 -21.00 -44.85 -71.30
C LEU EA 150 -21.83 -45.82 -72.14
N GLN EA 151 -22.69 -45.28 -73.01
CA GLN EA 151 -23.49 -46.12 -73.91
C GLN EA 151 -22.62 -47.05 -74.74
N GLY EA 152 -21.44 -46.56 -75.15
CA GLY EA 152 -20.46 -47.39 -75.82
C GLY EA 152 -20.12 -48.60 -74.99
N LEU EA 153 -19.72 -48.35 -73.74
CA LEU EA 153 -19.38 -49.43 -72.83
C LEU EA 153 -20.52 -50.43 -72.70
N ARG EA 154 -21.74 -49.93 -72.64
CA ARG EA 154 -22.90 -50.81 -72.50
C ARG EA 154 -23.06 -51.73 -73.70
N GLN EA 155 -23.03 -51.13 -74.89
CA GLN EA 155 -23.19 -51.90 -76.10
C GLN EA 155 -22.03 -52.88 -76.34
N ASP EA 156 -20.91 -52.64 -75.66
CA ASP EA 156 -19.84 -53.64 -75.68
C ASP EA 156 -19.92 -54.64 -74.53
N GLN EA 157 -20.79 -54.39 -73.56
CA GLN EA 157 -21.12 -55.43 -72.58
C GLN EA 157 -22.18 -56.36 -73.15
N GLU EA 158 -22.92 -55.88 -74.14
CA GLU EA 158 -23.88 -56.71 -74.86
C GLU EA 158 -23.20 -57.56 -75.95
N ALA EA 159 -22.26 -56.95 -76.66
CA ALA EA 159 -21.56 -57.59 -77.78
C ALA EA 159 -20.63 -58.70 -77.31
N SER EA 160 -20.12 -58.55 -76.09
CA SER EA 160 -19.19 -59.53 -75.52
C SER EA 160 -19.92 -60.59 -74.69
N SER EA 161 -21.24 -60.54 -74.70
CA SER EA 161 -22.06 -61.54 -74.04
C SER EA 161 -22.97 -62.26 -75.04
N PRO FA 38 63.83 77.82 23.05
CA PRO FA 38 63.53 77.49 24.45
C PRO FA 38 64.78 77.15 25.25
N VAL FA 39 64.61 76.40 26.33
CA VAL FA 39 65.73 75.93 27.14
C VAL FA 39 66.02 74.45 26.84
N GLU FA 40 67.29 74.08 26.80
CA GLU FA 40 67.66 72.69 26.55
C GLU FA 40 67.31 71.82 27.77
N ASN FA 41 67.00 72.47 28.88
CA ASN FA 41 66.47 71.78 30.06
C ASN FA 41 65.00 71.47 29.93
N GLU FA 42 64.28 72.33 29.21
CA GLU FA 42 62.82 72.31 29.19
C GLU FA 42 62.24 71.01 28.64
N ALA FA 43 63.02 70.28 27.85
CA ALA FA 43 62.56 69.01 27.29
C ALA FA 43 62.18 68.02 28.40
N VAL FA 44 61.05 67.35 28.22
CA VAL FA 44 60.45 66.52 29.26
C VAL FA 44 60.19 65.09 28.77
N ALA FA 45 59.41 65.00 27.69
CA ALA FA 45 58.72 63.80 27.15
C ALA FA 45 57.44 63.56 27.95
N PRO FA 46 56.39 63.10 27.25
CA PRO FA 46 55.03 63.04 27.82
C PRO FA 46 54.86 61.96 28.86
N GLU FA 47 55.51 60.82 28.61
CA GLU FA 47 55.32 59.67 29.45
C GLU FA 47 56.51 59.50 30.37
N PHE FA 48 56.28 59.61 31.67
CA PHE FA 48 57.35 59.47 32.64
C PHE FA 48 57.49 58.03 33.12
N THR FA 49 58.70 57.50 32.96
CA THR FA 49 59.01 56.16 33.42
C THR FA 49 59.59 56.19 34.83
N ASN FA 50 58.86 55.61 35.76
CA ASN FA 50 59.34 55.48 37.13
C ASN FA 50 59.78 54.04 37.35
N ARG FA 51 61.09 53.83 37.43
CA ARG FA 51 61.66 52.48 37.46
C ARG FA 51 61.57 51.80 38.82
N ASN FA 52 61.18 52.58 39.83
CA ASN FA 52 61.24 52.16 41.23
C ASN FA 52 60.10 51.22 41.64
N PRO FA 53 60.43 49.98 42.05
CA PRO FA 53 59.49 48.90 42.38
C PRO FA 53 58.71 49.11 43.66
N ARG FA 54 59.22 49.97 44.53
CA ARG FA 54 58.60 50.26 45.82
C ARG FA 54 57.50 51.31 45.68
N ASN FA 55 57.57 52.03 44.56
CA ASN FA 55 56.74 53.21 44.30
C ASN FA 55 55.25 52.99 44.42
N LEU FA 56 54.68 52.24 43.49
CA LEU FA 56 53.24 52.06 43.41
C LEU FA 56 52.66 51.48 44.70
N GLU FA 57 53.45 50.69 45.41
CA GLU FA 57 53.06 50.22 46.73
C GLU FA 57 52.92 51.38 47.70
N LEU FA 58 53.96 52.22 47.77
CA LEU FA 58 53.89 53.36 48.68
C LEU FA 58 52.72 54.27 48.34
N LEU FA 59 52.44 54.42 47.06
CA LEU FA 59 51.34 55.26 46.61
C LEU FA 59 49.96 54.64 46.91
N ALA FA 60 49.96 53.35 47.24
CA ALA FA 60 48.75 52.54 47.49
C ALA FA 60 47.99 52.17 46.21
N VAL FA 61 48.51 52.60 45.06
CA VAL FA 61 47.86 52.38 43.79
C VAL FA 61 48.12 51.00 43.18
N ALA FA 62 49.11 50.29 43.72
CA ALA FA 62 49.56 49.05 43.10
C ALA FA 62 48.52 47.95 43.22
N ARG FA 63 48.87 46.78 42.71
CA ARG FA 63 47.98 45.63 42.75
C ARG FA 63 48.35 44.72 43.92
N LYS FA 64 47.42 44.52 44.84
CA LYS FA 64 47.59 43.44 45.79
C LYS FA 64 47.17 42.18 45.07
N GLU FA 65 47.33 41.02 45.70
CA GLU FA 65 46.83 39.81 45.07
C GLU FA 65 45.52 39.40 45.70
N ARG FA 66 44.42 39.68 45.03
CA ARG FA 66 43.14 39.20 45.53
C ARG FA 66 43.12 37.76 45.09
N GLY FA 67 42.50 36.89 45.86
CA GLY FA 67 42.36 35.53 45.35
C GLY FA 67 42.49 34.52 46.44
N TRP FA 68 42.76 33.28 46.01
CA TRP FA 68 42.85 32.16 46.90
C TRP FA 68 41.51 32.13 47.62
N GLY FA 69 41.48 32.16 48.93
CA GLY FA 69 40.17 32.26 49.57
C GLY FA 69 39.39 30.96 49.51
N THR FA 70 40.00 29.96 48.90
CA THR FA 70 39.80 28.59 49.33
C THR FA 70 40.79 28.26 50.47
N VAL FA 71 41.99 28.80 50.32
CA VAL FA 71 43.10 28.48 51.21
C VAL FA 71 43.46 29.64 52.12
N TRP FA 72 44.47 29.42 52.94
CA TRP FA 72 44.81 30.35 54.00
C TRP FA 72 46.32 30.36 54.23
N PRO FA 73 46.88 31.51 54.58
CA PRO FA 73 46.20 32.79 54.79
C PRO FA 73 45.97 33.56 53.51
N SER FA 74 45.27 34.69 53.63
CA SER FA 74 45.06 35.59 52.51
C SER FA 74 46.38 36.09 51.96
N ARG FA 75 46.59 35.95 50.67
CA ARG FA 75 47.82 36.36 50.03
C ARG FA 75 47.71 37.80 49.56
N GLU FA 76 46.65 38.49 50.00
CA GLU FA 76 46.43 39.88 49.60
C GLU FA 76 47.09 40.85 50.55
N PHE FA 77 48.19 41.44 50.08
CA PHE FA 77 49.00 42.37 50.83
C PHE FA 77 50.22 42.76 50.02
N TRP FA 78 50.83 43.89 50.36
CA TRP FA 78 52.16 44.19 49.87
C TRP FA 78 53.23 43.58 50.78
N HIS FA 79 53.01 43.69 52.09
CA HIS FA 79 53.97 43.20 53.08
C HIS FA 79 53.26 42.42 54.17
N ARG FA 80 53.90 41.36 54.64
CA ARG FA 80 53.27 40.55 55.66
C ARG FA 80 54.25 40.23 56.79
N LEU FA 81 53.78 40.37 58.01
CA LEU FA 81 54.58 39.95 59.15
C LEU FA 81 54.40 38.46 59.36
N ARG FA 82 55.51 37.75 59.50
CA ARG FA 82 55.50 36.31 59.67
C ARG FA 82 56.25 35.94 60.93
N VAL FA 83 55.58 35.32 61.90
CA VAL FA 83 56.28 34.96 63.12
C VAL FA 83 56.36 33.46 63.32
N ILE FA 84 57.60 32.95 63.19
CA ILE FA 84 57.87 31.52 63.33
C ILE FA 84 58.45 31.25 64.71
N ARG FA 85 57.85 30.29 65.41
CA ARG FA 85 58.35 29.93 66.72
C ARG FA 85 58.88 28.51 66.74
N THR FA 86 60.21 28.40 66.75
CA THR FA 86 60.90 27.14 66.94
C THR FA 86 60.85 26.82 68.43
N GLN FA 87 61.04 25.56 68.82
CA GLN FA 87 61.13 25.24 70.24
C GLN FA 87 62.31 25.96 70.91
N HIS FA 88 63.25 26.47 70.12
CA HIS FA 88 64.35 27.26 70.64
C HIS FA 88 64.19 28.76 70.39
N HIS FA 89 64.18 29.14 69.11
CA HIS FA 89 64.24 30.56 68.72
C HIS FA 89 62.95 31.14 68.17
N ILE FA 90 62.80 32.44 68.36
CA ILE FA 90 61.70 33.21 67.80
C ILE FA 90 62.19 34.01 66.61
N GLU FA 91 61.56 33.83 65.46
CA GLU FA 91 62.01 34.51 64.26
C GLU FA 91 60.87 35.32 63.64
N ALA FA 92 61.07 36.63 63.54
CA ALA FA 92 60.05 37.49 62.92
C ALA FA 92 60.57 38.05 61.61
N LEU FA 93 59.83 37.76 60.55
CA LEU FA 93 60.22 38.17 59.21
C LEU FA 93 59.19 39.13 58.63
N VAL FA 94 59.65 40.03 57.79
CA VAL FA 94 58.74 40.81 56.99
C VAL FA 94 58.89 40.38 55.54
N GLU FA 95 57.79 39.95 54.95
CA GLU FA 95 57.80 39.33 53.64
C GLU FA 95 57.11 40.20 52.62
N HIS FA 96 57.48 39.97 51.37
CA HIS FA 96 56.83 40.58 50.23
C HIS FA 96 56.12 39.40 49.57
N ARG FA 97 55.07 39.65 48.79
CA ARG FA 97 54.33 38.53 48.22
C ARG FA 97 55.23 37.67 47.32
N ASN FA 98 56.36 38.24 46.90
CA ASN FA 98 57.37 37.49 46.16
C ASN FA 98 57.95 36.34 46.97
N GLY FA 99 57.68 36.34 48.27
CA GLY FA 99 58.25 35.36 49.18
C GLY FA 99 59.56 35.87 49.75
N GLN FA 100 60.12 36.89 49.08
CA GLN FA 100 61.38 37.49 49.48
C GLN FA 100 61.27 38.14 50.84
N VAL FA 101 62.16 37.75 51.75
CA VAL FA 101 62.20 38.40 53.04
C VAL FA 101 62.85 39.76 52.86
N VAL FA 102 62.17 40.78 53.33
CA VAL FA 102 62.60 42.16 53.15
C VAL FA 102 63.46 42.59 54.33
N VAL FA 103 62.86 42.61 55.51
CA VAL FA 103 63.57 42.95 56.74
C VAL FA 103 63.17 41.95 57.82
N SER FA 104 64.14 41.51 58.61
CA SER FA 104 63.85 40.51 59.63
C SER FA 104 64.63 40.71 60.91
N ALA FA 105 64.15 40.08 61.97
CA ALA FA 105 64.87 40.00 63.22
C ALA FA 105 64.71 38.60 63.78
N SER FA 106 65.83 38.00 64.13
CA SER FA 106 65.81 36.64 64.65
C SER FA 106 66.54 36.60 65.96
N THR FA 107 66.32 35.53 66.69
CA THR FA 107 66.99 35.33 67.96
C THR FA 107 68.27 34.52 67.80
N ARG FA 108 68.49 33.98 66.61
CA ARG FA 108 69.73 33.27 66.32
C ARG FA 108 70.84 34.28 66.11
N GLU FA 109 70.41 35.45 65.65
CA GLU FA 109 71.25 36.62 65.43
C GLU FA 109 72.04 36.96 66.69
N TRP FA 110 73.35 37.19 66.55
CA TRP FA 110 74.20 37.43 67.72
C TRP FA 110 73.88 38.74 68.40
N ALA FA 111 73.47 39.73 67.62
CA ALA FA 111 73.18 41.06 68.17
C ALA FA 111 72.13 40.99 69.27
N ILE FA 112 71.05 40.26 69.02
CA ILE FA 112 69.98 40.11 70.00
C ILE FA 112 70.25 39.01 71.04
N LYS FA 113 70.87 37.93 70.57
CA LYS FA 113 71.13 36.75 71.39
C LYS FA 113 71.96 37.06 72.63
N LYS FA 114 72.95 37.94 72.47
CA LYS FA 114 73.94 38.19 73.50
C LYS FA 114 73.45 39.13 74.60
N HIS FA 115 72.51 40.00 74.26
CA HIS FA 115 72.02 40.96 75.26
C HIS FA 115 71.08 40.30 76.22
N LEU FA 116 70.28 39.37 75.74
CA LEU FA 116 69.27 38.81 76.61
C LEU FA 116 69.26 37.30 76.72
N TYR FA 117 68.32 36.84 77.54
CA TYR FA 117 68.37 35.54 78.17
C TYR FA 117 67.16 34.73 77.77
N SER FA 118 67.33 33.41 77.65
CA SER FA 118 66.22 32.51 77.38
C SER FA 118 65.49 32.84 76.08
N THR FA 119 66.13 32.49 74.96
CA THR FA 119 65.69 32.82 73.61
C THR FA 119 64.21 32.52 73.30
N ARG FA 120 63.62 31.57 74.02
CA ARG FA 120 62.24 31.17 73.75
C ARG FA 120 61.16 31.93 74.59
N ASN FA 121 61.59 32.77 75.52
CA ASN FA 121 60.67 33.47 76.42
C ASN FA 121 59.75 34.51 75.79
N VAL FA 122 58.68 34.84 76.50
CA VAL FA 122 57.81 35.95 76.14
C VAL FA 122 58.65 37.21 75.96
N VAL FA 123 59.59 37.36 76.87
CA VAL FA 123 60.57 38.42 76.85
C VAL FA 123 61.22 38.54 75.47
N ALA FA 124 61.62 37.40 74.92
CA ALA FA 124 62.27 37.36 73.61
C ALA FA 124 61.33 37.84 72.50
N CYS FA 125 60.08 37.45 72.56
CA CYS FA 125 59.11 37.89 71.56
C CYS FA 125 58.96 39.40 71.58
N GLU FA 126 58.72 39.96 72.77
CA GLU FA 126 58.65 41.41 72.90
C GLU FA 126 59.88 42.07 72.30
N SER FA 127 61.04 41.58 72.72
CA SER FA 127 62.32 42.07 72.22
C SER FA 127 62.36 42.13 70.71
N VAL FA 128 62.24 40.96 70.09
CA VAL FA 128 62.26 40.81 68.65
C VAL FA 128 61.30 41.78 67.97
N GLY FA 129 60.12 41.94 68.56
CA GLY FA 129 59.15 42.89 68.05
C GLY FA 129 59.66 44.31 68.04
N ARG FA 130 60.30 44.73 69.13
CA ARG FA 130 60.85 46.07 69.22
C ARG FA 130 61.94 46.27 68.16
N VAL FA 131 62.88 45.33 68.12
CA VAL FA 131 63.95 45.35 67.13
C VAL FA 131 63.42 45.49 65.71
N LEU FA 132 62.40 44.69 65.41
CA LEU FA 132 61.82 44.64 64.08
C LEU FA 132 61.12 45.93 63.73
N ALA FA 133 60.42 46.53 64.70
CA ALA FA 133 59.80 47.83 64.50
C ALA FA 133 60.85 48.87 64.11
N GLU FA 134 61.92 48.88 64.90
CA GLU FA 134 63.05 49.76 64.62
C GLU FA 134 63.57 49.61 63.19
N ARG FA 135 63.93 48.37 62.84
CA ARG FA 135 64.49 48.07 61.52
C ARG FA 135 63.51 48.35 60.38
N CYS FA 136 62.22 48.27 60.69
CA CYS FA 136 61.17 48.56 59.71
C CYS FA 136 61.07 50.03 59.41
N LEU FA 137 61.05 50.86 60.47
CA LEU FA 137 61.07 52.30 60.26
C LEU FA 137 62.31 52.67 59.46
N GLU FA 138 63.43 52.07 59.83
CA GLU FA 138 64.68 52.33 59.11
C GLU FA 138 64.60 51.88 57.66
N ALA FA 139 63.76 50.90 57.37
CA ALA FA 139 63.63 50.39 56.00
C ALA FA 139 62.61 51.18 55.17
N GLY FA 140 61.78 51.98 55.83
CA GLY FA 140 60.82 52.80 55.14
C GLY FA 140 59.47 52.15 54.94
N ILE FA 141 59.20 51.08 55.67
CA ILE FA 141 57.92 50.38 55.55
C ILE FA 141 57.12 50.50 56.85
N ASN FA 142 55.99 51.20 56.75
CA ASN FA 142 55.17 51.49 57.93
C ASN FA 142 53.95 50.58 58.09
N PHE FA 143 53.69 49.75 57.09
CA PHE FA 143 52.47 48.96 57.06
C PHE FA 143 52.76 47.53 56.70
N MET FA 144 52.08 46.61 57.38
CA MET FA 144 52.17 45.21 57.00
C MET FA 144 50.96 44.48 57.52
N VAL FA 145 50.69 43.30 56.99
CA VAL FA 145 49.56 42.54 57.47
C VAL FA 145 50.06 41.41 58.34
N TYR FA 146 49.34 41.14 59.41
CA TYR FA 146 49.66 39.99 60.22
C TYR FA 146 48.44 39.11 60.34
N HIS FA 147 48.60 37.85 59.96
CA HIS FA 147 47.51 36.88 59.97
C HIS FA 147 47.85 35.73 60.89
N PRO FA 148 47.58 35.88 62.19
CA PRO FA 148 47.94 34.82 63.12
C PRO FA 148 46.91 33.70 63.12
N THR FA 149 47.18 32.63 63.85
CA THR FA 149 46.21 31.57 64.04
C THR FA 149 45.34 31.93 65.25
N PRO FA 150 44.05 31.56 65.23
CA PRO FA 150 43.14 31.90 66.32
C PRO FA 150 43.72 31.66 67.72
N TRP FA 151 44.47 30.57 67.88
CA TRP FA 151 45.09 30.27 69.16
C TRP FA 151 46.40 31.01 69.38
N GLU FA 152 47.01 31.50 68.30
CA GLU FA 152 48.20 32.34 68.41
C GLU FA 152 47.81 33.75 68.78
N ALA FA 153 46.58 34.12 68.47
CA ALA FA 153 46.08 35.46 68.78
C ALA FA 153 45.79 35.59 70.27
N ALA FA 154 45.46 34.48 70.91
CA ALA FA 154 45.17 34.46 72.34
C ALA FA 154 46.44 34.42 73.20
N SER FA 155 47.53 33.89 72.64
CA SER FA 155 48.79 33.70 73.37
C SER FA 155 49.44 35.03 73.75
N ASP FA 156 50.11 35.04 74.89
CA ASP FA 156 50.68 36.27 75.43
C ASP FA 156 51.84 36.79 74.60
N SER FA 157 52.78 35.89 74.30
CA SER FA 157 53.97 36.24 73.55
C SER FA 157 53.63 37.06 72.30
N ILE FA 158 52.57 36.65 71.63
CA ILE FA 158 52.18 37.31 70.41
C ILE FA 158 51.42 38.61 70.66
N LYS FA 159 50.59 38.65 71.70
CA LYS FA 159 49.92 39.92 72.07
C LYS FA 159 50.96 41.00 72.29
N ARG FA 160 52.03 40.64 72.99
CA ARG FA 160 53.08 41.59 73.33
C ARG FA 160 54.03 41.86 72.16
N LEU FA 161 54.14 40.91 71.24
CA LEU FA 161 54.83 41.15 69.99
C LEU FA 161 54.11 42.24 69.20
N GLN FA 162 52.78 42.13 69.15
CA GLN FA 162 51.97 43.12 68.46
C GLN FA 162 52.02 44.46 69.17
N HIS FA 163 52.06 44.45 70.49
CA HIS FA 163 52.15 45.71 71.22
C HIS FA 163 53.46 46.41 70.95
N ALA FA 164 54.56 45.68 71.04
CA ALA FA 164 55.87 46.23 70.72
C ALA FA 164 55.86 46.79 69.29
N MET FA 165 55.27 46.04 68.37
CA MET FA 165 55.22 46.47 66.99
C MET FA 165 54.43 47.77 66.83
N THR FA 166 53.37 47.90 67.61
CA THR FA 166 52.52 49.09 67.54
C THR FA 166 53.19 50.34 68.13
N GLU FA 167 53.76 50.20 69.33
CA GLU FA 167 54.46 51.33 69.95
C GLU FA 167 55.67 51.71 69.11
N GLY FA 168 56.18 50.73 68.37
CA GLY FA 168 57.31 50.95 67.48
C GLY FA 168 56.95 51.85 66.31
N GLY FA 169 55.67 52.00 66.03
CA GLY FA 169 55.20 52.89 64.98
C GLY FA 169 54.77 52.18 63.71
N VAL FA 170 54.86 50.86 63.72
CA VAL FA 170 54.43 50.08 62.58
C VAL FA 170 52.97 49.68 62.73
N VAL FA 171 52.14 50.14 61.81
CA VAL FA 171 50.75 49.75 61.79
C VAL FA 171 50.61 48.41 61.09
N LEU FA 172 49.85 47.51 61.71
CA LEU FA 172 49.41 46.32 61.00
C LEU FA 172 48.18 46.77 60.18
N ARG FA 173 47.55 45.87 59.44
CA ARG FA 173 46.37 46.24 58.64
C ARG FA 173 46.67 47.34 57.58
N GLU FA 174 47.30 46.93 56.49
CA GLU FA 174 47.65 47.80 55.35
C GLU FA 174 46.52 48.69 54.86
N PRO FA 175 46.87 49.88 54.35
CA PRO FA 175 45.90 50.79 53.73
C PRO FA 175 45.20 50.11 52.58
N ARG FA 176 44.02 50.57 52.21
CA ARG FA 176 43.27 49.91 51.16
C ARG FA 176 43.92 50.22 49.82
N ARG FA 177 43.47 49.54 48.77
CA ARG FA 177 43.93 49.86 47.42
C ARG FA 177 43.12 51.04 46.89
N ILE FA 178 43.66 51.74 45.90
CA ILE FA 178 42.93 52.84 45.26
C ILE FA 178 42.43 52.45 43.86
N TYR FA 179 41.12 52.61 43.65
CA TYR FA 179 40.40 52.01 42.52
C TYR FA 179 40.76 50.55 42.46
N GLU FA 180 40.35 49.81 43.48
CA GLU FA 180 40.82 48.44 43.66
C GLU FA 180 40.26 47.47 42.62
N ARG GA 70 -61.44 -76.88 -36.67
CA ARG GA 70 -60.73 -76.10 -35.65
C ARG GA 70 -59.62 -75.25 -36.29
N PRO GA 71 -59.83 -73.93 -36.39
CA PRO GA 71 -58.85 -72.99 -36.95
C PRO GA 71 -57.60 -72.82 -36.10
N GLU GA 72 -56.41 -72.88 -36.70
CA GLU GA 72 -55.18 -72.74 -35.92
C GLU GA 72 -54.38 -71.48 -36.28
N THR GA 73 -54.34 -70.54 -35.34
CA THR GA 73 -53.44 -69.40 -35.45
C THR GA 73 -52.14 -69.75 -34.76
N ARG GA 74 -51.05 -69.64 -35.53
CA ARG GA 74 -49.70 -69.92 -35.06
C ARG GA 74 -49.40 -69.14 -33.80
N PHE GA 75 -48.84 -69.82 -32.80
CA PHE GA 75 -48.33 -69.12 -31.63
C PHE GA 75 -46.81 -69.03 -31.70
N LEU GA 76 -46.29 -67.81 -31.63
CA LEU GA 76 -44.85 -67.62 -31.67
C LEU GA 76 -44.33 -67.23 -30.31
N SER GA 77 -43.43 -68.05 -29.76
CA SER GA 77 -42.78 -67.72 -28.50
C SER GA 77 -42.11 -66.37 -28.62
N PRO GA 78 -42.40 -65.46 -27.68
CA PRO GA 78 -42.13 -64.03 -27.82
C PRO GA 78 -40.64 -63.69 -28.06
N GLU GA 79 -39.74 -64.63 -27.78
CA GLU GA 79 -38.32 -64.35 -27.89
C GLU GA 79 -37.78 -64.53 -29.30
N PHE GA 80 -38.62 -64.98 -30.22
CA PHE GA 80 -38.18 -65.06 -31.60
C PHE GA 80 -38.41 -63.72 -32.27
N ILE GA 81 -39.17 -62.86 -31.60
CA ILE GA 81 -39.32 -61.49 -32.05
C ILE GA 81 -38.09 -60.69 -31.69
N PRO GA 82 -37.36 -60.21 -32.70
CA PRO GA 82 -36.17 -59.42 -32.43
C PRO GA 82 -36.54 -58.01 -31.98
N PRO GA 83 -35.65 -57.37 -31.19
CA PRO GA 83 -35.83 -56.00 -30.72
C PRO GA 83 -35.83 -54.99 -31.86
N ARG GA 84 -36.05 -53.72 -31.55
CA ARG GA 84 -36.25 -52.73 -32.60
C ARG GA 84 -34.98 -52.05 -33.09
N GLY GA 85 -33.87 -52.22 -32.37
CA GLY GA 85 -32.64 -51.49 -32.67
C GLY GA 85 -32.06 -51.79 -34.03
N ARG GA 86 -31.00 -51.09 -34.40
CA ARG GA 86 -30.46 -51.25 -35.74
C ARG GA 86 -29.46 -52.39 -35.83
N THR GA 87 -29.46 -53.23 -34.81
CA THR GA 87 -28.66 -54.46 -34.80
C THR GA 87 -28.81 -55.27 -36.09
N ASN GA 88 -27.66 -55.69 -36.62
CA ASN GA 88 -27.55 -56.49 -37.84
C ASN GA 88 -28.41 -57.76 -37.77
N PRO GA 89 -29.30 -57.94 -38.77
CA PRO GA 89 -30.23 -59.07 -38.80
C PRO GA 89 -29.57 -60.45 -38.75
N LEU GA 90 -28.28 -60.52 -39.09
CA LEU GA 90 -27.55 -61.78 -39.02
C LEU GA 90 -27.51 -62.34 -37.61
N LYS GA 91 -27.18 -61.48 -36.66
CA LYS GA 91 -27.04 -61.88 -35.26
C LYS GA 91 -28.25 -62.68 -34.80
N PHE GA 92 -29.43 -62.21 -35.18
CA PHE GA 92 -30.66 -62.88 -34.82
C PHE GA 92 -30.81 -64.23 -35.51
N GLN GA 93 -30.37 -64.34 -36.76
CA GLN GA 93 -30.40 -65.63 -37.44
C GLN GA 93 -29.56 -66.64 -36.68
N ILE GA 94 -28.36 -66.22 -36.29
CA ILE GA 94 -27.49 -67.10 -35.54
C ILE GA 94 -28.13 -67.55 -34.24
N GLU GA 95 -28.53 -66.57 -33.43
CA GLU GA 95 -29.20 -66.83 -32.16
C GLU GA 95 -30.37 -67.80 -32.30
N ARG GA 96 -31.19 -67.56 -33.32
CA ARG GA 96 -32.36 -68.40 -33.56
C ARG GA 96 -31.96 -69.82 -33.94
N LYS GA 97 -30.96 -69.99 -34.80
CA LYS GA 97 -30.47 -71.34 -35.08
C LYS GA 97 -30.11 -72.05 -33.79
N ASP GA 98 -29.46 -71.34 -32.88
CA ASP GA 98 -29.02 -71.98 -31.66
C ASP GA 98 -30.16 -72.31 -30.70
N MET GA 99 -31.16 -71.45 -30.62
CA MET GA 99 -32.24 -71.74 -29.69
C MET GA 99 -33.19 -72.78 -30.28
N LEU GA 100 -33.26 -72.85 -31.60
CA LEU GA 100 -34.00 -73.93 -32.24
C LEU GA 100 -33.28 -75.26 -32.03
N GLU GA 101 -31.94 -75.23 -32.06
CA GLU GA 101 -31.15 -76.40 -31.70
C GLU GA 101 -31.49 -76.85 -30.29
N ARG GA 102 -31.56 -75.88 -29.39
CA ARG GA 102 -31.89 -76.18 -27.99
C ARG GA 102 -33.30 -76.75 -27.82
N ARG GA 103 -34.25 -76.27 -28.62
CA ARG GA 103 -35.63 -76.74 -28.52
C ARG GA 103 -35.79 -78.22 -28.83
N LYS GA 104 -34.81 -78.79 -29.55
CA LYS GA 104 -34.90 -80.21 -29.89
C LYS GA 104 -34.72 -81.09 -28.65
N ILE GA 105 -33.83 -80.68 -27.75
CA ILE GA 105 -33.64 -81.40 -26.50
C ILE GA 105 -34.74 -81.10 -25.49
N LEU GA 106 -34.70 -79.88 -24.97
CA LEU GA 106 -35.68 -79.42 -24.00
C LEU GA 106 -36.92 -78.96 -24.73
N HIS GA 107 -38.07 -79.48 -24.31
CA HIS GA 107 -39.32 -79.08 -24.95
C HIS GA 107 -39.93 -77.91 -24.22
N ILE GA 108 -39.92 -76.75 -24.87
CA ILE GA 108 -40.48 -75.54 -24.30
C ILE GA 108 -41.92 -75.39 -24.79
N PRO GA 109 -42.87 -75.43 -23.84
CA PRO GA 109 -44.31 -75.33 -24.12
C PRO GA 109 -44.75 -73.92 -24.47
N GLU GA 110 -45.95 -73.79 -25.02
CA GLU GA 110 -46.60 -72.50 -25.13
C GLU GA 110 -47.09 -72.08 -23.76
N PHE GA 111 -47.03 -70.78 -23.46
CA PHE GA 111 -47.60 -70.25 -22.22
C PHE GA 111 -47.52 -68.73 -22.19
N TYR GA 112 -48.30 -68.16 -21.29
CA TYR GA 112 -48.51 -66.72 -21.22
C TYR GA 112 -48.36 -66.30 -19.79
N VAL GA 113 -48.33 -64.99 -19.54
CA VAL GA 113 -48.31 -64.52 -18.17
C VAL GA 113 -49.62 -64.83 -17.46
N GLY GA 114 -49.49 -65.45 -16.29
CA GLY GA 114 -50.62 -65.85 -15.48
C GLY GA 114 -50.85 -67.35 -15.49
N SER GA 115 -50.30 -68.01 -16.51
CA SER GA 115 -50.34 -69.45 -16.57
C SER GA 115 -49.41 -70.00 -15.50
N ILE GA 116 -49.75 -71.15 -14.92
CA ILE GA 116 -48.96 -71.69 -13.83
C ILE GA 116 -48.02 -72.78 -14.29
N LEU GA 117 -46.75 -72.63 -13.96
CA LEU GA 117 -45.74 -73.58 -14.40
C LEU GA 117 -45.00 -74.22 -13.24
N ARG GA 118 -44.49 -75.42 -13.52
CA ARG GA 118 -43.53 -76.09 -12.65
C ARG GA 118 -42.25 -76.29 -13.45
N VAL GA 119 -41.12 -75.91 -12.85
CA VAL GA 119 -39.84 -76.05 -13.51
C VAL GA 119 -38.91 -76.94 -12.70
N THR GA 120 -38.27 -77.88 -13.39
CA THR GA 120 -37.28 -78.76 -12.79
C THR GA 120 -35.88 -78.24 -13.14
N THR GA 121 -35.03 -78.14 -12.13
CA THR GA 121 -33.69 -77.59 -12.32
C THR GA 121 -32.64 -78.60 -11.92
N ALA GA 122 -31.43 -78.43 -12.43
CA ALA GA 122 -30.30 -79.17 -11.92
C ALA GA 122 -29.64 -78.36 -10.81
N ASP GA 123 -29.69 -78.89 -9.60
CA ASP GA 123 -29.06 -78.25 -8.44
C ASP GA 123 -27.96 -79.15 -7.84
N PRO GA 124 -26.71 -78.67 -7.86
CA PRO GA 124 -25.59 -79.45 -7.33
C PRO GA 124 -25.73 -79.74 -5.83
N TYR GA 125 -26.30 -78.79 -5.11
CA TYR GA 125 -26.22 -78.79 -3.66
C TYR GA 125 -27.35 -79.53 -2.94
N ALA GA 126 -28.37 -79.99 -3.67
CA ALA GA 126 -29.46 -80.72 -3.03
C ALA GA 126 -29.13 -82.20 -2.95
N SER GA 127 -29.97 -82.96 -2.26
CA SER GA 127 -29.77 -84.41 -2.13
C SER GA 127 -30.10 -85.11 -3.44
N ALA GA 128 -31.33 -84.95 -3.91
CA ALA GA 128 -31.66 -85.31 -5.27
C ALA GA 128 -31.22 -84.12 -6.08
N LYS GA 129 -30.43 -84.36 -7.12
CA LYS GA 129 -29.81 -83.27 -7.86
C LYS GA 129 -30.83 -82.40 -8.60
N THR GA 130 -32.09 -82.84 -8.59
CA THR GA 130 -33.18 -82.07 -9.16
C THR GA 130 -33.79 -81.11 -8.13
N SER GA 131 -34.21 -79.94 -8.59
CA SER GA 131 -34.93 -78.99 -7.75
C SER GA 131 -36.22 -78.51 -8.44
N GLN GA 132 -37.37 -78.82 -7.84
CA GLN GA 132 -38.65 -78.43 -8.40
C GLN GA 132 -39.08 -77.06 -7.87
N PHE GA 133 -39.69 -76.25 -8.73
CA PHE GA 133 -40.34 -75.05 -8.24
C PHE GA 133 -41.63 -74.79 -8.99
N LEU GA 134 -42.68 -74.43 -8.26
CA LEU GA 134 -43.97 -74.17 -8.90
C LEU GA 134 -44.46 -72.77 -8.60
N GLY GA 135 -44.97 -72.09 -9.63
CA GLY GA 135 -45.50 -70.76 -9.44
C GLY GA 135 -46.16 -70.20 -10.67
N ILE GA 136 -46.81 -69.05 -10.49
CA ILE GA 136 -47.46 -68.33 -11.58
C ILE GA 136 -46.40 -67.54 -12.33
N CYS GA 137 -46.60 -67.38 -13.63
CA CYS GA 137 -45.68 -66.57 -14.40
C CYS GA 137 -46.09 -65.10 -14.28
N ILE GA 138 -45.19 -64.30 -13.70
CA ILE GA 138 -45.39 -62.86 -13.52
C ILE GA 138 -45.10 -62.05 -14.78
N GLN GA 139 -43.95 -62.31 -15.39
CA GLN GA 139 -43.58 -61.62 -16.62
C GLN GA 139 -42.64 -62.44 -17.49
N ARG GA 140 -42.77 -62.27 -18.79
CA ARG GA 140 -41.80 -62.79 -19.72
C ARG GA 140 -41.10 -61.64 -20.37
N SER GA 141 -39.78 -61.69 -20.40
CA SER GA 141 -39.04 -60.69 -21.13
C SER GA 141 -37.74 -61.26 -21.63
N GLY GA 142 -37.23 -60.68 -22.71
CA GLY GA 142 -35.93 -61.05 -23.21
C GLY GA 142 -36.00 -61.02 -24.70
N SER GA 143 -35.02 -61.67 -25.31
CA SER GA 143 -35.05 -61.99 -26.74
C SER GA 143 -33.82 -62.81 -27.00
N GLY GA 144 -33.85 -63.56 -28.10
CA GLY GA 144 -32.79 -64.47 -28.40
C GLY GA 144 -32.55 -65.42 -27.25
N LEU GA 145 -31.32 -65.91 -27.17
CA LEU GA 145 -30.94 -66.92 -26.21
C LEU GA 145 -31.20 -66.49 -24.77
N GLY GA 146 -31.25 -65.18 -24.55
CA GLY GA 146 -31.22 -64.66 -23.20
C GLY GA 146 -32.55 -64.66 -22.48
N ALA GA 147 -33.63 -64.95 -23.20
CA ALA GA 147 -34.99 -64.69 -22.71
C ALA GA 147 -35.34 -65.43 -21.42
N THR GA 148 -36.08 -64.73 -20.56
CA THR GA 148 -36.39 -65.21 -19.21
C THR GA 148 -37.88 -65.18 -18.91
N PHE GA 149 -38.26 -65.86 -17.83
CA PHE GA 149 -39.60 -65.69 -17.26
C PHE GA 149 -39.49 -65.70 -15.74
N ILE GA 150 -40.44 -65.06 -15.07
CA ILE GA 150 -40.44 -65.02 -13.62
C ILE GA 150 -41.57 -65.84 -13.04
N LEU GA 151 -41.27 -66.65 -12.03
CA LEU GA 151 -42.31 -67.41 -11.35
C LEU GA 151 -42.47 -66.94 -9.91
N ARG GA 152 -43.73 -66.72 -9.52
CA ARG GA 152 -44.09 -66.20 -8.22
C ARG GA 152 -44.90 -67.20 -7.42
N ASN GA 153 -44.47 -67.50 -6.20
CA ASN GA 153 -45.30 -68.33 -5.34
C ASN GA 153 -45.00 -68.05 -3.87
N THR GA 154 -46.02 -68.17 -3.04
CA THR GA 154 -45.84 -68.00 -1.60
C THR GA 154 -45.66 -69.34 -0.92
N ILE GA 155 -44.69 -69.41 -0.02
CA ILE GA 155 -44.41 -70.61 0.75
C ILE GA 155 -44.38 -70.25 2.23
N GLU GA 156 -45.32 -70.79 3.01
CA GLU GA 156 -45.36 -70.55 4.46
C GLU GA 156 -45.69 -69.11 4.84
N GLY GA 157 -45.95 -68.27 3.84
CA GLY GA 157 -46.23 -66.87 4.10
C GLY GA 157 -45.12 -66.00 3.57
N GLN GA 158 -44.06 -66.64 3.11
CA GLN GA 158 -42.99 -65.93 2.44
C GLN GA 158 -43.26 -65.88 0.94
N GLY GA 159 -43.47 -64.68 0.40
CA GLY GA 159 -43.55 -64.54 -1.04
C GLY GA 159 -42.17 -64.85 -1.61
N VAL GA 160 -42.11 -65.59 -2.70
CA VAL GA 160 -40.85 -65.89 -3.37
C VAL GA 160 -40.99 -65.76 -4.89
N GLU GA 161 -40.01 -65.13 -5.53
CA GLU GA 161 -39.93 -65.15 -6.98
C GLU GA 161 -38.61 -65.75 -7.44
N ILE GA 162 -38.64 -66.43 -8.58
CA ILE GA 162 -37.40 -66.83 -9.22
C ILE GA 162 -37.44 -66.40 -10.67
N CYS GA 163 -36.27 -66.10 -11.22
CA CYS GA 163 -36.19 -65.70 -12.62
C CYS GA 163 -35.40 -66.74 -13.43
N PHE GA 164 -36.09 -67.48 -14.29
CA PHE GA 164 -35.44 -68.55 -15.04
C PHE GA 164 -35.09 -68.13 -16.45
N GLU GA 165 -33.91 -68.53 -16.90
CA GLU GA 165 -33.56 -68.34 -18.30
C GLU GA 165 -34.00 -69.59 -19.08
N LEU GA 166 -34.82 -69.38 -20.10
CA LEU GA 166 -35.39 -70.48 -20.87
C LEU GA 166 -34.34 -71.46 -21.39
N TYR GA 167 -33.27 -70.92 -21.92
CA TYR GA 167 -32.32 -71.72 -22.69
C TYR GA 167 -31.12 -72.18 -21.86
N ASN GA 168 -31.10 -71.85 -20.59
CA ASN GA 168 -30.11 -72.38 -19.66
C ASN GA 168 -30.17 -73.90 -19.59
N PRO GA 169 -29.05 -74.59 -19.88
CA PRO GA 169 -28.92 -76.05 -19.82
C PRO GA 169 -29.17 -76.66 -18.43
N ARG GA 170 -29.18 -75.84 -17.39
CA ARG GA 170 -29.48 -76.33 -16.04
C ARG GA 170 -30.96 -76.68 -15.90
N ILE GA 171 -31.78 -76.19 -16.81
CA ILE GA 171 -33.19 -76.49 -16.75
C ILE GA 171 -33.46 -77.87 -17.36
N GLN GA 172 -34.00 -78.77 -16.55
CA GLN GA 172 -34.30 -80.13 -16.96
C GLN GA 172 -35.59 -80.19 -17.76
N GLU GA 173 -36.69 -79.84 -17.12
CA GLU GA 173 -38.00 -79.89 -17.74
C GLU GA 173 -38.90 -78.75 -17.30
N ILE GA 174 -39.65 -78.21 -18.24
CA ILE GA 174 -40.68 -77.23 -17.93
C ILE GA 174 -42.02 -77.89 -18.12
N GLN GA 175 -42.90 -77.74 -17.14
CA GLN GA 175 -44.22 -78.36 -17.22
C GLN GA 175 -45.31 -77.32 -16.97
N VAL GA 176 -46.22 -77.18 -17.93
CA VAL GA 176 -47.34 -76.29 -17.72
C VAL GA 176 -48.41 -77.01 -16.90
N VAL GA 177 -48.66 -76.54 -15.68
CA VAL GA 177 -49.75 -77.11 -14.90
C VAL GA 177 -51.07 -76.44 -15.27
N LYS GA 178 -51.01 -75.16 -15.62
CA LYS GA 178 -52.23 -74.53 -16.10
C LYS GA 178 -51.95 -73.54 -17.22
N LEU GA 179 -52.65 -73.70 -18.33
CA LEU GA 179 -52.47 -72.79 -19.44
C LEU GA 179 -53.51 -71.69 -19.35
N GLU GA 180 -53.06 -70.46 -19.19
CA GLU GA 180 -53.97 -69.39 -18.87
C GLU GA 180 -53.45 -68.04 -19.34
N LYS GA 181 -54.38 -67.15 -19.70
CA LYS GA 181 -54.08 -65.74 -19.90
C LYS GA 181 -54.74 -64.97 -18.78
N ARG GA 182 -54.18 -63.83 -18.42
CA ARG GA 182 -54.89 -62.91 -17.52
C ARG GA 182 -54.93 -61.53 -18.17
N LEU GA 183 -55.72 -60.63 -17.61
CA LEU GA 183 -56.06 -59.37 -18.28
C LEU GA 183 -54.86 -58.48 -18.66
N ASP GA 184 -53.69 -58.76 -18.11
CA ASP GA 184 -52.53 -57.89 -18.27
C ASP GA 184 -51.29 -58.61 -18.82
N ASN GA 185 -50.55 -57.96 -19.71
CA ASN GA 185 -49.36 -58.55 -20.32
C ASN GA 185 -48.28 -58.83 -19.31
N SER GA 186 -48.27 -58.06 -18.24
CA SER GA 186 -47.42 -58.32 -17.10
C SER GA 186 -48.13 -58.00 -15.81
N LEU GA 187 -48.14 -58.96 -14.89
CA LEU GA 187 -48.62 -58.64 -13.57
C LEU GA 187 -47.47 -58.75 -12.60
N LEU GA 188 -46.93 -57.61 -12.20
CA LEU GA 188 -45.93 -57.62 -11.16
C LEU GA 188 -46.64 -57.22 -9.89
N TYR GA 189 -47.91 -56.89 -10.05
CA TYR GA 189 -48.62 -56.25 -8.97
C TYR GA 189 -49.13 -57.26 -7.95
N LEU GA 190 -48.87 -58.54 -8.21
CA LEU GA 190 -49.21 -59.57 -7.25
C LEU GA 190 -48.34 -59.42 -6.01
N ARG GA 191 -47.31 -58.61 -6.12
CA ARG GA 191 -46.48 -58.28 -4.96
C ARG GA 191 -47.31 -57.50 -3.95
N ASP GA 192 -48.19 -56.65 -4.46
CA ASP GA 192 -49.01 -55.78 -3.62
C ASP GA 192 -50.41 -56.31 -3.30
N ALA GA 193 -50.83 -57.38 -3.98
CA ALA GA 193 -52.12 -58.00 -3.73
C ALA GA 193 -52.13 -58.83 -2.46
N LEU GA 194 -53.33 -59.10 -1.96
CA LEU GA 194 -53.50 -60.05 -0.88
C LEU GA 194 -52.86 -61.39 -1.24
N PRO GA 195 -52.27 -62.07 -0.25
CA PRO GA 195 -51.40 -63.23 -0.51
C PRO GA 195 -52.04 -64.40 -1.27
N GLU GA 196 -53.36 -64.52 -1.28
CA GLU GA 196 -54.01 -65.65 -1.93
C GLU GA 196 -53.65 -65.80 -3.39
N TYR GA 197 -53.54 -64.67 -4.07
CA TYR GA 197 -53.29 -64.67 -5.50
C TYR GA 197 -51.83 -65.02 -5.79
N SER GA 198 -51.01 -64.99 -4.76
CA SER GA 198 -49.62 -65.41 -4.87
C SER GA 198 -49.40 -66.85 -4.40
N THR GA 199 -50.47 -67.51 -3.93
CA THR GA 199 -50.32 -68.86 -3.38
C THR GA 199 -50.90 -69.93 -4.28
N PHE GA 200 -50.18 -71.05 -4.38
CA PHE GA 200 -50.67 -72.23 -5.09
C PHE GA 200 -50.15 -73.49 -4.41
N ASP GA 201 -50.92 -74.57 -4.53
CA ASP GA 201 -50.47 -75.84 -4.01
C ASP GA 201 -49.24 -76.27 -4.78
N VAL GA 202 -48.22 -76.70 -4.06
CA VAL GA 202 -46.96 -77.08 -4.66
C VAL GA 202 -47.11 -78.35 -5.49
N ASN GA 203 -48.03 -79.22 -5.07
CA ASN GA 203 -48.23 -80.52 -5.70
C ASN GA 203 -49.37 -80.57 -6.72
N MET GA 204 -50.02 -79.44 -6.98
CA MET GA 204 -51.27 -79.45 -7.75
C MET GA 204 -51.05 -80.05 -9.14
N LYS GA 205 -52.00 -80.88 -9.55
CA LYS GA 205 -51.86 -81.70 -10.76
C LYS GA 205 -52.21 -80.93 -12.03
N PRO GA 206 -51.49 -81.24 -13.13
CA PRO GA 206 -51.72 -80.62 -14.44
C PRO GA 206 -53.16 -80.75 -14.91
N ILE GA 207 -53.61 -79.78 -15.68
CA ILE GA 207 -54.97 -79.75 -16.19
C ILE GA 207 -54.94 -79.58 -17.70
N THR GA 208 -55.77 -80.34 -18.40
CA THR GA 208 -55.69 -80.40 -19.86
C THR GA 208 -56.87 -79.70 -20.52
N GLN GA 209 -56.65 -79.18 -21.73
CA GLN GA 209 -57.68 -78.45 -22.46
C GLN GA 209 -57.80 -78.86 -23.93
N GLU GA 210 -58.93 -78.52 -24.55
CA GLU GA 210 -59.09 -78.59 -26.00
C GLU GA 210 -58.66 -77.26 -26.62
N PHE GA 211 -57.95 -77.31 -27.74
CA PHE GA 211 -57.38 -76.08 -28.32
C PHE GA 211 -58.41 -75.03 -28.70
N ASN GA 212 -59.56 -75.47 -29.21
CA ASN GA 212 -60.59 -74.57 -29.73
C ASN GA 212 -61.11 -73.60 -28.66
N GLN GA 213 -60.75 -73.86 -27.39
CA GLN GA 213 -61.05 -72.94 -26.30
C GLN GA 213 -60.16 -71.70 -26.36
N GLU GA 214 -59.17 -71.73 -27.25
CA GLU GA 214 -58.29 -70.59 -27.55
C GLU GA 214 -57.69 -69.96 -26.31
N VAL GA 215 -56.91 -70.74 -25.56
CA VAL GA 215 -56.18 -70.25 -24.37
C VAL GA 215 -57.04 -69.31 -23.53
N PRO GA 216 -57.99 -69.88 -22.77
CA PRO GA 216 -59.01 -69.11 -22.06
C PRO GA 216 -58.44 -67.96 -21.25
N VAL GA 217 -59.05 -66.79 -21.40
CA VAL GA 217 -58.60 -65.61 -20.68
C VAL GA 217 -59.33 -65.49 -19.36
N ASN GA 218 -58.60 -65.72 -18.28
CA ASN GA 218 -59.18 -65.63 -16.95
C ASN GA 218 -59.40 -64.19 -16.59
N GLN GA 219 -60.65 -63.82 -16.32
CA GLN GA 219 -60.93 -62.45 -15.92
C GLN GA 219 -61.11 -62.42 -14.42
N LEU GA 220 -60.09 -61.92 -13.75
CA LEU GA 220 -60.10 -61.85 -12.30
C LEU GA 220 -59.53 -60.51 -11.86
N LYS GA 221 -60.35 -59.69 -11.23
CA LYS GA 221 -59.84 -58.49 -10.60
C LYS GA 221 -59.28 -58.88 -9.22
N VAL GA 222 -58.33 -58.11 -8.72
CA VAL GA 222 -57.61 -58.52 -7.52
C VAL GA 222 -57.82 -57.54 -6.36
N LYS GA 223 -57.76 -58.05 -5.14
CA LYS GA 223 -57.79 -57.22 -3.94
C LYS GA 223 -56.38 -56.83 -3.53
N MET GA 224 -56.22 -55.60 -3.02
CA MET GA 224 -54.89 -55.10 -2.70
C MET GA 224 -54.66 -54.85 -1.21
N LYS GA 225 -53.39 -54.90 -0.80
CA LYS GA 225 -52.99 -54.41 0.51
C LYS GA 225 -53.16 -52.90 0.50
N PRO GA 226 -53.12 -52.26 1.67
CA PRO GA 226 -53.24 -50.79 1.64
C PRO GA 226 -51.99 -50.12 1.05
N LYS GA 227 -52.17 -48.99 0.37
CA LYS GA 227 -51.04 -48.23 -0.18
C LYS GA 227 -50.08 -47.83 0.94
N PRO GA 228 -48.79 -47.64 0.63
CA PRO GA 228 -48.15 -47.66 -0.69
C PRO GA 228 -47.94 -49.05 -1.28
N TRP GA 229 -47.73 -49.07 -2.59
CA TRP GA 229 -47.51 -50.29 -3.34
C TRP GA 229 -46.10 -50.22 -3.92
N SER GA 230 -45.56 -51.35 -4.35
CA SER GA 230 -44.24 -51.37 -4.98
C SER GA 230 -44.12 -50.34 -6.11
N LYS GA 231 -45.16 -50.19 -6.91
CA LYS GA 231 -45.21 -49.17 -7.94
C LYS GA 231 -46.55 -48.48 -7.87
N ARG GA 232 -46.75 -47.39 -8.62
CA ARG GA 232 -48.08 -46.82 -8.66
C ARG GA 232 -48.85 -47.42 -9.82
N TRP GA 233 -49.82 -48.27 -9.52
CA TRP GA 233 -50.45 -49.08 -10.57
C TRP GA 233 -51.62 -48.35 -11.18
N GLU GA 234 -51.99 -47.26 -10.53
CA GLU GA 234 -53.13 -46.44 -10.89
C GLU GA 234 -52.82 -45.54 -12.08
N ARG GA 235 -51.53 -45.32 -12.30
CA ARG GA 235 -51.05 -44.45 -13.37
C ARG GA 235 -51.26 -45.07 -14.74
N PRO GA 236 -51.61 -44.22 -15.72
CA PRO GA 236 -52.00 -44.64 -17.07
C PRO GA 236 -50.89 -45.35 -17.84
N LYS GA 237 -49.65 -45.13 -17.44
CA LYS GA 237 -48.54 -45.74 -18.17
C LYS GA 237 -48.60 -47.26 -18.02
N PHE GA 238 -49.20 -47.73 -16.93
CA PHE GA 238 -49.25 -49.15 -16.65
C PHE GA 238 -50.39 -49.93 -17.32
N ASN GA 239 -51.54 -49.28 -17.50
CA ASN GA 239 -52.68 -49.90 -18.18
C ASN GA 239 -53.16 -51.19 -17.53
N ILE GA 240 -53.50 -51.11 -16.25
CA ILE GA 240 -53.87 -52.30 -15.50
C ILE GA 240 -55.37 -52.42 -15.28
N LYS GA 241 -55.98 -53.42 -15.94
CA LYS GA 241 -57.38 -53.70 -15.70
C LYS GA 241 -57.54 -54.77 -14.64
N GLY GA 242 -56.43 -55.41 -14.28
CA GLY GA 242 -56.44 -56.56 -13.39
C GLY GA 242 -56.67 -56.24 -11.92
N ILE GA 243 -56.41 -55.00 -11.53
CA ILE GA 243 -56.67 -54.55 -10.17
C ILE GA 243 -58.10 -54.09 -10.02
N ARG GA 244 -58.64 -54.28 -8.83
CA ARG GA 244 -59.92 -53.73 -8.46
C ARG GA 244 -59.66 -52.38 -7.80
N PHE GA 245 -59.91 -51.29 -8.52
CA PHE GA 245 -59.54 -49.97 -8.02
C PHE GA 245 -60.63 -49.25 -7.25
N ASP GA 246 -61.86 -49.72 -7.40
CA ASP GA 246 -63.01 -49.04 -6.80
C ASP GA 246 -62.98 -49.22 -5.29
N LEU GA 247 -62.43 -50.34 -4.86
CA LEU GA 247 -62.32 -50.67 -3.45
C LEU GA 247 -61.11 -50.00 -2.79
N CYS GA 248 -60.05 -49.82 -3.57
CA CYS GA 248 -58.79 -49.26 -3.08
C CYS GA 248 -58.76 -47.72 -2.98
N LEU GA 249 -59.35 -47.05 -3.96
CA LEU GA 249 -59.06 -45.63 -4.16
C LEU GA 249 -60.27 -44.69 -4.13
N THR GA 250 -59.99 -43.44 -3.79
CA THR GA 250 -60.92 -42.32 -3.88
C THR GA 250 -61.03 -41.84 -5.32
N GLU GA 251 -62.21 -41.33 -5.70
CA GLU GA 251 -62.38 -40.72 -7.01
C GLU GA 251 -61.35 -39.61 -7.28
N GLU GA 252 -60.99 -38.87 -6.23
CA GLU GA 252 -59.97 -37.84 -6.34
C GLU GA 252 -58.62 -38.41 -6.74
N GLN GA 253 -58.23 -39.54 -6.16
CA GLN GA 253 -56.95 -40.17 -6.52
C GLN GA 253 -56.98 -40.66 -7.96
N MET GA 254 -58.17 -40.95 -8.46
CA MET GA 254 -58.33 -41.40 -9.84
C MET GA 254 -58.29 -40.25 -10.84
N ARG GA 255 -58.76 -39.08 -10.44
CA ARG GA 255 -58.54 -37.89 -11.27
C ARG GA 255 -57.06 -37.52 -11.23
N GLU GA 256 -56.46 -37.69 -10.06
CA GLU GA 256 -55.04 -37.38 -9.87
C GLU GA 256 -54.17 -38.22 -10.77
N ALA GA 257 -54.41 -39.52 -10.80
CA ALA GA 257 -53.63 -40.41 -11.64
C ALA GA 257 -53.74 -40.03 -13.12
N GLN GA 258 -54.78 -39.31 -13.49
CA GLN GA 258 -55.02 -39.03 -14.91
C GLN GA 258 -54.28 -37.82 -15.43
N LYS GA 259 -53.57 -37.10 -14.57
CA LYS GA 259 -52.76 -35.98 -15.02
C LYS GA 259 -51.51 -36.47 -15.74
N TRP GA 260 -51.23 -37.76 -15.60
CA TRP GA 260 -50.09 -38.35 -16.26
C TRP GA 260 -50.46 -39.02 -17.57
N SER GA 261 -51.73 -38.90 -17.97
CA SER GA 261 -52.18 -39.54 -19.20
C SER GA 261 -51.58 -38.90 -20.43
N GLN GA 262 -51.08 -39.72 -21.34
CA GLN GA 262 -50.51 -39.24 -22.58
C GLN GA 262 -51.28 -39.80 -23.75
N PRO GA 263 -52.43 -39.19 -24.06
CA PRO GA 263 -53.40 -39.74 -25.01
C PRO GA 263 -52.78 -39.93 -26.37
N TRP GA 264 -52.09 -38.89 -26.83
CA TRP GA 264 -51.57 -38.85 -28.18
C TRP GA 264 -50.75 -40.09 -28.54
N LEU GA 265 -50.13 -40.71 -27.53
CA LEU GA 265 -49.30 -41.88 -27.76
C LEU GA 265 -50.00 -42.96 -28.59
N GLU GA 266 -51.30 -43.16 -28.39
CA GLU GA 266 -51.99 -44.23 -29.12
C GLU GA 266 -52.05 -43.97 -30.62
N PHE GA 267 -52.07 -42.70 -30.97
CA PHE GA 267 -52.25 -42.28 -32.35
C PHE GA 267 -50.94 -41.94 -33.03
N ASP GA 268 -49.83 -42.24 -32.36
CA ASP GA 268 -48.51 -41.81 -32.82
C ASP GA 268 -47.98 -42.52 -34.08
N MET GA 269 -48.62 -43.58 -34.58
CA MET GA 269 -48.20 -44.13 -35.87
C MET GA 269 -46.73 -44.47 -35.77
N MET GA 270 -45.90 -43.55 -36.24
CA MET GA 270 -44.46 -43.68 -36.25
C MET GA 270 -43.86 -44.33 -35.00
N ARG GA 271 -44.51 -44.20 -33.86
CA ARG GA 271 -44.00 -44.87 -32.67
C ARG GA 271 -44.22 -46.38 -32.67
N GLU GA 272 -45.05 -46.87 -33.59
CA GLU GA 272 -45.44 -48.28 -33.56
C GLU GA 272 -44.47 -49.17 -34.32
N TYR GA 273 -44.19 -50.34 -33.74
CA TYR GA 273 -43.24 -51.30 -34.30
C TYR GA 273 -43.96 -52.34 -35.15
N ASP GA 274 -43.43 -52.60 -36.33
CA ASP GA 274 -44.01 -53.58 -37.23
C ASP GA 274 -43.18 -54.85 -37.23
N THR GA 275 -43.85 -55.96 -37.44
CA THR GA 275 -43.25 -57.28 -37.30
C THR GA 275 -43.42 -58.11 -38.56
N SER GA 276 -44.67 -58.22 -39.02
CA SER GA 276 -45.18 -59.33 -39.80
C SER GA 276 -44.23 -59.92 -40.86
N LYS GA 277 -43.49 -59.08 -41.56
CA LYS GA 277 -42.49 -59.59 -42.51
C LYS GA 277 -41.46 -60.46 -41.80
N ILE GA 278 -40.92 -59.95 -40.70
CA ILE GA 278 -39.97 -60.69 -39.88
C ILE GA 278 -40.54 -62.01 -39.39
N GLU GA 279 -41.75 -61.98 -38.86
CA GLU GA 279 -42.39 -63.19 -38.34
C GLU GA 279 -42.61 -64.24 -39.43
N ALA GA 280 -43.06 -63.83 -40.60
CA ALA GA 280 -43.16 -64.74 -41.73
C ALA GA 280 -41.81 -65.42 -41.93
N ALA GA 281 -40.77 -64.59 -42.01
CA ALA GA 281 -39.42 -65.09 -42.22
C ALA GA 281 -39.00 -66.14 -41.19
N ILE GA 282 -39.17 -65.83 -39.92
CA ILE GA 282 -38.62 -66.70 -38.88
C ILE GA 282 -39.52 -67.92 -38.66
N TRP GA 283 -40.77 -67.82 -39.09
CA TRP GA 283 -41.63 -68.98 -39.04
C TRP GA 283 -41.19 -69.96 -40.11
N ASP GA 284 -40.91 -69.41 -41.29
CA ASP GA 284 -40.32 -70.18 -42.38
C ASP GA 284 -39.08 -70.91 -41.88
N GLU GA 285 -38.21 -70.16 -41.20
CA GLU GA 285 -37.02 -70.71 -40.56
C GLU GA 285 -37.31 -71.88 -39.60
N ILE GA 286 -38.33 -71.73 -38.76
CA ILE GA 286 -38.72 -72.79 -37.83
C ILE GA 286 -39.16 -74.07 -38.55
N GLU GA 287 -40.02 -73.93 -39.56
CA GLU GA 287 -40.41 -75.09 -40.36
C GLU GA 287 -39.20 -75.79 -40.98
N ALA GA 288 -38.30 -74.99 -41.53
CA ALA GA 288 -37.06 -75.50 -42.10
C ALA GA 288 -36.17 -76.19 -41.05
N SER GA 289 -36.37 -75.84 -39.78
CA SER GA 289 -35.68 -76.53 -38.68
C SER GA 289 -36.33 -77.87 -38.28
N LYS GA 290 -37.66 -77.95 -38.38
CA LYS GA 290 -38.36 -79.23 -38.13
C LYS GA 290 -38.02 -80.26 -39.19
N ASN GA 291 -38.05 -79.84 -40.46
CA ASN GA 291 -37.82 -80.76 -41.58
C ASN GA 291 -36.52 -81.58 -41.47
N SER GA 292 -35.41 -80.91 -41.21
CA SER GA 292 -34.11 -81.56 -41.13
C SER GA 292 -34.00 -82.46 -39.90
N LEU HA 10 -8.87 40.59 -20.81
CA LEU HA 10 -8.07 40.13 -21.94
C LEU HA 10 -7.85 38.64 -21.84
N ARG HA 11 -8.60 37.89 -22.64
CA ARG HA 11 -8.47 36.45 -22.63
C ARG HA 11 -7.40 36.03 -23.64
N SER HA 12 -6.53 35.15 -23.19
CA SER HA 12 -5.46 34.61 -24.04
C SER HA 12 -5.54 33.11 -24.08
N ARG HA 13 -5.71 32.55 -25.27
CA ARG HA 13 -5.70 31.11 -25.42
C ARG HA 13 -4.54 30.70 -26.29
N VAL HA 14 -4.13 29.45 -26.16
CA VAL HA 14 -2.99 29.01 -26.95
C VAL HA 14 -3.43 28.61 -28.35
N THR HA 15 -2.98 29.38 -29.34
CA THR HA 15 -3.40 29.18 -30.71
C THR HA 15 -2.61 28.08 -31.43
N ASP HA 16 -1.34 27.99 -31.07
CA ASP HA 16 -0.38 27.19 -31.82
C ASP HA 16 -0.24 25.78 -31.30
N ARG HA 17 -1.13 25.39 -30.40
CA ARG HA 17 -0.99 24.12 -29.71
C ARG HA 17 -0.66 22.98 -30.66
N TYR HA 18 -1.21 23.05 -31.87
CA TYR HA 18 -0.91 22.09 -32.93
C TYR HA 18 0.58 21.77 -33.03
N TRP HA 19 1.38 22.77 -33.37
CA TRP HA 19 2.82 22.54 -33.51
C TRP HA 19 3.45 22.02 -32.24
N ARG HA 20 2.98 22.50 -31.08
CA ARG HA 20 3.53 22.04 -29.81
C ARG HA 20 3.53 20.52 -29.78
N VAL HA 21 2.44 19.95 -30.29
CA VAL HA 21 2.21 18.52 -30.28
C VAL HA 21 3.09 17.82 -31.32
N GLN HA 22 3.23 18.42 -32.49
CA GLN HA 22 3.99 17.79 -33.56
C GLN HA 22 5.43 17.55 -33.18
N GLU HA 23 6.01 18.48 -32.42
CA GLU HA 23 7.39 18.35 -32.01
C GLU HA 23 7.61 17.15 -31.08
N VAL HA 24 6.55 16.69 -30.43
CA VAL HA 24 6.62 15.39 -29.78
C VAL HA 24 6.36 14.26 -30.76
N LEU HA 25 5.33 14.43 -31.58
CA LEU HA 25 4.76 13.32 -32.30
C LEU HA 25 5.60 12.86 -33.47
N LYS HA 26 6.49 13.72 -33.96
CA LYS HA 26 7.33 13.31 -35.07
C LYS HA 26 8.31 12.23 -34.61
N HIS HA 27 8.73 12.31 -33.36
CA HIS HA 27 9.66 11.33 -32.84
C HIS HA 27 8.97 10.02 -32.51
N ALA HA 28 7.64 10.04 -32.50
CA ALA HA 28 6.90 8.85 -32.11
C ALA HA 28 6.34 8.05 -33.29
N ARG HA 29 6.53 8.53 -34.51
CA ARG HA 29 5.85 7.95 -35.68
C ARG HA 29 6.03 6.44 -35.83
N HIS HA 30 7.26 5.98 -35.59
CA HIS HA 30 7.62 4.60 -35.90
C HIS HA 30 7.41 3.63 -34.73
N PHE HA 31 6.76 4.09 -33.67
CA PHE HA 31 6.41 3.21 -32.57
C PHE HA 31 5.24 2.29 -32.93
N ARG HA 32 5.10 1.20 -32.18
CA ARG HA 32 3.98 0.28 -32.32
C ARG HA 32 2.85 0.61 -31.33
N GLY HA 33 1.60 0.42 -31.75
CA GLY HA 33 0.48 0.59 -30.84
C GLY HA 33 -0.06 2.01 -30.79
N ARG HA 34 -0.72 2.36 -29.70
CA ARG HA 34 -1.30 3.68 -29.60
C ARG HA 34 -0.27 4.74 -29.25
N LYS HA 35 0.94 4.31 -28.88
CA LYS HA 35 2.00 5.24 -28.53
C LYS HA 35 2.36 6.16 -29.67
N ASN HA 36 2.01 5.81 -30.89
CA ASN HA 36 2.46 6.58 -32.02
C ASN HA 36 1.46 7.65 -32.47
N ARG HA 37 0.38 7.79 -31.72
CA ARG HA 37 -0.69 8.75 -32.05
C ARG HA 37 -1.00 9.66 -30.88
N CYS HA 38 -1.40 9.05 -29.77
CA CYS HA 38 -1.94 9.76 -28.62
C CYS HA 38 -0.91 10.49 -27.80
N TYR HA 39 -1.07 11.81 -27.75
CA TYR HA 39 -0.06 12.68 -27.19
C TYR HA 39 0.40 12.29 -25.79
N ARG HA 40 -0.54 11.84 -24.98
CA ARG HA 40 -0.22 11.42 -23.62
C ARG HA 40 0.81 10.26 -23.61
N LEU HA 41 0.36 9.13 -24.14
CA LEU HA 41 1.19 7.95 -24.30
C LEU HA 41 2.46 8.23 -25.08
N ALA HA 42 2.30 8.99 -26.17
CA ALA HA 42 3.40 9.33 -27.05
C ALA HA 42 4.50 10.08 -26.32
N VAL HA 43 4.12 11.14 -25.63
CA VAL HA 43 5.06 11.91 -24.83
C VAL HA 43 5.88 11.03 -23.91
N ARG HA 44 5.21 10.20 -23.13
CA ARG HA 44 5.99 9.37 -22.21
C ARG HA 44 6.95 8.46 -22.96
N ALA HA 45 6.47 7.91 -24.06
CA ALA HA 45 7.27 6.98 -24.85
C ALA HA 45 8.50 7.64 -25.49
N VAL HA 46 8.31 8.83 -26.03
CA VAL HA 46 9.39 9.61 -26.61
C VAL HA 46 10.46 9.93 -25.58
N THR HA 47 10.05 10.46 -24.43
CA THR HA 47 11.02 10.70 -23.36
C THR HA 47 11.81 9.42 -23.03
N ARG HA 48 11.11 8.31 -22.87
CA ARG HA 48 11.82 7.06 -22.58
C ARG HA 48 12.81 6.73 -23.68
N ALA HA 49 12.45 7.10 -24.90
CA ALA HA 49 13.29 6.80 -26.05
C ALA HA 49 14.56 7.64 -26.04
N PHE HA 50 14.45 8.91 -25.67
CA PHE HA 50 15.64 9.75 -25.60
C PHE HA 50 16.57 9.29 -24.48
N VAL HA 51 16.00 8.99 -23.32
CA VAL HA 51 16.81 8.57 -22.20
C VAL HA 51 17.58 7.31 -22.56
N LYS HA 52 16.82 6.34 -23.07
CA LYS HA 52 17.41 5.09 -23.48
C LYS HA 52 18.51 5.34 -24.49
N CYS HA 53 18.27 6.31 -25.37
CA CYS HA 53 19.22 6.72 -26.39
C CYS HA 53 20.57 7.21 -25.86
N THR HA 54 20.57 8.19 -24.95
CA THR HA 54 21.85 8.68 -24.41
C THR HA 54 22.58 7.61 -23.61
N ARG HA 55 21.84 6.91 -22.76
CA ARG HA 55 22.47 5.83 -22.02
C ARG HA 55 23.17 4.89 -23.01
N ALA HA 56 22.49 4.61 -24.12
CA ALA HA 56 23.07 3.74 -25.13
C ALA HA 56 24.24 4.38 -25.85
N ARG HA 57 24.29 5.71 -25.88
CA ARG HA 57 25.41 6.40 -26.49
C ARG HA 57 26.67 6.15 -25.68
N ARG HA 58 26.54 6.08 -24.37
CA ARG HA 58 27.70 5.69 -23.54
C ARG HA 58 28.01 4.19 -23.66
N LEU HA 59 26.96 3.38 -23.76
CA LEU HA 59 27.13 1.93 -23.87
C LEU HA 59 27.82 1.43 -25.15
N LYS HA 60 27.46 2.07 -26.25
CA LYS HA 60 27.95 1.73 -27.59
C LYS HA 60 29.44 1.57 -27.64
N LYS HA 61 30.15 2.45 -26.95
CA LYS HA 61 31.59 2.44 -26.95
C LYS HA 61 32.13 1.16 -26.28
N ARG HA 62 31.53 0.77 -25.16
CA ARG HA 62 31.87 -0.49 -24.52
C ARG HA 62 31.59 -1.67 -25.44
N SER HA 63 30.40 -1.69 -26.03
CA SER HA 63 30.00 -2.77 -26.93
C SER HA 63 31.00 -2.97 -28.05
N LEU HA 64 31.33 -1.88 -28.74
CA LEU HA 64 32.28 -1.93 -29.82
C LEU HA 64 33.62 -2.41 -29.34
N ARG HA 65 34.10 -1.89 -28.22
CA ARG HA 65 35.40 -2.35 -27.76
C ARG HA 65 35.38 -3.87 -27.45
N THR HA 66 34.28 -4.37 -26.90
CA THR HA 66 34.16 -5.80 -26.64
C THR HA 66 34.14 -6.60 -27.93
N LEU HA 67 33.45 -6.08 -28.92
CA LEU HA 67 33.45 -6.69 -30.23
C LEU HA 67 34.89 -6.84 -30.70
N TRP HA 68 35.60 -5.73 -30.78
CA TRP HA 68 37.00 -5.73 -31.20
C TRP HA 68 37.82 -6.74 -30.45
N ILE HA 69 37.60 -6.85 -29.16
CA ILE HA 69 38.38 -7.82 -28.42
C ILE HA 69 38.05 -9.24 -28.82
N ASN HA 70 36.79 -9.53 -29.05
CA ASN HA 70 36.41 -10.87 -29.49
C ASN HA 70 37.04 -11.23 -30.82
N ARG HA 71 37.04 -10.26 -31.73
CA ARG HA 71 37.60 -10.47 -33.04
C ARG HA 71 39.10 -10.66 -32.94
N ILE HA 72 39.78 -9.80 -32.22
CA ILE HA 72 41.21 -9.95 -32.05
C ILE HA 72 41.54 -11.31 -31.44
N THR HA 73 40.70 -11.77 -30.52
CA THR HA 73 40.91 -13.09 -29.93
C THR HA 73 40.76 -14.20 -30.94
N ALA HA 74 39.76 -14.09 -31.82
CA ALA HA 74 39.62 -15.09 -32.88
C ALA HA 74 40.88 -15.13 -33.72
N ALA HA 75 41.29 -13.95 -34.15
CA ALA HA 75 42.45 -13.81 -35.01
C ALA HA 75 43.71 -14.39 -34.37
N SER HA 76 43.96 -14.07 -33.10
CA SER HA 76 45.13 -14.58 -32.42
C SER HA 76 45.07 -16.09 -32.24
N GLN HA 77 43.93 -16.58 -31.75
CA GLN HA 77 43.75 -18.01 -31.49
C GLN HA 77 44.03 -18.82 -32.73
N GLU HA 78 43.71 -18.25 -33.89
CA GLU HA 78 44.07 -18.89 -35.16
C GLU HA 78 45.55 -19.29 -35.19
N HIS HA 79 46.41 -18.38 -34.73
CA HIS HA 79 47.86 -18.55 -34.79
C HIS HA 79 48.44 -19.22 -33.57
N GLY HA 80 47.56 -19.71 -32.69
CA GLY HA 80 47.97 -20.49 -31.53
C GLY HA 80 48.54 -19.59 -30.47
N LEU HA 81 47.89 -18.44 -30.29
CA LEU HA 81 48.34 -17.44 -29.36
C LEU HA 81 47.13 -16.88 -28.64
N LYS HA 82 47.08 -16.95 -27.31
CA LYS HA 82 45.88 -16.49 -26.63
C LYS HA 82 45.85 -14.96 -26.66
N TYR HA 83 44.73 -14.35 -26.26
CA TYR HA 83 44.60 -12.91 -26.44
C TYR HA 83 45.53 -12.09 -25.53
N PRO HA 84 45.53 -12.36 -24.21
CA PRO HA 84 46.34 -11.52 -23.33
C PRO HA 84 47.81 -11.49 -23.73
N ALA HA 85 48.36 -12.67 -23.99
CA ALA HA 85 49.76 -12.82 -24.42
C ALA HA 85 50.05 -11.91 -25.60
N PHE HA 86 49.24 -12.06 -26.64
CA PHE HA 86 49.34 -11.26 -27.84
C PHE HA 86 49.39 -9.77 -27.53
N ILE HA 87 48.39 -9.29 -26.80
CA ILE HA 87 48.31 -7.87 -26.52
C ILE HA 87 49.50 -7.34 -25.69
N ILE HA 88 49.80 -7.95 -24.55
CA ILE HA 88 50.84 -7.37 -23.71
C ILE HA 88 52.21 -7.52 -24.34
N ASN HA 89 52.40 -8.60 -25.07
CA ASN HA 89 53.71 -8.80 -25.67
C ASN HA 89 53.84 -7.93 -26.88
N LEU HA 90 52.73 -7.40 -27.36
CA LEU HA 90 52.81 -6.36 -28.36
C LEU HA 90 53.16 -5.02 -27.71
N ILE HA 91 52.67 -4.80 -26.50
CA ILE HA 91 53.03 -3.59 -25.77
C ILE HA 91 54.53 -3.58 -25.45
N LYS HA 92 55.04 -4.72 -25.03
CA LYS HA 92 56.45 -4.84 -24.63
C LYS HA 92 57.41 -4.66 -25.81
N CYS HA 93 56.87 -4.56 -27.02
CA CYS HA 93 57.62 -4.18 -28.22
C CYS HA 93 57.46 -2.72 -28.58
N GLN HA 94 56.76 -1.99 -27.71
CA GLN HA 94 56.50 -0.57 -27.90
C GLN HA 94 55.67 -0.30 -29.14
N VAL HA 95 54.82 -1.26 -29.47
CA VAL HA 95 53.89 -1.11 -30.59
C VAL HA 95 52.52 -0.73 -30.06
N GLU HA 96 52.11 0.51 -30.22
CA GLU HA 96 50.83 0.87 -29.65
C GLU HA 96 49.79 1.07 -30.72
N LEU HA 97 48.95 0.06 -30.85
CA LEU HA 97 47.88 0.07 -31.80
C LEU HA 97 46.65 -0.22 -31.00
N ASN HA 98 45.68 0.68 -31.03
CA ASN HA 98 44.46 0.43 -30.29
C ASN HA 98 43.72 -0.77 -30.87
N ARG HA 99 42.85 -1.35 -30.07
CA ARG HA 99 42.15 -2.55 -30.49
C ARG HA 99 41.29 -2.38 -31.74
N LYS HA 100 40.78 -1.18 -31.99
CA LYS HA 100 40.02 -0.90 -33.22
C LYS HA 100 40.83 -1.29 -34.45
N VAL HA 101 41.94 -0.60 -34.60
CA VAL HA 101 42.90 -0.87 -35.65
C VAL HA 101 43.40 -2.31 -35.69
N LEU HA 102 43.64 -2.92 -34.54
CA LEU HA 102 44.12 -4.30 -34.52
C LEU HA 102 43.09 -5.25 -35.10
N ALA HA 103 41.82 -5.06 -34.74
CA ALA HA 103 40.74 -5.88 -35.29
C ALA HA 103 40.63 -5.71 -36.80
N ASP HA 104 40.75 -4.46 -37.26
CA ASP HA 104 40.66 -4.22 -38.70
C ASP HA 104 41.82 -4.85 -39.46
N LEU HA 105 43.00 -4.84 -38.87
CA LEU HA 105 44.10 -5.58 -39.48
C LEU HA 105 43.76 -7.06 -39.54
N ALA HA 106 43.27 -7.61 -38.44
CA ALA HA 106 42.93 -9.03 -38.39
C ALA HA 106 41.98 -9.46 -39.50
N ILE HA 107 40.99 -8.62 -39.78
CA ILE HA 107 40.07 -8.91 -40.87
C ILE HA 107 40.67 -8.60 -42.24
N TYR HA 108 41.04 -7.36 -42.46
CA TYR HA 108 41.40 -6.92 -43.79
C TYR HA 108 42.88 -7.03 -44.15
N GLU HA 109 43.73 -7.43 -43.22
CA GLU HA 109 45.15 -7.58 -43.53
C GLU HA 109 45.77 -8.80 -42.92
N PRO HA 110 45.28 -9.99 -43.28
CA PRO HA 110 45.66 -11.22 -42.58
C PRO HA 110 47.17 -11.43 -42.51
N LYS HA 111 47.90 -10.99 -43.54
CA LYS HA 111 49.36 -11.11 -43.54
C LYS HA 111 50.04 -10.32 -42.43
N THR HA 112 49.82 -9.00 -42.45
CA THR HA 112 50.40 -8.10 -41.47
C THR HA 112 50.05 -8.56 -40.08
N PHE HA 113 48.84 -9.09 -39.94
CA PHE HA 113 48.43 -9.57 -38.65
C PHE HA 113 49.22 -10.81 -38.25
N LYS HA 114 49.45 -11.72 -39.18
CA LYS HA 114 50.26 -12.89 -38.84
C LYS HA 114 51.67 -12.44 -38.45
N SER HA 115 52.16 -11.37 -39.07
CA SER HA 115 53.45 -10.79 -38.68
C SER HA 115 53.40 -10.33 -37.23
N LEU HA 116 52.44 -9.48 -36.90
CA LEU HA 116 52.27 -8.97 -35.53
C LEU HA 116 52.24 -10.11 -34.54
N ALA HA 117 51.52 -11.17 -34.88
CA ALA HA 117 51.40 -12.33 -34.03
C ALA HA 117 52.74 -13.04 -33.89
N ALA HA 118 53.51 -13.03 -34.98
CA ALA HA 118 54.83 -13.65 -34.96
C ALA HA 118 55.73 -12.88 -34.01
N LEU HA 119 55.69 -11.57 -34.12
CA LEU HA 119 56.41 -10.65 -33.26
C LEU HA 119 56.09 -10.89 -31.79
N ALA HA 120 54.81 -10.82 -31.46
CA ALA HA 120 54.37 -11.04 -30.10
C ALA HA 120 54.87 -12.38 -29.60
N LYS HA 121 54.70 -13.43 -30.39
CA LYS HA 121 55.09 -14.76 -29.93
C LYS HA 121 56.58 -14.78 -29.61
N ARG HA 122 57.33 -14.12 -30.48
CA ARG HA 122 58.78 -14.05 -30.36
C ARG HA 122 59.20 -13.32 -29.07
N ARG HA 123 58.56 -12.19 -28.83
CA ARG HA 123 58.82 -11.36 -27.66
C ARG HA 123 58.50 -12.10 -26.38
N ARG HA 124 57.44 -12.90 -26.42
CA ARG HA 124 57.06 -13.68 -25.27
C ARG HA 124 58.13 -14.71 -24.96
N GLU HA 125 58.52 -15.46 -25.99
CA GLU HA 125 59.53 -16.50 -25.82
C GLU HA 125 60.83 -15.92 -25.29
N GLU HA 126 61.16 -14.73 -25.79
CA GLU HA 126 62.29 -13.97 -25.31
C GLU HA 126 62.17 -13.67 -23.82
N GLY HA 127 60.99 -13.25 -23.40
CA GLY HA 127 60.71 -12.99 -22.01
C GLY HA 127 60.93 -14.20 -21.11
N PHE HA 128 60.38 -15.35 -21.51
CA PHE HA 128 60.57 -16.57 -20.74
C PHE HA 128 62.03 -16.94 -20.68
N ALA HA 129 62.72 -16.76 -21.81
CA ALA HA 129 64.14 -17.06 -21.91
C ALA HA 129 64.95 -16.23 -20.91
N ALA HA 130 64.62 -14.95 -20.81
CA ALA HA 130 65.31 -14.05 -19.90
C ALA HA 130 64.98 -14.33 -18.43
N ALA HA 131 63.74 -14.71 -18.16
CA ALA HA 131 63.32 -15.01 -16.79
C ALA HA 131 63.94 -16.30 -16.27
N LEU HA 132 64.05 -17.29 -17.14
CA LEU HA 132 64.66 -18.57 -16.80
C LEU HA 132 66.19 -18.48 -16.76
N GLY HA 133 66.74 -17.63 -17.63
CA GLY HA 133 68.17 -17.46 -17.73
C GLY HA 133 68.87 -16.97 -16.47
N ASP HA 134 68.19 -16.10 -15.72
CA ASP HA 134 68.67 -15.59 -14.43
C ASP HA 134 70.00 -14.83 -14.53
N GLY HA 135 70.09 -13.92 -15.49
CA GLY HA 135 71.26 -13.07 -15.64
C GLY HA 135 70.90 -11.78 -16.36
N LYS HA 136 71.67 -10.73 -16.11
CA LYS HA 136 71.40 -9.43 -16.73
C LYS HA 136 71.99 -9.30 -18.15
N GLU HA 137 72.98 -10.13 -18.46
CA GLU HA 137 73.74 -10.00 -19.71
C GLU HA 137 72.88 -10.12 -20.97
N PRO HA 138 72.10 -11.21 -21.12
CA PRO HA 138 71.34 -11.26 -22.37
C PRO HA 138 70.25 -10.19 -22.47
N ASP HA 139 70.25 -9.48 -23.59
CA ASP HA 139 69.10 -8.67 -23.97
C ASP HA 139 68.61 -9.19 -25.30
N GLY HA 140 67.42 -9.78 -25.30
CA GLY HA 140 66.84 -10.29 -26.52
C GLY HA 140 66.73 -9.15 -27.52
N ILE HA 141 66.81 -9.48 -28.80
CA ILE HA 141 66.80 -8.46 -29.83
C ILE HA 141 65.56 -7.60 -29.76
N PHE HA 142 64.43 -8.22 -29.46
CA PHE HA 142 63.17 -7.52 -29.47
C PHE HA 142 62.75 -7.02 -28.10
N SER HA 143 63.56 -7.36 -27.10
CA SER HA 143 63.29 -6.95 -25.74
C SER HA 143 64.01 -5.66 -25.40
N ARG HA 144 64.66 -5.06 -26.40
CA ARG HA 144 65.34 -3.80 -26.17
C ARG HA 144 64.36 -2.64 -26.19
N VAL HA 145 64.60 -1.69 -25.28
CA VAL HA 145 63.69 -0.59 -25.03
C VAL HA 145 64.28 0.71 -25.56
N VAL HA 146 63.66 1.25 -26.59
CA VAL HA 146 64.16 2.45 -27.24
C VAL HA 146 63.60 3.74 -26.65
N GLN HA 147 64.43 4.76 -26.60
CA GLN HA 147 64.00 6.09 -26.18
C GLN HA 147 63.82 7.01 -27.38
N HIS HA 148 62.89 7.93 -27.24
CA HIS HA 148 62.56 8.96 -28.24
C HIS HA 148 63.76 9.78 -28.70
N ARG HA 149 63.81 10.11 -29.99
CA ARG HA 149 64.76 11.09 -30.50
C ARG HA 149 64.07 12.18 -31.30
N VAL IA 55 67.70 -39.72 -15.65
CA VAL IA 55 66.71 -39.07 -16.51
C VAL IA 55 65.39 -39.87 -16.52
N PRO IA 56 64.58 -39.74 -15.45
CA PRO IA 56 63.27 -40.40 -15.50
C PRO IA 56 62.23 -39.48 -16.16
N LYS IA 57 61.04 -40.02 -16.39
CA LYS IA 57 59.99 -39.22 -17.01
C LYS IA 57 58.64 -39.44 -16.32
N THR IA 58 58.15 -38.37 -15.68
CA THR IA 58 56.83 -38.37 -15.07
C THR IA 58 55.99 -37.27 -15.72
N SER IA 59 54.68 -37.36 -15.55
CA SER IA 59 53.75 -36.41 -16.16
C SER IA 59 54.17 -34.97 -15.86
N LEU IA 60 54.75 -34.77 -14.69
CA LEU IA 60 55.04 -33.44 -14.19
C LEU IA 60 56.49 -33.00 -14.44
N GLY IA 61 57.47 -33.79 -14.00
CA GLY IA 61 58.87 -33.36 -14.00
C GLY IA 61 59.35 -32.64 -15.25
N SER IA 62 58.74 -32.95 -16.39
CA SER IA 62 58.93 -32.14 -17.61
C SER IA 62 57.80 -31.12 -17.81
N PRO IA 63 58.15 -29.82 -17.85
CA PRO IA 63 57.20 -28.74 -18.14
C PRO IA 63 56.38 -29.04 -19.39
N PRO IA 64 55.07 -28.78 -19.34
CA PRO IA 64 54.13 -29.13 -20.39
C PRO IA 64 54.00 -28.04 -21.45
N TRP IA 65 55.06 -27.86 -22.23
CA TRP IA 65 55.10 -26.86 -23.30
C TRP IA 65 56.40 -27.06 -24.07
N PRO IA 66 56.35 -26.77 -25.38
CA PRO IA 66 57.54 -27.01 -26.21
C PRO IA 66 58.75 -26.26 -25.69
N ASP IA 67 59.89 -26.92 -25.65
CA ASP IA 67 61.14 -26.24 -25.30
C ASP IA 67 61.49 -25.23 -26.40
N ILE IA 68 62.14 -24.13 -26.01
CA ILE IA 68 62.44 -23.09 -26.98
C ILE IA 68 63.94 -22.93 -27.18
N VAL IA 69 64.32 -22.70 -28.44
CA VAL IA 69 65.70 -22.36 -28.77
C VAL IA 69 65.69 -21.11 -29.62
N LEU IA 70 66.23 -20.02 -29.09
CA LEU IA 70 66.30 -18.78 -29.83
C LEU IA 70 67.71 -18.60 -30.37
N PRO IA 71 67.82 -18.24 -31.65
CA PRO IA 71 69.10 -18.19 -32.37
C PRO IA 71 70.13 -17.28 -31.70
N ASP IA 72 71.41 -17.55 -31.91
CA ASP IA 72 72.47 -16.71 -31.36
C ASP IA 72 72.37 -15.29 -31.88
N PRO IA 73 72.49 -14.29 -30.98
CA PRO IA 73 72.36 -12.86 -31.26
C PRO IA 73 73.16 -12.34 -32.47
N VAL IA 74 74.34 -12.91 -32.71
CA VAL IA 74 75.18 -12.45 -33.81
C VAL IA 74 74.59 -12.82 -35.18
N GLU IA 75 74.31 -14.11 -35.37
CA GLU IA 75 73.69 -14.58 -36.60
C GLU IA 75 72.38 -13.87 -36.85
N GLU IA 76 71.70 -13.54 -35.75
CA GLU IA 76 70.43 -12.83 -35.82
C GLU IA 76 70.64 -11.41 -36.32
N THR IA 77 71.65 -10.71 -35.81
CA THR IA 77 71.90 -9.36 -36.26
C THR IA 77 72.24 -9.37 -37.75
N ARG IA 78 73.05 -10.36 -38.16
CA ARG IA 78 73.36 -10.52 -39.58
C ARG IA 78 72.10 -10.74 -40.41
N HIS IA 79 71.30 -11.69 -39.97
CA HIS IA 79 70.06 -12.05 -40.66
C HIS IA 79 69.15 -10.82 -40.80
N HIS IA 80 69.06 -10.04 -39.74
CA HIS IA 80 68.23 -8.83 -39.74
C HIS IA 80 68.72 -7.82 -40.75
N ALA IA 81 70.03 -7.51 -40.71
CA ALA IA 81 70.58 -6.56 -41.68
C ALA IA 81 70.31 -7.03 -43.11
N GLU IA 82 70.43 -8.34 -43.32
CA GLU IA 82 70.16 -8.94 -44.63
C GLU IA 82 68.72 -8.70 -45.11
N VAL IA 83 67.77 -9.07 -44.24
CA VAL IA 83 66.36 -8.85 -44.52
C VAL IA 83 66.03 -7.38 -44.82
N VAL IA 84 66.49 -6.49 -43.94
CA VAL IA 84 66.29 -5.06 -44.13
C VAL IA 84 66.82 -4.64 -45.49
N GLY IA 85 67.98 -5.18 -45.85
CA GLY IA 85 68.54 -4.92 -47.16
C GLY IA 85 67.57 -5.30 -48.27
N GLN IA 86 66.99 -6.49 -48.14
CA GLN IA 86 66.03 -6.98 -49.14
C GLN IA 86 64.79 -6.06 -49.28
N VAL IA 87 64.16 -5.76 -48.15
CA VAL IA 87 62.99 -4.89 -48.16
C VAL IA 87 63.32 -3.52 -48.76
N ASN IA 88 64.47 -3.00 -48.36
CA ASN IA 88 64.93 -1.71 -48.83
C ASN IA 88 65.10 -1.72 -50.35
N GLU IA 89 65.57 -2.83 -50.89
CA GLU IA 89 65.63 -2.98 -52.34
C GLU IA 89 64.24 -2.94 -52.95
N LEU IA 90 63.30 -3.65 -52.31
CA LEU IA 90 61.90 -3.61 -52.77
C LEU IA 90 61.34 -2.20 -52.83
N ILE IA 91 61.72 -1.35 -51.88
CA ILE IA 91 61.26 0.03 -51.88
C ILE IA 91 61.91 0.85 -52.99
N ALA IA 92 63.23 0.72 -53.11
CA ALA IA 92 63.98 1.51 -54.08
C ALA IA 92 63.56 1.17 -55.51
N ALA IA 93 63.13 -0.06 -55.73
CA ALA IA 93 62.70 -0.51 -57.06
C ALA IA 93 61.28 -0.10 -57.41
N GLY IA 94 60.48 0.26 -56.41
CA GLY IA 94 59.09 0.65 -56.62
C GLY IA 94 58.18 -0.56 -56.84
N ARG IA 95 58.56 -1.70 -56.28
CA ARG IA 95 57.84 -2.95 -56.49
C ARG IA 95 56.69 -3.19 -55.52
N TYR IA 96 56.44 -2.25 -54.62
CA TYR IA 96 55.27 -2.32 -53.75
C TYR IA 96 54.03 -1.82 -54.49
N GLY IA 97 52.94 -2.57 -54.41
CA GLY IA 97 51.75 -2.14 -55.11
C GLY IA 97 50.97 -0.95 -54.57
N ARG IA 98 50.41 -1.09 -53.37
CA ARG IA 98 49.57 -0.05 -52.79
C ARG IA 98 49.73 -0.12 -51.30
N LEU IA 99 49.81 1.04 -50.67
CA LEU IA 99 50.15 1.08 -49.28
C LEU IA 99 48.95 1.40 -48.43
N PHE IA 100 48.92 0.83 -47.23
CA PHE IA 100 48.00 1.31 -46.23
C PHE IA 100 48.84 1.79 -45.08
N ALA IA 101 48.32 2.71 -44.29
CA ALA IA 101 49.05 3.19 -43.14
C ALA IA 101 48.15 3.48 -41.95
N VAL IA 102 48.56 2.97 -40.79
CA VAL IA 102 47.90 3.27 -39.54
C VAL IA 102 48.49 4.54 -38.95
N VAL IA 103 47.62 5.52 -38.75
CA VAL IA 103 47.98 6.90 -38.50
C VAL IA 103 47.32 7.42 -37.24
N HIS IA 104 48.07 8.08 -36.37
CA HIS IA 104 47.47 8.67 -35.19
C HIS IA 104 47.13 10.13 -35.42
N PHE IA 105 45.86 10.46 -35.34
CA PHE IA 105 45.40 11.80 -35.65
C PHE IA 105 44.16 12.18 -34.88
N ALA IA 106 44.12 13.43 -34.43
CA ALA IA 106 42.97 13.97 -33.69
C ALA IA 106 42.55 13.06 -32.55
N GLY IA 107 43.52 12.40 -31.93
CA GLY IA 107 43.25 11.58 -30.76
C GLY IA 107 42.85 10.15 -31.04
N HIS IA 108 42.71 9.82 -32.32
CA HIS IA 108 42.30 8.48 -32.72
C HIS IA 108 43.32 7.84 -33.62
N GLN IA 109 43.23 6.52 -33.80
CA GLN IA 109 44.07 5.88 -34.79
C GLN IA 109 43.21 5.44 -35.97
N TRP IA 110 43.75 5.55 -37.18
CA TRP IA 110 43.00 5.13 -38.35
C TRP IA 110 43.79 4.21 -39.25
N LYS IA 111 43.07 3.37 -39.98
CA LYS IA 111 43.67 2.53 -41.01
C LYS IA 111 43.36 3.19 -42.33
N VAL IA 112 44.39 3.68 -42.98
CA VAL IA 112 44.22 4.65 -44.04
C VAL IA 112 44.85 4.11 -45.31
N THR IA 113 44.39 4.55 -46.48
CA THR IA 113 44.92 4.13 -47.77
C THR IA 113 44.67 5.27 -48.73
N ALA IA 114 45.37 5.32 -49.85
CA ALA IA 114 45.13 6.40 -50.81
C ALA IA 114 43.69 6.41 -51.29
N GLU IA 115 43.20 7.61 -51.59
CA GLU IA 115 41.88 7.88 -52.21
C GLU IA 115 40.73 7.86 -51.22
N ASP IA 116 41.02 7.62 -49.95
CA ASP IA 116 39.95 7.36 -48.99
C ASP IA 116 39.48 8.55 -48.19
N LEU IA 117 38.63 8.29 -47.22
CA LEU IA 117 37.88 9.33 -46.53
C LEU IA 117 37.87 9.09 -45.03
N ILE IA 118 38.14 10.12 -44.24
CA ILE IA 118 37.89 10.02 -42.81
C ILE IA 118 37.16 11.24 -42.28
N LEU IA 119 36.38 11.00 -41.24
CA LEU IA 119 35.55 12.02 -40.65
C LEU IA 119 36.04 12.33 -39.25
N ILE IA 120 36.65 13.49 -39.10
CA ILE IA 120 37.21 13.90 -37.82
C ILE IA 120 36.13 14.64 -37.05
N GLU IA 121 36.03 14.33 -35.77
CA GLU IA 121 34.89 14.78 -35.01
C GLU IA 121 35.04 16.18 -34.44
N ASN IA 122 36.14 16.85 -34.72
CA ASN IA 122 36.30 18.21 -34.24
C ASN IA 122 36.87 19.13 -35.31
N GLU IA 123 36.84 20.42 -35.03
CA GLU IA 123 37.33 21.42 -35.98
C GLU IA 123 38.85 21.36 -36.17
N LEU IA 124 39.28 21.65 -37.40
CA LEU IA 124 40.69 21.85 -37.72
C LEU IA 124 40.83 23.23 -38.33
N ASP IA 125 41.90 23.95 -38.05
CA ASP IA 125 42.04 25.24 -38.73
C ASP IA 125 42.84 25.04 -39.99
N VAL IA 126 42.10 24.96 -41.09
CA VAL IA 126 42.66 24.86 -42.42
C VAL IA 126 41.59 25.32 -43.38
N ALA IA 127 41.98 25.92 -44.49
CA ALA IA 127 40.99 26.19 -45.51
C ALA IA 127 40.52 24.86 -46.10
N CYS IA 128 39.35 24.87 -46.73
CA CYS IA 128 38.95 23.72 -47.52
C CYS IA 128 39.85 23.62 -48.75
N GLY IA 129 40.42 22.47 -48.98
CA GLY IA 129 41.28 22.28 -50.14
C GLY IA 129 42.74 22.21 -49.79
N GLU IA 130 43.09 22.54 -48.55
CA GLU IA 130 44.50 22.51 -48.11
C GLU IA 130 45.02 21.10 -48.05
N ARG IA 131 46.29 20.92 -48.39
CA ARG IA 131 46.91 19.62 -48.25
C ARG IA 131 47.74 19.64 -46.99
N ILE IA 132 47.80 18.49 -46.35
CA ILE IA 132 48.25 18.38 -44.98
C ILE IA 132 49.08 17.12 -44.87
N ARG IA 133 50.21 17.19 -44.18
CA ARG IA 133 50.97 15.99 -43.94
C ARG IA 133 50.60 15.43 -42.57
N LEU IA 134 49.95 14.26 -42.55
CA LEU IA 134 49.66 13.62 -41.27
C LEU IA 134 50.97 13.01 -40.78
N GLU IA 135 51.42 13.44 -39.60
CA GLU IA 135 52.79 13.21 -39.18
C GLU IA 135 52.98 11.90 -38.44
N LYS IA 136 52.25 11.71 -37.35
CA LYS IA 136 52.41 10.48 -36.61
C LYS IA 136 51.91 9.30 -37.43
N VAL IA 137 52.81 8.36 -37.71
CA VAL IA 137 52.49 7.17 -38.47
C VAL IA 137 53.03 5.94 -37.75
N LEU IA 138 52.10 5.11 -37.30
CA LEU IA 138 52.38 3.93 -36.54
C LEU IA 138 52.78 2.81 -37.47
N LEU IA 139 51.91 2.50 -38.42
CA LEU IA 139 52.18 1.35 -39.28
C LEU IA 139 52.20 1.72 -40.76
N VAL IA 140 53.14 1.19 -41.54
CA VAL IA 140 52.98 1.24 -42.99
C VAL IA 140 52.96 -0.17 -43.52
N GLY IA 141 52.21 -0.40 -44.57
CA GLY IA 141 52.11 -1.75 -45.08
C GLY IA 141 51.83 -1.83 -46.56
N ALA IA 142 52.25 -2.96 -47.11
CA ALA IA 142 52.08 -3.28 -48.51
C ALA IA 142 52.00 -4.79 -48.60
N ASP IA 143 51.51 -5.26 -49.74
CA ASP IA 143 51.21 -6.67 -49.94
C ASP IA 143 52.31 -7.59 -49.41
N ASN IA 144 53.57 -7.27 -49.72
CA ASN IA 144 54.68 -8.14 -49.33
C ASN IA 144 55.49 -7.76 -48.09
N PHE IA 145 55.23 -6.60 -47.50
CA PHE IA 145 56.02 -6.22 -46.32
C PHE IA 145 55.30 -5.19 -45.46
N THR IA 146 55.78 -5.03 -44.23
CA THR IA 146 55.20 -4.05 -43.31
C THR IA 146 56.26 -3.40 -42.43
N LEU IA 147 56.18 -2.08 -42.30
CA LEU IA 147 57.05 -1.34 -41.39
C LEU IA 147 56.28 -0.98 -40.13
N LEU IA 148 56.89 -1.25 -38.98
CA LEU IA 148 56.30 -0.98 -37.68
C LEU IA 148 57.04 0.12 -36.96
N GLY IA 149 56.31 0.96 -36.23
CA GLY IA 149 56.96 2.03 -35.49
C GLY IA 149 57.19 1.69 -34.03
N LYS IA 150 58.09 2.41 -33.38
CA LYS IA 150 58.35 2.19 -31.96
C LYS IA 150 58.37 3.47 -31.12
N PRO IA 151 57.19 4.04 -30.84
CA PRO IA 151 55.94 3.67 -31.50
C PRO IA 151 55.68 4.59 -32.66
N LEU IA 152 56.69 4.93 -33.46
CA LEU IA 152 56.47 5.89 -34.55
C LEU IA 152 57.51 5.72 -35.65
N LEU IA 153 57.12 6.07 -36.87
CA LEU IA 153 58.03 5.98 -37.99
C LEU IA 153 58.70 7.33 -38.21
N GLY IA 154 59.99 7.30 -38.51
CA GLY IA 154 60.73 8.52 -38.79
C GLY IA 154 60.12 9.24 -39.96
N LYS IA 155 60.05 10.58 -39.88
CA LYS IA 155 59.41 11.37 -40.91
C LYS IA 155 60.09 11.21 -42.26
N GLU IA 156 61.33 10.74 -42.25
CA GLU IA 156 62.09 10.51 -43.47
C GLU IA 156 61.67 9.20 -44.15
N LEU IA 157 61.11 8.29 -43.36
CA LEU IA 157 60.74 6.98 -43.86
C LEU IA 157 59.41 6.94 -44.62
N VAL IA 158 58.41 7.71 -44.19
CA VAL IA 158 57.09 7.71 -44.82
C VAL IA 158 56.35 9.03 -44.73
N ARG IA 159 55.62 9.37 -45.78
CA ARG IA 159 54.90 10.63 -45.83
C ARG IA 159 53.49 10.44 -46.38
N VAL IA 160 52.49 10.74 -45.56
CA VAL IA 160 51.09 10.61 -45.97
C VAL IA 160 50.43 11.97 -45.98
N GLU IA 161 49.89 12.33 -47.15
CA GLU IA 161 49.25 13.62 -47.35
C GLU IA 161 47.78 13.45 -47.59
N ALA IA 162 47.01 14.26 -46.87
CA ALA IA 162 45.56 14.27 -46.94
C ALA IA 162 45.05 15.66 -47.21
N THR IA 163 43.96 15.75 -47.95
CA THR IA 163 43.32 17.02 -48.24
C THR IA 163 42.12 17.17 -47.33
N VAL IA 164 41.81 18.39 -46.90
CA VAL IA 164 40.54 18.58 -46.23
C VAL IA 164 39.50 18.98 -47.25
N ILE IA 165 38.55 18.08 -47.46
CA ILE IA 165 37.41 18.35 -48.33
C ILE IA 165 36.42 19.27 -47.69
N GLU IA 166 35.81 18.79 -46.60
CA GLU IA 166 34.60 19.47 -46.15
C GLU IA 166 34.59 19.84 -44.68
N LYS IA 167 34.33 21.09 -44.37
CA LYS IA 167 34.06 21.48 -43.00
C LYS IA 167 32.56 21.50 -42.85
N THR IA 168 32.07 20.98 -41.73
CA THR IA 168 30.62 20.86 -41.55
C THR IA 168 30.28 20.76 -40.08
N GLU IA 169 29.03 20.39 -39.80
CA GLU IA 169 28.61 20.08 -38.44
C GLU IA 169 27.82 18.78 -38.38
N SER IA 170 27.96 18.10 -37.26
CA SER IA 170 27.25 16.86 -36.98
C SER IA 170 25.73 17.03 -37.00
N TRP IA 171 25.01 15.97 -37.33
CA TRP IA 171 23.56 15.93 -37.15
C TRP IA 171 23.21 16.11 -35.68
N PRO IA 172 21.97 16.54 -35.35
CA PRO IA 172 21.68 16.81 -33.93
C PRO IA 172 21.64 15.55 -33.06
N LYS IA 173 22.36 15.55 -31.95
CA LYS IA 173 22.34 14.40 -31.04
C LYS IA 173 21.64 14.77 -29.77
N ILE IA 174 20.53 14.10 -29.48
CA ILE IA 174 19.76 14.41 -28.28
C ILE IA 174 20.38 13.77 -27.05
N ASN IA 175 20.40 14.52 -25.96
CA ASN IA 175 20.91 14.02 -24.69
C ASN IA 175 19.93 14.36 -23.57
N MET IA 176 19.37 13.33 -22.94
CA MET IA 176 18.25 13.51 -22.05
C MET IA 176 18.44 12.89 -20.69
N LYS IA 177 18.43 13.70 -19.65
CA LYS IA 177 18.53 13.13 -18.32
C LYS IA 177 17.15 13.08 -17.71
N PHE IA 178 16.91 12.04 -16.92
CA PHE IA 178 15.60 11.79 -16.35
C PHE IA 178 15.67 11.14 -15.00
N GLN IA 179 14.79 11.52 -14.09
CA GLN IA 179 14.71 10.77 -12.83
C GLN IA 179 13.29 10.46 -12.36
N LYS IA 180 13.01 9.19 -12.07
CA LYS IA 180 11.69 8.76 -11.61
C LYS IA 180 11.20 9.62 -10.47
N ARG IA 181 9.97 10.11 -10.63
CA ARG IA 181 9.22 10.85 -9.59
C ARG IA 181 10.02 11.86 -8.80
N LYS IA 182 11.07 12.39 -9.39
CA LYS IA 182 11.71 13.57 -8.85
C LYS IA 182 11.39 14.82 -9.64
N ASN IA 183 10.55 14.72 -10.66
CA ASN IA 183 10.24 15.87 -11.52
C ASN IA 183 11.48 16.49 -12.15
N TYR IA 184 12.39 15.66 -12.62
CA TYR IA 184 13.58 16.20 -13.24
C TYR IA 184 13.88 15.58 -14.59
N GLN IA 185 13.70 16.41 -15.62
CA GLN IA 185 14.12 16.14 -16.98
C GLN IA 185 15.05 17.22 -17.39
N ARG IA 186 16.02 16.89 -18.23
CA ARG IA 186 16.72 17.94 -18.95
C ARG IA 186 16.87 17.39 -20.34
N LYS IA 187 16.65 18.23 -21.34
CA LYS IA 187 16.86 17.79 -22.70
C LYS IA 187 17.78 18.78 -23.39
N ARG IA 188 18.90 18.29 -23.89
CA ARG IA 188 19.85 19.16 -24.56
C ARG IA 188 20.25 18.61 -25.93
N ILE IA 189 20.21 19.47 -26.94
CA ILE IA 189 20.63 19.04 -28.27
C ILE IA 189 22.06 19.48 -28.58
N THR IA 190 22.89 18.47 -28.85
CA THR IA 190 24.30 18.69 -29.19
C THR IA 190 24.51 18.75 -30.70
N VAL IA 191 25.27 19.74 -31.16
CA VAL IA 191 25.76 19.69 -32.52
C VAL IA 191 27.25 19.91 -32.50
N ASN IA 192 27.95 18.94 -33.06
CA ASN IA 192 29.40 18.89 -33.07
C ASN IA 192 29.99 19.37 -34.40
N PRO IA 193 30.97 20.30 -34.38
CA PRO IA 193 31.64 20.63 -35.64
C PRO IA 193 32.49 19.47 -36.19
N GLN IA 194 32.35 19.16 -37.49
CA GLN IA 194 33.02 18.03 -38.12
C GLN IA 194 33.93 18.43 -39.28
N THR IA 195 34.92 17.59 -39.58
CA THR IA 195 35.82 17.86 -40.71
C THR IA 195 36.14 16.59 -41.51
N VAL IA 196 35.79 16.57 -42.79
CA VAL IA 196 36.04 15.43 -43.65
C VAL IA 196 37.31 15.59 -44.46
N LEU IA 197 38.28 14.72 -44.17
CA LEU IA 197 39.55 14.63 -44.89
C LEU IA 197 39.53 13.55 -45.96
N ARG IA 198 39.97 13.86 -47.17
CA ARG IA 198 40.31 12.83 -48.14
C ARG IA 198 41.77 12.58 -48.05
N ILE IA 199 42.17 11.37 -47.72
CA ILE IA 199 43.60 11.16 -47.69
C ILE IA 199 44.02 10.89 -49.13
N ASN IA 200 45.09 11.56 -49.56
CA ASN IA 200 45.51 11.56 -50.96
C ASN IA 200 46.54 10.52 -51.27
N SER IA 201 47.73 10.67 -50.67
CA SER IA 201 48.81 9.78 -51.06
C SER IA 201 49.67 9.31 -49.90
N ILE IA 202 50.00 8.02 -49.94
CA ILE IA 202 51.00 7.49 -49.05
C ILE IA 202 52.25 7.18 -49.84
N GLU IA 203 53.30 7.97 -49.62
CA GLU IA 203 54.58 7.75 -50.28
C GLU IA 203 55.55 7.23 -49.27
N ILE IA 204 56.47 6.40 -49.73
CA ILE IA 204 57.40 5.78 -48.83
C ILE IA 204 58.82 5.88 -49.41
N ALA IA 205 59.72 6.48 -48.65
CA ALA IA 205 61.07 6.73 -49.13
C ALA IA 205 62.00 5.56 -48.84
N PRO IA 206 62.92 5.27 -49.78
CA PRO IA 206 63.84 4.12 -49.75
C PRO IA 206 64.77 4.05 -48.55
N CYS IA 207 64.89 5.11 -47.76
CA CYS IA 207 65.90 5.13 -46.72
C CYS IA 207 65.48 4.32 -45.50
N LEU IA 208 66.21 3.25 -45.25
CA LEU IA 208 65.93 2.35 -44.15
C LEU IA 208 67.23 1.63 -43.81
N CYS IA 209 67.45 1.35 -42.53
CA CYS IA 209 68.72 0.74 -42.12
C CYS IA 209 68.53 -0.37 -41.09
N ILE JA 45 -20.09 16.07 -42.17
CA ILE JA 45 -19.90 14.95 -43.08
C ILE JA 45 -18.96 15.26 -44.23
N SER JA 46 -18.52 14.20 -44.90
CA SER JA 46 -17.58 14.30 -45.99
C SER JA 46 -18.01 13.47 -47.18
N ARG JA 47 -18.33 14.10 -48.31
CA ARG JA 47 -18.68 13.31 -49.49
C ARG JA 47 -17.68 13.53 -50.60
N LYS JA 48 -16.81 12.55 -50.81
CA LYS JA 48 -15.67 12.67 -51.71
C LYS JA 48 -15.85 11.70 -52.84
N TRP JA 49 -16.00 10.45 -52.45
CA TRP JA 49 -16.13 9.30 -53.31
C TRP JA 49 -17.02 9.54 -54.52
N GLU JA 50 -18.11 10.26 -54.32
CA GLU JA 50 -19.00 10.62 -55.42
C GLU JA 50 -18.27 11.41 -56.51
N LYS JA 51 -17.67 12.52 -56.10
CA LYS JA 51 -16.95 13.39 -57.01
C LYS JA 51 -15.82 12.70 -57.79
N LYS JA 52 -15.36 11.53 -57.33
CA LYS JA 52 -14.34 10.80 -58.07
C LYS JA 52 -14.79 10.42 -59.47
N ASN JA 53 -16.09 10.41 -59.73
CA ASN JA 53 -16.58 10.08 -61.07
C ASN JA 53 -16.67 11.28 -62.01
N LYS JA 54 -16.37 12.46 -61.49
CA LYS JA 54 -16.51 13.67 -62.27
C LYS JA 54 -15.18 14.10 -62.89
N ILE JA 55 -14.13 13.34 -62.60
CA ILE JA 55 -12.80 13.64 -63.13
C ILE JA 55 -12.73 13.42 -64.64
N VAL JA 56 -12.11 14.37 -65.35
CA VAL JA 56 -11.90 14.20 -66.79
C VAL JA 56 -10.43 14.13 -67.12
N TYR JA 57 -10.05 13.07 -67.84
CA TYR JA 57 -8.67 12.88 -68.26
C TYR JA 57 -8.39 13.56 -69.60
N PRO JA 58 -7.11 13.86 -69.87
CA PRO JA 58 -6.72 14.32 -71.21
C PRO JA 58 -6.71 13.17 -72.21
N PRO JA 59 -7.14 13.43 -73.46
CA PRO JA 59 -7.23 12.42 -74.51
C PRO JA 59 -5.93 11.64 -74.72
N GLN JA 60 -6.07 10.41 -75.18
CA GLN JA 60 -4.93 9.51 -75.33
C GLN JA 60 -4.24 9.71 -76.67
N LEU JA 61 -2.94 10.03 -76.63
CA LEU JA 61 -2.13 10.04 -77.86
C LEU JA 61 -2.09 8.62 -78.44
N PRO JA 62 -2.30 8.50 -79.76
CA PRO JA 62 -2.28 7.17 -80.37
C PRO JA 62 -0.94 6.46 -80.14
N GLY JA 63 -1.00 5.14 -79.95
CA GLY JA 63 0.20 4.36 -79.69
C GLY JA 63 0.36 4.03 -78.22
N GLU JA 64 -0.32 4.80 -77.37
CA GLU JA 64 -0.32 4.55 -75.92
C GLU JA 64 -1.36 3.49 -75.56
N PRO JA 65 -1.11 2.74 -74.48
CA PRO JA 65 -2.05 1.69 -74.08
C PRO JA 65 -3.40 2.25 -73.62
N ARG JA 66 -4.49 1.56 -73.97
CA ARG JA 66 -5.83 2.04 -73.66
C ARG JA 66 -6.13 1.98 -72.17
N ARG JA 67 -6.60 3.10 -71.62
CA ARG JA 67 -6.86 3.21 -70.18
C ARG JA 67 -8.16 2.54 -69.76
N PRO JA 68 -8.07 1.62 -68.79
CA PRO JA 68 -9.26 0.91 -68.30
C PRO JA 68 -10.20 1.84 -67.52
N ALA JA 69 -11.50 1.64 -67.71
CA ALA JA 69 -12.52 2.47 -67.07
C ALA JA 69 -12.55 2.28 -65.55
N GLU JA 70 -12.93 3.33 -64.83
CA GLU JA 70 -13.13 3.25 -63.38
C GLU JA 70 -14.44 3.91 -63.00
N ILE JA 71 -15.21 3.22 -62.19
CA ILE JA 71 -16.52 3.68 -61.77
C ILE JA 71 -16.59 3.65 -60.27
N TYR JA 72 -16.73 4.81 -59.65
CA TYR JA 72 -16.88 4.88 -58.22
C TYR JA 72 -18.35 5.00 -57.89
N HIS JA 73 -18.79 4.26 -56.89
CA HIS JA 73 -20.18 4.34 -56.52
C HIS JA 73 -20.35 3.96 -55.08
N CYS JA 74 -21.41 4.45 -54.44
CA CYS JA 74 -21.59 4.17 -53.03
C CYS JA 74 -23.02 4.34 -52.58
N ARG JA 75 -23.33 3.82 -51.41
CA ARG JA 75 -24.63 4.06 -50.82
C ARG JA 75 -24.43 4.55 -49.40
N ARG JA 76 -25.05 5.68 -49.08
CA ARG JA 76 -24.85 6.33 -47.78
C ARG JA 76 -25.95 6.04 -46.76
N GLN JA 77 -25.55 5.89 -45.51
CA GLN JA 77 -26.47 5.81 -44.37
C GLN JA 77 -27.42 4.61 -44.44
N ILE JA 78 -26.84 3.44 -44.69
CA ILE JA 78 -27.51 2.14 -44.59
C ILE JA 78 -27.76 1.77 -43.14
N LYS JA 79 -28.84 1.04 -42.86
CA LYS JA 79 -29.20 0.71 -41.49
C LYS JA 79 -28.46 -0.52 -40.98
N TYR JA 80 -27.56 -1.04 -41.78
CA TYR JA 80 -26.69 -2.11 -41.32
C TYR JA 80 -25.63 -1.60 -40.34
N SER JA 81 -25.01 -2.51 -39.59
CA SER JA 81 -23.80 -2.15 -38.86
C SER JA 81 -22.62 -2.02 -39.80
N LYS JA 82 -21.59 -1.30 -39.38
CA LYS JA 82 -20.42 -1.13 -40.20
C LYS JA 82 -19.62 -2.43 -40.35
N ASP JA 83 -19.53 -3.21 -39.29
CA ASP JA 83 -18.69 -4.41 -39.26
C ASP JA 83 -19.31 -5.59 -40.00
N LYS JA 84 -20.56 -5.85 -39.66
CA LYS JA 84 -21.31 -6.88 -40.34
C LYS JA 84 -21.24 -6.60 -41.84
N MET JA 85 -21.28 -5.32 -42.20
CA MET JA 85 -21.13 -4.91 -43.59
C MET JA 85 -19.74 -5.23 -44.11
N TRP JA 86 -18.72 -5.00 -43.28
CA TRP JA 86 -17.34 -5.28 -43.69
C TRP JA 86 -17.15 -6.68 -44.17
N TYR JA 87 -17.68 -7.67 -43.46
CA TYR JA 87 -17.46 -9.04 -43.92
C TYR JA 87 -17.90 -9.26 -45.36
N LEU JA 88 -19.11 -8.81 -45.64
CA LEU JA 88 -19.66 -8.87 -46.97
C LEU JA 88 -18.76 -8.16 -47.96
N ALA JA 89 -18.49 -6.90 -47.71
CA ALA JA 89 -17.72 -6.10 -48.64
C ALA JA 89 -16.35 -6.70 -48.91
N LYS JA 90 -15.80 -7.37 -47.90
CA LYS JA 90 -14.52 -8.05 -48.02
C LYS JA 90 -14.64 -9.24 -48.95
N LEU JA 91 -15.71 -10.01 -48.78
CA LEU JA 91 -15.93 -11.23 -49.56
C LEU JA 91 -15.75 -11.03 -51.05
N ILE JA 92 -16.34 -9.97 -51.58
CA ILE JA 92 -16.45 -9.81 -53.01
C ILE JA 92 -15.29 -9.03 -53.64
N ARG JA 93 -14.27 -8.68 -52.86
CA ARG JA 93 -13.11 -8.00 -53.42
C ARG JA 93 -12.41 -8.83 -54.46
N GLY JA 94 -12.03 -8.19 -55.56
CA GLY JA 94 -11.26 -8.86 -56.59
C GLY JA 94 -12.03 -9.89 -57.39
N MET JA 95 -13.31 -10.04 -57.12
CA MET JA 95 -14.13 -10.93 -57.92
C MET JA 95 -14.63 -10.20 -59.16
N SER JA 96 -14.80 -10.93 -60.26
CA SER JA 96 -15.52 -10.40 -61.41
C SER JA 96 -16.95 -10.11 -60.98
N ILE JA 97 -17.53 -9.04 -61.52
CA ILE JA 97 -18.80 -8.54 -61.02
C ILE JA 97 -19.91 -9.57 -61.02
N ASP JA 98 -19.94 -10.43 -62.03
CA ASP JA 98 -20.95 -11.47 -62.10
C ASP JA 98 -20.76 -12.48 -60.98
N GLN JA 99 -19.50 -12.81 -60.70
CA GLN JA 99 -19.18 -13.73 -59.63
C GLN JA 99 -19.66 -13.18 -58.30
N ALA JA 100 -19.42 -11.89 -58.06
CA ALA JA 100 -19.86 -11.24 -56.83
C ALA JA 100 -21.36 -11.23 -56.72
N LEU JA 101 -22.04 -10.97 -57.84
CA LEU JA 101 -23.49 -10.99 -57.81
C LEU JA 101 -24.01 -12.37 -57.46
N ALA JA 102 -23.36 -13.40 -57.98
CA ALA JA 102 -23.76 -14.76 -57.67
C ALA JA 102 -23.58 -15.05 -56.19
N GLN JA 103 -22.44 -14.64 -55.65
CA GLN JA 103 -22.15 -14.90 -54.24
C GLN JA 103 -23.11 -14.19 -53.31
N LEU JA 104 -23.43 -12.94 -53.65
CA LEU JA 104 -24.31 -12.15 -52.81
C LEU JA 104 -25.73 -12.67 -52.88
N GLU JA 105 -26.12 -13.09 -54.07
CA GLU JA 105 -27.46 -13.61 -54.31
C GLU JA 105 -27.92 -14.62 -53.26
N PHE JA 106 -27.00 -15.49 -52.84
CA PHE JA 106 -27.34 -16.55 -51.89
C PHE JA 106 -26.96 -16.36 -50.43
N SER JA 107 -26.29 -15.26 -50.10
CA SER JA 107 -25.98 -15.00 -48.71
C SER JA 107 -27.24 -14.58 -47.97
N ASP JA 108 -27.29 -14.88 -46.68
CA ASP JA 108 -28.46 -14.57 -45.87
C ASP JA 108 -28.39 -13.25 -45.10
N LYS JA 109 -27.22 -12.61 -45.11
CA LYS JA 109 -27.07 -11.33 -44.43
C LYS JA 109 -28.03 -10.29 -45.01
N LYS JA 110 -28.52 -9.40 -44.16
CA LYS JA 110 -29.36 -8.29 -44.59
C LYS JA 110 -28.59 -7.35 -45.54
N GLY JA 111 -27.29 -7.26 -45.34
CA GLY JA 111 -26.44 -6.40 -46.13
C GLY JA 111 -26.21 -6.93 -47.53
N ALA JA 112 -26.34 -8.23 -47.70
CA ALA JA 112 -26.09 -8.87 -48.98
C ALA JA 112 -26.91 -8.21 -50.08
N GLN JA 113 -28.20 -7.99 -49.82
CA GLN JA 113 -29.06 -7.43 -50.83
C GLN JA 113 -28.77 -5.95 -51.10
N ILE JA 114 -28.36 -5.23 -50.07
CA ILE JA 114 -27.97 -3.83 -50.25
C ILE JA 114 -26.82 -3.74 -51.22
N ILE JA 115 -25.75 -4.44 -50.88
CA ILE JA 115 -24.55 -4.45 -51.70
C ILE JA 115 -24.88 -4.85 -53.13
N LYS JA 116 -25.69 -5.90 -53.27
CA LYS JA 116 -26.10 -6.35 -54.59
C LYS JA 116 -26.77 -5.24 -55.38
N GLU JA 117 -27.69 -4.52 -54.76
CA GLU JA 117 -28.36 -3.42 -55.44
C GLU JA 117 -27.37 -2.37 -55.89
N VAL JA 118 -26.42 -2.04 -55.01
CA VAL JA 118 -25.39 -1.06 -55.34
C VAL JA 118 -24.55 -1.53 -56.54
N LEU JA 119 -24.27 -2.82 -56.60
CA LEU JA 119 -23.48 -3.36 -57.70
C LEU JA 119 -24.24 -3.28 -59.03
N LEU JA 120 -25.52 -3.62 -59.03
CA LEU JA 120 -26.31 -3.46 -60.26
C LEU JA 120 -26.35 -2.02 -60.73
N GLU JA 121 -26.59 -1.11 -59.79
CA GLU JA 121 -26.56 0.32 -60.10
C GLU JA 121 -25.25 0.73 -60.73
N ALA JA 122 -24.15 0.25 -60.15
CA ALA JA 122 -22.82 0.61 -60.61
C ALA JA 122 -22.55 0.07 -62.01
N GLN JA 123 -23.02 -1.16 -62.26
CA GLN JA 123 -22.89 -1.80 -63.56
C GLN JA 123 -23.60 -0.99 -64.65
N ASP JA 124 -24.86 -0.65 -64.38
CA ASP JA 124 -25.62 0.14 -65.36
C ASP JA 124 -25.06 1.54 -65.56
N MET JA 125 -24.58 2.15 -64.48
CA MET JA 125 -23.85 3.40 -64.58
C MET JA 125 -22.66 3.25 -65.51
N ALA JA 126 -21.98 2.10 -65.41
CA ALA JA 126 -20.74 1.90 -66.13
C ALA JA 126 -21.00 1.77 -67.62
N VAL JA 127 -22.09 1.10 -67.98
CA VAL JA 127 -22.39 0.97 -69.41
C VAL JA 127 -23.04 2.23 -69.98
N ARG JA 128 -23.95 2.82 -69.21
CA ARG JA 128 -24.67 4.01 -69.66
C ARG JA 128 -23.82 5.30 -69.65
N ASP JA 129 -23.40 5.73 -68.45
CA ASP JA 129 -22.72 7.02 -68.27
C ASP JA 129 -21.24 7.04 -68.67
N HIS JA 130 -20.46 6.06 -68.21
CA HIS JA 130 -19.08 5.94 -68.69
C HIS JA 130 -19.18 5.04 -69.87
N ASN JA 131 -18.11 4.86 -70.64
CA ASN JA 131 -18.35 4.11 -71.85
C ASN JA 131 -17.63 2.78 -71.69
N VAL JA 132 -18.44 1.76 -71.52
CA VAL JA 132 -17.98 0.41 -71.28
C VAL JA 132 -18.82 -0.54 -72.12
N GLU JA 133 -18.20 -1.23 -73.06
CA GLU JA 133 -18.88 -2.37 -73.65
C GLU JA 133 -18.75 -3.54 -72.69
N PHE JA 134 -19.60 -4.53 -72.85
CA PHE JA 134 -19.51 -5.76 -72.08
C PHE JA 134 -19.67 -5.51 -70.60
N ARG JA 135 -20.90 -5.31 -70.18
CA ARG JA 135 -21.19 -5.12 -68.78
C ARG JA 135 -20.72 -6.28 -67.90
N SER JA 136 -20.31 -7.39 -68.51
CA SER JA 136 -19.73 -8.49 -67.74
C SER JA 136 -18.23 -8.30 -67.49
N ASN JA 137 -17.67 -7.24 -68.08
CA ASN JA 137 -16.23 -7.04 -68.09
C ASN JA 137 -15.69 -6.27 -66.88
N LEU JA 138 -16.52 -6.03 -65.89
CA LEU JA 138 -16.05 -5.35 -64.68
C LEU JA 138 -15.62 -6.31 -63.58
N TYR JA 139 -14.58 -5.95 -62.85
CA TYR JA 139 -14.24 -6.67 -61.61
C TYR JA 139 -14.25 -5.67 -60.48
N VAL JA 140 -14.30 -6.16 -59.24
CA VAL JA 140 -14.44 -5.27 -58.11
C VAL JA 140 -13.06 -4.85 -57.63
N ALA JA 141 -12.72 -3.59 -57.85
CA ALA JA 141 -11.42 -3.07 -57.47
C ALA JA 141 -11.42 -2.87 -55.98
N GLU JA 142 -12.31 -2.00 -55.51
CA GLU JA 142 -12.38 -1.73 -54.08
C GLU JA 142 -13.78 -1.90 -53.52
N SER JA 143 -13.86 -2.58 -52.37
CA SER JA 143 -15.13 -2.70 -51.69
C SER JA 143 -14.89 -2.49 -50.21
N THR JA 144 -15.65 -1.57 -49.61
CA THR JA 144 -15.40 -1.29 -48.20
C THR JA 144 -16.56 -0.66 -47.44
N SER JA 145 -16.50 -0.73 -46.11
CA SER JA 145 -17.54 -0.15 -45.28
C SER JA 145 -17.01 0.97 -44.43
N GLY JA 146 -17.62 2.15 -44.54
CA GLY JA 146 -17.30 3.24 -43.63
C GLY JA 146 -18.39 3.36 -42.59
N ARG JA 147 -18.17 4.16 -41.56
CA ARG JA 147 -19.25 4.32 -40.58
C ARG JA 147 -20.05 5.57 -40.88
N GLY JA 148 -21.36 5.51 -40.60
CA GLY JA 148 -22.25 6.64 -40.82
C GLY JA 148 -22.41 7.47 -39.56
N GLN JA 149 -23.46 8.30 -39.50
CA GLN JA 149 -23.77 9.07 -38.29
C GLN JA 149 -24.77 8.32 -37.43
N TYR JA 150 -24.46 8.13 -36.15
CA TYR JA 150 -25.32 7.24 -35.36
C TYR JA 150 -26.38 8.05 -34.63
N LEU JA 151 -27.56 7.45 -34.47
CA LEU JA 151 -28.57 7.98 -33.54
C LEU JA 151 -28.26 7.50 -32.13
N LYS JA 152 -28.69 8.24 -31.13
CA LYS JA 152 -28.44 7.80 -29.77
C LYS JA 152 -29.72 7.66 -28.95
N ARG JA 153 -29.87 6.51 -28.30
CA ARG JA 153 -31.09 6.14 -27.59
C ARG JA 153 -30.78 5.60 -26.20
N ILE JA 154 -31.80 5.41 -25.38
CA ILE JA 154 -31.63 4.82 -24.05
C ILE JA 154 -31.86 3.31 -24.09
N ARG JA 155 -31.07 2.56 -23.35
CA ARG JA 155 -31.41 1.16 -23.13
C ARG JA 155 -31.65 0.91 -21.65
N TYR JA 156 -32.87 0.52 -21.27
CA TYR JA 156 -33.25 0.41 -19.86
C TYR JA 156 -32.68 -0.84 -19.21
N HIS JA 157 -32.29 -0.78 -17.94
CA HIS JA 157 -31.66 -1.96 -17.37
C HIS JA 157 -32.39 -2.67 -16.24
N GLY JA 158 -32.30 -2.14 -15.04
CA GLY JA 158 -32.98 -2.73 -13.90
C GLY JA 158 -32.32 -2.04 -12.75
N ARG JA 159 -32.95 -2.03 -11.59
CA ARG JA 159 -32.54 -1.12 -10.53
C ARG JA 159 -32.38 0.32 -11.05
N GLY JA 160 -33.17 0.69 -12.05
CA GLY JA 160 -33.17 2.05 -12.57
C GLY JA 160 -31.88 2.54 -13.20
N ARG JA 161 -30.95 1.64 -13.47
CA ARG JA 161 -29.77 1.96 -14.27
C ARG JA 161 -30.12 1.91 -15.74
N PHE JA 162 -29.32 2.59 -16.54
CA PHE JA 162 -29.51 2.59 -17.97
C PHE JA 162 -28.18 2.49 -18.67
N GLY JA 163 -28.19 1.86 -19.82
CA GLY JA 163 -27.09 1.96 -20.75
C GLY JA 163 -27.44 2.98 -21.81
N ILE JA 164 -26.44 3.47 -22.53
CA ILE JA 164 -26.70 4.33 -23.66
C ILE JA 164 -26.40 3.60 -24.96
N MET JA 165 -27.42 3.54 -25.80
CA MET JA 165 -27.52 2.68 -26.98
C MET JA 165 -27.33 3.49 -28.24
N GLU JA 166 -26.80 2.87 -29.29
CA GLU JA 166 -26.60 3.59 -30.52
C GLU JA 166 -27.26 2.93 -31.71
N LYS JA 167 -28.24 3.59 -32.31
CA LYS JA 167 -28.74 3.11 -33.59
C LYS JA 167 -27.66 3.39 -34.61
N VAL JA 168 -27.24 2.34 -35.30
CA VAL JA 168 -26.02 2.35 -36.11
C VAL JA 168 -26.32 2.56 -37.57
N PHE JA 169 -25.48 3.31 -38.26
CA PHE JA 169 -25.60 3.40 -39.70
C PHE JA 169 -24.26 3.19 -40.37
N CYS JA 170 -24.24 2.98 -41.67
CA CYS JA 170 -22.95 2.77 -42.34
C CYS JA 170 -22.96 3.09 -43.82
N HIS JA 171 -21.79 3.20 -44.41
CA HIS JA 171 -21.65 3.50 -45.82
C HIS JA 171 -21.05 2.34 -46.55
N TYR JA 172 -21.53 2.10 -47.77
CA TYR JA 172 -20.88 1.10 -48.57
C TYR JA 172 -20.25 1.70 -49.81
N PHE JA 173 -18.91 1.58 -49.92
CA PHE JA 173 -18.17 2.06 -51.09
C PHE JA 173 -17.77 0.93 -52.02
N VAL JA 174 -17.86 1.19 -53.31
CA VAL JA 174 -17.35 0.27 -54.30
C VAL JA 174 -16.70 1.03 -55.45
N LYS JA 175 -15.70 0.39 -56.05
CA LYS JA 175 -15.03 0.90 -57.22
C LYS JA 175 -14.82 -0.24 -58.19
N LEU JA 176 -15.36 -0.07 -59.39
CA LEU JA 176 -15.34 -1.06 -60.44
C LEU JA 176 -14.39 -0.66 -61.54
N VAL JA 177 -13.60 -1.62 -62.00
CA VAL JA 177 -12.61 -1.36 -63.03
C VAL JA 177 -12.86 -2.28 -64.22
N GLU JA 178 -12.73 -1.75 -65.42
CA GLU JA 178 -13.02 -2.50 -66.63
C GLU JA 178 -11.89 -3.44 -67.04
N GLY JA 179 -12.18 -4.73 -67.10
CA GLY JA 179 -11.21 -5.74 -67.51
C GLY JA 179 -11.48 -7.08 -66.84
N PRO JA 180 -10.67 -8.10 -67.15
CA PRO JA 180 -10.77 -9.34 -66.38
C PRO JA 180 -10.18 -9.13 -64.99
N PRO JA 181 -10.53 -9.99 -64.03
CA PRO JA 181 -10.01 -9.87 -62.66
C PRO JA 181 -8.54 -10.18 -62.61
N PRO JA 182 -7.75 -9.37 -61.88
CA PRO JA 182 -6.31 -9.62 -61.78
C PRO JA 182 -6.06 -10.91 -61.04
N PRO JA 183 -5.03 -11.68 -61.47
CA PRO JA 183 -4.78 -13.04 -60.98
C PRO JA 183 -4.46 -13.09 -59.48
N ARG JA 184 -5.06 -14.05 -58.79
CA ARG JA 184 -4.80 -14.25 -57.36
C ARG JA 184 -3.44 -14.87 -57.14
N GLU JA 185 -2.66 -14.28 -56.23
CA GLU JA 185 -1.26 -14.64 -56.02
C GLU JA 185 -1.07 -16.03 -55.39
N ALA JA 186 -0.29 -16.87 -56.06
CA ALA JA 186 0.06 -18.18 -55.51
C ALA JA 186 1.08 -18.00 -54.41
N PRO JA 187 1.00 -18.82 -53.35
CA PRO JA 187 1.97 -18.73 -52.26
C PRO JA 187 3.38 -19.04 -52.77
N LYS JA 188 4.41 -18.65 -52.02
CA LYS JA 188 5.78 -18.86 -52.47
C LYS JA 188 6.14 -20.34 -52.58
N THR JA 189 6.71 -20.72 -53.71
CA THR JA 189 7.21 -22.08 -53.89
C THR JA 189 8.49 -22.26 -53.10
N ALA JA 190 8.84 -23.52 -52.80
CA ALA JA 190 10.08 -23.83 -52.08
C ALA JA 190 11.27 -23.16 -52.75
N VAL JA 191 11.24 -23.13 -54.08
CA VAL JA 191 12.26 -22.47 -54.86
C VAL JA 191 12.39 -21.00 -54.51
N ALA JA 192 11.24 -20.34 -54.37
CA ALA JA 192 11.22 -18.90 -54.07
C ALA JA 192 11.84 -18.62 -52.70
N HIS JA 193 11.40 -19.37 -51.69
CA HIS JA 193 11.94 -19.25 -50.35
C HIS JA 193 13.45 -19.48 -50.35
N ALA JA 194 13.89 -20.54 -51.03
CA ALA JA 194 15.31 -20.85 -51.09
C ALA JA 194 16.12 -19.72 -51.73
N ARG JA 195 15.64 -19.20 -52.86
CA ARG JA 195 16.29 -18.05 -53.48
C ARG JA 195 16.40 -16.88 -52.52
N GLU JA 196 15.30 -16.52 -51.86
CA GLU JA 196 15.32 -15.41 -50.92
C GLU JA 196 16.32 -15.59 -49.79
N TYR JA 197 16.35 -16.77 -49.20
CA TYR JA 197 17.30 -17.08 -48.14
C TYR JA 197 18.73 -16.94 -48.62
N ILE JA 198 19.03 -17.54 -49.76
CA ILE JA 198 20.36 -17.47 -50.33
C ILE JA 198 20.78 -16.03 -50.60
N GLN JA 199 19.87 -15.28 -51.20
CA GLN JA 199 20.11 -13.88 -51.48
C GLN JA 199 20.42 -13.11 -50.21
N GLU JA 200 19.71 -13.46 -49.13
CA GLU JA 200 19.94 -12.85 -47.83
C GLU JA 200 21.34 -13.13 -47.30
N LEU JA 201 21.76 -14.41 -47.30
CA LEU JA 201 23.11 -14.76 -46.84
C LEU JA 201 24.19 -14.01 -47.61
N ARG JA 202 23.84 -13.67 -48.84
CA ARG JA 202 24.74 -13.01 -49.77
C ARG JA 202 24.74 -11.50 -49.61
N ASN JA 203 23.74 -10.97 -48.90
CA ASN JA 203 23.70 -9.54 -48.62
C ASN JA 203 24.49 -9.19 -47.37
N ARG JA 204 25.06 -10.20 -46.71
CA ARG JA 204 25.80 -9.97 -45.49
C ARG JA 204 27.02 -9.11 -45.71
N THR JA 205 27.46 -8.45 -44.66
CA THR JA 205 28.61 -7.56 -44.74
C THR JA 205 29.42 -7.73 -43.47
N ILE JA 206 30.71 -7.43 -43.52
CA ILE JA 206 31.46 -7.43 -42.29
C ILE JA 206 31.09 -6.15 -41.55
N THR JA 207 30.58 -6.31 -40.33
CA THR JA 207 29.89 -5.23 -39.64
C THR JA 207 30.79 -4.50 -38.66
N HIS JA 208 30.70 -3.17 -38.66
CA HIS JA 208 31.54 -2.32 -37.80
C HIS JA 208 33.01 -2.56 -38.12
N ALA JA 209 33.27 -2.84 -39.38
CA ALA JA 209 34.47 -3.57 -39.75
C ALA JA 209 35.68 -2.77 -40.20
N LEU JA 210 35.53 -1.51 -40.51
CA LEU JA 210 36.63 -0.88 -41.21
C LEU JA 210 37.37 0.16 -40.36
N ALA KA 2 -74.21 37.52 -29.70
CA ALA KA 2 -72.91 38.19 -29.87
C ALA KA 2 -71.87 37.79 -28.82
N ARG KA 3 -70.60 37.87 -29.17
CA ARG KA 3 -69.51 37.33 -28.35
C ARG KA 3 -68.43 38.36 -28.04
N ASN KA 4 -67.63 38.09 -27.01
CA ASN KA 4 -66.55 38.99 -26.58
C ASN KA 4 -67.07 40.28 -25.97
N VAL KA 5 -68.38 40.41 -25.93
CA VAL KA 5 -68.99 41.63 -25.45
C VAL KA 5 -69.67 41.41 -24.12
N LEU KA 6 -69.74 42.47 -23.33
CA LEU KA 6 -70.53 42.51 -22.12
C LEU KA 6 -72.02 42.39 -22.40
N TYR KA 7 -72.73 41.69 -21.52
CA TYR KA 7 -74.17 41.63 -21.60
C TYR KA 7 -74.70 42.34 -20.38
N PRO KA 8 -75.81 43.08 -20.52
CA PRO KA 8 -76.34 43.79 -19.35
C PRO KA 8 -76.91 42.80 -18.36
N LEU KA 9 -76.59 43.02 -17.09
CA LEU KA 9 -77.13 42.20 -16.01
C LEU KA 9 -78.65 42.22 -16.05
N TYR KA 10 -79.26 41.05 -15.90
CA TYR KA 10 -80.71 40.99 -15.86
C TYR KA 10 -81.24 40.97 -14.45
N GLN KA 11 -82.07 41.93 -14.12
CA GLN KA 11 -82.86 41.81 -12.91
C GLN KA 11 -84.32 41.79 -13.31
N LEU KA 12 -85.21 41.59 -12.33
CA LEU KA 12 -86.62 41.33 -12.64
C LEU KA 12 -87.33 42.53 -13.27
N GLY KA 13 -87.96 42.31 -14.43
CA GLY KA 13 -88.68 43.38 -15.10
C GLY KA 13 -87.77 44.31 -15.89
N ASN KA 14 -86.72 43.75 -16.48
CA ASN KA 14 -85.81 44.48 -17.35
C ASN KA 14 -86.26 44.42 -18.81
N PRO KA 15 -85.76 45.34 -19.65
CA PRO KA 15 -86.03 45.33 -21.09
C PRO KA 15 -85.47 44.08 -21.75
N GLN KA 16 -86.14 43.64 -22.81
CA GLN KA 16 -85.64 42.55 -23.61
C GLN KA 16 -84.26 42.86 -24.17
N LEU KA 17 -83.32 41.94 -24.01
CA LEU KA 17 -81.96 42.16 -24.51
C LEU KA 17 -81.87 41.96 -26.02
N ARG KA 18 -81.34 42.95 -26.72
CA ARG KA 18 -81.26 42.89 -28.17
C ARG KA 18 -79.83 43.05 -28.67
N VAL KA 19 -79.47 42.22 -29.63
CA VAL KA 19 -78.20 42.34 -30.34
C VAL KA 19 -78.45 42.82 -31.75
N PHE KA 20 -77.98 44.03 -32.05
CA PHE KA 20 -78.26 44.62 -33.35
C PHE KA 20 -77.34 44.14 -34.46
N ARG KA 21 -76.04 44.12 -34.21
CA ARG KA 21 -75.14 43.53 -35.19
C ARG KA 21 -74.46 42.32 -34.58
N THR KA 22 -74.83 41.12 -35.02
CA THR KA 22 -74.32 39.94 -34.33
C THR KA 22 -72.87 39.65 -34.69
N ASN KA 23 -72.17 39.17 -33.68
CA ASN KA 23 -70.75 38.89 -33.77
C ASN KA 23 -70.43 37.57 -34.39
N PHE KA 24 -71.35 36.61 -34.25
CA PHE KA 24 -71.03 35.22 -34.54
C PHE KA 24 -70.86 34.98 -36.02
N PHE KA 25 -70.44 33.77 -36.34
CA PHE KA 25 -70.16 33.36 -37.71
C PHE KA 25 -70.27 31.86 -37.69
N ILE KA 26 -70.45 31.27 -38.85
CA ILE KA 26 -70.81 29.87 -38.84
C ILE KA 26 -70.28 29.16 -40.06
N GLN KA 27 -69.87 27.91 -39.86
CA GLN KA 27 -69.53 27.10 -41.02
C GLN KA 27 -70.58 26.01 -41.19
N LEU KA 28 -71.08 25.87 -42.41
CA LEU KA 28 -71.84 24.69 -42.74
C LEU KA 28 -70.84 23.65 -43.27
N VAL KA 29 -70.76 22.51 -42.60
CA VAL KA 29 -69.77 21.48 -42.92
C VAL KA 29 -70.40 20.13 -43.30
N ARG KA 30 -69.74 19.39 -44.19
CA ARG KA 30 -70.21 18.05 -44.54
C ARG KA 30 -69.87 17.08 -43.43
N PRO KA 31 -70.84 16.26 -43.02
CA PRO KA 31 -70.68 15.31 -41.92
C PRO KA 31 -69.59 14.28 -42.17
N GLY KA 32 -68.94 13.81 -41.11
CA GLY KA 32 -67.89 12.81 -41.24
C GLY KA 32 -68.48 11.42 -41.20
N THR KA 33 -69.68 11.34 -40.63
CA THR KA 33 -70.40 10.07 -40.48
C THR KA 33 -71.76 10.19 -41.17
N ALA KA 34 -72.42 9.06 -41.39
CA ALA KA 34 -73.74 9.06 -41.99
C ALA KA 34 -74.75 9.81 -41.12
N GLN KA 35 -75.62 10.57 -41.76
CA GLN KA 35 -76.62 11.34 -41.04
C GLN KA 35 -77.98 11.29 -41.73
N PRO KA 36 -79.07 11.29 -40.95
CA PRO KA 36 -80.41 11.34 -41.56
C PRO KA 36 -80.61 12.65 -42.32
N GLU KA 37 -81.42 12.62 -43.37
CA GLU KA 37 -81.58 13.77 -44.26
C GLU KA 37 -82.15 14.98 -43.55
N ASP KA 38 -82.74 14.74 -42.39
CA ASP KA 38 -83.24 15.81 -41.52
C ASP KA 38 -82.13 16.74 -41.05
N THR KA 39 -80.92 16.22 -41.02
CA THR KA 39 -79.85 16.82 -40.22
C THR KA 39 -78.79 17.59 -40.98
N VAL KA 40 -78.57 18.83 -40.55
CA VAL KA 40 -77.53 19.70 -41.07
C VAL KA 40 -76.49 19.83 -39.96
N GLN KA 41 -75.22 20.06 -40.29
CA GLN KA 41 -74.21 20.12 -39.25
C GLN KA 41 -73.31 21.34 -39.38
N PHE KA 42 -73.25 22.15 -38.32
CA PHE KA 42 -72.45 23.37 -38.35
C PHE KA 42 -71.27 23.34 -37.37
N ARG KA 43 -70.25 24.11 -37.70
CA ARG KA 43 -69.25 24.45 -36.70
C ARG KA 43 -69.49 25.88 -36.28
N ILE KA 44 -69.66 26.08 -34.98
CA ILE KA 44 -69.98 27.40 -34.46
C ILE KA 44 -68.92 27.89 -33.50
N PRO KA 45 -68.99 29.17 -33.10
CA PRO KA 45 -68.03 29.67 -32.10
C PRO KA 45 -68.32 29.08 -30.74
N MET KA 46 -67.30 29.02 -29.90
CA MET KA 46 -67.38 28.31 -28.64
C MET KA 46 -68.47 28.83 -27.71
N GLU KA 47 -68.82 30.10 -27.90
CA GLU KA 47 -69.63 30.85 -26.95
C GLU KA 47 -71.11 30.92 -27.34
N MET KA 48 -71.45 30.26 -28.43
CA MET KA 48 -72.82 30.29 -28.93
C MET KA 48 -73.66 29.13 -28.37
N THR KA 49 -74.73 29.46 -27.66
CA THR KA 49 -75.67 28.48 -27.10
C THR KA 49 -76.62 27.85 -28.14
N ARG KA 50 -77.28 26.75 -27.76
CA ARG KA 50 -78.31 26.12 -28.59
C ARG KA 50 -79.32 27.12 -29.11
N VAL KA 51 -79.94 27.79 -28.15
CA VAL KA 51 -80.99 28.77 -28.40
C VAL KA 51 -80.50 29.83 -29.35
N ASP KA 52 -79.28 30.28 -29.10
CA ASP KA 52 -78.60 31.25 -29.93
C ASP KA 52 -78.62 30.81 -31.39
N LEU KA 53 -78.13 29.60 -31.65
CA LEU KA 53 -77.99 29.14 -33.02
C LEU KA 53 -79.34 28.93 -33.69
N ARG KA 54 -80.31 28.41 -32.95
CA ARG KA 54 -81.65 28.27 -33.50
C ARG KA 54 -82.21 29.62 -33.96
N ASN KA 55 -82.17 30.61 -33.07
CA ASN KA 55 -82.60 31.97 -33.40
C ASN KA 55 -81.83 32.55 -34.58
N TYR KA 56 -80.53 32.30 -34.60
CA TYR KA 56 -79.64 32.75 -35.65
C TYR KA 56 -80.12 32.24 -37.00
N LEU KA 57 -80.25 30.93 -37.13
CA LEU KA 57 -80.72 30.31 -38.37
C LEU KA 57 -82.07 30.87 -38.80
N GLU KA 58 -83.04 30.82 -37.90
CA GLU KA 58 -84.40 31.26 -38.25
C GLU KA 58 -84.50 32.73 -38.66
N ARG KA 59 -83.81 33.61 -37.95
CA ARG KA 59 -83.89 35.04 -38.22
C ARG KA 59 -83.06 35.52 -39.41
N ILE KA 60 -81.79 35.12 -39.47
CA ILE KA 60 -80.95 35.58 -40.56
C ILE KA 60 -81.30 34.82 -41.85
N TYR KA 61 -81.35 33.49 -41.77
CA TYR KA 61 -81.53 32.66 -42.96
C TYR KA 61 -82.94 32.10 -43.26
N ASN KA 62 -83.90 32.31 -42.36
CA ASN KA 62 -85.26 31.76 -42.53
C ASN KA 62 -85.32 30.24 -42.69
N VAL KA 63 -84.59 29.53 -41.85
CA VAL KA 63 -84.60 28.07 -41.89
C VAL KA 63 -85.40 27.51 -40.72
N PRO KA 64 -86.39 26.65 -41.02
CA PRO KA 64 -87.35 26.09 -40.05
C PRO KA 64 -86.73 25.05 -39.15
N VAL KA 65 -86.12 25.47 -38.04
CA VAL KA 65 -85.43 24.54 -37.17
C VAL KA 65 -86.36 23.78 -36.23
N ALA KA 66 -86.34 22.45 -36.36
CA ALA KA 66 -87.06 21.57 -35.46
C ALA KA 66 -86.30 21.28 -34.16
N ALA KA 67 -85.02 20.93 -34.27
CA ALA KA 67 -84.28 20.63 -33.03
C ALA KA 67 -82.78 20.92 -33.16
N VAL KA 68 -82.11 21.24 -32.07
CA VAL KA 68 -80.65 21.49 -32.11
C VAL KA 68 -79.90 20.82 -30.98
N ARG KA 69 -78.85 20.06 -31.32
CA ARG KA 69 -77.94 19.53 -30.31
C ARG KA 69 -76.54 20.02 -30.55
N THR KA 70 -75.71 20.03 -29.51
CA THR KA 70 -74.33 20.51 -29.63
C THR KA 70 -73.35 19.67 -28.83
N ARG KA 71 -72.09 19.67 -29.28
CA ARG KA 71 -71.03 19.05 -28.49
C ARG KA 71 -69.75 19.83 -28.69
N VAL KA 72 -68.79 19.66 -27.79
CA VAL KA 72 -67.53 20.36 -27.92
C VAL KA 72 -66.42 19.39 -28.30
N GLN KA 73 -65.81 19.62 -29.45
CA GLN KA 73 -64.71 18.80 -29.94
C GLN KA 73 -63.35 19.30 -29.47
N TYR KA 74 -62.62 18.40 -28.84
CA TYR KA 74 -61.31 18.70 -28.32
C TYR KA 74 -60.22 18.56 -29.37
N GLY KA 75 -59.54 19.65 -29.70
CA GLY KA 75 -58.44 19.59 -30.64
C GLY KA 75 -57.13 19.11 -30.01
N SER KA 76 -56.36 18.31 -30.75
CA SER KA 76 -55.19 17.64 -30.17
C SER KA 76 -54.12 18.59 -29.69
N ASN KA 77 -53.58 18.32 -28.52
CA ASN KA 77 -52.44 19.08 -28.03
C ASN KA 77 -51.11 18.35 -28.25
N ARG KA 78 -51.14 17.19 -28.91
CA ARG KA 78 -50.00 16.27 -28.88
C ARG KA 78 -48.81 16.66 -29.78
N ARG KA 79 -49.07 17.29 -30.92
CA ARG KA 79 -48.00 17.56 -31.87
C ARG KA 79 -46.95 18.56 -31.36
N ARG KA 80 -45.68 18.28 -31.63
CA ARG KA 80 -44.59 19.10 -31.10
C ARG KA 80 -43.91 19.99 -32.13
N ASP KA 81 -43.45 21.13 -31.64
CA ASP KA 81 -42.62 22.09 -32.37
C ASP KA 81 -41.18 21.59 -32.53
N HIS KA 82 -40.41 22.20 -33.43
CA HIS KA 82 -38.97 21.94 -33.48
C HIS KA 82 -38.31 22.26 -32.13
N ARG KA 83 -38.96 23.11 -31.35
CA ARG KA 83 -38.49 23.46 -30.01
C ARG KA 83 -38.94 22.47 -28.95
N ASN KA 84 -39.73 21.50 -29.38
CA ASN KA 84 -40.43 20.55 -28.51
C ASN KA 84 -41.50 21.21 -27.62
N ILE KA 85 -42.01 22.36 -28.04
CA ILE KA 85 -43.19 22.97 -27.46
C ILE KA 85 -44.42 22.35 -28.10
N ARG KA 86 -45.52 22.21 -27.36
CA ARG KA 86 -46.73 21.63 -27.92
C ARG KA 86 -47.53 22.64 -28.73
N ILE KA 87 -48.08 22.19 -29.86
CA ILE KA 87 -49.00 22.99 -30.69
C ILE KA 87 -50.44 22.61 -30.41
N LYS KA 88 -51.33 23.57 -30.27
CA LYS KA 88 -52.72 23.20 -30.01
C LYS KA 88 -53.66 23.55 -31.16
N LYS KA 89 -54.17 22.50 -31.81
CA LYS KA 89 -55.28 22.68 -32.76
C LYS KA 89 -56.48 23.10 -31.93
N PRO KA 90 -57.08 24.25 -32.27
CA PRO KA 90 -58.07 24.87 -31.38
C PRO KA 90 -59.32 24.01 -31.22
N ASP KA 91 -59.87 23.98 -30.00
CA ASP KA 91 -61.14 23.29 -29.71
C ASP KA 91 -62.29 23.98 -30.44
N TYR KA 92 -63.36 23.24 -30.75
CA TYR KA 92 -64.48 23.93 -31.38
C TYR KA 92 -65.82 23.31 -31.06
N LYS KA 93 -66.89 24.04 -31.33
CA LYS KA 93 -68.23 23.55 -31.03
C LYS KA 93 -68.95 23.09 -32.28
N VAL KA 94 -69.55 21.90 -32.20
CA VAL KA 94 -70.29 21.33 -33.32
C VAL KA 94 -71.76 21.33 -33.01
N ALA KA 95 -72.57 21.67 -34.00
CA ALA KA 95 -74.00 21.82 -33.84
C ALA KA 95 -74.78 21.01 -34.87
N TYR KA 96 -75.51 20.01 -34.39
CA TYR KA 96 -76.38 19.23 -35.24
C TYR KA 96 -77.76 19.84 -35.22
N VAL KA 97 -78.28 20.27 -36.36
CA VAL KA 97 -79.62 20.80 -36.39
C VAL KA 97 -80.51 19.90 -37.22
N GLN KA 98 -81.81 19.98 -36.96
CA GLN KA 98 -82.79 19.15 -37.63
C GLN KA 98 -83.96 19.99 -38.10
N LEU KA 99 -84.28 19.86 -39.39
CA LEU KA 99 -85.22 20.71 -40.09
C LEU KA 99 -86.69 20.30 -39.94
N ALA KA 100 -87.56 21.30 -39.84
CA ALA KA 100 -88.92 21.14 -39.31
C ALA KA 100 -89.99 20.56 -40.23
N LEU KA 101 -90.10 21.09 -41.45
CA LEU KA 101 -91.30 20.90 -42.24
C LEU KA 101 -91.25 19.59 -43.02
N GLY KA 102 -90.22 18.81 -42.75
CA GLY KA 102 -90.02 17.55 -43.42
C GLY KA 102 -88.96 17.78 -44.47
N GLN KA 103 -88.39 18.98 -44.42
CA GLN KA 103 -87.39 19.37 -45.39
C GLN KA 103 -86.15 18.51 -45.27
N THR KA 104 -85.77 17.95 -46.40
CA THR KA 104 -84.58 17.13 -46.49
C THR KA 104 -83.44 18.01 -46.99
N PHE KA 105 -82.29 17.91 -46.35
CA PHE KA 105 -81.11 18.55 -46.89
C PHE KA 105 -80.18 17.51 -47.50
N THR KA 106 -79.20 17.98 -48.27
CA THR KA 106 -78.09 17.16 -48.72
C THR KA 106 -76.93 18.10 -48.97
N PHE KA 107 -75.73 17.67 -48.59
CA PHE KA 107 -74.59 18.54 -48.77
C PHE KA 107 -74.18 18.51 -50.23
N PRO KA 108 -74.17 19.67 -50.87
CA PRO KA 108 -73.94 19.82 -52.30
C PRO KA 108 -72.48 19.56 -52.66
N ASP KA 109 -72.24 18.94 -53.81
CA ASP KA 109 -70.88 18.76 -54.26
C ASP KA 109 -70.37 20.09 -54.79
N LEU KA 110 -69.32 20.62 -54.17
CA LEU KA 110 -68.83 21.95 -54.53
C LEU KA 110 -67.74 21.92 -55.58
N PHE KA 111 -67.25 20.73 -55.92
CA PHE KA 111 -66.16 20.67 -56.87
C PHE KA 111 -66.38 19.67 -58.00
N PRO KA 112 -67.42 19.92 -58.82
CA PRO KA 112 -67.61 19.07 -60.00
C PRO KA 112 -66.54 19.39 -61.02
N GLU KA 113 -65.96 18.36 -61.63
CA GLU KA 113 -64.86 18.58 -62.57
C GLU KA 113 -65.38 18.84 -63.98
N ARG KA 114 -64.77 19.83 -64.65
CA ARG KA 114 -65.07 20.12 -66.04
C ARG KA 114 -64.36 19.09 -66.93
N LYS KA 115 -65.10 18.42 -67.81
CA LYS KA 115 -64.55 17.34 -68.62
C LYS KA 115 -63.57 17.83 -69.70
N GLY KA 116 -63.72 19.10 -70.11
CA GLY KA 116 -62.84 19.71 -71.10
C GLY KA 116 -61.47 20.07 -70.50
N ALA KA 117 -61.46 20.46 -69.23
CA ALA KA 117 -60.23 20.74 -68.50
C ALA KA 117 -59.50 19.44 -68.11
N SER KA 118 -60.26 18.37 -67.86
CA SER KA 118 -59.70 17.05 -67.56
C SER KA 118 -59.14 16.38 -68.83
N VAL KA 119 -59.81 16.58 -69.96
CA VAL KA 119 -59.34 16.12 -71.27
C VAL KA 119 -58.10 16.92 -71.71
N ASP KA 120 -58.07 18.21 -71.41
CA ASP KA 120 -56.89 19.04 -71.66
C ASP KA 120 -55.72 18.64 -70.74
N VAL KA 121 -56.05 18.18 -69.53
CA VAL KA 121 -55.03 17.65 -68.61
C VAL KA 121 -54.43 16.32 -69.09
N ASP KA 122 -55.29 15.42 -69.58
CA ASP KA 122 -54.84 14.14 -70.14
C ASP KA 122 -54.05 14.33 -71.45
N VAL KA 123 -54.43 15.34 -72.24
CA VAL KA 123 -53.73 15.67 -73.49
C VAL KA 123 -52.38 16.37 -73.23
N ARG KA 124 -52.30 17.18 -72.17
CA ARG KA 124 -51.04 17.80 -71.76
C ARG KA 124 -50.09 16.78 -71.10
N ASP KA 125 -50.67 15.77 -70.44
CA ASP KA 125 -49.90 14.65 -69.88
C ASP KA 125 -49.36 13.74 -71.00
N GLN KA 126 -50.17 13.52 -72.04
CA GLN KA 126 -49.74 12.77 -73.23
C GLN KA 126 -48.66 13.54 -74.02
N VAL KA 127 -48.80 14.86 -74.10
CA VAL KA 127 -47.79 15.71 -74.76
C VAL KA 127 -46.47 15.77 -73.95
N LEU KA 128 -46.57 15.82 -72.63
CA LEU KA 128 -45.40 15.79 -71.75
C LEU KA 128 -44.67 14.44 -71.84
N GLU KA 129 -45.42 13.34 -71.80
CA GLU KA 129 -44.86 12.00 -72.00
C GLU KA 129 -44.22 11.85 -73.39
N ASP KA 130 -44.80 12.53 -74.40
CA ASP KA 130 -44.22 12.53 -75.74
C ASP KA 130 -42.90 13.33 -75.81
N GLN KA 131 -42.82 14.46 -75.11
CA GLN KA 131 -41.57 15.22 -75.03
C GLN KA 131 -40.47 14.45 -74.28
N ARG KA 132 -40.83 13.81 -73.16
CA ARG KA 132 -39.87 13.00 -72.39
C ARG KA 132 -39.46 11.72 -73.15
N GLN KA 133 -40.32 11.26 -74.06
CA GLN KA 133 -39.94 10.18 -74.99
C GLN KA 133 -39.11 10.69 -76.18
N LYS KA 134 -39.24 11.98 -76.49
CA LYS KA 134 -38.44 12.60 -77.56
C LYS KA 134 -37.03 12.87 -77.08
N HIS KA 135 -36.90 13.31 -75.84
CA HIS KA 135 -35.60 13.66 -75.33
C HIS KA 135 -34.76 12.43 -74.96
N SER KA 136 -35.43 11.33 -74.62
CA SER KA 136 -34.81 10.08 -74.22
C SER KA 136 -33.75 9.57 -75.20
N PRO KA 137 -32.56 9.20 -74.69
CA PRO KA 137 -31.42 8.79 -75.52
C PRO KA 137 -31.73 7.63 -76.47
N ASP KA 138 -31.07 7.65 -77.64
CA ASP KA 138 -31.15 6.56 -78.60
C ASP KA 138 -30.30 5.39 -78.09
N PRO KA 139 -30.93 4.21 -77.92
CA PRO KA 139 -30.21 3.02 -77.45
C PRO KA 139 -28.94 2.75 -78.26
N ARG KA 140 -29.05 2.88 -79.57
CA ARG KA 140 -28.00 2.45 -80.47
C ARG KA 140 -26.87 3.46 -80.62
N ARG KA 141 -27.11 4.71 -80.19
CA ARG KA 141 -26.05 5.71 -80.23
C ARG KA 141 -25.00 5.40 -79.18
N GLY KA 142 -25.45 4.87 -78.04
CA GLY KA 142 -24.55 4.43 -77.01
C GLY KA 142 -24.01 5.53 -76.11
N GLY KA 143 -24.63 6.70 -76.15
CA GLY KA 143 -24.24 7.79 -75.28
C GLY KA 143 -23.46 8.89 -75.97
N VAL KA 144 -23.28 8.76 -77.27
CA VAL KA 144 -22.71 9.85 -78.07
C VAL KA 144 -23.74 10.96 -78.23
N PRO KA 145 -23.36 12.20 -77.86
CA PRO KA 145 -24.31 13.32 -77.92
C PRO KA 145 -24.84 13.56 -79.33
N GLY KA 146 -26.16 13.63 -79.45
CA GLY KA 146 -26.81 13.66 -80.76
C GLY KA 146 -26.99 15.05 -81.34
N TRP KA 147 -26.17 16.01 -80.89
CA TRP KA 147 -26.26 17.35 -81.44
C TRP KA 147 -25.56 17.46 -82.78
N PHE KA 148 -24.39 16.86 -82.86
CA PHE KA 148 -23.50 17.07 -83.98
C PHE KA 148 -23.99 16.38 -85.24
N GLY KA 149 -24.01 17.11 -86.35
CA GLY KA 149 -24.38 16.52 -87.61
C GLY KA 149 -23.39 15.41 -87.91
N LEU KA 150 -22.12 15.79 -87.95
CA LEU KA 150 -21.00 14.88 -88.11
C LEU KA 150 -19.68 15.63 -87.87
N SER LA 11 -53.27 38.34 -43.93
CA SER LA 11 -52.50 37.44 -43.08
C SER LA 11 -51.09 38.00 -42.83
N LYS LA 12 -50.69 38.03 -41.56
CA LYS LA 12 -49.35 38.45 -41.19
C LYS LA 12 -48.53 37.31 -40.58
N VAL LA 13 -47.54 36.83 -41.32
CA VAL LA 13 -46.61 35.82 -40.85
C VAL LA 13 -45.46 36.51 -40.12
N THR LA 14 -45.21 36.12 -38.87
CA THR LA 14 -44.14 36.73 -38.08
C THR LA 14 -42.82 35.99 -38.29
N LEU LA 15 -41.83 36.72 -38.80
CA LEU LA 15 -40.49 36.15 -39.05
C LEU LA 15 -39.65 36.17 -37.78
N PRO LA 16 -38.78 35.16 -37.61
CA PRO LA 16 -37.82 35.15 -36.50
C PRO LA 16 -36.87 36.35 -36.60
N PRO LA 17 -36.39 36.85 -35.44
CA PRO LA 17 -35.55 38.06 -35.33
C PRO LA 17 -34.32 38.08 -36.25
N ASN LA 18 -33.66 36.94 -36.42
CA ASN LA 18 -32.55 36.80 -37.38
C ASN LA 18 -33.00 36.01 -38.60
N TYR LA 19 -32.97 36.64 -39.76
CA TYR LA 19 -33.59 36.06 -40.93
C TYR LA 19 -32.87 36.52 -42.20
N ARG LA 20 -32.79 35.66 -43.22
CA ARG LA 20 -32.19 36.07 -44.49
C ARG LA 20 -33.24 36.23 -45.56
N TYR LA 21 -33.02 37.16 -46.48
CA TYR LA 21 -34.01 37.41 -47.51
C TYR LA 21 -33.53 36.93 -48.88
N GLY LA 22 -34.18 35.88 -49.36
CA GLY LA 22 -33.77 35.14 -50.55
C GLY LA 22 -34.58 35.42 -51.81
N MET LA 23 -35.16 36.61 -51.92
CA MET LA 23 -35.96 36.98 -53.08
C MET LA 23 -37.25 36.18 -53.15
N SER LA 24 -37.32 35.10 -52.38
CA SER LA 24 -38.53 34.31 -52.33
C SER LA 24 -39.42 34.92 -51.27
N ARG LA 25 -40.70 34.99 -51.59
CA ARG LA 25 -41.69 35.53 -50.69
C ARG LA 25 -41.66 34.77 -49.37
N PRO LA 26 -41.39 35.47 -48.26
CA PRO LA 26 -41.13 34.90 -46.93
C PRO LA 26 -42.16 33.88 -46.42
N GLY LA 27 -43.39 33.88 -46.95
CA GLY LA 27 -44.38 32.90 -46.52
C GLY LA 27 -44.58 31.73 -47.46
N SER LA 28 -43.61 31.43 -48.30
CA SER LA 28 -43.82 30.51 -49.40
C SER LA 28 -43.00 29.24 -49.25
N LEU LA 29 -43.39 28.21 -49.99
CA LEU LA 29 -42.72 26.91 -49.94
C LEU LA 29 -41.24 26.96 -50.34
N SER LA 30 -40.90 27.82 -51.30
CA SER LA 30 -39.49 28.02 -51.67
C SER LA 30 -38.70 28.48 -50.45
N ASP LA 31 -39.32 29.35 -49.65
CA ASP LA 31 -38.71 29.92 -48.45
C ASP LA 31 -38.66 28.93 -47.27
N LYS LA 32 -39.78 28.27 -46.98
CA LYS LA 32 -39.82 27.28 -45.91
C LYS LA 32 -38.87 26.13 -46.20
N ARG LA 33 -38.68 25.85 -47.49
CA ARG LA 33 -37.74 24.82 -47.90
C ARG LA 33 -36.31 25.36 -47.80
N LYS LA 34 -36.10 26.62 -48.16
CA LYS LA 34 -34.77 27.21 -48.05
C LYS LA 34 -34.36 27.37 -46.58
N ASN LA 35 -35.16 28.09 -45.79
CA ASN LA 35 -34.87 28.25 -44.37
C ASN LA 35 -36.02 27.77 -43.48
N PRO LA 36 -35.93 26.50 -43.03
CA PRO LA 36 -36.90 25.77 -42.21
C PRO LA 36 -37.12 26.45 -40.86
N PRO LA 37 -38.02 25.92 -40.00
CA PRO LA 37 -38.35 26.55 -38.71
C PRO LA 37 -37.17 26.99 -37.84
N GLY LA 38 -36.12 26.19 -37.72
CA GLY LA 38 -35.08 26.51 -36.76
C GLY LA 38 -33.80 27.14 -37.29
N THR LA 39 -33.85 27.75 -38.48
CA THR LA 39 -32.63 28.30 -39.08
C THR LA 39 -32.29 29.70 -38.58
N ARG LA 40 -31.06 29.84 -38.08
CA ARG LA 40 -30.51 31.12 -37.72
C ARG LA 40 -29.15 31.25 -38.37
N ARG LA 41 -29.04 32.10 -39.37
CA ARG LA 41 -27.77 32.19 -40.07
C ARG LA 41 -27.04 33.44 -39.68
N ARG LA 42 -25.85 33.60 -40.22
CA ARG LA 42 -25.04 34.76 -39.93
C ARG LA 42 -25.71 36.00 -40.52
N ARG LA 43 -25.77 37.08 -39.73
CA ARG LA 43 -26.39 38.32 -40.19
C ARG LA 43 -25.58 38.96 -41.31
N VAL LA 44 -26.27 39.35 -42.38
CA VAL LA 44 -25.60 40.03 -43.49
C VAL LA 44 -25.66 41.53 -43.25
N PRO LA 45 -24.49 42.16 -43.10
CA PRO LA 45 -24.46 43.59 -42.79
C PRO LA 45 -25.13 44.39 -43.89
N VAL LA 46 -26.08 45.24 -43.50
CA VAL LA 46 -26.85 46.02 -44.44
C VAL LA 46 -26.73 47.51 -44.12
N GLU LA 47 -26.29 48.27 -45.11
CA GLU LA 47 -26.20 49.71 -45.00
C GLU LA 47 -27.58 50.30 -44.69
N PRO LA 48 -27.72 50.94 -43.51
CA PRO LA 48 -29.02 51.46 -43.09
C PRO LA 48 -29.46 52.63 -43.97
N ILE LA 49 -30.70 52.58 -44.44
CA ILE LA 49 -31.25 53.66 -45.26
C ILE LA 49 -32.64 54.03 -44.77
N SER LA 50 -32.79 55.28 -44.32
CA SER LA 50 -34.10 55.78 -43.91
C SER LA 50 -35.04 55.70 -45.11
N ASP LA 51 -36.33 55.49 -44.86
CA ASP LA 51 -37.27 55.31 -45.96
C ASP LA 51 -37.41 56.57 -46.82
N GLU LA 52 -36.95 57.69 -46.27
CA GLU LA 52 -37.02 58.98 -46.96
C GLU LA 52 -35.77 59.28 -47.78
N ASP LA 53 -34.73 58.46 -47.63
CA ASP LA 53 -33.53 58.60 -48.43
C ASP LA 53 -33.51 57.60 -49.61
N TRP LA 54 -34.59 56.84 -49.75
CA TRP LA 54 -34.62 55.72 -50.70
C TRP LA 54 -35.15 56.20 -52.06
N HIS LA 55 -34.26 56.28 -53.04
CA HIS LA 55 -34.58 56.90 -54.32
C HIS LA 55 -34.97 55.93 -55.44
N LEU LA 56 -35.05 54.64 -55.14
CA LEU LA 56 -35.36 53.63 -56.16
C LEU LA 56 -36.73 52.97 -55.97
N PHE LA 57 -37.58 53.09 -56.97
CA PHE LA 57 -38.88 52.42 -56.98
C PHE LA 57 -38.90 51.39 -58.11
N CYS LA 58 -40.06 50.77 -58.31
CA CYS LA 58 -40.19 49.79 -59.38
C CYS LA 58 -40.77 50.40 -60.65
N GLY LA 59 -40.17 50.06 -61.78
CA GLY LA 59 -40.63 50.50 -63.09
C GLY LA 59 -39.74 51.52 -63.77
N ASP LA 60 -38.79 52.11 -63.03
CA ASP LA 60 -37.95 53.16 -63.60
C ASP LA 60 -36.69 52.61 -64.28
N LYS LA 61 -36.31 53.25 -65.38
CA LYS LA 61 -35.17 52.83 -66.16
C LYS LA 61 -33.86 53.20 -65.46
N VAL LA 62 -32.99 52.21 -65.27
CA VAL LA 62 -31.75 52.37 -64.52
C VAL LA 62 -30.54 51.80 -65.23
N GLU LA 63 -29.36 52.37 -64.93
CA GLU LA 63 -28.11 51.89 -65.52
C GLU LA 63 -27.27 51.10 -64.52
N ILE LA 64 -26.73 49.97 -64.98
CA ILE LA 64 -25.93 49.08 -64.14
C ILE LA 64 -24.44 49.42 -64.19
N LEU LA 65 -23.87 49.68 -63.01
CA LEU LA 65 -22.47 50.10 -62.90
C LEU LA 65 -21.49 48.96 -62.65
N GLU LA 66 -22.01 47.75 -62.48
CA GLU LA 66 -21.18 46.61 -62.09
C GLU LA 66 -21.65 45.30 -62.71
N GLY LA 67 -20.80 44.28 -62.66
CA GLY LA 67 -21.16 42.97 -63.15
C GLY LA 67 -20.71 42.73 -64.56
N LYS LA 68 -21.08 41.57 -65.12
CA LYS LA 68 -20.71 41.25 -66.49
C LYS LA 68 -21.52 42.06 -67.49
N ASP LA 69 -22.73 42.45 -67.09
CA ASP LA 69 -23.55 43.35 -67.91
C ASP LA 69 -23.51 44.75 -67.32
N ALA LA 70 -22.77 45.63 -67.98
CA ALA LA 70 -22.48 46.96 -67.42
C ALA LA 70 -22.59 48.01 -68.51
N GLY LA 71 -23.10 49.18 -68.14
CA GLY LA 71 -23.33 50.25 -69.09
C GLY LA 71 -24.67 50.07 -69.77
N LYS LA 72 -25.38 49.01 -69.40
CA LYS LA 72 -26.70 48.73 -69.96
C LYS LA 72 -27.79 49.45 -69.18
N GLN LA 73 -29.03 49.32 -69.63
CA GLN LA 73 -30.15 49.98 -68.98
C GLN LA 73 -31.38 49.07 -68.97
N GLY LA 74 -32.12 49.10 -67.86
CA GLY LA 74 -33.28 48.24 -67.77
C GLY LA 74 -34.34 48.73 -66.82
N LYS LA 75 -35.49 48.08 -66.87
CA LYS LA 75 -36.63 48.41 -66.03
C LYS LA 75 -36.58 47.63 -64.71
N VAL LA 76 -36.81 48.32 -63.59
CA VAL LA 76 -36.82 47.67 -62.29
C VAL LA 76 -38.15 46.97 -62.00
N VAL LA 77 -38.09 45.66 -61.78
CA VAL LA 77 -39.31 44.90 -61.53
C VAL LA 77 -39.68 44.95 -60.06
N GLN LA 78 -38.78 44.44 -59.23
CA GLN LA 78 -39.05 44.32 -57.80
C GLN LA 78 -37.88 44.83 -56.96
N VAL LA 79 -38.20 45.53 -55.87
CA VAL LA 79 -37.21 45.90 -54.88
C VAL LA 79 -37.35 45.07 -53.61
N ILE LA 80 -36.22 44.75 -53.01
CA ILE LA 80 -36.22 44.16 -51.68
C ILE LA 80 -35.55 45.15 -50.74
N ARG LA 81 -36.34 45.76 -49.87
CA ARG LA 81 -35.83 46.86 -49.07
C ARG LA 81 -35.01 46.35 -47.88
N GLN LA 82 -35.40 45.20 -47.33
CA GLN LA 82 -34.72 44.67 -46.14
C GLN LA 82 -33.25 44.37 -46.41
N ARG LA 83 -32.95 43.86 -47.60
CA ARG LA 83 -31.56 43.69 -48.01
C ARG LA 83 -30.98 44.72 -49.01
N ASN LA 84 -31.74 45.76 -49.33
CA ASN LA 84 -31.33 46.82 -50.28
C ASN LA 84 -31.02 46.31 -51.69
N TRP LA 85 -32.06 45.80 -52.34
CA TRP LA 85 -31.91 45.11 -53.62
C TRP LA 85 -32.84 45.62 -54.70
N VAL LA 86 -32.35 45.59 -55.94
CA VAL LA 86 -33.19 45.86 -57.10
C VAL LA 86 -33.16 44.67 -58.04
N VAL LA 87 -34.18 44.59 -58.89
CA VAL LA 87 -34.21 43.56 -59.92
C VAL LA 87 -34.42 44.21 -61.28
N VAL LA 88 -33.42 44.15 -62.15
CA VAL LA 88 -33.56 44.64 -63.50
C VAL LA 88 -33.85 43.45 -64.42
N GLU LA 89 -35.07 43.39 -64.95
CA GLU LA 89 -35.52 42.19 -65.67
C GLU LA 89 -34.62 41.87 -66.86
N GLY LA 90 -34.20 40.62 -66.93
CA GLY LA 90 -33.40 40.12 -68.03
C GLY LA 90 -32.10 40.87 -68.24
N LEU LA 91 -31.50 41.37 -67.16
CA LEU LA 91 -30.20 42.00 -67.30
C LEU LA 91 -29.11 41.29 -66.50
N ASN LA 92 -29.12 41.45 -65.18
CA ASN LA 92 -28.19 40.66 -64.38
C ASN LA 92 -28.68 39.23 -64.42
N THR LA 93 -27.84 38.31 -64.86
CA THR LA 93 -28.36 37.02 -65.30
C THR LA 93 -27.48 35.79 -65.04
N HIS LA 94 -28.15 34.69 -64.73
CA HIS LA 94 -27.54 33.37 -64.60
C HIS LA 94 -28.63 32.35 -64.96
N TYR LA 95 -28.24 31.20 -65.49
CA TYR LA 95 -29.23 30.32 -66.11
C TYR LA 95 -29.61 29.11 -65.25
N ARG LA 96 -30.89 28.78 -65.26
CA ARG LA 96 -31.42 27.77 -64.36
C ARG LA 96 -32.54 26.92 -64.99
N TYR LA 97 -32.52 25.61 -64.77
CA TYR LA 97 -33.56 24.73 -65.29
C TYR LA 97 -34.80 24.75 -64.41
N VAL LA 98 -35.98 24.71 -65.02
CA VAL LA 98 -37.24 24.80 -64.28
C VAL LA 98 -38.00 23.46 -64.24
N GLY LA 99 -38.41 22.96 -65.39
CA GLY LA 99 -39.16 21.71 -65.40
C GLY LA 99 -38.22 20.58 -65.03
N LYS LA 100 -38.63 19.67 -64.16
CA LYS LA 100 -37.81 18.51 -63.88
C LYS LA 100 -38.57 17.22 -63.56
N THR LA 101 -38.14 16.13 -64.18
CA THR LA 101 -38.48 14.78 -63.74
C THR LA 101 -37.29 13.87 -64.02
N VAL LA 102 -37.38 12.63 -63.59
CA VAL LA 102 -36.24 11.71 -63.59
C VAL LA 102 -35.61 11.57 -64.98
N ASP LA 103 -36.45 11.49 -66.02
CA ASP LA 103 -35.96 11.34 -67.38
C ASP LA 103 -35.79 12.67 -68.14
N TYR LA 104 -36.27 13.76 -67.56
CA TYR LA 104 -36.36 15.00 -68.33
C TYR LA 104 -35.93 16.24 -67.56
N ARG LA 105 -34.88 16.91 -68.06
CA ARG LA 105 -34.54 18.21 -67.50
C ARG LA 105 -35.05 19.27 -68.49
N GLY LA 106 -36.15 19.91 -68.12
CA GLY LA 106 -36.77 20.86 -69.02
C GLY LA 106 -36.51 22.34 -68.83
N THR LA 107 -36.52 23.03 -69.96
CA THR LA 107 -36.67 24.48 -69.98
C THR LA 107 -35.60 25.25 -69.22
N MET LA 108 -34.40 25.38 -69.79
CA MET LA 108 -33.44 26.26 -69.17
C MET LA 108 -33.79 27.74 -69.38
N ILE LA 109 -34.02 28.41 -68.26
CA ILE LA 109 -34.50 29.79 -68.17
C ILE LA 109 -33.46 30.76 -67.65
N PRO LA 110 -33.26 31.89 -68.33
CA PRO LA 110 -32.44 32.94 -67.73
C PRO LA 110 -33.13 33.54 -66.50
N SER LA 111 -32.40 33.65 -65.39
CA SER LA 111 -32.92 34.21 -64.15
C SER LA 111 -32.07 35.36 -63.65
N GLU LA 112 -32.67 36.22 -62.83
CA GLU LA 112 -32.03 37.45 -62.42
C GLU LA 112 -31.45 37.39 -61.02
N ALA LA 113 -30.17 37.75 -60.91
CA ALA LA 113 -29.54 37.93 -59.61
C ALA LA 113 -29.68 39.40 -59.21
N PRO LA 114 -30.10 39.64 -57.96
CA PRO LA 114 -30.41 40.99 -57.50
C PRO LA 114 -29.16 41.85 -57.41
N LEU LA 115 -29.35 43.16 -57.33
CA LEU LA 115 -28.23 44.08 -57.25
C LEU LA 115 -28.34 44.98 -56.03
N LEU LA 116 -27.19 45.31 -55.45
CA LEU LA 116 -27.12 46.33 -54.41
C LEU LA 116 -27.45 47.67 -55.06
N HIS LA 117 -27.83 48.67 -54.27
CA HIS LA 117 -28.21 49.96 -54.83
C HIS LA 117 -26.98 50.81 -55.17
N ASN LA 118 -25.79 50.30 -54.86
CA ASN LA 118 -24.55 50.98 -55.22
C ASN LA 118 -24.12 50.67 -56.65
N GLN LA 119 -24.64 49.58 -57.19
CA GLN LA 119 -24.26 49.12 -58.51
C GLN LA 119 -25.26 49.54 -59.58
N VAL LA 120 -26.25 50.31 -59.18
CA VAL LA 120 -27.31 50.77 -60.08
C VAL LA 120 -27.61 52.26 -59.85
N LYS LA 121 -27.50 53.06 -60.90
CA LYS LA 121 -27.85 54.49 -60.83
C LYS LA 121 -29.10 54.80 -61.62
N LEU LA 122 -29.92 55.72 -61.09
CA LEU LA 122 -31.16 56.10 -61.75
C LEU LA 122 -30.87 56.97 -62.99
N VAL LA 123 -31.55 56.66 -64.09
CA VAL LA 123 -31.37 57.35 -65.37
C VAL LA 123 -32.49 58.35 -65.64
N ASP LA 124 -32.11 59.60 -65.92
CA ASP LA 124 -33.09 60.64 -66.26
C ASP LA 124 -33.55 60.47 -67.71
N PRO LA 125 -34.86 60.65 -67.96
CA PRO LA 125 -35.51 60.33 -69.24
C PRO LA 125 -34.87 60.99 -70.47
N THR LA 126 -34.45 62.25 -70.34
CA THR LA 126 -34.09 63.06 -71.51
C THR LA 126 -32.89 62.57 -72.34
N ASP LA 127 -31.70 62.54 -71.75
CA ASP LA 127 -30.48 62.18 -72.49
C ASP LA 127 -30.04 60.72 -72.30
N ARG LA 128 -30.82 59.97 -71.53
CA ARG LA 128 -30.56 58.55 -71.26
C ARG LA 128 -29.19 58.29 -70.61
N LYS LA 129 -28.69 59.26 -69.85
CA LYS LA 129 -27.49 59.10 -69.04
C LYS LA 129 -27.81 58.67 -67.59
N PRO LA 130 -26.85 58.03 -66.90
CA PRO LA 130 -27.01 57.75 -65.47
C PRO LA 130 -26.79 59.02 -64.63
N THR LA 131 -27.51 59.16 -63.53
CA THR LA 131 -27.40 60.39 -62.74
C THR LA 131 -27.55 60.15 -61.23
N ASP LA 132 -27.14 61.14 -60.45
CA ASP LA 132 -27.28 61.10 -59.00
C ASP LA 132 -28.57 61.79 -58.55
N VAL LA 133 -29.52 61.00 -58.08
CA VAL LA 133 -30.84 61.51 -57.72
C VAL LA 133 -30.83 62.08 -56.31
N GLU LA 134 -31.48 63.24 -56.15
CA GLU LA 134 -31.56 63.89 -54.85
C GLU LA 134 -32.98 64.38 -54.57
N TRP LA 135 -33.51 64.08 -53.39
CA TRP LA 135 -34.89 64.46 -53.08
C TRP LA 135 -35.05 65.95 -52.84
N ARG LA 136 -35.98 66.56 -53.57
CA ARG LA 136 -36.25 68.00 -53.43
C ARG LA 136 -37.72 68.30 -53.23
N PHE LA 137 -37.98 69.36 -52.49
CA PHE LA 137 -39.32 69.90 -52.29
C PHE LA 137 -39.51 71.11 -53.20
N THR LA 138 -40.54 71.08 -54.05
CA THR LA 138 -40.82 72.23 -54.91
C THR LA 138 -41.91 73.12 -54.28
N GLU LA 139 -42.35 74.13 -55.03
CA GLU LA 139 -43.21 75.19 -54.49
C GLU LA 139 -44.69 74.80 -54.40
N ALA LA 140 -45.04 73.66 -55.00
CA ALA LA 140 -46.43 73.21 -55.03
C ALA LA 140 -46.76 72.26 -53.87
N GLY LA 141 -45.79 72.04 -52.98
CA GLY LA 141 -45.93 71.11 -51.87
C GLY LA 141 -45.61 69.69 -52.30
N GLU LA 142 -44.87 69.59 -53.41
CA GLU LA 142 -44.59 68.32 -54.06
C GLU LA 142 -43.17 67.85 -53.78
N ARG LA 143 -42.99 66.54 -53.71
CA ARG LA 143 -41.67 65.96 -53.45
C ARG LA 143 -41.18 65.15 -54.65
N VAL LA 144 -40.16 65.66 -55.35
CA VAL LA 144 -39.70 64.98 -56.56
C VAL LA 144 -38.20 64.75 -56.53
N ARG LA 145 -37.75 63.81 -57.36
CA ARG LA 145 -36.34 63.48 -57.49
C ARG LA 145 -35.67 64.40 -58.51
N VAL LA 146 -34.62 65.09 -58.09
CA VAL LA 146 -33.92 66.03 -58.97
C VAL LA 146 -32.48 65.57 -59.23
N SER LA 147 -32.09 65.61 -60.51
CA SER LA 147 -30.77 65.19 -60.93
C SER LA 147 -29.69 66.19 -60.50
N THR LA 148 -28.59 65.67 -59.97
CA THR LA 148 -27.46 66.49 -59.55
C THR LA 148 -26.67 66.98 -60.77
N ARG LA 149 -26.36 66.06 -61.68
CA ARG LA 149 -25.55 66.37 -62.85
C ARG LA 149 -26.30 67.19 -63.90
N SER LA 150 -27.48 66.72 -64.32
CA SER LA 150 -28.24 67.35 -65.41
C SER LA 150 -29.19 68.48 -64.97
N GLY LA 151 -29.48 68.56 -63.68
CA GLY LA 151 -30.38 69.58 -63.15
C GLY LA 151 -31.81 69.53 -63.69
N ARG LA 152 -32.41 68.34 -63.69
CA ARG LA 152 -33.79 68.16 -64.12
C ARG LA 152 -34.55 67.42 -63.03
N ILE LA 153 -35.87 67.37 -63.13
CA ILE LA 153 -36.63 66.49 -62.24
C ILE LA 153 -36.97 65.20 -62.99
N ILE LA 154 -36.86 64.08 -62.27
CA ILE LA 154 -37.18 62.75 -62.79
C ILE LA 154 -38.54 62.30 -62.28
N PRO LA 155 -39.40 61.81 -63.20
CA PRO LA 155 -40.75 61.36 -62.82
C PRO LA 155 -40.70 60.20 -61.83
N LYS LA 156 -41.86 59.69 -61.46
CA LYS LA 156 -41.89 58.45 -60.68
C LYS LA 156 -42.59 57.38 -61.52
N PRO LA 157 -42.08 56.15 -61.44
CA PRO LA 157 -42.51 55.05 -62.32
C PRO LA 157 -43.86 54.44 -61.97
N GLU LA 158 -44.94 55.03 -62.48
CA GLU LA 158 -46.26 54.41 -62.36
C GLU LA 158 -46.17 52.97 -62.88
N PHE LA 159 -46.65 52.05 -62.06
CA PHE LA 159 -46.42 50.63 -62.26
C PHE LA 159 -47.72 49.88 -61.98
N PRO LA 160 -47.95 48.74 -62.66
CA PRO LA 160 -49.13 47.94 -62.32
C PRO LA 160 -49.07 47.43 -60.89
N ARG LA 161 -50.10 46.70 -60.46
CA ARG LA 161 -50.12 46.24 -59.10
C ARG LA 161 -50.23 44.73 -59.01
N ALA LA 162 -49.97 44.22 -57.80
CA ALA LA 162 -49.87 42.78 -57.51
C ALA LA 162 -51.12 41.98 -57.93
N ASP LA 163 -52.26 42.64 -58.01
CA ASP LA 163 -53.51 41.98 -58.33
C ASP LA 163 -53.67 41.68 -59.82
N GLY LA 164 -52.96 42.43 -60.65
CA GLY LA 164 -53.10 42.31 -62.09
C GLY LA 164 -54.45 42.82 -62.54
N ILE LA 165 -55.06 43.66 -61.70
CA ILE LA 165 -56.37 44.25 -61.98
C ILE LA 165 -56.26 45.74 -62.28
N VAL LA 166 -56.50 46.12 -63.53
CA VAL LA 166 -56.48 47.52 -63.92
C VAL LA 166 -57.88 48.13 -63.73
N PRO LA 167 -57.96 49.26 -62.99
CA PRO LA 167 -59.25 49.87 -62.63
C PRO LA 167 -60.03 50.40 -63.84
N GLU LA 168 -59.32 50.83 -64.88
CA GLU LA 168 -59.96 51.40 -66.06
C GLU LA 168 -60.77 50.38 -66.85
N THR LA 169 -60.22 49.18 -67.02
CA THR LA 169 -60.97 48.09 -67.65
C THR LA 169 -61.47 47.17 -66.55
N TRP LA 170 -62.75 47.26 -66.26
CA TRP LA 170 -63.35 46.50 -65.18
C TRP LA 170 -64.84 46.31 -65.43
N ILE LA 171 -65.38 45.18 -64.99
CA ILE LA 171 -66.79 44.88 -65.15
C ILE LA 171 -67.37 44.37 -63.84
N ASP LA 172 -68.45 45.00 -63.37
CA ASP LA 172 -69.03 44.65 -62.07
C ASP LA 172 -69.82 43.34 -62.08
N GLY LA 173 -69.41 42.42 -61.21
CA GLY LA 173 -70.12 41.16 -61.01
C GLY LA 173 -71.32 41.34 -60.12
N PRO LA 174 -72.00 40.24 -59.76
CA PRO LA 174 -73.24 40.25 -58.98
C PRO LA 174 -73.09 40.92 -57.61
N LYS LA 175 -72.02 40.56 -56.91
CA LYS LA 175 -71.80 41.00 -55.54
C LYS LA 175 -70.96 42.27 -55.43
N ASP LA 176 -70.67 42.91 -56.57
CA ASP LA 176 -69.99 44.21 -56.56
C ASP LA 176 -70.97 45.38 -56.53
N THR LA 177 -70.64 46.41 -55.72
CA THR LA 177 -71.45 47.61 -55.65
C THR LA 177 -70.93 48.63 -56.67
N SER LA 178 -71.84 49.32 -57.34
CA SER LA 178 -71.46 50.29 -58.37
C SER LA 178 -70.96 51.60 -57.74
N VAL LA 179 -70.11 52.32 -58.46
CA VAL LA 179 -69.48 53.55 -57.97
C VAL LA 179 -70.50 54.53 -57.45
N GLU LA 180 -71.62 54.59 -58.16
CA GLU LA 180 -72.75 55.44 -57.84
C GLU LA 180 -73.29 55.21 -56.42
N ASP LA 181 -73.66 53.97 -56.11
CA ASP LA 181 -74.26 53.63 -54.81
C ASP LA 181 -73.25 53.61 -53.68
N ALA LA 182 -71.97 53.46 -54.02
CA ALA LA 182 -70.93 53.45 -53.01
C ALA LA 182 -70.58 54.87 -52.57
N LEU LA 183 -70.51 55.80 -53.52
CA LEU LA 183 -70.11 57.16 -53.16
C LEU LA 183 -71.29 57.98 -52.62
N GLU LA 184 -72.49 57.43 -52.73
CA GLU LA 184 -73.70 58.12 -52.27
C GLU LA 184 -73.72 58.34 -50.75
N LYS LA 185 -73.94 59.59 -50.33
CA LYS LA 185 -73.93 59.93 -48.92
C LYS LA 185 -75.33 59.90 -48.29
N THR LA 186 -75.57 58.91 -47.43
CA THR LA 186 -76.87 58.77 -46.75
C THR LA 186 -76.87 59.35 -45.34
N TYR LA 187 -75.72 59.83 -44.91
CA TYR LA 187 -75.52 60.17 -43.50
C TYR LA 187 -76.19 61.48 -43.06
N VAL LA 188 -76.94 61.40 -41.97
CA VAL LA 188 -77.53 62.57 -41.33
C VAL LA 188 -77.01 62.60 -39.90
N PRO LA 189 -75.92 63.35 -39.69
CA PRO LA 189 -75.12 63.33 -38.47
C PRO LA 189 -75.91 63.82 -37.27
N ARG LA 190 -76.74 62.94 -36.70
CA ARG LA 190 -77.55 63.32 -35.55
C ARG LA 190 -77.22 62.44 -34.33
N LEU LA 191 -77.69 62.87 -33.16
CA LEU LA 191 -77.11 62.46 -31.88
C LEU LA 191 -77.56 61.13 -31.30
N LYS LA 192 -78.38 60.38 -32.03
CA LYS LA 192 -78.77 59.04 -31.59
C LYS LA 192 -77.72 57.96 -31.94
N THR LA 193 -77.69 56.88 -31.17
CA THR LA 193 -76.79 55.75 -31.47
C THR LA 193 -77.37 54.84 -32.54
N LEU LA 194 -76.61 53.82 -32.93
CA LEU LA 194 -77.08 52.85 -33.91
C LEU LA 194 -78.32 52.12 -33.40
N GLU LA 195 -78.32 51.80 -32.11
CA GLU LA 195 -79.40 51.04 -31.50
C GLU LA 195 -80.71 51.82 -31.48
N GLU LA 196 -80.62 53.08 -31.08
CA GLU LA 196 -81.80 53.93 -31.02
C GLU LA 196 -82.33 54.19 -32.42
N GLU LA 197 -81.42 54.49 -33.34
CA GLU LA 197 -81.76 54.72 -34.74
C GLU LA 197 -82.52 53.56 -35.34
N VAL LA 198 -81.90 52.39 -35.30
CA VAL LA 198 -82.46 51.20 -35.89
C VAL LA 198 -83.76 50.81 -35.22
N MET LA 199 -83.81 50.88 -33.89
CA MET LA 199 -85.01 50.45 -33.20
C MET LA 199 -86.18 51.38 -33.52
N GLU LA 200 -85.86 52.66 -33.71
CA GLU LA 200 -86.87 53.63 -34.09
C GLU LA 200 -87.34 53.41 -35.54
N ALA LA 201 -86.42 52.98 -36.40
CA ALA LA 201 -86.70 52.77 -37.81
C ALA LA 201 -87.49 51.49 -38.08
N MET LA 202 -87.23 50.45 -37.29
CA MET LA 202 -87.94 49.19 -37.44
C MET LA 202 -89.26 49.21 -36.68
N GLY LA 203 -89.48 50.28 -35.92
CA GLY LA 203 -90.72 50.45 -35.21
C GLY LA 203 -90.87 49.52 -34.02
N ILE LA 204 -89.74 49.02 -33.54
CA ILE LA 204 -89.72 48.19 -32.34
C ILE LA 204 -89.97 49.07 -31.12
N GLN LA 205 -90.97 48.70 -30.33
CA GLN LA 205 -91.37 49.54 -29.22
C GLN LA 205 -91.05 48.91 -27.88
N GLU LA 206 -90.22 49.58 -27.09
CA GLU LA 206 -89.86 49.09 -25.77
C GLU LA 206 -90.24 50.06 -24.65
N THR LA 207 -90.83 49.51 -23.60
CA THR LA 207 -91.36 50.28 -22.50
C THR LA 207 -90.41 50.28 -21.30
N ARG LA 208 -90.15 49.09 -20.75
CA ARG LA 208 -89.44 48.95 -19.48
C ARG LA 208 -88.04 49.54 -19.54
N ARG LA 209 -87.51 49.86 -18.36
CA ARG LA 209 -86.15 50.37 -18.23
C ARG LA 209 -85.35 49.50 -17.26
N HIS LA 210 -84.03 49.62 -17.27
CA HIS LA 210 -83.17 48.79 -16.44
C HIS LA 210 -83.17 49.21 -14.96
N LYS LA 211 -83.26 48.24 -14.07
CA LYS LA 211 -83.11 48.49 -12.63
C LYS LA 211 -81.66 48.86 -12.33
N LYS LA 212 -81.42 49.46 -11.16
CA LYS LA 212 -80.06 49.93 -10.84
C LYS LA 212 -79.07 48.79 -10.71
N VAL LA 213 -77.92 48.97 -11.34
CA VAL LA 213 -76.83 48.02 -11.28
C VAL LA 213 -75.64 48.65 -10.58
N TYR LA 214 -74.94 47.85 -9.78
CA TYR LA 214 -73.76 48.33 -9.07
C TYR LA 214 -72.50 47.87 -9.80
N TRP LA 215 -71.56 48.78 -9.99
CA TRP LA 215 -70.35 48.45 -10.70
C TRP LA 215 -69.15 48.49 -9.77
N TYR LA 216 -68.31 47.47 -9.84
CA TYR LA 216 -67.03 47.45 -9.15
C TYR LA 216 -66.16 46.29 -9.64
N ALA MA 30 -78.17 27.81 34.59
CA ALA MA 30 -78.65 27.20 33.36
C ALA MA 30 -77.50 26.95 32.40
N TYR MA 31 -77.50 25.78 31.76
CA TYR MA 31 -76.50 25.50 30.75
C TYR MA 31 -77.06 25.82 29.38
N GLU MA 32 -76.54 26.87 28.75
CA GLU MA 32 -77.04 27.32 27.46
C GLU MA 32 -76.48 26.48 26.33
N TRP MA 33 -77.25 26.37 25.26
CA TRP MA 33 -76.99 25.32 24.28
C TRP MA 33 -76.18 25.69 23.03
N GLY MA 34 -75.81 26.96 22.86
CA GLY MA 34 -74.93 27.28 21.75
C GLY MA 34 -73.48 27.04 22.15
N VAL MA 35 -72.55 27.40 21.29
CA VAL MA 35 -71.14 27.44 21.69
C VAL MA 35 -70.48 28.68 21.08
N ARG MA 36 -69.83 29.50 21.92
CA ARG MA 36 -69.28 30.80 21.52
C ARG MA 36 -68.48 30.70 20.23
N SER MA 37 -67.72 29.61 20.11
CA SER MA 37 -66.92 29.35 18.93
C SER MA 37 -67.78 29.30 17.68
N THR MA 38 -68.99 28.78 17.79
CA THR MA 38 -69.86 28.70 16.64
C THR MA 38 -70.62 29.98 16.29
N ARG MA 39 -71.24 30.58 17.30
CA ARG MA 39 -72.13 31.72 17.09
C ARG MA 39 -71.44 32.79 16.27
N LYS MA 40 -72.17 33.41 15.35
CA LYS MA 40 -71.55 34.34 14.41
C LYS MA 40 -70.78 35.39 15.20
N PRO MA 41 -69.50 35.58 14.82
CA PRO MA 41 -68.57 36.41 15.59
C PRO MA 41 -69.11 37.82 15.79
N GLU MA 42 -69.01 38.34 17.02
CA GLU MA 42 -69.47 39.69 17.32
C GLU MA 42 -68.73 40.69 16.45
N PRO MA 43 -69.41 41.79 16.08
CA PRO MA 43 -68.78 42.77 15.18
C PRO MA 43 -67.46 43.27 15.75
N PRO MA 44 -66.46 43.49 14.88
CA PRO MA 44 -65.17 44.01 15.33
C PRO MA 44 -65.37 45.34 16.06
N PRO MA 45 -64.70 45.54 17.20
CA PRO MA 45 -64.87 46.78 17.98
C PRO MA 45 -64.67 47.99 17.11
N LEU MA 46 -65.63 48.91 17.14
CA LEU MA 46 -65.67 50.01 16.19
C LEU MA 46 -64.43 50.89 16.33
N ASP MA 47 -63.92 51.37 15.20
CA ASP MA 47 -62.68 52.15 15.16
C ASP MA 47 -62.73 53.39 16.06
N ARG MA 48 -61.60 53.70 16.70
CA ARG MA 48 -61.55 54.76 17.71
C ARG MA 48 -61.96 56.14 17.21
N VAL MA 49 -61.82 56.36 15.90
CA VAL MA 49 -62.16 57.65 15.33
C VAL MA 49 -63.67 57.88 15.32
N TYR MA 50 -64.44 56.86 15.70
CA TYR MA 50 -65.89 56.99 15.75
C TYR MA 50 -66.36 57.41 17.14
N GLU MA 51 -65.41 57.51 18.06
CA GLU MA 51 -65.70 57.95 19.43
C GLU MA 51 -65.51 59.44 19.64
N ILE MA 52 -64.89 60.11 18.66
CA ILE MA 52 -64.53 61.51 18.80
C ILE MA 52 -65.61 62.42 18.22
N PRO MA 53 -66.26 63.21 19.08
CA PRO MA 53 -67.33 64.13 18.67
C PRO MA 53 -66.88 65.16 17.62
N GLY MA 54 -67.75 65.45 16.67
CA GLY MA 54 -67.52 66.51 15.70
C GLY MA 54 -66.37 66.24 14.73
N LEU MA 55 -66.07 64.97 14.51
CA LEU MA 55 -64.97 64.61 13.62
C LEU MA 55 -65.40 63.58 12.59
N GLU MA 56 -65.15 63.90 11.32
CA GLU MA 56 -65.46 63.00 10.21
C GLU MA 56 -64.35 61.97 10.02
N PRO MA 57 -64.67 60.70 10.27
CA PRO MA 57 -63.68 59.65 10.03
C PRO MA 57 -63.39 59.52 8.53
N ILE MA 58 -62.18 59.14 8.17
CA ILE MA 58 -61.86 58.90 6.77
C ILE MA 58 -61.81 57.39 6.50
N THR MA 59 -62.65 56.95 5.57
CA THR MA 59 -62.86 55.53 5.36
C THR MA 59 -62.50 55.12 3.96
N TYR MA 60 -62.32 53.81 3.79
CA TYR MA 60 -61.95 53.28 2.49
C TYR MA 60 -63.18 53.16 1.62
N ALA MA 61 -64.34 53.52 2.16
CA ALA MA 61 -65.60 53.45 1.41
C ALA MA 61 -65.53 54.26 0.12
N GLY MA 62 -64.60 55.20 0.06
CA GLY MA 62 -64.38 55.98 -1.13
C GLY MA 62 -63.81 55.19 -2.29
N LYS MA 63 -62.89 54.27 -1.98
CA LYS MA 63 -62.20 53.49 -3.02
C LYS MA 63 -62.88 52.15 -3.31
N MET MA 64 -64.02 51.91 -2.68
CA MET MA 64 -64.84 50.72 -2.93
C MET MA 64 -64.12 49.42 -2.65
N HIS MA 65 -63.28 49.41 -1.62
CA HIS MA 65 -62.59 48.19 -1.23
C HIS MA 65 -61.76 48.41 0.01
N PHE MA 66 -61.45 47.31 0.69
CA PHE MA 66 -60.77 47.40 1.97
C PHE MA 66 -59.37 47.93 1.77
N MET MA 67 -58.97 48.83 2.65
CA MET MA 67 -57.58 49.24 2.75
C MET MA 67 -57.15 49.27 4.19
N PRO MA 68 -55.95 48.78 4.48
CA PRO MA 68 -55.42 49.02 5.82
C PRO MA 68 -54.89 50.45 5.92
N GLY MA 69 -54.97 51.03 7.12
CA GLY MA 69 -54.54 52.40 7.31
C GLY MA 69 -55.72 53.34 7.42
N LEU MA 70 -56.88 52.88 6.95
CA LEU MA 70 -58.08 53.68 6.98
C LEU MA 70 -59.08 53.04 7.93
N ALA MA 71 -60.03 53.82 8.40
CA ALA MA 71 -61.04 53.32 9.33
C ALA MA 71 -62.20 52.63 8.62
N ARG MA 72 -62.75 51.63 9.28
CA ARG MA 72 -63.84 50.81 8.76
C ARG MA 72 -65.14 51.60 8.63
N PRO MA 73 -65.72 51.66 7.42
CA PRO MA 73 -66.96 52.39 7.16
C PRO MA 73 -68.18 51.68 7.70
N VAL MA 74 -69.16 52.43 8.18
CA VAL MA 74 -70.41 51.84 8.62
C VAL MA 74 -71.51 52.20 7.62
N PHE MA 75 -72.30 51.19 7.23
CA PHE MA 75 -73.28 51.37 6.17
C PHE MA 75 -74.71 51.20 6.66
N PRO MA 76 -75.65 51.93 6.04
CA PRO MA 76 -77.07 51.77 6.36
C PRO MA 76 -77.56 50.39 5.91
N PRO MA 77 -78.50 49.78 6.67
CA PRO MA 77 -79.09 48.51 6.22
C PRO MA 77 -79.64 48.70 4.81
N TRP MA 78 -79.31 47.79 3.92
CA TRP MA 78 -79.48 48.05 2.49
C TRP MA 78 -80.92 47.93 2.01
N ASP MA 79 -81.36 48.95 1.27
CA ASP MA 79 -82.73 49.01 0.74
C ASP MA 79 -82.73 49.16 -0.79
N PRO MA 80 -82.85 48.03 -1.47
CA PRO MA 80 -82.99 47.94 -2.92
C PRO MA 80 -84.39 48.40 -3.32
N GLY MA 81 -84.59 49.68 -3.61
CA GLY MA 81 -85.91 50.29 -3.62
C GLY MA 81 -87.03 49.46 -4.22
N TRP MA 82 -86.73 48.69 -5.26
CA TRP MA 82 -87.66 47.68 -5.78
C TRP MA 82 -87.45 46.33 -5.09
N THR MA 83 -88.51 45.71 -4.58
CA THR MA 83 -88.35 44.44 -3.89
C THR MA 83 -88.34 43.24 -4.83
N HIS MA 84 -87.39 42.33 -4.61
CA HIS MA 84 -87.28 41.09 -5.38
C HIS MA 84 -87.88 39.93 -4.60
N PRO MA 85 -88.78 39.17 -5.25
CA PRO MA 85 -89.54 38.09 -4.60
C PRO MA 85 -88.68 37.02 -3.93
N LYS MA 86 -87.63 36.53 -4.60
CA LYS MA 86 -86.81 35.47 -4.02
C LYS MA 86 -85.77 35.96 -2.99
N PHE MA 87 -85.06 37.04 -3.32
CA PHE MA 87 -83.87 37.42 -2.58
C PHE MA 87 -84.12 38.37 -1.41
N ARG MA 88 -85.38 38.69 -1.16
CA ARG MA 88 -85.73 39.52 0.00
C ARG MA 88 -85.65 38.72 1.29
N ARG MA 89 -85.53 39.43 2.40
CA ARG MA 89 -85.55 38.81 3.72
C ARG MA 89 -86.94 38.26 4.00
N LEU MA 90 -87.00 37.13 4.72
CA LEU MA 90 -88.27 36.47 5.04
C LEU MA 90 -89.21 37.36 5.85
N PRO MA 91 -90.44 37.56 5.35
CA PRO MA 91 -91.39 38.42 6.06
C PRO MA 91 -91.68 37.87 7.46
N PRO MA 92 -91.54 38.71 8.51
CA PRO MA 92 -91.86 38.23 9.86
C PRO MA 92 -93.29 37.72 9.91
N LEU MA 93 -93.52 36.72 10.76
CA LEU MA 93 -94.78 35.99 10.76
C LEU MA 93 -95.99 36.87 11.13
N HIS MA 94 -95.77 37.84 12.03
CA HIS MA 94 -96.86 38.65 12.56
C HIS MA 94 -97.49 39.57 11.52
N GLU MA 95 -96.80 39.81 10.41
CA GLU MA 95 -97.28 40.71 9.37
C GLU MA 95 -98.41 40.11 8.54
N HIS MA 96 -98.57 38.79 8.61
CA HIS MA 96 -99.55 38.09 7.80
C HIS MA 96 -100.99 38.52 8.12
N PRO MA 97 -101.87 38.56 7.10
CA PRO MA 97 -103.29 38.84 7.30
C PRO MA 97 -104.01 37.82 8.21
N LEU MA 98 -103.57 36.56 8.17
CA LEU MA 98 -104.25 35.49 8.90
C LEU MA 98 -103.69 35.30 10.30
N TYR MA 99 -102.77 36.18 10.68
CA TYR MA 99 -102.15 36.08 12.01
C TYR MA 99 -103.14 36.36 13.12
N LYS MA 100 -103.08 35.53 14.17
CA LYS MA 100 -103.95 35.68 15.34
C LYS MA 100 -103.14 35.43 16.60
N ASP MA 101 -103.54 36.06 17.70
CA ASP MA 101 -102.79 35.98 18.95
C ASP MA 101 -103.13 34.74 19.76
N GLN MA 102 -104.23 34.08 19.41
CA GLN MA 102 -104.60 32.83 20.05
C GLN MA 102 -103.77 31.70 19.50
N ALA MA 103 -103.01 31.04 20.36
CA ALA MA 103 -102.27 29.88 19.91
C ALA MA 103 -103.26 28.78 19.58
N CYS MA 104 -103.18 28.25 18.37
CA CYS MA 104 -104.04 27.15 17.96
C CYS MA 104 -103.24 25.88 17.78
N TYR MA 105 -103.70 24.80 18.39
CA TYR MA 105 -102.97 23.55 18.29
C TYR MA 105 -103.49 22.71 17.14
N VAL MA 106 -102.61 22.50 16.16
CA VAL MA 106 -102.95 21.80 14.94
C VAL MA 106 -102.49 20.36 15.02
N PHE MA 107 -103.30 19.48 14.46
CA PHE MA 107 -102.91 18.10 14.25
C PHE MA 107 -102.83 17.86 12.78
N HIS MA 108 -101.63 17.56 12.28
CA HIS MA 108 -101.47 17.22 10.89
C HIS MA 108 -101.05 15.78 10.75
N GLN MA 109 -100.92 15.35 9.51
CA GLN MA 109 -100.73 13.96 9.15
C GLN MA 109 -99.61 13.25 9.93
N ARG MA 110 -98.53 13.97 10.19
CA ARG MA 110 -97.33 13.37 10.78
C ARG MA 110 -97.11 13.53 12.29
N CYS MA 111 -98.04 14.15 13.00
CA CYS MA 111 -97.87 14.34 14.45
C CYS MA 111 -98.06 13.05 15.24
N ARG MA 112 -97.17 12.80 16.19
CA ARG MA 112 -97.30 11.67 17.10
C ARG MA 112 -97.91 12.13 18.41
N LEU MA 113 -98.90 11.40 18.92
CA LEU MA 113 -99.43 11.73 20.23
C LEU MA 113 -98.71 10.89 21.27
N LEU MA 114 -98.40 11.50 22.40
CA LEU MA 114 -97.63 10.80 23.43
C LEU MA 114 -98.44 9.65 24.01
N GLU MA 115 -99.64 9.95 24.50
CA GLU MA 115 -100.61 8.91 24.84
C GLU MA 115 -101.56 8.88 23.69
N GLY MA 116 -101.49 7.84 22.86
CA GLY MA 116 -102.19 7.93 21.59
C GLY MA 116 -103.70 7.92 21.67
N VAL MA 117 -104.27 6.82 22.14
CA VAL MA 117 -105.71 6.69 22.03
C VAL MA 117 -106.39 7.49 23.14
N LYS MA 118 -105.79 7.54 24.33
CA LYS MA 118 -106.34 8.37 25.41
C LYS MA 118 -106.52 9.82 24.96
N GLN MA 119 -105.42 10.42 24.53
CA GLN MA 119 -105.43 11.80 24.06
C GLN MA 119 -106.41 11.98 22.93
N ALA MA 120 -106.34 11.08 21.97
CA ALA MA 120 -107.22 11.17 20.81
C ALA MA 120 -108.66 11.28 21.28
N LEU MA 121 -109.04 10.39 22.19
CA LEU MA 121 -110.38 10.38 22.73
C LEU MA 121 -110.72 11.71 23.40
N TRP MA 122 -109.85 12.16 24.31
CA TRP MA 122 -110.12 13.36 25.06
C TRP MA 122 -110.32 14.58 24.15
N LEU MA 123 -109.46 14.72 23.14
CA LEU MA 123 -109.57 15.83 22.20
C LEU MA 123 -110.84 15.69 21.38
N THR MA 124 -111.25 14.44 21.18
CA THR MA 124 -112.41 14.14 20.37
C THR MA 124 -113.70 14.02 21.20
N LYS MA 125 -113.55 13.95 22.53
CA LYS MA 125 -114.67 13.71 23.45
C LYS MA 125 -115.42 12.46 23.02
N THR MA 126 -114.83 11.30 23.27
CA THR MA 126 -115.32 10.07 22.67
C THR MA 126 -115.08 8.86 23.59
N GLN MA 127 -115.98 7.88 23.54
CA GLN MA 127 -115.78 6.64 24.28
C GLN MA 127 -115.28 5.52 23.37
N LEU MA 128 -114.42 4.67 23.93
CA LEU MA 128 -113.84 3.55 23.18
C LEU MA 128 -114.53 2.22 23.49
N ILE MA 129 -114.77 1.45 22.43
CA ILE MA 129 -115.37 0.12 22.54
C ILE MA 129 -114.50 -0.88 21.80
N GLU MA 130 -114.27 -2.04 22.41
CA GLU MA 130 -113.30 -3.00 21.90
C GLU MA 130 -113.53 -3.48 20.46
N GLY MA 131 -114.56 -4.29 20.23
CA GLY MA 131 -114.76 -4.87 18.91
C GLY MA 131 -115.24 -3.88 17.86
N LEU MA 132 -115.57 -4.39 16.69
CA LEU MA 132 -116.23 -3.62 15.66
C LEU MA 132 -117.74 -3.68 15.87
N PRO MA 133 -118.49 -2.73 15.30
CA PRO MA 133 -119.96 -2.80 15.37
C PRO MA 133 -120.47 -4.15 14.86
N GLU MA 134 -121.54 -4.67 15.47
CA GLU MA 134 -122.03 -5.99 15.14
C GLU MA 134 -122.64 -6.05 13.73
N LYS MA 135 -123.10 -4.90 13.22
CA LYS MA 135 -123.56 -4.82 11.84
C LYS MA 135 -122.48 -5.30 10.89
N VAL MA 136 -121.28 -4.77 11.11
CA VAL MA 136 -120.12 -5.07 10.32
C VAL MA 136 -119.66 -6.53 10.45
N LEU MA 137 -119.78 -7.09 11.65
CA LEU MA 137 -119.39 -8.48 11.89
C LEU MA 137 -120.35 -9.45 11.20
N ARG MA 138 -121.65 -9.14 11.24
CA ARG MA 138 -122.61 -9.94 10.49
C ARG MA 138 -122.35 -9.84 8.99
N LEU MA 139 -122.04 -8.63 8.52
CA LEU MA 139 -121.65 -8.43 7.14
C LEU MA 139 -120.44 -9.29 6.77
N ALA MA 140 -119.56 -9.49 7.74
CA ALA MA 140 -118.31 -10.24 7.55
C ALA MA 140 -118.47 -11.76 7.58
N ASP MA 141 -119.42 -12.26 8.38
CA ASP MA 141 -119.53 -13.70 8.60
C ASP MA 141 -120.53 -14.42 7.69
N ASP MA 142 -121.18 -13.68 6.80
CA ASP MA 142 -122.08 -14.27 5.82
C ASP MA 142 -121.28 -14.91 4.67
N PRO MA 143 -121.40 -16.24 4.48
CA PRO MA 143 -120.69 -16.99 3.43
C PRO MA 143 -121.01 -16.49 2.02
N ARG MA 144 -122.08 -15.73 1.87
CA ARG MA 144 -122.39 -15.08 0.60
C ARG MA 144 -121.40 -13.99 0.24
N ASN MA 145 -120.85 -13.33 1.25
CA ASN MA 145 -120.05 -12.12 1.05
C ASN MA 145 -118.58 -12.37 0.71
N HIS MA 146 -118.19 -13.64 0.66
CA HIS MA 146 -116.83 -13.99 0.29
C HIS MA 146 -116.60 -13.85 -1.22
N ILE MA 147 -115.33 -13.77 -1.61
CA ILE MA 147 -114.95 -13.79 -3.02
C ILE MA 147 -114.89 -15.24 -3.49
N GLU MA 148 -114.56 -15.46 -4.76
CA GLU MA 148 -114.59 -16.79 -5.35
C GLU MA 148 -113.75 -17.80 -4.57
N ASN MA 149 -112.43 -17.67 -4.64
CA ASN MA 149 -111.58 -18.38 -3.70
C ASN MA 149 -110.83 -17.35 -2.86
N GLN MA 150 -111.21 -17.26 -1.59
CA GLN MA 150 -110.69 -16.20 -0.73
C GLN MA 150 -109.24 -16.41 -0.35
N ASP MA 151 -108.96 -17.57 0.23
CA ASP MA 151 -107.61 -17.86 0.70
C ASP MA 151 -106.62 -17.81 -0.46
N GLU MA 152 -107.03 -18.38 -1.59
CA GLU MA 152 -106.21 -18.34 -2.79
C GLU MA 152 -105.90 -16.90 -3.20
N ARG MA 153 -106.93 -16.09 -3.43
CA ARG MA 153 -106.75 -14.72 -3.91
C ARG MA 153 -105.98 -13.82 -2.95
N VAL MA 154 -106.24 -13.95 -1.66
CA VAL MA 154 -105.58 -13.08 -0.69
C VAL MA 154 -104.14 -13.53 -0.45
N LEU MA 155 -103.91 -14.84 -0.38
CA LEU MA 155 -102.54 -15.33 -0.30
C LEU MA 155 -101.75 -14.85 -1.52
N ASN MA 156 -102.43 -14.78 -2.66
CA ASN MA 156 -101.80 -14.22 -3.85
C ASN MA 156 -101.55 -12.72 -3.74
N ALA MA 157 -102.48 -11.95 -3.18
CA ALA MA 157 -102.26 -10.50 -3.09
C ALA MA 157 -101.11 -10.19 -2.14
N ILE MA 158 -101.04 -10.94 -1.04
CA ILE MA 158 -99.92 -10.86 -0.12
C ILE MA 158 -98.60 -11.22 -0.80
N SER MA 159 -98.55 -12.40 -1.42
CA SER MA 159 -97.33 -12.83 -2.10
C SER MA 159 -96.90 -11.80 -3.12
N HIS MA 160 -97.86 -11.27 -3.85
CA HIS MA 160 -97.58 -10.28 -4.89
C HIS MA 160 -96.97 -9.04 -4.29
N ALA MA 161 -97.69 -8.40 -3.37
CA ALA MA 161 -97.21 -7.15 -2.78
C ALA MA 161 -95.84 -7.32 -2.12
N ARG MA 162 -95.68 -8.45 -1.44
CA ARG MA 162 -94.49 -8.70 -0.64
C ARG MA 162 -93.30 -9.23 -1.43
N LEU MA 163 -93.55 -9.81 -2.60
CA LEU MA 163 -92.48 -10.40 -3.42
C LEU MA 163 -92.54 -10.01 -4.90
N TRP MA 164 -93.58 -10.48 -5.58
CA TRP MA 164 -93.65 -10.48 -7.04
C TRP MA 164 -93.79 -9.12 -7.71
N HIS MA 165 -94.09 -8.07 -6.96
CA HIS MA 165 -94.44 -6.82 -7.62
C HIS MA 165 -93.21 -6.04 -8.06
N SER MA 166 -92.05 -6.48 -7.61
CA SER MA 166 -90.81 -5.77 -7.91
C SER MA 166 -89.79 -6.64 -8.60
N THR MA 167 -88.79 -6.00 -9.19
CA THR MA 167 -87.74 -6.71 -9.88
C THR MA 167 -86.73 -7.24 -8.87
N GLU MA 168 -86.62 -6.52 -7.75
CA GLU MA 168 -85.64 -6.84 -6.71
C GLU MA 168 -86.00 -8.08 -5.88
N ASP MA 169 -84.99 -8.63 -5.20
CA ASP MA 169 -85.20 -9.82 -4.36
C ASP MA 169 -86.14 -9.56 -3.19
N ILE MA 170 -85.87 -8.50 -2.44
CA ILE MA 170 -86.65 -8.16 -1.27
C ILE MA 170 -87.05 -6.70 -1.30
N PRO MA 171 -88.27 -6.41 -1.80
CA PRO MA 171 -88.82 -5.05 -1.93
C PRO MA 171 -88.91 -4.33 -0.58
N LYS MA 172 -88.81 -3.01 -0.60
CA LYS MA 172 -88.88 -2.26 0.65
C LYS MA 172 -90.32 -2.01 1.04
N ARG MA 173 -90.55 -1.42 2.22
CA ARG MA 173 -91.92 -1.22 2.69
C ARG MA 173 -92.59 -0.09 1.93
N GLU MA 174 -91.77 0.86 1.49
CA GLU MA 174 -92.25 2.05 0.81
C GLU MA 174 -92.99 1.72 -0.47
N THR MA 175 -92.57 0.66 -1.13
CA THR MA 175 -93.34 0.13 -2.24
C THR MA 175 -94.48 -0.77 -1.79
N TYR MA 176 -94.21 -1.71 -0.88
CA TYR MA 176 -95.15 -2.81 -0.72
C TYR MA 176 -96.34 -2.50 0.17
N CYS MA 177 -96.28 -1.48 1.00
CA CYS MA 177 -97.47 -1.16 1.79
C CYS MA 177 -98.63 -0.60 0.93
N PRO MA 178 -98.36 0.45 0.11
CA PRO MA 178 -99.45 0.90 -0.76
C PRO MA 178 -99.92 -0.18 -1.74
N VAL MA 179 -99.01 -1.05 -2.14
CA VAL MA 179 -99.36 -2.10 -3.06
C VAL MA 179 -100.33 -3.09 -2.43
N ILE MA 180 -100.12 -3.46 -1.17
CA ILE MA 180 -101.00 -4.44 -0.54
C ILE MA 180 -102.35 -3.81 -0.20
N VAL MA 181 -102.35 -2.55 0.23
CA VAL MA 181 -103.64 -1.93 0.52
C VAL MA 181 -104.46 -1.78 -0.77
N ASP MA 182 -103.80 -1.43 -1.87
CA ASP MA 182 -104.52 -1.32 -3.13
C ASP MA 182 -104.97 -2.69 -3.70
N SER MA 183 -104.16 -3.72 -3.49
CA SER MA 183 -104.52 -5.10 -3.87
C SER MA 183 -105.80 -5.53 -3.18
N LEU MA 184 -105.87 -5.25 -1.88
CA LEU MA 184 -107.06 -5.62 -1.11
C LEU MA 184 -108.27 -4.78 -1.56
N ILE MA 185 -108.05 -3.49 -1.81
CA ILE MA 185 -109.12 -2.65 -2.36
C ILE MA 185 -109.66 -3.23 -3.66
N GLN MA 186 -108.79 -3.85 -4.45
CA GLN MA 186 -109.26 -4.45 -5.70
C GLN MA 186 -110.02 -5.75 -5.47
N LEU MA 187 -109.50 -6.60 -4.59
CA LEU MA 187 -110.20 -7.83 -4.22
C LEU MA 187 -111.62 -7.54 -3.73
N CYS MA 188 -111.80 -6.43 -3.04
CA CYS MA 188 -113.13 -6.04 -2.58
C CYS MA 188 -113.95 -5.41 -3.70
N LYS MA 189 -113.30 -4.58 -4.51
CA LYS MA 189 -113.93 -3.89 -5.63
C LYS MA 189 -114.54 -4.87 -6.62
N SER MA 190 -113.98 -6.08 -6.67
CA SER MA 190 -114.47 -7.12 -7.57
C SER MA 190 -115.89 -7.56 -7.26
N GLN MA 191 -116.38 -7.16 -6.08
CA GLN MA 191 -117.73 -7.53 -5.65
C GLN MA 191 -118.80 -6.59 -6.18
N ILE MA 192 -118.39 -5.63 -7.01
CA ILE MA 192 -119.35 -4.69 -7.62
C ILE MA 192 -120.34 -5.43 -8.52
N LEU MA 193 -120.00 -6.66 -8.87
CA LEU MA 193 -120.86 -7.51 -9.71
C LEU MA 193 -122.09 -7.98 -8.95
N LYS MA 194 -121.87 -8.43 -7.71
CA LYS MA 194 -122.93 -8.99 -6.88
C LYS MA 194 -123.81 -7.93 -6.19
N HIS MA 195 -123.20 -6.87 -5.65
CA HIS MA 195 -123.96 -5.80 -4.99
C HIS MA 195 -123.76 -4.49 -5.75
N PRO MA 196 -124.48 -4.29 -6.86
CA PRO MA 196 -124.09 -3.12 -7.67
C PRO MA 196 -124.50 -1.78 -7.09
N SER MA 197 -124.28 -1.57 -5.80
CA SER MA 197 -124.35 -0.25 -5.20
C SER MA 197 -122.96 0.36 -4.97
N LEU MA 198 -121.92 -0.42 -5.26
CA LEU MA 198 -120.57 0.00 -4.92
C LEU MA 198 -120.02 0.98 -5.93
N ALA MA 199 -120.75 1.14 -7.02
CA ALA MA 199 -120.35 2.03 -8.09
C ALA MA 199 -120.74 3.48 -7.71
N ARG MA 200 -121.34 3.61 -6.53
CA ARG MA 200 -121.73 4.91 -6.00
C ARG MA 200 -120.56 5.59 -5.30
N ARG MA 201 -119.38 4.95 -5.35
CA ARG MA 201 -118.21 5.46 -4.66
C ARG MA 201 -117.13 5.95 -5.62
N ILE MA 202 -116.33 6.90 -5.14
CA ILE MA 202 -115.18 7.38 -5.89
C ILE MA 202 -114.00 7.55 -4.95
N CYS MA 203 -112.80 7.27 -5.43
CA CYS MA 203 -111.62 7.38 -4.58
C CYS MA 203 -110.86 8.68 -4.85
N ALA MA 204 -110.31 9.27 -3.80
CA ALA MA 204 -109.59 10.53 -3.92
C ALA MA 204 -108.26 10.47 -3.19
N GLN MA 205 -107.30 11.28 -3.64
CA GLN MA 205 -105.97 11.30 -3.05
C GLN MA 205 -105.54 12.73 -2.73
N ASN MA 206 -105.04 12.92 -1.51
CA ASN MA 206 -104.46 14.19 -1.06
C ASN MA 206 -105.43 15.39 -1.17
N ASN MA 207 -106.45 15.39 -0.32
CA ASN MA 207 -107.35 16.52 -0.19
C ASN MA 207 -107.05 17.35 1.03
N THR MA 208 -107.10 18.66 0.87
CA THR MA 208 -107.02 19.57 2.00
C THR MA 208 -108.17 19.32 2.96
N LEU MA 209 -107.87 19.06 4.23
CA LEU MA 209 -108.92 18.91 5.22
C LEU MA 209 -108.65 19.83 6.41
N SER MA 210 -109.58 20.74 6.67
CA SER MA 210 -109.43 21.65 7.81
C SER MA 210 -110.69 21.62 8.68
N ALA MA 211 -110.54 21.06 9.87
CA ALA MA 211 -111.63 21.03 10.83
C ALA MA 211 -111.21 21.75 12.09
N THR MA 212 -111.83 22.89 12.33
CA THR MA 212 -111.53 23.68 13.51
C THR MA 212 -112.57 23.43 14.58
N TRP MA 213 -112.13 23.16 15.79
CA TRP MA 213 -113.10 23.10 16.88
C TRP MA 213 -112.47 23.46 18.21
N ASN MA 214 -113.30 24.06 19.06
CA ASN MA 214 -112.85 24.55 20.35
C ASN MA 214 -113.20 23.56 21.45
N ARG MA 215 -112.20 23.13 22.19
CA ARG MA 215 -112.42 22.17 23.25
C ARG MA 215 -111.83 22.63 24.58
N GLU MA 216 -112.70 22.95 25.52
CA GLU MA 216 -112.31 23.27 26.89
C GLU MA 216 -111.28 24.41 27.00
N SER MA 217 -111.57 25.54 26.35
CA SER MA 217 -110.67 26.71 26.32
C SER MA 217 -109.40 26.48 25.49
N ILE MA 218 -109.22 25.27 24.95
CA ILE MA 218 -108.10 24.98 24.06
C ILE MA 218 -108.56 24.90 22.60
N LEU MA 219 -107.94 25.67 21.72
CA LEU MA 219 -108.35 25.67 20.31
C LEU MA 219 -107.64 24.58 19.51
N LEU MA 220 -108.41 23.69 18.89
CA LEU MA 220 -107.83 22.59 18.12
C LEU MA 220 -108.20 22.66 16.65
N GLN MA 221 -107.25 22.31 15.78
CA GLN MA 221 -107.57 22.20 14.37
C GLN MA 221 -106.91 20.98 13.74
N VAL MA 222 -107.70 20.05 13.23
CA VAL MA 222 -107.09 18.95 12.48
C VAL MA 222 -107.04 19.38 11.04
N HIS MA 223 -105.82 19.51 10.56
CA HIS MA 223 -105.56 20.19 9.30
C HIS MA 223 -104.46 19.46 8.53
N GLY MA 224 -104.73 19.15 7.27
CA GLY MA 224 -103.72 18.46 6.50
C GLY MA 224 -104.29 17.53 5.46
N SER MA 225 -103.46 16.61 4.99
CA SER MA 225 -103.86 15.63 4.00
C SER MA 225 -103.70 14.22 4.56
N SER MA 226 -104.68 13.37 4.32
CA SER MA 226 -104.47 11.95 4.52
C SER MA 226 -104.09 11.36 3.17
N GLY MA 227 -103.72 10.07 3.17
CA GLY MA 227 -103.28 9.46 1.92
C GLY MA 227 -104.38 9.22 0.92
N ALA MA 228 -105.37 8.43 1.31
CA ALA MA 228 -106.37 7.97 0.37
C ALA MA 228 -107.73 7.94 1.03
N ARG MA 229 -108.71 8.47 0.33
CA ARG MA 229 -110.02 8.65 0.90
C ARG MA 229 -111.09 8.11 -0.02
N LEU MA 230 -111.82 7.12 0.45
CA LEU MA 230 -112.91 6.56 -0.31
C LEU MA 230 -114.21 7.30 0.01
N ASN MA 231 -114.78 7.96 -0.99
CA ASN MA 231 -115.99 8.74 -0.81
C ASN MA 231 -117.21 8.05 -1.40
N ALA MA 232 -118.36 8.28 -0.77
CA ALA MA 232 -119.61 7.71 -1.24
C ALA MA 232 -120.62 8.80 -1.61
N LYS MA 233 -121.57 8.42 -2.47
CA LYS MA 233 -122.64 9.30 -2.92
C LYS MA 233 -123.71 9.44 -1.84
N ASP MA 234 -123.95 8.35 -1.12
CA ASP MA 234 -124.98 8.31 -0.08
C ASP MA 234 -124.36 8.02 1.29
N PRO MA 235 -124.88 8.66 2.34
CA PRO MA 235 -124.26 8.52 3.67
C PRO MA 235 -124.40 7.13 4.26
N LEU MA 236 -123.78 6.96 5.41
CA LEU MA 236 -123.67 5.67 6.09
C LEU MA 236 -124.63 5.59 7.28
N PRO MA 237 -125.39 4.48 7.37
CA PRO MA 237 -126.39 4.33 8.44
C PRO MA 237 -125.76 4.25 9.83
N PRO MA 238 -126.27 5.04 10.80
CA PRO MA 238 -125.69 5.08 12.15
C PRO MA 238 -125.71 3.71 12.83
N VAL MA 239 -124.57 3.30 13.39
CA VAL MA 239 -124.37 1.92 13.84
C VAL MA 239 -124.56 1.63 15.34
N ALA MA 240 -124.93 2.64 16.11
CA ALA MA 240 -125.15 2.41 17.53
C ALA MA 240 -126.60 2.63 17.93
N SER MA 241 -127.16 1.68 18.68
CA SER MA 241 -128.50 1.81 19.22
C SER MA 241 -128.54 2.94 20.25
N GLN MA 242 -129.72 3.47 20.55
CA GLN MA 242 -129.84 4.61 21.46
C GLN MA 242 -129.33 4.31 22.88
N GLU MA 243 -129.41 3.03 23.25
CA GLU MA 243 -128.88 2.57 24.54
C GLU MA 243 -127.40 2.88 24.68
N GLU MA 244 -126.67 2.78 23.58
CA GLU MA 244 -125.23 3.05 23.55
C GLU MA 244 -124.93 4.53 23.71
N VAL MA 245 -125.71 5.36 23.02
CA VAL MA 245 -125.58 6.82 23.12
C VAL MA 245 -125.84 7.29 24.56
N GLU MA 246 -126.93 6.83 25.14
CA GLU MA 246 -127.27 7.24 26.49
C GLU MA 246 -126.33 6.63 27.54
N ALA MA 247 -125.80 5.44 27.26
CA ALA MA 247 -124.79 4.86 28.14
C ALA MA 247 -123.47 5.60 27.98
N THR MA 248 -123.34 6.34 26.87
CA THR MA 248 -122.18 7.20 26.63
C THR MA 248 -122.31 8.53 27.39
N LYS MA 249 -123.55 8.94 27.62
CA LYS MA 249 -123.78 10.13 28.45
C LYS MA 249 -123.24 10.01 29.89
N ASN MA 250 -123.09 8.78 30.40
CA ASN MA 250 -122.62 8.54 31.77
C ASN MA 250 -121.13 8.20 31.93
N HIS MA 251 -120.41 8.15 30.82
CA HIS MA 251 -119.01 7.73 30.85
C HIS MA 251 -118.07 8.86 31.25
N VAL MA 252 -117.10 8.55 32.09
CA VAL MA 252 -116.11 9.53 32.54
C VAL MA 252 -114.81 9.40 31.75
N LEU MA 253 -114.40 10.49 31.10
CA LEU MA 253 -113.16 10.52 30.32
C LEU MA 253 -111.93 10.34 31.19
N GLU MA 254 -111.07 9.38 30.83
CA GLU MA 254 -109.82 9.17 31.54
C GLU MA 254 -108.92 10.37 31.37
N THR MA 255 -108.13 10.69 32.39
CA THR MA 255 -107.24 11.82 32.29
C THR MA 255 -105.84 11.49 32.76
N PHE MA 256 -104.88 12.02 32.01
CA PHE MA 256 -103.46 11.85 32.27
C PHE MA 256 -102.94 13.13 32.90
N TYR MA 257 -102.67 13.11 34.21
CA TYR MA 257 -102.50 14.38 34.90
C TYR MA 257 -101.28 15.18 34.47
N PRO MA 258 -100.08 14.58 34.52
CA PRO MA 258 -98.93 15.45 34.26
C PRO MA 258 -98.92 15.97 32.82
N ILE MA 259 -99.34 15.13 31.87
CA ILE MA 259 -99.29 15.46 30.45
C ILE MA 259 -100.50 16.27 30.00
N SER MA 260 -100.28 17.45 29.43
CA SER MA 260 -101.39 18.21 28.88
C SER MA 260 -101.92 17.46 27.67
N PRO MA 261 -103.23 17.56 27.40
CA PRO MA 261 -103.83 16.81 26.29
C PRO MA 261 -103.37 17.32 24.92
N THR MA 262 -102.77 18.52 24.90
CA THR MA 262 -102.31 19.14 23.67
C THR MA 262 -100.97 18.56 23.19
N MET MA 263 -100.28 17.84 24.07
CA MET MA 263 -98.95 17.33 23.82
C MET MA 263 -98.80 16.55 22.50
N GLY MA 264 -97.87 16.99 21.66
CA GLY MA 264 -97.62 16.33 20.40
C GLY MA 264 -98.22 17.02 19.20
N LEU MA 265 -98.77 18.21 19.41
CA LEU MA 265 -99.43 18.92 18.33
C LEU MA 265 -98.59 20.12 17.96
N GLN MA 266 -99.08 20.89 17.00
CA GLN MA 266 -98.33 22.02 16.54
C GLN MA 266 -98.92 23.33 17.04
N GLU MA 267 -98.20 23.99 17.94
CA GLU MA 267 -98.60 25.33 18.35
C GLU MA 267 -98.46 26.22 17.13
N CYS MA 268 -99.53 26.93 16.80
CA CYS MA 268 -99.51 27.69 15.56
C CYS MA 268 -100.21 29.03 15.72
N ASN MA 269 -99.55 30.11 15.28
CA ASN MA 269 -100.12 31.44 15.39
C ASN MA 269 -100.74 32.00 14.13
N VAL MA 270 -100.62 31.28 13.02
CA VAL MA 270 -101.26 31.73 11.79
C VAL MA 270 -102.08 30.61 11.16
N TYR MA 271 -103.39 30.79 11.17
CA TYR MA 271 -104.32 29.73 10.77
C TYR MA 271 -105.63 30.35 10.34
N ASP MA 272 -106.46 29.57 9.64
CA ASP MA 272 -107.80 30.02 9.30
C ASP MA 272 -108.83 29.16 10.01
N VAL MA 273 -109.84 29.79 10.56
CA VAL MA 273 -110.95 29.01 11.05
C VAL MA 273 -112.08 29.08 10.04
N ASN MA 274 -112.22 28.01 9.29
CA ASN MA 274 -113.36 27.78 8.41
C ASN MA 274 -113.47 26.27 8.27
N ASP MA 275 -114.68 25.77 8.18
CA ASP MA 275 -114.85 24.35 7.98
C ASP MA 275 -114.53 24.06 6.54
N ASP MA 276 -113.58 23.15 6.33
CA ASP MA 276 -113.22 22.80 4.98
C ASP MA 276 -113.06 21.29 4.85
N THR MA 277 -113.79 20.73 3.91
CA THR MA 277 -113.56 19.38 3.46
C THR MA 277 -113.02 19.58 2.07
N GLY MA 278 -112.28 18.61 1.54
CA GLY MA 278 -111.42 18.88 0.41
C GLY MA 278 -112.12 19.30 -0.86
N PHE MA 279 -113.44 19.39 -0.79
CA PHE MA 279 -114.24 19.59 -1.98
C PHE MA 279 -115.10 20.83 -1.88
N GLN MA 280 -115.36 21.45 -3.03
CA GLN MA 280 -116.22 22.61 -3.05
C GLN MA 280 -117.69 22.20 -2.99
N GLU MA 281 -118.57 23.17 -3.12
CA GLU MA 281 -120.01 22.93 -3.08
C GLU MA 281 -120.43 22.06 -4.27
N GLY MA 282 -121.51 21.30 -4.08
CA GLY MA 282 -122.08 20.54 -5.18
C GLY MA 282 -121.20 19.41 -5.66
N TYR MA 283 -120.50 18.76 -4.73
CA TYR MA 283 -119.69 17.60 -5.07
C TYR MA 283 -120.58 16.35 -5.09
N PRO MA 284 -120.61 15.65 -6.24
CA PRO MA 284 -121.45 14.49 -6.50
C PRO MA 284 -121.26 13.35 -5.49
N TYR MA 285 -120.10 13.27 -4.85
CA TYR MA 285 -119.82 12.21 -3.89
C TYR MA 285 -119.51 12.79 -2.51
N PRO MA 286 -120.49 13.48 -1.92
CA PRO MA 286 -120.28 14.35 -0.75
C PRO MA 286 -119.97 13.62 0.56
N CYS MA 287 -120.20 12.31 0.66
CA CYS MA 287 -120.11 11.69 1.99
C CYS MA 287 -118.91 10.77 2.19
N PRO MA 288 -117.91 11.23 2.96
CA PRO MA 288 -116.75 10.43 3.33
C PRO MA 288 -117.13 9.07 3.86
N HIS MA 289 -116.47 8.04 3.34
CA HIS MA 289 -116.80 6.67 3.69
C HIS MA 289 -115.67 6.04 4.49
N THR MA 290 -114.51 5.90 3.86
CA THR MA 290 -113.35 5.32 4.54
C THR MA 290 -112.07 6.12 4.31
N LEU MA 291 -111.27 6.27 5.36
CA LEU MA 291 -109.95 6.86 5.26
C LEU MA 291 -108.91 5.76 5.33
N TYR MA 292 -107.87 5.86 4.49
CA TYR MA 292 -106.79 4.88 4.50
C TYR MA 292 -105.47 5.52 4.94
N PHE MA 293 -104.85 4.93 5.93
CA PHE MA 293 -103.58 5.44 6.43
C PHE MA 293 -102.50 4.39 6.30
N LEU MA 294 -101.52 4.69 5.46
CA LEU MA 294 -100.41 3.77 5.25
C LEU MA 294 -99.23 4.26 6.07
N GLU MA 295 -98.51 3.32 6.67
CA GLU MA 295 -97.19 3.68 7.14
C GLU MA 295 -96.19 3.06 6.20
N SER MA 296 -95.67 3.87 5.30
CA SER MA 296 -94.61 3.42 4.43
C SER MA 296 -93.40 4.25 4.76
N ALA MA 297 -92.48 3.62 5.48
CA ALA MA 297 -91.20 4.18 5.72
C ALA MA 297 -90.35 2.98 5.99
N ASN MA 298 -89.10 3.03 5.60
CA ASN MA 298 -88.29 1.83 5.76
C ASN MA 298 -87.91 1.67 7.23
N LEU MA 299 -87.23 2.66 7.79
CA LEU MA 299 -86.85 2.66 9.20
C LEU MA 299 -87.99 2.55 10.21
N ARG MA 300 -87.76 1.83 11.30
CA ARG MA 300 -88.69 1.83 12.43
C ARG MA 300 -89.00 3.25 12.90
N PRO MA 301 -87.97 4.00 13.33
CA PRO MA 301 -88.27 5.29 13.97
C PRO MA 301 -89.05 6.26 13.10
N ARG MA 302 -89.15 6.01 11.80
CA ARG MA 302 -89.92 6.91 10.96
C ARG MA 302 -91.35 6.44 10.77
N ARG MA 303 -91.67 5.28 11.35
CA ARG MA 303 -93.06 4.84 11.33
C ARG MA 303 -93.72 5.16 12.66
N PHE MA 304 -95.04 4.96 12.73
CA PHE MA 304 -95.79 5.23 13.94
C PHE MA 304 -95.84 3.98 14.80
N GLN MA 305 -95.80 4.16 16.12
CA GLN MA 305 -96.20 3.07 16.99
C GLN MA 305 -97.64 2.75 16.65
N PRO MA 306 -98.03 1.47 16.74
CA PRO MA 306 -99.41 1.09 16.40
C PRO MA 306 -100.43 2.00 17.10
N ASP MA 307 -100.16 2.29 18.36
CA ASP MA 307 -101.02 3.16 19.15
C ASP MA 307 -101.16 4.58 18.56
N GLN MA 308 -100.03 5.21 18.29
CA GLN MA 308 -100.02 6.55 17.70
C GLN MA 308 -100.79 6.55 16.38
N LEU MA 309 -100.69 5.45 15.64
CA LEU MA 309 -101.43 5.33 14.39
C LEU MA 309 -102.92 5.33 14.68
N ARG MA 310 -103.34 4.55 15.69
CA ARG MA 310 -104.74 4.53 16.09
C ARG MA 310 -105.22 5.94 16.42
N ALA MA 311 -104.42 6.69 17.15
CA ALA MA 311 -104.75 8.08 17.47
C ALA MA 311 -104.97 8.92 16.21
N LYS MA 312 -103.99 8.80 15.31
CA LYS MA 312 -103.99 9.52 14.06
C LYS MA 312 -105.29 9.33 13.34
N MET MA 313 -105.69 8.07 13.19
CA MET MA 313 -106.91 7.81 12.44
C MET MA 313 -108.17 8.17 13.23
N ILE MA 314 -108.10 8.17 14.57
CA ILE MA 314 -109.22 8.70 15.36
C ILE MA 314 -109.47 10.17 15.03
N LEU MA 315 -108.44 10.98 15.20
CA LEU MA 315 -108.54 12.41 15.02
C LEU MA 315 -108.89 12.78 13.58
N PHE MA 316 -108.37 12.02 12.64
CA PHE MA 316 -108.63 12.36 11.25
C PHE MA 316 -110.01 11.93 10.82
N ALA MA 317 -110.44 10.76 11.27
CA ALA MA 317 -111.82 10.33 11.05
C ALA MA 317 -112.75 11.40 11.60
N PHE MA 318 -112.44 11.85 12.80
CA PHE MA 318 -113.20 12.87 13.49
C PHE MA 318 -113.32 14.18 12.71
N GLY MA 319 -112.19 14.66 12.19
CA GLY MA 319 -112.23 15.86 11.39
C GLY MA 319 -113.08 15.69 10.15
N SER MA 320 -112.88 14.55 9.48
CA SER MA 320 -113.65 14.24 8.29
C SER MA 320 -115.15 14.29 8.57
N ALA MA 321 -115.54 13.76 9.73
CA ALA MA 321 -116.94 13.74 10.11
C ALA MA 321 -117.44 15.13 10.46
N LEU MA 322 -116.68 15.83 11.30
CA LEU MA 322 -117.03 17.17 11.75
C LEU MA 322 -117.27 18.12 10.58
N ALA MA 323 -116.49 17.98 9.53
CA ALA MA 323 -116.66 18.77 8.31
C ALA MA 323 -118.09 18.68 7.77
N GLN MA 324 -118.49 17.46 7.38
CA GLN MA 324 -119.86 17.18 6.96
C GLN MA 324 -120.88 17.69 7.95
N ALA MA 325 -120.69 17.29 9.21
CA ALA MA 325 -121.58 17.64 10.29
C ALA MA 325 -121.84 19.14 10.37
N ARG MA 326 -120.85 19.95 9.99
CA ARG MA 326 -121.05 21.39 9.94
C ARG MA 326 -121.48 21.87 8.57
N LEU MA 327 -121.45 20.99 7.58
CA LEU MA 327 -121.99 21.34 6.26
C LEU MA 327 -123.51 21.16 6.19
N LEU MA 328 -124.01 20.06 6.77
CA LEU MA 328 -125.41 19.67 6.64
C LEU MA 328 -126.31 20.27 7.72
N TYR MA 329 -125.69 20.90 8.71
CA TYR MA 329 -126.38 21.43 9.88
C TYR MA 329 -125.96 22.89 10.11
N GLY MA 330 -124.65 23.10 10.25
CA GLY MA 330 -124.09 24.42 10.42
C GLY MA 330 -123.40 24.70 11.75
N ASN MA 331 -122.67 25.80 11.79
CA ASN MA 331 -121.66 26.08 12.81
C ASN MA 331 -122.15 26.04 14.25
N ASP MA 332 -123.46 26.14 14.44
CA ASP MA 332 -124.07 26.03 15.75
C ASP MA 332 -123.67 24.70 16.43
N SER MA 333 -123.41 24.75 17.73
CA SER MA 333 -123.01 23.57 18.49
C SER MA 333 -124.22 22.89 19.12
N LYS MA 334 -124.51 21.69 18.64
CA LYS MA 334 -125.71 20.96 19.05
C LYS MA 334 -125.43 19.46 19.08
N VAL MA 335 -126.20 18.73 19.89
CA VAL MA 335 -126.18 17.28 19.78
C VAL MA 335 -126.89 16.92 18.49
N LEU MA 336 -126.50 15.78 17.89
CA LEU MA 336 -126.96 15.43 16.56
C LEU MA 336 -128.12 14.43 16.56
N GLU MA 337 -129.20 14.82 15.89
CA GLU MA 337 -130.37 13.97 15.70
C GLU MA 337 -130.09 12.95 14.61
N GLN MA 338 -129.11 13.24 13.77
CA GLN MA 338 -128.65 12.33 12.72
C GLN MA 338 -127.12 12.16 12.79
N PRO MA 339 -126.65 11.11 13.48
CA PRO MA 339 -125.23 10.85 13.73
C PRO MA 339 -124.43 10.66 12.45
N VAL MA 340 -123.23 11.21 12.35
CA VAL MA 340 -122.43 11.00 11.13
C VAL MA 340 -121.48 9.81 11.34
N VAL MA 341 -121.36 8.92 10.37
CA VAL MA 341 -120.43 7.81 10.54
C VAL MA 341 -119.33 7.76 9.48
N VAL MA 342 -118.08 7.64 9.93
CA VAL MA 342 -116.93 7.53 9.03
C VAL MA 342 -116.06 6.34 9.46
N GLN MA 343 -115.35 5.73 8.53
CA GLN MA 343 -114.47 4.60 8.82
C GLN MA 343 -113.02 4.91 8.53
N SER MA 344 -112.13 4.12 9.11
CA SER MA 344 -110.70 4.26 8.85
C SER MA 344 -109.94 2.94 8.97
N VAL MA 345 -108.95 2.74 8.10
CA VAL MA 345 -108.08 1.58 8.15
C VAL MA 345 -106.62 2.04 8.15
N GLY MA 346 -105.73 1.26 8.75
CA GLY MA 346 -104.34 1.67 8.81
C GLY MA 346 -103.36 0.51 8.80
N THR MA 347 -102.12 0.79 8.39
CA THR MA 347 -101.20 -0.30 8.05
C THR MA 347 -99.70 -0.14 8.30
N ASP MA 348 -99.09 -1.22 8.78
CA ASP MA 348 -97.67 -1.48 8.61
C ASP MA 348 -97.47 -2.04 7.21
N GLY MA 349 -98.55 -2.67 6.73
CA GLY MA 349 -98.56 -3.50 5.55
C GLY MA 349 -98.60 -4.97 5.90
N ARG MA 350 -98.10 -5.33 7.08
CA ARG MA 350 -98.40 -6.64 7.67
C ARG MA 350 -99.40 -6.56 8.82
N LEU MA 351 -99.76 -5.35 9.23
CA LEU MA 351 -100.54 -5.16 10.45
C LEU MA 351 -101.63 -4.11 10.27
N PHE MA 352 -102.85 -4.47 10.62
CA PHE MA 352 -104.00 -3.61 10.32
C PHE MA 352 -104.72 -3.05 11.53
N GLN MA 353 -105.11 -1.78 11.41
CA GLN MA 353 -105.86 -1.09 12.44
C GLN MA 353 -107.23 -0.70 11.88
N PHE MA 354 -108.29 -1.28 12.45
CA PHE MA 354 -109.65 -1.02 11.98
C PHE MA 354 -110.40 -0.07 12.90
N LEU MA 355 -111.08 0.90 12.31
CA LEU MA 355 -111.76 1.91 13.09
C LEU MA 355 -113.10 2.33 12.51
N VAL MA 356 -114.14 2.38 13.34
CA VAL MA 356 -115.39 3.01 12.93
C VAL MA 356 -115.77 4.09 13.94
N LEU MA 357 -116.07 5.28 13.40
CA LEU MA 357 -116.40 6.43 14.22
C LEU MA 357 -117.81 6.93 13.97
N GLN MA 358 -118.54 7.15 15.06
CA GLN MA 358 -119.86 7.78 15.03
C GLN MA 358 -119.82 9.11 15.77
N LEU MA 359 -120.03 10.19 15.04
CA LEU MA 359 -120.03 11.52 15.60
C LEU MA 359 -121.44 11.93 15.98
N ASN MA 360 -121.68 12.03 17.29
CA ASN MA 360 -122.96 12.48 17.83
C ASN MA 360 -123.06 13.93 18.31
N THR MA 361 -121.95 14.67 18.34
CA THR MA 361 -121.96 15.95 19.04
C THR MA 361 -121.14 17.03 18.36
N THR MA 362 -121.75 18.20 18.16
CA THR MA 362 -121.00 19.33 17.63
C THR MA 362 -120.56 20.32 18.73
N ASP MA 363 -120.98 20.11 19.98
CA ASP MA 363 -120.47 20.95 21.07
C ASP MA 363 -119.50 20.19 21.96
N LEU MA 364 -118.23 20.49 21.76
CA LEU MA 364 -117.16 19.86 22.52
C LEU MA 364 -116.59 20.78 23.60
N ALA MA 365 -117.10 22.00 23.68
CA ALA MA 365 -116.63 22.96 24.67
C ALA MA 365 -116.78 22.38 26.09
N SER MA 366 -117.99 21.92 26.41
CA SER MA 366 -118.27 21.28 27.70
C SER MA 366 -117.76 19.84 27.73
N ASP MA 367 -117.40 19.36 28.91
CA ASP MA 367 -116.96 17.99 29.08
C ASP MA 367 -118.13 17.05 29.40
N GLU MA 368 -119.28 17.63 29.75
CA GLU MA 368 -120.31 16.91 30.51
C GLU MA 368 -121.47 16.29 29.72
N GLY MA 369 -121.50 16.50 28.41
CA GLY MA 369 -122.64 16.08 27.62
C GLY MA 369 -122.61 14.64 27.13
N VAL MA 370 -123.21 14.42 25.96
CA VAL MA 370 -123.12 13.15 25.25
C VAL MA 370 -121.81 13.06 24.47
N LYS MA 371 -121.16 11.91 24.53
CA LYS MA 371 -119.86 11.75 23.88
C LYS MA 371 -119.97 10.97 22.56
N ASN MA 372 -119.08 11.28 21.62
CA ASN MA 372 -119.00 10.56 20.36
C ASN MA 372 -118.52 9.14 20.59
N LEU MA 373 -118.75 8.26 19.62
CA LEU MA 373 -118.43 6.86 19.79
C LEU MA 373 -117.39 6.36 18.79
N ALA MA 374 -116.48 5.50 19.25
CA ALA MA 374 -115.50 4.90 18.35
C ALA MA 374 -115.24 3.45 18.69
N TRP MA 375 -115.37 2.58 17.69
CA TRP MA 375 -115.01 1.17 17.79
C TRP MA 375 -113.64 0.94 17.16
N VAL MA 376 -112.73 0.34 17.92
CA VAL MA 376 -111.38 0.10 17.41
C VAL MA 376 -110.96 -1.37 17.50
N ASP MA 377 -110.83 -2.03 16.35
CA ASP MA 377 -110.26 -3.36 16.34
C ASP MA 377 -108.77 -3.23 16.03
N SER MA 378 -107.96 -3.54 17.04
CA SER MA 378 -106.56 -3.17 17.05
C SER MA 378 -105.64 -4.37 16.91
N ASP MA 379 -104.52 -4.15 16.21
CA ASP MA 379 -103.44 -5.13 16.06
C ASP MA 379 -103.92 -6.44 15.42
N GLN MA 380 -104.56 -6.31 14.27
CA GLN MA 380 -105.00 -7.46 13.51
C GLN MA 380 -103.97 -7.83 12.46
N LEU MA 381 -103.33 -8.97 12.68
CA LEU MA 381 -102.26 -9.45 11.83
C LEU MA 381 -102.81 -10.11 10.57
N LEU MA 382 -102.48 -9.58 9.40
CA LEU MA 382 -102.90 -10.21 8.15
C LEU MA 382 -102.03 -11.42 7.83
N TYR MA 383 -100.79 -11.40 8.29
CA TYR MA 383 -99.93 -12.57 8.23
C TYR MA 383 -98.80 -12.43 9.24
N GLN MA 384 -98.21 -13.55 9.64
CA GLN MA 384 -97.20 -13.53 10.69
C GLN MA 384 -95.88 -12.96 10.16
N HIS MA 385 -95.27 -13.68 9.22
CA HIS MA 385 -93.97 -13.32 8.69
C HIS MA 385 -93.91 -13.72 7.23
N PHE MA 386 -92.93 -13.21 6.49
CA PHE MA 386 -92.84 -13.55 5.08
C PHE MA 386 -91.41 -13.92 4.69
N TRP MA 387 -91.26 -14.93 3.85
CA TRP MA 387 -89.96 -15.31 3.35
C TRP MA 387 -89.88 -15.13 1.84
N CYS MA 388 -88.98 -14.27 1.38
CA CYS MA 388 -88.78 -14.05 -0.06
C CYS MA 388 -87.70 -14.96 -0.64
N LEU MA 389 -86.96 -15.63 0.24
CA LEU MA 389 -85.94 -16.58 -0.17
C LEU MA 389 -86.11 -17.84 0.66
N PRO MA 390 -85.91 -19.01 0.05
CA PRO MA 390 -86.03 -20.23 0.84
C PRO MA 390 -84.99 -20.27 1.95
N VAL MA 391 -85.43 -20.51 3.18
CA VAL MA 391 -84.50 -20.57 4.28
C VAL MA 391 -84.05 -22.01 4.44
N ILE MA 392 -82.72 -22.14 4.40
CA ILE MA 392 -81.98 -23.39 4.24
C ILE MA 392 -81.12 -23.71 5.46
N LYS MA 393 -81.24 -24.92 5.97
CA LYS MA 393 -80.52 -25.35 7.15
C LYS MA 393 -79.85 -26.70 6.90
N LYS MA 394 -78.53 -26.75 7.07
CA LYS MA 394 -77.71 -27.94 6.80
C LYS MA 394 -77.98 -28.50 5.40
N LYS MA 395 -77.95 -27.62 4.41
CA LYS MA 395 -78.08 -27.96 2.98
C LYS MA 395 -79.42 -28.58 2.61
N VAL MA 396 -80.45 -28.38 3.45
CA VAL MA 396 -81.82 -28.80 3.10
C VAL MA 396 -82.72 -27.59 3.13
N VAL MA 397 -83.88 -27.69 2.47
CA VAL MA 397 -84.83 -26.59 2.51
C VAL MA 397 -85.81 -26.83 3.64
N VAL MA 398 -85.71 -26.03 4.70
CA VAL MA 398 -86.63 -26.12 5.82
C VAL MA 398 -87.86 -25.26 5.55
N GLU MA 399 -87.68 -23.95 5.41
CA GLU MA 399 -88.89 -23.15 5.18
C GLU MA 399 -88.96 -22.56 3.77
N PRO MA 400 -90.06 -22.86 3.06
CA PRO MA 400 -90.24 -22.50 1.65
C PRO MA 400 -90.57 -21.03 1.51
N VAL MA 401 -90.68 -20.55 0.27
CA VAL MA 401 -90.95 -19.14 0.05
C VAL MA 401 -92.43 -18.85 0.18
N GLY MA 402 -92.77 -17.82 0.95
CA GLY MA 402 -94.15 -17.41 1.10
C GLY MA 402 -94.45 -16.88 2.49
N PRO MA 403 -95.74 -16.62 2.76
CA PRO MA 403 -96.19 -16.20 4.10
C PRO MA 403 -96.29 -17.35 5.13
N ILE MA 404 -95.95 -17.06 6.37
CA ILE MA 404 -96.18 -17.98 7.49
C ILE MA 404 -97.43 -17.57 8.22
N GLY MA 405 -98.46 -18.40 8.14
CA GLY MA 405 -99.68 -18.12 8.87
C GLY MA 405 -100.44 -17.12 8.06
N PHE MA 406 -101.76 -17.26 8.05
CA PHE MA 406 -102.57 -16.34 7.32
C PHE MA 406 -103.87 -16.20 8.08
N GLN MA 407 -104.28 -14.97 8.37
CA GLN MA 407 -105.55 -14.76 9.05
C GLN MA 407 -106.58 -14.31 8.03
N PRO MA 408 -107.48 -15.23 7.65
CA PRO MA 408 -108.56 -14.80 6.75
C PRO MA 408 -109.52 -13.84 7.45
N GLU MA 409 -109.43 -13.82 8.78
CA GLU MA 409 -110.24 -12.95 9.64
C GLU MA 409 -110.05 -11.48 9.34
N THR MA 410 -108.79 -11.07 9.28
CA THR MA 410 -108.46 -9.67 9.06
C THR MA 410 -108.95 -9.21 7.70
N PHE MA 411 -108.78 -10.05 6.68
CA PHE MA 411 -109.28 -9.66 5.39
C PHE MA 411 -110.80 -9.68 5.40
N ARG MA 412 -111.36 -10.54 6.23
CA ARG MA 412 -112.80 -10.63 6.33
C ARG MA 412 -113.35 -9.30 6.86
N LYS MA 413 -112.75 -8.80 7.93
CA LYS MA 413 -113.11 -7.49 8.48
C LYS MA 413 -112.90 -6.39 7.45
N PHE MA 414 -111.80 -6.49 6.71
CA PHE MA 414 -111.49 -5.51 5.67
C PHE MA 414 -112.64 -5.45 4.66
N LEU MA 415 -113.07 -6.63 4.22
CA LEU MA 415 -114.14 -6.78 3.27
C LEU MA 415 -115.42 -6.19 3.83
N ALA MA 416 -115.65 -6.46 5.11
CA ALA MA 416 -116.82 -5.96 5.78
C ALA MA 416 -116.86 -4.44 5.70
N LEU MA 417 -115.80 -3.80 6.17
CA LEU MA 417 -115.71 -2.36 6.15
C LEU MA 417 -115.83 -1.78 4.74
N TYR MA 418 -115.38 -2.52 3.74
CA TYR MA 418 -115.57 -2.03 2.38
C TYR MA 418 -117.03 -2.20 1.98
N LEU MA 419 -117.70 -3.18 2.59
CA LEU MA 419 -119.06 -3.54 2.19
C LEU MA 419 -120.12 -2.88 3.05
N HIS MA 420 -119.72 -2.00 3.95
CA HIS MA 420 -120.64 -1.38 4.90
C HIS MA 420 -121.76 -0.55 4.26
N GLY MA 421 -121.53 -0.03 3.07
CA GLY MA 421 -122.55 0.74 2.37
C GLY MA 421 -123.69 -0.13 1.85
N ALA MA 422 -123.35 -1.22 1.17
CA ALA MA 422 -124.34 -2.15 0.64
C ALA MA 422 -124.53 -3.36 1.56
N ARG NA 27 44.00 6.31 28.64
CA ARG NA 27 45.36 6.60 28.22
C ARG NA 27 46.14 7.29 29.33
N ARG NA 28 47.07 6.56 29.92
CA ARG NA 28 47.90 7.11 30.99
C ARG NA 28 49.21 7.64 30.41
N ALA NA 29 49.71 8.71 31.01
CA ALA NA 29 51.11 9.07 30.79
C ALA NA 29 51.91 8.65 32.02
N ALA NA 30 53.23 8.79 31.95
CA ALA NA 30 54.10 8.41 33.05
C ALA NA 30 54.67 9.65 33.72
N PRO NA 31 54.51 9.74 35.05
CA PRO NA 31 55.04 10.87 35.82
C PRO NA 31 56.51 11.14 35.48
N LEU NA 32 56.89 12.41 35.45
CA LEU NA 32 58.28 12.76 35.17
C LEU NA 32 58.99 13.06 36.48
N GLY NA 33 59.87 12.17 36.89
CA GLY NA 33 60.46 12.30 38.21
C GLY NA 33 59.43 11.94 39.27
N PRO NA 34 59.72 12.31 40.52
CA PRO NA 34 58.92 11.85 41.68
C PRO NA 34 57.53 12.47 41.79
N MET NA 35 56.57 11.65 42.18
CA MET NA 35 55.24 12.13 42.58
C MET NA 35 55.33 12.46 44.08
N PRO NA 36 54.59 13.48 44.53
CA PRO NA 36 54.87 14.03 45.87
C PRO NA 36 54.73 13.06 47.05
N ASN NA 37 53.63 12.33 47.16
CA ASN NA 37 53.47 11.49 48.34
C ASN NA 37 53.84 10.04 48.13
N GLU NA 38 54.41 9.74 46.97
CA GLU NA 38 54.73 8.37 46.59
C GLU NA 38 55.70 7.68 47.56
N ASP NA 39 56.31 8.46 48.46
CA ASP NA 39 57.34 7.95 49.35
C ASP NA 39 56.84 7.13 50.54
N ILE NA 40 55.80 7.62 51.23
CA ILE NA 40 55.36 6.96 52.46
C ILE NA 40 54.51 5.72 52.17
N ASP NA 41 54.60 4.74 53.08
CA ASP NA 41 53.93 3.45 52.92
C ASP NA 41 52.46 3.49 53.29
N VAL NA 42 51.60 3.08 52.35
CA VAL NA 42 50.17 3.02 52.63
C VAL NA 42 49.86 1.80 53.49
N SER NA 43 50.57 0.70 53.23
CA SER NA 43 50.43 -0.50 54.05
C SER NA 43 50.76 -0.15 55.49
N ASP NA 44 49.88 -0.55 56.41
CA ASP NA 44 50.05 -0.27 57.84
C ASP NA 44 50.11 1.23 58.15
N LEU NA 45 48.98 1.92 58.00
CA LEU NA 45 48.90 3.36 58.27
C LEU NA 45 48.93 3.68 59.76
N GLU NA 46 48.54 2.73 60.58
CA GLU NA 46 48.46 2.96 62.01
C GLU NA 46 49.85 3.16 62.64
N ARG NA 47 50.86 2.52 62.05
CA ARG NA 47 52.22 2.59 62.59
C ARG NA 47 53.01 3.79 62.08
N LEU NA 48 52.35 4.65 61.30
CA LEU NA 48 52.97 5.88 60.83
C LEU NA 48 52.65 7.04 61.76
N LYS NA 49 53.67 7.85 62.05
CA LYS NA 49 53.50 9.02 62.89
C LYS NA 49 52.79 10.13 62.11
N LYS NA 50 51.86 10.82 62.74
CA LYS NA 50 51.13 11.90 62.09
C LYS NA 50 51.48 13.23 62.74
N TYR NA 51 51.31 14.33 62.02
CA TYR NA 51 51.31 15.59 62.72
C TYR NA 51 49.89 15.89 63.13
N ARG NA 52 49.63 15.85 64.43
CA ARG NA 52 48.29 16.11 64.92
C ARG NA 52 48.12 17.62 65.10
N SER NA 53 49.17 18.36 64.76
CA SER NA 53 49.12 19.81 64.79
C SER NA 53 48.83 20.40 63.43
N PHE NA 54 47.90 21.35 63.37
CA PHE NA 54 47.71 22.13 62.16
C PHE NA 54 49.01 22.84 61.79
N ASP NA 55 49.72 23.28 62.81
CA ASP NA 55 50.88 24.13 62.59
C ASP NA 55 52.04 23.37 61.93
N ARG NA 56 52.33 22.16 62.41
CA ARG NA 56 53.36 21.33 61.81
C ARG NA 56 53.08 21.13 60.33
N TYR NA 57 51.82 20.82 60.03
CA TYR NA 57 51.40 20.69 58.65
C TYR NA 57 51.73 21.96 57.87
N ARG NA 58 51.28 23.11 58.38
CA ARG NA 58 51.54 24.38 57.70
C ARG NA 58 53.01 24.55 57.34
N ARG NA 59 53.88 24.23 58.30
CA ARG NA 59 55.32 24.30 58.07
C ARG NA 59 55.79 23.40 56.94
N ARG NA 60 55.49 22.11 57.08
CA ARG NA 60 55.89 21.11 56.09
C ARG NA 60 55.43 21.55 54.70
N ALA NA 61 54.23 22.11 54.63
CA ALA NA 61 53.66 22.56 53.36
C ALA NA 61 54.42 23.74 52.80
N GLU NA 62 54.80 24.67 53.66
CA GLU NA 62 55.55 25.83 53.17
C GLU NA 62 56.97 25.47 52.75
N GLN NA 63 57.53 24.41 53.30
CA GLN NA 63 58.81 23.91 52.81
C GLN NA 63 58.63 23.21 51.47
N GLU NA 64 57.52 22.49 51.32
CA GLU NA 64 57.22 21.83 50.05
C GLU NA 64 56.94 22.85 48.95
N ALA NA 65 56.47 24.03 49.31
CA ALA NA 65 56.10 25.04 48.33
C ALA NA 65 57.33 25.79 47.81
N ARG NA 66 58.46 25.58 48.46
CA ARG NA 66 59.68 26.27 48.05
C ARG NA 66 60.62 25.43 47.15
N LYS NA 67 60.29 24.18 46.90
CA LYS NA 67 61.17 23.32 46.12
C LYS NA 67 60.88 23.42 44.61
N PRO NA 68 61.86 23.07 43.77
CA PRO NA 68 61.72 23.18 42.30
C PRO NA 68 61.04 21.96 41.65
N HIS NA 69 59.71 21.94 41.63
CA HIS NA 69 58.93 20.83 41.06
C HIS NA 69 58.95 20.75 39.54
N TRP NA 70 58.57 19.59 39.02
CA TRP NA 70 58.59 19.37 37.58
C TRP NA 70 57.27 19.65 36.86
N TRP NA 71 56.30 20.19 37.58
CA TRP NA 71 55.00 20.51 37.00
C TRP NA 71 54.76 22.01 37.04
N ARG NA 72 53.83 22.51 36.23
CA ARG NA 72 53.59 23.95 36.18
C ARG NA 72 53.19 24.46 37.54
N THR NA 73 53.85 25.51 38.01
CA THR NA 73 53.63 25.97 39.38
C THR NA 73 53.40 27.48 39.44
N TYR NA 74 52.99 27.96 40.60
CA TYR NA 74 52.75 29.38 40.79
C TYR NA 74 54.03 30.19 40.56
N ARG NA 75 55.09 29.80 41.25
CA ARG NA 75 56.37 30.47 41.14
C ARG NA 75 56.78 30.70 39.70
N GLU NA 76 56.68 29.64 38.89
CA GLU NA 76 57.11 29.68 37.50
C GLU NA 76 56.47 30.82 36.72
N HIS NA 77 55.15 30.94 36.81
CA HIS NA 77 54.43 31.96 36.04
C HIS NA 77 54.51 33.34 36.65
N PHE NA 78 54.60 33.40 37.96
CA PHE NA 78 54.48 34.67 38.67
C PHE NA 78 55.78 35.38 38.97
N GLY NA 79 56.83 34.97 38.27
CA GLY NA 79 57.99 35.83 38.20
C GLY NA 79 58.89 35.90 39.41
N GLU NA 80 59.56 34.78 39.66
CA GLU NA 80 60.63 34.71 40.66
C GLU NA 80 61.77 35.69 40.34
N GLU NA 81 61.65 36.41 39.23
CA GLU NA 81 62.60 37.44 38.79
C GLU NA 81 63.97 36.85 38.49
N SER NA 82 64.02 36.15 37.35
CA SER NA 82 65.21 35.53 36.77
C SER NA 82 65.49 34.16 37.43
N GLY NA 83 64.74 33.84 38.48
CA GLY NA 83 64.90 32.58 39.18
C GLY NA 83 66.33 32.41 39.70
N PRO NA 84 67.00 31.31 39.29
CA PRO NA 84 68.44 31.17 39.59
C PRO NA 84 69.29 32.17 38.82
N LYS NA 85 70.17 32.87 39.52
CA LYS NA 85 71.05 33.84 38.89
C LYS NA 85 72.46 33.74 39.48
N ASP NA 86 73.44 33.53 38.62
CA ASP NA 86 74.83 33.56 39.03
C ASP NA 86 75.22 35.04 39.20
N ARG NA 87 75.66 35.38 40.40
CA ARG NA 87 75.91 36.78 40.75
C ARG NA 87 77.32 37.23 40.49
N VAL NA 88 77.48 38.17 39.56
CA VAL NA 88 78.75 38.84 39.41
C VAL NA 88 78.90 39.68 40.67
N ASP NA 89 79.97 39.47 41.41
CA ASP NA 89 80.13 40.14 42.70
C ASP NA 89 81.27 41.14 42.66
N ILE NA 90 80.96 42.43 42.72
CA ILE NA 90 82.02 43.38 42.92
C ILE NA 90 81.97 43.82 44.37
N GLY NA 91 82.75 43.15 45.20
CA GLY NA 91 82.70 43.39 46.63
C GLY NA 91 83.94 43.96 47.27
N LEU NA 92 83.82 44.26 48.56
CA LEU NA 92 84.96 44.27 49.44
C LEU NA 92 85.05 42.89 50.07
N PRO NA 93 86.26 42.32 50.09
CA PRO NA 93 86.47 40.97 50.64
C PRO NA 93 85.98 40.83 52.07
N PRO NA 94 85.20 39.77 52.34
CA PRO NA 94 84.64 39.47 53.66
C PRO NA 94 85.71 39.48 54.75
N PRO NA 95 85.41 40.08 55.91
CA PRO NA 95 86.31 40.13 57.06
C PRO NA 95 86.67 38.75 57.57
N LYS NA 96 87.96 38.48 57.76
CA LYS NA 96 88.41 37.15 58.16
C LYS NA 96 88.46 37.04 59.67
N VAL NA 97 87.62 36.16 60.21
CA VAL NA 97 87.56 35.94 61.66
C VAL NA 97 87.56 34.44 61.98
N SER NA 98 88.22 34.08 63.07
CA SER NA 98 88.34 32.69 63.48
C SER NA 98 87.03 32.14 64.06
N ARG NA 99 86.59 31.03 63.46
CA ARG NA 99 85.34 30.38 63.79
C ARG NA 99 85.30 29.89 65.24
N THR NA 100 86.27 29.04 65.58
CA THR NA 100 86.33 28.39 66.89
C THR NA 100 86.49 29.39 68.03
N GLN NA 101 87.34 30.39 67.81
CA GLN NA 101 87.58 31.43 68.81
C GLN NA 101 86.29 32.16 69.15
N GLN NA 102 85.68 32.71 68.10
CA GLN NA 102 84.38 33.38 68.22
C GLN NA 102 83.37 32.51 68.96
N LEU NA 103 83.27 31.25 68.54
CA LEU NA 103 82.33 30.30 69.12
C LEU NA 103 82.54 30.17 70.63
N LEU NA 104 83.79 29.95 71.03
CA LEU NA 104 84.14 29.84 72.43
C LEU NA 104 83.74 31.10 73.21
N GLU NA 105 84.09 32.27 72.66
CA GLU NA 105 83.80 33.53 73.32
C GLU NA 105 82.31 33.74 73.55
N ARG NA 106 81.50 33.39 72.54
CA ARG NA 106 80.06 33.53 72.65
C ARG NA 106 79.46 32.54 73.64
N LYS NA 107 79.93 31.29 73.58
CA LYS NA 107 79.54 30.28 74.55
C LYS NA 107 79.76 30.80 75.98
N GLN NA 108 80.95 31.34 76.23
CA GLN NA 108 81.29 31.88 77.55
C GLN NA 108 80.38 33.03 77.95
N ALA NA 109 80.20 33.99 77.04
CA ALA NA 109 79.36 35.14 77.32
C ALA NA 109 77.94 34.71 77.72
N LEU NA 110 77.41 33.71 77.02
CA LEU NA 110 76.06 33.22 77.31
C LEU NA 110 76.00 32.40 78.60
N ARG NA 111 77.08 31.69 78.93
CA ARG NA 111 77.17 31.04 80.25
C ARG NA 111 77.05 32.09 81.35
N GLU NA 112 77.85 33.14 81.22
CA GLU NA 112 77.86 34.25 82.18
C GLU NA 112 76.48 34.86 82.33
N LEU NA 113 75.86 35.19 81.19
CA LEU NA 113 74.56 35.84 81.21
C LEU NA 113 73.46 34.93 81.75
N ARG NA 114 73.58 33.62 81.52
CA ARG NA 114 72.60 32.66 82.02
C ARG NA 114 72.83 32.37 83.52
N ALA NA 115 74.04 32.64 84.00
CA ALA NA 115 74.40 32.33 85.38
C ALA NA 115 73.63 33.17 86.41
N ASN NA 116 73.52 34.47 86.16
CA ASN NA 116 72.92 35.42 87.11
C ASN NA 116 71.47 35.08 87.47
N VAL NA 117 71.13 35.28 88.75
CA VAL NA 117 69.76 35.07 89.21
C VAL NA 117 68.87 36.26 88.88
N GLU NA 118 69.45 37.45 88.94
CA GLU NA 118 68.79 38.71 88.55
C GLU NA 118 68.12 38.63 87.18
N GLU NA 119 68.85 38.10 86.20
CA GLU NA 119 68.36 37.92 84.84
C GLU NA 119 67.13 37.02 84.80
N GLU NA 120 67.22 35.88 85.48
CA GLU NA 120 66.11 34.93 85.55
C GLU NA 120 64.86 35.57 86.17
N ARG NA 121 65.05 36.34 87.25
CA ARG NA 121 63.94 37.11 87.83
C ARG NA 121 63.33 38.05 86.81
N ALA NA 122 64.18 38.72 86.04
CA ALA NA 122 63.71 39.63 85.00
C ALA NA 122 62.91 38.88 83.93
N ALA NA 123 63.25 37.61 83.73
CA ALA NA 123 62.55 36.78 82.75
C ALA NA 123 61.17 36.29 83.22
N ARG NA 124 61.09 35.70 84.40
CA ARG NA 124 59.82 35.10 84.86
C ARG NA 124 58.73 36.14 85.06
N LEU NA 125 59.13 37.33 85.47
CA LEU NA 125 58.19 38.35 85.90
C LEU NA 125 57.82 39.27 84.75
N GLN NA 126 58.30 38.91 83.55
CA GLN NA 126 57.96 39.57 82.30
C GLN NA 126 58.43 41.02 82.26
N THR NA 127 59.45 41.34 83.05
CA THR NA 127 60.03 42.66 82.98
C THR NA 127 61.48 42.57 82.52
N ALA NA 128 61.71 43.00 81.29
CA ALA NA 128 63.07 43.10 80.76
C ALA NA 128 63.06 44.05 79.58
N ARG NA 129 64.23 44.58 79.24
CA ARG NA 129 64.36 45.48 78.12
C ARG NA 129 65.69 45.22 77.44
N ILE NA 130 65.73 45.45 76.15
CA ILE NA 130 66.97 45.34 75.42
C ILE NA 130 67.48 46.72 75.02
N PRO NA 131 68.75 47.01 75.35
CA PRO NA 131 69.41 48.30 75.06
C PRO NA 131 69.59 48.52 73.56
N LEU NA 132 68.52 48.95 72.90
CA LEU NA 132 68.41 48.98 71.44
C LEU NA 132 69.61 49.59 70.72
N GLU NA 133 70.26 50.57 71.33
CA GLU NA 133 71.43 51.20 70.73
C GLU NA 133 72.59 50.22 70.54
N ALA NA 134 72.76 49.34 71.52
CA ALA NA 134 73.85 48.37 71.49
C ALA NA 134 73.55 47.25 70.48
N VAL NA 135 72.28 46.91 70.32
CA VAL NA 135 71.86 45.91 69.33
C VAL NA 135 72.00 46.47 67.93
N ARG NA 136 71.68 47.74 67.77
CA ARG NA 136 71.88 48.43 66.51
C ARG NA 136 73.39 48.47 66.19
N ALA NA 137 74.20 48.64 67.23
CA ALA NA 137 75.65 48.59 67.07
C ALA NA 137 76.14 47.23 66.57
N GLU NA 138 75.82 46.18 67.31
CA GLU NA 138 76.20 44.82 66.94
C GLU NA 138 75.70 44.41 65.56
N TRP NA 139 74.47 44.81 65.27
CA TRP NA 139 73.84 44.56 63.98
C TRP NA 139 74.65 45.22 62.87
N GLU NA 140 74.97 46.51 63.06
CA GLU NA 140 75.78 47.25 62.10
C GLU NA 140 77.15 46.58 61.89
N ARG NA 141 77.65 45.98 62.97
CA ARG NA 141 78.95 45.33 62.94
C ARG NA 141 78.89 43.95 62.28
N THR NA 142 77.80 43.21 62.47
CA THR NA 142 77.78 41.80 62.10
C THR NA 142 77.04 41.43 60.81
N CYS NA 143 75.71 41.31 60.91
CA CYS NA 143 74.89 40.83 59.80
C CYS NA 143 74.22 41.97 59.07
N GLY NA 144 74.44 43.18 59.57
CA GLY NA 144 73.88 44.38 58.98
C GLY NA 144 74.11 44.45 57.50
N PRO NA 145 75.38 44.34 57.06
CA PRO NA 145 75.70 44.41 55.63
C PRO NA 145 74.80 43.54 54.76
N TYR NA 146 74.49 42.34 55.22
CA TYR NA 146 73.66 41.43 54.45
C TYR NA 146 72.21 41.90 54.37
N HIS NA 147 71.67 42.37 55.49
CA HIS NA 147 70.31 42.89 55.51
C HIS NA 147 70.18 44.12 54.60
N LYS NA 148 71.12 45.04 54.74
CA LYS NA 148 71.16 46.21 53.87
C LYS NA 148 71.20 45.75 52.43
N GLN NA 149 71.99 44.69 52.18
CA GLN NA 149 72.09 44.17 50.83
C GLN NA 149 70.74 43.75 50.30
N ARG NA 150 70.03 42.90 51.04
CA ARG NA 150 68.80 42.37 50.49
C ARG NA 150 67.72 43.45 50.43
N LEU NA 151 67.85 44.50 51.24
CA LEU NA 151 66.94 45.64 51.09
C LEU NA 151 67.21 46.37 49.79
N ALA NA 152 68.50 46.48 49.45
CA ALA NA 152 68.89 47.11 48.21
C ALA NA 152 68.40 46.29 47.01
N GLU NA 153 68.56 44.98 47.10
CA GLU NA 153 68.07 44.08 46.06
C GLU NA 153 66.56 44.23 45.91
N TYR NA 154 65.87 44.29 47.04
CA TYR NA 154 64.43 44.54 47.07
C TYR NA 154 64.07 45.79 46.31
N CYS NA 155 64.78 46.87 46.59
CA CYS NA 155 64.48 48.14 45.96
C CYS NA 155 65.16 48.28 44.60
N GLY NA 156 65.86 47.23 44.17
CA GLY NA 156 66.43 47.19 42.85
C GLY NA 156 67.50 48.24 42.58
N LEU NA 157 68.29 48.55 43.61
CA LEU NA 157 69.45 49.40 43.47
C LEU NA 157 70.41 48.78 42.46
N TYR NA 158 70.72 47.51 42.68
CA TYR NA 158 71.66 46.78 41.83
C TYR NA 158 71.17 46.62 40.40
N ARG NA 159 69.86 46.66 40.23
CA ARG NA 159 69.28 46.43 38.93
C ARG NA 159 69.42 47.67 38.04
N ASP NA 160 69.33 48.86 38.64
CA ASP NA 160 69.49 50.10 37.89
C ASP NA 160 70.90 50.69 37.91
N LEU NA 161 71.77 50.13 38.73
CA LEU NA 161 73.12 50.67 38.85
C LEU NA 161 74.14 49.83 38.09
N PHE NA 162 74.43 48.64 38.60
CA PHE NA 162 75.46 47.77 38.02
C PHE NA 162 74.89 46.67 37.11
N HIS NA 163 73.57 46.62 37.06
CA HIS NA 163 72.75 45.80 36.16
C HIS NA 163 72.71 44.31 36.47
N GLY NA 164 73.84 43.75 36.89
CA GLY NA 164 73.85 42.37 37.30
C GLY NA 164 74.37 42.15 38.69
N ALA NA 165 74.89 43.21 39.27
CA ALA NA 165 75.95 43.01 40.25
C ALA NA 165 75.51 43.30 41.67
N THR NA 166 75.90 42.41 42.57
CA THR NA 166 75.59 42.55 43.97
C THR NA 166 76.85 42.74 44.78
N PHE NA 167 76.90 43.80 45.57
CA PHE NA 167 77.98 43.93 46.52
C PHE NA 167 77.43 43.99 47.91
N VAL NA 168 78.22 43.53 48.87
CA VAL NA 168 77.84 43.61 50.25
C VAL NA 168 78.44 44.88 50.85
N PRO NA 169 77.60 45.73 51.45
CA PRO NA 169 78.06 46.98 52.05
C PRO NA 169 78.86 46.76 53.33
N ARG NA 170 80.15 46.44 53.19
CA ARG NA 170 80.99 46.15 54.35
C ARG NA 170 81.17 47.36 55.27
N VAL NA 171 81.44 48.52 54.70
CA VAL NA 171 81.59 49.70 55.53
C VAL NA 171 80.24 50.37 55.75
N PRO NA 172 79.86 50.56 57.02
CA PRO NA 172 78.62 51.28 57.32
C PRO NA 172 78.71 52.75 56.96
N LEU NA 173 77.66 53.26 56.34
CA LEU NA 173 77.63 54.66 55.90
C LEU NA 173 76.58 55.44 56.67
N HIS NA 174 77.00 56.44 57.42
CA HIS NA 174 76.06 57.23 58.20
C HIS NA 174 75.83 58.61 57.61
N VAL NA 175 74.65 58.80 57.05
CA VAL NA 175 74.32 60.07 56.42
C VAL NA 175 73.24 60.78 57.23
N ALA NA 176 73.34 62.10 57.34
CA ALA NA 176 72.32 62.85 58.06
C ALA NA 176 72.10 64.23 57.47
N TYR NA 177 70.92 64.78 57.69
CA TYR NA 177 70.60 66.13 57.27
C TYR NA 177 70.31 67.02 58.47
N ALA NA 178 70.65 68.30 58.35
CA ALA NA 178 70.33 69.26 59.38
C ALA NA 178 68.99 69.94 59.07
N VAL NA 179 67.98 69.67 59.88
CA VAL NA 179 66.67 70.27 59.71
C VAL NA 179 66.58 71.62 60.43
N GLY NA 180 67.54 71.83 61.33
CA GLY NA 180 67.58 73.01 62.17
C GLY NA 180 68.85 72.91 63.00
N GLU NA 181 68.90 73.65 64.10
CA GLU NA 181 70.09 73.62 64.94
C GLU NA 181 70.16 72.30 65.72
N ASP NA 182 69.07 71.90 66.36
CA ASP NA 182 69.06 70.70 67.17
C ASP NA 182 68.55 69.46 66.44
N ASP NA 183 68.10 69.64 65.20
CA ASP NA 183 67.42 68.57 64.48
C ASP NA 183 68.32 67.83 63.50
N LEU NA 184 68.28 66.50 63.55
CA LEU NA 184 69.06 65.68 62.65
C LEU NA 184 68.22 64.55 62.05
N MET NA 185 68.05 64.58 60.73
CA MET NA 185 67.28 63.57 60.01
C MET NA 185 68.19 62.56 59.32
N PRO NA 186 68.23 61.33 59.84
CA PRO NA 186 69.13 60.29 59.34
C PRO NA 186 68.68 59.66 58.03
N VAL NA 187 69.61 59.28 57.17
CA VAL NA 187 69.23 58.46 56.04
C VAL NA 187 69.70 57.04 56.25
N TYR NA 188 68.77 56.18 56.66
CA TYR NA 188 68.94 54.75 56.59
C TYR NA 188 68.57 54.29 55.20
N HIS NA 189 68.98 53.08 54.88
CA HIS NA 189 68.51 52.37 53.69
C HIS NA 189 66.98 52.31 53.56
N GLY NA 190 66.42 52.82 52.47
CA GLY NA 190 64.99 52.72 52.20
C GLY NA 190 64.03 53.74 52.80
N ASN NA 191 64.51 54.55 53.74
CA ASN NA 191 63.69 55.50 54.50
C ASN NA 191 63.11 56.65 53.65
N GLU NA 192 62.08 57.32 54.16
CA GLU NA 192 61.55 58.52 53.49
C GLU NA 192 62.08 59.83 54.07
N VAL NA 193 62.47 60.73 53.18
CA VAL NA 193 62.96 62.07 53.55
C VAL NA 193 62.26 63.13 52.69
N THR NA 194 61.98 64.29 53.28
CA THR NA 194 61.36 65.39 52.54
C THR NA 194 62.45 66.28 51.91
N PRO NA 195 62.21 66.76 50.68
CA PRO NA 195 63.14 67.65 49.98
C PRO NA 195 63.48 68.93 50.74
N THR NA 196 62.63 69.35 51.66
CA THR NA 196 62.95 70.48 52.51
C THR NA 196 64.20 70.19 53.32
N GLU NA 197 64.26 68.99 53.91
CA GLU NA 197 65.40 68.54 54.71
C GLU NA 197 66.69 68.46 53.92
N ALA NA 198 66.54 68.09 52.65
CA ALA NA 198 67.68 67.78 51.80
C ALA NA 198 68.18 68.98 50.98
N ALA NA 199 67.66 70.16 51.25
CA ALA NA 199 68.10 71.39 50.57
C ALA NA 199 69.62 71.66 50.69
N GLN NA 200 70.25 71.12 51.72
CA GLN NA 200 71.68 71.33 51.96
C GLN NA 200 72.44 70.01 51.87
N ALA NA 201 73.76 70.08 51.64
CA ALA NA 201 74.58 68.86 51.64
C ALA NA 201 74.64 68.23 53.06
N PRO NA 202 74.52 66.90 53.13
CA PRO NA 202 74.44 66.11 54.37
C PRO NA 202 75.79 65.85 55.07
N GLU NA 203 75.74 65.52 56.36
CA GLU NA 203 76.91 65.08 57.11
C GLU NA 203 77.13 63.59 56.92
N VAL NA 204 78.34 63.25 56.50
CA VAL NA 204 78.66 61.87 56.16
C VAL NA 204 79.76 61.31 57.07
N THR NA 205 79.52 60.13 57.62
CA THR NA 205 80.48 59.52 58.53
C THR NA 205 80.68 58.03 58.29
N TYR NA 206 81.93 57.60 58.29
CA TYR NA 206 82.29 56.20 58.22
C TYR NA 206 83.69 56.00 58.77
N GLU NA 207 84.06 54.77 59.10
CA GLU NA 207 85.32 54.55 59.80
C GLU NA 207 86.43 53.94 58.96
N ALA NA 208 87.46 54.76 58.72
CA ALA NA 208 88.68 54.32 58.04
C ALA NA 208 89.88 55.12 58.53
N ASP NA 209 91.03 54.47 58.66
CA ASP NA 209 92.28 55.18 58.94
C ASP NA 209 92.74 55.80 57.63
N GLU NA 210 93.82 56.58 57.64
CA GLU NA 210 94.22 57.14 56.36
C GLU NA 210 95.58 56.70 55.83
N GLY NA 211 95.52 55.70 54.95
CA GLY NA 211 96.34 55.64 53.76
C GLY NA 211 95.27 55.80 52.70
N SER NA 212 94.04 55.92 53.19
CA SER NA 212 92.82 55.68 52.42
C SER NA 212 92.42 56.78 51.46
N LEU NA 213 91.69 56.37 50.43
CA LEU NA 213 91.07 57.29 49.49
C LEU NA 213 89.69 56.76 49.14
N TRP NA 214 88.70 57.65 49.10
CA TRP NA 214 87.33 57.24 48.83
C TRP NA 214 86.65 58.16 47.82
N THR NA 215 85.54 57.69 47.27
CA THR NA 215 84.69 58.51 46.41
C THR NA 215 83.22 58.34 46.80
N LEU NA 216 82.55 59.45 47.11
CA LEU NA 216 81.14 59.38 47.50
C LEU NA 216 80.23 59.90 46.39
N LEU NA 217 79.10 59.25 46.22
CA LEU NA 217 78.21 59.54 45.10
C LEU NA 217 76.73 59.59 45.51
N LEU NA 218 76.04 60.65 45.10
CA LEU NA 218 74.59 60.73 45.30
C LEU NA 218 73.87 60.78 43.96
N THR NA 219 73.08 59.75 43.69
CA THR NA 219 72.40 59.62 42.41
C THR NA 219 70.90 59.53 42.55
N ASN NA 220 70.17 60.11 41.60
CA ASN NA 220 68.73 60.01 41.56
C ASN NA 220 68.34 58.95 40.54
N LEU NA 221 67.92 57.79 41.02
CA LEU NA 221 67.81 56.60 40.20
C LEU NA 221 66.73 56.69 39.13
N ASP NA 222 65.79 57.58 39.36
CA ASP NA 222 64.71 57.82 38.42
C ASP NA 222 64.24 59.24 38.61
N GLY NA 223 63.57 59.79 37.61
CA GLY NA 223 63.28 61.21 37.64
C GLY NA 223 64.08 61.97 36.61
N HIS NA 224 64.88 61.26 35.83
CA HIS NA 224 65.44 61.88 34.62
C HIS NA 224 64.27 62.07 33.67
N LEU NA 225 64.19 63.23 33.03
CA LEU NA 225 63.02 63.52 32.23
C LEU NA 225 63.04 62.87 30.85
N LEU NA 226 64.14 62.99 30.11
CA LEU NA 226 64.22 62.47 28.74
C LEU NA 226 64.55 60.98 28.58
N GLU NA 227 65.34 60.43 29.50
CA GLU NA 227 66.04 59.16 29.27
C GLU NA 227 65.74 58.11 30.33
N PRO NA 228 64.79 57.20 30.02
CA PRO NA 228 64.33 56.14 30.93
C PRO NA 228 65.44 55.34 31.59
N ASP NA 229 66.56 55.16 30.88
CA ASP NA 229 67.64 54.30 31.36
C ASP NA 229 68.74 55.05 32.11
N ALA NA 230 68.57 56.36 32.26
CA ALA NA 230 69.63 57.19 32.80
C ALA NA 230 69.20 57.93 34.05
N GLU NA 231 70.17 58.45 34.78
CA GLU NA 231 69.87 59.08 36.06
C GLU NA 231 70.61 60.41 36.24
N TYR NA 232 70.32 61.10 37.33
CA TYR NA 232 70.92 62.39 37.63
C TYR NA 232 71.98 62.23 38.72
N VAL NA 233 73.15 62.83 38.52
CA VAL NA 233 74.05 62.96 39.65
C VAL NA 233 73.74 64.24 40.36
N HIS NA 234 73.44 64.10 41.65
CA HIS NA 234 73.22 65.27 42.47
C HIS NA 234 74.54 65.72 43.04
N TRP NA 235 75.19 64.86 43.81
CA TRP NA 235 76.40 65.28 44.48
C TRP NA 235 77.51 64.25 44.36
N LEU NA 236 78.63 64.65 43.76
CA LEU NA 236 79.74 63.74 43.56
C LEU NA 236 81.04 64.30 44.12
N VAL NA 237 81.65 63.54 45.02
CA VAL NA 237 82.89 63.95 45.66
C VAL NA 237 83.98 62.88 45.44
N THR NA 238 85.25 63.29 45.49
CA THR NA 238 86.33 62.40 45.11
C THR NA 238 87.61 62.60 45.93
N ASN NA 239 88.53 61.64 45.82
CA ASN NA 239 89.83 61.65 46.51
C ASN NA 239 89.67 62.06 47.96
N ILE NA 240 88.92 61.25 48.69
CA ILE NA 240 88.55 61.57 50.05
C ILE NA 240 89.51 60.93 51.04
N PRO NA 241 90.34 61.75 51.68
CA PRO NA 241 91.23 61.16 52.69
C PRO NA 241 90.44 60.68 53.90
N GLY NA 242 90.66 59.43 54.31
CA GLY NA 242 90.09 58.90 55.54
C GLY NA 242 88.59 59.09 55.72
N ASN NA 243 88.22 59.66 56.87
CA ASN NA 243 86.84 60.01 57.17
C ASN NA 243 86.55 61.47 56.85
N ARG NA 244 87.54 62.18 56.29
CA ARG NA 244 87.41 63.62 56.08
C ARG NA 244 86.53 63.91 54.87
N VAL NA 245 85.38 64.53 55.11
CA VAL NA 245 84.39 64.71 54.05
C VAL NA 245 84.63 65.89 53.13
N THR NA 246 84.93 67.03 53.74
CA THR NA 246 85.01 68.28 53.00
C THR NA 246 86.36 68.39 52.30
N GLU NA 247 87.35 67.65 52.78
CA GLU NA 247 88.71 67.74 52.25
C GLU NA 247 88.85 67.23 50.81
N GLY NA 248 87.90 66.41 50.36
CA GLY NA 248 87.93 65.91 49.00
C GLY NA 248 87.51 66.95 47.98
N GLN NA 249 88.09 66.86 46.78
CA GLN NA 249 87.75 67.77 45.69
C GLN NA 249 86.39 67.40 45.12
N GLU NA 250 85.45 68.33 45.13
CA GLU NA 250 84.11 68.01 44.67
C GLU NA 250 84.01 68.09 43.15
N THR NA 251 83.62 66.97 42.56
CA THR NA 251 83.40 66.88 41.13
C THR NA 251 82.11 67.59 40.79
N CYS NA 252 81.01 67.10 41.37
CA CYS NA 252 79.71 67.72 41.19
C CYS NA 252 79.16 68.29 42.50
N PRO NA 253 78.96 69.62 42.54
CA PRO NA 253 78.42 70.36 43.69
C PRO NA 253 77.01 69.91 44.06
N TYR NA 254 76.69 69.91 45.36
CA TYR NA 254 75.42 69.38 45.82
C TYR NA 254 74.22 70.09 45.20
N LEU NA 255 73.36 69.29 44.60
CA LEU NA 255 72.10 69.73 44.03
C LEU NA 255 70.94 69.06 44.75
N PRO NA 256 70.07 69.85 45.39
CA PRO NA 256 68.99 69.31 46.22
C PRO NA 256 68.01 68.46 45.41
N PRO NA 257 67.43 67.42 46.05
CA PRO NA 257 66.47 66.50 45.45
C PRO NA 257 65.31 67.21 44.80
N PHE NA 258 64.97 66.82 43.59
CA PHE NA 258 63.86 67.43 42.89
C PHE NA 258 63.04 66.42 42.11
N PRO NA 259 62.19 65.66 42.82
CA PRO NA 259 61.18 64.87 42.12
C PRO NA 259 60.16 65.77 41.45
N ALA NA 260 59.23 65.22 40.68
CA ALA NA 260 58.21 66.04 40.02
C ALA NA 260 56.86 65.77 40.66
N ARG NA 261 55.97 66.74 40.61
CA ARG NA 261 54.76 66.70 41.41
C ARG NA 261 53.95 65.43 41.22
N GLY NA 262 53.72 65.05 39.97
CA GLY NA 262 52.91 63.88 39.71
C GLY NA 262 53.50 62.55 40.14
N SER NA 263 54.70 62.26 39.62
CA SER NA 263 55.37 61.02 39.91
C SER NA 263 55.69 60.88 41.39
N GLY NA 264 55.38 59.72 41.96
CA GLY NA 264 55.69 59.47 43.35
C GLY NA 264 57.07 58.87 43.57
N PHE NA 265 57.66 59.21 44.71
CA PHE NA 265 58.77 58.46 45.31
C PHE NA 265 59.95 58.04 44.44
N HIS NA 266 60.79 59.01 44.09
CA HIS NA 266 62.08 58.72 43.50
C HIS NA 266 63.03 58.18 44.56
N ARG NA 267 64.03 57.40 44.16
CA ARG NA 267 64.99 56.85 45.13
C ARG NA 267 66.41 57.38 44.93
N PHE NA 268 66.95 57.99 45.98
CA PHE NA 268 68.29 58.55 45.95
C PHE NA 268 69.29 57.63 46.60
N ALA NA 269 70.47 57.50 45.98
CA ALA NA 269 71.46 56.52 46.40
C ALA NA 269 72.81 57.15 46.74
N PHE NA 270 73.27 56.86 47.96
CA PHE NA 270 74.62 57.19 48.39
C PHE NA 270 75.51 55.97 48.25
N LEU NA 271 76.45 56.08 47.32
CA LEU NA 271 77.44 55.05 47.09
C LEU NA 271 78.80 55.48 47.62
N LEU NA 272 79.55 54.51 48.12
CA LEU NA 272 80.88 54.76 48.65
C LEU NA 272 81.88 53.83 48.02
N PHE NA 273 82.91 54.40 47.40
CA PHE NA 273 83.92 53.57 46.75
C PHE NA 273 85.25 53.70 47.46
N LYS NA 274 85.87 52.55 47.73
CA LYS NA 274 87.24 52.50 48.22
C LYS NA 274 88.16 52.51 47.02
N GLN NA 275 88.97 53.55 46.87
CA GLN NA 275 89.87 53.59 45.73
C GLN NA 275 91.29 53.48 46.26
N ASP NA 276 92.19 52.97 45.41
CA ASP NA 276 93.57 52.73 45.80
C ASP NA 276 94.47 53.87 45.34
N LYS NA 277 94.63 53.99 44.03
CA LYS NA 277 95.41 55.08 43.48
C LYS NA 277 94.55 56.34 43.43
N ARG NA 278 95.17 57.50 43.65
CA ARG NA 278 94.50 58.76 43.40
C ARG NA 278 94.04 58.76 41.95
N ILE NA 279 92.76 59.04 41.71
CA ILE NA 279 92.28 59.12 40.34
C ILE NA 279 91.84 60.53 40.00
N ASP NA 280 92.29 61.02 38.86
CA ASP NA 280 91.85 62.33 38.39
C ASP NA 280 91.08 62.18 37.11
N PHE NA 281 89.89 62.79 37.07
CA PHE NA 281 89.09 62.80 35.88
C PHE NA 281 88.66 64.20 35.51
N SER NA 282 89.18 64.69 34.40
CA SER NA 282 88.71 65.93 33.83
C SER NA 282 87.46 65.64 33.02
N GLY NA 283 87.29 64.38 32.64
CA GLY NA 283 86.15 63.95 31.85
C GLY NA 283 84.85 64.05 32.63
N ASP NA 284 84.90 63.65 33.90
CA ASP NA 284 83.70 63.60 34.73
C ASP NA 284 83.49 64.89 35.53
N THR NA 285 84.48 65.79 35.50
CA THR NA 285 84.38 67.04 36.25
C THR NA 285 83.32 67.95 35.64
N ARG NA 286 82.56 68.60 36.50
CA ARG NA 286 81.44 69.44 36.07
C ARG NA 286 81.67 70.90 36.49
N PRO NA 287 81.02 71.86 35.82
CA PRO NA 287 81.13 73.27 36.19
C PRO NA 287 80.74 73.54 37.64
N SER NA 288 81.19 74.66 38.21
CA SER NA 288 80.92 74.96 39.62
C SER NA 288 79.43 75.26 39.94
N PRO NA 289 78.78 76.17 39.19
CA PRO NA 289 77.32 76.24 39.45
C PRO NA 289 76.54 75.00 38.98
N CYS NA 290 76.82 74.53 37.75
CA CYS NA 290 76.20 73.35 37.11
C CYS NA 290 74.69 73.15 37.33
N TYR NA 291 73.89 74.10 36.88
CA TYR NA 291 72.45 73.99 37.05
C TYR NA 291 71.77 73.42 35.81
N GLN NA 292 72.56 73.00 34.84
CA GLN NA 292 72.03 72.38 33.63
C GLN NA 292 71.78 70.89 33.83
N LEU NA 293 70.65 70.41 33.31
CA LEU NA 293 70.27 69.01 33.43
C LEU NA 293 70.99 68.11 32.44
N ALA NA 294 71.24 68.63 31.23
CA ALA NA 294 71.99 67.88 30.24
C ALA NA 294 73.38 67.58 30.77
N GLN NA 295 73.91 68.49 31.57
CA GLN NA 295 75.24 68.35 32.16
C GLN NA 295 75.26 67.29 33.27
N ARG NA 296 74.21 67.20 34.08
CA ARG NA 296 74.13 66.08 34.99
C ARG NA 296 73.18 65.07 34.39
N THR NA 297 73.77 64.06 33.77
CA THR NA 297 73.07 62.93 33.20
C THR NA 297 74.09 61.85 33.42
N PHE NA 298 73.67 60.70 33.89
CA PHE NA 298 74.65 59.84 34.47
C PHE NA 298 74.33 58.37 34.32
N HIS NA 299 75.36 57.57 34.12
CA HIS NA 299 75.19 56.14 34.15
C HIS NA 299 76.20 55.57 35.11
N THR NA 300 75.70 55.06 36.23
CA THR NA 300 76.55 54.56 37.29
C THR NA 300 77.37 53.39 36.77
N PHE NA 301 76.73 52.55 35.96
CA PHE NA 301 77.42 51.45 35.30
C PHE NA 301 78.66 51.94 34.56
N ASP NA 302 78.46 52.82 33.58
CA ASP NA 302 79.56 53.36 32.78
C ASP NA 302 80.66 54.00 33.63
N PHE NA 303 80.25 54.90 34.52
CA PHE NA 303 81.16 55.59 35.42
C PHE NA 303 82.00 54.63 36.23
N TYR NA 304 81.42 53.50 36.57
CA TYR NA 304 82.12 52.48 37.33
C TYR NA 304 83.06 51.69 36.43
N LYS NA 305 82.60 51.33 35.23
CA LYS NA 305 83.41 50.65 34.22
C LYS NA 305 84.74 51.37 34.02
N LYS NA 306 84.66 52.67 33.83
CA LYS NA 306 85.85 53.52 33.68
C LYS NA 306 86.91 53.22 34.75
N HIS NA 307 86.55 53.49 35.99
CA HIS NA 307 87.46 53.51 37.12
C HIS NA 307 87.52 52.18 37.85
N GLN NA 308 86.86 51.18 37.26
CA GLN NA 308 86.66 49.87 37.87
C GLN NA 308 87.88 49.25 38.55
N ASP NA 309 89.05 49.44 37.96
CA ASP NA 309 90.28 48.84 38.49
C ASP NA 309 90.66 49.36 39.88
N ALA NA 310 90.62 50.68 40.06
CA ALA NA 310 90.93 51.28 41.37
C ALA NA 310 89.74 51.27 42.35
N MET NA 311 88.55 51.64 41.88
CA MET NA 311 87.38 51.78 42.75
C MET NA 311 86.68 50.47 43.03
N THR NA 312 86.50 50.16 44.31
CA THR NA 312 85.61 49.08 44.71
C THR NA 312 84.50 49.59 45.62
N PRO NA 313 83.23 49.45 45.19
CA PRO NA 313 82.11 49.95 45.98
C PRO NA 313 82.05 49.29 47.36
N ALA NA 314 81.91 50.10 48.41
CA ALA NA 314 81.98 49.61 49.78
C ALA NA 314 80.70 49.85 50.57
N GLY NA 315 80.38 51.12 50.79
CA GLY NA 315 79.18 51.46 51.55
C GLY NA 315 77.98 51.83 50.71
N LEU NA 316 76.80 51.72 51.30
CA LEU NA 316 75.57 52.10 50.63
C LEU NA 316 74.54 52.64 51.61
N ALA NA 317 73.90 53.75 51.27
CA ALA NA 317 72.69 54.16 51.99
C ALA NA 317 71.78 54.93 51.05
N PHE NA 318 70.49 54.69 51.11
CA PHE NA 318 69.58 55.27 50.11
C PHE NA 318 68.23 55.63 50.72
N PHE NA 319 67.52 56.59 50.12
CA PHE NA 319 66.24 56.99 50.67
C PHE NA 319 65.16 57.26 49.60
N GLN NA 320 63.90 57.14 50.03
CA GLN NA 320 62.73 57.43 49.20
C GLN NA 320 62.34 58.88 49.33
N CYS NA 321 62.02 59.55 48.21
CA CYS NA 321 61.65 60.94 48.27
C CYS NA 321 60.57 61.37 47.28
N ARG NA 322 59.55 62.07 47.79
CA ARG NA 322 58.41 62.51 46.98
C ARG NA 322 58.28 64.02 46.95
N TRP NA 323 57.63 64.53 45.91
CA TRP NA 323 57.48 65.98 45.73
C TRP NA 323 56.85 66.65 46.94
N ASP NA 324 57.42 67.78 47.32
CA ASP NA 324 56.88 68.63 48.37
C ASP NA 324 57.09 70.08 47.94
N ASP NA 325 56.49 71.01 48.68
CA ASP NA 325 56.43 72.42 48.31
C ASP NA 325 57.75 73.04 47.82
N SER NA 326 58.80 72.89 48.62
CA SER NA 326 60.09 73.54 48.37
C SER NA 326 60.63 73.30 46.96
N VAL NA 327 60.34 72.12 46.41
CA VAL NA 327 60.85 71.72 45.09
C VAL NA 327 60.43 72.71 43.99
N THR NA 328 59.26 73.33 44.16
CA THR NA 328 58.77 74.30 43.17
C THR NA 328 59.79 75.41 42.96
N ARG NA 329 60.45 75.80 44.05
CA ARG NA 329 61.44 76.86 44.01
C ARG NA 329 62.63 76.44 43.16
N VAL NA 330 62.98 75.17 43.20
CA VAL NA 330 64.12 74.69 42.44
C VAL NA 330 63.98 75.03 40.96
N PHE NA 331 63.04 74.35 40.30
CA PHE NA 331 62.86 74.49 38.85
C PHE NA 331 62.84 75.95 38.35
N HIS NA 332 62.10 76.81 39.05
CA HIS NA 332 62.00 78.22 38.66
C HIS NA 332 63.31 78.97 38.91
N GLN NA 333 63.84 78.80 40.12
CA GLN NA 333 64.95 79.63 40.61
C GLN NA 333 66.33 79.17 40.12
N LEU NA 334 66.56 77.86 40.15
CA LEU NA 334 67.87 77.28 39.82
C LEU NA 334 67.96 76.89 38.36
N LEU NA 335 67.11 75.95 37.95
CA LEU NA 335 67.19 75.35 36.63
C LEU NA 335 66.64 76.26 35.52
N ASP NA 336 66.03 77.38 35.91
CA ASP NA 336 65.44 78.34 34.99
C ASP NA 336 64.41 77.65 34.08
N MET NA 337 63.59 76.81 34.70
CA MET NA 337 62.62 76.01 33.96
C MET NA 337 61.20 76.28 34.41
N ARG NA 338 60.24 75.87 33.59
CA ARG NA 338 58.89 75.66 34.05
C ARG NA 338 58.89 74.36 34.87
N GLU NA 339 57.90 74.17 35.73
CA GLU NA 339 57.84 72.95 36.53
C GLU NA 339 56.90 71.91 35.93
N PRO NA 340 57.45 70.75 35.53
CA PRO NA 340 56.61 69.68 35.01
C PRO NA 340 55.79 68.99 36.10
N VAL NA 341 54.51 68.74 35.81
CA VAL NA 341 53.59 68.05 36.72
C VAL NA 341 52.96 66.85 36.02
N PHE NA 342 52.82 65.75 36.74
CA PHE NA 342 52.34 64.51 36.15
C PHE NA 342 51.05 64.00 36.78
N GLU NA 343 50.38 63.11 36.07
CA GLU NA 343 49.23 62.43 36.66
C GLU NA 343 49.45 60.95 36.72
N PHE NA 344 48.51 60.25 37.33
CA PHE NA 344 48.47 58.81 37.21
C PHE NA 344 47.27 58.44 36.39
N VAL NA 345 47.52 57.90 35.21
CA VAL NA 345 46.47 57.68 34.24
C VAL NA 345 46.20 56.19 34.04
N ARG NA 346 44.98 55.78 34.36
CA ARG NA 346 44.59 54.39 34.23
C ARG NA 346 44.00 54.14 32.84
N PRO NA 347 44.17 52.92 32.31
CA PRO NA 347 43.69 52.62 30.96
C PRO NA 347 42.17 52.71 30.88
N PRO NA 348 41.62 53.17 29.75
CA PRO NA 348 40.16 53.26 29.60
C PRO NA 348 39.54 51.87 29.66
N PRO NA 349 38.38 51.74 30.30
CA PRO NA 349 37.79 50.42 30.59
C PRO NA 349 37.42 49.67 29.32
N TYR NA 350 37.48 48.34 29.38
CA TYR NA 350 37.28 47.54 28.18
C TYR NA 350 35.81 47.27 27.92
N HIS NA 351 35.34 47.67 26.74
CA HIS NA 351 34.00 47.33 26.26
C HIS NA 351 34.00 46.42 25.01
N PRO NA 352 33.20 45.34 25.03
CA PRO NA 352 32.99 44.43 23.88
C PRO NA 352 32.51 45.18 22.65
N LYS NA 353 32.66 44.60 21.45
CA LYS NA 353 32.08 45.23 20.27
C LYS NA 353 30.61 45.49 20.48
N GLN NA 354 30.19 46.70 20.14
CA GLN NA 354 28.79 47.05 20.20
C GLN NA 354 28.01 46.27 19.16
N LYS NA 355 26.85 45.74 19.54
CA LYS NA 355 26.02 44.93 18.65
C LYS NA 355 24.82 45.71 18.16
N ARG NA 356 24.36 45.42 16.95
CA ARG NA 356 23.18 46.09 16.44
C ARG NA 356 21.98 45.81 17.35
N PHE NA 357 21.79 44.55 17.75
CA PHE NA 357 20.67 44.21 18.62
C PHE NA 357 21.15 43.63 19.93
N PRO NA 358 21.53 44.49 20.88
CA PRO NA 358 22.03 43.97 22.16
C PRO NA 358 20.93 43.19 22.83
N HIS NA 359 21.16 41.93 23.15
CA HIS NA 359 20.04 41.13 23.54
C HIS NA 359 20.02 40.93 25.04
N ARG NA 360 18.88 41.21 25.64
CA ARG NA 360 18.68 40.99 27.06
C ARG NA 360 19.69 41.82 27.85
N GLN NA 361 19.99 43.01 27.36
CA GLN NA 361 20.98 43.86 27.99
C GLN NA 361 20.26 45.04 28.57
N PRO NA 362 20.71 45.55 29.72
CA PRO NA 362 20.08 46.68 30.39
C PRO NA 362 20.05 47.90 29.48
N LEU NA 363 19.16 48.86 29.73
CA LEU NA 363 19.10 50.04 28.88
C LEU NA 363 20.41 50.81 28.88
N ARG NA 364 21.02 50.92 30.06
CA ARG NA 364 22.22 51.72 30.22
C ARG NA 364 23.36 51.23 29.33
N TYR NA 365 23.18 50.08 28.70
CA TYR NA 365 24.08 49.57 27.66
C TYR NA 365 24.41 50.64 26.66
N LEU NA 366 23.40 51.31 26.17
CA LEU NA 366 23.62 52.28 25.10
C LEU NA 366 24.52 53.44 25.52
N ASP NA 367 24.76 53.57 26.82
CA ASP NA 367 25.62 54.64 27.32
C ASP NA 367 27.10 54.26 27.37
N ARG NA 368 27.40 52.98 27.28
CA ARG NA 368 28.78 52.56 27.40
C ARG NA 368 29.54 52.93 26.15
N TYR NA 369 28.81 52.97 25.05
CA TYR NA 369 29.40 53.30 23.77
C TYR NA 369 29.16 54.75 23.41
N ARG NA 370 28.49 55.46 24.30
CA ARG NA 370 28.24 56.89 24.12
C ARG NA 370 29.54 57.66 24.03
N ASP NA 371 29.59 58.63 23.12
CA ASP NA 371 30.80 59.41 22.91
C ASP NA 371 30.99 60.43 24.03
N SER NA 372 30.05 61.36 24.14
CA SER NA 372 30.06 62.35 25.20
C SER NA 372 28.62 62.74 25.54
N HIS NA 373 28.38 63.15 26.78
CA HIS NA 373 26.99 63.33 27.21
C HIS NA 373 26.53 64.74 26.93
N GLU NA 374 25.69 64.83 25.90
CA GLU NA 374 25.25 66.06 25.27
C GLU NA 374 24.31 65.60 24.19
N PRO NA 375 23.17 66.27 24.07
CA PRO NA 375 22.38 65.87 22.91
C PRO NA 375 23.03 66.44 21.64
N THR NA 376 22.86 65.75 20.52
CA THR NA 376 23.26 66.29 19.22
C THR NA 376 22.12 66.11 18.24
N TYR NA 377 21.66 67.22 17.70
CA TYR NA 377 20.56 67.19 16.76
C TYR NA 377 21.17 67.35 15.38
N GLY NA 378 21.13 66.30 14.58
CA GLY NA 378 22.00 66.28 13.41
C GLY NA 378 21.72 67.32 12.35
N ILE NA 379 20.52 67.27 11.75
CA ILE NA 379 20.13 68.25 10.74
C ILE NA 379 19.26 69.32 11.34
N TYR NA 380 18.92 69.12 12.59
CA TYR NA 380 17.82 69.85 13.19
C TYR NA 380 18.29 71.13 13.87
N SER OA 30 13.78 -28.84 -101.00
CA SER OA 30 13.82 -27.64 -100.17
C SER OA 30 14.49 -27.93 -98.83
N GLN OA 31 15.52 -27.14 -98.50
CA GLN OA 31 16.24 -27.30 -97.25
C GLN OA 31 15.67 -26.36 -96.18
N LEU OA 32 15.00 -26.94 -95.18
CA LEU OA 32 14.30 -26.15 -94.16
C LEU OA 32 14.36 -26.79 -92.77
N SER OA 33 14.54 -25.95 -91.75
CA SER OA 33 14.55 -26.36 -90.34
C SER OA 33 13.13 -26.58 -89.83
N PRO OA 34 12.97 -27.22 -88.65
CA PRO OA 34 11.62 -27.35 -88.09
C PRO OA 34 10.96 -25.99 -87.75
N THR OA 35 11.75 -25.03 -87.29
CA THR OA 35 11.21 -23.73 -86.86
C THR OA 35 10.83 -22.85 -88.07
N GLU OA 36 11.52 -23.03 -89.17
CA GLU OA 36 11.26 -22.25 -90.39
C GLU OA 36 9.87 -22.55 -90.99
N LEU OA 37 9.46 -23.81 -90.95
CA LEU OA 37 8.14 -24.22 -91.43
C LEU OA 37 7.06 -23.50 -90.62
N ILE OA 38 7.23 -23.56 -89.31
CA ILE OA 38 6.37 -22.85 -88.36
C ILE OA 38 6.26 -21.36 -88.73
N GLU OA 39 7.42 -20.73 -88.88
CA GLU OA 39 7.49 -19.32 -89.22
C GLU OA 39 6.76 -18.97 -90.52
N MET OA 40 7.06 -19.71 -91.59
CA MET OA 40 6.41 -19.49 -92.88
C MET OA 40 4.89 -19.65 -92.78
N GLN OA 41 4.45 -20.74 -92.15
CA GLN OA 41 3.02 -21.03 -92.03
C GLN OA 41 2.29 -19.95 -91.25
N ASN OA 42 2.85 -19.55 -90.12
CA ASN OA 42 2.26 -18.49 -89.31
C ASN OA 42 2.22 -17.15 -90.03
N ASP OA 43 3.29 -16.82 -90.77
CA ASP OA 43 3.34 -15.56 -91.52
C ASP OA 43 2.33 -15.54 -92.67
N LEU OA 44 2.16 -16.69 -93.32
CA LEU OA 44 1.13 -16.83 -94.34
C LEU OA 44 -0.25 -16.63 -93.73
N PHE OA 45 -0.47 -17.25 -92.58
CA PHE OA 45 -1.75 -17.14 -91.88
C PHE OA 45 -2.03 -15.69 -91.49
N ASN OA 46 -1.00 -14.99 -91.02
CA ASN OA 46 -1.12 -13.58 -90.65
C ASN OA 46 -1.40 -12.69 -91.85
N LYS OA 47 -0.72 -12.97 -92.96
CA LYS OA 47 -0.98 -12.29 -94.22
C LYS OA 47 -2.44 -12.43 -94.60
N GLU OA 48 -2.93 -13.66 -94.62
CA GLU OA 48 -4.30 -13.92 -95.01
C GLU OA 48 -5.30 -13.23 -94.09
N LYS OA 49 -5.06 -13.32 -92.79
CA LYS OA 49 -5.95 -12.72 -91.81
C LYS OA 49 -5.99 -11.21 -91.98
N ASN OA 50 -4.84 -10.59 -92.25
CA ASN OA 50 -4.77 -9.15 -92.47
C ASN OA 50 -5.41 -8.73 -93.80
N ARG OA 51 -5.43 -9.65 -94.76
CA ARG OA 51 -6.13 -9.44 -96.01
C ARG OA 51 -7.64 -9.43 -95.78
N GLN OA 52 -8.14 -10.42 -95.02
CA GLN OA 52 -9.56 -10.46 -94.66
C GLN OA 52 -9.96 -9.23 -93.86
N LEU OA 53 -9.05 -8.77 -93.00
CA LEU OA 53 -9.27 -7.54 -92.22
C LEU OA 53 -9.38 -6.32 -93.13
N SER OA 54 -8.47 -6.23 -94.10
CA SER OA 54 -8.45 -5.09 -95.02
C SER OA 54 -9.68 -5.08 -95.95
N LEU OA 55 -10.22 -6.27 -96.23
CA LEU OA 55 -11.41 -6.39 -97.08
C LEU OA 55 -12.58 -5.59 -96.53
N THR OA 56 -12.73 -5.55 -95.21
CA THR OA 56 -13.78 -4.75 -94.57
C THR OA 56 -13.26 -3.34 -94.31
N PRO OA 57 -13.81 -2.35 -95.04
CA PRO OA 57 -13.33 -0.96 -95.02
C PRO OA 57 -13.60 -0.21 -93.72
N ARG OA 58 -14.74 -0.51 -93.09
CA ARG OA 58 -15.31 0.34 -92.05
C ARG OA 58 -15.69 -0.41 -90.78
N THR OA 59 -16.38 0.32 -89.90
CA THR OA 59 -17.11 -0.32 -88.82
C THR OA 59 -18.56 -0.37 -89.25
N GLU OA 60 -19.01 -1.58 -89.58
CA GLU OA 60 -20.33 -1.80 -90.12
C GLU OA 60 -21.19 -2.41 -89.02
N LYS OA 61 -22.42 -1.94 -88.90
CA LYS OA 61 -23.27 -2.39 -87.82
C LYS OA 61 -24.28 -3.44 -88.25
N ILE OA 62 -24.12 -4.67 -87.75
CA ILE OA 62 -25.07 -5.75 -88.01
C ILE OA 62 -25.92 -6.00 -86.78
N GLU OA 63 -27.21 -6.26 -86.96
CA GLU OA 63 -28.07 -6.51 -85.82
C GLU OA 63 -28.34 -7.98 -85.58
N VAL OA 64 -27.76 -8.49 -84.50
CA VAL OA 64 -27.94 -9.86 -84.06
C VAL OA 64 -29.13 -9.95 -83.11
N LYS OA 65 -29.92 -11.02 -83.25
CA LYS OA 65 -31.05 -11.21 -82.37
C LYS OA 65 -30.80 -12.47 -81.56
N HIS OA 66 -31.46 -12.61 -80.42
CA HIS OA 66 -31.22 -13.74 -79.56
C HIS OA 66 -32.46 -14.64 -79.51
N VAL OA 67 -32.29 -15.85 -80.06
CA VAL OA 67 -33.36 -16.84 -80.14
C VAL OA 67 -33.30 -17.83 -79.00
N GLY OA 68 -32.38 -17.59 -78.06
CA GLY OA 68 -32.21 -18.49 -76.93
C GLY OA 68 -33.44 -18.63 -76.07
N LYS OA 69 -33.57 -19.80 -75.45
CA LYS OA 69 -34.66 -20.10 -74.54
C LYS OA 69 -34.71 -19.15 -73.34
N THR OA 70 -33.57 -18.53 -73.06
CA THR OA 70 -33.34 -17.85 -71.78
C THR OA 70 -33.66 -16.34 -71.75
N ASP OA 71 -32.97 -15.53 -72.54
CA ASP OA 71 -33.17 -14.08 -72.52
C ASP OA 71 -33.70 -13.58 -73.84
N PRO OA 72 -34.98 -13.86 -74.13
CA PRO OA 72 -35.51 -13.62 -75.47
C PRO OA 72 -35.64 -12.14 -75.81
N GLY OA 73 -35.61 -11.83 -77.11
CA GLY OA 73 -35.83 -10.48 -77.58
C GLY OA 73 -34.61 -9.60 -77.44
N THR OA 74 -33.59 -10.12 -76.77
CA THR OA 74 -32.32 -9.42 -76.62
C THR OA 74 -31.69 -9.20 -77.99
N VAL OA 75 -31.23 -7.97 -78.24
CA VAL OA 75 -30.64 -7.63 -79.51
C VAL OA 75 -29.25 -7.06 -79.34
N PHE OA 76 -28.27 -7.64 -80.01
CA PHE OA 76 -26.91 -7.12 -79.98
C PHE OA 76 -26.63 -6.34 -81.26
N VAL OA 77 -26.04 -5.15 -81.13
CA VAL OA 77 -25.69 -4.35 -82.31
C VAL OA 77 -24.16 -4.37 -82.46
N MET OA 78 -23.68 -5.08 -83.47
CA MET OA 78 -22.29 -5.51 -83.50
C MET OA 78 -21.47 -5.01 -84.69
N ASN OA 79 -20.15 -5.11 -84.56
CA ASN OA 79 -19.24 -4.76 -85.64
C ASN OA 79 -19.03 -5.90 -86.63
N LYS OA 80 -19.42 -5.68 -87.88
CA LYS OA 80 -19.35 -6.72 -88.91
C LYS OA 80 -17.91 -7.19 -89.19
N ASN OA 81 -17.74 -8.51 -89.19
CA ASN OA 81 -16.43 -9.15 -89.38
C ASN OA 81 -15.40 -8.79 -88.31
N ILE OA 82 -15.89 -8.35 -87.16
CA ILE OA 82 -15.04 -8.04 -86.01
C ILE OA 82 -15.58 -8.74 -84.77
N SER OA 83 -16.80 -8.39 -84.42
CA SER OA 83 -17.54 -9.00 -83.32
C SER OA 83 -17.76 -10.50 -83.52
N THR OA 84 -17.59 -11.25 -82.45
CA THR OA 84 -17.76 -12.69 -82.46
C THR OA 84 -18.87 -13.07 -81.48
N PRO OA 85 -19.47 -14.25 -81.66
CA PRO OA 85 -20.51 -14.69 -80.71
C PRO OA 85 -19.99 -14.80 -79.29
N TYR OA 86 -18.68 -14.90 -79.11
CA TYR OA 86 -18.12 -14.83 -77.78
C TYR OA 86 -18.24 -13.40 -77.25
N SER OA 87 -17.86 -12.44 -78.09
CA SER OA 87 -17.98 -11.02 -77.74
C SER OA 87 -19.44 -10.66 -77.59
N CYS OA 88 -20.30 -11.54 -78.06
CA CYS OA 88 -21.73 -11.35 -77.94
C CYS OA 88 -22.23 -11.75 -76.56
N ALA OA 89 -21.74 -12.88 -76.08
CA ALA OA 89 -22.11 -13.40 -74.77
C ALA OA 89 -21.70 -12.43 -73.69
N MET OA 90 -20.58 -11.74 -73.91
CA MET OA 90 -20.06 -10.83 -72.92
C MET OA 90 -21.02 -9.71 -72.58
N HIS OA 91 -22.00 -9.45 -73.44
CA HIS OA 91 -23.00 -8.45 -73.13
C HIS OA 91 -24.05 -8.97 -72.17
N LEU OA 92 -24.16 -10.29 -72.09
CA LEU OA 92 -25.12 -10.94 -71.22
C LEU OA 92 -24.59 -11.10 -69.82
N SER OA 93 -23.60 -11.98 -69.66
CA SER OA 93 -23.01 -12.29 -68.37
C SER OA 93 -21.89 -13.28 -68.53
N GLU OA 94 -21.03 -13.36 -67.53
CA GLU OA 94 -19.88 -14.25 -67.56
C GLU OA 94 -20.37 -15.70 -67.70
N TRP OA 95 -21.60 -15.93 -67.28
CA TRP OA 95 -22.18 -17.27 -67.28
C TRP OA 95 -22.25 -17.88 -68.66
N TYR OA 96 -22.76 -17.14 -69.63
CA TYR OA 96 -22.67 -17.59 -71.01
C TYR OA 96 -21.23 -17.82 -71.41
N CYS OA 97 -20.38 -16.84 -71.12
CA CYS OA 97 -18.97 -16.90 -71.48
C CYS OA 97 -18.32 -18.22 -71.10
N ARG OA 98 -18.55 -18.68 -69.88
CA ARG OA 98 -17.96 -19.93 -69.43
C ARG OA 98 -18.72 -21.19 -69.87
N LYS OA 99 -20.04 -21.11 -69.90
CA LYS OA 99 -20.86 -22.27 -70.22
C LYS OA 99 -21.04 -22.53 -71.71
N SER OA 100 -20.82 -21.51 -72.54
CA SER OA 100 -21.12 -21.67 -73.96
C SER OA 100 -19.95 -22.11 -74.81
N ILE OA 101 -20.02 -23.34 -75.28
CA ILE OA 101 -19.00 -23.90 -76.16
C ILE OA 101 -19.23 -23.50 -77.61
N LEU OA 102 -20.46 -23.62 -78.09
CA LEU OA 102 -20.69 -23.44 -79.52
C LEU OA 102 -21.84 -22.49 -79.79
N ALA OA 103 -21.80 -21.78 -80.90
CA ALA OA 103 -22.86 -20.81 -81.13
C ALA OA 103 -23.66 -21.13 -82.38
N LEU OA 104 -24.92 -21.50 -82.20
CA LEU OA 104 -25.78 -21.75 -83.35
C LEU OA 104 -26.22 -20.41 -83.93
N VAL OA 105 -25.80 -20.15 -85.17
CA VAL OA 105 -26.26 -19.00 -85.92
C VAL OA 105 -27.16 -19.48 -87.05
N ASP OA 106 -28.42 -19.05 -87.00
CA ASP OA 106 -29.47 -19.61 -87.84
C ASP OA 106 -29.52 -21.11 -87.57
N GLY OA 107 -29.22 -21.93 -88.58
CA GLY OA 107 -29.22 -23.36 -88.37
C GLY OA 107 -27.83 -23.98 -88.32
N GLN OA 108 -26.79 -23.15 -88.27
CA GLN OA 108 -25.45 -23.69 -88.39
C GLN OA 108 -24.60 -23.47 -87.16
N PRO OA 109 -23.77 -24.46 -86.82
CA PRO OA 109 -22.78 -24.30 -85.75
C PRO OA 109 -21.66 -23.32 -86.11
N TRP OA 110 -21.37 -22.41 -85.19
CA TRP OA 110 -20.30 -21.40 -85.31
C TRP OA 110 -19.33 -21.53 -84.17
N ASP OA 111 -18.06 -21.36 -84.45
CA ASP OA 111 -17.05 -21.37 -83.42
C ASP OA 111 -17.11 -20.05 -82.69
N MET OA 112 -16.91 -20.08 -81.39
CA MET OA 112 -17.12 -18.91 -80.53
C MET OA 112 -16.31 -17.69 -80.93
N TYR OA 113 -15.13 -17.89 -81.49
CA TYR OA 113 -14.31 -16.77 -81.90
C TYR OA 113 -14.37 -16.44 -83.38
N LYS OA 114 -15.22 -17.14 -84.13
CA LYS OA 114 -15.39 -16.84 -85.56
C LYS OA 114 -16.28 -15.60 -85.76
N PRO OA 115 -15.71 -14.53 -86.34
CA PRO OA 115 -16.41 -13.25 -86.54
C PRO OA 115 -17.69 -13.38 -87.34
N LEU OA 116 -18.78 -12.78 -86.83
CA LEU OA 116 -20.06 -12.77 -87.53
C LEU OA 116 -20.02 -11.95 -88.82
N THR OA 117 -20.64 -12.47 -89.87
CA THR OA 117 -20.59 -11.84 -91.19
C THR OA 117 -21.77 -10.91 -91.45
N LYS OA 118 -22.96 -11.47 -91.50
CA LYS OA 118 -24.13 -10.66 -91.78
C LYS OA 118 -25.03 -10.62 -90.54
N SER OA 119 -26.12 -9.85 -90.63
CA SER OA 119 -27.09 -9.79 -89.54
C SER OA 119 -27.87 -11.10 -89.47
N CYS OA 120 -28.18 -11.54 -88.26
CA CYS OA 120 -28.68 -12.88 -88.06
C CYS OA 120 -29.32 -13.09 -86.70
N GLU OA 121 -29.57 -14.35 -86.36
CA GLU OA 121 -30.06 -14.71 -85.03
C GLU OA 121 -29.18 -15.78 -84.35
N ILE OA 122 -28.97 -15.63 -83.04
CA ILE OA 122 -28.00 -16.44 -82.31
C ILE OA 122 -28.58 -17.18 -81.10
N LYS OA 123 -28.15 -18.42 -80.95
CA LYS OA 123 -28.54 -19.27 -79.85
C LYS OA 123 -27.26 -19.93 -79.31
N PHE OA 124 -27.13 -20.07 -78.00
CA PHE OA 124 -25.88 -20.63 -77.46
C PHE OA 124 -25.99 -22.08 -77.00
N LEU OA 125 -24.91 -22.82 -77.19
CA LEU OA 125 -24.92 -24.26 -77.04
C LEU OA 125 -23.90 -24.76 -76.03
N THR OA 126 -24.42 -25.61 -75.15
CA THR OA 126 -23.78 -26.06 -73.92
C THR OA 126 -23.61 -27.57 -73.90
N PHE OA 127 -22.70 -28.05 -73.07
CA PHE OA 127 -22.49 -29.47 -72.90
C PHE OA 127 -23.65 -30.22 -72.25
N LYS OA 128 -24.32 -29.55 -71.32
CA LYS OA 128 -25.42 -30.15 -70.57
C LYS OA 128 -26.77 -29.85 -71.21
N ASP OA 129 -26.73 -29.27 -72.40
CA ASP OA 129 -27.92 -28.99 -73.22
C ASP OA 129 -28.60 -30.31 -73.63
N ASP OA 130 -29.86 -30.23 -74.05
CA ASP OA 130 -30.64 -31.44 -74.36
C ASP OA 130 -30.21 -32.22 -75.62
N ASP OA 131 -29.86 -31.53 -76.70
CA ASP OA 131 -29.34 -32.20 -77.90
C ASP OA 131 -27.93 -31.73 -78.22
N PRO OA 132 -26.97 -32.05 -77.36
CA PRO OA 132 -25.59 -31.55 -77.40
C PRO OA 132 -24.83 -32.00 -78.63
N GLY OA 133 -25.38 -32.92 -79.43
CA GLY OA 133 -24.62 -33.65 -80.43
C GLY OA 133 -23.66 -32.78 -81.23
N GLU OA 134 -24.14 -31.66 -81.74
CA GLU OA 134 -23.31 -30.70 -82.48
C GLU OA 134 -22.03 -30.40 -81.71
N VAL OA 135 -22.21 -29.80 -80.54
CA VAL OA 135 -21.14 -29.52 -79.60
C VAL OA 135 -20.21 -30.71 -79.40
N ASN OA 136 -20.78 -31.88 -79.13
CA ASN OA 136 -19.98 -33.07 -78.92
C ASN OA 136 -19.00 -33.24 -80.06
N LYS OA 137 -19.54 -33.22 -81.28
CA LYS OA 137 -18.70 -33.37 -82.46
C LYS OA 137 -17.55 -32.40 -82.36
N ALA OA 138 -17.88 -31.12 -82.20
CA ALA OA 138 -16.88 -30.07 -82.13
C ALA OA 138 -15.82 -30.43 -81.12
N TYR OA 139 -16.26 -30.76 -79.91
CA TYR OA 139 -15.33 -31.09 -78.85
C TYR OA 139 -14.35 -32.14 -79.32
N TRP OA 140 -14.89 -33.25 -79.82
CA TRP OA 140 -14.08 -34.36 -80.30
C TRP OA 140 -13.01 -33.85 -81.26
N ARG OA 141 -13.46 -33.12 -82.27
CA ARG OA 141 -12.56 -32.59 -83.30
C ARG OA 141 -11.42 -31.85 -82.66
N SER OA 142 -11.76 -30.90 -81.78
CA SER OA 142 -10.76 -30.07 -81.14
C SER OA 142 -9.71 -30.94 -80.48
N CYS OA 143 -10.16 -31.91 -79.69
CA CYS OA 143 -9.23 -32.76 -78.97
C CYS OA 143 -8.31 -33.44 -79.95
N ALA OA 144 -8.91 -34.00 -81.00
CA ALA OA 144 -8.14 -34.68 -82.03
C ALA OA 144 -7.01 -33.76 -82.49
N MET OA 145 -7.38 -32.55 -82.87
CA MET OA 145 -6.42 -31.59 -83.38
C MET OA 145 -5.28 -31.35 -82.40
N MET OA 146 -5.63 -31.18 -81.13
CA MET OA 146 -4.62 -31.02 -80.07
C MET OA 146 -3.62 -32.15 -80.13
N MET OA 147 -4.13 -33.37 -80.11
CA MET OA 147 -3.27 -34.54 -80.15
C MET OA 147 -2.33 -34.44 -81.33
N GLY OA 148 -2.91 -34.04 -82.47
CA GLY OA 148 -2.15 -33.91 -83.70
C GLY OA 148 -0.93 -33.07 -83.45
N CYS OA 149 -1.14 -31.88 -82.91
CA CYS OA 149 -0.03 -30.98 -82.56
C CYS OA 149 0.98 -31.73 -81.69
N VAL OA 150 0.49 -32.28 -80.59
CA VAL OA 150 1.34 -32.97 -79.61
C VAL OA 150 2.21 -34.02 -80.28
N ILE OA 151 1.65 -34.68 -81.29
CA ILE OA 151 2.39 -35.72 -81.97
C ILE OA 151 3.49 -35.13 -82.85
N GLU OA 152 3.13 -34.16 -83.68
CA GLU OA 152 4.02 -33.67 -84.72
C GLU OA 152 5.33 -33.15 -84.13
N ARG OA 153 5.23 -32.55 -82.96
CA ARG OA 153 6.38 -31.94 -82.32
C ARG OA 153 7.05 -32.80 -81.27
N ALA OA 154 6.56 -34.03 -81.10
CA ALA OA 154 7.12 -34.91 -80.08
C ALA OA 154 8.18 -35.87 -80.63
N PHE OA 155 8.52 -35.75 -81.91
CA PHE OA 155 9.51 -36.62 -82.51
C PHE OA 155 10.79 -35.88 -82.87
N LYS OA 156 11.90 -36.62 -82.85
CA LYS OA 156 13.22 -36.08 -83.16
C LYS OA 156 13.29 -35.45 -84.56
N ASP OA 157 14.05 -34.37 -84.68
CA ASP OA 157 14.19 -33.64 -85.93
C ASP OA 157 14.62 -34.55 -87.08
N GLU OA 158 15.49 -35.51 -86.75
CA GLU OA 158 15.99 -36.46 -87.73
C GLU OA 158 14.89 -37.17 -88.51
N TYR OA 159 13.79 -37.47 -87.83
CA TYR OA 159 12.72 -38.22 -88.48
C TYR OA 159 11.72 -37.29 -89.16
N VAL OA 160 10.75 -37.88 -89.85
CA VAL OA 160 9.78 -37.10 -90.60
C VAL OA 160 8.36 -37.53 -90.23
N VAL OA 161 7.61 -36.60 -89.65
CA VAL OA 161 6.26 -36.89 -89.19
C VAL OA 161 5.22 -36.23 -90.05
N SER OA 162 4.48 -37.04 -90.80
CA SER OA 162 3.41 -36.54 -91.63
C SER OA 162 2.07 -36.80 -90.97
N LEU OA 163 1.40 -35.73 -90.53
CA LEU OA 163 0.03 -35.84 -90.08
C LEU OA 163 -0.86 -36.05 -91.29
N VAL OA 164 -1.84 -36.94 -91.17
CA VAL OA 164 -2.70 -37.27 -92.30
C VAL OA 164 -4.02 -36.52 -92.18
N ARG OA 165 -4.86 -36.98 -91.25
CA ARG OA 165 -6.15 -36.37 -91.00
C ARG OA 165 -6.66 -36.74 -89.64
N ALA OA 166 -7.85 -36.24 -89.31
CA ALA OA 166 -8.54 -36.60 -88.08
C ALA OA 166 -9.86 -37.23 -88.46
N PRO OA 167 -9.87 -38.54 -88.64
CA PRO OA 167 -11.05 -39.28 -89.10
C PRO OA 167 -12.21 -39.04 -88.17
N GLU OA 168 -13.39 -38.77 -88.71
CA GLU OA 168 -14.48 -38.34 -87.85
C GLU OA 168 -15.25 -39.54 -87.37
N VAL OA 169 -15.04 -39.84 -86.11
CA VAL OA 169 -15.75 -40.93 -85.45
C VAL OA 169 -16.97 -40.39 -84.73
N PRO OA 170 -18.01 -41.22 -84.60
CA PRO OA 170 -19.08 -40.85 -83.69
C PRO OA 170 -18.53 -40.90 -82.27
N VAL OA 171 -19.23 -40.30 -81.31
CA VAL OA 171 -18.67 -40.26 -79.97
C VAL OA 171 -19.04 -41.51 -79.16
N ILE OA 172 -19.98 -42.32 -79.66
CA ILE OA 172 -20.24 -43.59 -79.02
C ILE OA 172 -19.01 -44.49 -79.16
N ALA OA 173 -18.30 -44.33 -80.28
CA ALA OA 173 -17.00 -44.93 -80.44
C ALA OA 173 -16.12 -44.47 -79.29
N GLY OA 174 -15.40 -45.39 -78.68
CA GLY OA 174 -14.80 -45.15 -77.38
C GLY OA 174 -13.65 -44.17 -77.32
N ALA OA 175 -13.33 -43.52 -78.43
CA ALA OA 175 -12.23 -42.56 -78.43
C ALA OA 175 -12.28 -41.59 -79.60
N PHE OA 176 -11.32 -40.69 -79.64
CA PHE OA 176 -11.09 -39.88 -80.82
C PHE OA 176 -9.70 -40.22 -81.31
N CYS OA 177 -9.44 -39.99 -82.59
CA CYS OA 177 -8.19 -40.47 -83.18
C CYS OA 177 -7.59 -39.56 -84.23
N TYR OA 178 -6.32 -39.79 -84.49
CA TYR OA 178 -5.58 -39.00 -85.46
C TYR OA 178 -4.64 -39.89 -86.27
N ASP OA 179 -4.62 -39.70 -87.59
CA ASP OA 179 -3.80 -40.53 -88.49
C ASP OA 179 -2.45 -39.88 -88.80
N VAL OA 180 -1.39 -40.65 -88.62
CA VAL OA 180 -0.03 -40.13 -88.77
C VAL OA 180 0.88 -41.15 -89.44
N VAL OA 181 1.62 -40.72 -90.46
CA VAL OA 181 2.64 -41.56 -91.08
C VAL OA 181 4.01 -41.14 -90.59
N LEU OA 182 4.88 -42.12 -90.36
CA LEU OA 182 6.18 -41.85 -89.76
C LEU OA 182 7.33 -42.29 -90.68
N ASP OA 183 8.53 -41.81 -90.38
CA ASP OA 183 9.72 -42.10 -91.19
C ASP OA 183 9.92 -43.61 -91.31
N LYS OA 184 10.40 -44.04 -92.48
CA LYS OA 184 10.50 -45.46 -92.81
C LYS OA 184 11.39 -46.26 -91.86
N ARG OA 185 12.43 -45.63 -91.34
CA ARG OA 185 13.34 -46.33 -90.44
C ARG OA 185 12.72 -46.52 -89.06
N LEU OA 186 11.59 -45.86 -88.84
CA LEU OA 186 10.89 -45.92 -87.56
C LEU OA 186 9.78 -46.96 -87.58
N ASP OA 187 9.65 -47.67 -88.69
CA ASP OA 187 8.47 -48.51 -88.92
C ASP OA 187 8.31 -49.70 -87.99
N GLU OA 188 9.39 -50.12 -87.34
CA GLU OA 188 9.34 -51.34 -86.54
C GLU OA 188 8.78 -51.20 -85.11
N TRP OA 189 8.97 -50.06 -84.47
CA TRP OA 189 8.56 -49.94 -83.06
C TRP OA 189 7.14 -49.44 -82.84
N MET OA 190 6.52 -49.98 -81.80
CA MET OA 190 5.28 -49.46 -81.25
C MET OA 190 5.60 -48.95 -79.85
N PRO OA 191 4.96 -47.85 -79.43
CA PRO OA 191 5.31 -47.16 -78.18
C PRO OA 191 5.08 -47.93 -76.88
N THR OA 192 5.73 -47.43 -75.84
CA THR OA 192 5.67 -47.99 -74.50
C THR OA 192 4.88 -47.03 -73.64
N LYS OA 193 4.29 -47.54 -72.56
CA LYS OA 193 3.47 -46.72 -71.66
C LYS OA 193 4.18 -45.44 -71.24
N GLU OA 194 5.51 -45.50 -71.21
CA GLU OA 194 6.33 -44.32 -70.98
C GLU OA 194 6.07 -43.25 -72.04
N ASN OA 195 6.20 -43.64 -73.30
CA ASN OA 195 6.03 -42.72 -74.42
C ASN OA 195 4.61 -42.18 -74.52
N LEU OA 196 3.63 -43.06 -74.36
CA LEU OA 196 2.23 -42.66 -74.36
C LEU OA 196 1.98 -41.63 -73.26
N HIS OA 197 2.48 -41.94 -72.06
CA HIS OA 197 2.35 -41.03 -70.93
C HIS OA 197 3.07 -39.70 -71.20
N SER OA 198 4.08 -39.74 -72.08
CA SER OA 198 4.77 -38.52 -72.48
C SER OA 198 3.89 -37.66 -73.38
N PHE OA 199 3.27 -38.31 -74.37
CA PHE OA 199 2.28 -37.64 -75.21
C PHE OA 199 1.25 -36.97 -74.33
N THR OA 200 0.73 -37.72 -73.37
CA THR OA 200 -0.28 -37.19 -72.46
C THR OA 200 0.23 -36.00 -71.67
N LYS OA 201 1.43 -36.13 -71.11
CA LYS OA 201 2.05 -35.03 -70.35
C LYS OA 201 2.15 -33.76 -71.19
N ASP OA 202 2.44 -33.93 -72.47
CA ASP OA 202 2.59 -32.81 -73.39
C ASP OA 202 1.26 -32.19 -73.77
N ALA OA 203 0.24 -33.03 -73.89
CA ALA OA 203 -1.11 -32.54 -74.14
C ALA OA 203 -1.60 -31.74 -72.95
N ARG OA 204 -1.31 -32.21 -71.75
CA ARG OA 204 -1.70 -31.49 -70.54
C ARG OA 204 -0.92 -30.19 -70.42
N ALA OA 205 0.33 -30.23 -70.85
CA ALA OA 205 1.14 -29.03 -70.94
C ALA OA 205 0.49 -28.03 -71.88
N LEU OA 206 -0.13 -28.57 -72.93
CA LEU OA 206 -0.81 -27.74 -73.91
C LEU OA 206 -2.09 -27.14 -73.34
N ILE OA 207 -2.78 -27.90 -72.50
CA ILE OA 207 -4.01 -27.42 -71.89
C ILE OA 207 -3.73 -26.32 -70.88
N TYR OA 208 -2.72 -26.55 -70.05
CA TYR OA 208 -2.37 -25.63 -68.97
C TYR OA 208 -2.32 -24.19 -69.45
N LYS OA 209 -1.41 -23.88 -70.36
CA LYS OA 209 -1.46 -22.59 -71.03
C LYS OA 209 -2.70 -22.55 -71.92
N ASP OA 210 -3.50 -21.51 -71.75
CA ASP OA 210 -4.82 -21.47 -72.37
C ASP OA 210 -4.75 -20.77 -73.73
N LEU OA 211 -4.92 -21.55 -74.79
CA LEU OA 211 -4.81 -21.04 -76.14
C LEU OA 211 -6.18 -21.01 -76.80
N PRO OA 212 -6.57 -19.84 -77.34
CA PRO OA 212 -7.83 -19.82 -78.09
C PRO OA 212 -7.68 -20.57 -79.40
N PHE OA 213 -8.73 -21.25 -79.84
CA PHE OA 213 -8.76 -21.83 -81.19
C PHE OA 213 -9.20 -20.76 -82.16
N GLU OA 214 -8.37 -20.48 -83.15
CA GLU OA 214 -8.61 -19.43 -84.11
C GLU OA 214 -9.05 -20.05 -85.43
N THR OA 215 -9.92 -19.38 -86.16
CA THR OA 215 -10.44 -19.92 -87.41
C THR OA 215 -10.23 -18.94 -88.56
N LEU OA 216 -10.02 -19.48 -89.76
CA LEU OA 216 -9.94 -18.66 -90.96
C LEU OA 216 -10.48 -19.41 -92.17
N GLU OA 217 -11.19 -18.70 -93.03
CA GLU OA 217 -11.69 -19.26 -94.29
C GLU OA 217 -10.73 -18.90 -95.41
N VAL OA 218 -10.26 -19.90 -96.16
CA VAL OA 218 -9.26 -19.62 -97.19
C VAL OA 218 -9.63 -20.21 -98.56
N GLU OA 219 -9.02 -19.66 -99.60
CA GLU OA 219 -9.09 -20.22 -100.94
C GLU OA 219 -7.98 -21.27 -101.09
N ALA OA 220 -8.28 -22.35 -101.80
CA ALA OA 220 -7.36 -23.48 -101.94
C ALA OA 220 -5.98 -23.06 -102.45
N LYS OA 221 -5.95 -22.09 -103.36
CA LYS OA 221 -4.72 -21.55 -103.95
C LYS OA 221 -3.68 -21.18 -102.88
N VAL OA 222 -4.12 -20.42 -101.89
CA VAL OA 222 -3.25 -19.99 -100.80
C VAL OA 222 -3.28 -20.93 -99.60
N ALA OA 223 -4.14 -21.95 -99.68
CA ALA OA 223 -4.19 -22.97 -98.66
C ALA OA 223 -3.05 -23.98 -98.85
N LEU OA 224 -2.89 -24.43 -100.09
CA LEU OA 224 -1.88 -25.42 -100.44
C LEU OA 224 -0.46 -24.91 -100.18
N GLU OA 225 -0.28 -23.60 -100.28
CA GLU OA 225 1.02 -22.98 -100.10
C GLU OA 225 1.47 -23.03 -98.64
N ILE OA 226 0.50 -23.17 -97.74
CA ILE OA 226 0.80 -23.27 -96.32
C ILE OA 226 1.38 -24.64 -95.98
N PHE OA 227 0.66 -25.68 -96.39
CA PHE OA 227 1.04 -27.03 -96.04
C PHE OA 227 2.24 -27.57 -96.81
N GLN OA 228 2.19 -27.50 -98.15
CA GLN OA 228 3.32 -27.96 -98.96
C GLN OA 228 3.68 -29.40 -98.64
N HIS OA 229 4.83 -29.54 -97.97
CA HIS OA 229 5.58 -30.79 -97.82
C HIS OA 229 4.77 -32.02 -97.41
N ASN OA 230 3.63 -31.84 -96.72
CA ASN OA 230 2.78 -32.99 -96.47
C ASN OA 230 1.85 -33.25 -97.64
N LYS OA 231 2.03 -34.39 -98.28
CA LYS OA 231 1.31 -34.74 -99.48
C LYS OA 231 -0.14 -35.01 -99.15
N TYR OA 232 -0.33 -35.82 -98.12
CA TYR OA 232 -1.64 -36.25 -97.68
C TYR OA 232 -2.52 -35.06 -97.31
N LYS OA 233 -1.89 -34.05 -96.71
CA LYS OA 233 -2.58 -32.81 -96.40
C LYS OA 233 -3.11 -32.17 -97.67
N LEU OA 234 -2.25 -32.06 -98.68
CA LEU OA 234 -2.62 -31.44 -99.95
C LEU OA 234 -3.75 -32.19 -100.63
N ASP OA 235 -3.73 -33.52 -100.52
CA ASP OA 235 -4.82 -34.34 -101.06
C ASP OA 235 -6.13 -34.03 -100.34
N PHE OA 236 -6.07 -34.05 -99.01
CA PHE OA 236 -7.23 -33.75 -98.18
C PHE OA 236 -7.84 -32.41 -98.52
N ILE OA 237 -6.98 -31.39 -98.60
CA ILE OA 237 -7.39 -30.05 -98.98
C ILE OA 237 -8.04 -30.06 -100.35
N GLU OA 238 -7.50 -30.88 -101.25
CA GLU OA 238 -8.02 -30.95 -102.61
C GLU OA 238 -9.43 -31.52 -102.67
N GLU OA 239 -9.69 -32.59 -101.92
CA GLU OA 239 -11.04 -33.18 -101.84
C GLU OA 239 -12.02 -32.24 -101.14
N LYS OA 240 -11.60 -31.78 -99.97
CA LYS OA 240 -12.39 -30.88 -99.13
C LYS OA 240 -12.82 -29.64 -99.92
N ALA OA 241 -11.88 -29.08 -100.70
CA ALA OA 241 -12.17 -27.95 -101.56
C ALA OA 241 -12.98 -28.38 -102.78
N SER OA 242 -12.87 -29.66 -103.15
CA SER OA 242 -13.56 -30.17 -104.32
C SER OA 242 -15.07 -30.23 -104.11
N GLN OA 243 -15.50 -30.61 -102.92
CA GLN OA 243 -16.94 -30.70 -102.66
C GLN OA 243 -17.61 -29.35 -102.44
N ASN OA 244 -16.82 -28.28 -102.36
CA ASN OA 244 -17.35 -26.92 -102.21
C ASN OA 244 -17.12 -26.04 -103.44
N PRO OA 245 -18.21 -25.49 -104.00
CA PRO OA 245 -18.23 -24.74 -105.27
C PRO OA 245 -17.16 -23.65 -105.39
N GLU OA 246 -16.89 -22.95 -104.30
CA GLU OA 246 -16.03 -21.78 -104.31
C GLU OA 246 -14.59 -22.11 -103.95
N ARG OA 247 -14.31 -23.41 -103.80
CA ARG OA 247 -12.98 -23.88 -103.39
C ARG OA 247 -12.58 -23.32 -102.02
N ILE OA 248 -13.48 -23.43 -101.05
CA ILE OA 248 -13.21 -22.91 -99.71
C ILE OA 248 -12.71 -23.98 -98.75
N VAL OA 249 -11.58 -23.69 -98.12
CA VAL OA 249 -10.98 -24.58 -97.13
C VAL OA 249 -11.06 -23.94 -95.75
N LYS OA 250 -11.37 -24.76 -94.76
CA LYS OA 250 -11.56 -24.29 -93.39
C LYS OA 250 -10.33 -24.55 -92.53
N LEU OA 251 -9.67 -23.47 -92.12
CA LEU OA 251 -8.45 -23.57 -91.32
C LEU OA 251 -8.66 -23.25 -89.84
N HIS OA 252 -8.00 -24.02 -88.99
CA HIS OA 252 -7.99 -23.72 -87.57
C HIS OA 252 -6.56 -23.72 -87.07
N ARG OA 253 -6.29 -22.87 -86.09
CA ARG OA 253 -4.93 -22.74 -85.58
C ARG OA 253 -4.95 -22.41 -84.10
N PHE OA 254 -4.04 -23.00 -83.34
CA PHE OA 254 -3.83 -22.51 -81.99
C PHE OA 254 -2.35 -22.51 -81.67
N GLY OA 255 -1.92 -21.44 -81.00
CA GLY OA 255 -0.51 -21.19 -80.83
C GLY OA 255 0.15 -21.11 -82.19
N ASP OA 256 1.16 -21.94 -82.39
CA ASP OA 256 1.90 -21.99 -83.64
C ASP OA 256 1.42 -23.09 -84.57
N PHE OA 257 0.43 -23.87 -84.12
CA PHE OA 257 0.01 -25.03 -84.89
C PHE OA 257 -1.20 -24.75 -85.75
N ILE OA 258 -1.12 -25.13 -87.02
CA ILE OA 258 -2.23 -24.97 -87.94
C ILE OA 258 -2.66 -26.30 -88.54
N ASP OA 259 -3.96 -26.46 -88.72
CA ASP OA 259 -4.48 -27.65 -89.36
C ASP OA 259 -5.82 -27.36 -90.01
N VAL OA 260 -6.14 -28.14 -91.03
CA VAL OA 260 -7.44 -28.08 -91.68
C VAL OA 260 -8.39 -29.06 -90.99
N SER OA 261 -9.65 -28.67 -90.85
CA SER OA 261 -10.62 -29.60 -90.26
C SER OA 261 -12.04 -29.37 -90.74
N GLU OA 262 -12.85 -30.42 -90.60
CA GLU OA 262 -14.27 -30.33 -90.88
C GLU OA 262 -14.99 -29.74 -89.68
N GLY OA 263 -15.83 -28.76 -89.93
CA GLY OA 263 -16.67 -28.21 -88.89
C GLY OA 263 -15.92 -27.39 -87.86
N PRO OA 264 -16.67 -26.68 -87.00
CA PRO OA 264 -16.20 -25.79 -85.93
C PRO OA 264 -15.46 -26.50 -84.80
N LEU OA 265 -14.78 -25.71 -83.96
CA LEU OA 265 -14.08 -26.22 -82.78
C LEU OA 265 -14.50 -25.48 -81.49
N ILE OA 266 -14.14 -26.04 -80.34
CA ILE OA 266 -14.41 -25.40 -79.05
C ILE OA 266 -13.55 -24.13 -78.94
N PRO OA 267 -13.99 -23.16 -78.11
CA PRO OA 267 -13.30 -21.87 -78.02
C PRO OA 267 -11.89 -21.91 -77.42
N ARG OA 268 -11.68 -22.67 -76.36
CA ARG OA 268 -10.42 -22.61 -75.62
C ARG OA 268 -9.76 -23.97 -75.53
N THR OA 269 -8.49 -23.98 -75.18
CA THR OA 269 -7.82 -25.24 -74.88
C THR OA 269 -8.20 -25.67 -73.47
N SER OA 270 -8.41 -24.67 -72.61
CA SER OA 270 -8.65 -24.90 -71.19
C SER OA 270 -9.91 -25.70 -70.90
N ILE OA 271 -10.74 -25.87 -71.92
CA ILE OA 271 -12.01 -26.53 -71.74
C ILE OA 271 -11.83 -28.00 -71.35
N CYS OA 272 -10.75 -28.61 -71.82
CA CYS OA 272 -10.46 -30.00 -71.48
C CYS OA 272 -9.91 -30.14 -70.07
N PHE OA 273 -10.38 -31.14 -69.34
CA PHE OA 273 -9.84 -31.39 -68.01
C PHE OA 273 -9.08 -32.70 -68.01
N GLN OA 274 -9.83 -33.80 -68.04
CA GLN OA 274 -9.22 -35.11 -68.14
C GLN OA 274 -8.83 -35.36 -69.59
N TYR OA 275 -7.57 -35.74 -69.80
CA TYR OA 275 -7.08 -35.99 -71.15
C TYR OA 275 -6.10 -37.14 -71.13
N GLU OA 276 -6.20 -37.98 -72.15
CA GLU OA 276 -5.31 -39.12 -72.28
C GLU OA 276 -4.98 -39.36 -73.72
N VAL OA 277 -3.75 -39.78 -73.99
CA VAL OA 277 -3.48 -40.43 -75.26
C VAL OA 277 -3.45 -41.90 -74.91
N SER OA 278 -4.46 -42.61 -75.39
CA SER OA 278 -4.71 -43.96 -74.93
C SER OA 278 -3.70 -44.94 -75.52
N ALA OA 279 -3.78 -45.18 -76.82
CA ALA OA 279 -2.90 -46.17 -77.44
C ALA OA 279 -2.81 -45.96 -78.94
N VAL OA 280 -1.79 -46.54 -79.58
CA VAL OA 280 -1.67 -46.43 -81.03
C VAL OA 280 -1.85 -47.79 -81.70
N HIS OA 281 -2.31 -47.75 -82.94
CA HIS OA 281 -2.53 -48.96 -83.70
C HIS OA 281 -2.03 -48.81 -85.13
N ASN OA 282 -1.17 -49.74 -85.55
CA ASN OA 282 -0.66 -49.68 -86.89
C ASN OA 282 -1.64 -50.30 -87.89
N LEU OA 283 -2.06 -49.48 -88.86
CA LEU OA 283 -2.95 -49.92 -89.92
C LEU OA 283 -2.33 -49.58 -91.27
N GLN OA 284 -2.27 -50.55 -92.18
CA GLN OA 284 -1.54 -50.34 -93.43
C GLN OA 284 -2.36 -50.52 -94.72
N THR OA 285 -2.26 -49.51 -95.58
CA THR OA 285 -2.75 -49.59 -96.95
C THR OA 285 -1.68 -50.28 -97.79
N GLN OA 286 -1.95 -50.45 -99.08
CA GLN OA 286 -0.96 -50.97 -100.01
C GLN OA 286 0.14 -49.93 -100.26
N SER OA 287 -0.26 -48.66 -100.33
CA SER OA 287 0.62 -47.57 -100.70
C SER OA 287 1.21 -46.79 -99.52
N SER OA 288 0.81 -47.13 -98.30
CA SER OA 288 1.32 -46.43 -97.12
C SER OA 288 1.20 -47.25 -95.83
N LEU OA 289 1.98 -46.89 -94.83
CA LEU OA 289 1.85 -47.46 -93.49
C LEU OA 289 1.42 -46.38 -92.52
N VAL OA 290 0.19 -46.48 -92.02
CA VAL OA 290 -0.40 -45.39 -91.25
C VAL OA 290 -0.70 -45.77 -89.81
N ARG OA 291 -0.15 -45.00 -88.88
CA ARG OA 291 -0.44 -45.22 -87.46
C ARG OA 291 -1.65 -44.39 -87.04
N ARG OA 292 -2.53 -45.02 -86.27
CA ARG OA 292 -3.73 -44.37 -85.76
C ARG OA 292 -3.59 -44.16 -84.26
N PHE OA 293 -3.52 -42.91 -83.85
CA PHE OA 293 -3.41 -42.55 -82.44
C PHE OA 293 -4.77 -42.33 -81.81
N GLN OA 294 -5.12 -43.14 -80.82
CA GLN OA 294 -6.39 -42.98 -80.13
C GLN OA 294 -6.17 -42.40 -78.74
N GLY OA 295 -7.04 -41.47 -78.40
CA GLY OA 295 -7.00 -40.79 -77.14
C GLY OA 295 -8.42 -40.53 -76.68
N LEU OA 296 -8.56 -40.11 -75.44
CA LEU OA 296 -9.85 -39.93 -74.82
C LEU OA 296 -9.82 -38.72 -73.89
N SER OA 297 -10.86 -37.89 -73.92
CA SER OA 297 -10.88 -36.74 -73.02
C SER OA 297 -12.28 -36.29 -72.63
N LEU OA 298 -12.34 -35.49 -71.57
CA LEU OA 298 -13.59 -34.94 -71.08
C LEU OA 298 -13.40 -33.49 -70.65
N PRO OA 299 -14.44 -32.66 -70.86
CA PRO OA 299 -14.40 -31.24 -70.52
C PRO OA 299 -14.63 -31.02 -69.03
N VAL OA 300 -14.13 -29.91 -68.49
CA VAL OA 300 -14.28 -29.59 -67.07
C VAL OA 300 -15.72 -29.70 -66.59
N HIS OA 301 -16.65 -29.33 -67.47
CA HIS OA 301 -18.05 -29.31 -67.12
C HIS OA 301 -18.56 -30.70 -66.84
N LEU OA 302 -18.12 -31.65 -67.65
CA LEU OA 302 -18.61 -33.01 -67.53
C LEU OA 302 -17.74 -33.99 -66.75
N ARG OA 303 -16.67 -33.50 -66.12
CA ARG OA 303 -15.61 -34.38 -65.63
C ARG OA 303 -16.11 -35.58 -64.83
N ALA OA 304 -15.53 -36.74 -65.12
CA ALA OA 304 -16.02 -38.02 -64.60
C ALA OA 304 -15.14 -38.57 -63.49
N HIS OA 305 -15.76 -39.28 -62.56
CA HIS OA 305 -15.09 -39.85 -61.40
C HIS OA 305 -14.00 -40.83 -61.80
N PHE OA 306 -12.99 -40.96 -60.94
CA PHE OA 306 -11.79 -41.77 -61.21
C PHE OA 306 -12.06 -43.19 -61.72
N THR OA 307 -13.04 -43.86 -61.13
CA THR OA 307 -13.42 -45.21 -61.53
C THR OA 307 -14.03 -45.25 -62.94
N ILE OA 308 -15.07 -44.44 -63.15
CA ILE OA 308 -15.70 -44.24 -64.44
C ILE OA 308 -14.65 -44.00 -65.52
N TRP OA 309 -13.75 -43.07 -65.21
CA TRP OA 309 -12.66 -42.73 -66.09
C TRP OA 309 -11.80 -43.94 -66.44
N ASN OA 310 -11.43 -44.74 -65.45
CA ASN OA 310 -10.65 -45.92 -65.75
C ASN OA 310 -11.35 -46.86 -66.72
N LYS OA 311 -12.65 -47.09 -66.52
CA LYS OA 311 -13.40 -47.95 -67.45
C LYS OA 311 -13.42 -47.40 -68.90
N LEU OA 312 -13.76 -46.13 -69.03
CA LEU OA 312 -13.76 -45.51 -70.36
C LEU OA 312 -12.37 -45.61 -71.01
N LEU OA 313 -11.35 -45.44 -70.19
CA LEU OA 313 -9.97 -45.52 -70.64
C LEU OA 313 -9.63 -46.92 -71.15
N GLU OA 314 -10.18 -47.95 -70.49
CA GLU OA 314 -9.99 -49.33 -70.93
C GLU OA 314 -10.65 -49.56 -72.27
N ARG OA 315 -11.85 -49.01 -72.47
CA ARG OA 315 -12.48 -49.20 -73.77
C ARG OA 315 -11.76 -48.42 -74.88
N SER OA 316 -11.12 -47.30 -74.52
CA SER OA 316 -10.45 -46.48 -75.53
C SER OA 316 -9.17 -47.11 -76.10
N ARG OA 317 -8.77 -48.26 -75.57
CA ARG OA 317 -7.59 -48.95 -76.10
C ARG OA 317 -7.89 -49.74 -77.38
N LYS OA 318 -9.14 -50.14 -77.57
CA LYS OA 318 -9.50 -50.94 -78.73
C LYS OA 318 -9.53 -50.11 -80.00
N MET OA 319 -9.16 -50.72 -81.13
CA MET OA 319 -9.18 -50.03 -82.42
C MET OA 319 -10.57 -49.54 -82.76
N VAL OA 320 -10.67 -48.28 -83.14
CA VAL OA 320 -11.94 -47.69 -83.53
C VAL OA 320 -11.94 -47.37 -85.00
N THR OA 321 -12.73 -48.11 -85.76
CA THR OA 321 -12.77 -47.86 -87.19
C THR OA 321 -14.13 -47.37 -87.69
N GLU OA 322 -14.23 -46.06 -87.95
CA GLU OA 322 -15.18 -45.55 -88.94
C GLU OA 322 -14.49 -44.47 -89.76
N ASP OA 323 -14.20 -44.77 -91.02
CA ASP OA 323 -13.81 -43.73 -91.97
C ASP OA 323 -14.98 -43.36 -92.90
N LYS OA 324 -16.07 -44.10 -92.80
CA LYS OA 324 -17.24 -43.97 -93.69
C LYS OA 324 -18.40 -44.85 -93.23
N ILE PA 83 27.22 -0.68 80.25
CA ILE PA 83 26.25 0.29 80.75
C ILE PA 83 26.92 1.35 81.64
N PRO PA 84 27.41 2.44 81.01
CA PRO PA 84 28.28 3.44 81.65
C PRO PA 84 27.65 4.32 82.74
N ILE PA 85 28.28 4.39 83.92
CA ILE PA 85 28.08 5.48 84.86
C ILE PA 85 29.42 5.96 85.44
N GLU PA 86 29.83 7.18 85.09
CA GLU PA 86 31.11 7.74 85.56
C GLU PA 86 31.03 8.41 86.94
N ASP PA 87 32.16 8.45 87.65
CA ASP PA 87 32.28 9.20 88.89
C ASP PA 87 32.99 10.55 88.71
N PHE PA 88 33.35 10.89 87.47
CA PHE PA 88 34.04 12.16 87.17
C PHE PA 88 33.25 13.38 87.61
N ILE PA 89 31.95 13.20 87.80
CA ILE PA 89 31.04 14.28 88.14
C ILE PA 89 31.35 14.90 89.51
N THR PA 90 31.06 16.19 89.63
CA THR PA 90 31.23 16.90 90.91
C THR PA 90 29.98 16.73 91.77
N PRO PA 91 30.13 16.13 92.96
CA PRO PA 91 29.01 15.88 93.87
C PRO PA 91 28.28 17.17 94.29
N VAL PA 92 27.04 17.02 94.75
CA VAL PA 92 26.17 18.15 95.09
C VAL PA 92 26.54 18.81 96.43
N LYS PA 93 27.15 18.03 97.33
CA LYS PA 93 27.58 18.54 98.64
C LYS PA 93 28.52 19.73 98.54
N PHE PA 94 29.29 19.79 97.45
CA PHE PA 94 30.43 20.70 97.33
C PHE PA 94 30.05 22.09 96.87
N LEU PA 95 28.79 22.27 96.48
CA LEU PA 95 28.33 23.52 95.86
C LEU PA 95 28.51 24.81 96.68
N ASN PA 96 27.79 24.93 97.80
CA ASN PA 96 27.69 26.18 98.55
C ASN PA 96 28.65 26.35 99.73
N LYS PA 97 29.49 25.35 99.95
CA LYS PA 97 30.45 25.36 101.06
C LYS PA 97 31.77 25.98 100.58
N GLU PA 98 31.71 26.53 99.37
CA GLU PA 98 32.83 27.18 98.66
C GLU PA 98 33.57 28.25 99.45
N ARG PA 99 32.86 28.87 100.38
CA ARG PA 99 33.28 30.09 101.02
C ARG PA 99 34.47 29.91 101.98
N GLN PA 100 34.89 28.67 102.19
CA GLN PA 100 35.87 28.36 103.24
C GLN PA 100 37.32 28.69 102.85
N ARG PA 101 37.61 28.75 101.56
CA ARG PA 101 39.00 28.98 101.18
C ARG PA 101 39.18 30.19 100.24
N PRO PA 102 38.77 31.40 100.69
CA PRO PA 102 39.11 32.56 99.83
C PRO PA 102 40.59 33.02 99.76
N PRO PA 103 41.32 33.13 100.91
CA PRO PA 103 42.63 33.78 100.75
C PRO PA 103 43.74 32.87 100.21
N VAL PA 104 44.56 33.39 99.30
CA VAL PA 104 45.88 32.84 99.01
C VAL PA 104 46.82 34.01 98.71
N GLU PA 105 47.96 34.07 99.40
CA GLU PA 105 48.92 35.13 99.11
C GLU PA 105 50.35 34.65 99.30
N LEU PA 106 51.24 35.11 98.42
CA LEU PA 106 52.64 34.77 98.52
C LEU PA 106 53.48 36.03 98.39
N PRO PA 107 54.61 36.10 99.11
CA PRO PA 107 55.58 37.18 98.90
C PRO PA 107 56.44 36.88 97.66
N PHE PA 108 57.48 37.68 97.44
CA PHE PA 108 58.46 37.38 96.39
C PHE PA 108 59.09 36.01 96.70
N GLU PA 109 59.28 35.75 97.99
CA GLU PA 109 59.94 34.54 98.48
C GLU PA 109 59.28 33.23 98.04
N GLU PA 110 58.06 32.98 98.52
CA GLU PA 110 57.35 31.75 98.18
C GLU PA 110 57.17 31.60 96.65
N SER PA 111 56.80 32.68 95.98
CA SER PA 111 56.64 32.67 94.51
C SER PA 111 57.90 32.18 93.81
N GLU PA 112 58.98 32.94 93.97
CA GLU PA 112 60.25 32.62 93.32
C GLU PA 112 60.79 31.24 93.74
N ARG PA 113 60.58 30.88 95.00
CA ARG PA 113 60.99 29.58 95.52
C ARG PA 113 60.28 28.43 94.80
N ARG PA 114 58.95 28.52 94.73
CA ARG PA 114 58.14 27.50 94.06
C ARG PA 114 58.46 27.38 92.58
N ALA PA 115 58.64 28.52 91.91
CA ALA PA 115 58.93 28.48 90.49
C ALA PA 115 60.32 27.87 90.22
N LEU PA 116 61.33 28.36 90.94
CA LEU PA 116 62.68 27.81 90.83
C LEU PA 116 62.67 26.31 91.06
N LEU PA 117 61.99 25.91 92.13
CA LEU PA 117 61.83 24.49 92.48
C LEU PA 117 61.17 23.72 91.35
N LEU PA 118 60.20 24.34 90.69
CA LEU PA 118 59.50 23.68 89.60
C LEU PA 118 60.43 23.42 88.42
N LYS PA 119 61.21 24.43 88.03
CA LYS PA 119 62.16 24.26 86.93
C LYS PA 119 63.17 23.16 87.24
N ARG PA 120 63.73 23.25 88.45
CA ARG PA 120 64.62 22.24 88.99
C ARG PA 120 64.02 20.83 88.84
N TRP PA 121 62.76 20.74 89.25
CA TRP PA 121 62.00 19.50 89.22
C TRP PA 121 61.83 18.96 87.81
N SER PA 122 61.66 19.86 86.84
CA SER PA 122 61.51 19.45 85.45
C SER PA 122 62.81 18.87 84.92
N LEU PA 123 63.92 19.54 85.22
CA LEU PA 123 65.22 19.02 84.83
C LEU PA 123 65.40 17.61 85.39
N TYR PA 124 65.09 17.48 86.67
CA TYR PA 124 65.19 16.21 87.38
C TYR PA 124 64.35 15.09 86.74
N LYS PA 125 63.06 15.36 86.58
CA LYS PA 125 62.13 14.40 85.98
C LYS PA 125 62.60 13.99 84.58
N GLN PA 126 63.20 14.93 83.86
CA GLN PA 126 63.75 14.65 82.54
C GLN PA 126 64.88 13.63 82.61
N ARG PA 127 65.87 13.90 83.45
CA ARG PA 127 66.99 12.96 83.62
C ARG PA 127 66.48 11.59 84.05
N GLU PA 128 65.43 11.60 84.87
CA GLU PA 128 64.81 10.37 85.35
C GLU PA 128 64.21 9.55 84.21
N HIS PA 129 63.39 10.19 83.39
CA HIS PA 129 62.82 9.54 82.22
C HIS PA 129 63.91 9.03 81.29
N GLU PA 130 65.01 9.79 81.20
CA GLU PA 130 66.12 9.43 80.34
C GLU PA 130 66.80 8.13 80.78
N MET PA 131 67.16 8.05 82.05
CA MET PA 131 67.80 6.82 82.55
C MET PA 131 66.81 5.65 82.55
N GLU PA 132 65.52 5.95 82.71
CA GLU PA 132 64.48 4.93 82.58
C GLU PA 132 64.48 4.29 81.20
N ARG PA 133 64.36 5.14 80.18
CA ARG PA 133 64.35 4.68 78.80
C ARG PA 133 65.64 3.99 78.39
N SER PA 134 66.77 4.53 78.84
CA SER PA 134 68.05 3.93 78.54
C SER PA 134 68.12 2.55 79.19
N ALA PA 135 67.53 2.43 80.37
CA ALA PA 135 67.46 1.16 81.09
C ALA PA 135 66.67 0.10 80.34
N ILE PA 136 65.42 0.42 80.00
CA ILE PA 136 64.59 -0.52 79.25
C ILE PA 136 65.21 -0.82 77.88
N ARG PA 137 65.93 0.14 77.32
CA ARG PA 137 66.63 -0.09 76.06
C ARG PA 137 67.77 -1.10 76.19
N SER PA 138 68.57 -0.97 77.25
CA SER PA 138 69.66 -1.92 77.52
C SER PA 138 69.13 -3.32 77.79
N LEU PA 139 68.02 -3.38 78.53
CA LEU PA 139 67.28 -4.62 78.73
C LEU PA 139 66.87 -5.27 77.39
N LEU PA 140 66.25 -4.47 76.52
CA LEU PA 140 65.83 -4.97 75.21
C LEU PA 140 67.02 -5.41 74.35
N GLU PA 141 68.18 -4.76 74.54
CA GLU PA 141 69.38 -5.16 73.81
C GLU PA 141 69.89 -6.51 74.32
N ALA PA 142 69.80 -6.72 75.63
CA ALA PA 142 70.09 -8.02 76.21
C ALA PA 142 69.15 -9.08 75.62
N GLN PA 143 67.90 -8.69 75.39
CA GLN PA 143 66.93 -9.56 74.70
C GLN PA 143 67.34 -9.89 73.27
N GLU PA 144 67.81 -8.89 72.53
CA GLU PA 144 68.30 -9.10 71.16
C GLU PA 144 69.44 -10.12 71.15
N GLU PA 145 70.50 -9.82 71.90
CA GLU PA 145 71.68 -10.69 71.95
C GLU PA 145 71.32 -12.10 72.39
N ALA PA 146 70.50 -12.18 73.45
CA ALA PA 146 70.02 -13.46 73.98
C ALA PA 146 69.30 -14.29 72.92
N LEU PA 147 68.14 -13.80 72.49
CA LEU PA 147 67.28 -14.52 71.56
C LEU PA 147 68.01 -14.88 70.28
N GLN PA 148 68.82 -13.95 69.77
CA GLN PA 148 69.60 -14.21 68.55
C GLN PA 148 70.65 -15.31 68.77
N GLU PA 149 71.26 -15.31 69.95
CA GLU PA 149 72.18 -16.37 70.33
C GLU PA 149 71.50 -17.76 70.34
N LEU PA 150 70.32 -17.82 70.96
CA LEU PA 150 69.52 -19.06 71.00
C LEU PA 150 69.06 -19.52 69.60
N ARG PA 151 68.74 -18.58 68.70
CA ARG PA 151 68.36 -18.96 67.33
C ARG PA 151 69.54 -19.49 66.55
N LEU PA 152 70.69 -18.82 66.72
CA LEU PA 152 71.92 -19.22 66.03
C LEU PA 152 72.42 -20.58 66.52
N SER PA 153 72.11 -20.91 67.77
CA SER PA 153 72.49 -22.24 68.28
C SER PA 153 71.48 -23.30 67.85
N SER PA 154 70.29 -23.30 68.45
CA SER PA 154 69.24 -24.26 68.12
C SER PA 154 67.98 -23.60 67.55
N PRO PA 155 67.64 -23.88 66.29
CA PRO PA 155 66.41 -23.38 65.65
C PRO PA 155 65.13 -23.84 66.37
N GLU PA 156 65.18 -25.05 66.92
CA GLU PA 156 64.06 -25.60 67.69
C GLU PA 156 63.76 -24.76 68.92
N LEU PA 157 64.80 -24.08 69.42
CA LEU PA 157 64.69 -23.28 70.63
C LEU PA 157 64.05 -21.90 70.42
N HIS PA 158 64.09 -21.39 69.19
CA HIS PA 158 63.30 -20.20 68.87
C HIS PA 158 61.99 -20.64 68.18
N ALA PA 159 61.83 -21.94 67.99
CA ALA PA 159 60.50 -22.48 67.74
C ALA PA 159 59.72 -22.50 69.05
N GLU PA 160 60.39 -22.98 70.11
CA GLU PA 160 59.82 -23.02 71.45
C GLU PA 160 59.54 -21.65 72.08
N ALA PA 161 60.59 -20.83 72.20
CA ALA PA 161 60.59 -19.69 73.12
C ALA PA 161 60.17 -18.35 72.51
N THR PA 162 59.90 -18.34 71.21
CA THR PA 162 59.44 -17.11 70.56
C THR PA 162 57.91 -16.98 70.65
N LYS PA 163 57.27 -18.08 71.05
CA LYS PA 163 55.83 -18.10 71.30
C LYS PA 163 55.53 -17.60 72.72
N ARG PA 164 54.37 -16.95 72.89
CA ARG PA 164 53.95 -16.46 74.20
C ARG PA 164 52.99 -17.43 74.89
N ASP PA 165 53.31 -17.78 76.13
CA ASP PA 165 52.58 -18.81 76.86
C ASP PA 165 51.25 -18.31 77.45
N PRO PA 166 50.27 -19.23 77.59
CA PRO PA 166 48.99 -18.99 78.26
C PRO PA 166 49.10 -18.61 79.75
N SER PA 167 50.28 -18.79 80.36
CA SER PA 167 50.46 -18.47 81.77
C SER PA 167 50.37 -16.96 82.10
N LEU PA 168 50.37 -16.13 81.05
CA LEU PA 168 50.41 -14.67 81.23
C LEU PA 168 49.04 -13.99 81.21
N PHE PA 169 47.97 -14.77 81.07
CA PHE PA 169 46.65 -14.17 80.94
C PHE PA 169 46.22 -13.40 82.20
N PRO PA 170 46.11 -14.07 83.37
CA PRO PA 170 45.68 -13.27 84.52
C PRO PA 170 46.84 -12.84 85.43
N PHE PA 171 47.80 -12.07 84.91
CA PHE PA 171 48.92 -11.61 85.74
C PHE PA 171 48.46 -10.56 86.73
N GLU PA 172 48.70 -10.83 88.01
CA GLU PA 172 48.32 -9.88 89.06
C GLU PA 172 49.46 -9.67 90.05
N ARG PA 173 49.66 -8.41 90.41
CA ARG PA 173 50.78 -8.02 91.26
C ARG PA 173 50.33 -6.91 92.20
N GLN PA 174 50.73 -6.98 93.46
CA GLN PA 174 50.38 -5.94 94.41
C GLN PA 174 51.56 -5.03 94.71
N GLY PA 175 51.26 -3.74 94.82
CA GLY PA 175 52.28 -2.74 95.09
C GLY PA 175 52.74 -2.75 96.53
N PRO PA 176 53.95 -2.25 96.78
CA PRO PA 176 54.60 -2.21 98.10
C PRO PA 176 53.79 -1.45 99.14
N ASP PA 177 54.05 -1.71 100.42
CA ASP PA 177 53.36 -1.01 101.49
C ASP PA 177 54.34 -0.21 102.34
N TYR PA 178 53.81 0.53 103.31
CA TYR PA 178 54.63 1.33 104.21
C TYR PA 178 55.24 0.49 105.34
N THR PA 179 54.39 -0.31 105.98
CA THR PA 179 54.80 -1.20 107.07
C THR PA 179 54.63 -2.68 106.72
N PRO PA 180 55.72 -3.47 106.82
CA PRO PA 180 55.61 -4.92 106.59
C PRO PA 180 54.68 -5.59 107.60
N PRO PA 181 53.93 -6.63 107.16
CA PRO PA 181 52.96 -7.32 108.02
C PRO PA 181 53.57 -7.88 109.30
N GLY QA 14 -46.70 13.13 -13.42
CA GLY QA 14 -46.45 14.44 -12.85
C GLY QA 14 -47.49 15.46 -13.29
N ALA QA 15 -48.67 14.94 -13.60
CA ALA QA 15 -49.80 15.70 -14.14
C ALA QA 15 -49.45 16.55 -15.34
N ASP QA 16 -50.15 17.67 -15.46
CA ASP QA 16 -49.93 18.60 -16.55
C ASP QA 16 -50.11 20.04 -16.05
N ARG QA 17 -49.03 20.81 -16.04
CA ARG QA 17 -49.13 22.17 -15.56
C ARG QA 17 -49.58 23.13 -16.64
N MET QA 18 -49.03 22.95 -17.82
CA MET QA 18 -49.08 23.97 -18.85
C MET QA 18 -50.44 24.03 -19.53
N SER QA 19 -50.96 22.85 -19.88
CA SER QA 19 -52.22 22.76 -20.61
C SER QA 19 -53.37 23.37 -19.82
N LYS QA 20 -54.20 24.15 -20.49
CA LYS QA 20 -55.24 24.94 -19.81
C LYS QA 20 -56.31 24.05 -19.17
N TRP QA 21 -56.84 24.57 -18.07
CA TRP QA 21 -57.83 23.91 -17.24
C TRP QA 21 -59.18 23.97 -17.92
N THR QA 22 -59.85 22.84 -18.02
CA THR QA 22 -61.09 22.77 -18.80
C THR QA 22 -62.01 21.72 -18.20
N SER QA 23 -63.29 21.83 -18.48
CA SER QA 23 -64.26 20.90 -17.96
C SER QA 23 -63.97 19.46 -18.37
N LYS QA 24 -63.30 19.26 -19.50
CA LYS QA 24 -62.94 17.91 -19.92
C LYS QA 24 -61.95 17.24 -18.98
N ARG QA 25 -61.22 18.04 -18.21
CA ARG QA 25 -60.13 17.52 -17.41
C ARG QA 25 -60.51 16.94 -16.03
N GLY QA 26 -61.45 17.56 -15.33
CA GLY QA 26 -61.64 17.18 -13.94
C GLY QA 26 -62.39 15.89 -13.68
N PRO QA 27 -62.92 15.74 -12.47
CA PRO QA 27 -63.92 14.74 -12.05
C PRO QA 27 -65.30 15.04 -12.62
N ARG QA 28 -66.28 14.27 -12.20
CA ARG QA 28 -67.66 14.49 -12.57
C ARG QA 28 -68.13 15.84 -12.03
N THR QA 29 -67.73 16.14 -10.80
CA THR QA 29 -68.20 17.34 -10.10
C THR QA 29 -67.70 18.63 -10.72
N PHE QA 30 -66.71 18.54 -11.59
CA PHE QA 30 -66.18 19.76 -12.17
C PHE QA 30 -66.84 20.09 -13.49
N CYS QA 31 -67.65 21.14 -13.49
CA CYS QA 31 -68.28 21.63 -14.70
C CYS QA 31 -68.00 23.09 -14.86
N LYS QA 32 -67.24 23.43 -15.89
CA LYS QA 32 -66.91 24.80 -16.10
C LYS QA 32 -67.21 25.15 -17.56
N GLY QA 33 -68.14 26.08 -17.77
CA GLY QA 33 -68.57 26.41 -19.12
C GLY QA 33 -67.44 26.89 -20.01
N ARG QA 34 -67.69 26.95 -21.31
CA ARG QA 34 -66.69 27.43 -22.25
C ARG QA 34 -66.84 28.92 -22.50
N GLY QA 35 -67.73 29.57 -21.75
CA GLY QA 35 -67.90 31.01 -21.86
C GLY QA 35 -69.13 31.54 -22.59
N ALA QA 36 -70.09 30.67 -22.89
CA ALA QA 36 -71.41 31.16 -23.29
C ALA QA 36 -72.09 31.76 -22.07
N LYS QA 37 -73.09 32.60 -22.30
CA LYS QA 37 -73.71 33.32 -21.19
C LYS QA 37 -74.97 32.63 -20.70
N GLY QA 38 -75.16 32.65 -19.39
CA GLY QA 38 -76.27 31.97 -18.75
C GLY QA 38 -77.60 32.55 -19.16
N THR QA 39 -78.52 31.67 -19.56
CA THR QA 39 -79.83 32.09 -20.04
C THR QA 39 -80.93 32.00 -18.99
N GLY QA 40 -80.61 31.65 -17.76
CA GLY QA 40 -81.66 31.45 -16.78
C GLY QA 40 -81.20 31.04 -15.42
N PHE QA 41 -82.08 30.41 -14.66
CA PHE QA 41 -81.75 29.97 -13.30
C PHE QA 41 -82.35 28.61 -12.99
N HIS QA 42 -81.94 27.99 -11.89
CA HIS QA 42 -82.56 26.74 -11.48
C HIS QA 42 -83.82 26.98 -10.68
N GLY QA 43 -84.90 26.32 -11.07
CA GLY QA 43 -86.21 26.53 -10.47
C GLY QA 43 -86.53 25.58 -9.34
N ARG QA 44 -87.82 25.40 -9.09
CA ARG QA 44 -88.29 24.62 -7.96
C ARG QA 44 -88.03 23.13 -8.10
N ASP QA 45 -88.46 22.55 -9.21
CA ASP QA 45 -88.41 21.11 -9.41
C ASP QA 45 -86.99 20.62 -9.60
N GLY QA 46 -86.05 21.56 -9.67
CA GLY QA 46 -84.68 21.27 -9.99
C GLY QA 46 -84.50 21.48 -11.48
N LYS QA 47 -85.61 21.44 -12.21
CA LYS QA 47 -85.57 21.71 -13.63
C LYS QA 47 -85.14 23.16 -13.83
N PHE QA 48 -84.55 23.42 -14.99
CA PHE QA 48 -83.97 24.71 -15.29
C PHE QA 48 -84.99 25.61 -15.96
N VAL QA 49 -85.00 26.89 -15.58
CA VAL QA 49 -85.91 27.85 -16.20
C VAL QA 49 -85.20 28.92 -16.99
N GLN QA 50 -85.66 29.08 -18.23
CA GLN QA 50 -85.11 30.09 -19.13
C GLN QA 50 -85.90 31.36 -19.05
N ILE QA 51 -85.19 32.48 -18.92
CA ILE QA 51 -85.83 33.78 -18.91
C ILE QA 51 -85.77 34.37 -20.30
N LYS QA 52 -86.92 34.62 -20.90
CA LYS QA 52 -86.98 35.06 -22.30
C LYS QA 52 -86.20 36.33 -22.53
N GLU QA 53 -86.00 37.09 -21.46
CA GLU QA 53 -85.32 38.38 -21.54
C GLU QA 53 -83.82 38.27 -21.65
N MET QA 54 -83.24 37.20 -21.09
CA MET QA 54 -81.80 37.04 -21.10
C MET QA 54 -81.30 36.43 -22.40
N ILE QA 55 -82.20 35.87 -23.18
CA ILE QA 55 -81.80 35.27 -24.45
C ILE QA 55 -81.76 36.34 -25.53
N PRO QA 56 -80.58 36.56 -26.12
CA PRO QA 56 -80.37 37.66 -27.08
C PRO QA 56 -81.35 37.59 -28.24
N GLU QA 57 -82.02 38.70 -28.52
CA GLU QA 57 -82.94 38.71 -29.64
C GLU QA 57 -82.31 39.42 -30.82
N LEU QA 58 -82.01 38.68 -31.86
CA LEU QA 58 -81.40 39.25 -33.04
C LEU QA 58 -82.34 40.21 -33.73
N VAL QA 59 -81.84 41.41 -33.99
CA VAL QA 59 -82.64 42.39 -34.71
C VAL QA 59 -82.17 42.43 -36.16
N VAL QA 60 -82.96 41.83 -37.04
CA VAL QA 60 -82.57 41.71 -38.44
C VAL QA 60 -83.51 42.46 -39.38
N PRO QA 61 -82.96 43.41 -40.14
CA PRO QA 61 -83.68 44.26 -41.08
C PRO QA 61 -84.06 43.51 -42.35
N GLU QA 62 -84.98 44.04 -43.14
CA GLU QA 62 -85.28 43.42 -44.42
C GLU QA 62 -84.20 43.82 -45.43
N LEU QA 63 -83.45 42.84 -45.92
CA LEU QA 63 -82.35 43.11 -46.86
C LEU QA 63 -82.78 43.14 -48.31
N ALA QA 64 -83.96 42.58 -48.58
CA ALA QA 64 -84.34 42.23 -49.94
C ALA QA 64 -84.44 43.45 -50.87
N GLY QA 65 -85.10 44.49 -50.42
CA GLY QA 65 -85.40 45.62 -51.28
C GLY QA 65 -84.31 46.68 -51.41
N PHE QA 66 -83.09 46.37 -50.98
CA PHE QA 66 -82.06 47.41 -50.89
C PHE QA 66 -80.83 47.05 -51.72
N LYS QA 67 -80.12 48.07 -52.19
CA LYS QA 67 -78.96 47.84 -53.05
C LYS QA 67 -77.66 48.26 -52.38
N LEU QA 68 -76.92 47.26 -51.92
CA LEU QA 68 -75.55 47.41 -51.46
C LEU QA 68 -75.01 45.99 -51.52
N LYS QA 69 -73.70 45.83 -51.64
CA LYS QA 69 -73.15 44.50 -51.84
C LYS QA 69 -71.93 44.30 -50.94
N PRO QA 70 -71.54 43.05 -50.70
CA PRO QA 70 -70.39 42.83 -49.82
C PRO QA 70 -69.06 43.35 -50.38
N TYR QA 71 -68.99 43.62 -51.68
CA TYR QA 71 -67.78 44.15 -52.29
C TYR QA 71 -68.05 45.45 -53.04
N VAL QA 72 -67.00 46.20 -53.33
CA VAL QA 72 -67.15 47.49 -54.02
C VAL QA 72 -66.42 47.49 -55.35
N ASN QA 73 -66.96 48.21 -56.33
CA ASN QA 73 -66.31 48.37 -57.63
C ASN QA 73 -64.89 48.92 -57.47
N TYR QA 74 -63.97 48.42 -58.29
CA TYR QA 74 -62.54 48.74 -58.12
C TYR QA 74 -62.19 50.15 -58.55
N ARG QA 75 -62.89 50.66 -59.55
CA ARG QA 75 -62.57 51.98 -60.06
C ARG QA 75 -63.21 53.06 -59.18
N ALA QA 76 -64.12 52.64 -58.30
CA ALA QA 76 -64.71 53.55 -57.32
C ALA QA 76 -63.62 54.08 -56.38
N PRO QA 77 -63.60 55.40 -56.16
CA PRO QA 77 -62.52 56.02 -55.40
C PRO QA 77 -62.63 55.80 -53.90
N GLU QA 78 -61.48 55.75 -53.22
CA GLU QA 78 -61.42 55.87 -51.77
C GLU QA 78 -61.51 57.35 -51.46
N GLY QA 79 -61.26 57.73 -50.22
CA GLY QA 79 -61.35 59.15 -49.88
C GLY QA 79 -60.34 59.55 -48.83
N THR QA 80 -60.16 60.86 -48.67
CA THR QA 80 -59.28 61.38 -47.62
C THR QA 80 -59.81 60.94 -46.27
N ASP QA 81 -58.94 60.36 -45.44
CA ASP QA 81 -59.42 59.65 -44.24
C ASP QA 81 -59.49 60.58 -43.05
N THR QA 82 -60.72 60.92 -42.67
CA THR QA 82 -60.95 61.78 -41.53
C THR QA 82 -61.72 61.01 -40.46
N PRO QA 83 -61.01 60.63 -39.39
CA PRO QA 83 -61.66 60.00 -38.23
C PRO QA 83 -62.65 60.96 -37.59
N LEU QA 84 -63.86 60.49 -37.32
CA LEU QA 84 -64.87 61.31 -36.68
C LEU QA 84 -64.44 61.68 -35.26
N THR QA 85 -64.54 62.96 -34.94
CA THR QA 85 -64.15 63.48 -33.63
C THR QA 85 -65.38 64.00 -32.95
N ALA QA 86 -65.35 64.15 -31.63
CA ALA QA 86 -66.45 64.76 -30.89
C ALA QA 86 -66.78 66.14 -31.44
N LYS QA 87 -65.75 66.83 -31.93
CA LYS QA 87 -65.91 68.19 -32.45
C LYS QA 87 -66.72 68.24 -33.75
N GLN QA 88 -66.30 67.47 -34.76
CA GLN QA 88 -67.00 67.45 -36.05
C GLN QA 88 -68.47 67.10 -35.86
N LEU QA 89 -68.72 66.13 -35.00
CA LEU QA 89 -70.09 65.75 -34.67
C LEU QA 89 -70.82 66.88 -33.96
N PHE QA 90 -70.10 67.68 -33.18
CA PHE QA 90 -70.77 68.83 -32.56
C PHE QA 90 -71.15 69.86 -33.60
N LEU QA 91 -70.33 70.00 -34.64
CA LEU QA 91 -70.54 71.02 -35.66
C LEU QA 91 -71.62 70.63 -36.68
N GLU QA 92 -71.78 69.34 -36.94
CA GLU QA 92 -72.79 68.91 -37.90
C GLU QA 92 -74.21 68.91 -37.31
N THR QA 93 -74.32 68.89 -35.98
CA THR QA 93 -75.62 68.76 -35.33
C THR QA 93 -76.03 69.96 -34.48
N ALA QA 94 -75.30 70.22 -33.41
CA ALA QA 94 -75.69 71.25 -32.45
C ALA QA 94 -75.33 72.67 -32.89
N ALA QA 95 -74.30 72.82 -33.74
CA ALA QA 95 -73.82 74.14 -34.14
C ALA QA 95 -74.79 74.96 -35.01
N PRO QA 96 -75.42 74.34 -36.05
CA PRO QA 96 -76.45 75.08 -36.78
C PRO QA 96 -77.63 75.55 -35.91
N ALA QA 97 -78.14 74.67 -35.05
CA ALA QA 97 -79.28 75.01 -34.18
C ALA QA 97 -78.91 76.07 -33.14
N ILE QA 98 -77.74 75.91 -32.51
CA ILE QA 98 -77.26 76.89 -31.52
C ILE QA 98 -77.03 78.26 -32.15
N GLU QA 99 -76.36 78.30 -33.29
CA GLU QA 99 -76.13 79.58 -33.95
C GLU QA 99 -77.47 80.21 -34.38
N LYS QA 100 -78.40 79.38 -34.86
CA LYS QA 100 -79.74 79.86 -35.23
C LYS QA 100 -80.50 80.50 -34.06
N ASP QA 101 -80.39 79.91 -32.87
CA ASP QA 101 -81.14 80.44 -31.73
C ASP QA 101 -80.38 81.46 -30.87
N PHE QA 102 -79.07 81.61 -31.07
CA PHE QA 102 -78.34 82.72 -30.46
C PHE QA 102 -78.44 83.97 -31.32
N LYS QA 103 -78.41 83.79 -32.64
CA LYS QA 103 -78.63 84.90 -33.57
C LYS QA 103 -80.03 85.49 -33.38
N ALA QA 104 -80.97 84.65 -32.93
CA ALA QA 104 -82.35 85.09 -32.68
C ALA QA 104 -82.55 85.50 -31.22
N GLY QA 105 -81.51 85.35 -30.40
CA GLY QA 105 -81.54 85.74 -29.01
C GLY QA 105 -82.37 84.84 -28.10
N THR QA 106 -82.76 83.68 -28.62
CA THR QA 106 -83.61 82.74 -27.87
C THR QA 106 -82.77 81.67 -27.15
N PHE QA 107 -81.44 81.81 -27.21
CA PHE QA 107 -80.52 80.87 -26.58
C PHE QA 107 -80.62 80.86 -25.05
N ASP QA 108 -80.77 79.66 -24.47
CA ASP QA 108 -80.95 79.49 -23.03
C ASP QA 108 -79.89 78.56 -22.43
N PRO QA 109 -78.80 79.13 -21.88
CA PRO QA 109 -77.69 78.32 -21.34
C PRO QA 109 -78.11 77.27 -20.30
N GLU QA 110 -79.28 77.46 -19.68
CA GLU QA 110 -79.78 76.51 -18.69
C GLU QA 110 -80.27 75.18 -19.27
N HIS QA 111 -81.19 75.23 -20.24
CA HIS QA 111 -81.68 74.01 -20.87
C HIS QA 111 -81.16 73.86 -22.30
N LEU QA 112 -80.23 72.94 -22.49
CA LEU QA 112 -79.66 72.67 -23.81
C LEU QA 112 -80.35 71.49 -24.48
N GLU QA 113 -81.34 70.91 -23.80
CA GLU QA 113 -81.96 69.66 -24.20
C GLU QA 113 -82.66 69.68 -25.56
N LYS QA 114 -82.96 70.88 -26.06
CA LYS QA 114 -83.59 71.01 -27.37
C LYS QA 114 -82.60 70.71 -28.48
N TYR QA 115 -81.31 70.87 -28.19
CA TYR QA 115 -80.25 70.64 -29.17
C TYR QA 115 -79.81 69.18 -29.23
N GLY QA 116 -80.30 68.38 -28.29
CA GLY QA 116 -79.94 66.97 -28.21
C GLY QA 116 -79.02 66.60 -27.07
N PHE QA 117 -78.65 67.55 -26.22
CA PHE QA 117 -77.87 67.25 -25.03
C PHE QA 117 -78.71 66.51 -24.00
N GLU QA 118 -78.11 65.49 -23.38
CA GLU QA 118 -78.78 64.74 -22.32
C GLU QA 118 -78.02 64.91 -21.00
N PRO QA 119 -78.68 65.51 -19.99
CA PRO QA 119 -78.07 65.78 -18.69
C PRO QA 119 -77.63 64.51 -17.98
N THR QA 120 -78.51 63.52 -17.97
CA THR QA 120 -78.26 62.26 -17.26
C THR QA 120 -78.70 61.05 -18.09
N GLN QA 121 -78.02 59.92 -17.86
CA GLN QA 121 -78.20 58.72 -18.68
C GLN QA 121 -79.20 57.70 -18.14
N GLU QA 122 -79.66 57.88 -16.91
CA GLU QA 122 -80.41 56.80 -16.26
C GLU QA 122 -81.85 56.67 -16.75
N GLY QA 123 -82.37 57.71 -17.40
CA GLY QA 123 -83.72 57.63 -17.92
C GLY QA 123 -83.84 56.71 -19.13
N LYS QA 124 -82.95 56.92 -20.10
CA LYS QA 124 -83.11 56.30 -21.41
C LYS QA 124 -82.70 54.82 -21.49
N LEU QA 125 -83.21 54.16 -22.53
CA LEU QA 125 -83.03 52.72 -22.72
C LEU QA 125 -81.59 52.31 -22.90
N PHE QA 126 -80.93 52.88 -23.90
CA PHE QA 126 -79.52 52.58 -24.12
C PHE QA 126 -78.67 53.70 -23.56
N GLN QA 127 -77.98 53.46 -22.45
CA GLN QA 127 -77.12 54.48 -21.89
C GLN QA 127 -75.72 54.35 -22.42
N LEU QA 128 -75.08 55.49 -22.61
CA LEU QA 128 -73.75 55.50 -23.14
C LEU QA 128 -72.65 55.18 -22.12
N TYR QA 129 -72.66 55.81 -20.93
CA TYR QA 129 -71.52 55.58 -20.03
C TYR QA 129 -71.45 54.23 -19.28
N PRO QA 130 -72.45 53.86 -18.46
CA PRO QA 130 -72.24 52.49 -17.98
C PRO QA 130 -72.44 51.44 -19.09
N LYS QA 131 -72.96 51.85 -20.25
CA LYS QA 131 -73.04 51.01 -21.46
C LYS QA 131 -73.96 49.79 -21.32
N ASN QA 132 -75.26 50.06 -21.37
CA ASN QA 132 -76.30 49.06 -21.22
C ASN QA 132 -76.46 48.04 -22.33
N PHE QA 133 -75.90 48.29 -23.50
CA PHE QA 133 -76.17 47.39 -24.60
C PHE QA 133 -74.90 46.75 -25.12
N PRO QA 134 -74.98 45.46 -25.49
CA PRO QA 134 -73.83 44.77 -26.08
C PRO QA 134 -73.39 45.30 -27.45
N ARG QA 135 -74.35 45.45 -28.37
CA ARG QA 135 -74.06 45.74 -29.77
C ARG QA 135 -75.34 46.12 -30.51
N THR RA 35 67.43 -19.49 -40.07
CA THR RA 35 66.31 -20.34 -40.45
C THR RA 35 65.37 -20.56 -39.26
N TYR RA 36 64.82 -19.46 -38.75
CA TYR RA 36 63.88 -19.52 -37.64
C TYR RA 36 62.74 -18.51 -37.78
N SER RA 37 61.51 -19.00 -37.66
CA SER RA 37 60.33 -18.14 -37.49
C SER RA 37 59.51 -18.66 -36.33
N SER RA 38 58.80 -17.77 -35.66
CA SER RA 38 58.03 -18.15 -34.49
C SER RA 38 56.82 -19.00 -34.88
N LEU RA 39 56.32 -18.77 -36.09
CA LEU RA 39 55.17 -19.51 -36.59
C LEU RA 39 55.52 -20.28 -37.85
N PRO RA 40 54.96 -21.49 -38.00
CA PRO RA 40 55.18 -22.32 -39.18
C PRO RA 40 54.78 -21.61 -40.47
N ASP RA 41 55.52 -21.89 -41.55
CA ASP RA 41 55.31 -21.25 -42.84
C ASP RA 41 54.35 -22.04 -43.73
N ASP RA 42 53.76 -23.08 -43.15
CA ASP RA 42 52.79 -23.94 -43.83
C ASP RA 42 51.72 -23.15 -44.54
N TYR RA 43 51.19 -22.14 -43.84
CA TYR RA 43 49.97 -21.46 -44.25
C TYR RA 43 50.18 -19.96 -44.43
N ASN RA 44 49.24 -19.33 -45.13
CA ASN RA 44 49.25 -17.88 -45.29
C ASN RA 44 50.54 -17.35 -45.90
N CYS RA 45 51.32 -16.64 -45.08
CA CYS RA 45 52.61 -16.13 -45.50
C CYS RA 45 53.81 -16.70 -44.76
N LYS RA 46 54.93 -16.76 -45.45
CA LYS RA 46 56.22 -17.00 -44.83
C LYS RA 46 56.66 -15.67 -44.23
N VAL RA 47 56.92 -15.64 -42.92
CA VAL RA 47 57.11 -14.36 -42.25
C VAL RA 47 58.53 -14.15 -41.72
N GLU RA 48 59.13 -13.03 -42.12
CA GLU RA 48 60.47 -12.68 -41.68
C GLU RA 48 60.47 -11.41 -40.84
N LEU RA 49 61.04 -11.50 -39.65
CA LEU RA 49 61.06 -10.38 -38.73
C LEU RA 49 62.43 -9.78 -38.53
N ALA RA 50 62.63 -8.57 -39.03
CA ALA RA 50 63.90 -7.92 -38.90
C ALA RA 50 63.80 -6.66 -38.05
N LEU RA 51 64.91 -6.35 -37.39
CA LEU RA 51 65.01 -5.14 -36.58
C LEU RA 51 66.07 -4.22 -37.17
N THR RA 52 65.66 -3.00 -37.53
CA THR RA 52 66.55 -2.00 -38.11
C THR RA 52 67.77 -1.77 -37.20
N SER RA 53 68.94 -1.56 -37.82
CA SER RA 53 70.21 -1.40 -37.10
C SER RA 53 70.15 -0.28 -36.05
N ASP RA 54 69.43 0.78 -36.41
CA ASP RA 54 69.06 1.84 -35.48
C ASP RA 54 68.39 1.26 -34.22
N GLY RA 55 67.39 0.43 -34.43
CA GLY RA 55 66.59 -0.15 -33.36
C GLY RA 55 65.19 0.42 -33.31
N ARG RA 56 64.98 1.51 -34.04
CA ARG RA 56 63.74 2.28 -33.92
C ARG RA 56 62.66 1.88 -34.93
N THR RA 57 62.90 0.83 -35.70
CA THR RA 57 61.88 0.34 -36.64
C THR RA 57 61.89 -1.19 -36.76
N ILE RA 58 60.72 -1.81 -36.75
CA ILE RA 58 60.63 -3.24 -37.07
C ILE RA 58 60.13 -3.42 -38.49
N VAL RA 59 60.79 -4.27 -39.27
CA VAL RA 59 60.30 -4.53 -40.63
C VAL RA 59 59.93 -6.00 -40.76
N CYS RA 60 58.84 -6.28 -41.47
CA CYS RA 60 58.42 -7.66 -41.70
C CYS RA 60 58.27 -7.93 -43.19
N TYR RA 61 58.96 -8.96 -43.66
CA TYR RA 61 58.82 -9.38 -45.04
C TYR RA 61 57.88 -10.58 -45.09
N HIS RA 62 56.77 -10.46 -45.80
CA HIS RA 62 55.80 -11.55 -45.84
C HIS RA 62 55.20 -11.80 -47.23
N PRO RA 63 55.93 -12.56 -48.07
CA PRO RA 63 55.39 -12.91 -49.39
C PRO RA 63 54.36 -14.03 -49.24
N SER RA 64 53.36 -14.08 -50.12
CA SER RA 64 52.31 -15.10 -50.01
C SER RA 64 52.89 -16.50 -50.14
N VAL RA 65 52.23 -17.47 -49.51
CA VAL RA 65 52.60 -18.86 -49.71
C VAL RA 65 51.55 -19.51 -50.62
N ASP RA 66 51.97 -19.93 -51.79
CA ASP RA 66 51.07 -20.57 -52.74
C ASP RA 66 50.86 -22.03 -52.37
N ILE RA 67 49.73 -22.58 -52.78
CA ILE RA 67 49.39 -23.96 -52.46
C ILE RA 67 50.03 -24.95 -53.44
N PRO RA 68 50.86 -25.87 -52.92
CA PRO RA 68 51.61 -26.81 -53.76
C PRO RA 68 50.70 -27.75 -54.55
N TYR RA 69 51.08 -28.06 -55.78
CA TYR RA 69 50.29 -28.92 -56.65
C TYR RA 69 49.91 -30.24 -55.99
N GLU RA 70 50.88 -30.86 -55.31
CA GLU RA 70 50.72 -32.18 -54.71
C GLU RA 70 49.67 -32.19 -53.61
N HIS RA 71 49.28 -31.01 -53.17
CA HIS RA 71 48.30 -30.84 -52.10
C HIS RA 71 46.87 -30.64 -52.61
N THR RA 72 46.67 -30.78 -53.91
CA THR RA 72 45.36 -30.56 -54.49
C THR RA 72 44.83 -31.83 -55.14
N LYS RA 73 43.51 -31.90 -55.35
CA LYS RA 73 42.94 -33.04 -56.03
C LYS RA 73 42.13 -32.64 -57.24
N PRO RA 74 42.05 -33.52 -58.25
CA PRO RA 74 41.51 -33.12 -59.55
C PRO RA 74 40.03 -32.76 -59.50
N ILE RA 75 39.64 -31.81 -60.33
CA ILE RA 75 38.26 -31.35 -60.41
C ILE RA 75 37.28 -32.49 -60.65
N PRO RA 76 36.27 -32.62 -59.78
CA PRO RA 76 35.21 -33.60 -60.01
C PRO RA 76 34.43 -33.26 -61.27
N ARG RA 77 34.30 -34.20 -62.19
CA ARG RA 77 33.57 -33.96 -63.43
C ARG RA 77 32.39 -34.91 -63.52
N PRO RA 78 31.18 -34.35 -63.41
CA PRO RA 78 29.98 -35.15 -63.56
C PRO RA 78 29.00 -34.54 -64.58
N ASP RA 79 28.86 -35.19 -65.73
CA ASP RA 79 27.78 -34.89 -66.67
C ASP RA 79 27.23 -36.18 -67.30
N PRO RA 80 25.93 -36.45 -67.11
CA PRO RA 80 25.27 -37.58 -67.74
C PRO RA 80 23.82 -37.25 -68.14
N VAL RA 81 23.46 -37.49 -69.41
CA VAL RA 81 22.07 -37.32 -69.85
C VAL RA 81 21.42 -38.64 -70.30
N HIS RA 82 20.54 -39.17 -69.46
CA HIS RA 82 19.75 -40.38 -69.78
C HIS RA 82 18.31 -40.06 -70.23
N ASN RA 83 17.95 -38.77 -70.22
CA ASN RA 83 16.57 -38.33 -70.51
C ASN RA 83 16.19 -38.66 -71.95
N ILE RA 84 17.17 -39.11 -72.72
CA ILE RA 84 17.00 -39.42 -74.13
C ILE RA 84 16.21 -40.71 -74.37
N GLU RA 85 15.15 -40.60 -75.16
CA GLU RA 85 14.49 -41.75 -75.74
C GLU RA 85 14.99 -41.91 -77.17
N GLU RA 86 15.47 -43.09 -77.51
CA GLU RA 86 16.04 -43.34 -78.83
C GLU RA 86 15.03 -43.07 -79.94
N THR RA 87 13.76 -43.38 -79.67
CA THR RA 87 12.69 -43.24 -80.67
C THR RA 87 12.35 -41.78 -80.97
N HIS RA 88 12.06 -41.01 -79.93
CA HIS RA 88 11.71 -39.61 -80.11
C HIS RA 88 12.56 -38.71 -79.22
N ASP RA 89 13.46 -37.93 -79.84
CA ASP RA 89 14.40 -37.09 -79.09
C ASP RA 89 13.95 -35.63 -78.90
N LEU RA 90 12.90 -35.20 -79.61
CA LEU RA 90 12.27 -33.91 -79.28
C LEU RA 90 11.32 -34.20 -78.14
N VAL RA 91 11.05 -35.49 -77.96
CA VAL RA 91 10.37 -35.99 -76.77
C VAL RA 91 11.39 -36.09 -75.62
N LEU RA 92 12.64 -36.37 -75.99
CA LEU RA 92 13.72 -36.48 -75.02
C LEU RA 92 14.11 -35.11 -74.47
N LYS RA 93 14.10 -34.11 -75.34
CA LYS RA 93 14.40 -32.75 -74.93
C LYS RA 93 13.23 -32.17 -74.11
N THR RA 94 12.05 -32.77 -74.27
CA THR RA 94 10.87 -32.37 -73.52
C THR RA 94 10.76 -33.15 -72.21
N ARG RA 95 11.62 -34.16 -72.05
CA ARG RA 95 11.66 -34.97 -70.84
C ARG RA 95 12.45 -34.30 -69.72
N LEU RA 96 13.34 -33.37 -70.10
CA LEU RA 96 14.10 -32.60 -69.13
C LEU RA 96 13.28 -31.41 -68.63
N GLU RA 97 12.22 -31.10 -69.37
CA GLU RA 97 11.28 -30.05 -69.01
C GLU RA 97 10.11 -30.61 -68.21
N GLU RA 98 10.17 -31.91 -67.90
CA GLU RA 98 9.06 -32.64 -67.30
C GLU RA 98 9.05 -32.64 -65.77
N LYS RA 99 9.95 -31.87 -65.16
CA LYS RA 99 10.09 -31.85 -63.71
C LYS RA 99 9.36 -30.68 -63.03
N GLY RA 100 8.54 -31.00 -62.04
CA GLY RA 100 7.88 -30.02 -61.15
C GLY RA 100 7.04 -30.74 -60.08
N GLU RA 101 6.78 -30.05 -58.97
CA GLU RA 101 5.97 -30.60 -57.88
C GLU RA 101 5.42 -29.50 -56.94
N HIS RA 102 4.45 -29.87 -56.11
CA HIS RA 102 3.84 -28.95 -55.16
C HIS RA 102 3.59 -29.58 -53.79
N LEU RA 103 3.95 -28.88 -52.72
CA LEU RA 103 3.66 -29.37 -51.36
C LEU RA 103 2.84 -28.40 -50.52
N GLU RA 104 2.45 -28.86 -49.34
CA GLU RA 104 1.78 -28.04 -48.34
C GLU RA 104 2.73 -27.18 -47.54
N GLN RA 105 2.19 -26.14 -46.90
CA GLN RA 105 2.99 -25.22 -46.10
C GLN RA 105 3.92 -25.92 -45.09
N GLY RA 106 3.35 -26.75 -44.23
CA GLY RA 106 4.11 -27.40 -43.18
C GLY RA 106 5.29 -28.22 -43.66
N PRO RA 107 5.05 -29.24 -44.50
CA PRO RA 107 6.13 -30.10 -44.96
C PRO RA 107 7.16 -29.38 -45.84
N MET RA 108 6.70 -28.39 -46.60
CA MET RA 108 7.59 -27.54 -47.39
C MET RA 108 8.58 -26.88 -46.46
N ILE RA 109 8.06 -26.30 -45.38
CA ILE RA 109 8.92 -25.65 -44.42
C ILE RA 109 9.87 -26.65 -43.74
N GLU RA 110 9.40 -27.83 -43.35
CA GLU RA 110 10.32 -28.81 -42.75
C GLU RA 110 11.46 -29.12 -43.69
N GLN RA 111 11.15 -29.37 -44.95
CA GLN RA 111 12.18 -29.68 -45.94
C GLN RA 111 13.17 -28.53 -46.11
N LEU RA 112 12.63 -27.32 -46.26
CA LEU RA 112 13.44 -26.10 -46.35
C LEU RA 112 14.40 -25.92 -45.19
N SER RA 113 13.94 -26.22 -43.98
CA SER RA 113 14.76 -26.03 -42.80
C SER RA 113 15.72 -27.19 -42.59
N LYS RA 114 15.48 -28.31 -43.27
CA LYS RA 114 16.49 -29.36 -43.26
C LYS RA 114 17.60 -29.07 -44.28
N MET RA 115 17.25 -28.40 -45.36
CA MET RA 115 18.24 -28.02 -46.37
C MET RA 115 19.33 -27.13 -45.81
N PHE RA 116 18.91 -26.03 -45.19
CA PHE RA 116 19.84 -25.01 -44.75
C PHE RA 116 20.21 -25.12 -43.28
N PHE RA 117 19.74 -26.17 -42.64
CA PHE RA 117 20.04 -26.40 -41.23
C PHE RA 117 19.60 -25.20 -40.42
N THR RA 118 18.31 -24.90 -40.54
CA THR RA 118 17.67 -23.83 -39.78
C THR RA 118 16.58 -24.47 -38.95
N THR RA 119 16.07 -23.74 -37.97
CA THR RA 119 14.84 -24.12 -37.31
C THR RA 119 13.63 -23.69 -38.17
N LYS RA 120 12.48 -24.31 -37.94
CA LYS RA 120 11.30 -24.10 -38.78
C LYS RA 120 10.81 -22.64 -38.84
N HIS RA 121 11.13 -21.86 -37.83
CA HIS RA 121 10.44 -20.60 -37.57
C HIS RA 121 10.69 -19.51 -38.57
N ARG RA 122 11.92 -19.47 -39.06
CA ARG RA 122 12.38 -18.44 -39.98
C ARG RA 122 11.54 -18.30 -41.25
N TRP RA 123 10.92 -19.39 -41.66
CA TRP RA 123 10.31 -19.49 -42.98
C TRP RA 123 8.88 -19.01 -43.02
N TYR RA 124 8.25 -18.87 -41.87
CA TYR RA 124 6.91 -18.34 -41.86
C TYR RA 124 6.91 -16.87 -42.26
N PRO RA 125 5.79 -16.41 -42.84
CA PRO RA 125 5.63 -15.03 -43.27
C PRO RA 125 5.69 -14.04 -42.12
N ARG RA 126 5.45 -12.78 -42.43
CA ARG RA 126 5.36 -11.76 -41.41
C ARG RA 126 4.22 -10.78 -41.73
N GLY RA 127 3.60 -10.21 -40.70
CA GLY RA 127 2.41 -9.40 -40.89
C GLY RA 127 2.58 -8.14 -41.72
N GLN RA 128 1.47 -7.50 -42.06
CA GLN RA 128 1.49 -6.23 -42.77
C GLN RA 128 2.42 -5.26 -42.10
N TYR RA 129 2.25 -5.11 -40.79
CA TYR RA 129 2.96 -4.08 -40.04
C TYR RA 129 4.47 -4.17 -40.19
N HIS RA 130 4.99 -5.39 -40.22
CA HIS RA 130 6.44 -5.56 -40.38
C HIS RA 130 6.92 -5.42 -41.81
N ARG RA 131 6.12 -5.86 -42.77
CA ARG RA 131 6.52 -5.72 -44.16
C ARG RA 131 6.55 -4.25 -44.51
N ARG RA 132 5.69 -3.46 -43.89
CA ARG RA 132 5.57 -2.06 -44.26
C ARG RA 132 6.71 -1.20 -43.75
N ARG RA 133 7.41 -1.62 -42.70
CA ARG RA 133 8.50 -0.78 -42.21
C ARG RA 133 9.88 -1.14 -42.71
N ARG RA 134 9.99 -2.15 -43.57
CA ARG RA 134 11.27 -2.39 -44.24
C ARG RA 134 11.57 -1.17 -45.09
N LYS RA 135 12.77 -0.64 -44.99
CA LYS RA 135 13.15 0.51 -45.79
C LYS RA 135 13.07 0.18 -47.26
N PRO RA 136 12.52 1.11 -48.04
CA PRO RA 136 12.38 0.89 -49.49
C PRO RA 136 13.74 0.83 -50.16
N ASN RA 137 14.61 1.76 -49.76
CA ASN RA 137 15.95 1.88 -50.34
C ASN RA 137 17.04 1.98 -49.27
N PRO RA 138 17.57 0.84 -48.87
CA PRO RA 138 18.66 0.81 -47.89
C PRO RA 138 19.93 1.43 -48.45
N PRO RA 139 20.69 2.13 -47.60
CA PRO RA 139 22.02 2.68 -47.92
C PRO RA 139 22.96 1.62 -48.45
N LYS RA 140 23.85 2.00 -49.37
CA LYS RA 140 24.81 1.06 -49.91
C LYS RA 140 26.22 1.57 -49.75
N ASP RA 141 27.10 0.71 -49.26
CA ASP RA 141 28.50 1.06 -49.16
C ASP RA 141 29.24 0.45 -50.34
N ARG RA 142 30.55 0.71 -50.44
CA ARG RA 142 31.34 0.27 -51.59
C ARG RA 142 30.72 0.70 -52.92
N THR SA 2 16.53 10.83 -32.89
CA THR SA 2 17.07 9.49 -32.60
C THR SA 2 17.51 8.74 -33.86
N ALA SA 3 18.37 7.73 -33.70
CA ALA SA 3 18.99 7.07 -34.85
C ALA SA 3 18.09 6.05 -35.54
N ARG SA 4 17.31 5.30 -34.76
CA ARG SA 4 16.29 4.43 -35.35
C ARG SA 4 15.15 5.28 -35.89
N GLY SA 5 15.02 6.48 -35.34
CA GLY SA 5 13.98 7.39 -35.76
C GLY SA 5 14.22 7.96 -37.15
N THR SA 6 15.44 8.40 -37.42
CA THR SA 6 15.71 9.14 -38.66
C THR SA 6 16.41 8.31 -39.72
N ALA SA 7 16.66 8.92 -40.87
CA ALA SA 7 17.37 8.27 -41.97
C ALA SA 7 18.87 8.32 -41.73
N SER SA 8 19.63 7.70 -42.61
CA SER SA 8 21.08 7.62 -42.43
C SER SA 8 21.78 7.45 -43.76
N ARG SA 9 23.09 7.68 -43.77
CA ARG SA 9 23.87 7.54 -44.98
C ARG SA 9 25.30 7.20 -44.64
N PHE SA 10 25.98 6.60 -45.60
CA PHE SA 10 27.41 6.38 -45.46
C PHE SA 10 28.19 7.63 -45.79
N LEU SA 11 29.43 7.68 -45.30
CA LEU SA 11 30.29 8.83 -45.55
C LEU SA 11 30.72 8.87 -47.01
N THR SA 12 30.40 9.96 -47.69
CA THR SA 12 30.78 10.10 -49.09
C THR SA 12 31.12 11.51 -49.44
N SER SA 13 31.74 11.64 -50.60
CA SER SA 13 32.00 12.92 -51.20
C SER SA 13 31.15 13.02 -52.44
N VAL SA 14 30.79 14.23 -52.84
CA VAL SA 14 30.16 14.39 -54.14
C VAL SA 14 31.21 14.45 -55.25
N LEU SA 15 31.13 13.49 -56.17
CA LEU SA 15 31.99 13.44 -57.35
C LEU SA 15 33.45 13.24 -57.01
N HIS SA 16 33.70 12.45 -55.97
CA HIS SA 16 35.06 12.22 -55.48
C HIS SA 16 35.85 13.50 -55.33
N ASN SA 17 35.25 14.48 -54.68
CA ASN SA 17 35.91 15.75 -54.44
C ASN SA 17 37.20 15.56 -53.66
N GLY SA 18 38.20 16.39 -53.95
CA GLY SA 18 39.44 16.36 -53.21
C GLY SA 18 40.37 15.23 -53.63
N LEU SA 19 39.95 14.44 -54.62
CA LEU SA 19 40.82 13.38 -55.12
C LEU SA 19 41.73 13.95 -56.19
N GLY SA 20 41.17 14.25 -57.36
CA GLY SA 20 41.91 14.94 -58.39
C GLY SA 20 42.20 16.37 -58.02
N ARG SA 21 41.12 17.12 -57.76
CA ARG SA 21 41.24 18.50 -57.34
C ARG SA 21 40.03 18.86 -56.50
N TYR SA 22 40.14 19.94 -55.74
CA TYR SA 22 39.05 20.34 -54.87
C TYR SA 22 38.16 21.37 -55.54
N VAL SA 23 36.87 21.12 -55.48
CA VAL SA 23 35.86 22.02 -56.05
C VAL SA 23 34.93 22.47 -54.93
N GLN SA 24 34.89 23.77 -54.68
CA GLN SA 24 33.99 24.29 -53.67
C GLN SA 24 32.56 24.02 -54.10
N GLN SA 25 31.82 23.29 -53.26
CA GLN SA 25 30.54 22.71 -53.64
C GLN SA 25 29.38 23.70 -53.60
N LEU SA 26 29.50 24.72 -52.76
CA LEU SA 26 28.50 25.75 -52.71
C LEU SA 26 28.47 26.51 -54.03
N GLN SA 27 27.30 26.62 -54.63
CA GLN SA 27 27.14 27.19 -55.96
C GLN SA 27 26.62 28.62 -55.92
N ARG SA 28 25.43 28.81 -55.36
CA ARG SA 28 24.92 30.16 -55.22
C ARG SA 28 24.32 30.43 -53.84
N LEU SA 29 24.16 31.70 -53.54
CA LEU SA 29 23.76 32.17 -52.24
C LEU SA 29 22.75 33.28 -52.41
N SER SA 30 21.54 33.13 -51.90
CA SER SA 30 20.60 34.23 -52.09
C SER SA 30 20.08 34.81 -50.78
N PHE SA 31 20.30 36.12 -50.63
CA PHE SA 31 19.81 36.86 -49.48
C PHE SA 31 18.51 37.58 -49.83
N SER SA 32 17.59 37.61 -48.87
CA SER SA 32 16.40 38.44 -48.97
C SER SA 32 16.27 39.26 -47.70
N LEU SA 33 16.26 40.59 -47.81
CA LEU SA 33 16.11 41.39 -46.59
C LEU SA 33 15.27 42.62 -46.78
N SER SA 34 15.00 43.33 -45.69
CA SER SA 34 14.20 44.55 -45.76
C SER SA 34 15.07 45.75 -45.53
N ARG SA 35 14.92 46.78 -46.36
CA ARG SA 35 15.69 47.98 -46.12
C ARG SA 35 15.21 48.58 -44.79
N ASP SA 36 13.90 48.53 -44.57
CA ASP SA 36 13.31 49.18 -43.40
C ASP SA 36 13.31 48.36 -42.09
N ALA SA 37 12.93 47.09 -42.15
CA ALA SA 37 12.58 46.35 -40.92
C ALA SA 37 13.79 46.04 -40.01
N PRO SA 38 13.60 46.14 -38.70
CA PRO SA 38 14.70 45.99 -37.73
C PRO SA 38 15.21 44.57 -37.67
N SER SA 39 14.34 43.61 -37.96
CA SER SA 39 14.69 42.20 -37.91
C SER SA 39 15.89 41.92 -38.81
N SER SA 40 15.96 42.67 -39.90
CA SER SA 40 16.95 42.45 -40.94
C SER SA 40 18.24 43.23 -40.71
N ARG SA 41 18.30 43.95 -39.58
CA ARG SA 41 19.38 44.89 -39.32
C ARG SA 41 20.77 44.32 -39.56
N GLY SA 42 21.09 43.22 -38.87
CA GLY SA 42 22.36 42.56 -39.07
C GLY SA 42 22.62 42.24 -40.54
N ALA SA 43 21.62 41.63 -41.17
CA ALA SA 43 21.73 41.23 -42.56
C ALA SA 43 22.05 42.43 -43.46
N ARG SA 44 21.57 43.60 -43.10
CA ARG SA 44 21.90 44.78 -43.90
C ARG SA 44 23.36 45.12 -43.74
N GLU SA 45 23.83 45.17 -42.50
CA GLU SA 45 25.21 45.52 -42.22
C GLU SA 45 26.13 44.54 -42.94
N PHE SA 46 25.81 43.26 -42.82
CA PHE SA 46 26.54 42.22 -43.53
C PHE SA 46 26.63 42.52 -45.02
N VAL SA 47 25.51 42.89 -45.62
CA VAL SA 47 25.52 43.20 -47.05
C VAL SA 47 26.42 44.41 -47.32
N GLU SA 48 26.39 45.41 -46.44
CA GLU SA 48 27.25 46.57 -46.62
C GLU SA 48 28.71 46.17 -46.63
N ARG SA 49 29.21 45.78 -45.47
CA ARG SA 49 30.64 45.50 -45.32
C ARG SA 49 31.13 44.19 -45.93
N GLU SA 50 30.53 43.08 -45.51
CA GLU SA 50 31.15 41.78 -45.73
C GLU SA 50 30.93 41.16 -47.10
N VAL SA 51 29.71 41.22 -47.62
CA VAL SA 51 29.34 40.48 -48.82
C VAL SA 51 30.37 40.66 -49.91
N THR SA 52 30.69 41.93 -50.20
CA THR SA 52 31.69 42.29 -51.20
C THR SA 52 32.93 41.44 -51.04
N ASP SA 53 33.59 41.57 -49.90
CA ASP SA 53 34.82 40.82 -49.64
C ASP SA 53 34.60 39.33 -49.78
N PHE SA 54 33.48 38.83 -49.25
CA PHE SA 54 33.16 37.41 -49.36
C PHE SA 54 33.18 37.00 -50.83
N ALA SA 55 32.57 37.82 -51.68
CA ALA SA 55 32.48 37.51 -53.09
C ALA SA 55 33.85 37.40 -53.77
N ARG SA 56 34.85 38.10 -53.26
CA ARG SA 56 36.19 38.00 -53.83
C ARG SA 56 36.86 36.74 -53.32
N ARG SA 57 36.59 36.42 -52.06
CA ARG SA 57 37.22 35.29 -51.40
C ARG SA 57 36.72 33.98 -52.00
N ASN SA 58 35.53 34.03 -52.61
CA ASN SA 58 34.94 32.86 -53.25
C ASN SA 58 34.38 33.21 -54.63
N PRO SA 59 35.22 33.12 -55.65
CA PRO SA 59 34.86 33.49 -57.03
C PRO SA 59 33.77 32.60 -57.63
N GLY SA 60 33.66 31.38 -57.12
CA GLY SA 60 32.80 30.37 -57.73
C GLY SA 60 31.34 30.38 -57.31
N VAL SA 61 31.00 31.20 -56.34
CA VAL SA 61 29.63 31.24 -55.86
C VAL SA 61 28.96 32.53 -56.28
N VAL SA 62 27.78 32.41 -56.85
CA VAL SA 62 27.05 33.59 -57.29
C VAL SA 62 26.10 34.09 -56.22
N ILE SA 63 26.19 35.35 -55.84
CA ILE SA 63 25.45 35.88 -54.70
C ILE SA 63 24.36 36.88 -55.06
N TYR SA 64 23.11 36.47 -54.88
CA TYR SA 64 21.99 37.33 -55.26
C TYR SA 64 21.39 38.03 -54.03
N VAL SA 65 21.46 39.35 -53.99
CA VAL SA 65 20.90 40.10 -52.87
C VAL SA 65 19.61 40.82 -53.28
N ASN SA 66 18.50 40.48 -52.62
CA ASN SA 66 17.23 41.14 -52.90
C ASN SA 66 16.71 41.95 -51.72
N PRO SA 67 16.78 43.28 -51.82
CA PRO SA 67 15.91 44.00 -50.91
C PRO SA 67 14.45 43.83 -51.32
N ARG SA 68 13.62 43.41 -50.38
CA ARG SA 68 12.19 43.31 -50.58
C ARG SA 68 11.51 43.50 -49.24
N PRO SA 69 10.22 43.86 -49.24
CA PRO SA 69 9.50 43.98 -47.96
C PRO SA 69 9.21 42.62 -47.32
N CYS SA 70 10.14 42.09 -46.53
CA CYS SA 70 9.94 40.85 -45.76
C CYS SA 70 10.13 41.08 -44.25
N CYS SA 71 9.48 40.26 -43.42
CA CYS SA 71 9.71 40.30 -41.96
C CYS SA 71 10.82 39.37 -41.46
N VAL SA 72 11.18 38.40 -42.29
CA VAL SA 72 12.13 37.38 -41.86
C VAL SA 72 13.16 37.15 -42.94
N PRO SA 73 14.31 37.81 -42.82
CA PRO SA 73 15.43 37.66 -43.76
C PRO SA 73 15.93 36.24 -43.80
N ARG SA 74 16.05 35.68 -45.00
CA ARG SA 74 16.56 34.33 -45.16
C ARG SA 74 17.77 34.32 -46.06
N VAL SA 75 18.60 33.30 -45.91
CA VAL SA 75 19.64 33.03 -46.89
C VAL SA 75 19.45 31.62 -47.44
N VAL SA 76 19.34 31.52 -48.76
CA VAL SA 76 19.15 30.24 -49.40
C VAL SA 76 20.45 29.78 -50.06
N ALA SA 77 21.09 28.79 -49.45
CA ALA SA 77 22.28 28.19 -50.04
C ALA SA 77 21.84 27.16 -51.03
N GLU SA 78 22.61 27.01 -52.10
CA GLU SA 78 22.26 26.08 -53.15
C GLU SA 78 23.54 25.45 -53.66
N TYR SA 79 23.52 24.15 -53.90
CA TYR SA 79 24.76 23.42 -54.10
C TYR SA 79 24.80 22.71 -55.45
N LEU SA 80 26.01 22.36 -55.88
CA LEU SA 80 26.24 21.65 -57.13
C LEU SA 80 25.48 20.35 -57.14
N ASN SA 81 25.36 19.77 -55.95
CA ASN SA 81 24.64 18.54 -55.68
C ASN SA 81 23.16 18.57 -56.07
N GLY SA 82 22.64 19.78 -56.30
CA GLY SA 82 21.22 19.99 -56.50
C GLY SA 82 20.56 20.37 -55.18
N ALA SA 83 21.23 20.02 -54.09
CA ALA SA 83 20.75 20.27 -52.74
C ALA SA 83 20.48 21.74 -52.44
N VAL SA 84 19.32 22.03 -51.86
CA VAL SA 84 18.98 23.39 -51.45
C VAL SA 84 18.82 23.46 -49.93
N ARG SA 85 19.60 24.33 -49.30
CA ARG SA 85 19.53 24.46 -47.86
C ARG SA 85 19.06 25.86 -47.46
N GLU SA 86 17.97 25.91 -46.71
CA GLU SA 86 17.37 27.17 -46.28
C GLU SA 86 17.86 27.60 -44.90
N GLU SA 87 18.03 28.90 -44.72
CA GLU SA 87 18.43 29.42 -43.41
C GLU SA 87 17.78 30.74 -43.09
N SER SA 88 17.65 31.06 -41.80
CA SER SA 88 17.12 32.35 -41.40
C SER SA 88 18.21 33.17 -40.71
N ILE SA 89 18.52 34.31 -41.30
CA ILE SA 89 19.46 35.26 -40.73
C ILE SA 89 18.72 36.25 -39.85
N HIS SA 90 17.44 35.97 -39.63
CA HIS SA 90 16.56 36.82 -38.85
C HIS SA 90 17.11 37.13 -37.46
N CYS SA 91 17.23 38.43 -37.19
CA CYS SA 91 17.68 38.95 -35.90
C CYS SA 91 19.02 38.41 -35.42
N LYS SA 92 20.06 38.58 -36.25
CA LYS SA 92 21.40 38.20 -35.83
C LYS SA 92 22.40 39.32 -36.07
N SER SA 93 23.59 39.17 -35.49
CA SER SA 93 24.66 40.17 -35.60
C SER SA 93 25.21 40.19 -37.01
N VAL SA 94 26.24 40.99 -37.25
CA VAL SA 94 26.98 40.84 -38.48
C VAL SA 94 27.87 39.61 -38.31
N GLU SA 95 28.45 39.50 -37.12
CA GLU SA 95 29.38 38.43 -36.79
C GLU SA 95 28.76 37.04 -36.98
N GLU SA 96 27.59 36.86 -36.39
CA GLU SA 96 26.83 35.61 -36.50
C GLU SA 96 26.57 35.23 -37.95
N ILE SA 97 26.04 36.18 -38.72
CA ILE SA 97 25.75 35.94 -40.13
C ILE SA 97 27.02 35.53 -40.86
N ALA SA 98 28.11 36.24 -40.64
CA ALA SA 98 29.38 35.90 -41.28
C ALA SA 98 29.75 34.44 -41.03
N ALA SA 99 29.75 34.04 -39.76
CA ALA SA 99 30.06 32.66 -39.41
C ALA SA 99 29.14 31.67 -40.12
N LEU SA 100 27.85 31.99 -40.16
CA LEU SA 100 26.85 31.15 -40.82
C LEU SA 100 27.16 30.98 -42.31
N VAL SA 101 27.43 32.11 -42.99
CA VAL SA 101 27.70 32.10 -44.41
C VAL SA 101 28.96 31.28 -44.68
N GLN SA 102 29.91 31.34 -43.76
CA GLN SA 102 31.08 30.49 -43.88
C GLN SA 102 30.73 28.98 -43.81
N LYS SA 103 29.98 28.58 -42.78
CA LYS SA 103 29.51 27.20 -42.69
C LYS SA 103 28.89 26.77 -44.01
N LEU SA 104 28.04 27.63 -44.57
CA LEU SA 104 27.39 27.34 -45.85
C LEU SA 104 28.41 27.17 -46.96
N ALA SA 105 29.46 27.98 -46.91
CA ALA SA 105 30.48 27.97 -47.96
C ALA SA 105 31.26 26.66 -47.96
N ASP SA 106 31.50 26.12 -46.77
CA ASP SA 106 32.38 24.95 -46.64
C ASP SA 106 31.66 23.60 -46.58
N GLN SA 107 30.33 23.60 -46.64
CA GLN SA 107 29.57 22.35 -46.63
C GLN SA 107 29.48 21.68 -48.01
N SER SA 108 29.31 20.36 -47.97
CA SER SA 108 29.28 19.53 -49.18
C SER SA 108 27.94 19.59 -49.88
N GLY SA 109 26.89 19.92 -49.14
CA GLY SA 109 25.57 19.92 -49.73
C GLY SA 109 24.91 18.57 -49.56
N LEU SA 110 25.64 17.60 -49.05
CA LEU SA 110 25.03 16.32 -48.70
C LEU SA 110 24.06 16.54 -47.56
N ASP SA 111 23.09 15.64 -47.41
CA ASP SA 111 22.12 15.76 -46.32
C ASP SA 111 22.78 15.53 -44.96
N VAL SA 112 22.37 16.31 -43.97
CA VAL SA 112 22.91 16.14 -42.62
C VAL SA 112 22.01 15.19 -41.85
N ILE SA 113 22.53 13.99 -41.63
CA ILE SA 113 21.84 12.93 -40.91
C ILE SA 113 22.90 12.13 -40.20
N ARG SA 114 22.49 11.07 -39.54
CA ARG SA 114 23.46 10.19 -38.92
C ARG SA 114 24.35 9.65 -40.02
N ILE SA 115 25.64 9.62 -39.78
CA ILE SA 115 26.59 8.98 -40.68
C ILE SA 115 27.01 7.66 -40.06
N ARG SA 116 26.80 6.56 -40.77
CA ARG SA 116 26.94 5.26 -40.15
C ARG SA 116 28.35 4.97 -39.65
N LYS SA 117 29.37 5.27 -40.43
CA LYS SA 117 30.73 5.11 -39.93
C LYS SA 117 31.64 6.18 -40.50
N PRO SA 118 32.63 6.62 -39.69
CA PRO SA 118 33.52 7.76 -39.92
C PRO SA 118 34.46 7.67 -41.11
N PHE SA 119 34.59 6.50 -41.72
CA PHE SA 119 35.54 6.31 -42.81
C PHE SA 119 34.85 5.71 -44.03
N HIS SA 120 35.39 5.98 -45.20
CA HIS SA 120 34.89 5.36 -46.41
C HIS SA 120 36.03 4.90 -47.28
N THR SA 121 36.04 3.61 -47.54
CA THR SA 121 37.12 3.06 -48.34
C THR SA 121 36.57 2.19 -49.44
N ASP SA 122 37.06 2.45 -50.65
CA ASP SA 122 36.94 1.47 -51.70
C ASP SA 122 38.25 0.72 -51.68
N SER SA 123 38.15 -0.61 -51.69
CA SER SA 123 39.33 -1.47 -51.52
C SER SA 123 40.07 -1.23 -50.19
N PRO SA 124 39.45 -1.62 -49.08
CA PRO SA 124 40.02 -1.61 -47.72
C PRO SA 124 41.03 -2.72 -47.55
N SER SA 125 40.95 -3.65 -48.48
CA SER SA 125 41.38 -5.01 -48.27
C SER SA 125 42.79 -5.34 -48.73
N ILE SA 126 43.59 -4.35 -49.12
CA ILE SA 126 44.86 -4.66 -49.79
C ILE SA 126 45.63 -5.75 -49.06
N GLN SA 127 46.08 -6.74 -49.85
CA GLN SA 127 46.82 -7.94 -49.44
C GLN SA 127 45.93 -9.12 -49.03
N GLY SA 128 44.63 -8.92 -48.97
CA GLY SA 128 43.69 -10.03 -48.86
C GLY SA 128 42.45 -9.65 -48.07
N GLN SA 129 41.49 -10.56 -47.98
CA GLN SA 129 40.43 -10.35 -47.00
C GLN SA 129 40.16 -11.68 -46.38
N TRP SA 130 40.18 -11.72 -45.06
CA TRP SA 130 40.10 -12.97 -44.34
C TRP SA 130 38.91 -13.80 -44.77
N HIS SA 131 39.16 -15.09 -44.98
CA HIS SA 131 38.10 -16.07 -45.19
C HIS SA 131 38.51 -17.31 -44.40
N PRO SA 132 37.55 -18.18 -44.08
CA PRO SA 132 37.82 -19.31 -43.17
C PRO SA 132 39.03 -20.14 -43.52
N PHE SA 133 39.42 -20.15 -44.79
CA PHE SA 133 40.55 -20.99 -45.21
C PHE SA 133 41.89 -20.28 -45.19
N THR SA 134 41.88 -18.97 -45.03
CA THR SA 134 43.11 -18.21 -45.26
C THR SA 134 44.22 -18.65 -44.30
N ASN SA 135 43.88 -18.96 -43.06
CA ASN SA 135 44.88 -19.37 -42.09
C ASN SA 135 45.00 -20.87 -41.86
N LYS SA 136 44.26 -21.66 -42.63
CA LYS SA 136 44.32 -23.13 -42.47
C LYS SA 136 45.40 -23.75 -43.35
N PRO SA 137 46.11 -24.75 -42.81
CA PRO SA 137 47.12 -25.48 -43.56
C PRO SA 137 46.48 -26.46 -44.54
N THR SA 138 47.08 -26.60 -45.71
CA THR SA 138 46.65 -27.62 -46.68
C THR SA 138 47.34 -28.94 -46.43
N THR SA 139 46.65 -30.03 -46.72
CA THR SA 139 47.20 -31.35 -46.48
C THR SA 139 47.67 -32.02 -47.77
N LEU SA 140 48.25 -33.20 -47.65
CA LEU SA 140 48.75 -33.94 -48.81
C LEU SA 140 47.65 -34.75 -49.49
N GLY SA 141 47.45 -34.49 -50.77
CA GLY SA 141 46.39 -35.12 -51.53
C GLY SA 141 45.10 -34.35 -51.36
N GLY SA 142 45.09 -33.49 -50.36
CA GLY SA 142 43.92 -32.66 -50.08
C GLY SA 142 42.80 -33.48 -49.55
N LEU SA 143 43.13 -34.48 -48.74
CA LEU SA 143 42.13 -35.36 -48.20
C LEU SA 143 41.38 -34.67 -47.07
N ARG SA 144 40.14 -35.10 -46.84
CA ARG SA 144 39.34 -34.62 -45.71
C ARG SA 144 39.81 -35.36 -44.46
N PRO SA 145 39.24 -35.02 -43.29
CA PRO SA 145 39.71 -35.67 -42.06
C PRO SA 145 39.73 -37.20 -42.00
N ARG SA 146 38.64 -37.89 -42.34
CA ARG SA 146 38.67 -39.35 -42.28
C ARG SA 146 38.84 -40.02 -43.65
N GLU SA 147 38.96 -39.21 -44.69
CA GLU SA 147 39.05 -39.73 -46.04
C GLU SA 147 40.27 -40.61 -46.24
N VAL SA 148 40.08 -41.74 -46.92
CA VAL SA 148 41.18 -42.66 -47.24
C VAL SA 148 41.35 -42.73 -48.76
N GLN SA 149 42.55 -43.09 -49.21
CA GLN SA 149 42.83 -43.09 -50.64
C GLN SA 149 43.33 -44.46 -51.12
N ALA TA 31 -13.61 30.32 -32.86
CA ALA TA 31 -12.65 31.31 -33.36
C ALA TA 31 -11.56 31.62 -32.34
N LYS TA 32 -10.35 31.84 -32.85
CA LYS TA 32 -9.25 32.36 -32.04
C LYS TA 32 -8.65 33.56 -32.77
N LYS TA 33 -8.36 34.63 -32.03
CA LYS TA 33 -7.99 35.89 -32.67
C LYS TA 33 -6.48 35.97 -32.88
N GLY TA 34 -6.07 35.90 -34.15
CA GLY TA 34 -4.70 36.19 -34.54
C GLY TA 34 -4.42 35.80 -35.98
N PHE TA 35 -3.41 36.43 -36.56
CA PHE TA 35 -2.99 36.12 -37.90
C PHE TA 35 -2.06 34.92 -37.83
N ARG TA 36 -1.21 34.94 -36.81
CA ARG TA 36 -0.01 34.13 -36.81
C ARG TA 36 -0.22 32.67 -37.11
N ALA TA 37 -1.05 32.00 -36.32
CA ALA TA 37 -1.23 30.56 -36.47
C ALA TA 37 -1.86 30.28 -37.83
N ALA TA 38 -2.74 31.17 -38.29
CA ALA TA 38 -3.40 30.97 -39.57
C ALA TA 38 -2.38 30.97 -40.70
N TYR TA 39 -1.47 31.94 -40.66
CA TYR TA 39 -0.45 32.04 -41.69
C TYR TA 39 0.45 30.80 -41.65
N ARG TA 40 0.97 30.55 -40.46
CA ARG TA 40 1.84 29.41 -40.24
C ARG TA 40 1.20 28.11 -40.74
N PHE TA 41 -0.12 28.03 -40.68
CA PHE TA 41 -0.82 26.86 -41.15
C PHE TA 41 -0.95 26.86 -42.66
N GLN TA 42 -1.07 28.05 -43.24
CA GLN TA 42 -1.08 28.17 -44.69
C GLN TA 42 0.15 27.51 -45.26
N LYS TA 43 1.27 27.67 -44.54
CA LYS TA 43 2.47 26.94 -44.95
C LYS TA 43 2.34 25.41 -44.95
N GLU TA 44 1.67 24.85 -43.93
CA GLU TA 44 1.43 23.42 -43.85
C GLU TA 44 0.57 22.94 -45.00
N LEU TA 45 -0.49 23.68 -45.27
CA LEU TA 45 -1.38 23.41 -46.38
C LEU TA 45 -0.60 23.31 -47.69
N GLU TA 46 0.25 24.31 -47.93
CA GLU TA 46 1.09 24.26 -49.12
C GLU TA 46 2.01 23.03 -49.16
N ARG TA 47 2.61 22.69 -48.01
CA ARG TA 47 3.46 21.50 -47.94
C ARG TA 47 2.74 20.20 -48.32
N TRP TA 48 1.55 20.01 -47.77
CA TRP TA 48 0.77 18.81 -48.09
C TRP TA 48 0.39 18.80 -49.55
N ARG TA 49 -0.02 19.96 -50.07
CA ARG TA 49 -0.36 20.13 -51.48
C ARG TA 49 0.79 19.67 -52.37
N LEU TA 50 2.02 20.04 -51.98
CA LEU TA 50 3.20 19.61 -52.73
C LEU TA 50 3.59 18.15 -52.51
N LEU TA 51 3.14 17.57 -51.40
CA LEU TA 51 3.45 16.16 -51.13
C LEU TA 51 2.54 15.22 -51.89
N ARG TA 52 1.27 15.59 -52.00
CA ARG TA 52 0.32 14.72 -52.67
C ARG TA 52 0.43 14.86 -54.21
N CYS TA 53 0.58 16.08 -54.72
CA CYS TA 53 0.93 16.25 -56.14
C CYS TA 53 2.29 16.94 -56.30
N PRO TA 54 3.35 16.17 -56.61
CA PRO TA 54 4.63 16.84 -56.85
C PRO TA 54 4.61 17.61 -58.18
N PRO TA 55 5.11 18.86 -58.19
CA PRO TA 55 5.16 19.63 -59.43
C PRO TA 55 6.27 19.14 -60.38
N PRO TA 56 5.99 19.09 -61.69
CA PRO TA 56 7.00 18.68 -62.66
C PRO TA 56 8.22 19.59 -62.61
N PRO TA 57 9.43 19.00 -62.58
CA PRO TA 57 10.70 19.73 -62.42
C PRO TA 57 10.88 20.89 -63.40
N VAL TA 58 11.33 22.03 -62.89
CA VAL TA 58 11.43 23.26 -63.67
C VAL TA 58 12.89 23.69 -63.83
N ARG TA 59 13.23 24.27 -64.98
CA ARG TA 59 14.57 24.76 -65.24
C ARG TA 59 15.02 25.72 -64.16
N ARG TA 60 16.29 25.65 -63.80
CA ARG TA 60 16.85 26.59 -62.84
C ARG TA 60 16.80 28.00 -63.42
N SER TA 61 16.75 28.09 -64.75
CA SER TA 61 16.70 29.38 -65.43
C SER TA 61 15.35 30.11 -65.30
N GLU TA 62 14.28 29.34 -65.13
CA GLU TA 62 12.93 29.92 -65.05
C GLU TA 62 12.53 30.20 -63.61
N LYS TA 63 13.45 29.95 -62.69
CA LYS TA 63 13.29 30.25 -61.27
C LYS TA 63 13.79 31.67 -60.91
N PRO TA 64 13.36 32.21 -59.76
CA PRO TA 64 13.55 33.60 -59.35
C PRO TA 64 14.95 34.23 -59.43
N ASN TA 65 16.03 33.59 -58.98
CA ASN TA 65 17.32 34.28 -59.06
C ASN TA 65 18.23 33.73 -60.15
N TRP TA 66 18.33 34.45 -61.26
CA TRP TA 66 19.13 33.99 -62.37
C TRP TA 66 19.78 35.13 -63.11
N ASP TA 67 21.08 35.04 -63.31
CA ASP TA 67 21.79 35.92 -64.23
C ASP TA 67 22.70 35.03 -65.04
N TYR TA 68 22.41 34.85 -66.33
CA TYR TA 68 23.07 33.80 -67.08
C TYR TA 68 24.57 34.05 -67.17
N HIS TA 69 24.90 35.30 -67.37
CA HIS TA 69 26.30 35.70 -67.52
C HIS TA 69 27.15 35.36 -66.29
N ALA TA 70 26.72 35.86 -65.12
CA ALA TA 70 27.43 35.63 -63.86
C ALA TA 70 27.61 34.14 -63.62
N GLU TA 71 26.56 33.38 -63.95
CA GLU TA 71 26.60 31.93 -63.84
C GLU TA 71 27.74 31.36 -64.64
N ILE TA 72 27.78 31.71 -65.92
CA ILE TA 72 28.83 31.21 -66.80
C ILE TA 72 30.22 31.53 -66.23
N GLN TA 73 30.45 32.79 -65.84
CA GLN TA 73 31.76 33.15 -65.29
C GLN TA 73 32.13 32.29 -64.08
N ALA TA 74 31.14 32.08 -63.21
CA ALA TA 74 31.35 31.33 -61.97
C ALA TA 74 31.71 29.88 -62.24
N PHE TA 75 31.06 29.29 -63.25
CA PHE TA 75 31.39 27.95 -63.72
C PHE TA 75 32.91 27.82 -63.91
N GLY TA 76 33.41 28.64 -64.84
CA GLY TA 76 34.81 28.71 -65.14
C GLY TA 76 35.68 28.89 -63.91
N HIS TA 77 35.40 29.90 -63.08
CA HIS TA 77 36.25 30.15 -61.92
C HIS TA 77 36.29 29.00 -60.93
N ARG TA 78 35.15 28.35 -60.74
CA ARG TA 78 35.04 27.28 -59.75
C ARG TA 78 35.76 26.02 -60.21
N LEU TA 79 35.84 25.82 -61.53
CA LEU TA 79 36.56 24.67 -62.02
C LEU TA 79 38.06 24.90 -62.05
N GLN TA 80 38.48 26.13 -61.72
CA GLN TA 80 39.88 26.57 -61.80
C GLN TA 80 40.41 26.50 -63.22
N GLU TA 81 39.58 26.92 -64.16
CA GLU TA 81 39.96 26.94 -65.57
C GLU TA 81 39.70 28.32 -66.15
N THR TA 82 40.26 28.59 -67.32
CA THR TA 82 40.04 29.87 -67.98
C THR TA 82 39.46 29.63 -69.38
N PHE TA 83 38.22 30.06 -69.57
CA PHE TA 83 37.54 29.89 -70.85
C PHE TA 83 37.35 31.22 -71.55
N SER TA 84 37.30 31.18 -72.89
CA SER TA 84 36.73 32.29 -73.63
C SER TA 84 35.21 32.24 -73.44
N LEU TA 85 34.63 33.33 -72.95
CA LEU TA 85 33.21 33.37 -72.64
C LEU TA 85 32.36 33.14 -73.89
N ASP TA 86 32.87 33.56 -75.04
CA ASP TA 86 32.22 33.30 -76.32
C ASP TA 86 32.15 31.80 -76.59
N LEU TA 87 33.27 31.11 -76.40
CA LEU TA 87 33.35 29.68 -76.67
C LEU TA 87 32.49 28.83 -75.73
N LEU TA 88 32.49 29.18 -74.45
CA LEU TA 88 31.65 28.47 -73.49
C LEU TA 88 30.16 28.71 -73.76
N LYS TA 89 29.80 29.98 -73.87
CA LYS TA 89 28.41 30.33 -74.18
C LYS TA 89 27.95 29.57 -75.42
N THR TA 90 28.87 29.40 -76.35
CA THR TA 90 28.63 28.57 -77.52
C THR TA 90 28.45 27.10 -77.13
N ALA TA 91 29.27 26.63 -76.21
CA ALA TA 91 29.29 25.21 -75.86
C ALA TA 91 27.99 24.75 -75.19
N PHE TA 92 27.29 25.66 -74.53
CA PHE TA 92 26.05 25.26 -73.85
C PHE TA 92 24.82 25.36 -74.74
N VAL TA 93 25.01 25.71 -76.02
CA VAL TA 93 23.91 25.83 -76.97
C VAL TA 93 23.66 24.51 -77.70
N ASN TA 94 22.40 24.16 -77.90
CA ASN TA 94 22.07 22.92 -78.61
C ASN TA 94 21.14 23.11 -79.80
N SER TA 95 21.10 22.09 -80.66
CA SER TA 95 20.24 22.09 -81.84
C SER TA 95 18.77 22.29 -81.47
N CYS TA 96 18.30 21.50 -80.52
CA CYS TA 96 16.92 21.51 -80.07
C CYS TA 96 16.47 22.88 -79.56
N TYR TA 97 17.33 23.55 -78.81
CA TYR TA 97 16.99 24.87 -78.30
C TYR TA 97 16.73 25.81 -79.47
N ILE TA 98 17.55 25.69 -80.51
CA ILE TA 98 17.42 26.54 -81.69
C ILE TA 98 16.15 26.23 -82.51
N LYS TA 99 15.83 24.95 -82.67
CA LYS TA 99 14.61 24.60 -83.40
C LYS TA 99 13.32 24.98 -82.65
N SER TA 100 13.35 24.87 -81.33
CA SER TA 100 12.22 25.32 -80.52
C SER TA 100 12.10 26.84 -80.58
N GLU TA 101 13.25 27.51 -80.58
CA GLU TA 101 13.29 28.96 -80.73
C GLU TA 101 12.77 29.41 -82.10
N GLU TA 102 12.94 28.55 -83.10
CA GLU TA 102 12.39 28.80 -84.43
C GLU TA 102 10.89 28.47 -84.49
N ALA TA 103 10.44 27.58 -83.61
CA ALA TA 103 9.00 27.35 -83.48
C ALA TA 103 8.34 28.61 -82.92
N LYS TA 104 8.91 29.15 -81.85
CA LYS TA 104 8.42 30.39 -81.26
C LYS TA 104 8.59 31.59 -82.21
N ARG TA 105 9.63 31.54 -83.04
CA ARG TA 105 9.88 32.56 -84.05
C ARG TA 105 8.84 32.55 -85.17
N GLN TA 106 8.53 31.36 -85.69
CA GLN TA 106 7.61 31.22 -86.82
C GLN TA 106 6.14 31.29 -86.43
N LYS TA 107 5.82 30.93 -85.19
CA LYS TA 107 4.41 30.92 -84.77
C LYS TA 107 3.87 32.32 -84.42
N LEU TA 108 4.76 33.21 -84.00
CA LEU TA 108 4.35 34.58 -83.66
C LEU TA 108 4.59 35.61 -84.78
N GLY TA 109 5.19 35.18 -85.88
CA GLY TA 109 5.45 36.06 -87.01
C GLY TA 109 6.64 37.00 -86.84
N ILE TA 110 7.53 36.67 -85.91
CA ILE TA 110 8.68 37.52 -85.56
C ILE TA 110 9.84 37.40 -86.55
N ASP TA 111 10.67 38.43 -86.62
CA ASP TA 111 11.95 38.38 -87.33
C ASP TA 111 13.11 38.14 -86.36
N LYS TA 112 13.72 36.98 -86.51
CA LYS TA 112 14.76 36.45 -85.64
C LYS TA 112 15.99 36.15 -86.49
N GLU TA 113 15.73 35.50 -87.63
CA GLU TA 113 16.66 34.68 -88.41
C GLU TA 113 18.14 35.12 -88.37
N ALA TA 114 18.45 36.35 -88.76
CA ALA TA 114 19.82 36.85 -88.62
C ALA TA 114 20.43 36.55 -87.22
N ALA TA 115 19.90 37.18 -86.18
CA ALA TA 115 20.44 37.08 -84.82
C ALA TA 115 20.32 35.66 -84.21
N LEU TA 116 19.31 34.90 -84.62
CA LEU TA 116 19.08 33.55 -84.11
C LEU TA 116 19.96 32.48 -84.79
N LEU TA 117 20.13 32.58 -86.10
CA LEU TA 117 20.98 31.68 -86.87
C LEU TA 117 22.44 32.11 -86.77
N ASN TA 118 22.66 33.26 -86.13
CA ASN TA 118 24.01 33.67 -85.73
C ASN TA 118 24.51 32.90 -84.50
N LEU TA 119 23.66 32.04 -83.93
CA LEU TA 119 23.94 31.41 -82.65
C LEU TA 119 25.09 30.41 -82.60
N LYS TA 120 25.46 29.80 -83.74
CA LYS TA 120 26.68 28.99 -83.79
C LYS TA 120 26.64 27.85 -82.77
N ASP TA 121 25.93 26.78 -83.08
CA ASP TA 121 25.67 25.72 -82.11
C ASP TA 121 26.94 24.95 -81.70
N ASN TA 122 26.76 23.95 -80.85
CA ASN TA 122 27.90 23.31 -80.21
C ASN TA 122 28.40 22.06 -80.90
N GLN TA 123 27.80 21.71 -82.03
CA GLN TA 123 28.13 20.49 -82.76
C GLN TA 123 29.64 20.30 -82.93
N GLU TA 124 30.26 21.28 -83.60
CA GLU TA 124 31.70 21.29 -83.83
C GLU TA 124 32.53 21.03 -82.55
N LEU TA 125 32.28 21.86 -81.55
CA LEU TA 125 32.98 21.79 -80.27
C LEU TA 125 32.84 20.40 -79.63
N SER TA 126 31.64 19.84 -79.73
CA SER TA 126 31.38 18.53 -79.15
C SER TA 126 32.16 17.46 -79.88
N GLU TA 127 32.30 17.59 -81.20
CA GLU TA 127 33.03 16.58 -81.96
C GLU TA 127 34.53 16.60 -81.62
N GLN TA 128 35.13 17.79 -81.61
CA GLN TA 128 36.52 17.92 -81.14
C GLN TA 128 36.68 17.36 -79.74
N GLY TA 129 35.70 17.67 -78.90
CA GLY TA 129 35.72 17.24 -77.51
C GLY TA 129 35.77 15.74 -77.36
N ILE TA 130 34.81 15.04 -77.97
CA ILE TA 130 34.76 13.59 -77.85
C ILE TA 130 35.99 12.94 -78.45
N SER TA 131 36.38 13.38 -79.66
CA SER TA 131 37.58 12.81 -80.28
C SER TA 131 38.81 12.95 -79.38
N PHE TA 132 39.07 14.18 -78.91
CA PHE TA 132 40.21 14.42 -78.05
C PHE TA 132 40.14 13.63 -76.76
N SER TA 133 38.95 13.55 -76.16
CA SER TA 133 38.79 12.86 -74.88
C SER TA 133 39.07 11.36 -75.01
N GLN TA 134 38.59 10.77 -76.11
CA GLN TA 134 38.84 9.37 -76.38
C GLN TA 134 40.33 9.12 -76.60
N THR TA 135 40.96 9.98 -77.40
CA THR TA 135 42.41 9.91 -77.61
C THR TA 135 43.21 10.00 -76.29
N CYS TA 136 42.96 11.07 -75.55
CA CYS TA 136 43.54 11.34 -74.24
C CYS TA 136 43.42 10.15 -73.30
N LEU TA 137 42.18 9.77 -73.01
CA LEU TA 137 41.89 8.60 -72.17
C LEU TA 137 42.65 7.36 -72.62
N THR TA 138 42.53 7.05 -73.90
CA THR TA 138 43.19 5.88 -74.47
C THR TA 138 44.66 5.91 -74.18
N GLN TA 139 45.28 7.08 -74.33
CA GLN TA 139 46.69 7.24 -74.04
C GLN TA 139 46.99 7.00 -72.55
N PHE TA 140 46.17 7.59 -71.68
CA PHE TA 140 46.30 7.42 -70.22
C PHE TA 140 46.36 5.96 -69.82
N PHE TA 141 45.34 5.22 -70.24
CA PHE TA 141 45.25 3.81 -69.92
C PHE TA 141 46.39 3.03 -70.53
N GLU TA 142 46.60 3.21 -71.83
CA GLU TA 142 47.66 2.51 -72.55
C GLU TA 142 48.99 2.66 -71.83
N ASP TA 143 49.22 3.85 -71.27
CA ASP TA 143 50.46 4.13 -70.53
C ASP TA 143 50.46 3.49 -69.14
N ALA TA 144 49.31 3.47 -68.48
CA ALA TA 144 49.21 2.93 -67.13
C ALA TA 144 49.15 1.39 -67.10
N PHE TA 145 48.41 0.81 -68.04
CA PHE TA 145 48.26 -0.65 -68.10
C PHE TA 145 48.81 -1.20 -69.40
N PRO TA 146 50.12 -1.41 -69.46
CA PRO TA 146 50.79 -1.86 -70.69
C PRO TA 146 50.26 -3.21 -71.18
N ASP TA 147 49.69 -4.00 -70.27
CA ASP TA 147 49.29 -5.37 -70.58
C ASP TA 147 47.80 -5.52 -70.95
N LEU TA 148 47.07 -4.40 -70.90
CA LEU TA 148 45.67 -4.37 -71.32
C LEU TA 148 45.58 -4.58 -72.83
N PRO TA 149 44.86 -5.62 -73.27
CA PRO TA 149 44.58 -5.81 -74.70
C PRO TA 149 43.77 -4.64 -75.27
N THR TA 150 43.90 -4.37 -76.57
CA THR TA 150 43.28 -3.20 -77.18
C THR TA 150 41.76 -3.23 -77.01
N GLU TA 151 41.20 -4.44 -77.06
CA GLU TA 151 39.78 -4.62 -76.82
C GLU TA 151 39.40 -4.10 -75.43
N GLY TA 152 40.28 -4.34 -74.47
CA GLY TA 152 40.07 -3.90 -73.11
C GLY TA 152 40.07 -2.39 -72.94
N VAL TA 153 41.16 -1.75 -73.38
CA VAL TA 153 41.28 -0.30 -73.27
C VAL TA 153 40.13 0.38 -74.02
N THR TA 154 39.71 -0.22 -75.13
CA THR TA 154 38.54 0.26 -75.86
C THR TA 154 37.32 0.19 -74.95
N SER TA 155 37.13 -0.96 -74.30
CA SER TA 155 36.00 -1.14 -73.39
C SER TA 155 35.97 -0.08 -72.28
N LEU TA 156 37.15 0.21 -71.74
CA LEU TA 156 37.31 1.19 -70.67
C LEU TA 156 36.96 2.61 -71.13
N VAL TA 157 37.55 3.05 -72.22
CA VAL TA 157 37.24 4.37 -72.75
C VAL TA 157 35.74 4.45 -73.07
N ASP TA 158 35.19 3.37 -73.60
CA ASP TA 158 33.75 3.29 -73.86
C ASP TA 158 32.96 3.52 -72.58
N PHE TA 159 33.44 2.96 -71.49
CA PHE TA 159 32.74 3.07 -70.21
C PHE TA 159 32.82 4.47 -69.61
N LEU TA 160 33.99 5.10 -69.64
CA LEU TA 160 34.12 6.41 -69.02
C LEU TA 160 33.51 7.50 -69.88
N THR TA 161 33.26 7.19 -71.15
CA THR TA 161 32.59 8.11 -72.07
C THR TA 161 31.08 7.78 -72.19
N SER TA 162 30.62 6.84 -71.36
CA SER TA 162 29.26 6.34 -71.42
C SER TA 162 28.21 7.39 -71.13
N GLU TA 163 26.98 7.08 -71.52
CA GLU TA 163 25.82 7.89 -71.20
C GLU TA 163 25.75 8.11 -69.70
N GLU TA 164 25.77 7.02 -68.95
CA GLU TA 164 25.57 7.05 -67.50
C GLU TA 164 26.56 7.95 -66.78
N VAL TA 165 27.83 7.61 -66.93
CA VAL TA 165 28.90 8.29 -66.23
C VAL TA 165 28.98 9.79 -66.54
N VAL TA 166 29.08 10.09 -67.82
CA VAL TA 166 29.14 11.48 -68.27
C VAL TA 166 27.92 12.29 -67.83
N CYS TA 167 26.72 11.72 -67.91
CA CYS TA 167 25.54 12.45 -67.44
C CYS TA 167 25.62 12.74 -65.95
N HIS TA 168 26.02 11.72 -65.17
CA HIS TA 168 26.18 11.87 -63.72
C HIS TA 168 27.14 13.02 -63.40
N VAL TA 169 28.35 12.95 -63.94
CA VAL TA 169 29.34 13.98 -63.72
C VAL TA 169 28.89 15.36 -64.20
N ALA TA 170 28.27 15.43 -65.38
CA ALA TA 170 27.87 16.70 -65.97
C ALA TA 170 26.81 17.39 -65.11
N ARG TA 171 25.82 16.61 -64.70
CA ARG TA 171 24.74 17.11 -63.87
C ARG TA 171 25.25 17.52 -62.48
N ASN TA 172 26.31 16.86 -62.00
CA ASN TA 172 26.93 17.26 -60.73
C ASN TA 172 27.91 18.44 -60.82
N LEU TA 173 28.24 18.86 -62.03
CA LEU TA 173 29.06 20.05 -62.22
C LEU TA 173 28.24 21.28 -62.57
N ALA TA 174 26.92 21.13 -62.57
CA ALA TA 174 25.97 22.18 -62.98
C ALA TA 174 26.09 22.50 -64.46
N VAL TA 175 26.26 21.47 -65.27
CA VAL TA 175 26.19 21.62 -66.71
C VAL TA 175 24.73 21.61 -67.15
N GLU TA 176 23.93 20.75 -66.52
CA GLU TA 176 22.50 20.67 -66.83
C GLU TA 176 21.83 22.00 -66.49
N GLN TA 177 22.38 22.67 -65.49
CA GLN TA 177 21.92 23.97 -65.07
C GLN TA 177 22.05 25.02 -66.20
N LEU TA 178 23.24 25.07 -66.79
CA LEU TA 178 23.58 26.04 -67.81
C LEU TA 178 23.13 25.71 -69.22
N ALA TA 179 22.92 24.43 -69.52
CA ALA TA 179 22.64 24.00 -70.90
C ALA TA 179 21.34 24.59 -71.43
N LEU TA 180 21.35 25.01 -72.69
CA LEU TA 180 20.15 25.51 -73.33
C LEU TA 180 19.52 24.41 -74.18
N SER TA 181 18.34 23.96 -73.76
CA SER TA 181 17.72 22.82 -74.41
C SER TA 181 16.20 22.85 -74.21
N ALA TA 182 15.47 22.19 -75.12
CA ALA TA 182 14.06 21.91 -74.89
C ALA TA 182 13.94 20.73 -73.91
N GLU TA 183 12.77 20.58 -73.29
CA GLU TA 183 12.51 19.44 -72.39
C GLU TA 183 13.41 19.34 -71.15
N PHE TA 184 13.14 20.16 -70.13
CA PHE TA 184 14.09 20.40 -69.02
C PHE TA 184 14.88 19.22 -68.45
N PRO TA 185 14.27 18.04 -68.26
CA PRO TA 185 15.15 16.99 -67.73
C PRO TA 185 16.39 16.75 -68.64
N VAL TA 186 16.40 17.31 -69.86
CA VAL TA 186 17.58 17.33 -70.75
C VAL TA 186 18.08 15.91 -70.97
N PRO TA 187 17.39 15.18 -71.86
CA PRO TA 187 17.66 13.76 -72.12
C PRO TA 187 19.15 13.52 -72.31
N PRO TA 188 19.64 12.38 -71.82
CA PRO TA 188 21.05 12.02 -71.72
C PRO TA 188 21.95 12.27 -72.96
N PRO TA 189 21.48 11.99 -74.20
CA PRO TA 189 22.37 12.29 -75.34
C PRO TA 189 22.76 13.77 -75.44
N VAL TA 190 21.79 14.65 -75.21
CA VAL TA 190 22.02 16.09 -75.20
C VAL TA 190 23.04 16.49 -74.16
N LEU TA 191 23.00 15.82 -73.01
CA LEU TA 191 23.92 16.11 -71.92
C LEU TA 191 25.33 15.63 -72.20
N ARG TA 192 25.48 14.45 -72.80
CA ARG TA 192 26.80 14.00 -73.24
C ARG TA 192 27.40 15.02 -74.21
N GLN TA 193 26.57 15.37 -75.20
CA GLN TA 193 26.89 16.39 -76.16
C GLN TA 193 27.44 17.64 -75.48
N THR TA 194 26.72 18.09 -74.47
CA THR TA 194 27.02 19.36 -73.82
C THR TA 194 28.27 19.30 -72.95
N PHE TA 195 28.48 18.17 -72.29
CA PHE TA 195 29.66 17.97 -71.48
C PHE TA 195 30.90 18.03 -72.34
N PHE TA 196 30.90 17.26 -73.42
CA PHE TA 196 32.09 17.21 -74.25
C PHE TA 196 32.23 18.50 -75.04
N ALA TA 197 31.13 19.19 -75.22
CA ALA TA 197 31.16 20.53 -75.78
C ALA TA 197 32.04 21.37 -74.88
N VAL TA 198 31.77 21.32 -73.58
CA VAL TA 198 32.59 22.07 -72.64
C VAL TA 198 34.06 21.63 -72.69
N ILE TA 199 34.30 20.33 -72.83
CA ILE TA 199 35.68 19.85 -72.98
C ILE TA 199 36.39 20.51 -74.16
N GLY TA 200 35.72 20.51 -75.32
CA GLY TA 200 36.27 21.10 -76.53
C GLY TA 200 36.53 22.59 -76.37
N ALA TA 201 35.58 23.29 -75.78
CA ALA TA 201 35.73 24.69 -75.45
C ALA TA 201 36.98 24.91 -74.59
N LEU TA 202 37.25 23.98 -73.69
CA LEU TA 202 38.46 24.05 -72.89
C LEU TA 202 39.71 23.80 -73.74
N LEU TA 203 39.59 22.92 -74.74
CA LEU TA 203 40.71 22.57 -75.62
C LEU TA 203 41.14 23.73 -76.52
N GLN TA 204 40.16 24.53 -76.94
CA GLN TA 204 40.45 25.78 -77.64
C GLN TA 204 41.01 26.82 -76.67
N SER TA 205 40.32 27.01 -75.55
CA SER TA 205 40.71 28.02 -74.55
C SER TA 205 42.11 27.79 -73.98
N SER TA 206 42.45 26.54 -73.69
CA SER TA 206 43.76 26.21 -73.17
C SER TA 206 44.31 24.95 -73.81
N GLY TA 207 45.60 24.70 -73.59
CA GLY TA 207 46.31 23.62 -74.26
C GLY TA 207 45.78 22.24 -73.97
N PRO TA 208 46.26 21.25 -74.74
CA PRO TA 208 45.88 19.85 -74.55
C PRO TA 208 46.33 19.34 -73.19
N GLU TA 209 47.33 20.00 -72.62
CA GLU TA 209 47.83 19.65 -71.29
C GLU TA 209 46.77 19.90 -70.22
N ARG TA 210 46.31 21.15 -70.16
CA ARG TA 210 45.26 21.59 -69.26
C ARG TA 210 44.01 20.69 -69.34
N THR TA 211 43.56 20.45 -70.56
CA THR TA 211 42.38 19.63 -70.79
C THR TA 211 42.61 18.17 -70.40
N ALA TA 212 43.85 17.69 -70.57
CA ALA TA 212 44.20 16.35 -70.14
C ALA TA 212 44.07 16.23 -68.63
N LEU TA 213 44.50 17.28 -67.92
CA LEU TA 213 44.33 17.33 -66.46
C LEU TA 213 42.85 17.32 -66.05
N PHE TA 214 42.05 18.17 -66.67
CA PHE TA 214 40.61 18.20 -66.42
C PHE TA 214 39.96 16.82 -66.63
N ILE TA 215 40.35 16.14 -67.70
CA ILE TA 215 39.82 14.80 -68.00
C ILE TA 215 40.24 13.77 -66.97
N ARG TA 216 41.49 13.81 -66.54
CA ARG TA 216 41.94 12.84 -65.56
C ARG TA 216 41.35 13.13 -64.19
N ASP TA 217 40.95 14.37 -63.94
CA ASP TA 217 40.27 14.71 -62.67
C ASP TA 217 38.77 14.38 -62.62
N PHE TA 218 38.01 14.75 -63.67
CA PHE TA 218 36.56 14.54 -63.60
C PHE TA 218 36.01 13.31 -64.29
N LEU TA 219 36.85 12.58 -65.01
CA LEU TA 219 36.41 11.34 -65.64
C LEU TA 219 37.08 10.14 -65.01
N ILE TA 220 38.40 10.10 -65.09
CA ILE TA 220 39.16 8.96 -64.59
C ILE TA 220 38.82 8.63 -63.14
N THR TA 221 38.43 9.63 -62.36
CA THR TA 221 38.06 9.37 -60.96
C THR TA 221 36.79 8.53 -60.80
N GLN TA 222 35.94 8.49 -61.83
CA GLN TA 222 34.75 7.65 -61.80
C GLN TA 222 35.14 6.17 -61.89
N MET TA 223 36.42 5.92 -62.14
CA MET TA 223 36.93 4.57 -62.26
C MET TA 223 37.37 4.07 -60.87
N THR TA 224 37.20 4.91 -59.86
CA THR TA 224 37.62 4.57 -58.50
C THR TA 224 36.69 3.57 -57.82
N GLY TA 225 37.27 2.47 -57.36
CA GLY TA 225 36.52 1.44 -56.67
C GLY TA 225 35.98 0.37 -57.60
N LYS TA 226 35.89 0.72 -58.87
CA LYS TA 226 35.37 -0.19 -59.88
C LYS TA 226 36.33 -1.33 -60.18
N GLU TA 227 35.78 -2.42 -60.72
CA GLU TA 227 36.56 -3.56 -61.17
C GLU TA 227 37.04 -3.41 -62.61
N LEU TA 228 37.61 -4.48 -63.14
CA LEU TA 228 37.90 -4.56 -64.56
C LEU TA 228 36.69 -5.11 -65.26
N PHE TA 229 36.35 -6.33 -64.89
CA PHE TA 229 35.26 -7.07 -65.48
C PHE TA 229 33.91 -6.53 -65.06
N GLU TA 230 33.93 -5.51 -64.22
CA GLU TA 230 32.72 -4.73 -63.98
C GLU TA 230 32.37 -3.94 -65.23
N MET TA 231 33.36 -3.26 -65.82
CA MET TA 231 33.12 -2.54 -67.07
C MET TA 231 33.48 -3.24 -68.37
N TRP TA 232 34.20 -4.36 -68.34
CA TRP TA 232 34.59 -5.02 -69.59
C TRP TA 232 33.51 -5.98 -70.17
N THR TA 233 32.85 -6.74 -69.30
CA THR TA 233 31.67 -7.54 -69.65
C THR TA 233 31.93 -8.83 -70.46
N ILE TA 234 33.20 -9.15 -70.73
CA ILE TA 234 33.54 -10.40 -71.45
C ILE TA 234 32.96 -11.68 -70.80
N THR TA 235 32.37 -12.54 -71.65
CA THR TA 235 31.55 -13.68 -71.20
C THR TA 235 32.22 -15.06 -71.07
N ASN TA 236 33.43 -15.22 -71.60
CA ASN TA 236 34.15 -16.49 -71.46
C ASN TA 236 35.59 -16.28 -71.04
N PRO TA 237 35.81 -16.14 -69.73
CA PRO TA 237 37.12 -15.85 -69.14
C PRO TA 237 38.16 -16.90 -69.46
N MET TA 238 37.76 -18.17 -69.47
CA MET TA 238 38.72 -19.24 -69.71
C MET TA 238 39.38 -19.11 -71.08
N GLY TA 239 38.57 -19.01 -72.14
CA GLY TA 239 39.09 -18.86 -73.48
C GLY TA 239 40.07 -17.72 -73.61
N LEU TA 240 39.65 -16.55 -73.16
CA LEU TA 240 40.47 -15.34 -73.20
C LEU TA 240 41.80 -15.57 -72.49
N LEU TA 241 41.74 -16.26 -71.36
CA LEU TA 241 42.95 -16.59 -70.62
C LEU TA 241 43.89 -17.45 -71.46
N VAL TA 242 43.34 -18.48 -72.10
CA VAL TA 242 44.17 -19.39 -72.91
C VAL TA 242 44.86 -18.63 -74.05
N GLU TA 243 44.12 -17.76 -74.73
CA GLU TA 243 44.72 -16.93 -75.78
C GLU TA 243 45.85 -16.05 -75.27
N GLU TA 244 45.60 -15.37 -74.16
CA GLU TA 244 46.63 -14.50 -73.57
C GLU TA 244 47.87 -15.29 -73.14
N LEU TA 245 47.67 -16.52 -72.70
CA LEU TA 245 48.80 -17.36 -72.33
C LEU TA 245 49.54 -17.95 -73.56
N LYS TA 246 48.84 -18.13 -74.68
CA LYS TA 246 49.51 -18.43 -75.95
C LYS TA 246 50.45 -17.28 -76.32
N LYS TA 247 49.91 -16.06 -76.24
CA LYS TA 247 50.72 -14.85 -76.46
C LYS TA 247 51.95 -14.77 -75.54
N ARG TA 248 51.80 -15.17 -74.27
CA ARG TA 248 52.94 -15.13 -73.33
C ARG TA 248 53.83 -16.36 -73.42
N LYS TA 249 53.49 -17.28 -74.33
CA LYS TA 249 54.23 -18.52 -74.54
C LYS TA 249 54.17 -19.46 -73.32
N ILE TA 250 53.08 -19.38 -72.55
CA ILE TA 250 52.79 -20.34 -71.49
C ILE TA 250 51.66 -21.25 -71.99
N SER TA 251 51.60 -22.49 -71.53
CA SER TA 251 50.84 -23.48 -72.27
C SER TA 251 49.39 -23.72 -71.83
N ALA TA 252 49.21 -24.46 -70.75
CA ALA TA 252 47.93 -25.07 -70.46
C ALA TA 252 47.48 -24.87 -69.02
N PRO TA 253 46.66 -23.83 -68.78
CA PRO TA 253 46.12 -23.72 -67.42
C PRO TA 253 45.27 -24.93 -67.06
N GLU TA 254 45.59 -25.58 -65.94
CA GLU TA 254 44.86 -26.76 -65.50
C GLU TA 254 44.08 -26.42 -64.25
N SER TA 255 42.78 -26.65 -64.30
CA SER TA 255 41.94 -26.36 -63.15
C SER TA 255 42.06 -27.49 -62.13
N ARG TA 256 42.47 -27.12 -60.92
CA ARG TA 256 42.78 -28.08 -59.87
C ARG TA 256 42.08 -27.63 -58.59
N LEU TA 257 41.23 -28.49 -58.02
CA LEU TA 257 40.47 -28.11 -56.83
C LEU TA 257 41.32 -28.04 -55.57
N THR TA 258 41.28 -26.89 -54.91
CA THR TA 258 42.17 -26.56 -53.81
C THR TA 258 41.54 -26.72 -52.43
N ARG TA 259 40.51 -25.93 -52.15
CA ARG TA 259 39.78 -25.98 -50.89
C ARG TA 259 38.31 -26.26 -51.15
N GLN TA 260 37.64 -26.97 -50.25
CA GLN TA 260 36.19 -27.11 -50.36
C GLN TA 260 35.51 -27.33 -49.03
N SER TA 261 34.32 -26.77 -48.84
CA SER TA 261 33.54 -27.09 -47.64
C SER TA 261 32.06 -27.39 -47.91
N GLY TA 262 31.72 -28.65 -47.67
CA GLY TA 262 30.41 -29.21 -47.86
C GLY TA 262 30.30 -29.44 -49.35
N SER TA 263 29.99 -30.65 -49.79
CA SER TA 263 29.63 -30.82 -51.17
C SER TA 263 28.18 -31.18 -51.25
N THR TA 264 27.67 -31.59 -50.10
CA THR TA 264 26.37 -32.20 -50.01
C THR TA 264 25.37 -31.17 -49.52
N THR TA 265 25.92 -30.02 -49.14
CA THR TA 265 25.16 -28.90 -48.62
C THR TA 265 24.44 -28.14 -49.70
N ALA TA 266 23.46 -27.34 -49.31
CA ALA TA 266 22.82 -26.41 -50.22
C ALA TA 266 23.67 -25.15 -50.38
N LEU TA 267 24.67 -24.99 -49.52
CA LEU TA 267 25.62 -23.88 -49.64
C LEU TA 267 27.05 -24.38 -49.50
N PRO TA 268 27.57 -24.98 -50.58
CA PRO TA 268 28.96 -25.39 -50.67
C PRO TA 268 29.87 -24.20 -50.99
N VAL TA 269 31.16 -24.36 -50.73
CA VAL TA 269 32.15 -23.38 -51.14
C VAL TA 269 33.31 -24.08 -51.80
N TYR TA 270 33.65 -23.65 -53.01
CA TYR TA 270 34.79 -24.23 -53.67
C TYR TA 270 35.84 -23.18 -53.92
N PHE TA 271 37.09 -23.58 -53.78
CA PHE TA 271 38.22 -22.78 -54.22
C PHE TA 271 38.97 -23.55 -55.28
N VAL TA 272 38.90 -23.09 -56.52
CA VAL TA 272 39.60 -23.71 -57.63
C VAL TA 272 40.87 -22.94 -57.93
N GLY TA 273 41.98 -23.64 -57.98
CA GLY TA 273 43.24 -23.07 -58.41
C GLY TA 273 43.50 -23.34 -59.89
N LEU TA 274 44.30 -22.48 -60.51
CA LEU TA 274 44.73 -22.68 -61.90
C LEU TA 274 46.25 -22.85 -61.95
N TYR TA 275 46.69 -23.95 -62.54
CA TYR TA 275 48.12 -24.27 -62.54
C TYR TA 275 48.73 -24.29 -63.93
N CYS TA 276 49.91 -23.69 -64.06
CA CYS TA 276 50.69 -23.76 -65.28
C CYS TA 276 52.05 -24.35 -64.98
N ASP TA 277 52.27 -25.56 -65.49
CA ASP TA 277 53.48 -26.33 -65.19
C ASP TA 277 53.67 -26.45 -63.67
N ARG TA 278 52.56 -26.75 -62.98
CA ARG TA 278 52.58 -27.04 -61.56
C ARG TA 278 52.91 -25.84 -60.65
N LYS TA 279 53.16 -24.67 -61.24
CA LYS TA 279 53.09 -23.41 -60.48
C LYS TA 279 51.64 -22.92 -60.43
N LEU TA 280 51.25 -22.26 -59.34
CA LEU TA 280 49.90 -21.73 -59.20
C LEU TA 280 49.81 -20.28 -59.62
N ILE TA 281 49.12 -20.01 -60.72
CA ILE TA 281 49.00 -18.64 -61.22
C ILE TA 281 47.91 -17.80 -60.56
N ALA TA 282 46.80 -18.43 -60.16
CA ALA TA 282 45.64 -17.70 -59.62
C ALA TA 282 44.55 -18.64 -59.14
N GLU TA 283 43.65 -18.11 -58.32
CA GLU TA 283 42.74 -18.95 -57.55
C GLU TA 283 41.43 -18.23 -57.24
N GLY TA 284 40.32 -18.98 -57.15
CA GLY TA 284 39.05 -18.35 -56.82
C GLY TA 284 37.98 -19.24 -56.20
N PRO TA 285 37.08 -18.63 -55.42
CA PRO TA 285 35.90 -19.10 -54.70
C PRO TA 285 34.63 -19.20 -55.56
N GLY TA 286 33.65 -19.98 -55.11
CA GLY TA 286 32.35 -20.02 -55.76
C GLY TA 286 31.41 -20.99 -55.10
N GLU TA 287 30.13 -20.96 -55.47
CA GLU TA 287 29.17 -21.94 -54.96
C GLU TA 287 29.39 -23.27 -55.63
N THR TA 288 29.58 -23.21 -56.95
CA THR TA 288 29.80 -24.41 -57.75
C THR TA 288 31.22 -24.45 -58.29
N VAL TA 289 31.73 -25.66 -58.50
CA VAL TA 289 33.06 -25.87 -59.05
C VAL TA 289 33.26 -25.16 -60.38
N LEU TA 290 32.20 -25.07 -61.17
CA LEU TA 290 32.24 -24.36 -62.45
C LEU TA 290 32.38 -22.85 -62.25
N VAL TA 291 31.51 -22.29 -61.43
CA VAL TA 291 31.57 -20.89 -61.05
C VAL TA 291 32.95 -20.51 -60.57
N ALA TA 292 33.48 -21.34 -59.68
CA ALA TA 292 34.79 -21.10 -59.09
C ALA TA 292 35.89 -21.16 -60.14
N GLU TA 293 35.86 -22.17 -61.01
CA GLU TA 293 36.83 -22.26 -62.11
C GLU TA 293 36.82 -20.97 -62.93
N GLU TA 294 35.62 -20.52 -63.29
CA GLU TA 294 35.46 -19.28 -64.01
C GLU TA 294 36.08 -18.10 -63.24
N GLU TA 295 35.93 -18.12 -61.93
CA GLU TA 295 36.51 -17.07 -61.10
C GLU TA 295 38.01 -17.05 -61.16
N ALA TA 296 38.61 -18.22 -60.94
CA ALA TA 296 40.06 -18.37 -61.03
C ALA TA 296 40.55 -17.82 -62.37
N ALA TA 297 39.77 -18.07 -63.43
CA ALA TA 297 40.08 -17.47 -64.70
C ALA TA 297 40.10 -15.94 -64.61
N ARG TA 298 39.03 -15.36 -64.07
CA ARG TA 298 38.98 -13.89 -63.99
C ARG TA 298 40.13 -13.31 -63.19
N VAL TA 299 40.51 -14.01 -62.13
CA VAL TA 299 41.59 -13.57 -61.26
C VAL TA 299 42.90 -13.60 -62.03
N ALA TA 300 43.15 -14.70 -62.72
CA ALA TA 300 44.37 -14.86 -63.49
C ALA TA 300 44.47 -13.72 -64.49
N LEU TA 301 43.39 -13.53 -65.23
CA LEU TA 301 43.30 -12.44 -66.16
C LEU TA 301 43.69 -11.13 -65.49
N ARG TA 302 43.11 -10.87 -64.32
CA ARG TA 302 43.34 -9.62 -63.61
C ARG TA 302 44.80 -9.45 -63.18
N LYS TA 303 45.49 -10.55 -62.89
CA LYS TA 303 46.90 -10.48 -62.56
C LYS TA 303 47.72 -10.17 -63.82
N LEU TA 304 47.45 -10.91 -64.90
CA LEU TA 304 48.16 -10.72 -66.16
C LEU TA 304 48.06 -9.30 -66.67
N PHE TA 305 46.86 -8.74 -66.58
CA PHE TA 305 46.62 -7.43 -67.15
C PHE TA 305 47.05 -6.32 -66.20
N GLY TA 306 47.35 -6.69 -64.95
CA GLY TA 306 47.77 -5.71 -63.97
C GLY TA 306 46.65 -4.79 -63.52
N PHE TA 307 45.41 -5.22 -63.76
CA PHE TA 307 44.25 -4.59 -63.14
C PHE TA 307 43.94 -5.42 -61.89
N THR TA 308 44.24 -4.87 -60.71
CA THR TA 308 44.34 -5.66 -59.49
C THR TA 308 43.92 -4.77 -58.33
N GLU TA 309 43.67 -5.36 -57.16
CA GLU TA 309 43.42 -4.54 -55.97
C GLU TA 309 44.69 -3.91 -55.44
N ASN TA 310 45.74 -4.72 -55.33
CA ASN TA 310 47.02 -4.26 -54.81
C ASN TA 310 47.70 -3.25 -55.72
N ARG TA 311 47.19 -3.08 -56.94
CA ARG TA 311 47.85 -2.28 -57.95
C ARG TA 311 48.06 -0.84 -57.49
N ARG TA 312 49.13 -0.22 -57.97
CA ARG TA 312 49.42 1.19 -57.66
C ARG TA 312 48.21 2.04 -57.96
N PRO TA 313 47.77 2.79 -56.95
CA PRO TA 313 46.68 3.74 -57.16
C PRO TA 313 47.11 4.80 -58.16
N TRP TA 314 46.15 5.43 -58.82
CA TRP TA 314 46.44 6.39 -59.88
C TRP TA 314 47.25 7.58 -59.36
N ASP TA 315 48.04 8.18 -60.23
CA ASP TA 315 48.80 9.37 -59.86
C ASP TA 315 48.04 10.66 -60.18
N TYR TA 316 47.81 11.45 -59.16
CA TYR TA 316 47.31 12.79 -59.34
C TYR TA 316 48.41 13.74 -58.88
N SER TA 317 49.05 14.42 -59.81
CA SER TA 317 50.23 15.22 -59.51
C SER TA 317 50.42 16.32 -60.57
N LYS TA 318 51.32 17.27 -60.29
CA LYS TA 318 51.53 18.39 -61.21
C LYS TA 318 52.95 18.39 -61.77
N PRO TA 319 53.16 17.70 -62.90
CA PRO TA 319 54.50 17.54 -63.50
C PRO TA 319 55.12 18.87 -63.95
N LYS UA 38 -24.85 1.53 9.40
CA LYS UA 38 -25.92 2.18 8.65
C LYS UA 38 -26.34 1.33 7.46
N LYS UA 39 -27.42 1.76 6.80
CA LYS UA 39 -27.79 1.24 5.48
C LYS UA 39 -27.47 2.31 4.44
N ARG UA 40 -26.43 2.10 3.64
CA ARG UA 40 -26.02 3.12 2.69
C ARG UA 40 -26.46 2.76 1.28
N PHE UA 41 -27.32 3.59 0.74
CA PHE UA 41 -27.89 3.35 -0.58
C PHE UA 41 -27.78 4.61 -1.41
N THR UA 42 -27.32 4.45 -2.65
CA THR UA 42 -27.29 5.56 -3.60
C THR UA 42 -28.34 5.37 -4.68
N PRO UA 43 -29.33 6.26 -4.72
CA PRO UA 43 -30.35 6.19 -5.78
C PRO UA 43 -29.72 6.51 -7.12
N PRO UA 44 -30.08 5.75 -8.16
CA PRO UA 44 -29.53 6.02 -9.49
C PRO UA 44 -30.13 7.29 -10.09
N THR UA 45 -29.31 8.07 -10.78
CA THR UA 45 -29.76 9.34 -11.37
C THR UA 45 -29.80 9.29 -12.89
N TYR UA 46 -30.97 9.51 -13.46
CA TYR UA 46 -31.12 9.46 -14.91
C TYR UA 46 -30.39 10.63 -15.57
N GLN UA 47 -30.09 10.48 -16.86
CA GLN UA 47 -29.60 11.59 -17.66
C GLN UA 47 -30.81 12.28 -18.33
N PRO UA 48 -30.65 13.56 -18.71
CA PRO UA 48 -31.68 14.35 -19.42
C PRO UA 48 -32.23 13.63 -20.65
N LYS UA 49 -33.54 13.75 -20.87
CA LYS UA 49 -34.19 12.96 -21.92
C LYS UA 49 -33.81 13.41 -23.33
N TYR UA 50 -33.60 14.72 -23.50
CA TYR UA 50 -33.23 15.28 -24.80
C TYR UA 50 -31.99 14.64 -25.42
N LYS UA 51 -31.14 14.06 -24.58
CA LYS UA 51 -29.95 13.40 -25.07
C LYS UA 51 -30.27 12.10 -25.79
N SER UA 52 -31.24 11.36 -25.26
CA SER UA 52 -31.65 10.11 -25.87
C SER UA 52 -32.67 10.29 -27.01
N GLU UA 53 -33.20 11.49 -27.19
CA GLU UA 53 -34.10 11.74 -28.32
C GLU UA 53 -33.55 12.83 -29.23
N LYS UA 54 -33.10 12.39 -30.40
CA LYS UA 54 -32.62 13.24 -31.47
C LYS UA 54 -32.89 12.51 -32.76
N GLU UA 55 -33.24 13.23 -33.80
CA GLU UA 55 -33.56 12.58 -35.05
C GLU UA 55 -32.73 13.21 -36.16
N PHE UA 56 -32.72 12.53 -37.30
CA PHE UA 56 -32.11 13.08 -38.49
C PHE UA 56 -32.97 14.15 -39.13
N VAL UA 57 -32.34 14.98 -39.95
CA VAL UA 57 -33.04 15.93 -40.78
C VAL UA 57 -32.62 15.75 -42.23
N GLU UA 58 -33.07 16.66 -43.08
CA GLU UA 58 -32.69 16.70 -44.50
C GLU UA 58 -33.13 15.47 -45.30
N HIS UA 59 -34.44 15.31 -45.52
CA HIS UA 59 -34.92 14.48 -46.62
C HIS UA 59 -35.40 15.45 -47.70
N ALA UA 60 -34.63 15.55 -48.78
CA ALA UA 60 -34.88 16.53 -49.83
C ALA UA 60 -35.98 16.06 -50.78
N ARG UA 61 -36.83 17.01 -51.20
CA ARG UA 61 -37.94 16.71 -52.11
C ARG UA 61 -38.20 17.86 -53.10
N LYS UA 62 -38.67 17.51 -54.29
CA LYS UA 62 -39.11 18.50 -55.27
C LYS UA 62 -40.61 18.42 -55.44
N ALA UA 63 -41.32 19.44 -54.99
CA ALA UA 63 -42.77 19.46 -55.12
C ALA UA 63 -43.23 20.57 -56.07
N GLY UA 64 -43.67 20.17 -57.26
CA GLY UA 64 -44.37 21.08 -58.16
C GLY UA 64 -45.75 21.38 -57.60
N LEU UA 65 -46.04 22.65 -57.36
CA LEU UA 65 -47.34 23.05 -56.84
C LEU UA 65 -47.74 24.35 -57.49
N VAL UA 66 -48.92 24.40 -58.10
CA VAL UA 66 -49.26 25.49 -59.00
C VAL UA 66 -49.49 26.83 -58.27
N ILE UA 67 -49.89 26.77 -56.99
CA ILE UA 67 -50.24 27.97 -56.22
C ILE UA 67 -49.05 28.95 -56.00
N PRO UA 68 -47.91 28.47 -55.44
CA PRO UA 68 -46.83 29.46 -55.38
C PRO UA 68 -46.23 29.81 -56.77
N HIS UA 69 -46.44 28.94 -57.75
CA HIS UA 69 -45.98 29.20 -59.11
C HIS UA 69 -46.76 30.38 -59.72
N GLU UA 70 -48.03 30.53 -59.33
CA GLU UA 70 -48.89 31.63 -59.79
C GLU UA 70 -48.63 32.95 -59.07
N ARG UA 71 -48.17 32.83 -57.82
CA ARG UA 71 -48.02 33.97 -56.93
C ARG UA 71 -46.71 34.70 -57.18
N LEU UA 72 -45.99 34.26 -58.20
CA LEU UA 72 -44.74 34.90 -58.58
C LEU UA 72 -44.96 36.39 -58.88
N GLU UA 73 -44.22 37.25 -58.18
CA GLU UA 73 -44.42 38.69 -58.28
C GLU UA 73 -43.68 39.31 -59.46
N ARG UA 74 -42.63 38.63 -59.92
CA ARG UA 74 -41.95 39.04 -61.14
C ARG UA 74 -41.99 37.86 -62.10
N PRO UA 75 -43.01 37.83 -62.97
CA PRO UA 75 -43.24 36.74 -63.92
C PRO UA 75 -42.00 36.45 -64.75
N ILE UA 76 -41.81 35.18 -65.10
CA ILE UA 76 -40.56 34.76 -65.73
C ILE UA 76 -40.32 35.46 -67.06
N HIS UA 77 -39.16 36.08 -67.18
CA HIS UA 77 -38.78 36.80 -68.38
C HIS UA 77 -37.99 35.87 -69.30
N LEU UA 78 -38.50 35.65 -70.51
CA LEU UA 78 -37.83 34.77 -71.47
C LEU UA 78 -37.07 35.56 -72.52
N ALA UA 79 -35.84 35.14 -72.80
CA ALA UA 79 -35.09 35.68 -73.93
C ALA UA 79 -35.52 34.99 -75.23
N CYS UA 80 -36.06 33.78 -75.12
CA CYS UA 80 -36.37 32.96 -76.29
C CYS UA 80 -37.64 32.13 -76.14
N THR UA 81 -38.12 31.59 -77.26
CA THR UA 81 -39.24 30.65 -77.25
C THR UA 81 -38.76 29.26 -77.63
N ALA UA 82 -39.27 28.23 -76.96
CA ALA UA 82 -38.71 26.88 -77.07
C ALA UA 82 -38.88 26.23 -78.45
N GLY UA 83 -40.01 26.50 -79.11
CA GLY UA 83 -40.31 25.86 -80.37
C GLY UA 83 -39.81 26.58 -81.62
N ILE UA 84 -39.87 25.87 -82.74
CA ILE UA 84 -39.61 26.47 -84.06
C ILE UA 84 -40.92 26.44 -84.85
N PHE UA 85 -41.45 27.64 -85.16
CA PHE UA 85 -42.83 27.77 -85.64
C PHE UA 85 -43.15 26.98 -86.91
N ASP UA 86 -42.43 27.27 -87.98
CA ASP UA 86 -42.67 26.62 -89.26
C ASP UA 86 -41.38 25.99 -89.77
N ALA UA 87 -41.38 24.67 -89.85
CA ALA UA 87 -40.18 23.95 -90.23
C ALA UA 87 -40.12 23.73 -91.74
N TYR UA 88 -39.15 24.39 -92.36
CA TYR UA 88 -38.93 24.24 -93.78
C TYR UA 88 -38.61 22.79 -94.12
N VAL UA 89 -39.39 22.19 -95.00
CA VAL UA 89 -39.16 20.81 -95.42
C VAL UA 89 -38.64 20.78 -96.85
N PRO UA 90 -37.35 20.50 -96.99
CA PRO UA 90 -36.47 20.62 -98.17
C PRO UA 90 -36.74 19.57 -99.26
N PRO UA 91 -36.21 19.80 -100.48
CA PRO UA 91 -36.37 18.85 -101.60
C PRO UA 91 -35.69 17.51 -101.31
N GLU UA 92 -36.33 16.41 -101.73
CA GLU UA 92 -35.81 15.08 -101.44
C GLU UA 92 -34.60 14.73 -102.30
N GLY UA 93 -34.39 15.49 -103.38
CA GLY UA 93 -33.25 15.30 -104.25
C GLY UA 93 -32.18 16.33 -104.00
N ASP UA 94 -32.18 16.91 -102.80
CA ASP UA 94 -31.30 18.03 -102.47
C ASP UA 94 -29.81 17.66 -102.44
N ALA UA 95 -29.52 16.36 -102.51
CA ALA UA 95 -28.15 15.88 -102.63
C ALA UA 95 -27.62 15.99 -104.07
N ARG UA 96 -28.51 15.78 -105.03
CA ARG UA 96 -28.14 15.77 -106.45
C ARG UA 96 -28.21 17.16 -107.12
N ILE UA 97 -28.86 18.11 -106.46
CA ILE UA 97 -28.92 19.50 -106.94
C ILE UA 97 -27.80 20.36 -106.30
N SER UA 98 -27.08 19.78 -105.34
CA SER UA 98 -25.98 20.49 -104.67
C SER UA 98 -24.69 20.47 -105.49
N SER UA 99 -24.50 19.43 -106.30
CA SER UA 99 -23.35 19.33 -107.19
C SER UA 99 -23.53 20.21 -108.43
N LEU UA 100 -24.73 20.76 -108.58
CA LEU UA 100 -25.05 21.71 -109.63
C LEU UA 100 -25.24 23.10 -109.02
N SER UA 101 -24.34 24.02 -109.36
CA SER UA 101 -24.30 25.36 -108.73
C SER UA 101 -25.52 26.23 -109.04
N LYS UA 102 -25.77 26.46 -110.33
CA LYS UA 102 -26.78 27.43 -110.74
C LYS UA 102 -28.18 26.81 -110.79
N GLU UA 103 -28.30 25.55 -110.40
CA GLU UA 103 -29.59 24.95 -110.12
C GLU UA 103 -30.00 25.32 -108.70
N GLY UA 104 -29.17 24.88 -107.74
CA GLY UA 104 -29.38 25.18 -106.33
C GLY UA 104 -29.52 26.67 -106.04
N LEU UA 105 -28.54 27.48 -106.46
CA LEU UA 105 -28.61 28.93 -106.21
C LEU UA 105 -29.91 29.56 -106.75
N ALA UA 106 -30.24 29.21 -107.98
CA ALA UA 106 -31.43 29.71 -108.65
C ALA UA 106 -32.70 29.36 -107.88
N GLN UA 107 -32.92 28.08 -107.62
CA GLN UA 107 -34.14 27.64 -106.93
C GLN UA 107 -34.23 28.20 -105.50
N ARG UA 108 -33.09 28.31 -104.81
CA ARG UA 108 -33.08 28.89 -103.46
C ARG UA 108 -33.50 30.37 -103.48
N ALA UA 109 -32.77 31.19 -104.23
CA ALA UA 109 -33.06 32.62 -104.31
C ALA UA 109 -34.50 32.84 -104.78
N GLU UA 110 -34.93 32.00 -105.73
CA GLU UA 110 -36.29 32.02 -106.25
C GLU UA 110 -37.33 31.78 -105.18
N ARG UA 111 -37.20 30.68 -104.44
CA ARG UA 111 -38.14 30.35 -103.38
C ARG UA 111 -38.15 31.41 -102.29
N LEU UA 112 -37.02 32.09 -102.10
CA LEU UA 112 -36.96 33.18 -101.12
C LEU UA 112 -37.75 34.40 -101.60
N LYS UA 113 -37.54 34.83 -102.84
CA LYS UA 113 -38.22 36.01 -103.36
C LYS UA 113 -39.71 35.76 -103.62
N LYS UA 114 -40.06 34.52 -103.92
CA LYS UA 114 -41.43 34.16 -104.32
C LYS UA 114 -42.43 34.05 -103.17
N ASN UA 115 -41.93 33.78 -101.96
CA ASN UA 115 -42.81 33.52 -100.83
C ASN UA 115 -43.36 34.79 -100.16
N VAL UA 116 -44.66 34.78 -99.87
CA VAL UA 116 -45.34 35.91 -99.24
C VAL UA 116 -44.96 36.07 -97.78
N ALA UA 117 -45.07 34.96 -97.04
CA ALA UA 117 -44.76 34.93 -95.61
C ALA UA 117 -43.33 35.41 -95.34
N SER UA 118 -42.41 34.90 -96.14
CA SER UA 118 -40.99 35.25 -96.06
C SER UA 118 -40.77 36.76 -96.06
N GLN UA 119 -41.30 37.43 -97.06
CA GLN UA 119 -41.05 38.86 -97.22
C GLN UA 119 -41.95 39.71 -96.30
N LEU UA 120 -43.05 39.13 -95.81
CA LEU UA 120 -43.84 39.78 -94.77
C LEU UA 120 -43.03 39.90 -93.48
N SER UA 121 -42.44 38.78 -93.07
CA SER UA 121 -41.60 38.78 -91.88
C SER UA 121 -40.35 39.64 -92.09
N ILE UA 122 -39.71 39.53 -93.25
CA ILE UA 122 -38.53 40.36 -93.55
C ILE UA 122 -38.89 41.85 -93.50
N ARG UA 123 -40.12 42.17 -93.89
CA ARG UA 123 -40.62 43.54 -93.75
C ARG UA 123 -40.82 43.93 -92.28
N LYS UA 124 -41.34 43.02 -91.46
CA LYS UA 124 -41.53 43.33 -90.03
C LYS UA 124 -40.20 43.59 -89.35
N ILE UA 125 -39.19 42.78 -89.67
CA ILE UA 125 -37.84 42.96 -89.13
C ILE UA 125 -37.18 44.25 -89.65
N ARG UA 126 -37.31 44.51 -90.95
CA ARG UA 126 -36.74 45.71 -91.56
C ARG UA 126 -37.35 47.00 -90.99
N GLU UA 127 -38.66 46.95 -90.72
CA GLU UA 127 -39.40 48.11 -90.21
C GLU UA 127 -39.18 48.32 -88.71
N SER UA 128 -39.07 47.24 -87.96
CA SER UA 128 -38.77 47.34 -86.53
C SER UA 128 -37.26 47.58 -86.28
N ASP UA 129 -36.42 46.96 -87.12
CA ASP UA 129 -34.95 47.04 -86.97
C ASP UA 129 -34.27 47.53 -88.26
N PRO UA 130 -34.01 48.85 -88.34
CA PRO UA 130 -33.36 49.49 -89.49
C PRO UA 130 -31.93 48.97 -89.72
N ASN UA 131 -31.39 49.22 -90.91
CA ASN UA 131 -30.07 48.74 -91.32
C ASN UA 131 -29.99 47.23 -91.19
N PHE UA 132 -30.96 46.55 -91.80
CA PHE UA 132 -31.05 45.10 -91.79
C PHE UA 132 -30.98 44.58 -93.23
N LYS UA 133 -30.13 43.58 -93.47
CA LYS UA 133 -29.95 43.05 -94.83
C LYS UA 133 -29.90 41.52 -94.87
N ILE UA 134 -30.64 40.94 -95.80
CA ILE UA 134 -30.70 39.50 -95.98
C ILE UA 134 -29.49 38.96 -96.74
N LYS UA 135 -28.91 39.80 -97.60
CA LYS UA 135 -27.76 39.37 -98.41
C LYS UA 135 -26.45 39.33 -97.61
N ASP UA 136 -26.40 40.06 -96.49
CA ASP UA 136 -25.26 40.03 -95.58
C ASP UA 136 -25.30 38.85 -94.59
N PHE UA 137 -26.53 38.44 -94.24
CA PHE UA 137 -26.79 37.62 -93.06
C PHE UA 137 -26.22 36.17 -93.02
N PRO UA 138 -26.25 35.42 -94.14
CA PRO UA 138 -25.65 34.08 -94.03
C PRO UA 138 -24.16 34.10 -93.67
N GLU UA 139 -23.49 35.22 -93.91
CA GLU UA 139 -22.11 35.42 -93.46
C GLU UA 139 -22.03 35.40 -91.93
N LYS UA 140 -22.82 36.27 -91.30
CA LYS UA 140 -22.89 36.38 -89.85
C LYS UA 140 -23.33 35.07 -89.20
N ALA UA 141 -24.32 34.42 -89.80
CA ALA UA 141 -24.82 33.13 -89.32
C ALA UA 141 -23.72 32.07 -89.36
N LYS UA 142 -23.04 31.97 -90.50
CA LYS UA 142 -21.92 31.06 -90.63
C LYS UA 142 -20.81 31.38 -89.62
N ASP UA 143 -20.69 32.65 -89.25
CA ASP UA 143 -19.68 33.01 -88.23
C ASP UA 143 -20.12 32.57 -86.83
N ILE UA 144 -21.38 32.84 -86.49
CA ILE UA 144 -21.99 32.38 -85.25
C ILE UA 144 -21.76 30.87 -85.05
N PHE UA 145 -21.98 30.10 -86.12
CA PHE UA 145 -21.75 28.66 -86.10
C PHE UA 145 -20.33 28.30 -85.66
N ILE UA 146 -19.37 28.82 -86.42
CA ILE UA 146 -17.96 28.54 -86.23
C ILE UA 146 -17.46 28.94 -84.85
N GLU UA 147 -17.97 30.05 -84.33
CA GLU UA 147 -17.57 30.46 -82.99
C GLU UA 147 -18.22 29.59 -81.90
N ALA UA 148 -19.49 29.26 -82.06
CA ALA UA 148 -20.20 28.45 -81.06
C ALA UA 148 -19.57 27.07 -80.89
N HIS UA 149 -19.27 26.43 -82.01
CA HIS UA 149 -18.70 25.09 -81.91
C HIS UA 149 -17.25 25.14 -81.42
N LEU UA 150 -16.52 26.18 -81.78
CA LEU UA 150 -15.17 26.39 -81.25
C LEU UA 150 -15.23 26.80 -79.78
N CYS UA 151 -16.42 27.13 -79.31
CA CYS UA 151 -16.70 27.32 -77.88
C CYS UA 151 -16.90 25.96 -77.21
N LEU UA 152 -17.58 25.04 -77.90
CA LEU UA 152 -17.71 23.67 -77.39
C LEU UA 152 -16.37 22.96 -77.25
N ASN UA 153 -15.44 23.23 -78.16
CA ASN UA 153 -14.07 22.69 -78.01
C ASN UA 153 -13.44 23.07 -76.68
N ASN UA 154 -13.35 24.37 -76.48
CA ASN UA 154 -12.68 24.96 -75.34
C ASN UA 154 -13.50 24.82 -74.06
N SER UA 155 -14.78 24.47 -74.22
CA SER UA 155 -15.74 24.40 -73.13
C SER UA 155 -15.86 25.73 -72.38
N ASP UA 156 -16.06 26.81 -73.14
CA ASP UA 156 -16.31 28.12 -72.55
C ASP UA 156 -17.81 28.44 -72.66
N HIS UA 157 -18.50 28.42 -71.52
CA HIS UA 157 -19.95 28.57 -71.52
C HIS UA 157 -20.45 30.01 -71.56
N ASP UA 158 -19.60 30.94 -71.13
CA ASP UA 158 -19.98 32.35 -71.05
C ASP UA 158 -20.22 32.95 -72.43
N ARG UA 159 -19.26 32.72 -73.33
CA ARG UA 159 -19.40 33.17 -74.70
C ARG UA 159 -20.54 32.39 -75.39
N LEU UA 160 -20.67 31.14 -75.00
CA LEU UA 160 -21.71 30.27 -75.54
C LEU UA 160 -23.11 30.76 -75.13
N HIS UA 161 -23.20 31.57 -74.09
CA HIS UA 161 -24.49 32.14 -73.73
C HIS UA 161 -24.82 33.43 -74.47
N THR UA 162 -23.81 34.06 -75.06
CA THR UA 162 -24.04 35.20 -75.95
C THR UA 162 -24.46 34.70 -77.32
N LEU UA 163 -23.79 33.65 -77.79
CA LEU UA 163 -24.08 33.15 -79.15
C LEU UA 163 -25.41 32.41 -79.24
N VAL UA 164 -25.47 31.21 -78.67
CA VAL UA 164 -26.66 30.37 -78.80
C VAL UA 164 -27.81 30.71 -77.84
N THR UA 165 -29.00 30.31 -78.26
CA THR UA 165 -30.26 30.52 -77.55
C THR UA 165 -30.46 29.58 -76.35
N GLU UA 166 -31.41 29.93 -75.50
CA GLU UA 166 -31.80 29.10 -74.35
C GLU UA 166 -32.32 27.71 -74.67
N ASN UA 167 -32.91 27.54 -75.86
CA ASN UA 167 -33.42 26.23 -76.26
C ASN UA 167 -32.33 25.30 -76.80
N CYS UA 168 -31.29 25.91 -77.37
CA CYS UA 168 -30.17 25.18 -77.97
C CYS UA 168 -29.14 24.73 -76.95
N PHE UA 169 -28.84 25.61 -76.00
CA PHE UA 169 -27.75 25.40 -75.04
C PHE UA 169 -27.84 24.07 -74.27
N PRO UA 170 -29.01 23.75 -73.67
CA PRO UA 170 -29.16 22.44 -73.01
C PRO UA 170 -28.74 21.31 -73.92
N ASP UA 171 -29.11 21.41 -75.18
CA ASP UA 171 -28.89 20.32 -76.11
C ASP UA 171 -27.41 20.18 -76.41
N MET UA 172 -26.79 21.21 -76.97
CA MET UA 172 -25.39 21.04 -77.37
C MET UA 172 -24.43 20.87 -76.19
N VAL UA 173 -24.73 21.43 -75.02
CA VAL UA 173 -23.82 21.24 -73.88
C VAL UA 173 -24.02 19.95 -73.05
N TRP UA 174 -25.27 19.59 -72.77
CA TRP UA 174 -25.60 18.58 -71.74
C TRP UA 174 -24.75 17.32 -71.72
N ASP UA 175 -24.94 16.50 -72.75
CA ASP UA 175 -24.38 15.17 -72.80
C ASP UA 175 -22.86 15.20 -72.84
N ILE UA 176 -22.33 16.31 -73.33
CA ILE UA 176 -20.94 16.35 -73.72
C ILE UA 176 -20.02 16.88 -72.62
N ARG UA 177 -20.55 17.15 -71.44
CA ARG UA 177 -19.80 17.92 -70.48
C ARG UA 177 -18.71 17.12 -69.76
N TYR UA 178 -18.88 15.80 -69.67
CA TYR UA 178 -17.83 14.99 -69.07
C TYR UA 178 -16.90 14.39 -70.09
N LYS UA 179 -17.07 14.76 -71.35
CA LYS UA 179 -16.22 14.23 -72.40
C LYS UA 179 -15.33 15.33 -72.97
N THR UA 180 -14.49 14.97 -73.93
CA THR UA 180 -13.64 15.97 -74.58
C THR UA 180 -14.10 16.09 -76.03
N VAL UA 181 -14.22 17.32 -76.52
CA VAL UA 181 -14.62 17.50 -77.92
C VAL UA 181 -13.53 18.20 -78.70
N ARG UA 182 -13.23 17.68 -79.87
CA ARG UA 182 -12.35 18.37 -80.79
C ARG UA 182 -13.07 18.49 -82.11
N TRP UA 183 -13.42 19.71 -82.46
CA TRP UA 183 -14.22 19.99 -83.63
C TRP UA 183 -13.52 21.06 -84.46
N SER UA 184 -13.38 20.81 -85.76
CA SER UA 184 -12.70 21.77 -86.62
C SER UA 184 -13.52 22.04 -87.86
N PHE UA 185 -13.38 23.26 -88.37
CA PHE UA 185 -14.02 23.70 -89.60
C PHE UA 185 -12.99 23.71 -90.70
N VAL UA 186 -13.23 22.98 -91.79
CA VAL UA 186 -12.24 23.00 -92.85
C VAL UA 186 -12.77 23.72 -94.12
N GLU UA 187 -13.85 23.23 -94.73
CA GLU UA 187 -14.40 23.87 -95.93
C GLU UA 187 -15.90 24.15 -95.83
N SER UA 188 -16.36 25.14 -96.59
CA SER UA 188 -17.78 25.27 -96.89
C SER UA 188 -17.95 25.06 -98.39
N LEU UA 189 -18.55 23.94 -98.77
CA LEU UA 189 -18.62 23.56 -100.17
C LEU UA 189 -19.55 24.48 -100.97
N GLU UA 190 -20.79 24.59 -100.51
CA GLU UA 190 -21.73 25.55 -101.09
C GLU UA 190 -21.95 26.70 -100.10
N PRO UA 191 -21.69 27.95 -100.54
CA PRO UA 191 -21.91 29.13 -99.68
C PRO UA 191 -23.32 29.18 -99.06
N PRO UA 192 -23.40 29.56 -97.78
CA PRO UA 192 -24.61 29.45 -96.94
C PRO UA 192 -25.83 30.13 -97.55
N GLN UA 193 -26.95 29.41 -97.57
CA GLN UA 193 -28.15 29.93 -98.22
C GLN UA 193 -29.23 30.27 -97.22
N VAL UA 194 -29.96 31.36 -97.44
CA VAL UA 194 -31.08 31.70 -96.58
C VAL UA 194 -32.37 31.12 -97.13
N VAL UA 195 -32.93 30.14 -96.45
CA VAL UA 195 -34.13 29.48 -96.94
C VAL UA 195 -35.42 30.27 -96.68
N GLN UA 196 -35.64 30.70 -95.44
CA GLN UA 196 -36.92 31.33 -95.08
C GLN UA 196 -36.81 32.23 -93.85
N VAL UA 197 -37.83 33.05 -93.63
CA VAL UA 197 -37.91 33.90 -92.43
C VAL UA 197 -39.33 33.87 -91.84
N ARG UA 198 -39.42 33.84 -90.52
CA ARG UA 198 -40.72 33.78 -89.82
C ARG UA 198 -40.75 34.67 -88.59
N CYS UA 199 -41.95 35.16 -88.24
CA CYS UA 199 -42.13 35.97 -87.05
C CYS UA 199 -43.28 35.48 -86.19
N SER UA 200 -43.06 35.47 -84.88
CA SER UA 200 -44.10 35.12 -83.92
C SER UA 200 -44.55 36.36 -83.17
N SER UA 201 -45.82 36.72 -83.34
CA SER UA 201 -46.37 37.92 -82.72
C SER UA 201 -47.12 37.57 -81.44
N LEU UA 202 -46.54 37.93 -80.31
CA LEU UA 202 -47.17 37.71 -79.02
C LEU UA 202 -47.95 38.96 -78.66
N MET UA 203 -49.28 38.83 -78.65
CA MET UA 203 -50.17 39.97 -78.40
C MET UA 203 -50.08 40.43 -76.94
N ASN UA 204 -49.64 39.53 -76.08
CA ASN UA 204 -49.44 39.84 -74.67
C ASN UA 204 -48.33 40.86 -74.47
N GLN UA 205 -47.15 40.53 -74.97
CA GLN UA 205 -45.94 41.30 -74.73
C GLN UA 205 -45.62 42.34 -75.82
N GLY UA 206 -46.34 42.25 -76.95
CA GLY UA 206 -45.97 43.01 -78.13
C GLY UA 206 -44.58 42.62 -78.62
N ASN UA 207 -44.18 41.41 -78.26
CA ASN UA 207 -42.83 40.91 -78.53
C ASN UA 207 -42.73 40.09 -79.81
N ILE UA 208 -41.76 40.43 -80.63
CA ILE UA 208 -41.56 39.75 -81.90
C ILE UA 208 -40.20 39.06 -81.93
N TYR UA 209 -40.18 37.81 -82.37
CA TYR UA 209 -38.93 37.06 -82.51
C TYR UA 209 -38.66 36.70 -83.96
N GLY UA 210 -37.68 37.34 -84.57
CA GLY UA 210 -37.31 37.01 -85.94
C GLY UA 210 -36.59 35.67 -86.01
N GLN UA 211 -37.10 34.75 -86.83
CA GLN UA 211 -36.48 33.44 -86.96
C GLN UA 211 -36.01 33.14 -88.38
N VAL UA 212 -34.70 33.06 -88.56
CA VAL UA 212 -34.09 32.90 -89.89
C VAL UA 212 -33.47 31.52 -90.09
N THR UA 213 -33.96 30.78 -91.07
CA THR UA 213 -33.44 29.44 -91.37
C THR UA 213 -32.34 29.49 -92.43
N VAL UA 214 -31.11 29.20 -92.04
CA VAL UA 214 -30.02 29.14 -93.00
C VAL UA 214 -29.64 27.69 -93.28
N ARG UA 215 -29.87 27.24 -94.51
CA ARG UA 215 -29.41 25.93 -94.93
C ARG UA 215 -27.91 26.02 -95.23
N MET UA 216 -27.13 25.13 -94.63
CA MET UA 216 -25.72 25.13 -95.01
C MET UA 216 -25.07 23.75 -95.12
N HIS UA 217 -24.18 23.69 -96.11
CA HIS UA 217 -23.42 22.53 -96.53
C HIS UA 217 -21.98 22.77 -96.11
N THR UA 218 -21.35 21.78 -95.49
CA THR UA 218 -20.13 22.04 -94.74
C THR UA 218 -19.14 20.86 -94.74
N ARG UA 219 -17.89 21.16 -94.41
CA ARG UA 219 -16.86 20.16 -94.19
C ARG UA 219 -16.28 20.31 -92.78
N GLN UA 220 -16.51 19.30 -91.95
CA GLN UA 220 -16.19 19.37 -90.52
C GLN UA 220 -15.43 18.14 -90.01
N THR UA 221 -14.57 18.34 -89.02
CA THR UA 221 -13.89 17.22 -88.37
C THR UA 221 -14.30 17.12 -86.90
N LEU UA 222 -14.99 16.05 -86.54
CA LEU UA 222 -15.47 15.86 -85.17
C LEU UA 222 -14.87 14.61 -84.49
N ALA UA 223 -14.27 14.82 -83.33
CA ALA UA 223 -13.77 13.71 -82.53
C ALA UA 223 -14.23 13.88 -81.08
N ILE UA 224 -15.01 12.91 -80.59
CA ILE UA 224 -15.41 12.92 -79.19
C ILE UA 224 -14.63 11.87 -78.39
N TYR UA 225 -13.95 12.34 -77.34
CA TYR UA 225 -13.21 11.46 -76.48
C TYR UA 225 -13.97 11.23 -75.17
N ASP UA 226 -13.85 10.00 -74.66
CA ASP UA 226 -14.46 9.62 -73.40
C ASP UA 226 -13.68 10.13 -72.20
N ARG UA 227 -14.35 10.23 -71.05
CA ARG UA 227 -13.77 10.92 -69.89
C ARG UA 227 -12.46 10.29 -69.42
N PHE UA 228 -12.15 9.10 -69.89
CA PHE UA 228 -10.85 8.50 -69.62
C PHE UA 228 -9.87 8.78 -70.76
N GLY UA 229 -10.31 9.56 -71.73
CA GLY UA 229 -9.42 10.06 -72.77
C GLY UA 229 -9.31 9.12 -73.94
N ARG UA 230 -10.16 8.09 -73.97
CA ARG UA 230 -10.12 7.12 -75.04
C ARG UA 230 -11.21 7.41 -76.05
N LEU UA 231 -10.84 7.39 -77.33
CA LEU UA 231 -11.70 7.82 -78.43
C LEU UA 231 -13.06 7.13 -78.42
N MET UA 232 -14.10 7.88 -78.74
CA MET UA 232 -15.47 7.39 -78.63
C MET UA 232 -16.21 7.46 -79.96
N TYR UA 233 -16.35 8.66 -80.52
CA TYR UA 233 -17.17 8.81 -81.72
C TYR UA 233 -16.45 8.69 -83.07
N GLY UA 234 -15.65 9.67 -83.46
CA GLY UA 234 -15.14 9.67 -84.82
C GLY UA 234 -13.75 10.23 -85.00
N GLN UA 235 -13.13 9.95 -86.14
CA GLN UA 235 -11.73 10.30 -86.35
C GLN UA 235 -11.50 11.80 -86.37
N GLU UA 236 -10.26 12.20 -86.12
CA GLU UA 236 -9.88 13.61 -86.21
C GLU UA 236 -9.32 13.99 -87.58
N ASP UA 237 -9.02 12.96 -88.39
CA ASP UA 237 -8.43 13.15 -89.71
C ASP UA 237 -9.41 13.17 -90.89
N VAL UA 238 -10.68 12.84 -90.65
CA VAL UA 238 -11.65 12.80 -91.74
C VAL UA 238 -12.45 14.09 -91.84
N PRO UA 239 -12.22 14.86 -92.91
CA PRO UA 239 -13.05 16.05 -93.18
C PRO UA 239 -14.41 15.64 -93.74
N ARG UA 240 -15.33 15.28 -92.85
CA ARG UA 240 -16.62 14.72 -93.24
C ARG UA 240 -17.62 15.80 -93.67
N ASP UA 241 -18.43 15.48 -94.69
CA ASP UA 241 -19.38 16.43 -95.28
C ASP UA 241 -20.74 16.40 -94.59
N VAL UA 242 -21.21 17.57 -94.17
CA VAL UA 242 -22.47 17.68 -93.44
C VAL UA 242 -23.46 18.59 -94.14
N LEU UA 243 -24.75 18.30 -93.95
CA LEU UA 243 -25.79 19.19 -94.39
C LEU UA 243 -26.76 19.47 -93.24
N GLU UA 244 -26.80 20.72 -92.78
CA GLU UA 244 -27.61 21.05 -91.62
C GLU UA 244 -28.54 22.23 -91.87
N TYR UA 245 -29.76 22.13 -91.36
CA TYR UA 245 -30.66 23.27 -91.53
C TYR UA 245 -30.74 24.06 -90.24
N VAL UA 246 -30.10 25.21 -90.20
CA VAL UA 246 -29.87 25.88 -88.92
C VAL UA 246 -30.76 27.08 -88.67
N VAL UA 247 -31.62 26.96 -87.67
CA VAL UA 247 -32.53 28.03 -87.31
C VAL UA 247 -31.87 29.02 -86.36
N PHE UA 248 -32.06 30.30 -86.67
CA PHE UA 248 -31.56 31.39 -85.85
C PHE UA 248 -32.74 32.18 -85.31
N GLU UA 249 -32.54 32.87 -84.20
CA GLU UA 249 -33.58 33.67 -83.58
C GLU UA 249 -33.03 34.97 -83.04
N LYS UA 250 -33.86 36.01 -83.02
CA LYS UA 250 -33.50 37.25 -82.35
C LYS UA 250 -34.75 37.89 -81.74
N HIS UA 251 -34.59 38.42 -80.53
CA HIS UA 251 -35.64 39.21 -79.92
C HIS UA 251 -35.55 40.63 -80.48
N LEU UA 252 -36.70 41.19 -80.85
CA LEU UA 252 -36.75 42.47 -81.54
C LEU UA 252 -36.95 43.66 -80.59
N VAL UA 253 -38.06 43.66 -79.86
CA VAL UA 253 -38.38 44.71 -78.88
C VAL UA 253 -37.20 44.92 -77.90
N ASP UA 254 -36.46 43.85 -77.62
CA ASP UA 254 -35.21 43.93 -76.87
C ASP UA 254 -34.25 44.95 -77.49
N PRO UA 255 -33.79 45.92 -76.69
CA PRO UA 255 -32.84 46.92 -77.17
C PRO UA 255 -31.44 46.35 -77.45
N TYR UA 256 -31.10 45.23 -76.83
CA TYR UA 256 -29.76 44.66 -76.97
C TYR UA 256 -29.66 43.60 -78.07
N GLY UA 257 -30.81 43.16 -78.58
CA GLY UA 257 -30.94 42.64 -79.94
C GLY UA 257 -29.92 41.65 -80.48
N SER UA 258 -29.65 40.58 -79.73
CA SER UA 258 -28.66 39.61 -80.17
C SER UA 258 -29.18 38.69 -81.28
N TRP UA 259 -28.34 38.41 -82.27
CA TRP UA 259 -28.61 37.34 -83.23
C TRP UA 259 -28.01 36.05 -82.68
N ARG UA 260 -28.86 35.04 -82.51
CA ARG UA 260 -28.48 33.82 -81.81
C ARG UA 260 -28.75 32.57 -82.64
N MET UA 261 -28.16 31.46 -82.24
CA MET UA 261 -28.45 30.19 -82.90
C MET UA 261 -29.53 29.48 -82.11
N HIS UA 262 -30.71 29.36 -82.70
CA HIS UA 262 -31.85 28.82 -81.98
C HIS UA 262 -31.88 27.30 -82.02
N GLY UA 263 -31.96 26.73 -83.21
CA GLY UA 263 -32.15 25.29 -83.29
C GLY UA 263 -31.48 24.66 -84.49
N LYS UA 264 -31.51 23.33 -84.53
CA LYS UA 264 -30.92 22.59 -85.64
C LYS UA 264 -31.94 21.59 -86.16
N ILE UA 265 -32.38 21.78 -87.40
CA ILE UA 265 -33.32 20.85 -88.00
C ILE UA 265 -32.61 19.88 -88.96
N ILE UA 266 -32.95 18.62 -88.69
CA ILE UA 266 -32.59 17.44 -89.47
C ILE UA 266 -33.77 17.02 -90.34
N PRO UA 267 -33.52 16.86 -91.65
CA PRO UA 267 -34.51 16.38 -92.62
C PRO UA 267 -34.86 14.91 -92.41
N PRO UA 268 -36.08 14.49 -92.79
CA PRO UA 268 -36.51 13.09 -92.67
C PRO UA 268 -35.70 12.10 -93.52
N TRP UA 269 -35.13 12.56 -94.63
CA TRP UA 269 -34.34 11.68 -95.49
C TRP UA 269 -32.84 11.73 -95.18
N ALA UA 270 -32.46 12.52 -94.18
CA ALA UA 270 -31.05 12.78 -93.88
C ALA UA 270 -30.23 11.50 -93.76
N PRO UA 271 -29.02 11.50 -94.35
CA PRO UA 271 -28.10 10.35 -94.34
C PRO UA 271 -27.82 9.86 -92.93
N PRO UA 272 -27.92 8.55 -92.70
CA PRO UA 272 -27.63 7.99 -91.37
C PRO UA 272 -26.24 8.40 -90.89
N LYS UA 273 -26.17 8.94 -89.67
CA LYS UA 273 -24.93 9.44 -89.10
C LYS UA 273 -23.93 8.32 -88.96
N GLN UA 274 -22.64 8.65 -89.03
CA GLN UA 274 -21.57 7.64 -88.99
C GLN UA 274 -21.70 6.75 -87.76
N PRO UA 275 -21.30 5.47 -87.88
CA PRO UA 275 -21.52 4.48 -86.82
C PRO UA 275 -20.65 4.70 -85.61
N ILE UA 276 -21.11 4.20 -84.46
CA ILE UA 276 -20.38 4.28 -83.22
C ILE UA 276 -19.20 3.32 -83.24
N LEU UA 277 -18.23 3.54 -82.36
CA LEU UA 277 -17.12 2.62 -82.23
C LEU UA 277 -17.53 1.37 -81.44
N LYS UA 278 -17.97 1.56 -80.21
CA LYS UA 278 -18.32 0.43 -79.37
C LYS UA 278 -19.60 -0.31 -79.78
N THR UA 279 -19.63 -1.58 -79.41
CA THR UA 279 -20.76 -2.48 -79.51
C THR UA 279 -21.83 -2.16 -78.46
N VAL UA 280 -23.10 -2.21 -78.84
CA VAL UA 280 -24.17 -1.89 -77.89
C VAL UA 280 -25.24 -2.97 -77.80
N MET UA 281 -25.71 -3.27 -76.59
CA MET UA 281 -26.74 -4.29 -76.42
C MET UA 281 -28.10 -3.72 -75.99
N ILE UA 282 -29.16 -4.21 -76.62
CA ILE UA 282 -30.51 -3.78 -76.29
C ILE UA 282 -31.30 -4.93 -75.69
N PRO UA 283 -31.61 -4.82 -74.39
CA PRO UA 283 -32.26 -5.93 -73.67
C PRO UA 283 -33.72 -6.12 -74.07
N GLY UA 284 -34.20 -7.36 -74.00
CA GLY UA 284 -35.60 -7.66 -74.23
C GLY UA 284 -36.40 -7.26 -73.00
N PRO UA 285 -37.74 -7.35 -73.07
CA PRO UA 285 -38.56 -6.86 -71.96
C PRO UA 285 -38.34 -7.67 -70.68
N GLN UA 286 -38.14 -6.97 -69.57
CA GLN UA 286 -37.88 -7.62 -68.28
C GLN UA 286 -39.15 -8.29 -67.79
N LEU UA 287 -39.05 -9.59 -67.51
CA LEU UA 287 -40.24 -10.36 -67.18
C LEU UA 287 -40.28 -10.76 -65.72
N LYS UA 288 -41.45 -10.59 -65.10
CA LYS UA 288 -41.71 -11.13 -63.78
C LYS UA 288 -41.92 -12.64 -63.94
N PRO UA 289 -42.05 -13.41 -62.84
CA PRO UA 289 -42.11 -14.87 -63.06
C PRO UA 289 -43.30 -15.38 -63.87
N TRP UA 290 -44.51 -14.94 -63.56
CA TRP UA 290 -45.73 -15.50 -64.15
C TRP UA 290 -46.06 -14.95 -65.53
N GLU UA 291 -45.27 -13.98 -65.98
CA GLU UA 291 -45.52 -13.35 -67.28
C GLU UA 291 -44.74 -14.05 -68.40
N GLU UA 292 -45.46 -14.67 -69.34
CA GLU UA 292 -44.84 -15.38 -70.45
C GLU UA 292 -44.42 -14.43 -71.58
N PHE UA 293 -43.38 -14.82 -72.30
CA PHE UA 293 -42.87 -14.00 -73.40
C PHE UA 293 -43.72 -14.16 -74.67
N GLU UA 294 -43.85 -13.07 -75.42
CA GLU UA 294 -44.62 -13.04 -76.66
C GLU UA 294 -43.84 -12.39 -77.81
N GLU UA 295 -43.64 -13.14 -78.90
CA GLU UA 295 -42.79 -12.70 -80.01
C GLU UA 295 -43.57 -12.20 -81.23
N PRO UA 296 -43.41 -10.90 -81.58
CA PRO UA 296 -44.00 -10.39 -82.81
C PRO UA 296 -43.21 -10.81 -84.06
N GLN UA 297 -43.87 -10.81 -85.23
CA GLN UA 297 -43.21 -11.11 -86.50
C GLN UA 297 -43.12 -9.86 -87.40
N SER VA 43 80.16 -29.82 65.59
CA SER VA 43 79.92 -28.77 66.59
C SER VA 43 78.93 -29.23 67.66
N PRO VA 44 79.43 -30.00 68.65
CA PRO VA 44 78.56 -30.46 69.74
C PRO VA 44 78.09 -29.28 70.61
N TRP VA 45 76.82 -29.32 71.01
CA TRP VA 45 76.25 -28.23 71.80
C TRP VA 45 75.82 -28.66 73.18
N ARG VA 46 76.44 -28.06 74.19
CA ARG VA 46 76.10 -28.32 75.58
C ARG VA 46 74.92 -27.44 76.00
N LEU VA 47 73.84 -28.08 76.43
CA LEU VA 47 72.58 -27.40 76.70
C LEU VA 47 72.38 -27.13 78.19
N LEU VA 48 72.46 -25.86 78.57
CA LEU VA 48 72.24 -25.47 79.95
C LEU VA 48 71.23 -24.33 80.06
N GLY VA 49 70.08 -24.61 80.66
CA GLY VA 49 69.14 -23.56 81.02
C GLY VA 49 69.68 -22.84 82.26
N ALA VA 50 69.11 -21.68 82.58
CA ALA VA 50 69.56 -20.89 83.72
C ALA VA 50 68.43 -20.00 84.23
N LEU VA 51 68.58 -19.46 85.43
CA LEU VA 51 67.49 -18.68 86.01
C LEU VA 51 67.92 -17.42 86.77
N CYS VA 52 67.26 -16.31 86.47
CA CYS VA 52 67.35 -15.07 87.23
C CYS VA 52 66.13 -14.99 88.16
N LEU VA 53 66.38 -15.08 89.47
CA LEU VA 53 65.30 -15.18 90.44
C LEU VA 53 65.05 -13.86 91.17
N GLN VA 54 63.90 -13.23 90.88
CA GLN VA 54 63.62 -11.89 91.41
C GLN VA 54 62.67 -11.92 92.61
N ARG VA 55 63.18 -11.40 93.73
CA ARG VA 55 62.37 -11.19 94.93
C ARG VA 55 61.71 -9.82 94.85
N PRO VA 56 60.40 -9.73 95.14
CA PRO VA 56 59.68 -8.44 95.13
C PRO VA 56 60.12 -7.48 96.23
N PRO VA 57 60.42 -6.22 95.87
CA PRO VA 57 60.63 -5.23 96.94
C PRO VA 57 59.34 -5.04 97.74
N LEU VA 58 59.46 -5.14 99.06
CA LEU VA 58 58.30 -5.21 99.94
C LEU VA 58 57.79 -3.83 100.36
N VAL VA 59 58.64 -3.05 101.00
CA VAL VA 59 58.25 -1.74 101.50
C VAL VA 59 58.90 -0.60 100.67
N THR VA 60 58.17 0.49 100.51
CA THR VA 60 58.59 1.64 99.70
C THR VA 60 59.82 2.36 100.24
N LYS VA 61 60.52 3.06 99.35
CA LYS VA 61 61.76 3.76 99.69
C LYS VA 61 61.50 5.17 100.24
N PRO VA 62 62.45 5.68 101.05
CA PRO VA 62 62.41 7.10 101.45
C PRO VA 62 62.67 8.00 100.25
N LEU VA 63 62.33 9.28 100.38
CA LEU VA 63 62.33 10.18 99.24
C LEU VA 63 63.59 11.07 99.15
N THR VA 64 64.05 11.25 97.91
CA THR VA 64 65.12 12.19 97.55
C THR VA 64 64.77 13.58 98.08
N PRO VA 65 65.78 14.38 98.51
CA PRO VA 65 65.53 15.74 99.02
C PRO VA 65 64.62 16.55 98.12
N LEU VA 66 64.88 16.46 96.82
CA LEU VA 66 64.09 17.14 95.79
C LEU VA 66 62.65 16.65 95.78
N GLN VA 67 62.48 15.33 95.80
CA GLN VA 67 61.14 14.71 95.85
C GLN VA 67 60.39 15.11 97.11
N GLU VA 68 61.13 15.38 98.17
CA GLU VA 68 60.54 15.78 99.45
C GLU VA 68 60.06 17.22 99.43
N GLU VA 69 60.91 18.12 98.92
CA GLU VA 69 60.53 19.51 98.77
C GLU VA 69 59.32 19.63 97.83
N MET VA 70 59.33 18.82 96.79
CA MET VA 70 58.22 18.76 95.83
C MET VA 70 56.95 18.19 96.46
N ALA VA 71 57.10 17.20 97.33
CA ALA VA 71 55.97 16.64 98.05
C ALA VA 71 55.34 17.70 98.95
N ASP VA 72 56.20 18.48 99.60
CA ASP VA 72 55.76 19.63 100.42
C ASP VA 72 54.95 20.60 99.57
N LEU VA 73 55.55 21.02 98.46
CA LEU VA 73 54.89 21.96 97.55
C LEU VA 73 53.52 21.44 97.09
N LEU VA 74 53.45 20.16 96.74
CA LEU VA 74 52.20 19.56 96.28
C LEU VA 74 51.16 19.52 97.39
N GLN VA 75 51.61 19.27 98.62
CA GLN VA 75 50.73 19.34 99.79
C GLN VA 75 50.12 20.74 99.88
N GLN VA 76 50.99 21.74 99.98
CA GLN VA 76 50.58 23.13 100.12
C GLN VA 76 49.59 23.56 99.04
N ILE VA 77 49.99 23.37 97.78
CA ILE VA 77 49.16 23.80 96.64
C ILE VA 77 47.87 22.99 96.53
N GLU VA 78 47.89 21.75 97.02
CA GLU VA 78 46.67 20.94 97.02
C GLU VA 78 45.68 21.49 98.03
N ILE VA 79 46.20 21.86 99.20
CA ILE VA 79 45.34 22.38 100.26
C ILE VA 79 44.97 23.85 99.99
N GLU VA 80 45.64 24.48 99.03
CA GLU VA 80 45.35 25.87 98.68
C GLU VA 80 44.10 26.02 97.81
N ARG VA 81 43.90 25.09 96.88
CA ARG VA 81 42.73 25.14 96.00
C ARG VA 81 41.55 24.37 96.58
N SER VA 82 41.79 23.66 97.67
CA SER VA 82 40.78 22.77 98.26
C SER VA 82 39.52 23.51 98.73
N LEU VA 83 38.38 22.84 98.63
CA LEU VA 83 37.10 23.43 99.00
C LEU VA 83 36.64 22.96 100.38
N TYR VA 84 36.60 23.90 101.32
CA TYR VA 84 36.21 23.70 102.73
C TYR VA 84 36.83 22.46 103.38
N SER VA 85 36.15 21.89 104.36
CA SER VA 85 36.26 20.50 104.80
C SER VA 85 35.02 20.29 105.65
N ASP VA 86 34.57 19.06 105.87
CA ASP VA 86 33.44 18.89 106.77
C ASP VA 86 33.92 19.13 108.20
N HIS VA 87 35.04 18.49 108.52
CA HIS VA 87 35.74 18.68 109.77
C HIS VA 87 36.05 20.15 110.05
N GLU VA 88 36.48 20.86 109.01
CA GLU VA 88 36.85 22.28 109.15
C GLU VA 88 35.64 23.21 109.14
N LEU VA 89 34.54 22.77 108.52
CA LEU VA 89 33.28 23.50 108.62
C LEU VA 89 32.79 23.47 110.06
N ARG VA 90 32.85 22.28 110.66
CA ARG VA 90 32.41 22.12 112.04
C ARG VA 90 33.42 22.67 113.07
N ALA VA 91 34.68 22.82 112.66
CA ALA VA 91 35.68 23.48 113.50
C ALA VA 91 35.53 25.01 113.49
N LEU VA 92 35.46 25.59 112.28
CA LEU VA 92 35.42 27.03 112.12
C LEU VA 92 34.05 27.64 112.45
N ASP VA 93 32.99 27.03 111.93
CA ASP VA 93 31.63 27.54 112.19
C ASP VA 93 31.32 27.54 113.68
N GLU VA 94 31.80 26.54 114.40
CA GLU VA 94 31.58 26.46 115.85
C GLU VA 94 32.56 27.34 116.65
N ALA VA 95 33.79 27.50 116.15
CA ALA VA 95 34.72 28.46 116.77
C ALA VA 95 34.16 29.89 116.69
N GLN VA 96 33.45 30.19 115.60
CA GLN VA 96 32.80 31.50 115.42
C GLN VA 96 31.47 31.65 116.15
N GLN VA 97 30.65 30.60 116.13
CA GLN VA 97 29.32 30.62 116.73
C GLN VA 97 29.36 30.54 118.27
N LEU VA 98 30.35 29.86 118.82
CA LEU VA 98 30.49 29.80 120.29
C LEU VA 98 30.88 31.17 120.87
N ALA VA 99 31.63 31.96 120.09
CA ALA VA 99 31.96 33.33 120.46
C ALA VA 99 30.71 34.23 120.43
N LYS VA 100 29.69 33.80 119.68
CA LYS VA 100 28.39 34.48 119.66
C LYS VA 100 27.38 33.89 120.65
N LYS VA 101 27.67 32.71 121.22
CA LYS VA 101 26.87 32.16 122.34
C LYS VA 101 27.43 32.53 123.72
N LYS VA 102 28.68 33.00 123.77
CA LYS VA 102 29.29 33.49 125.01
C LYS VA 102 28.88 34.92 125.34
N SER VA 103 28.95 35.80 124.34
CA SER VA 103 28.72 37.24 124.53
C SER VA 103 27.23 37.61 124.64
N ASP VA 104 26.38 36.89 123.90
CA ASP VA 104 24.94 37.13 123.91
C ASP VA 104 24.29 36.48 125.12
N LEU VA 116 33.06 18.43 119.76
CA LEU VA 116 33.51 19.49 118.86
C LEU VA 116 34.62 18.98 117.95
N ALA VA 117 35.40 19.89 117.38
CA ALA VA 117 36.52 19.52 116.53
C ALA VA 117 37.75 19.12 117.35
N GLN VA 118 38.04 19.89 118.40
CA GLN VA 118 39.21 19.67 119.24
C GLN VA 118 39.21 18.30 119.89
N ASP VA 119 38.02 17.87 120.33
CA ASP VA 119 37.83 16.54 120.92
C ASP VA 119 38.29 15.46 119.95
N LEU VA 120 37.77 15.51 118.73
CA LEU VA 120 38.14 14.58 117.67
C LEU VA 120 39.64 14.63 117.39
N GLU VA 121 40.18 15.84 117.30
CA GLU VA 121 41.61 16.04 117.06
C GLU VA 121 42.45 15.27 118.08
N ASP VA 122 42.20 15.53 119.36
CA ASP VA 122 42.99 14.94 120.43
C ASP VA 122 42.77 13.43 120.52
N MET VA 123 41.53 12.99 120.27
CA MET VA 123 41.20 11.57 120.21
C MET VA 123 42.05 10.83 119.18
N TRP VA 124 42.09 11.38 117.96
CA TRP VA 124 42.83 10.76 116.88
C TRP VA 124 44.34 10.85 117.14
N GLU VA 125 44.76 11.94 117.76
CA GLU VA 125 46.15 12.12 118.20
C GLU VA 125 46.58 10.98 119.11
N GLN VA 126 45.82 10.73 120.18
CA GLN VA 126 46.16 9.70 121.14
C GLN VA 126 46.02 8.27 120.57
N LYS VA 127 45.02 8.05 119.73
CA LYS VA 127 44.81 6.72 119.14
C LYS VA 127 45.91 6.39 118.14
N PHE VA 128 46.47 7.41 117.50
CA PHE VA 128 47.61 7.23 116.61
C PHE VA 128 48.90 7.04 117.43
N LEU VA 129 49.11 7.88 118.44
CA LEU VA 129 50.34 7.87 119.24
C LEU VA 129 50.49 6.58 120.05
N HIS VA 130 49.38 6.08 120.60
CA HIS VA 130 49.37 4.83 121.36
C HIS VA 130 49.84 3.66 120.50
N PHE VA 131 49.34 3.61 119.26
CA PHE VA 131 49.65 2.52 118.34
C PHE VA 131 51.10 2.58 117.88
N LYS VA 132 51.67 1.42 117.59
CA LYS VA 132 53.06 1.31 117.15
C LYS VA 132 53.15 0.47 115.88
N LEU VA 133 54.22 0.68 115.11
CA LEU VA 133 54.31 0.09 113.77
C LEU VA 133 55.51 -0.83 113.59
N GLY VA 134 55.43 -1.67 112.55
CA GLY VA 134 56.48 -2.60 112.20
C GLY VA 134 57.75 -1.89 111.78
N ALA VA 135 58.89 -2.52 112.07
CA ALA VA 135 60.20 -1.94 111.76
C ALA VA 135 60.46 -1.92 110.26
N ARG VA 136 60.95 -0.79 109.78
CA ARG VA 136 61.31 -0.64 108.38
C ARG VA 136 62.60 -1.39 108.08
N LEU VA 137 63.44 -1.59 109.10
CA LEU VA 137 64.66 -2.36 108.93
C LEU VA 137 64.64 -3.67 109.72
N THR VA 138 64.43 -4.78 108.99
CA THR VA 138 64.65 -6.14 109.50
C THR VA 138 65.99 -6.67 109.01
N GLU VA 139 66.74 -5.82 108.31
CA GLU VA 139 68.06 -6.16 107.76
C GLU VA 139 69.20 -5.68 108.65
N ALA VA 140 69.30 -4.35 108.82
CA ALA VA 140 70.41 -3.73 109.53
C ALA VA 140 70.35 -3.87 111.06
N ASP VA 141 69.24 -4.34 111.60
CA ASP VA 141 69.21 -4.72 113.01
C ASP VA 141 69.93 -6.05 113.15
N LYS VA 142 69.77 -6.92 112.15
CA LYS VA 142 70.64 -8.09 111.99
C LYS VA 142 71.99 -7.64 111.45
N LYS VA 143 71.95 -6.91 110.34
CA LYS VA 143 73.13 -6.33 109.68
C LYS VA 143 74.09 -7.38 109.10
N ASP VA 144 73.81 -8.65 109.38
CA ASP VA 144 74.71 -9.73 109.00
C ASP VA 144 74.25 -10.46 107.75
N ASP VA 145 73.09 -11.11 107.86
CA ASP VA 145 72.64 -12.11 106.88
C ASP VA 145 72.46 -11.58 105.46
N ARG VA 146 73.20 -12.18 104.52
CA ARG VA 146 72.90 -12.06 103.10
C ARG VA 146 72.04 -13.24 102.69
N THR VA 147 71.94 -14.23 103.58
CA THR VA 147 71.30 -15.50 103.28
C THR VA 147 69.84 -15.54 103.76
N SER VA 148 69.40 -14.44 104.38
CA SER VA 148 68.02 -14.34 104.81
C SER VA 148 67.15 -13.77 103.68
N LEU VA 149 66.02 -14.43 103.45
CA LEU VA 149 65.06 -14.04 102.41
C LEU VA 149 64.22 -12.85 102.88
N HIS VA 150 64.27 -12.60 104.17
CA HIS VA 150 63.53 -11.50 104.79
C HIS VA 150 64.39 -10.23 104.92
N ARG VA 151 65.60 -10.29 104.36
CA ARG VA 151 66.60 -9.24 104.56
C ARG VA 151 66.15 -7.82 104.17
N LYS VA 152 66.05 -7.54 102.87
CA LYS VA 152 65.80 -6.16 102.41
C LYS VA 152 64.36 -5.95 101.98
N LEU VA 153 63.70 -5.01 102.66
CA LEU VA 153 62.32 -4.66 102.33
C LEU VA 153 62.22 -3.68 101.15
N ASP VA 154 63.21 -2.79 101.03
CA ASP VA 154 63.13 -1.71 100.06
C ASP VA 154 63.39 -2.15 98.62
N ARG VA 155 64.42 -2.96 98.40
CA ARG VA 155 64.82 -3.32 97.05
C ARG VA 155 64.32 -4.68 96.61
N ASN VA 156 64.59 -5.03 95.36
CA ASN VA 156 64.35 -6.38 94.87
C ASN VA 156 65.60 -7.22 95.12
N LEU VA 157 65.39 -8.50 95.45
CA LEU VA 157 66.51 -9.38 95.77
C LEU VA 157 66.63 -10.54 94.80
N ILE VA 158 67.84 -11.07 94.68
CA ILE VA 158 68.13 -12.14 93.74
C ILE VA 158 68.95 -13.25 94.44
N LEU VA 159 68.78 -14.48 93.97
CA LEU VA 159 69.38 -15.66 94.58
C LEU VA 159 70.73 -16.04 93.97
N LEU VA 160 71.73 -16.29 94.82
CA LEU VA 160 73.01 -16.84 94.38
C LEU VA 160 73.34 -18.11 95.16
N VAL VA 161 74.16 -18.99 94.58
CA VAL VA 161 74.50 -20.26 95.22
C VAL VA 161 76.01 -20.50 95.16
N ARG VA 162 76.53 -21.30 96.10
CA ARG VA 162 77.95 -21.66 96.12
C ARG VA 162 78.14 -23.14 95.75
N GLU VA 163 78.98 -23.38 94.73
CA GLU VA 163 79.34 -24.74 94.33
C GLU VA 163 80.83 -24.84 94.05
N LYS VA 164 81.49 -25.90 94.51
CA LYS VA 164 82.85 -26.17 94.07
C LYS VA 164 82.88 -27.50 93.32
N LEU VA 165 83.05 -27.45 92.00
CA LEU VA 165 83.02 -28.68 91.21
C LEU VA 165 84.42 -29.27 91.08
N GLY VA 166 84.48 -30.47 90.51
CA GLY VA 166 85.71 -31.27 90.47
C GLY VA 166 86.89 -30.54 89.87
N ASP VA 167 86.69 -29.98 88.68
CA ASP VA 167 87.70 -29.18 88.00
C ASP VA 167 87.51 -27.67 88.22
N GLN VA 168 86.49 -27.27 88.97
CA GLN VA 168 86.09 -25.86 88.97
C GLN VA 168 85.72 -25.23 90.32
N ASP VA 169 85.75 -23.91 90.36
CA ASP VA 169 85.24 -23.11 91.47
C ASP VA 169 84.11 -22.21 90.99
N ILE VA 170 82.89 -22.49 91.44
CA ILE VA 170 81.69 -21.87 90.88
C ILE VA 170 80.85 -21.05 91.87
N TRP VA 171 80.82 -19.74 91.68
CA TRP VA 171 79.81 -18.89 92.32
C TRP VA 171 78.70 -18.69 91.30
N MET VA 172 77.50 -19.16 91.64
CA MET VA 172 76.51 -19.51 90.62
C MET VA 172 75.14 -18.86 90.76
N LEU VA 173 74.76 -18.04 89.78
CA LEU VA 173 73.36 -17.67 89.63
C LEU VA 173 72.64 -18.95 89.19
N PRO VA 174 71.58 -19.36 89.93
CA PRO VA 174 71.10 -20.75 89.91
C PRO VA 174 70.89 -21.30 88.49
N GLN VA 175 71.49 -22.45 88.22
CA GLN VA 175 71.57 -22.98 86.87
C GLN VA 175 70.80 -24.27 86.73
N SER VA 176 70.41 -24.56 85.49
CA SER VA 176 69.64 -25.73 85.17
C SER VA 176 70.39 -26.57 84.13
N ASP VA 177 69.99 -27.83 83.99
CA ASP VA 177 70.49 -28.67 82.91
C ASP VA 177 69.31 -29.30 82.18
N TRP VA 178 69.14 -28.95 80.92
CA TRP VA 178 67.97 -29.41 80.19
C TRP VA 178 68.32 -30.41 79.09
N GLN VA 179 67.64 -31.56 79.13
CA GLN VA 179 67.71 -32.56 78.09
C GLN VA 179 67.01 -32.04 76.84
N PRO VA 180 67.53 -32.36 75.63
CA PRO VA 180 66.99 -31.89 74.34
C PRO VA 180 65.47 -32.05 74.16
N GLY VA 181 64.86 -33.06 74.79
CA GLY VA 181 63.43 -33.26 74.70
C GLY VA 181 62.58 -32.33 75.54
N GLU VA 182 63.19 -31.76 76.59
CA GLU VA 182 62.56 -30.77 77.47
C GLU VA 182 62.47 -29.37 76.85
N THR VA 183 61.57 -28.55 77.40
CA THR VA 183 61.50 -27.12 77.10
C THR VA 183 62.30 -26.35 78.15
N LEU VA 184 62.96 -25.27 77.75
CA LEU VA 184 63.71 -24.41 78.67
C LEU VA 184 62.86 -23.96 79.87
N ARG VA 185 61.60 -23.68 79.60
CA ARG VA 185 60.61 -23.36 80.62
C ARG VA 185 60.50 -24.42 81.72
N GLN VA 186 60.08 -25.62 81.30
CA GLN VA 186 59.89 -26.76 82.19
C GLN VA 186 61.13 -27.05 83.05
N THR VA 187 62.31 -26.95 82.44
CA THR VA 187 63.58 -27.19 83.14
C THR VA 187 63.91 -26.05 84.11
N ALA VA 188 63.55 -24.83 83.74
CA ALA VA 188 63.65 -23.68 84.64
C ALA VA 188 62.86 -23.97 85.92
N GLU VA 189 61.56 -24.17 85.78
CA GLU VA 189 60.68 -24.46 86.92
C GLU VA 189 61.13 -25.67 87.76
N ARG VA 190 61.38 -26.78 87.06
CA ARG VA 190 61.85 -28.02 87.67
C ARG VA 190 63.10 -27.81 88.51
N THR VA 191 64.12 -27.20 87.91
CA THR VA 191 65.39 -26.91 88.59
C THR VA 191 65.17 -26.00 89.81
N LEU VA 192 64.32 -25.00 89.65
CA LEU VA 192 63.93 -24.14 90.75
C LEU VA 192 63.39 -24.91 91.96
N ALA VA 193 62.27 -25.59 91.77
CA ALA VA 193 61.60 -26.31 92.86
C ALA VA 193 62.46 -27.44 93.45
N THR VA 194 63.27 -28.09 92.61
CA THR VA 194 64.10 -29.21 93.06
C THR VA 194 65.36 -28.80 93.82
N LEU VA 195 66.12 -27.84 93.27
CA LEU VA 195 67.42 -27.47 93.83
C LEU VA 195 67.36 -26.86 95.24
N SER VA 196 66.48 -25.89 95.42
CA SER VA 196 66.44 -25.10 96.65
C SER VA 196 65.83 -25.84 97.85
N GLU VA 197 65.26 -27.01 97.60
CA GLU VA 197 64.59 -27.81 98.64
C GLU VA 197 63.47 -27.02 99.31
N ASN VA 198 62.80 -26.16 98.55
CA ASN VA 198 61.79 -25.28 99.11
C ASN VA 198 60.51 -25.25 98.28
N ASN VA 199 59.39 -24.87 98.91
CA ASN VA 199 58.13 -24.76 98.19
C ASN VA 199 57.91 -23.33 97.73
N MET VA 200 58.04 -23.08 96.43
CA MET VA 200 58.03 -21.71 95.93
C MET VA 200 56.88 -21.45 94.96
N GLU VA 201 56.06 -20.46 95.29
CA GLU VA 201 55.13 -19.92 94.32
C GLU VA 201 55.83 -18.73 93.69
N ALA VA 202 56.20 -18.90 92.43
CA ALA VA 202 56.86 -17.88 91.63
C ALA VA 202 56.18 -17.79 90.27
N LYS VA 203 55.55 -16.65 89.99
CA LYS VA 203 54.85 -16.47 88.74
C LYS VA 203 55.84 -16.06 87.67
N PHE VA 204 56.01 -16.92 86.67
CA PHE VA 204 56.89 -16.61 85.54
C PHE VA 204 56.20 -15.66 84.59
N LEU VA 205 56.97 -14.87 83.85
CA LEU VA 205 56.39 -13.91 82.94
C LEU VA 205 56.14 -14.50 81.55
N GLY VA 206 57.20 -14.63 80.75
CA GLY VA 206 57.05 -15.09 79.38
C GLY VA 206 57.57 -16.49 79.11
N ASN VA 207 57.32 -16.97 77.89
CA ASN VA 207 57.93 -18.20 77.43
C ASN VA 207 59.27 -17.87 76.77
N ALA VA 208 59.51 -16.57 76.61
CA ALA VA 208 60.78 -16.07 76.09
C ALA VA 208 61.76 -15.80 77.22
N PRO VA 209 63.05 -16.13 77.02
CA PRO VA 209 64.12 -16.01 78.00
C PRO VA 209 64.68 -14.58 78.18
N CYS VA 210 65.31 -14.33 79.32
CA CYS VA 210 65.83 -13.01 79.65
C CYS VA 210 67.18 -12.70 78.98
N GLY VA 211 68.24 -13.43 79.34
CA GLY VA 211 69.51 -13.17 78.68
C GLY VA 211 70.48 -14.34 78.60
N HIS VA 212 71.33 -14.35 77.57
CA HIS VA 212 72.07 -15.57 77.21
C HIS VA 212 73.57 -15.35 77.09
N TYR VA 213 74.34 -16.29 77.63
CA TYR VA 213 75.80 -16.20 77.63
C TYR VA 213 76.48 -17.55 77.34
N LYS VA 214 77.33 -17.56 76.32
CA LYS VA 214 77.92 -18.81 75.81
C LYS VA 214 79.39 -19.01 76.22
N PHE VA 215 79.67 -20.19 76.76
CA PHE VA 215 81.05 -20.63 76.99
C PHE VA 215 81.40 -21.79 76.06
N LYS VA 216 82.28 -21.54 75.11
CA LYS VA 216 82.64 -22.59 74.15
C LYS VA 216 84.06 -23.11 74.39
N PHE VA 217 84.15 -24.39 74.76
CA PHE VA 217 85.43 -25.04 75.04
C PHE VA 217 86.12 -25.51 73.76
N LEU VA 227 83.78 -28.52 71.70
CA LEU VA 227 82.49 -28.27 72.32
C LEU VA 227 82.01 -26.83 72.08
N GLY VA 228 80.74 -26.59 72.37
CA GLY VA 228 80.17 -25.27 72.44
C GLY VA 228 79.05 -25.40 73.43
N ALA VA 229 78.68 -24.32 74.10
CA ALA VA 229 77.72 -24.41 75.18
C ALA VA 229 76.95 -23.11 75.39
N LYS VA 230 75.81 -23.21 76.07
CA LYS VA 230 74.89 -22.09 76.21
C LYS VA 230 74.37 -21.95 77.64
N VAL VA 231 74.28 -20.72 78.14
CA VAL VA 231 73.62 -20.44 79.41
C VAL VA 231 72.45 -19.49 79.19
N PHE VA 232 71.22 -19.99 79.34
CA PHE VA 232 70.02 -19.19 79.06
C PHE VA 232 69.28 -18.79 80.34
N PHE VA 233 69.36 -17.51 80.68
CA PHE VA 233 68.77 -16.98 81.91
C PHE VA 233 67.32 -16.54 81.71
N PHE VA 234 66.47 -16.98 82.62
CA PHE VA 234 65.03 -16.73 82.60
C PHE VA 234 64.66 -15.82 83.77
N LYS VA 235 63.55 -15.12 83.65
CA LYS VA 235 63.08 -14.30 84.76
C LYS VA 235 61.89 -14.95 85.47
N ALA VA 236 62.03 -15.15 86.78
CA ALA VA 236 60.96 -15.67 87.61
C ALA VA 236 60.60 -14.67 88.71
N LEU VA 237 59.31 -14.35 88.80
CA LEU VA 237 58.83 -13.39 89.78
C LEU VA 237 58.28 -14.11 91.01
N LEU VA 238 58.94 -13.94 92.15
CA LEU VA 238 58.61 -14.70 93.35
C LEU VA 238 57.40 -14.18 94.11
N LEU VA 239 56.37 -15.01 94.23
CA LEU VA 239 55.19 -14.63 94.99
C LEU VA 239 55.42 -14.92 96.46
N THR VA 240 55.37 -16.21 96.81
CA THR VA 240 55.65 -16.64 98.19
C THR VA 240 56.55 -17.89 98.23
N GLY VA 241 57.77 -17.74 98.74
CA GLY VA 241 58.63 -18.88 98.99
C GLY VA 241 58.50 -19.42 100.40
N ASP VA 242 58.64 -20.74 100.53
CA ASP VA 242 58.71 -21.42 101.81
C ASP VA 242 60.03 -22.16 101.83
N PHE VA 243 61.00 -21.70 102.61
CA PHE VA 243 62.33 -22.29 102.56
C PHE VA 243 62.48 -23.39 103.62
N SER VA 244 62.58 -24.64 103.16
CA SER VA 244 62.73 -25.78 104.04
C SER VA 244 64.20 -26.00 104.39
N GLN VA 245 64.46 -26.32 105.66
CA GLN VA 245 65.82 -26.42 106.19
C GLN VA 245 66.54 -25.09 105.99
N ALA VA 246 66.13 -24.07 106.76
CA ALA VA 246 66.70 -22.74 106.69
C ALA VA 246 68.20 -22.70 106.98
N GLY VA 247 68.70 -23.74 107.64
CA GLY VA 247 70.11 -23.84 108.00
C GLY VA 247 70.93 -24.79 107.14
N LYS VA 248 70.47 -25.08 105.93
CA LYS VA 248 71.14 -26.04 105.05
C LYS VA 248 72.53 -25.55 104.60
N LYS VA 249 73.41 -26.50 104.28
CA LYS VA 249 74.82 -26.20 104.00
C LYS VA 249 75.04 -25.41 102.70
N GLY VA 250 74.29 -25.75 101.66
CA GLY VA 250 74.36 -25.02 100.41
C GLY VA 250 74.14 -23.55 100.64
N HIS VA 251 75.01 -22.71 100.10
CA HIS VA 251 75.00 -21.30 100.44
C HIS VA 251 74.11 -20.50 99.47
N HIS VA 252 72.97 -20.04 99.98
CA HIS VA 252 72.04 -19.26 99.18
C HIS VA 252 72.06 -17.80 99.63
N VAL VA 253 72.49 -16.92 98.75
CA VAL VA 253 72.69 -15.51 99.08
C VAL VA 253 71.62 -14.64 98.38
N TRP VA 254 70.77 -14.00 99.20
CA TRP VA 254 69.76 -13.07 98.69
C TRP VA 254 70.32 -11.65 98.66
N VAL VA 255 70.41 -11.09 97.46
CA VAL VA 255 71.30 -9.96 97.21
C VAL VA 255 70.69 -8.88 96.30
N SER VA 256 71.04 -7.61 96.58
CA SER VA 256 70.56 -6.47 95.80
C SER VA 256 71.41 -6.25 94.54
N LYS VA 257 71.23 -5.11 93.87
CA LYS VA 257 71.98 -4.80 92.65
C LYS VA 257 73.47 -4.58 92.91
N GLU VA 258 73.78 -3.71 93.88
CA GLU VA 258 75.17 -3.39 94.22
C GLU VA 258 75.93 -4.65 94.67
N GLU VA 259 75.26 -5.46 95.50
CA GLU VA 259 75.83 -6.71 95.98
C GLU VA 259 75.95 -7.76 94.87
N LEU VA 260 75.03 -7.73 93.90
CA LEU VA 260 75.12 -8.61 92.74
C LEU VA 260 76.31 -8.20 91.88
N GLY VA 261 76.63 -6.91 91.90
CA GLY VA 261 77.83 -6.41 91.26
C GLY VA 261 79.07 -6.89 92.01
N ASP VA 262 78.97 -6.97 93.33
CA ASP VA 262 80.10 -7.37 94.19
C ASP VA 262 80.49 -8.85 94.11
N TYR VA 263 79.53 -9.74 94.35
CA TYR VA 263 79.82 -11.17 94.52
C TYR VA 263 80.11 -11.92 93.22
N LEU VA 264 79.94 -11.25 92.08
CA LEU VA 264 80.00 -11.95 90.80
C LEU VA 264 81.34 -11.76 90.09
N LYS VA 265 82.12 -12.84 90.10
CA LYS VA 265 83.38 -12.93 89.37
C LYS VA 265 83.24 -12.99 87.83
N PRO VA 266 82.40 -13.92 87.30
CA PRO VA 266 82.48 -14.21 85.87
C PRO VA 266 82.07 -13.03 84.97
N LYS VA 267 82.40 -13.13 83.69
CA LYS VA 267 81.88 -12.21 82.70
C LYS VA 267 80.54 -12.73 82.16
N TYR VA 268 80.23 -14.00 82.44
CA TYR VA 268 78.91 -14.57 82.08
C TYR VA 268 77.86 -14.11 83.07
N LEU VA 269 78.26 -13.99 84.33
CA LEU VA 269 77.37 -13.47 85.36
C LEU VA 269 77.54 -11.95 85.58
N ALA VA 270 78.54 -11.35 84.94
CA ALA VA 270 78.76 -9.90 85.03
C ALA VA 270 77.73 -9.13 84.19
N GLN VA 271 77.22 -9.78 83.15
CA GLN VA 271 76.28 -9.14 82.24
C GLN VA 271 74.83 -9.42 82.63
N VAL VA 272 74.63 -10.06 83.77
CA VAL VA 272 73.28 -10.28 84.29
C VAL VA 272 72.70 -8.98 84.87
N ARG VA 273 73.58 -8.13 85.42
CA ARG VA 273 73.17 -6.81 85.90
C ARG VA 273 72.87 -5.87 84.74
N ARG VA 274 73.11 -6.35 83.52
CA ARG VA 274 72.73 -5.61 82.31
C ARG VA 274 71.24 -5.77 81.97
N PHE VA 275 70.67 -6.97 82.16
CA PHE VA 275 69.22 -7.14 81.99
C PHE VA 275 68.46 -7.10 83.32
N LEU VA 276 69.19 -6.89 84.42
CA LEU VA 276 68.56 -6.75 85.73
C LEU VA 276 67.80 -5.43 85.81
N LEU VA 277 66.84 -5.35 86.72
CA LEU VA 277 66.11 -4.10 86.97
C LEU VA 277 66.82 -3.31 88.06
N ASP VA 278 67.41 -2.18 87.69
CA ASP VA 278 68.27 -1.45 88.61
C ASP VA 278 67.47 -0.74 89.70
N LEU VA 279 66.25 -0.33 89.37
CA LEU VA 279 65.38 0.43 90.28
C LEU VA 279 66.10 1.66 90.83
N TYR WA 48 44.08 15.46 35.47
CA TYR WA 48 43.47 14.99 34.23
C TYR WA 48 44.11 13.69 33.77
N ARG WA 49 43.29 12.71 33.42
CA ARG WA 49 43.78 11.35 33.21
C ARG WA 49 44.92 11.22 32.19
N SER WA 50 44.92 12.04 31.14
CA SER WA 50 45.91 11.93 30.08
C SER WA 50 47.29 12.46 30.48
N LYS WA 51 47.33 13.30 31.50
CA LYS WA 51 48.54 14.03 31.87
C LYS WA 51 49.46 13.26 32.81
N PRO WA 52 50.75 13.65 32.87
CA PRO WA 52 51.68 13.02 33.80
C PRO WA 52 51.36 13.36 35.26
N THR WA 53 50.69 14.49 35.45
CA THR WA 53 50.48 15.01 36.79
C THR WA 53 49.22 14.43 37.41
N HIS WA 54 48.63 13.45 36.74
CA HIS WA 54 47.37 12.87 37.21
C HIS WA 54 47.48 12.28 38.59
N GLY WA 55 46.47 12.54 39.40
CA GLY WA 55 46.37 11.97 40.73
C GLY WA 55 47.33 12.63 41.70
N ILE WA 56 47.73 13.85 41.40
CA ILE WA 56 48.64 14.56 42.27
C ILE WA 56 47.89 14.90 43.56
N GLY WA 57 46.60 15.20 43.43
CA GLY WA 57 45.81 15.64 44.56
C GLY WA 57 45.27 14.49 45.37
N ARG WA 58 45.52 13.29 44.87
CA ARG WA 58 45.03 12.06 45.47
C ARG WA 58 45.49 11.95 46.92
N TYR WA 59 44.54 11.80 47.85
CA TYR WA 59 44.86 11.80 49.28
C TYR WA 59 44.23 10.62 50.02
N LYS WA 60 42.93 10.38 49.81
CA LYS WA 60 42.12 9.51 50.67
C LYS WA 60 42.75 8.18 51.08
N HIS WA 61 43.69 7.67 50.30
CA HIS WA 61 44.40 6.47 50.72
C HIS WA 61 45.35 6.72 51.91
N LEU WA 62 45.69 7.98 52.18
CA LEU WA 62 46.59 8.35 53.29
C LEU WA 62 45.90 8.38 54.65
N VAL WA 63 44.66 8.83 54.65
CA VAL WA 63 43.87 8.89 55.86
C VAL WA 63 42.75 7.88 55.78
N LYS WA 64 42.67 6.98 56.74
CA LYS WA 64 41.58 6.02 56.69
C LYS WA 64 40.48 6.39 57.68
N ALA WA 65 39.40 6.91 57.13
CA ALA WA 65 38.17 7.23 57.86
C ALA WA 65 37.00 6.61 57.13
N GLN WA 66 36.37 5.61 57.75
CA GLN WA 66 35.37 4.78 57.06
C GLN WA 66 34.19 4.45 57.97
N VAL WA 77 37.85 -9.28 69.01
CA VAL WA 77 39.03 -9.09 68.18
C VAL WA 77 40.10 -10.13 68.53
N ARG WA 78 40.83 -10.58 67.52
CA ARG WA 78 41.70 -11.76 67.63
C ARG WA 78 43.15 -11.47 68.02
N PRO WA 79 43.67 -12.25 68.98
CA PRO WA 79 45.12 -12.44 69.14
C PRO WA 79 45.70 -13.32 68.04
N ILE WA 80 46.82 -12.94 67.44
CA ILE WA 80 47.44 -13.77 66.38
C ILE WA 80 48.63 -14.55 66.92
N ASN WA 81 48.45 -15.86 67.09
CA ASN WA 81 49.51 -16.68 67.65
C ASN WA 81 50.10 -17.60 66.59
N LEU WA 82 51.29 -17.26 66.10
CA LEU WA 82 51.93 -18.07 65.06
C LEU WA 82 53.07 -18.97 65.57
N GLY WA 83 53.42 -18.86 66.85
CA GLY WA 83 54.42 -19.72 67.45
C GLY WA 83 55.87 -19.35 67.20
N THR WA 84 56.12 -18.54 66.16
CA THR WA 84 57.45 -17.98 65.88
C THR WA 84 57.36 -16.46 65.96
N ASP WA 85 56.60 -15.84 65.06
CA ASP WA 85 56.18 -14.46 65.30
C ASP WA 85 54.81 -14.52 65.97
N TYR WA 86 54.81 -14.23 67.27
CA TYR WA 86 53.65 -14.49 68.10
C TYR WA 86 53.12 -13.15 68.60
N GLU WA 87 51.97 -12.75 68.09
CA GLU WA 87 51.39 -11.48 68.50
C GLU WA 87 50.19 -11.72 69.38
N TYR WA 88 50.32 -11.46 70.68
CA TYR WA 88 49.16 -11.63 71.53
C TYR WA 88 48.58 -10.29 71.91
N GLY WA 89 47.42 -10.00 71.34
CA GLY WA 89 46.81 -8.69 71.49
C GLY WA 89 45.63 -8.67 72.43
N VAL WA 90 44.78 -7.66 72.24
CA VAL WA 90 43.57 -7.42 73.02
C VAL WA 90 43.74 -7.67 74.53
N LEU WA 91 44.61 -6.88 75.17
CA LEU WA 91 44.90 -7.07 76.59
C LEU WA 91 44.43 -5.89 77.43
N ASN WA 92 43.86 -6.22 78.59
CA ASN WA 92 43.31 -5.23 79.50
C ASN WA 92 44.16 -4.99 80.74
N ILE WA 93 44.58 -3.76 80.96
CA ILE WA 93 45.26 -3.40 82.20
C ILE WA 93 44.28 -2.73 83.16
N HIS WA 94 44.00 -3.42 84.27
CA HIS WA 94 43.15 -2.90 85.32
C HIS WA 94 43.99 -2.38 86.49
N LEU WA 95 43.96 -1.07 86.69
CA LEU WA 95 44.64 -0.43 87.80
C LEU WA 95 43.65 -0.04 88.87
N ILE WA 96 43.68 -0.76 89.99
CA ILE WA 96 42.70 -0.57 91.05
C ILE WA 96 43.37 -0.12 92.34
N ALA WA 97 42.88 0.98 92.90
CA ALA WA 97 43.45 1.50 94.14
C ALA WA 97 42.42 2.35 94.88
N TYR WA 98 42.68 2.60 96.16
CA TYR WA 98 41.74 3.32 97.01
C TYR WA 98 41.79 4.84 96.81
N ASP WA 99 42.93 5.35 96.36
CA ASP WA 99 43.12 6.79 96.19
C ASP WA 99 42.85 7.21 94.74
N MET WA 100 42.08 8.28 94.58
CA MET WA 100 41.77 8.82 93.26
C MET WA 100 43.03 9.29 92.53
N ALA WA 101 43.73 10.23 93.16
CA ALA WA 101 44.91 10.87 92.58
C ALA WA 101 45.98 9.84 92.20
N LEU WA 102 46.15 8.84 93.05
CA LEU WA 102 47.18 7.83 92.85
C LEU WA 102 46.90 6.97 91.62
N ALA WA 103 45.69 6.44 91.56
CA ALA WA 103 45.27 5.60 90.44
C ALA WA 103 45.32 6.36 89.13
N GLU WA 104 44.88 7.62 89.17
CA GLU WA 104 44.94 8.47 88.00
C GLU WA 104 46.39 8.68 87.55
N SER WA 105 47.28 8.95 88.50
CA SER WA 105 48.68 9.21 88.18
C SER WA 105 49.37 8.00 87.57
N TYR WA 106 49.08 6.82 88.12
CA TYR WA 106 49.73 5.61 87.60
C TYR WA 106 49.12 5.20 86.25
N ALA WA 107 47.81 5.40 86.10
CA ALA WA 107 47.16 5.14 84.82
C ALA WA 107 47.77 6.04 83.75
N GLN WA 108 47.99 7.28 84.13
CA GLN WA 108 48.63 8.26 83.28
C GLN WA 108 50.04 7.77 82.89
N TYR WA 109 50.81 7.35 83.88
CA TYR WA 109 52.17 6.86 83.64
C TYR WA 109 52.16 5.69 82.66
N VAL WA 110 51.22 4.78 82.84
CA VAL WA 110 51.06 3.63 81.95
C VAL WA 110 50.81 4.08 80.53
N HIS WA 111 49.81 4.94 80.39
CA HIS WA 111 49.42 5.48 79.09
C HIS WA 111 50.62 6.06 78.34
N ASN WA 112 51.30 6.99 79.01
CA ASN WA 112 52.46 7.67 78.42
C ASN WA 112 53.59 6.70 78.08
N LEU WA 113 53.80 5.73 78.98
CA LEU WA 113 54.81 4.71 78.76
C LEU WA 113 54.52 3.94 77.48
N CYS WA 114 53.26 3.55 77.30
CA CYS WA 114 52.83 2.85 76.09
C CYS WA 114 53.06 3.69 74.84
N ASN WA 115 52.69 4.96 74.91
CA ASN WA 115 52.87 5.84 73.75
C ASN WA 115 54.34 6.01 73.38
N HIS WA 116 55.21 5.97 74.37
CA HIS WA 116 56.64 6.09 74.10
C HIS WA 116 57.25 4.78 73.55
N LEU WA 117 56.70 3.65 73.95
CA LEU WA 117 57.24 2.34 73.56
C LEU WA 117 56.70 1.87 72.22
N ALA WA 118 55.90 2.72 71.58
CA ALA WA 118 55.24 2.44 70.29
C ALA WA 118 54.11 1.42 70.44
N ILE WA 119 53.91 0.92 71.65
CA ILE WA 119 52.83 0.00 71.93
C ILE WA 119 51.50 0.72 71.80
N LYS WA 120 50.62 0.19 70.95
CA LYS WA 120 49.40 0.88 70.60
C LYS WA 120 48.34 0.74 71.70
N VAL WA 121 47.94 1.88 72.26
CA VAL WA 121 46.82 1.91 73.18
C VAL WA 121 45.56 2.22 72.42
N GLU WA 122 44.51 1.46 72.69
CA GLU WA 122 43.24 1.73 72.04
C GLU WA 122 42.32 2.53 72.97
N GLU WA 123 41.84 1.91 74.04
CA GLU WA 123 40.89 2.61 74.91
C GLU WA 123 41.41 2.77 76.33
N SER WA 124 41.33 4.00 76.83
CA SER WA 124 41.68 4.30 78.21
C SER WA 124 40.46 4.92 78.90
N TYR WA 125 39.91 4.20 79.87
CA TYR WA 125 38.67 4.67 80.50
C TYR WA 125 38.55 4.24 81.96
N ALA WA 126 37.65 4.89 82.68
CA ALA WA 126 37.46 4.60 84.10
C ALA WA 126 36.33 3.61 84.34
N MET WA 127 36.58 2.66 85.24
CA MET WA 127 35.56 1.70 85.68
C MET WA 127 34.81 2.23 86.89
N PRO WA 128 33.51 1.89 87.01
CA PRO WA 128 32.66 2.39 88.08
C PRO WA 128 33.22 2.11 89.48
N THR WA 129 33.24 3.15 90.30
CA THR WA 129 33.79 3.06 91.66
C THR WA 129 32.88 2.27 92.58
N LYS WA 130 33.48 1.39 93.38
CA LYS WA 130 32.70 0.58 94.31
C LYS WA 130 32.77 1.17 95.71
N THR WA 131 31.61 1.54 96.26
CA THR WA 131 31.57 2.21 97.56
C THR WA 131 31.45 1.20 98.71
N MET WA 132 32.49 1.14 99.54
CA MET WA 132 32.54 0.22 100.66
C MET WA 132 32.02 0.84 101.95
N GLU WA 133 31.19 0.09 102.66
CA GLU WA 133 30.79 0.46 104.01
C GLU WA 133 31.37 -0.56 105.00
N VAL WA 134 32.37 -0.14 105.76
CA VAL WA 134 33.07 -1.04 106.67
C VAL WA 134 32.46 -1.01 108.08
N LEU WA 135 32.01 -2.17 108.54
CA LEU WA 135 31.35 -2.31 109.83
C LEU WA 135 32.32 -2.89 110.87
N GLN WA 136 32.72 -2.04 111.81
CA GLN WA 136 33.69 -2.39 112.85
C GLN WA 136 32.99 -2.72 114.16
N LEU WA 137 33.46 -3.78 114.83
CA LEU WA 137 32.81 -4.23 116.06
C LEU WA 137 33.09 -3.30 117.24
N GLN WA 138 32.03 -2.98 117.97
CA GLN WA 138 32.14 -2.22 119.21
C GLN WA 138 32.27 -3.19 120.39
N GLU WA 139 33.15 -2.89 121.34
CA GLU WA 139 33.40 -3.80 122.47
C GLU WA 139 32.35 -3.70 123.58
N GLN WA 140 31.93 -2.48 123.88
CA GLN WA 140 30.93 -2.22 124.91
C GLN WA 140 29.63 -2.97 124.63
N GLY WA 141 28.89 -2.54 123.62
CA GLY WA 141 27.76 -3.31 123.11
C GLY WA 141 28.30 -4.54 122.40
N SER WA 142 27.83 -5.72 122.79
CA SER WA 142 28.42 -6.98 122.33
C SER WA 142 28.37 -7.17 120.81
N LYS WA 143 27.16 -7.17 120.25
CA LYS WA 143 26.96 -7.34 118.81
C LYS WA 143 26.84 -6.00 118.10
N MET WA 144 27.00 -4.92 118.87
CA MET WA 144 26.88 -3.56 118.36
C MET WA 144 27.88 -3.27 117.24
N PHE WA 145 27.41 -2.66 116.15
CA PHE WA 145 28.27 -2.30 115.03
C PHE WA 145 28.48 -0.79 114.94
N LEU WA 146 29.65 -0.39 114.46
CA LEU WA 146 29.96 1.00 114.14
C LEU WA 146 30.45 1.04 112.69
N ASP WA 147 30.53 2.22 112.08
CA ASP WA 147 30.83 2.26 110.65
C ASP WA 147 31.90 3.27 110.21
N ALA WA 148 32.56 2.94 109.10
CA ALA WA 148 33.51 3.82 108.42
C ALA WA 148 33.38 3.65 106.90
N VAL WA 149 33.39 4.75 106.14
CA VAL WA 149 33.12 4.69 104.70
C VAL WA 149 34.41 4.77 103.85
N LEU WA 150 34.51 3.87 102.85
CA LEU WA 150 35.63 3.84 101.92
C LEU WA 150 35.14 3.76 100.48
N THR WA 151 36.05 3.95 99.53
CA THR WA 151 35.72 3.83 98.11
C THR WA 151 36.88 3.20 97.32
N THR WA 152 36.53 2.28 96.42
CA THR WA 152 37.51 1.64 95.55
C THR WA 152 37.42 2.20 94.13
N HIS WA 153 38.54 2.71 93.63
CA HIS WA 153 38.61 3.32 92.31
C HIS WA 153 39.33 2.42 91.30
N GLU WA 154 38.79 2.36 90.08
CA GLU WA 154 39.33 1.50 89.03
C GLU WA 154 39.55 2.23 87.70
N ARG WA 155 40.71 2.02 87.12
CA ARG WA 155 41.05 2.59 85.82
C ARG WA 155 41.49 1.48 84.85
N VAL WA 156 41.33 1.72 83.55
CA VAL WA 156 41.60 0.69 82.55
C VAL WA 156 42.34 1.24 81.33
N VAL WA 157 43.39 0.51 80.95
CA VAL WA 157 44.17 0.84 79.75
C VAL WA 157 44.27 -0.39 78.84
N GLN WA 158 43.74 -0.27 77.62
CA GLN WA 158 43.69 -1.39 76.68
C GLN WA 158 44.82 -1.35 75.65
N ILE WA 159 45.66 -2.38 75.63
CA ILE WA 159 46.71 -2.43 74.62
C ILE WA 159 46.38 -3.48 73.54
N SER WA 160 46.57 -3.08 72.29
CA SER WA 160 46.11 -3.87 71.14
C SER WA 160 47.11 -4.89 70.62
N GLY WA 161 48.37 -4.77 71.00
CA GLY WA 161 49.36 -5.68 70.46
C GLY WA 161 50.53 -5.89 71.37
N LEU WA 162 51.16 -7.05 71.23
CA LEU WA 162 52.32 -7.41 72.01
C LEU WA 162 53.08 -8.55 71.34
N SER WA 163 54.31 -8.76 71.77
CA SER WA 163 55.07 -9.94 71.40
C SER WA 163 55.59 -10.54 72.69
N ALA WA 164 56.14 -11.75 72.62
CA ALA WA 164 56.67 -12.40 73.81
C ALA WA 164 57.68 -11.49 74.53
N THR WA 165 58.69 -11.06 73.78
CA THR WA 165 59.78 -10.25 74.31
C THR WA 165 59.27 -8.94 74.94
N PHE WA 166 58.30 -8.31 74.28
CA PHE WA 166 57.74 -7.04 74.75
C PHE WA 166 56.84 -7.22 75.96
N ALA WA 167 56.22 -8.38 76.09
CA ALA WA 167 55.45 -8.71 77.29
C ALA WA 167 56.40 -8.81 78.48
N GLU WA 168 57.40 -9.67 78.31
CA GLU WA 168 58.44 -9.85 79.33
C GLU WA 168 59.02 -8.52 79.78
N ILE WA 169 59.42 -7.70 78.81
CA ILE WA 169 59.99 -6.39 79.09
C ILE WA 169 59.00 -5.46 79.80
N PHE WA 170 57.79 -5.42 79.28
CA PHE WA 170 56.74 -4.52 79.77
C PHE WA 170 56.45 -4.74 81.25
N LEU WA 171 56.09 -5.97 81.58
CA LEU WA 171 55.66 -6.30 82.95
C LEU WA 171 56.70 -5.90 84.00
N GLU WA 172 57.96 -6.07 83.63
CA GLU WA 172 59.07 -5.62 84.46
C GLU WA 172 58.92 -4.15 84.86
N ILE WA 173 58.76 -3.31 83.86
CA ILE WA 173 58.63 -1.88 84.08
C ILE WA 173 57.36 -1.50 84.81
N ILE WA 174 56.26 -2.16 84.46
CA ILE WA 174 55.00 -1.86 85.14
C ILE WA 174 55.10 -2.14 86.63
N HIS WA 175 55.52 -3.35 86.99
CA HIS WA 175 55.51 -3.73 88.40
C HIS WA 175 56.68 -3.13 89.19
N SER WA 176 57.77 -2.80 88.51
CA SER WA 176 58.91 -2.15 89.16
C SER WA 176 58.51 -0.75 89.62
N ASN WA 177 57.73 -0.08 88.79
CA ASN WA 177 57.34 1.30 89.04
C ASN WA 177 56.05 1.42 89.81
N LEU WA 178 55.52 0.28 90.27
CA LEU WA 178 54.33 0.26 91.08
C LEU WA 178 54.45 1.14 92.32
N PRO WA 179 53.53 2.12 92.46
CA PRO WA 179 53.40 2.96 93.67
C PRO WA 179 52.74 2.18 94.80
N GLU WA 180 52.87 2.67 96.03
CA GLU WA 180 52.30 1.94 97.17
C GLU WA 180 50.78 1.99 97.16
N GLY WA 181 50.15 0.89 97.56
CA GLY WA 181 48.69 0.82 97.60
C GLY WA 181 48.08 0.80 96.22
N VAL WA 182 48.77 0.15 95.29
CA VAL WA 182 48.31 0.06 93.92
C VAL WA 182 48.22 -1.39 93.47
N LYS WA 183 47.01 -1.82 93.13
CA LYS WA 183 46.79 -3.21 92.70
C LYS WA 183 46.66 -3.30 91.19
N LEU WA 184 47.48 -4.17 90.61
CA LEU WA 184 47.62 -4.28 89.16
C LEU WA 184 47.01 -5.58 88.62
N SER WA 185 46.38 -5.51 87.45
CA SER WA 185 45.79 -6.69 86.82
C SER WA 185 45.95 -6.69 85.30
N VAL WA 186 46.30 -7.85 84.76
CA VAL WA 186 46.34 -8.07 83.31
C VAL WA 186 45.25 -9.08 82.97
N ARG WA 187 44.43 -8.79 81.96
CA ARG WA 187 43.33 -9.68 81.57
C ARG WA 187 43.06 -9.64 80.07
N GLU WA 188 41.97 -10.27 79.67
CA GLU WA 188 41.62 -10.37 78.25
C GLU WA 188 40.42 -9.48 77.93
N HIS WA 189 40.35 -9.04 76.67
CA HIS WA 189 39.44 -7.96 76.24
C HIS WA 189 37.97 -8.12 76.63
N THR WA 190 37.50 -9.36 76.81
CA THR WA 190 36.08 -9.55 77.11
C THR WA 190 35.81 -9.27 78.59
N GLU WA 191 35.01 -8.23 78.82
CA GLU WA 191 34.59 -7.79 80.14
C GLU WA 191 33.24 -7.11 79.99
N GLU WA 192 32.43 -7.13 81.03
CA GLU WA 192 31.06 -6.64 80.91
C GLU WA 192 30.78 -5.50 81.89
N ASP WA 193 30.50 -4.32 81.33
CA ASP WA 193 30.24 -3.13 82.12
C ASP WA 193 28.75 -2.98 82.39
N GLU XA 34 -30.38 90.32 10.91
CA GLU XA 34 -29.69 91.08 11.95
C GLU XA 34 -28.16 90.88 11.88
N TYR XA 35 -27.62 90.92 10.67
CA TYR XA 35 -26.17 90.76 10.49
C TYR XA 35 -25.42 91.94 11.08
N PRO XA 36 -24.53 91.68 12.04
CA PRO XA 36 -23.71 92.72 12.66
C PRO XA 36 -22.89 93.53 11.64
N SER XA 37 -22.58 94.78 11.98
CA SER XA 37 -21.95 95.71 11.04
C SER XA 37 -20.46 95.46 10.88
N PHE XA 38 -19.93 95.81 9.71
CA PHE XA 38 -18.50 95.62 9.47
C PHE XA 38 -17.88 96.80 8.73
N VAL XA 39 -16.56 96.85 8.74
CA VAL XA 39 -15.81 97.97 8.21
C VAL XA 39 -14.71 97.49 7.28
N GLU XA 40 -14.67 98.03 6.06
CA GLU XA 40 -13.72 97.55 5.05
C GLU XA 40 -12.54 98.52 4.85
N SER XA 41 -11.35 98.12 5.30
CA SER XA 41 -10.16 98.95 5.14
C SER XA 41 -9.05 98.21 4.42
N VAL XA 42 -8.29 98.92 3.59
CA VAL XA 42 -7.26 98.30 2.77
C VAL XA 42 -5.87 98.43 3.40
N ASP XA 43 -5.79 99.08 4.55
CA ASP XA 43 -4.51 99.58 5.04
C ASP XA 43 -3.67 98.59 5.85
N GLU XA 44 -4.28 97.51 6.33
CA GLU XA 44 -3.53 96.52 7.10
C GLU XA 44 -3.07 95.35 6.24
N TYR XA 45 -3.36 95.40 4.95
CA TYR XA 45 -3.11 94.24 4.10
C TYR XA 45 -1.62 93.97 3.91
N HIS XA 46 -0.77 94.95 4.20
CA HIS XA 46 0.67 94.72 4.15
C HIS XA 46 1.11 93.77 5.29
N PHE XA 47 0.23 93.57 6.29
CA PHE XA 47 0.50 92.59 7.35
C PHE XA 47 0.17 91.17 6.90
N VAL XA 48 -0.72 91.06 5.93
CA VAL XA 48 -1.04 89.77 5.32
C VAL XA 48 -0.01 89.40 4.25
N GLU XA 49 0.52 90.42 3.56
CA GLU XA 49 1.56 90.17 2.54
C GLU XA 49 2.82 89.48 3.10
N ARG XA 50 3.06 89.65 4.41
CA ARG XA 50 4.16 88.97 5.09
C ARG XA 50 3.98 87.47 5.14
N LEU XA 51 2.73 87.03 5.27
CA LEU XA 51 2.42 85.64 5.53
C LEU XA 51 2.46 84.75 4.28
N LEU XA 52 2.51 85.36 3.10
CA LEU XA 52 2.63 84.60 1.87
C LEU XA 52 4.05 84.05 1.69
N PRO XA 53 4.18 82.71 1.64
CA PRO XA 53 5.46 82.05 1.41
C PRO XA 53 5.92 82.16 -0.03
N PRO XA 54 7.23 82.28 -0.24
CA PRO XA 54 7.79 82.31 -1.60
C PRO XA 54 7.72 80.93 -2.23
N ALA XA 55 7.44 80.85 -3.53
CA ALA XA 55 7.46 79.55 -4.19
C ALA XA 55 8.83 79.25 -4.82
N SER XA 56 9.70 80.25 -4.89
CA SER XA 56 11.03 80.06 -5.45
C SER XA 56 12.06 80.29 -4.35
N ILE XA 57 13.25 79.73 -4.54
CA ILE XA 57 14.29 79.83 -3.53
C ILE XA 57 15.18 81.04 -3.80
N PRO XA 58 15.32 81.91 -2.78
CA PRO XA 58 16.04 83.18 -2.89
C PRO XA 58 17.53 83.01 -3.14
N ARG XA 59 18.09 83.74 -4.10
CA ARG XA 59 19.54 83.81 -4.27
C ARG XA 59 20.17 84.30 -2.96
N PRO XA 60 21.30 83.70 -2.56
CA PRO XA 60 21.89 84.03 -1.26
C PRO XA 60 22.39 85.47 -1.19
N PRO XA 61 22.23 86.12 -0.03
CA PRO XA 61 22.66 87.51 0.16
C PRO XA 61 24.16 87.65 0.05
N LYS XA 62 24.62 88.74 -0.55
CA LYS XA 62 26.05 89.01 -0.64
C LYS XA 62 26.57 89.39 0.74
N HIS XA 63 27.73 88.85 1.13
CA HIS XA 63 28.32 89.24 2.40
C HIS XA 63 29.60 90.02 2.20
N GLU XA 64 30.15 90.53 3.29
CA GLU XA 64 31.43 91.22 3.25
C GLU XA 64 32.57 90.30 3.57
N HIS XA 65 32.25 89.11 4.05
CA HIS XA 65 33.28 88.19 4.47
C HIS XA 65 32.91 86.75 4.15
N TYR XA 66 33.83 86.02 3.53
CA TYR XA 66 33.65 84.58 3.29
C TYR XA 66 34.82 83.84 3.92
N PRO XA 67 34.56 82.63 4.44
CA PRO XA 67 33.25 81.97 4.50
C PRO XA 67 32.35 82.54 5.61
N THR XA 68 31.05 82.33 5.48
CA THR XA 68 30.06 82.85 6.43
C THR XA 68 30.12 82.10 7.76
N PRO XA 69 29.45 82.63 8.79
CA PRO XA 69 29.37 81.93 10.08
C PRO XA 69 28.99 80.44 9.97
N SER XA 70 28.03 80.10 9.13
CA SER XA 70 27.62 78.70 8.98
C SER XA 70 28.55 77.95 8.04
N GLY XA 71 29.52 78.66 7.47
CA GLY XA 71 30.57 78.04 6.71
C GLY XA 71 30.27 77.92 5.23
N TRP XA 72 29.23 78.60 4.77
CA TRP XA 72 28.86 78.53 3.37
C TRP XA 72 29.71 79.47 2.53
N GLN XA 73 30.36 78.91 1.52
CA GLN XA 73 31.14 79.68 0.58
C GLN XA 73 30.56 79.63 -0.84
N PRO XA 74 30.26 80.79 -1.45
CA PRO XA 74 29.70 80.81 -2.80
C PRO XA 74 30.71 80.33 -3.83
N PRO XA 75 30.25 79.92 -5.02
CA PRO XA 75 31.13 79.50 -6.13
C PRO XA 75 31.98 80.66 -6.63
N ARG XA 76 33.03 80.41 -7.40
CA ARG XA 76 33.89 81.51 -7.84
C ARG XA 76 33.26 82.41 -8.91
N ASP XA 77 33.93 83.51 -9.24
CA ASP XA 77 33.49 84.42 -10.29
C ASP XA 77 33.71 83.80 -11.67
N PRO XA 78 34.94 83.34 -11.97
CA PRO XA 78 34.99 82.52 -13.18
C PRO XA 78 34.81 81.07 -12.80
N ALA XA 79 34.85 80.18 -13.78
CA ALA XA 79 34.80 78.76 -13.46
C ALA XA 79 36.16 78.20 -13.78
N PRO XA 80 36.56 77.14 -13.07
CA PRO XA 80 37.89 76.59 -13.34
C PRO XA 80 38.02 76.04 -14.76
N SER XA 81 39.22 75.60 -15.11
CA SER XA 81 39.49 75.17 -16.48
C SER XA 81 39.35 73.65 -16.61
N LEU XA 82 39.05 72.99 -15.50
CA LEU XA 82 38.95 71.53 -15.45
C LEU XA 82 37.93 70.99 -16.45
N PRO XA 83 38.18 69.78 -16.97
CA PRO XA 83 37.25 69.34 -18.01
C PRO XA 83 36.03 68.65 -17.43
N TYR XA 84 35.49 69.24 -16.37
CA TYR XA 84 34.25 68.80 -15.78
C TYR XA 84 33.77 69.93 -14.90
N PHE XA 85 32.49 69.89 -14.55
CA PHE XA 85 31.95 70.90 -13.69
C PHE XA 85 30.95 70.27 -12.75
N VAL XA 86 30.89 70.79 -11.54
CA VAL XA 86 29.93 70.30 -10.58
C VAL XA 86 28.92 71.41 -10.24
N ARG XA 87 27.69 71.27 -10.72
CA ARG XA 87 26.65 72.24 -10.40
C ARG XA 87 26.40 72.31 -8.90
N ARG XA 88 25.98 73.46 -8.41
CA ARG XA 88 25.52 73.53 -7.03
C ARG XA 88 24.13 72.92 -6.93
N SER XA 89 23.75 72.54 -5.72
CA SER XA 89 22.39 72.09 -5.43
C SER XA 89 21.43 73.25 -5.54
N ARG XA 90 20.13 72.97 -5.65
CA ARG XA 90 19.15 74.04 -5.77
C ARG XA 90 19.15 74.93 -4.54
N MET XA 91 19.68 74.41 -3.43
CA MET XA 91 19.80 75.18 -2.19
C MET XA 91 21.17 75.81 -2.05
N HIS XA 92 21.97 75.68 -3.10
CA HIS XA 92 23.33 76.21 -3.15
C HIS XA 92 24.32 75.54 -2.22
N ASN XA 93 24.33 74.21 -2.20
CA ASN XA 93 25.37 73.48 -1.49
C ASN XA 93 26.09 72.55 -2.45
N ILE XA 94 27.22 72.01 -2.01
CA ILE XA 94 27.94 71.05 -2.84
C ILE XA 94 27.29 69.68 -2.78
N PRO XA 95 26.96 69.12 -3.95
CA PRO XA 95 26.17 67.88 -4.02
C PRO XA 95 26.97 66.62 -3.72
N VAL XA 96 27.46 66.54 -2.50
CA VAL XA 96 28.05 65.32 -2.01
C VAL XA 96 27.20 64.77 -0.88
N TYR XA 97 26.78 63.51 -1.01
CA TYR XA 97 25.92 62.90 -0.01
C TYR XA 97 26.51 61.58 0.43
N ARG XA 98 25.98 61.04 1.50
CA ARG XA 98 26.38 59.69 1.88
C ARG XA 98 25.16 58.79 1.75
N ASP XA 99 25.38 57.49 1.56
CA ASP XA 99 24.29 56.55 1.35
C ASP XA 99 24.62 55.20 2.03
N ILE XA 100 23.63 54.56 2.64
CA ILE XA 100 23.86 53.22 3.18
C ILE XA 100 22.97 52.22 2.49
N THR XA 101 23.41 50.96 2.50
CA THR XA 101 22.57 49.86 1.99
C THR XA 101 22.90 48.58 2.74
N HIS XA 102 21.89 47.75 2.97
CA HIS XA 102 22.02 46.53 3.76
C HIS XA 102 22.54 46.84 5.14
N GLY XA 103 22.48 48.10 5.52
CA GLY XA 103 22.89 48.51 6.84
C GLY XA 103 24.39 48.54 7.04
N ASN XA 104 25.15 47.77 6.25
CA ASN XA 104 26.60 47.84 6.37
C ASN XA 104 27.36 48.50 5.21
N ARG XA 105 26.68 48.85 4.12
CA ARG XA 105 27.42 49.35 2.96
C ARG XA 105 27.38 50.86 2.93
N GLN XA 106 28.55 51.46 3.09
CA GLN XA 106 28.65 52.90 3.17
C GLN XA 106 29.24 53.48 1.89
N MET XA 107 28.54 54.44 1.31
CA MET XA 107 28.98 55.03 0.05
C MET XA 107 28.87 56.54 0.08
N THR XA 108 29.55 57.18 -0.85
CA THR XA 108 29.52 58.61 -0.99
C THR XA 108 29.20 58.96 -2.43
N VAL XA 109 28.16 59.72 -2.65
CA VAL XA 109 27.80 60.06 -4.01
C VAL XA 109 28.12 61.51 -4.33
N ILE XA 110 28.77 61.71 -5.47
CA ILE XA 110 28.95 63.03 -6.05
C ILE XA 110 28.01 63.16 -7.24
N ARG XA 111 27.16 64.19 -7.20
CA ARG XA 111 26.06 64.27 -8.15
C ARG XA 111 26.17 65.53 -9.01
N LYS XA 112 25.39 65.57 -10.07
CA LYS XA 112 25.37 66.72 -10.98
C LYS XA 112 26.74 67.01 -11.57
N VAL XA 113 27.29 66.06 -12.29
CA VAL XA 113 28.61 66.24 -12.87
C VAL XA 113 28.49 66.40 -14.37
N GLU XA 114 28.77 67.60 -14.85
CA GLU XA 114 28.71 67.90 -16.26
C GLU XA 114 30.10 67.93 -16.86
N GLY XA 115 30.45 66.95 -17.67
CA GLY XA 115 31.76 67.00 -18.30
C GLY XA 115 32.31 65.61 -18.51
N ASP XA 116 33.63 65.50 -18.61
CA ASP XA 116 34.26 64.20 -18.60
C ASP XA 116 34.28 63.75 -17.15
N ILE XA 117 33.52 62.70 -16.87
CA ILE XA 117 33.37 62.24 -15.51
C ILE XA 117 34.57 61.40 -15.15
N TRP XA 118 35.20 60.84 -16.18
CA TRP XA 118 36.39 60.01 -16.01
C TRP XA 118 37.54 60.84 -15.45
N ALA XA 119 37.63 62.08 -15.91
CA ALA XA 119 38.58 63.02 -15.36
C ALA XA 119 38.36 63.10 -13.86
N LEU XA 120 37.10 63.34 -13.48
CA LEU XA 120 36.75 63.50 -12.08
C LEU XA 120 37.09 62.25 -11.29
N GLN XA 121 36.89 61.08 -11.89
CA GLN XA 121 37.21 59.83 -11.21
C GLN XA 121 38.70 59.75 -10.94
N LYS XA 122 39.50 60.05 -11.96
CA LYS XA 122 40.95 60.10 -11.81
C LYS XA 122 41.35 60.97 -10.64
N ASP XA 123 40.85 62.21 -10.65
CA ASP XA 123 41.26 63.17 -9.64
C ASP XA 123 40.79 62.81 -8.25
N VAL XA 124 39.62 62.18 -8.17
CA VAL XA 124 39.06 61.79 -6.90
C VAL XA 124 39.84 60.63 -6.30
N GLU XA 125 40.23 59.67 -7.13
CA GLU XA 125 40.99 58.55 -6.61
C GLU XA 125 42.45 58.95 -6.34
N ASP XA 126 42.95 59.96 -7.07
CA ASP XA 126 44.30 60.47 -6.82
C ASP XA 126 44.30 61.32 -5.56
N PHE XA 127 43.16 61.89 -5.24
CA PHE XA 127 43.01 62.68 -4.03
C PHE XA 127 42.83 61.80 -2.80
N LEU XA 128 42.02 60.76 -2.93
CA LEU XA 128 41.73 59.85 -1.82
C LEU XA 128 42.80 58.80 -1.57
N SER XA 129 43.59 58.45 -2.59
CA SER XA 129 44.63 57.42 -2.46
C SER XA 129 45.64 57.66 -1.32
N PRO XA 130 46.19 58.89 -1.19
CA PRO XA 130 47.11 59.09 -0.07
C PRO XA 130 46.48 58.88 1.30
N LEU XA 131 45.15 58.90 1.36
CA LEU XA 131 44.45 58.68 2.61
C LEU XA 131 44.36 57.20 3.01
N LEU XA 132 43.99 56.33 2.08
CA LEU XA 132 43.75 54.92 2.39
C LEU XA 132 44.93 54.00 2.09
N GLY XA 133 45.98 54.53 1.46
CA GLY XA 133 47.10 53.72 1.03
C GLY XA 133 46.82 52.93 -0.25
N LYS XA 134 45.56 52.92 -0.67
CA LYS XA 134 45.14 52.17 -1.84
C LYS XA 134 44.06 52.95 -2.60
N THR XA 135 43.97 52.70 -3.90
CA THR XA 135 42.94 53.33 -4.73
C THR XA 135 41.56 53.00 -4.18
N PRO XA 136 40.69 54.02 -4.04
CA PRO XA 136 39.33 53.75 -3.56
C PRO XA 136 38.48 53.12 -4.66
N VAL XA 137 37.59 52.22 -4.27
CA VAL XA 137 36.71 51.58 -5.22
C VAL XA 137 35.67 52.57 -5.69
N THR XA 138 35.31 52.50 -6.96
CA THR XA 138 34.47 53.55 -7.53
C THR XA 138 33.45 52.99 -8.53
N GLN XA 139 32.41 53.77 -8.79
CA GLN XA 139 31.51 53.50 -9.89
C GLN XA 139 31.20 54.81 -10.56
N VAL XA 140 31.33 54.82 -11.88
CA VAL XA 140 30.99 56.00 -12.66
C VAL XA 140 29.70 55.77 -13.43
N ASN XA 141 28.71 56.62 -13.20
CA ASN XA 141 27.54 56.57 -14.05
C ASN XA 141 27.60 57.75 -14.98
N GLU XA 142 27.90 57.45 -16.23
CA GLU XA 142 28.17 58.47 -17.22
C GLU XA 142 26.88 59.07 -17.70
N VAL XA 143 25.81 58.28 -17.71
CA VAL XA 143 24.51 58.73 -18.20
C VAL XA 143 23.77 59.54 -17.15
N THR XA 144 23.99 59.20 -15.89
CA THR XA 144 23.34 59.87 -14.78
C THR XA 144 24.09 61.15 -14.45
N GLY XA 145 25.34 61.19 -14.88
CA GLY XA 145 26.24 62.26 -14.51
C GLY XA 145 26.56 62.17 -13.03
N THR XA 146 27.10 61.03 -12.62
CA THR XA 146 27.22 60.73 -11.20
C THR XA 146 28.47 59.92 -10.88
N LEU XA 147 29.07 60.19 -9.73
CA LEU XA 147 30.18 59.40 -9.23
C LEU XA 147 29.80 58.76 -7.92
N ARG XA 148 30.32 57.57 -7.66
CA ARG XA 148 29.95 56.83 -6.45
C ARG XA 148 31.15 56.14 -5.83
N VAL XA 149 31.40 56.38 -4.56
CA VAL XA 149 32.64 55.97 -3.91
C VAL XA 149 32.38 55.09 -2.69
N LYS XA 150 33.21 54.08 -2.48
CA LYS XA 150 33.00 53.18 -1.35
C LYS XA 150 33.59 53.77 -0.07
N GLY XA 151 32.76 53.89 0.97
CA GLY XA 151 33.17 54.48 2.25
C GLY XA 151 32.61 55.88 2.45
N TYR XA 152 32.73 56.45 3.66
CA TYR XA 152 32.22 57.80 3.87
C TYR XA 152 33.35 58.83 3.80
N PHE XA 153 33.46 59.49 2.66
CA PHE XA 153 34.43 60.56 2.46
C PHE XA 153 33.82 61.94 2.39
N ASP XA 154 32.54 62.02 2.70
CA ASP XA 154 31.69 63.18 2.45
C ASP XA 154 32.32 64.55 2.79
N GLN XA 155 32.88 64.68 4.00
CA GLN XA 155 33.46 65.95 4.45
C GLN XA 155 34.65 66.39 3.60
N GLN XA 156 35.64 65.51 3.55
CA GLN XA 156 36.89 65.72 2.84
C GLN XA 156 36.67 66.01 1.37
N LEU XA 157 35.62 65.42 0.81
CA LEU XA 157 35.26 65.66 -0.58
C LEU XA 157 34.55 67.00 -0.80
N LYS XA 158 33.73 67.42 0.15
CA LYS XA 158 33.17 68.78 0.06
C LYS XA 158 34.27 69.83 0.18
N ALA XA 159 35.21 69.60 1.08
CA ALA XA 159 36.38 70.45 1.22
C ALA XA 159 37.14 70.53 -0.10
N TRP XA 160 37.45 69.36 -0.66
CA TRP XA 160 38.25 69.30 -1.89
C TRP XA 160 37.56 69.89 -3.10
N LEU XA 161 36.23 69.80 -3.15
CA LEU XA 161 35.49 70.43 -4.24
C LEU XA 161 35.30 71.92 -4.01
N LEU XA 162 35.44 72.37 -2.77
CA LEU XA 162 35.43 73.79 -2.47
C LEU XA 162 36.72 74.43 -2.94
N GLU XA 163 37.84 73.79 -2.58
CA GLU XA 163 39.17 74.23 -2.98
C GLU XA 163 39.30 74.48 -4.49
N LYS XA 164 38.62 73.66 -5.29
CA LYS XA 164 38.66 73.79 -6.74
C LYS XA 164 37.63 74.78 -7.27
N GLY XA 165 36.83 75.35 -6.36
CA GLY XA 165 35.92 76.42 -6.73
C GLY XA 165 34.78 76.04 -7.65
N PHE XA 166 33.98 75.06 -7.22
CA PHE XA 166 32.77 74.68 -7.95
C PHE XA 166 31.51 75.26 -7.29
N LEU YA 51 1.12 80.53 -56.61
CA LEU YA 51 1.87 79.70 -55.69
C LEU YA 51 2.44 78.46 -56.38
N VAL YA 52 3.77 78.44 -56.51
CA VAL YA 52 4.48 77.34 -57.16
C VAL YA 52 5.41 76.69 -56.14
N CYS YA 53 5.82 75.45 -56.40
CA CYS YA 53 6.77 74.78 -55.52
C CYS YA 53 8.10 74.50 -56.23
N PRO YA 54 9.18 75.12 -55.75
CA PRO YA 54 10.51 74.94 -56.32
C PRO YA 54 11.03 73.51 -56.14
N PRO YA 55 11.54 72.90 -57.23
CA PRO YA 55 12.14 71.56 -57.20
C PRO YA 55 13.21 71.40 -56.13
N ILE YA 56 13.15 70.30 -55.39
CA ILE YA 56 13.98 70.08 -54.21
C ILE YA 56 15.47 70.02 -54.54
N GLN YA 57 16.28 70.51 -53.62
CA GLN YA 57 17.74 70.41 -53.74
C GLN YA 57 18.20 69.00 -53.34
N SER YA 58 19.34 68.57 -53.89
CA SER YA 58 19.83 67.21 -53.67
C SER YA 58 20.71 67.09 -52.42
N ARG YA 59 21.11 68.21 -51.85
CA ARG YA 59 21.92 68.28 -50.62
C ARG YA 59 23.32 67.68 -50.79
N THR YA 60 23.57 67.02 -51.91
CA THR YA 60 24.89 66.51 -52.19
C THR YA 60 25.80 67.71 -52.36
N TYR YA 61 26.88 67.73 -51.60
CA TYR YA 61 27.70 68.93 -51.52
C TYR YA 61 29.18 68.58 -51.60
N ILE YA 62 29.88 69.25 -52.52
CA ILE YA 62 31.33 69.14 -52.59
C ILE YA 62 31.88 70.56 -52.44
N PRO YA 63 32.96 70.72 -51.64
CA PRO YA 63 33.55 72.06 -51.50
C PRO YA 63 34.29 72.53 -52.77
N PRO YA 64 34.01 73.77 -53.22
CA PRO YA 64 34.71 74.34 -54.38
C PRO YA 64 36.12 74.84 -54.04
N GLU YA 65 36.98 74.94 -55.05
CA GLU YA 65 38.39 75.30 -54.85
C GLU YA 65 38.56 76.75 -54.41
N ASP YA 66 37.52 77.56 -54.63
CA ASP YA 66 37.58 79.00 -54.37
C ASP YA 66 37.15 79.36 -52.96
N LEU YA 67 36.96 78.33 -52.13
CA LEU YA 67 36.39 78.47 -50.79
C LEU YA 67 36.98 79.64 -49.99
N GLN YA 68 38.28 79.59 -49.72
CA GLN YA 68 38.95 80.62 -48.93
C GLN YA 68 38.60 82.05 -49.38
N SER YA 69 38.55 82.26 -50.70
CA SER YA 69 38.27 83.58 -51.27
C SER YA 69 36.82 84.01 -51.07
N ARG YA 70 35.88 83.10 -51.29
CA ARG YA 70 34.47 83.37 -51.04
C ARG YA 70 34.25 83.75 -49.59
N LEU YA 71 34.80 82.93 -48.70
CA LEU YA 71 34.62 83.10 -47.26
C LEU YA 71 35.29 84.38 -46.72
N GLU YA 72 36.45 84.74 -47.26
CA GLU YA 72 37.09 85.99 -46.81
C GLU YA 72 36.39 87.22 -47.40
N SER YA 73 35.86 87.08 -48.62
CA SER YA 73 35.08 88.15 -49.23
C SER YA 73 33.82 88.42 -48.39
N HIS YA 74 33.19 87.34 -47.93
CA HIS YA 74 32.03 87.46 -47.06
C HIS YA 74 32.42 87.98 -45.68
N VAL YA 75 33.62 87.61 -45.21
CA VAL YA 75 34.16 88.16 -43.98
C VAL YA 75 34.20 89.69 -44.07
N LYS YA 76 34.77 90.17 -45.18
CA LYS YA 76 34.92 91.60 -45.39
C LYS YA 76 33.57 92.31 -45.54
N GLU YA 77 32.69 91.79 -46.39
CA GLU YA 77 31.43 92.50 -46.68
C GLU YA 77 30.42 92.42 -45.53
N VAL YA 78 30.40 91.32 -44.78
CA VAL YA 78 29.43 91.16 -43.70
C VAL YA 78 29.79 91.99 -42.48
N PHE YA 79 31.04 91.83 -42.04
CA PHE YA 79 31.51 92.56 -40.86
C PHE YA 79 31.73 94.02 -41.23
N GLY YA 80 31.90 94.27 -42.53
CA GLY YA 80 32.16 95.61 -43.04
C GLY YA 80 33.53 96.09 -42.60
N SER YA 81 34.33 95.15 -42.10
CA SER YA 81 35.60 95.48 -41.49
C SER YA 81 36.77 95.24 -42.43
N SER YA 82 37.73 96.15 -42.42
CA SER YA 82 39.04 95.86 -42.96
C SER YA 82 39.61 94.74 -42.10
N VAL YA 83 40.04 93.66 -42.75
CA VAL YA 83 40.38 92.41 -42.07
C VAL YA 83 41.54 92.55 -41.08
N PRO YA 84 41.27 92.30 -39.78
CA PRO YA 84 42.39 92.14 -38.83
C PRO YA 84 43.27 90.96 -39.25
N SER YA 85 44.56 91.00 -38.95
CA SER YA 85 45.57 90.20 -39.66
C SER YA 85 45.22 88.71 -39.86
N ASN YA 86 44.54 88.11 -38.89
CA ASN YA 86 44.02 86.74 -39.04
C ASN YA 86 42.50 86.77 -39.27
N TRP YA 87 42.08 86.48 -40.50
CA TRP YA 87 40.68 86.68 -40.89
C TRP YA 87 39.76 85.53 -40.49
N GLN YA 88 40.34 84.38 -40.21
CA GLN YA 88 39.56 83.21 -39.87
C GLN YA 88 39.34 83.05 -38.36
N ASP YA 89 40.06 83.83 -37.57
CA ASP YA 89 40.01 83.71 -36.11
C ASP YA 89 39.08 84.73 -35.44
N ILE YA 90 38.41 85.55 -36.25
CA ILE YA 90 37.47 86.54 -35.73
C ILE YA 90 36.19 85.87 -35.22
N SER YA 91 35.74 86.30 -34.03
CA SER YA 91 34.61 85.64 -33.34
C SER YA 91 33.23 86.03 -33.87
N LEU YA 92 32.32 85.06 -33.90
CA LEU YA 92 30.97 85.22 -34.41
C LEU YA 92 29.93 85.54 -33.32
N GLU YA 93 30.40 85.78 -32.11
CA GLU YA 93 29.53 85.93 -30.93
C GLU YA 93 28.33 86.87 -31.07
N ASP YA 94 28.46 87.92 -31.86
CA ASP YA 94 27.33 88.81 -32.12
C ASP YA 94 26.32 88.14 -33.05
N VAL YA 95 25.04 88.28 -32.74
CA VAL YA 95 24.00 87.56 -33.45
C VAL YA 95 23.69 88.14 -34.84
N HIS YA 96 23.82 89.46 -34.98
CA HIS YA 96 23.64 90.10 -36.28
C HIS YA 96 24.66 89.60 -37.28
N LEU YA 97 25.93 89.67 -36.87
CA LEU YA 97 27.05 89.26 -37.69
C LEU YA 97 27.00 87.78 -38.05
N LYS YA 98 26.68 86.95 -37.06
CA LYS YA 98 26.57 85.52 -37.28
C LYS YA 98 25.44 85.22 -38.26
N PHE YA 99 24.27 85.80 -38.02
CA PHE YA 99 23.12 85.55 -38.89
C PHE YA 99 23.37 85.98 -40.33
N SER YA 100 23.88 87.19 -40.51
CA SER YA 100 24.12 87.70 -41.86
C SER YA 100 25.22 86.88 -42.55
N PHE YA 101 26.30 86.61 -41.83
CA PHE YA 101 27.43 85.84 -42.35
C PHE YA 101 27.02 84.45 -42.84
N LEU YA 102 26.29 83.75 -41.99
CA LEU YA 102 25.88 82.38 -42.31
C LEU YA 102 24.74 82.32 -43.34
N ALA YA 103 23.83 83.30 -43.32
CA ALA YA 103 22.79 83.35 -44.34
C ALA YA 103 23.39 83.60 -45.72
N ARG YA 104 24.39 84.48 -45.77
CA ARG YA 104 25.09 84.78 -47.01
C ARG YA 104 25.87 83.55 -47.50
N LEU YA 105 26.59 82.92 -46.59
CA LEU YA 105 27.26 81.65 -46.90
C LEU YA 105 26.29 80.62 -47.45
N ALA YA 106 25.06 80.65 -46.94
CA ALA YA 106 24.04 79.67 -47.28
C ALA YA 106 23.49 79.90 -48.69
N ASN YA 107 23.31 81.15 -49.08
CA ASN YA 107 22.86 81.44 -50.43
C ASN YA 107 23.99 81.31 -51.46
N ASP YA 108 25.21 81.58 -51.04
CA ASP YA 108 26.38 81.45 -51.92
C ASP YA 108 26.74 79.98 -52.15
N LEU YA 109 26.86 79.22 -51.06
CA LEU YA 109 27.36 77.85 -51.14
C LEU YA 109 26.26 76.81 -51.36
N ARG YA 110 25.00 77.26 -51.45
CA ARG YA 110 23.86 76.39 -51.74
C ARG YA 110 23.68 75.33 -50.64
N HIS YA 111 24.22 75.61 -49.46
CA HIS YA 111 24.30 74.65 -48.35
C HIS YA 111 24.21 75.40 -47.01
N ALA YA 112 23.48 74.85 -46.05
CA ALA YA 112 23.26 75.55 -44.78
C ALA YA 112 23.77 74.75 -43.58
N VAL YA 113 23.98 75.43 -42.46
CA VAL YA 113 24.41 74.76 -41.23
C VAL YA 113 23.19 74.38 -40.39
N PRO YA 114 23.05 73.08 -40.07
CA PRO YA 114 21.90 72.54 -39.33
C PRO YA 114 21.80 73.08 -37.90
N ASN YA 115 20.58 73.17 -37.39
CA ASN YA 115 20.29 73.83 -36.10
C ASN YA 115 21.14 73.33 -34.93
N SER YA 116 21.59 72.09 -35.01
CA SER YA 116 22.38 71.50 -33.93
C SER YA 116 23.80 72.05 -33.95
N ARG YA 117 24.32 72.32 -35.14
CA ARG YA 117 25.71 72.76 -35.28
C ARG YA 117 25.89 74.27 -35.04
N LEU YA 118 24.79 75.00 -34.90
CA LEU YA 118 24.85 76.45 -34.79
C LEU YA 118 25.37 76.92 -33.43
N HIS YA 119 25.46 76.00 -32.47
CA HIS YA 119 26.09 76.30 -31.19
C HIS YA 119 27.58 76.03 -31.27
N GLN YA 120 27.97 75.32 -32.32
CA GLN YA 120 29.34 74.86 -32.52
C GLN YA 120 30.21 75.86 -33.27
N MET YA 121 29.59 76.85 -33.92
CA MET YA 121 30.31 77.85 -34.71
C MET YA 121 30.58 79.08 -33.85
N CYS YA 122 31.86 79.30 -33.52
CA CYS YA 122 32.26 80.45 -32.73
C CYS YA 122 33.21 81.31 -33.55
N ARG YA 123 34.36 80.74 -33.88
CA ARG YA 123 35.29 81.38 -34.79
C ARG YA 123 34.75 81.27 -36.21
N VAL YA 124 35.44 81.86 -37.17
CA VAL YA 124 35.11 81.62 -38.58
C VAL YA 124 35.83 80.34 -39.02
N ARG YA 125 36.86 79.98 -38.27
CA ARG YA 125 37.62 78.76 -38.52
C ARG YA 125 36.71 77.54 -38.50
N ASP YA 126 35.70 77.58 -37.64
CA ASP YA 126 34.71 76.52 -37.49
C ASP YA 126 33.83 76.39 -38.74
N VAL YA 127 33.50 77.52 -39.33
CA VAL YA 127 32.69 77.52 -40.54
C VAL YA 127 33.52 77.05 -41.73
N LEU YA 128 34.78 77.45 -41.73
CA LEU YA 128 35.77 76.96 -42.69
C LEU YA 128 35.80 75.44 -42.67
N ASP YA 129 36.05 74.89 -41.48
CA ASP YA 129 36.18 73.46 -41.30
C ASP YA 129 34.87 72.74 -41.63
N PHE YA 130 33.74 73.36 -41.30
CA PHE YA 130 32.44 72.77 -41.60
C PHE YA 130 32.26 72.61 -43.11
N TYR YA 131 32.55 73.67 -43.85
CA TYR YA 131 32.28 73.64 -45.28
C TYR YA 131 33.34 72.86 -46.08
N ASN YA 132 34.43 72.46 -45.42
CA ASN YA 132 35.46 71.65 -46.06
C ASN YA 132 35.04 70.19 -46.22
N VAL YA 133 34.16 69.74 -45.32
CA VAL YA 133 33.70 68.34 -45.32
C VAL YA 133 32.45 68.13 -46.19
N PRO YA 134 32.55 67.21 -47.17
CA PRO YA 134 31.45 66.90 -48.08
C PRO YA 134 30.33 66.12 -47.38
N VAL YA 135 29.14 66.14 -47.95
CA VAL YA 135 28.03 65.33 -47.45
C VAL YA 135 27.31 64.61 -48.59
N GLN YA 136 27.33 63.29 -48.54
CA GLN YA 136 26.67 62.47 -49.55
C GLN YA 136 25.26 62.10 -49.10
N ASP YA 137 24.27 62.37 -49.95
CA ASP YA 137 22.89 62.05 -49.63
C ASP YA 137 22.49 60.69 -50.20
N ARG YA 138 23.43 60.03 -50.86
CA ARG YA 138 23.20 58.67 -51.34
C ARG YA 138 23.22 57.71 -50.16
N SER YA 139 22.33 56.70 -50.19
CA SER YA 139 22.24 55.72 -49.12
C SER YA 139 23.40 54.73 -49.15
N LYS YA 140 23.40 53.76 -48.25
CA LYS YA 140 24.44 52.74 -48.22
C LYS YA 140 24.30 51.80 -49.41
N PHE YA 141 23.06 51.44 -49.70
CA PHE YA 141 22.72 50.63 -50.86
C PHE YA 141 23.20 51.26 -52.18
N ASP YA 142 22.83 52.53 -52.37
CA ASP YA 142 23.18 53.28 -53.58
C ASP YA 142 24.69 53.47 -53.66
N GLU YA 143 25.34 53.47 -52.50
CA GLU YA 143 26.79 53.55 -52.41
C GLU YA 143 27.41 52.22 -52.84
N LEU YA 144 26.66 51.14 -52.63
CA LEU YA 144 27.11 49.80 -53.01
C LEU YA 144 26.91 49.50 -54.51
N ILE YA 145 25.88 50.09 -55.11
CA ILE YA 145 25.68 49.92 -56.56
C ILE YA 145 26.86 50.48 -57.38
N ALA YA 146 27.41 51.61 -56.95
CA ALA YA 146 28.44 52.34 -57.69
C ALA YA 146 29.87 52.03 -57.25
N SER YA 147 30.03 51.08 -56.32
CA SER YA 147 31.31 50.84 -55.66
C SER YA 147 32.22 49.84 -56.40
N ASN YA 148 31.85 49.51 -57.64
CA ASN YA 148 32.57 48.53 -58.47
C ASN YA 148 32.52 47.10 -57.90
N LEU YA 149 31.33 46.50 -58.00
CA LEU YA 149 31.05 45.14 -57.56
C LEU YA 149 31.70 44.06 -58.42
N PRO YA 150 32.13 42.94 -57.78
CA PRO YA 150 32.61 41.77 -58.52
C PRO YA 150 31.51 41.18 -59.42
N HIS YA 151 31.90 40.38 -60.40
CA HIS YA 151 30.94 39.87 -61.40
C HIS YA 151 29.98 38.84 -60.82
N ASN YA 152 30.39 38.20 -59.73
CA ASN YA 152 29.64 37.10 -59.13
C ASN YA 152 28.62 37.56 -58.08
N LEU YA 153 28.42 38.87 -57.99
CA LEU YA 153 27.44 39.43 -57.05
C LEU YA 153 26.44 40.35 -57.75
N LYS YA 154 25.18 39.93 -57.79
CA LYS YA 154 24.11 40.73 -58.36
C LYS YA 154 23.18 41.26 -57.27
N ILE YA 155 22.97 42.57 -57.24
CA ILE YA 155 22.01 43.17 -56.32
C ILE YA 155 20.83 43.73 -57.11
N THR YA 156 19.63 43.29 -56.77
CA THR YA 156 18.42 43.79 -57.43
C THR YA 156 17.52 44.49 -56.41
N TRP YA 157 17.11 45.71 -56.73
CA TRP YA 157 16.29 46.50 -55.81
C TRP YA 157 14.80 46.28 -56.10
N GLY YA 158 14.12 45.66 -55.14
CA GLY YA 158 12.75 45.21 -55.28
C GLY YA 158 11.71 46.06 -54.58
N TYR YA 159 12.04 47.33 -54.34
CA TYR YA 159 11.09 48.28 -53.76
C TYR YA 159 10.48 49.18 -54.83
N PHE ZA 32 -7.08 20.62 -31.61
CA PHE ZA 32 -6.00 21.58 -31.84
C PHE ZA 32 -6.06 22.19 -33.24
N HIS ZA 33 -7.14 21.88 -33.95
CA HIS ZA 33 -7.33 22.28 -35.34
C HIS ZA 33 -7.24 23.77 -35.53
N VAL ZA 34 -6.42 24.19 -36.48
CA VAL ZA 34 -6.14 25.60 -36.64
C VAL ZA 34 -6.87 26.10 -37.87
N ARG ZA 35 -7.31 27.35 -37.81
CA ARG ZA 35 -8.16 27.95 -38.83
C ARG ZA 35 -7.50 27.96 -40.22
N VAL ZA 36 -8.25 27.50 -41.22
CA VAL ZA 36 -7.68 27.22 -42.55
C VAL ZA 36 -7.62 28.42 -43.50
N THR ZA 37 -8.31 29.50 -43.15
CA THR ZA 37 -8.39 30.64 -44.04
C THR ZA 37 -7.77 31.87 -43.41
N LEU ZA 38 -6.91 32.55 -44.18
CA LEU ZA 38 -6.33 33.80 -43.73
C LEU ZA 38 -7.42 34.79 -43.39
N PRO ZA 39 -7.34 35.36 -42.19
CA PRO ZA 39 -8.30 36.38 -41.75
C PRO ZA 39 -8.23 37.60 -42.64
N PRO ZA 40 -9.29 38.40 -42.69
CA PRO ZA 40 -9.11 39.66 -43.41
C PRO ZA 40 -8.02 40.47 -42.72
N ARG ZA 41 -6.99 40.88 -43.47
CA ARG ZA 41 -5.92 41.63 -42.86
C ARG ZA 41 -6.49 42.93 -42.34
N LYS ZA 42 -6.34 43.18 -41.05
CA LYS ZA 42 -6.92 44.37 -40.47
C LYS ZA 42 -5.93 45.52 -40.59
N VAL ZA 43 -6.37 46.60 -41.22
CA VAL ZA 43 -5.51 47.77 -41.37
C VAL ZA 43 -5.89 48.80 -40.31
N VAL ZA 44 -4.96 49.04 -39.39
CA VAL ZA 44 -5.09 50.11 -38.42
C VAL ZA 44 -4.26 51.29 -38.87
N ASP ZA 45 -4.90 52.41 -39.16
CA ASP ZA 45 -4.14 53.63 -39.43
C ASP ZA 45 -3.87 54.27 -38.09
N ARG ZA 46 -2.62 54.66 -37.89
CA ARG ZA 46 -2.21 55.15 -36.60
C ARG ZA 46 -2.42 56.65 -36.57
N TRP ZA 47 -2.82 57.19 -37.71
CA TRP ZA 47 -3.04 58.62 -37.82
C TRP ZA 47 -4.49 59.05 -37.68
N ASN ZA 48 -5.35 58.12 -37.30
CA ASN ZA 48 -6.71 58.49 -36.96
C ASN ZA 48 -6.72 59.44 -35.78
N GLU ZA 49 -7.77 60.23 -35.67
CA GLU ZA 49 -7.86 61.33 -34.70
C GLU ZA 49 -7.47 60.94 -33.26
N LYS ZA 50 -8.07 59.86 -32.75
CA LYS ZA 50 -7.84 59.46 -31.37
C LYS ZA 50 -6.38 59.12 -31.08
N ARG ZA 51 -5.71 58.48 -32.04
CA ARG ZA 51 -4.31 58.07 -31.87
C ARG ZA 51 -3.34 59.23 -32.04
N ALA ZA 52 -3.74 60.21 -32.85
CA ALA ZA 52 -2.87 61.33 -33.18
C ALA ZA 52 -2.85 62.34 -32.06
N MET ZA 53 -3.95 62.42 -31.36
CA MET ZA 53 -4.10 63.41 -30.32
C MET ZA 53 -3.78 62.83 -28.93
N PHE ZA 54 -3.33 61.58 -28.89
CA PHE ZA 54 -3.14 60.90 -27.60
C PHE ZA 54 -2.13 61.56 -26.67
N GLY ZA 55 -2.51 61.65 -25.41
CA GLY ZA 55 -1.62 62.15 -24.37
C GLY ZA 55 -1.39 63.64 -24.49
N VAL ZA 56 -2.31 64.36 -25.11
CA VAL ZA 56 -2.06 65.75 -25.41
C VAL ZA 56 -2.05 66.64 -24.16
N TYR ZA 57 -3.04 66.54 -23.30
CA TYR ZA 57 -3.08 67.49 -22.21
C TYR ZA 57 -2.47 67.01 -20.92
N ASP ZA 58 -1.78 65.87 -20.96
CA ASP ZA 58 -1.15 65.29 -19.77
C ASP ZA 58 -0.27 66.25 -18.94
N ASN ZA 59 0.30 67.25 -19.59
CA ASN ZA 59 1.18 68.18 -18.89
C ASN ZA 59 0.47 69.44 -18.42
N ILE ZA 60 -0.85 69.42 -18.51
CA ILE ZA 60 -1.75 70.52 -18.14
C ILE ZA 60 -1.41 71.19 -16.82
N GLY ZA 61 -0.94 70.43 -15.84
CA GLY ZA 61 -0.53 71.01 -14.58
C GLY ZA 61 0.70 71.89 -14.71
N ILE ZA 62 1.78 71.32 -15.23
CA ILE ZA 62 3.06 72.01 -15.33
C ILE ZA 62 3.00 73.22 -16.24
N LEU ZA 63 2.61 72.98 -17.49
CA LEU ZA 63 2.56 74.03 -18.49
C LEU ZA 63 1.39 74.96 -18.25
N GLY ZA 64 0.47 74.52 -17.42
CA GLY ZA 64 -0.76 75.26 -17.23
C GLY ZA 64 -0.86 76.04 -15.94
N ASN ZA 65 0.29 76.31 -15.31
CA ASN ZA 65 0.30 77.22 -14.17
C ASN ZA 65 -0.62 76.70 -13.09
N PHE ZA 66 -0.18 75.69 -12.34
CA PHE ZA 66 -1.04 74.59 -11.91
C PHE ZA 66 -2.42 74.99 -11.45
N GLU ZA 67 -3.41 74.46 -12.14
CA GLU ZA 67 -4.79 74.71 -11.83
C GLU ZA 67 -5.49 73.38 -11.82
N LYS ZA 68 -5.49 72.72 -12.97
CA LYS ZA 68 -5.98 71.36 -13.06
C LYS ZA 68 -4.85 70.36 -13.00
N HIS ZA 69 -4.99 69.40 -12.09
CA HIS ZA 69 -4.13 68.22 -12.02
C HIS ZA 69 -4.55 67.29 -13.15
N PRO ZA 70 -3.61 66.53 -13.73
CA PRO ZA 70 -3.95 65.55 -14.76
C PRO ZA 70 -5.08 64.58 -14.38
N LYS ZA 71 -5.36 64.36 -13.09
CA LYS ZA 71 -6.50 63.53 -12.70
C LYS ZA 71 -7.76 63.90 -13.48
N GLU ZA 72 -8.01 65.20 -13.61
CA GLU ZA 72 -9.22 65.70 -14.25
C GLU ZA 72 -9.46 65.16 -15.64
N LEU ZA 73 -8.38 64.78 -16.30
CA LEU ZA 73 -8.48 64.23 -17.63
C LEU ZA 73 -9.08 62.82 -17.65
N ILE ZA 74 -9.13 62.17 -16.50
CA ILE ZA 74 -9.45 60.75 -16.46
C ILE ZA 74 -10.95 60.52 -16.63
N LYS ZA 75 -11.33 59.84 -17.70
CA LYS ZA 75 -12.71 59.46 -17.92
C LYS ZA 75 -12.90 58.05 -17.41
N GLY ZA 76 -13.78 57.85 -16.44
CA GLY ZA 76 -14.01 56.50 -15.95
C GLY ZA 76 -15.13 56.39 -14.94
N PRO ZA 77 -15.23 55.23 -14.28
CA PRO ZA 77 -16.20 55.03 -13.19
C PRO ZA 77 -15.97 56.06 -12.08
N ILE ZA 78 -17.03 56.50 -11.43
CA ILE ZA 78 -16.92 57.59 -10.46
C ILE ZA 78 -15.96 57.30 -9.33
N TRP ZA 79 -15.95 56.06 -8.83
CA TRP ZA 79 -15.11 55.75 -7.68
C TRP ZA 79 -13.67 55.51 -8.06
N LEU ZA 80 -13.41 55.36 -9.34
CA LEU ZA 80 -12.06 55.05 -9.80
C LEU ZA 80 -11.25 56.20 -10.35
N ARG ZA 81 -11.82 57.40 -10.43
CA ARG ZA 81 -11.09 58.48 -11.07
C ARG ZA 81 -9.89 58.88 -10.23
N GLY ZA 82 -8.69 58.81 -10.80
CA GLY ZA 82 -7.49 59.28 -10.12
C GLY ZA 82 -7.22 58.62 -8.79
N TRP ZA 83 -7.37 57.31 -8.76
CA TRP ZA 83 -7.21 56.53 -7.55
C TRP ZA 83 -6.90 55.10 -7.93
N LYS ZA 84 -6.33 54.32 -7.02
CA LYS ZA 84 -5.91 52.96 -7.35
C LYS ZA 84 -5.87 52.09 -6.11
N GLY ZA 85 -5.98 50.77 -6.25
CA GLY ZA 85 -5.83 49.89 -5.10
C GLY ZA 85 -6.12 48.44 -5.40
N ASN ZA 86 -5.68 47.54 -4.52
CA ASN ZA 86 -5.91 46.10 -4.70
C ASN ZA 86 -7.40 45.80 -4.64
N GLU ZA 87 -7.80 44.62 -5.13
CA GLU ZA 87 -9.23 44.35 -5.34
C GLU ZA 87 -10.10 44.58 -4.10
N LEU ZA 88 -9.61 44.23 -2.92
CA LEU ZA 88 -10.36 44.50 -1.72
C LEU ZA 88 -10.63 46.00 -1.56
N GLN ZA 89 -9.57 46.82 -1.58
CA GLN ZA 89 -9.72 48.26 -1.45
C GLN ZA 89 -10.68 48.83 -2.47
N ARG ZA 90 -10.49 48.44 -3.72
CA ARG ZA 90 -11.39 48.78 -4.81
C ARG ZA 90 -12.86 48.55 -4.48
N CYS ZA 91 -13.21 47.30 -4.15
CA CYS ZA 91 -14.59 46.94 -3.79
C CYS ZA 91 -15.13 47.74 -2.62
N ILE ZA 92 -14.33 47.82 -1.56
CA ILE ZA 92 -14.72 48.54 -0.36
C ILE ZA 92 -15.06 50.00 -0.70
N ARG ZA 93 -14.30 50.57 -1.62
CA ARG ZA 93 -14.49 51.95 -2.02
C ARG ZA 93 -15.72 52.11 -2.87
N LYS ZA 94 -15.92 51.18 -3.80
CA LYS ZA 94 -17.10 51.21 -4.65
C LYS ZA 94 -18.35 51.21 -3.78
N LYS ZA 95 -18.35 50.36 -2.76
CA LYS ZA 95 -19.51 50.29 -1.90
C LYS ZA 95 -19.72 51.59 -1.14
N ARG ZA 96 -18.65 52.16 -0.60
CA ARG ZA 96 -18.83 53.43 0.12
C ARG ZA 96 -19.37 54.53 -0.77
N MET ZA 97 -18.88 54.64 -2.00
CA MET ZA 97 -19.35 55.73 -2.85
C MET ZA 97 -20.70 55.45 -3.47
N VAL ZA 98 -20.80 54.46 -4.34
CA VAL ZA 98 -22.06 54.23 -5.03
C VAL ZA 98 -22.96 53.14 -4.45
N GLY ZA 99 -22.57 52.58 -3.32
CA GLY ZA 99 -23.29 51.45 -2.76
C GLY ZA 99 -24.79 51.59 -2.58
N ASN ZA 100 -25.28 52.82 -2.48
CA ASN ZA 100 -26.71 53.04 -2.31
C ASN ZA 100 -27.43 53.32 -3.63
N ARG ZA 101 -26.67 53.39 -4.71
CA ARG ZA 101 -27.29 53.51 -6.02
C ARG ZA 101 -27.33 52.16 -6.73
N MET ZA 102 -26.84 51.13 -6.05
CA MET ZA 102 -26.67 49.82 -6.68
C MET ZA 102 -27.94 49.00 -6.75
N PHE ZA 103 -27.97 48.08 -7.70
CA PHE ZA 103 -29.04 47.12 -7.82
C PHE ZA 103 -28.89 46.08 -6.74
N ILE ZA 104 -29.99 45.47 -6.30
CA ILE ZA 104 -29.96 44.57 -5.16
C ILE ZA 104 -28.94 43.47 -5.34
N ASP ZA 105 -29.14 42.69 -6.40
CA ASP ZA 105 -28.27 41.58 -6.76
C ASP ZA 105 -26.80 41.97 -6.74
N ASP ZA 106 -26.51 43.15 -7.27
CA ASP ZA 106 -25.14 43.58 -7.41
C ASP ZA 106 -24.57 44.02 -6.08
N LEU ZA 107 -25.39 44.64 -5.24
CA LEU ZA 107 -24.94 45.05 -3.92
C LEU ZA 107 -24.66 43.83 -3.06
N HIS ZA 108 -25.57 42.86 -3.14
CA HIS ZA 108 -25.40 41.63 -2.42
C HIS ZA 108 -24.12 40.94 -2.86
N ASN ZA 109 -23.95 40.81 -4.16
CA ASN ZA 109 -22.72 40.24 -4.69
C ASN ZA 109 -21.48 40.97 -4.19
N LEU ZA 110 -21.57 42.29 -4.12
CA LEU ZA 110 -20.43 43.08 -3.71
C LEU ZA 110 -20.09 42.80 -2.25
N ASN ZA 111 -21.12 42.77 -1.41
CA ASN ZA 111 -20.90 42.47 0.00
C ASN ZA 111 -20.22 41.14 0.17
N LYS ZA 112 -20.71 40.13 -0.56
CA LYS ZA 112 -20.11 38.81 -0.47
C LYS ZA 112 -18.66 38.84 -0.95
N ARG ZA 113 -18.39 39.58 -2.02
CA ARG ZA 113 -17.03 39.65 -2.53
C ARG ZA 113 -16.12 40.27 -1.49
N ILE ZA 114 -16.60 41.32 -0.83
CA ILE ZA 114 -15.84 42.00 0.19
C ILE ZA 114 -15.53 41.06 1.33
N SER ZA 115 -16.54 40.35 1.82
CA SER ZA 115 -16.35 39.42 2.94
C SER ZA 115 -15.33 38.34 2.58
N TYR ZA 116 -15.46 37.80 1.38
CA TYR ZA 116 -14.52 36.81 0.90
C TYR ZA 116 -13.10 37.36 0.89
N LEU ZA 117 -12.93 38.52 0.27
CA LEU ZA 117 -11.59 39.08 0.10
C LEU ZA 117 -10.96 39.41 1.43
N TYR ZA 118 -11.77 39.93 2.34
CA TYR ZA 118 -11.35 40.19 3.70
C TYR ZA 118 -10.80 38.92 4.34
N LYS ZA 119 -11.61 37.88 4.37
CA LYS ZA 119 -11.18 36.62 4.96
C LYS ZA 119 -9.91 36.12 4.30
N HIS ZA 120 -9.84 36.21 2.99
CA HIS ZA 120 -8.71 35.63 2.29
C HIS ZA 120 -7.41 36.37 2.55
N PHE ZA 121 -7.43 37.68 2.30
CA PHE ZA 121 -6.23 38.49 2.50
C PHE ZA 121 -5.75 38.44 3.94
N ASN ZA 122 -6.66 38.59 4.88
CA ASN ZA 122 -6.27 38.63 6.28
C ASN ZA 122 -5.84 37.27 6.83
N ARG ZA 123 -6.60 36.21 6.57
CA ARG ZA 123 -6.26 34.92 7.13
C ARG ZA 123 -5.53 33.87 6.26
N HIS ZA 124 -5.35 34.13 4.98
CA HIS ZA 124 -4.69 33.12 4.14
C HIS ZA 124 -3.45 33.63 3.45
N GLY ZA 125 -2.53 32.72 3.18
CA GLY ZA 125 -1.37 33.03 2.37
C GLY ZA 125 -0.17 32.23 2.82
N LYS ZA 126 0.92 32.41 2.10
CA LYS ZA 126 2.19 31.81 2.51
C LYS ZA 126 2.86 32.64 3.58
N TYR ZA 127 2.85 33.96 3.39
CA TYR ZA 127 3.83 34.80 4.08
C TYR ZA 127 3.48 35.32 5.45
N ARG ZA 128 2.20 35.31 5.81
CA ARG ZA 128 1.80 35.79 7.13
C ARG ZA 128 2.25 37.24 7.37
N ALA AB 23 45.91 -2.63 -21.72
CA ALA AB 23 46.56 -2.77 -20.43
C ALA AB 23 48.10 -2.73 -20.52
N GLY AB 24 48.75 -3.42 -19.59
CA GLY AB 24 50.20 -3.38 -19.49
C GLY AB 24 50.73 -2.04 -18.96
N SER AB 25 50.13 -1.56 -17.89
CA SER AB 25 50.61 -0.33 -17.26
C SER AB 25 51.83 -0.63 -16.40
N GLN AB 26 51.92 -1.85 -15.89
CA GLN AB 26 53.00 -2.16 -14.96
C GLN AB 26 54.35 -2.13 -15.64
N TRP AB 27 54.38 -2.72 -16.82
CA TRP AB 27 55.59 -2.76 -17.60
C TRP AB 27 55.97 -1.34 -18.00
N ARG AB 28 55.01 -0.62 -18.56
CA ARG AB 28 55.21 0.76 -18.95
C ARG AB 28 55.76 1.61 -17.81
N LEU AB 29 55.40 1.30 -16.57
CA LEU AB 29 55.94 2.03 -15.42
C LEU AB 29 57.36 1.62 -15.11
N GLN AB 30 57.64 0.31 -15.07
CA GLN AB 30 59.01 -0.15 -14.85
C GLN AB 30 59.99 0.46 -15.85
N GLN AB 31 59.51 0.72 -17.06
CA GLN AB 31 60.37 1.26 -18.12
C GLN AB 31 60.45 2.78 -18.10
N GLY AB 32 59.76 3.40 -17.16
CA GLY AB 32 59.83 4.83 -16.99
C GLY AB 32 58.96 5.68 -17.90
N PHE AB 33 58.06 5.06 -18.66
CA PHE AB 33 57.09 5.82 -19.46
C PHE AB 33 55.85 6.14 -18.62
N ALA AB 34 54.83 6.72 -19.24
CA ALA AB 34 53.58 6.97 -18.51
C ALA AB 34 52.70 5.75 -18.55
N ALA AB 35 52.06 5.43 -17.42
CA ALA AB 35 51.20 4.24 -17.30
C ALA AB 35 50.14 4.21 -18.40
N ASN AB 36 49.72 5.40 -18.82
CA ASN AB 36 48.83 5.55 -19.94
C ASN AB 36 49.61 6.09 -21.13
N PRO AB 37 49.56 5.39 -22.28
CA PRO AB 37 50.21 5.82 -23.51
C PRO AB 37 49.85 7.24 -23.92
N SER AB 38 48.71 7.72 -23.44
CA SER AB 38 48.25 9.08 -23.75
C SER AB 38 49.11 10.16 -23.08
N GLY AB 39 49.62 9.88 -21.90
CA GLY AB 39 50.50 10.82 -21.22
C GLY AB 39 51.90 11.01 -21.78
N TYR AB 40 52.19 12.25 -22.18
CA TYR AB 40 53.54 12.81 -22.24
C TYR AB 40 54.53 12.12 -23.18
N GLY AB 41 54.14 10.98 -23.75
CA GLY AB 41 54.99 10.35 -24.74
C GLY AB 41 55.10 11.18 -26.01
N PRO AB 42 55.99 10.77 -26.93
CA PRO AB 42 56.08 11.43 -28.23
C PRO AB 42 54.82 11.18 -29.03
N LEU AB 43 54.05 10.19 -28.61
CA LEU AB 43 52.77 9.89 -29.23
C LEU AB 43 51.81 11.08 -29.11
N THR AB 44 51.70 11.64 -27.90
CA THR AB 44 50.84 12.79 -27.67
C THR AB 44 51.46 14.17 -27.95
N GLU AB 45 52.71 14.34 -27.53
CA GLU AB 45 53.37 15.64 -27.52
C GLU AB 45 53.55 16.27 -28.90
N LEU AB 46 53.91 15.44 -29.88
CA LEU AB 46 54.24 15.91 -31.21
C LEU AB 46 53.02 16.45 -31.96
N PRO AB 47 53.25 17.43 -32.85
CA PRO AB 47 52.22 18.14 -33.63
C PRO AB 47 51.70 17.31 -34.79
N ASP AB 48 50.65 16.53 -34.57
CA ASP AB 48 50.28 15.46 -35.52
C ASP AB 48 50.01 15.85 -36.97
N TRP AB 49 49.88 17.13 -37.30
CA TRP AB 49 49.86 17.49 -38.72
C TRP AB 49 50.64 18.74 -39.08
N SER AB 50 50.84 18.93 -40.38
CA SER AB 50 51.54 20.10 -40.90
C SER AB 50 51.07 20.38 -42.32
N TYR AB 51 51.24 21.62 -42.78
CA TYR AB 51 50.89 21.96 -44.15
C TYR AB 51 51.80 21.22 -45.11
N ALA AB 52 51.31 20.96 -46.33
CA ALA AB 52 52.10 20.18 -47.29
C ALA AB 52 53.40 20.88 -47.66
N ASP AB 53 53.37 22.22 -47.69
CA ASP AB 53 54.55 23.03 -47.99
C ASP AB 53 55.66 22.85 -46.98
N GLY AB 54 55.29 22.51 -45.76
CA GLY AB 54 56.24 22.40 -44.67
C GLY AB 54 56.11 23.45 -43.58
N ARG AB 55 55.26 24.47 -43.76
CA ARG AB 55 55.01 25.41 -42.67
C ARG AB 55 54.38 24.67 -41.50
N PRO AB 56 54.73 25.05 -40.27
CA PRO AB 56 54.15 24.39 -39.10
C PRO AB 56 52.67 24.71 -38.96
N ALA AB 57 51.93 23.84 -38.28
CA ALA AB 57 50.51 24.06 -38.03
C ALA AB 57 50.33 24.87 -36.75
N PRO AB 58 49.22 25.62 -36.64
CA PRO AB 58 48.93 26.32 -35.38
C PRO AB 58 48.97 25.32 -34.23
N PRO AB 59 49.51 25.70 -33.07
CA PRO AB 59 49.72 24.66 -32.05
C PRO AB 59 48.41 24.06 -31.55
N MET AB 60 48.49 23.01 -30.75
CA MET AB 60 47.29 22.28 -30.38
C MET AB 60 46.85 22.63 -28.97
N LYS AB 61 45.55 22.84 -28.79
CA LYS AB 61 44.99 23.33 -27.53
C LYS AB 61 45.44 22.49 -26.33
N GLY AB 62 45.38 21.17 -26.49
CA GLY AB 62 45.82 20.25 -25.47
C GLY AB 62 47.25 20.51 -25.06
N GLN AB 63 48.16 20.55 -26.03
CA GLN AB 63 49.57 20.78 -25.74
C GLN AB 63 49.80 22.13 -25.07
N LEU AB 64 49.06 23.14 -25.48
CA LEU AB 64 49.16 24.45 -24.85
C LEU AB 64 48.84 24.37 -23.37
N ARG AB 65 47.67 23.82 -23.05
CA ARG AB 65 47.28 23.67 -21.65
C ARG AB 65 48.31 22.86 -20.85
N ARG AB 66 48.76 21.75 -21.42
CA ARG AB 66 49.72 20.89 -20.73
C ARG AB 66 51.01 21.64 -20.46
N LYS AB 67 51.41 22.50 -21.40
CA LYS AB 67 52.56 23.38 -21.20
C LYS AB 67 52.33 24.27 -20.00
N ALA AB 68 51.22 25.00 -20.01
CA ALA AB 68 50.96 25.94 -18.94
C ALA AB 68 50.97 25.28 -17.57
N GLN AB 69 50.32 24.13 -17.44
CA GLN AB 69 50.25 23.51 -16.11
C GLN AB 69 51.51 22.75 -15.71
N ARG AB 70 52.29 22.30 -16.69
CA ARG AB 70 53.62 21.75 -16.38
C ARG AB 70 54.54 22.85 -15.86
N GLU AB 71 54.44 24.02 -16.48
CA GLU AB 71 55.17 25.19 -16.05
C GLU AB 71 54.77 25.61 -14.64
N LYS AB 72 53.47 25.71 -14.41
CA LYS AB 72 52.91 25.98 -13.09
C LYS AB 72 53.51 25.05 -12.03
N PHE AB 73 53.49 23.75 -12.33
CA PHE AB 73 54.11 22.77 -11.45
C PHE AB 73 55.58 23.09 -11.17
N ALA AB 74 56.36 23.23 -12.24
CA ALA AB 74 57.79 23.54 -12.10
C ALA AB 74 58.04 24.76 -11.20
N ARG AB 75 57.39 25.87 -11.53
CA ARG AB 75 57.45 27.08 -10.74
C ARG AB 75 57.23 26.78 -9.27
N ARG AB 76 56.19 26.03 -8.98
CA ARG AB 76 55.92 25.66 -7.60
C ARG AB 76 57.10 24.89 -6.97
N VAL AB 77 57.67 23.94 -7.70
CA VAL AB 77 58.80 23.16 -7.19
C VAL AB 77 59.96 24.08 -6.77
N VAL AB 78 60.29 24.98 -7.67
CA VAL AB 78 61.29 26.01 -7.38
C VAL AB 78 60.94 26.74 -6.09
N LEU AB 79 59.73 27.29 -6.03
CA LEU AB 79 59.30 28.07 -4.88
C LEU AB 79 59.47 27.33 -3.55
N LEU AB 80 58.95 26.10 -3.47
CA LEU AB 80 59.03 25.35 -2.22
C LEU AB 80 60.45 25.05 -1.85
N SER AB 81 61.25 24.66 -2.85
CA SER AB 81 62.66 24.41 -2.60
C SER AB 81 63.33 25.63 -1.95
N GLN AB 82 63.18 26.79 -2.60
CA GLN AB 82 63.74 28.03 -2.09
C GLN AB 82 63.24 28.42 -0.71
N GLU AB 83 61.95 28.24 -0.46
CA GLU AB 83 61.39 28.57 0.84
C GLU AB 83 61.97 27.70 1.94
N MET AB 84 62.14 26.42 1.65
CA MET AB 84 62.68 25.51 2.64
C MET AB 84 64.14 25.86 2.93
N ASP AB 85 64.89 26.17 1.87
CA ASP AB 85 66.27 26.61 2.05
C ASP AB 85 66.39 27.86 2.92
N ALA AB 86 65.65 28.90 2.53
CA ALA AB 86 65.66 30.18 3.26
C ALA AB 86 65.25 29.98 4.72
N GLY AB 87 64.31 29.07 4.95
CA GLY AB 87 63.92 28.67 6.28
C GLY AB 87 65.09 28.10 7.08
N LEU AB 88 65.76 27.08 6.54
CA LEU AB 88 66.88 26.47 7.24
C LEU AB 88 68.01 27.47 7.54
N GLN AB 89 68.32 28.33 6.56
CA GLN AB 89 69.29 29.39 6.77
C GLN AB 89 68.89 30.35 7.90
N ALA AB 90 67.62 30.76 7.92
CA ALA AB 90 67.12 31.63 8.98
C ALA AB 90 67.33 31.00 10.36
N TRP AB 91 67.03 29.72 10.47
CA TRP AB 91 67.27 28.99 11.73
C TRP AB 91 68.75 29.00 12.13
N GLN AB 92 69.63 28.62 11.20
CA GLN AB 92 71.06 28.65 11.50
C GLN AB 92 71.52 30.01 11.98
N LEU AB 93 71.06 31.05 11.30
CA LEU AB 93 71.34 32.42 11.73
C LEU AB 93 70.89 32.67 13.16
N ARG AB 94 69.67 32.28 13.51
CA ARG AB 94 69.16 32.48 14.87
C ARG AB 94 70.01 31.76 15.92
N GLN AB 95 70.48 30.56 15.59
CA GLN AB 95 71.40 29.85 16.47
C GLN AB 95 72.69 30.65 16.68
N GLN AB 96 73.24 31.15 15.58
CA GLN AB 96 74.45 31.99 15.66
C GLN AB 96 74.25 33.23 16.52
N GLU AB 97 73.09 33.87 16.38
CA GLU AB 97 72.80 35.08 17.16
C GLU AB 97 72.71 34.75 18.64
N LYS AB 98 72.07 33.64 18.96
CA LYS AB 98 72.01 33.20 20.34
C LYS AB 98 73.42 32.98 20.91
N LEU AB 99 74.24 32.21 20.19
CA LEU AB 99 75.62 31.94 20.62
C LEU AB 99 76.47 33.20 20.73
N GLN AB 100 76.12 34.22 19.95
CA GLN AB 100 76.82 35.49 19.98
C GLN AB 100 76.39 36.32 21.18
N GLU AB 101 75.13 36.15 21.59
CA GLU AB 101 74.61 36.87 22.77
C GLU AB 101 75.19 36.28 24.06
N GLU AB 102 75.32 34.96 24.11
CA GLU AB 102 75.94 34.31 25.28
C GLU AB 102 77.34 34.90 25.58
N GLU AB 103 78.07 35.23 24.54
CA GLU AB 103 79.38 35.89 24.65
C GLU AB 103 79.29 37.41 24.84
N GLY AB 104 78.25 38.01 24.26
CA GLY AB 104 77.96 39.42 24.46
C GLY AB 104 77.56 39.75 25.89
N LYS AB 105 77.21 38.72 26.67
CA LYS AB 105 77.00 38.87 28.12
C LYS AB 105 78.33 38.93 28.86
N GLN AB 106 79.26 38.07 28.47
CA GLN AB 106 80.54 37.92 29.15
C GLN AB 106 81.49 39.08 28.89
N LYS AB 107 81.55 39.54 27.64
CA LYS AB 107 82.40 40.71 27.32
C LYS AB 107 81.91 41.95 28.05
N ASN AB 108 80.59 42.12 28.09
CA ASN AB 108 79.96 43.29 28.71
C ASN AB 108 79.90 43.20 30.24
N ALA AB 109 80.31 42.06 30.80
CA ALA AB 109 80.24 41.84 32.24
C ALA AB 109 81.26 42.66 33.03
N LEU AB 110 80.96 42.87 34.31
CA LEU AB 110 81.87 43.45 35.29
C LEU AB 110 82.86 42.43 35.84
N LYS AB 111 84.00 42.89 36.34
CA LYS AB 111 85.04 42.01 36.88
C LYS AB 111 84.73 41.59 38.30
N SER AB 112 84.61 40.29 38.54
CA SER AB 112 84.30 39.77 39.87
C SER AB 112 85.44 40.07 40.84
N LYS AB 113 85.10 40.66 41.98
CA LYS AB 113 86.11 41.15 42.89
C LYS AB 113 86.05 40.45 44.24
N GLY AB 114 84.94 40.64 44.94
CA GLY AB 114 84.83 40.40 46.37
C GLY AB 114 85.39 39.13 47.01
N ALA AB 115 85.10 37.96 46.45
CA ALA AB 115 85.54 36.72 47.09
C ALA AB 115 87.02 36.45 46.78
N LEU AB 116 87.47 36.89 45.62
CA LEU AB 116 88.82 36.58 45.14
C LEU AB 116 89.95 37.42 45.75
N LEU AB 117 89.62 38.61 46.23
CA LEU AB 117 90.63 39.58 46.68
C LEU AB 117 91.36 39.17 47.97
N GLN AB 118 90.63 38.51 48.87
CA GLN AB 118 91.20 38.07 50.15
C GLN AB 118 92.20 36.93 49.97
N ASN AB 119 91.84 35.99 49.09
CA ASN AB 119 92.64 34.80 48.82
C ASN AB 119 93.95 35.11 48.09
N ALA BB 2 48.99 -70.00 17.36
CA ALA BB 2 48.66 -71.13 18.23
C ALA BB 2 47.19 -71.12 18.66
N ALA BB 3 46.54 -69.95 18.62
CA ALA BB 3 45.14 -69.84 19.00
C ALA BB 3 44.22 -70.36 17.89
N ALA BB 4 44.51 -69.95 16.65
CA ALA BB 4 43.69 -70.34 15.50
C ALA BB 4 43.73 -71.85 15.27
N LEU BB 5 44.75 -72.52 15.79
CA LEU BB 5 44.81 -73.98 15.75
C LEU BB 5 43.94 -74.60 16.84
N ALA BB 6 43.89 -73.93 18.00
CA ALA BB 6 43.08 -74.38 19.12
C ALA BB 6 41.59 -74.30 18.79
N ARG BB 7 41.17 -73.18 18.20
CA ARG BB 7 39.77 -72.99 17.79
C ARG BB 7 39.31 -74.05 16.79
N LEU BB 8 40.26 -74.65 16.10
CA LEU BB 8 39.95 -75.53 14.98
C LEU BB 8 39.90 -77.03 15.30
N GLY BB 9 40.06 -77.40 16.57
CA GLY BB 9 39.71 -78.76 16.94
C GLY BB 9 40.60 -79.85 16.36
N LEU BB 10 41.87 -79.85 16.74
CA LEU BB 10 42.90 -80.67 16.12
C LEU BB 10 42.66 -82.20 16.12
N ARG BB 11 41.58 -82.66 16.78
CA ARG BB 11 41.36 -84.08 17.04
C ARG BB 11 41.31 -84.99 15.80
N ALA BB 12 41.29 -84.40 14.60
CA ALA BB 12 41.24 -85.18 13.36
C ALA BB 12 42.63 -85.67 12.95
N VAL BB 13 43.65 -85.33 13.73
CA VAL BB 13 45.05 -85.65 13.40
C VAL BB 13 45.57 -86.90 14.10
N LYS BB 14 46.41 -87.68 13.41
CA LYS BB 14 47.05 -88.85 14.00
C LYS BB 14 48.40 -88.53 14.65
N GLN BB 15 49.38 -88.15 13.83
CA GLN BB 15 50.76 -87.96 14.29
C GLN BB 15 51.41 -86.73 13.63
N VAL BB 16 52.05 -85.87 14.43
CA VAL BB 16 52.75 -84.70 13.89
C VAL BB 16 54.23 -84.69 14.24
N ARG BB 17 55.09 -84.81 13.22
CA ARG BB 17 56.53 -84.72 13.45
C ARG BB 17 57.11 -83.49 12.76
N VAL BB 18 58.16 -82.93 13.35
CA VAL BB 18 58.87 -81.79 12.77
C VAL BB 18 60.36 -82.05 12.70
N GLN BB 19 60.89 -82.18 11.48
CA GLN BB 19 62.30 -82.48 11.29
C GLN BB 19 63.06 -81.23 10.88
N PHE BB 20 63.94 -80.73 11.74
CA PHE BB 20 64.69 -79.53 11.39
C PHE BB 20 66.13 -79.50 11.90
N CYS BB 21 66.90 -78.56 11.37
CA CYS BB 21 68.34 -78.49 11.57
C CYS BB 21 68.77 -77.16 12.18
N PRO BB 22 68.88 -77.13 13.51
CA PRO BB 22 69.04 -75.95 14.37
C PRO BB 22 70.10 -74.94 13.94
N PHE BB 23 71.17 -75.39 13.31
CA PHE BB 23 72.30 -74.52 13.00
C PHE BB 23 72.22 -73.87 11.62
N GLU BB 24 71.14 -74.14 10.91
CA GLU BB 24 70.85 -73.46 9.64
C GLU BB 24 70.24 -72.09 9.91
N LYS BB 25 70.38 -71.18 8.96
CA LYS BB 25 69.88 -69.82 9.13
C LYS BB 25 68.40 -69.68 8.80
N ASN BB 26 67.84 -70.68 8.09
CA ASN BB 26 66.49 -70.58 7.55
C ASN BB 26 65.38 -71.23 8.38
N VAL BB 27 65.72 -71.76 9.55
CA VAL BB 27 64.83 -72.64 10.28
C VAL BB 27 63.85 -71.98 11.25
N GLU BB 28 63.93 -70.66 11.40
CA GLU BB 28 63.11 -69.96 12.40
C GLU BB 28 61.62 -70.19 12.19
N SER BB 29 61.24 -70.27 10.92
CA SER BB 29 59.84 -70.47 10.54
C SER BB 29 59.31 -71.80 11.07
N THR BB 30 60.02 -72.88 10.75
CA THR BB 30 59.62 -74.22 11.18
C THR BB 30 59.55 -74.31 12.71
N ARG BB 31 60.51 -73.69 13.39
CA ARG BB 31 60.50 -73.59 14.84
C ARG BB 31 59.24 -72.91 15.36
N THR BB 32 58.89 -71.77 14.77
CA THR BB 32 57.68 -71.05 15.14
C THR BB 32 56.47 -71.99 15.02
N PHE BB 33 56.45 -72.78 13.95
CA PHE BB 33 55.40 -73.78 13.77
C PHE BB 33 55.39 -74.81 14.91
N LEU BB 34 56.57 -75.28 15.28
CA LEU BB 34 56.71 -76.24 16.37
C LEU BB 34 56.11 -75.69 17.66
N GLN BB 35 56.45 -74.46 18.02
CA GLN BB 35 55.95 -73.89 19.27
C GLN BB 35 54.48 -73.50 19.16
N ALA BB 36 53.97 -73.37 17.94
CA ALA BB 36 52.54 -73.13 17.76
C ALA BB 36 51.71 -74.41 17.95
N VAL BB 37 52.23 -75.55 17.48
CA VAL BB 37 51.53 -76.84 17.64
C VAL BB 37 51.76 -77.47 19.02
N SER BB 38 52.84 -77.08 19.68
CA SER BB 38 53.22 -77.69 20.96
C SER BB 38 52.50 -77.06 22.16
N SER BB 39 51.76 -75.98 21.91
CA SER BB 39 51.11 -75.22 22.97
C SER BB 39 50.00 -76.03 23.63
N GLU BB 40 49.65 -75.64 24.85
CA GLU BB 40 48.79 -76.45 25.70
C GLU BB 40 47.39 -76.63 25.15
N LYS BB 41 46.86 -75.59 24.51
CA LYS BB 41 45.53 -75.65 23.94
C LYS BB 41 45.45 -76.73 22.86
N VAL BB 42 46.29 -76.58 21.85
CA VAL BB 42 46.34 -77.50 20.72
C VAL BB 42 46.73 -78.92 21.17
N ARG BB 43 47.61 -78.98 22.17
CA ARG BB 43 48.10 -80.24 22.70
C ARG BB 43 47.00 -81.01 23.45
N CYS BB 44 46.11 -80.26 24.11
CA CYS BB 44 45.04 -80.88 24.90
C CYS BB 44 43.71 -81.02 24.15
N THR BB 45 43.62 -80.50 22.93
CA THR BB 45 42.40 -80.71 22.14
C THR BB 45 42.19 -82.21 21.85
N ASN BB 46 43.28 -82.94 21.64
CA ASN BB 46 43.22 -84.39 21.47
C ASN BB 46 44.46 -85.08 22.07
N LEU BB 47 44.22 -86.18 22.79
CA LEU BB 47 45.32 -86.92 23.42
C LEU BB 47 45.78 -88.11 22.58
N ASN BB 48 45.10 -88.33 21.46
CA ASN BB 48 45.43 -89.42 20.53
C ASN BB 48 46.57 -89.01 19.59
N CYS BB 49 46.99 -87.75 19.68
CA CYS BB 49 48.00 -87.24 18.77
C CYS BB 49 49.33 -86.97 19.46
N SER BB 50 50.39 -87.54 18.88
CA SER BB 50 51.73 -87.36 19.40
C SER BB 50 52.49 -86.33 18.57
N VAL BB 51 53.31 -85.54 19.25
CA VAL BB 51 54.10 -84.51 18.59
C VAL BB 51 55.59 -84.77 18.78
N ILE BB 52 56.28 -85.10 17.70
CA ILE BB 52 57.67 -85.52 17.75
C ILE BB 52 58.60 -84.49 17.12
N ALA BB 53 59.63 -84.09 17.86
CA ALA BB 53 60.62 -83.16 17.34
C ALA BB 53 61.91 -83.88 16.94
N ASP BB 54 62.18 -83.93 15.65
CA ASP BB 54 63.39 -84.53 15.12
C ASP BB 54 64.48 -83.48 14.89
N VAL BB 55 65.58 -83.64 15.61
CA VAL BB 55 66.66 -82.66 15.64
C VAL BB 55 67.96 -83.26 15.09
N ARG BB 56 68.40 -82.78 13.93
CA ARG BB 56 69.64 -83.25 13.32
C ARG BB 56 70.49 -82.07 12.88
N HIS BB 57 71.81 -82.22 12.94
CA HIS BB 57 72.70 -81.16 12.45
C HIS BB 57 72.87 -81.23 10.92
N ASP BB 58 73.03 -82.44 10.38
CA ASP BB 58 73.39 -82.63 8.95
C ASP BB 58 72.28 -82.59 7.90
N GLY BB 59 71.06 -82.92 8.27
CA GLY BB 59 69.97 -83.09 7.32
C GLY BB 59 69.77 -81.92 6.35
N SER BB 60 70.03 -80.72 6.86
CA SER BB 60 70.11 -79.49 6.07
C SER BB 60 68.80 -79.00 5.44
N GLU BB 61 67.76 -79.83 5.42
CA GLU BB 61 66.43 -79.40 4.95
C GLU BB 61 65.35 -79.54 6.03
N PRO BB 62 64.85 -78.43 6.56
CA PRO BB 62 63.73 -78.49 7.51
C PRO BB 62 62.42 -78.93 6.86
N CYS BB 63 61.61 -79.68 7.60
CA CYS BB 63 60.40 -80.30 7.06
C CYS BB 63 59.32 -80.47 8.12
N VAL BB 64 58.05 -80.42 7.70
CA VAL BB 64 56.95 -80.73 8.60
C VAL BB 64 56.02 -81.77 7.99
N ASP BB 65 55.82 -82.87 8.70
CA ASP BB 65 54.99 -83.98 8.23
C ASP BB 65 53.84 -84.23 9.20
N VAL BB 66 52.62 -84.25 8.67
CA VAL BB 66 51.43 -84.50 9.49
C VAL BB 66 50.44 -85.49 8.85
N LEU BB 67 50.21 -86.60 9.53
CA LEU BB 67 49.24 -87.61 9.10
C LEU BB 67 47.91 -87.40 9.78
N PHE BB 68 46.80 -87.59 9.04
CA PHE BB 68 45.51 -87.61 9.71
C PHE BB 68 44.52 -88.62 9.11
N GLY BB 69 43.43 -88.86 9.87
CA GLY BB 69 42.57 -90.03 9.72
C GLY BB 69 41.72 -90.10 8.47
N ASP BB 70 41.95 -89.18 7.56
CA ASP BB 70 41.36 -89.22 6.23
C ASP BB 70 42.20 -90.20 5.38
N GLY BB 71 43.23 -90.75 6.01
CA GLY BB 71 44.25 -91.51 5.31
C GLY BB 71 45.18 -90.53 4.60
N HIS BB 72 45.17 -89.28 5.07
CA HIS BB 72 45.87 -88.19 4.39
C HIS BB 72 47.24 -87.90 4.99
N ARG BB 73 48.20 -87.58 4.13
CA ARG BB 73 49.54 -87.20 4.58
C ARG BB 73 49.91 -85.83 4.02
N LEU BB 74 50.04 -84.84 4.92
CA LEU BB 74 50.39 -83.48 4.52
C LEU BB 74 51.83 -83.16 4.87
N ILE BB 75 52.66 -82.99 3.84
CA ILE BB 75 54.07 -82.68 4.06
C ILE BB 75 54.42 -81.31 3.47
N MET BB 76 54.74 -80.36 4.34
CA MET BB 76 55.17 -79.04 3.91
C MET BB 76 56.64 -78.83 4.24
N ARG BB 77 57.45 -78.60 3.22
CA ARG BB 77 58.86 -78.34 3.47
C ARG BB 77 59.02 -76.85 3.61
N GLY BB 78 59.15 -76.40 4.85
CA GLY BB 78 59.53 -75.03 5.11
C GLY BB 78 60.98 -74.87 4.74
N ALA BB 79 61.25 -73.99 3.79
CA ALA BB 79 62.61 -73.61 3.48
C ALA BB 79 62.56 -72.12 3.39
N HIS BB 80 61.83 -71.69 2.38
CA HIS BB 80 61.49 -70.31 2.19
C HIS BB 80 60.07 -69.98 2.67
N LEU BB 81 59.37 -70.97 3.22
CA LEU BB 81 58.02 -70.73 3.71
C LEU BB 81 57.98 -70.07 5.09
N THR BB 82 57.11 -69.06 5.21
CA THR BB 82 56.90 -68.34 6.47
C THR BB 82 55.98 -69.07 7.44
N ALA BB 83 56.10 -68.74 8.73
CA ALA BB 83 55.37 -69.42 9.80
C ALA BB 83 53.86 -69.46 9.58
N GLN BB 84 53.26 -68.29 9.42
CA GLN BB 84 51.80 -68.22 9.37
C GLN BB 84 51.25 -68.67 8.02
N GLU BB 85 52.13 -68.82 7.04
CA GLU BB 85 51.75 -69.46 5.78
C GLU BB 85 51.65 -70.96 5.99
N MET BB 86 52.57 -71.50 6.79
CA MET BB 86 52.53 -72.90 7.17
C MET BB 86 51.29 -73.19 8.01
N LEU BB 87 50.97 -72.29 8.93
CA LEU BB 87 49.84 -72.49 9.82
C LEU BB 87 48.49 -72.23 9.13
N THR BB 88 48.47 -71.35 8.13
CA THR BB 88 47.25 -71.14 7.35
C THR BB 88 47.01 -72.33 6.44
N ALA BB 89 48.07 -72.78 5.77
CA ALA BB 89 48.01 -73.98 4.93
C ALA BB 89 47.56 -75.16 5.76
N PHE BB 90 48.13 -75.28 6.96
CA PHE BB 90 47.75 -76.32 7.91
C PHE BB 90 46.27 -76.24 8.26
N ALA BB 91 45.79 -75.04 8.58
CA ALA BB 91 44.38 -74.85 8.95
C ALA BB 91 43.42 -75.26 7.83
N SER BB 92 43.55 -74.63 6.66
CA SER BB 92 42.61 -74.90 5.57
C SER BB 92 42.75 -76.32 5.03
N HIS BB 93 43.94 -76.89 5.14
CA HIS BB 93 44.17 -78.25 4.63
C HIS BB 93 43.65 -79.33 5.57
N ILE BB 94 43.93 -79.18 6.85
CA ILE BB 94 43.67 -80.25 7.82
C ILE BB 94 42.30 -80.14 8.50
N GLN BB 95 41.62 -79.03 8.27
CA GLN BB 95 40.30 -78.83 8.86
C GLN BB 95 39.22 -79.14 7.83
N ALA BB 96 39.24 -78.43 6.71
CA ALA BB 96 38.32 -78.70 5.61
C ALA BB 96 38.30 -80.18 5.22
N ARG BB 97 39.41 -80.88 5.43
CA ARG BB 97 39.44 -82.34 5.25
C ARG BB 97 39.67 -83.07 6.58
N GLY BB 98 38.63 -83.73 7.07
CA GLY BB 98 38.69 -84.39 8.36
C GLY BB 98 37.33 -84.52 8.99
N HIS CB 71 41.64 -74.78 68.80
CA HIS CB 71 41.66 -74.69 70.26
C HIS CB 71 42.24 -73.35 70.71
N ALA CB 72 42.38 -73.15 72.02
CA ALA CB 72 42.95 -71.91 72.55
C ALA CB 72 44.14 -72.20 73.47
N MET CB 73 45.22 -71.43 73.31
CA MET CB 73 46.42 -71.60 74.14
C MET CB 73 46.96 -70.28 74.68
N GLY CB 74 47.01 -70.14 76.00
CA GLY CB 74 47.62 -68.97 76.63
C GLY CB 74 49.08 -69.25 77.00
N VAL CB 75 49.98 -68.59 76.28
CA VAL CB 75 51.42 -68.84 76.42
C VAL CB 75 52.10 -67.77 77.30
N ASN CB 76 52.78 -68.23 78.34
CA ASN CB 76 53.67 -67.38 79.11
C ASN CB 76 55.09 -67.87 78.82
N ILE CB 77 56.08 -67.32 79.55
CA ILE CB 77 57.48 -67.73 79.38
C ILE CB 77 57.66 -69.20 79.78
N TYR CB 78 56.79 -69.68 80.66
CA TYR CB 78 56.70 -71.10 81.01
C TYR CB 78 55.90 -71.87 79.95
N LYS CB 79 54.78 -71.30 79.50
CA LYS CB 79 53.86 -71.97 78.57
C LYS CB 79 54.27 -71.91 77.08
N GLU CB 80 54.95 -70.84 76.67
CA GLU CB 80 55.45 -70.75 75.29
C GLU CB 80 56.66 -71.68 75.07
N GLY CB 81 57.43 -71.91 76.14
CA GLY CB 81 58.51 -72.89 76.11
C GLY CB 81 58.02 -74.33 76.36
N GLN CB 82 56.94 -74.49 77.13
CA GLN CB 82 56.38 -75.82 77.41
C GLN CB 82 55.47 -76.37 76.31
N ASP CB 83 54.94 -75.47 75.47
CA ASP CB 83 54.09 -75.88 74.36
C ASP CB 83 54.90 -76.09 73.06
N VAL CB 84 56.16 -75.68 73.10
CA VAL CB 84 57.03 -75.70 71.92
C VAL CB 84 58.35 -76.39 72.22
N VAL CB 85 59.02 -76.91 71.21
CA VAL CB 85 60.42 -77.25 71.36
C VAL CB 85 61.21 -76.12 70.74
N LEU CB 86 61.84 -75.31 71.59
CA LEU CB 86 62.49 -74.08 71.16
C LEU CB 86 64.01 -74.21 71.24
N LYS CB 87 64.66 -74.27 70.09
CA LYS CB 87 66.08 -74.57 70.00
C LYS CB 87 66.95 -73.49 70.65
N PRO CB 88 68.20 -73.83 71.00
CA PRO CB 88 69.16 -72.82 71.51
C PRO CB 88 69.53 -71.78 70.46
N ASP CB 89 70.13 -70.68 70.90
CA ASP CB 89 70.46 -69.56 70.01
C ASP CB 89 71.60 -69.88 69.04
N SER CB 90 72.41 -70.89 69.35
CA SER CB 90 73.51 -71.28 68.46
C SER CB 90 73.05 -72.25 67.38
N GLU CB 91 71.85 -72.82 67.55
CA GLU CB 91 71.28 -73.77 66.59
C GLU CB 91 70.64 -73.06 65.40
N TYR CB 92 70.10 -71.86 65.62
CA TYR CB 92 69.34 -71.17 64.57
C TYR CB 92 70.21 -70.52 63.50
N PRO CB 93 69.79 -70.68 62.23
CA PRO CB 93 70.50 -70.18 61.04
C PRO CB 93 70.73 -68.67 61.05
N GLU CB 94 71.76 -68.24 60.34
CA GLU CB 94 72.09 -66.83 60.23
C GLU CB 94 70.99 -66.00 59.54
N TRP CB 95 70.31 -66.57 58.55
CA TRP CB 95 69.38 -65.80 57.73
C TRP CB 95 68.23 -65.23 58.55
N LEU CB 96 67.86 -65.97 59.58
CA LEU CB 96 66.68 -65.68 60.38
C LEU CB 96 66.80 -64.36 61.15
N PHE CB 97 68.01 -63.98 61.52
CA PHE CB 97 68.20 -62.69 62.19
C PHE CB 97 68.30 -61.51 61.22
N GLU CB 98 68.74 -61.77 59.99
CA GLU CB 98 69.03 -60.71 59.03
C GLU CB 98 67.77 -60.11 58.40
N MET CB 99 66.75 -60.95 58.24
CA MET CB 99 65.49 -60.53 57.64
C MET CB 99 64.82 -59.38 58.37
N ASN CB 100 64.40 -58.37 57.61
CA ASN CB 100 63.84 -57.16 58.19
C ASN CB 100 62.48 -57.42 58.83
N VAL CB 101 62.39 -57.15 60.13
CA VAL CB 101 61.19 -57.41 60.88
C VAL CB 101 59.97 -56.62 60.39
N GLY CB 102 59.91 -55.33 60.74
CA GLY CB 102 58.80 -54.44 60.36
C GLY CB 102 58.89 -53.32 59.32
N PRO CB 103 60.11 -52.89 58.92
CA PRO CB 103 60.21 -51.85 57.89
C PRO CB 103 60.27 -52.30 56.40
N PRO CB 104 59.13 -52.50 55.71
CA PRO CB 104 59.25 -52.87 54.29
C PRO CB 104 60.02 -51.82 53.50
N LYS CB 105 60.93 -52.25 52.62
CA LYS CB 105 61.92 -51.35 52.01
C LYS CB 105 61.34 -50.38 50.98
N LYS CB 106 61.98 -49.22 50.82
CA LYS CB 106 61.52 -48.22 49.84
C LYS CB 106 62.40 -48.20 48.59
N LEU CB 107 62.01 -47.35 47.64
CA LEU CB 107 62.68 -47.33 46.34
C LEU CB 107 64.03 -46.65 46.41
N GLU CB 108 64.07 -45.50 47.09
CA GLU CB 108 65.31 -44.74 47.21
C GLU CB 108 66.38 -45.52 47.97
N GLU CB 109 65.95 -46.30 48.95
CA GLU CB 109 66.86 -47.05 49.80
C GLU CB 109 67.69 -48.09 49.04
N LEU CB 110 67.06 -48.77 48.09
CA LEU CB 110 67.71 -49.88 47.37
C LEU CB 110 68.67 -49.41 46.28
N ASP CB 111 69.71 -50.21 46.07
CA ASP CB 111 70.72 -49.93 45.06
C ASP CB 111 70.22 -50.34 43.66
N PRO CB 112 70.30 -49.42 42.69
CA PRO CB 112 69.91 -49.68 41.30
C PRO CB 112 70.67 -50.83 40.64
N GLU CB 113 71.79 -51.26 41.22
CA GLU CB 113 72.54 -52.40 40.67
C GLU CB 113 72.16 -53.72 41.36
N THR CB 114 71.17 -53.65 42.25
CA THR CB 114 70.64 -54.84 42.93
C THR CB 114 69.39 -55.35 42.20
N ARG CB 115 69.22 -56.68 42.16
CA ARG CB 115 68.11 -57.29 41.44
C ARG CB 115 66.75 -56.93 42.02
N GLU CB 116 66.68 -56.72 43.33
CA GLU CB 116 65.43 -56.49 44.04
C GLU CB 116 64.85 -55.11 43.77
N TYR CB 117 65.73 -54.13 43.63
CA TYR CB 117 65.35 -52.78 43.23
C TYR CB 117 64.43 -52.81 42.01
N TRP CB 118 64.80 -53.63 41.03
CA TRP CB 118 64.03 -53.71 39.79
C TRP CB 118 62.72 -54.46 39.97
N ARG CB 119 62.67 -55.38 40.94
CA ARG CB 119 61.40 -55.98 41.30
C ARG CB 119 60.46 -54.89 41.80
N LEU CB 120 60.96 -54.05 42.69
CA LEU CB 120 60.14 -52.96 43.22
C LEU CB 120 59.71 -51.98 42.13
N LEU CB 121 60.61 -51.69 41.20
CA LEU CB 121 60.28 -50.78 40.11
C LEU CB 121 59.18 -51.37 39.23
N ARG CB 122 59.28 -52.66 38.95
CA ARG CB 122 58.23 -53.35 38.19
C ARG CB 122 56.89 -53.26 38.88
N LYS CB 123 56.90 -53.59 40.17
CA LYS CB 123 55.70 -53.57 40.99
C LYS CB 123 55.05 -52.19 40.96
N HIS CB 124 55.87 -51.15 41.06
CA HIS CB 124 55.38 -49.79 41.02
C HIS CB 124 54.83 -49.42 39.65
N ASN CB 125 55.48 -49.91 38.59
CA ASN CB 125 54.98 -49.70 37.23
C ASN CB 125 53.61 -50.33 37.07
N ILE CB 126 53.43 -51.50 37.67
CA ILE CB 126 52.16 -52.21 37.62
C ILE CB 126 51.09 -51.45 38.38
N TRP CB 127 51.46 -50.89 39.52
CA TRP CB 127 50.52 -50.06 40.26
C TRP CB 127 50.12 -48.86 39.42
N ARG CB 128 51.09 -48.32 38.70
CA ARG CB 128 50.84 -47.14 37.88
C ARG CB 128 49.87 -47.46 36.76
N HIS CB 129 50.16 -48.52 36.00
CA HIS CB 129 49.26 -48.94 34.92
C HIS CB 129 47.88 -49.26 35.49
N ASN CB 130 47.87 -49.84 36.68
CA ASN CB 130 46.61 -50.16 37.35
C ASN CB 130 45.80 -48.92 37.72
N ARG CB 131 46.47 -47.84 38.12
CA ARG CB 131 45.74 -46.61 38.41
C ARG CB 131 45.23 -45.97 37.13
N LEU CB 132 46.07 -45.99 36.09
CA LEU CB 132 45.71 -45.35 34.84
C LEU CB 132 44.58 -46.08 34.12
N SER CB 133 44.40 -47.36 34.43
CA SER CB 133 43.37 -48.14 33.75
C SER CB 133 42.00 -47.99 34.41
N LYS CB 134 41.91 -47.14 35.42
CA LYS CB 134 40.67 -46.90 36.15
C LYS CB 134 39.52 -46.42 35.24
N ASN CB 135 39.88 -45.85 34.10
CA ASN CB 135 38.91 -45.23 33.19
C ASN CB 135 38.32 -46.14 32.12
N ARG CB 136 38.63 -47.43 32.21
CA ARG CB 136 38.16 -48.39 31.21
C ARG CB 136 36.65 -48.34 30.98
N LYS CB 137 36.26 -48.21 29.71
CA LYS CB 137 34.86 -48.34 29.35
C LYS CB 137 34.50 -49.83 29.25
N PHE CB 138 35.44 -50.64 28.77
CA PHE CB 138 35.19 -52.06 28.51
C PHE CB 138 35.18 -52.87 29.79
N ARG DB 9 15.03 -22.90 -3.30
CA ARG DB 9 14.76 -23.97 -2.36
C ARG DB 9 15.56 -23.74 -1.10
N ASN DB 10 16.71 -23.09 -1.23
CA ASN DB 10 17.35 -22.61 -0.04
C ASN DB 10 17.30 -21.11 0.00
N ARG DB 11 16.34 -20.59 0.75
CA ARG DB 11 16.08 -19.15 0.77
C ARG DB 11 16.98 -18.46 1.73
N ILE DB 12 17.30 -17.21 1.44
CA ILE DB 12 17.97 -16.40 2.44
C ILE DB 12 16.89 -15.63 3.19
N PRO DB 13 16.84 -15.81 4.52
CA PRO DB 13 15.79 -15.19 5.33
C PRO DB 13 15.87 -13.66 5.34
N GLY DB 14 14.72 -13.00 5.15
CA GLY DB 14 14.65 -11.56 5.17
C GLY DB 14 15.29 -10.90 3.98
N ARG DB 15 16.18 -9.95 4.25
CA ARG DB 15 16.92 -9.31 3.19
C ARG DB 15 18.32 -9.91 3.12
N GLN DB 16 18.87 -10.00 1.91
CA GLN DB 16 20.13 -10.67 1.61
C GLN DB 16 21.31 -10.31 2.50
N TRP DB 17 21.71 -9.05 2.49
CA TRP DB 17 22.94 -8.63 3.13
C TRP DB 17 22.83 -7.99 4.50
N ILE DB 18 21.63 -7.92 5.06
CA ILE DB 18 21.41 -7.07 6.23
C ILE DB 18 21.47 -7.72 7.61
N GLY DB 19 20.58 -8.66 7.90
CA GLY DB 19 20.17 -8.85 9.28
C GLY DB 19 21.02 -9.75 10.16
N LYS DB 20 20.37 -10.46 11.08
CA LYS DB 20 21.04 -11.49 11.87
C LYS DB 20 21.55 -12.63 10.97
N HIS DB 21 20.76 -12.99 9.97
CA HIS DB 21 21.15 -14.03 9.02
C HIS DB 21 21.40 -13.51 7.60
N ARG DB 22 22.64 -13.64 7.14
CA ARG DB 22 23.03 -13.04 5.88
C ARG DB 22 23.52 -14.05 4.87
N ARG DB 23 23.47 -13.67 3.60
CA ARG DB 23 24.10 -14.45 2.56
C ARG DB 23 25.61 -14.54 2.80
N PRO DB 24 26.14 -15.76 2.93
CA PRO DB 24 27.46 -16.18 3.39
C PRO DB 24 28.70 -15.62 2.69
N ARG DB 25 28.56 -14.80 1.65
CA ARG DB 25 29.61 -14.64 0.63
C ARG DB 25 31.09 -14.67 1.06
N PRO DB 26 31.88 -15.51 0.36
CA PRO DB 26 33.29 -15.82 0.60
C PRO DB 26 34.29 -14.79 0.03
N VAL DB 27 35.48 -14.78 0.62
CA VAL DB 27 36.56 -13.92 0.17
C VAL DB 27 37.31 -14.57 -0.97
N SER DB 28 37.60 -13.78 -2.00
CA SER DB 28 38.18 -14.28 -3.22
C SER DB 28 39.69 -14.05 -3.24
N ALA DB 29 40.43 -14.94 -3.90
CA ALA DB 29 41.87 -14.74 -4.10
C ALA DB 29 42.16 -13.34 -4.66
N GLN DB 30 41.30 -12.92 -5.58
CA GLN DB 30 41.29 -11.55 -6.09
C GLN DB 30 41.33 -10.51 -4.99
N ALA DB 31 40.39 -10.61 -4.06
CA ALA DB 31 40.26 -9.66 -2.96
C ALA DB 31 41.50 -9.65 -2.06
N LYS DB 32 42.04 -10.82 -1.74
CA LYS DB 32 43.27 -10.90 -0.98
C LYS DB 32 44.41 -10.19 -1.70
N GLN DB 33 44.54 -10.43 -3.00
CA GLN DB 33 45.53 -9.72 -3.80
C GLN DB 33 45.38 -8.22 -3.68
N ASN DB 34 44.17 -7.73 -3.95
CA ASN DB 34 43.92 -6.29 -3.95
C ASN DB 34 44.27 -5.67 -2.60
N MET DB 35 43.72 -6.24 -1.55
CA MET DB 35 43.95 -5.74 -0.20
C MET DB 35 45.44 -5.70 0.11
N ILE DB 36 46.15 -6.76 -0.24
CA ILE DB 36 47.60 -6.81 0.01
C ILE DB 36 48.37 -5.74 -0.76
N ARG DB 37 48.02 -5.53 -2.02
CA ARG DB 37 48.65 -4.49 -2.81
C ARG DB 37 48.45 -3.10 -2.18
N ARG DB 38 47.23 -2.81 -1.75
CA ARG DB 38 46.98 -1.58 -1.00
C ARG DB 38 47.89 -1.47 0.22
N LEU DB 39 47.89 -2.52 1.04
CA LEU DB 39 48.77 -2.56 2.19
C LEU DB 39 50.22 -2.22 1.86
N GLU DB 40 50.74 -2.82 0.79
CA GLU DB 40 52.10 -2.54 0.37
C GLU DB 40 52.31 -1.06 0.06
N THR DB 41 51.40 -0.49 -0.72
CA THR DB 41 51.49 0.94 -1.00
C THR DB 41 51.49 1.78 0.27
N GLU DB 42 50.70 1.36 1.25
CA GLU DB 42 50.65 2.09 2.51
C GLU DB 42 51.92 1.96 3.37
N ALA DB 43 52.52 0.77 3.39
CA ALA DB 43 53.76 0.57 4.11
C ALA DB 43 54.84 1.49 3.51
N GLU DB 44 54.95 1.50 2.18
CA GLU DB 44 55.87 2.44 1.57
C GLU DB 44 55.54 3.89 1.92
N ASN DB 45 54.25 4.19 1.85
CA ASN DB 45 53.73 5.50 2.21
C ASN DB 45 54.20 5.99 3.55
N GLN DB 46 54.20 5.10 4.54
CA GLN DB 46 54.60 5.54 5.86
C GLN DB 46 56.08 5.30 6.08
N TYR DB 47 56.77 4.77 5.07
CA TYR DB 47 58.22 4.89 5.12
C TYR DB 47 58.61 6.32 4.76
N TRP DB 48 58.03 6.84 3.68
CA TRP DB 48 58.44 8.17 3.20
C TRP DB 48 58.00 9.30 4.13
N LEU DB 49 57.11 8.97 5.06
CA LEU DB 49 56.59 9.98 5.96
C LEU DB 49 57.43 10.05 7.23
N SER DB 50 58.40 9.15 7.30
CA SER DB 50 59.11 8.88 8.54
C SER DB 50 60.24 9.85 8.92
N ARG DB 51 60.89 10.43 7.93
CA ARG DB 51 62.05 11.29 8.18
C ARG DB 51 61.90 12.64 7.52
N PRO DB 52 61.44 13.65 8.30
CA PRO DB 52 61.29 15.00 7.76
C PRO DB 52 62.65 15.58 7.36
N PHE DB 53 62.62 16.59 6.50
CA PHE DB 53 63.82 17.31 6.10
C PHE DB 53 64.21 18.27 7.22
N LEU DB 54 63.35 19.24 7.47
CA LEU DB 54 63.48 20.16 8.59
C LEU DB 54 62.95 19.56 9.89
N THR DB 55 63.47 20.01 11.02
CA THR DB 55 62.89 19.61 12.31
C THR DB 55 61.66 20.47 12.58
N ALA DB 56 61.01 20.24 13.71
CA ALA DB 56 59.81 20.99 14.07
C ALA DB 56 60.10 22.47 14.22
N GLU DB 57 61.20 22.79 14.90
CA GLU DB 57 61.55 24.18 15.18
C GLU DB 57 62.21 24.88 14.00
N GLN DB 58 62.78 24.10 13.09
CA GLN DB 58 63.45 24.68 11.94
C GLN DB 58 62.43 25.24 10.94
N GLU DB 59 61.19 24.76 11.01
CA GLU DB 59 60.15 25.22 10.09
C GLU DB 59 59.25 26.30 10.67
N ARG DB 60 59.45 26.66 11.94
CA ARG DB 60 58.62 27.67 12.58
C ARG DB 60 58.66 28.98 11.81
N GLY DB 61 57.50 29.47 11.41
CA GLY DB 61 57.41 30.72 10.66
C GLY DB 61 58.20 30.74 9.36
N HIS DB 62 58.63 29.58 8.90
CA HIS DB 62 59.61 29.49 7.81
C HIS DB 62 59.06 30.05 6.52
N ALA DB 63 57.77 29.87 6.28
CA ALA DB 63 57.08 30.86 5.46
C ALA DB 63 55.87 31.38 6.20
N ALA DB 64 56.03 32.52 6.87
CA ALA DB 64 54.88 33.24 7.40
C ALA DB 64 54.64 34.48 6.53
N VAL DB 65 55.59 34.74 5.65
CA VAL DB 65 55.56 35.96 4.87
C VAL DB 65 54.62 35.76 3.69
N ARG DB 66 54.69 34.56 3.12
CA ARG DB 66 53.85 34.19 2.00
C ARG DB 66 52.40 34.04 2.44
N ARG DB 67 52.22 33.37 3.58
CA ARG DB 67 50.88 33.11 4.10
C ARG DB 67 50.09 34.40 4.34
N ALA DB 68 50.71 35.37 4.99
CA ALA DB 68 50.06 36.65 5.24
C ALA DB 68 49.72 37.37 3.93
N ALA DB 69 50.65 37.29 2.98
CA ALA DB 69 50.47 37.91 1.67
C ALA DB 69 49.23 37.38 0.97
N ALA DB 70 49.14 36.05 0.93
CA ALA DB 70 48.01 35.36 0.31
C ALA DB 70 46.69 35.92 0.83
N PHE DB 71 46.58 35.99 2.16
CA PHE DB 71 45.37 36.46 2.82
C PHE DB 71 45.09 37.91 2.48
N GLN DB 72 46.15 38.71 2.32
CA GLN DB 72 45.96 40.09 1.86
C GLN DB 72 45.37 40.14 0.45
N ALA DB 73 45.75 39.19 -0.39
CA ALA DB 73 45.19 39.14 -1.73
C ALA DB 73 43.72 38.71 -1.71
N LEU DB 74 43.43 37.65 -0.95
CA LEU DB 74 42.05 37.20 -0.74
C LEU DB 74 41.13 38.34 -0.28
N LYS DB 75 41.53 39.05 0.77
CA LYS DB 75 40.83 40.25 1.22
C LYS DB 75 40.64 41.28 0.11
N ALA DB 76 41.75 41.64 -0.55
CA ALA DB 76 41.74 42.67 -1.58
C ALA DB 76 40.77 42.36 -2.71
N ALA DB 77 40.71 41.10 -3.12
CA ALA DB 77 39.83 40.66 -4.20
C ALA DB 77 38.35 40.93 -3.88
N GLN DB 78 37.99 40.70 -2.62
CA GLN DB 78 36.63 40.94 -2.17
C GLN DB 78 36.32 42.41 -1.98
N ALA DB 79 37.30 43.17 -1.50
CA ALA DB 79 37.09 44.60 -1.25
C ALA DB 79 36.74 45.34 -2.55
N ALA DB 80 37.16 44.77 -3.67
CA ALA DB 80 36.97 45.40 -4.98
C ALA DB 80 35.56 45.26 -5.52
N ARG DB 81 34.73 44.42 -4.90
CA ARG DB 81 33.40 44.17 -5.45
C ARG DB 81 32.55 45.44 -5.28
N PHE DB 82 32.11 45.96 -6.42
CA PHE DB 82 31.26 47.12 -6.49
C PHE DB 82 30.43 47.04 -7.77
N PRO DB 83 29.27 47.69 -7.82
CA PRO DB 83 28.52 47.74 -9.09
C PRO DB 83 29.37 48.27 -10.25
N ALA DB 84 29.20 47.72 -11.45
CA ALA DB 84 30.05 48.10 -12.59
C ALA DB 84 29.70 49.48 -13.16
N HIS DB 85 30.66 50.09 -13.86
CA HIS DB 85 30.47 51.39 -14.49
C HIS DB 85 29.41 51.33 -15.58
N ARG DB 86 28.64 52.41 -15.71
CA ARG DB 86 27.65 52.48 -16.77
C ARG DB 86 28.03 53.56 -17.78
N ARG DB 87 27.99 53.23 -19.07
CA ARG DB 87 28.50 54.12 -20.10
C ARG DB 87 27.43 54.54 -21.11
N LEU DB 88 27.68 55.66 -21.80
CA LEU DB 88 26.73 56.19 -22.79
C LEU DB 88 26.49 55.26 -23.95
N GLU DB 89 27.52 54.50 -24.29
CA GLU DB 89 27.50 53.66 -25.48
C GLU DB 89 26.39 52.62 -25.36
N GLU DB 90 26.01 52.30 -24.14
CA GLU DB 90 24.95 51.34 -23.88
C GLU DB 90 23.59 51.97 -24.13
N GLN DB 91 23.21 52.86 -23.22
CA GLN DB 91 21.91 53.51 -23.30
C GLN DB 91 21.66 54.15 -24.67
N LEU DB 92 22.69 54.74 -25.26
CA LEU DB 92 22.51 55.32 -26.58
C LEU DB 92 22.57 54.26 -27.66
N GLY DB 93 23.51 53.33 -27.51
CA GLY DB 93 23.69 52.28 -28.50
C GLY DB 93 22.42 51.49 -28.75
N HIS DB 94 21.52 51.47 -27.76
CA HIS DB 94 20.24 50.78 -27.94
C HIS DB 94 19.46 51.30 -29.13
N LEU DB 95 19.57 52.60 -29.40
CA LEU DB 95 18.82 53.22 -30.50
C LEU DB 95 19.15 52.60 -31.85
N LEU DB 96 20.32 51.96 -31.95
CA LEU DB 96 20.77 51.33 -33.19
C LEU DB 96 19.80 50.29 -33.70
N VAL DB 97 18.90 49.87 -32.83
CA VAL DB 97 17.84 48.92 -33.15
C VAL DB 97 17.04 49.32 -34.40
N THR DB 98 16.73 50.61 -34.53
CA THR DB 98 15.87 51.10 -35.61
C THR DB 98 16.61 51.62 -36.87
N ARG DB 99 17.92 51.45 -36.90
CA ARG DB 99 18.77 51.88 -38.02
C ARG DB 99 18.26 51.38 -39.40
N LYS DB 100 18.28 52.26 -40.40
CA LYS DB 100 17.67 51.95 -41.70
C LYS DB 100 18.54 52.23 -42.92
N TRP DB 101 18.07 51.76 -44.05
CA TRP DB 101 18.48 52.28 -45.34
C TRP DB 101 17.43 53.27 -45.80
N SER DB 102 17.85 54.37 -46.41
CA SER DB 102 16.91 55.36 -46.94
C SER DB 102 17.44 56.02 -48.21
N GLU EB 38 -2.25 98.31 16.59
CA GLU EB 38 -2.49 98.96 17.86
C GLU EB 38 -3.41 98.13 18.76
N PHE EB 39 -3.37 96.80 18.63
CA PHE EB 39 -4.33 95.94 19.32
C PHE EB 39 -4.01 95.79 20.80
N GLN EB 40 -5.06 95.64 21.59
CA GLN EB 40 -4.94 95.39 23.02
C GLN EB 40 -6.09 94.52 23.51
N SER EB 41 -5.79 93.64 24.45
CA SER EB 41 -6.77 92.69 24.98
C SER EB 41 -6.87 92.80 26.50
N ILE EB 42 -7.93 92.23 27.05
CA ILE EB 42 -8.10 92.14 28.50
C ILE EB 42 -6.87 91.49 29.16
N TYR EB 43 -6.23 90.58 28.43
CA TYR EB 43 -5.09 89.86 28.97
C TYR EB 43 -3.75 90.45 28.62
N SER EB 44 -3.73 91.67 28.06
CA SER EB 44 -2.48 92.19 27.52
C SER EB 44 -1.47 92.47 28.62
N LEU EB 45 -0.27 92.88 28.21
CA LEU EB 45 0.86 92.89 29.13
C LEU EB 45 0.76 94.07 30.09
N ASP EB 46 0.11 95.13 29.62
CA ASP EB 46 -0.05 96.35 30.39
C ASP EB 46 -1.16 96.21 31.42
N LYS EB 47 -2.21 95.50 31.06
CA LYS EB 47 -3.35 95.36 31.95
C LYS EB 47 -3.16 94.22 32.94
N LEU EB 48 -2.19 93.35 32.66
CA LEU EB 48 -1.80 92.28 33.60
C LEU EB 48 -0.86 92.81 34.66
N TYR EB 49 0.09 93.64 34.23
CA TYR EB 49 1.03 94.29 35.12
C TYR EB 49 0.97 95.79 34.87
N PRO EB 50 0.09 96.51 35.60
CA PRO EB 50 -0.16 97.93 35.33
C PRO EB 50 1.05 98.80 35.63
N GLU EB 51 1.88 98.33 36.56
CA GLU EB 51 3.01 99.10 37.08
C GLU EB 51 4.04 99.45 35.99
N SER EB 52 4.52 98.44 35.29
CA SER EB 52 5.46 98.65 34.18
C SER EB 52 4.71 98.62 32.85
N ARG EB 53 4.90 99.64 32.01
CA ARG EB 53 4.10 99.74 30.79
C ARG EB 53 4.91 99.92 29.50
N GLY EB 54 5.66 101.02 29.40
CA GLY EB 54 6.36 101.36 28.18
C GLY EB 54 7.19 100.25 27.55
N SER EB 55 7.25 100.21 26.23
CA SER EB 55 7.88 99.10 25.49
C SER EB 55 9.39 98.96 25.77
N ASP EB 56 9.99 100.02 26.30
CA ASP EB 56 11.40 100.03 26.66
C ASP EB 56 11.62 99.68 28.14
N THR EB 57 10.55 99.31 28.85
CA THR EB 57 10.64 98.95 30.26
C THR EB 57 11.48 97.70 30.50
N ALA EB 58 11.27 96.69 29.65
CA ALA EB 58 11.95 95.41 29.79
C ALA EB 58 13.42 95.48 29.41
N TRP EB 59 13.79 96.48 28.61
CA TRP EB 59 15.16 96.58 28.10
C TRP EB 59 16.06 97.56 28.87
N ARG EB 60 15.55 98.14 29.95
CA ARG EB 60 16.36 98.99 30.82
C ARG EB 60 17.56 98.21 31.36
N LEU EB 61 18.67 98.89 31.63
CA LEU EB 61 19.83 98.22 32.21
C LEU EB 61 20.11 98.74 33.61
N PRO EB 62 19.84 97.91 34.62
CA PRO EB 62 20.05 98.30 36.02
C PRO EB 62 21.49 98.06 36.48
N ASP EB 63 22.42 98.91 36.05
CA ASP EB 63 23.82 98.77 36.43
C ASP EB 63 24.05 99.21 37.87
N ASP EB 64 23.04 99.89 38.43
CA ASP EB 64 23.04 100.29 39.83
C ASP EB 64 22.59 99.16 40.75
N ALA EB 65 21.79 98.24 40.22
CA ALA EB 65 21.29 97.09 40.98
C ALA EB 65 22.44 96.17 41.40
N LYS EB 66 23.24 95.73 40.42
CA LYS EB 66 24.48 95.01 40.74
C LYS EB 66 25.65 95.94 40.42
N GLN EB 67 26.25 96.49 41.46
CA GLN EB 67 27.44 97.34 41.33
C GLN EB 67 28.69 96.56 41.69
N ALA EB 68 28.50 95.30 42.10
CA ALA EB 68 29.59 94.47 42.59
C ALA EB 68 30.58 94.14 41.47
N ASN EB 69 30.02 93.68 40.34
CA ASN EB 69 30.79 93.25 39.18
C ASN EB 69 32.01 92.41 39.55
N ASP EB 70 31.76 91.27 40.18
CA ASP EB 70 32.81 90.32 40.43
C ASP EB 70 33.32 89.85 39.08
N ILE EB 71 34.62 89.62 39.00
CA ILE EB 71 35.24 89.12 37.77
C ILE EB 71 34.91 89.97 36.53
N PRO EB 72 35.58 91.13 36.42
CA PRO EB 72 35.50 92.01 35.24
C PRO EB 72 36.21 91.35 34.06
N VAL EB 73 35.44 90.54 33.33
CA VAL EB 73 35.95 89.62 32.31
C VAL EB 73 36.93 90.23 31.30
N ASP EB 74 36.85 91.54 31.07
CA ASP EB 74 37.81 92.22 30.22
C ASP EB 74 39.24 92.11 30.75
N ARG EB 75 39.36 91.87 32.06
CA ARG EB 75 40.66 91.79 32.73
C ARG EB 75 41.23 90.37 32.81
N LEU EB 76 40.54 89.42 32.20
CA LEU EB 76 41.03 88.05 32.14
C LEU EB 76 41.52 87.70 30.75
N THR EB 77 42.55 86.88 30.68
CA THR EB 77 42.94 86.29 29.40
C THR EB 77 42.25 84.94 29.27
N ILE EB 78 41.36 84.84 28.28
CA ILE EB 78 40.56 83.64 28.11
C ILE EB 78 40.94 82.89 26.84
N SER EB 79 41.46 81.69 27.03
CA SER EB 79 41.98 80.88 25.94
C SER EB 79 41.04 79.74 25.60
N TYR EB 80 40.98 79.39 24.32
CA TYR EB 80 40.17 78.25 23.89
C TYR EB 80 41.01 77.23 23.12
N CYS EB 81 41.17 76.05 23.69
CA CYS EB 81 41.76 74.92 22.97
C CYS EB 81 40.62 74.02 22.51
N ARG EB 82 40.38 73.97 21.21
CA ARG EB 82 39.27 73.17 20.70
C ARG EB 82 39.73 71.77 20.31
N SER EB 83 39.34 70.76 21.10
CA SER EB 83 39.73 69.37 20.82
C SER EB 83 38.56 68.60 20.20
N SER EB 84 38.69 68.29 18.90
CA SER EB 84 37.63 67.58 18.18
C SER EB 84 38.13 66.22 17.66
N GLY EB 85 37.34 65.18 17.91
CA GLY EB 85 37.69 63.84 17.46
C GLY EB 85 36.53 62.87 17.62
N LYS EB 93 36.63 61.82 21.36
CA LYS EB 93 35.68 62.61 22.14
C LYS EB 93 35.80 64.10 21.82
N VAL EB 94 34.65 64.74 21.63
CA VAL EB 94 34.62 66.15 21.28
C VAL EB 94 34.49 67.00 22.55
N ASN EB 95 35.56 67.72 22.90
CA ASN EB 95 35.55 68.63 24.05
C ASN EB 95 36.45 69.83 23.85
N SER EB 96 36.03 70.96 24.39
CA SER EB 96 36.79 72.19 24.22
C SER EB 96 37.30 72.68 25.57
N LYS EB 97 38.62 72.58 25.75
CA LYS EB 97 39.27 73.13 26.92
C LYS EB 97 39.13 74.65 26.93
N ALA EB 98 38.64 75.19 28.03
CA ALA EB 98 38.62 76.63 28.21
C ALA EB 98 39.55 77.00 29.36
N GLU EB 99 40.33 78.05 29.17
CA GLU EB 99 41.39 78.41 30.11
C GLU EB 99 41.30 79.86 30.56
N VAL EB 100 41.22 80.06 31.86
CA VAL EB 100 41.17 81.41 32.42
C VAL EB 100 42.50 81.75 33.10
N ARG EB 101 43.13 82.81 32.61
CA ARG EB 101 44.43 83.25 33.13
C ARG EB 101 44.38 84.69 33.60
N PHE EB 102 44.96 84.95 34.78
CA PHE EB 102 45.25 86.34 35.16
C PHE EB 102 46.36 86.40 36.19
N HIS EB 103 46.97 87.58 36.31
CA HIS EB 103 48.03 87.80 37.28
C HIS EB 103 47.43 88.02 38.67
N LEU EB 104 47.90 87.26 39.66
CA LEU EB 104 47.26 87.27 40.97
C LEU EB 104 47.60 88.53 41.79
N ALA EB 105 48.86 88.94 41.77
CA ALA EB 105 49.27 90.11 42.54
C ALA EB 105 48.80 91.42 41.92
N SER EB 106 48.63 91.42 40.60
CA SER EB 106 48.23 92.61 39.85
C SER EB 106 46.71 92.78 39.75
N ALA EB 107 45.97 91.87 40.37
CA ALA EB 107 44.52 91.89 40.31
C ALA EB 107 43.94 92.68 41.48
N ASP EB 108 43.38 93.84 41.17
CA ASP EB 108 42.92 94.76 42.20
C ASP EB 108 41.47 94.59 42.59
N TRP EB 109 40.73 93.74 41.89
CA TRP EB 109 39.31 93.60 42.18
C TRP EB 109 39.07 92.65 43.35
N ILE EB 110 40.14 92.07 43.85
CA ILE EB 110 40.09 91.26 45.06
C ILE EB 110 40.92 91.92 46.15
N ALA EB 111 40.43 91.81 47.39
CA ALA EB 111 41.08 92.47 48.52
C ALA EB 111 42.46 91.89 48.78
N GLU EB 112 43.30 92.63 49.50
CA GLU EB 112 44.64 92.16 49.83
C GLU EB 112 44.70 90.89 50.71
N PRO EB 113 43.90 90.82 51.81
CA PRO EB 113 43.93 89.57 52.58
C PRO EB 113 43.53 88.34 51.75
N VAL EB 114 42.55 88.53 50.86
CA VAL EB 114 42.06 87.47 49.99
C VAL EB 114 43.05 87.17 48.86
N ARG EB 115 43.66 88.22 48.30
CA ARG EB 115 44.70 88.04 47.29
C ARG EB 115 45.90 87.26 47.82
N LEU EB 116 46.21 87.42 49.12
CA LEU EB 116 47.28 86.64 49.74
C LEU EB 116 46.85 85.23 50.14
N LYS EB 117 45.62 85.08 50.63
CA LYS EB 117 45.12 83.77 51.02
C LYS EB 117 44.87 82.84 49.83
N LEU EB 118 44.58 83.43 48.68
CA LEU EB 118 44.41 82.67 47.44
C LEU EB 118 45.73 82.05 47.02
N ALA EB 119 46.82 82.81 47.11
CA ALA EB 119 48.13 82.33 46.67
C ALA EB 119 48.67 81.24 47.59
N VAL EB 120 47.95 80.96 48.67
CA VAL EB 120 48.31 79.87 49.56
C VAL EB 120 47.66 78.56 49.14
N LYS EB 121 46.33 78.50 49.20
CA LYS EB 121 45.61 77.26 48.91
C LYS EB 121 45.83 76.77 47.48
N HIS EB 122 45.87 77.72 46.56
CA HIS EB 122 45.90 77.41 45.14
C HIS EB 122 47.29 77.48 44.50
N LYS EB 123 48.33 77.60 45.33
CA LYS EB 123 49.71 77.72 44.85
C LYS EB 123 50.11 76.62 43.85
N ASN EB 124 49.40 75.50 43.88
CA ASN EB 124 49.62 74.42 42.93
C ASN EB 124 49.31 74.85 41.50
N ARG EB 125 48.18 75.52 41.33
CA ARG EB 125 47.72 75.91 39.99
C ARG EB 125 48.19 77.29 39.59
N ILE EB 126 49.02 77.93 40.42
CA ILE EB 126 49.69 79.17 40.04
C ILE EB 126 50.91 78.87 39.17
N ASN EB 127 51.34 79.87 38.41
CA ASN EB 127 52.35 79.73 37.37
C ASN EB 127 53.60 80.51 37.78
N ARG EB 128 54.75 80.20 37.20
CA ARG EB 128 56.00 80.87 37.60
C ARG EB 128 56.02 82.35 37.23
N SER EB 129 55.15 82.76 36.30
CA SER EB 129 55.01 84.15 35.92
C SER EB 129 53.96 84.86 36.79
N GLY EB 130 53.47 84.17 37.82
CA GLY EB 130 52.57 84.74 38.81
C GLY EB 130 51.11 84.49 38.49
N GLU EB 131 50.85 83.88 37.33
CA GLU EB 131 49.50 83.67 36.82
C GLU EB 131 48.76 82.55 37.55
N LEU EB 132 47.49 82.81 37.85
CA LEU EB 132 46.60 81.77 38.36
C LEU EB 132 45.83 81.18 37.19
N ILE EB 133 45.95 79.87 36.99
CA ILE EB 133 45.34 79.24 35.83
C ILE EB 133 44.17 78.34 36.20
N LEU EB 134 43.00 78.64 35.65
CA LEU EB 134 41.84 77.78 35.80
C LEU EB 134 41.53 77.13 34.47
N THR EB 135 40.98 75.94 34.51
CA THR EB 135 40.67 75.23 33.28
C THR EB 135 39.39 74.42 33.43
N SER EB 136 38.54 74.46 32.41
CA SER EB 136 37.40 73.56 32.36
C SER EB 136 37.38 72.77 31.05
N GLU EB 137 36.68 71.64 31.10
CA GLU EB 137 36.78 70.63 30.07
C GLU EB 137 35.42 70.22 29.52
N CYS EB 138 34.53 69.84 30.43
CA CYS EB 138 33.36 68.98 30.16
C CYS EB 138 32.57 69.20 28.85
N SER EB 139 31.86 70.30 28.71
CA SER EB 139 30.93 70.43 27.57
C SER EB 139 31.63 70.63 26.23
N ARG EB 140 30.89 70.35 25.16
CA ARG EB 140 31.37 70.66 23.82
C ARG EB 140 31.18 72.16 23.56
N TYR EB 141 30.29 72.77 24.34
CA TYR EB 141 30.03 74.21 24.22
C TYR EB 141 30.92 75.01 25.17
N GLN EB 142 31.68 75.95 24.63
CA GLN EB 142 32.62 76.68 25.46
C GLN EB 142 31.97 77.78 26.30
N PHE EB 143 30.69 78.04 26.06
CA PHE EB 143 29.93 78.89 26.96
C PHE EB 143 29.87 78.22 28.31
N ARG EB 144 29.60 76.92 28.27
CA ARG EB 144 29.47 76.13 29.49
C ARG EB 144 30.82 75.94 30.19
N ASN EB 145 31.89 75.89 29.40
CA ASN EB 145 33.23 75.83 29.97
C ASN EB 145 33.63 77.13 30.65
N LEU EB 146 33.49 78.24 29.93
CA LEU EB 146 33.72 79.55 30.51
C LEU EB 146 32.94 79.71 31.80
N ALA EB 147 31.66 79.32 31.78
CA ALA EB 147 30.81 79.40 32.95
C ALA EB 147 31.33 78.54 34.10
N ASP EB 148 31.86 77.36 33.77
CA ASP EB 148 32.44 76.49 34.79
C ASP EB 148 33.64 77.15 35.45
N CYS EB 149 34.52 77.71 34.62
CA CYS EB 149 35.67 78.46 35.13
C CYS EB 149 35.25 79.58 36.06
N LEU EB 150 34.39 80.45 35.56
CA LEU EB 150 33.94 81.61 36.32
C LEU EB 150 33.29 81.20 37.62
N GLN EB 151 32.54 80.10 37.61
CA GLN EB 151 31.94 79.62 38.84
C GLN EB 151 32.99 79.10 39.82
N LYS EB 152 34.03 78.43 39.29
CA LYS EB 152 35.14 77.98 40.13
C LYS EB 152 35.83 79.16 40.80
N LEU EB 153 36.16 80.18 40.01
CA LEU EB 153 36.80 81.39 40.51
C LEU EB 153 35.94 82.08 41.59
N ARG EB 154 34.66 82.27 41.27
CA ARG EB 154 33.70 82.78 42.25
C ARG EB 154 33.76 81.99 43.55
N ASP EB 155 33.86 80.67 43.45
CA ASP EB 155 33.90 79.84 44.65
C ASP EB 155 35.18 80.01 45.44
N MET EB 156 36.31 80.13 44.74
CA MET EB 156 37.60 80.29 45.41
C MET EB 156 37.67 81.61 46.15
N ILE EB 157 37.29 82.69 45.47
CA ILE EB 157 37.20 84.00 46.10
C ILE EB 157 36.16 83.98 47.23
N ALA EB 158 35.13 83.16 47.08
CA ALA EB 158 34.13 82.99 48.13
C ALA EB 158 34.75 82.41 49.41
N GLU EB 159 35.40 81.25 49.30
CA GLU EB 159 35.95 80.57 50.48
C GLU EB 159 37.17 81.27 51.07
N ALA EB 160 37.91 82.01 50.23
CA ALA EB 160 39.09 82.75 50.70
C ALA EB 160 38.70 84.05 51.41
N SER EB 161 37.55 84.61 51.01
CA SER EB 161 37.04 85.84 51.63
C SER EB 161 36.23 85.52 52.88
N GLN EB 162 36.00 84.24 53.11
CA GLN EB 162 35.40 83.77 54.36
C GLN EB 162 36.51 83.41 55.34
N PRO EB 163 36.65 84.22 56.41
CA PRO EB 163 37.61 83.95 57.49
C PRO EB 163 37.19 82.72 58.32
N ALA EB 164 35.93 82.33 58.17
CA ALA EB 164 35.35 81.25 58.95
C ALA EB 164 35.69 79.87 58.35
N LYS EB 165 36.44 79.87 57.25
CA LYS EB 165 36.83 78.61 56.61
C LYS EB 165 37.82 77.86 57.51
N GLU EB 166 37.45 76.64 57.89
CA GLU EB 166 38.25 75.86 58.83
C GLU EB 166 39.18 74.86 58.14
N PRO EB 167 39.07 74.77 56.81
CA PRO EB 167 39.87 73.84 55.99
C PRO EB 167 39.89 72.42 56.55
N SER EB 168 38.71 71.86 56.81
CA SER EB 168 38.58 70.52 57.41
C SER EB 168 39.14 69.43 56.51
N ARG EB 169 39.99 68.58 57.08
CA ARG EB 169 40.66 67.52 56.32
C ARG EB 169 40.12 66.12 56.70
N GLU EB 170 39.90 65.28 55.68
CA GLU EB 170 39.42 63.93 55.88
C GLU EB 170 40.57 62.98 56.25
N ASP EB 171 40.27 61.96 57.06
CA ASP EB 171 41.30 61.02 57.51
C ASP EB 171 41.53 59.87 56.52
N ALA EB 172 40.64 59.74 55.53
CA ALA EB 172 40.66 58.61 54.60
C ALA EB 172 41.94 58.48 53.77
N GLU EB 173 42.26 59.52 52.99
CA GLU EB 173 43.48 59.52 52.18
C GLU EB 173 44.67 60.14 52.93
N LEU EB 174 44.38 60.76 54.07
CA LEU EB 174 45.43 61.41 54.87
C LEU EB 174 45.98 60.56 56.03
N ARG EB 175 45.41 59.38 56.25
CA ARG EB 175 45.92 58.49 57.30
C ARG EB 175 47.37 58.10 57.02
N ARG EB 176 47.62 57.67 55.77
CA ARG EB 176 48.98 57.38 55.32
C ARG EB 176 49.90 58.57 55.57
N SER EB 177 49.38 59.77 55.34
CA SER EB 177 50.15 61.00 55.47
C SER EB 177 50.52 61.29 56.94
N ARG EB 178 49.55 61.18 57.84
CA ARG EB 178 49.79 61.41 59.27
C ARG EB 178 50.72 60.36 59.88
N ILE EB 179 50.50 59.10 59.52
CA ILE EB 179 51.29 58.01 60.08
C ILE EB 179 52.72 57.97 59.52
N GLU EB 180 52.89 58.14 58.21
CA GLU EB 180 54.24 58.20 57.64
C GLU EB 180 54.96 59.47 58.12
N ASN EB 181 54.19 60.53 58.36
CA ASN EB 181 54.75 61.75 58.93
C ASN EB 181 55.33 61.48 60.32
N MET EB 182 54.47 60.96 61.20
CA MET EB 182 54.88 60.63 62.56
C MET EB 182 56.06 59.67 62.60
N ASN EB 183 56.04 58.70 61.70
CA ASN EB 183 57.07 57.67 61.67
C ASN EB 183 58.38 58.13 61.03
N ARG EB 184 58.36 59.20 60.24
CA ARG EB 184 59.64 59.79 59.84
C ARG EB 184 60.07 60.80 60.90
N GLU EB 185 59.12 61.16 61.77
CA GLU EB 185 59.43 62.03 62.91
C GLU EB 185 60.07 61.28 64.08
N ARG EB 186 59.84 59.97 64.17
CA ARG EB 186 60.56 59.17 65.19
C ARG EB 186 62.06 59.15 64.92
N LEU EB 187 62.41 59.08 63.64
CA LEU EB 187 63.81 59.06 63.22
C LEU EB 187 64.43 60.47 63.21
N ARG EB 188 63.65 61.45 62.76
CA ARG EB 188 64.08 62.86 62.74
C ARG EB 188 64.47 63.35 64.14
N LYS EB 189 64.01 62.64 65.16
CA LYS EB 189 64.15 63.04 66.56
C LYS EB 189 65.59 62.93 67.10
N LYS EB 190 66.52 62.41 66.31
CA LYS EB 190 67.92 62.33 66.76
C LYS EB 190 68.51 63.73 66.90
N ARG EB 191 69.02 64.05 68.09
CA ARG EB 191 69.47 65.42 68.35
C ARG EB 191 70.97 65.57 68.57
N ILE EB 192 71.63 66.11 67.57
CA ILE EB 192 72.98 66.67 67.65
C ILE EB 192 73.03 67.75 66.59
N SER EB 193 73.67 68.88 66.88
CA SER EB 193 73.78 69.94 65.89
C SER EB 193 74.74 69.51 64.77
N SER EB 194 74.47 69.99 63.57
CA SER EB 194 75.34 69.69 62.43
C SER EB 194 75.48 70.90 61.49
N ALA EB 195 76.56 70.90 60.71
CA ALA EB 195 76.94 72.02 59.82
C ALA EB 195 77.10 73.32 60.60
N TYR FB 25 -4.96 66.94 -37.68
CA TYR FB 25 -6.04 67.42 -36.85
C TYR FB 25 -5.59 68.57 -35.95
N ARG FB 26 -6.55 69.22 -35.30
CA ARG FB 26 -6.26 70.26 -34.33
C ARG FB 26 -6.90 69.89 -33.00
N ALA FB 27 -6.16 70.09 -31.92
CA ALA FB 27 -6.56 69.60 -30.60
C ALA FB 27 -7.82 70.31 -30.05
N ARG FB 28 -8.48 69.65 -29.10
CA ARG FB 28 -9.61 70.22 -28.38
C ARG FB 28 -9.17 71.44 -27.62
N PRO FB 29 -10.11 72.32 -27.27
CA PRO FB 29 -9.79 73.42 -26.35
C PRO FB 29 -9.35 72.89 -24.98
N PRO FB 30 -8.27 73.46 -24.41
CA PRO FB 30 -7.70 72.98 -23.15
C PRO FB 30 -8.68 73.05 -22.01
N PRO FB 31 -8.72 72.02 -21.14
CA PRO FB 31 -9.59 72.04 -19.98
C PRO FB 31 -9.19 73.13 -19.01
N ARG FB 32 -10.13 73.98 -18.61
CA ARG FB 32 -9.81 75.10 -17.74
C ARG FB 32 -10.71 75.12 -16.52
N ARG FB 33 -10.18 75.67 -15.42
CA ARG FB 33 -10.91 75.76 -14.18
C ARG FB 33 -11.64 77.09 -14.10
N SER FB 34 -12.96 77.06 -14.18
CA SER FB 34 -13.75 78.29 -14.16
C SER FB 34 -13.56 79.00 -12.83
N GLN FB 35 -13.22 80.28 -12.88
CA GLN FB 35 -12.91 81.01 -11.66
C GLN FB 35 -14.10 81.80 -11.16
N GLU FB 36 -15.24 81.66 -11.84
CA GLU FB 36 -16.48 82.26 -11.40
C GLU FB 36 -17.02 81.56 -10.16
N PRO FB 37 -17.82 82.25 -9.35
CA PRO FB 37 -18.45 81.61 -8.19
C PRO FB 37 -19.44 80.53 -8.64
N ARG FB 38 -19.47 79.41 -7.93
CA ARG FB 38 -20.30 78.28 -8.33
C ARG FB 38 -21.32 77.91 -7.25
N TRP FB 39 -22.59 78.14 -7.56
CA TRP FB 39 -23.68 77.83 -6.64
C TRP FB 39 -24.55 76.71 -7.16
N PRO FB 40 -24.65 75.62 -6.40
CA PRO FB 40 -25.52 74.48 -6.70
C PRO FB 40 -26.98 74.77 -6.33
N ASP FB 41 -27.93 74.13 -7.01
CA ASP FB 41 -29.35 74.29 -6.69
C ASP FB 41 -29.63 73.79 -5.28
N PRO FB 42 -30.11 74.67 -4.40
CA PRO FB 42 -30.49 74.27 -3.04
C PRO FB 42 -31.75 73.40 -3.03
N ASP FB 43 -32.49 73.45 -4.14
CA ASP FB 43 -33.75 72.70 -4.26
C ASP FB 43 -33.63 71.37 -5.00
N ASP FB 44 -32.45 71.06 -5.53
CA ASP FB 44 -32.25 69.81 -6.28
C ASP FB 44 -31.79 68.70 -5.34
N PRO FB 45 -32.62 67.65 -5.17
CA PRO FB 45 -32.36 66.61 -4.17
C PRO FB 45 -31.10 65.79 -4.47
N LEU FB 46 -30.64 65.85 -5.71
CA LEU FB 46 -29.45 65.11 -6.14
C LEU FB 46 -28.18 65.84 -5.78
N THR FB 47 -28.32 67.01 -5.18
CA THR FB 47 -27.14 67.78 -4.80
C THR FB 47 -26.65 67.31 -3.42
N PRO FB 48 -25.33 67.23 -3.27
CA PRO FB 48 -24.68 66.77 -2.03
C PRO FB 48 -24.90 67.74 -0.89
N ARG FB 49 -25.00 67.23 0.33
CA ARG FB 49 -25.36 68.07 1.46
C ARG FB 49 -24.15 68.81 2.02
N TRP FB 50 -22.98 68.55 1.48
CA TRP FB 50 -21.79 69.31 1.87
C TRP FB 50 -21.66 70.60 1.06
N GLN FB 51 -22.34 70.65 -0.09
CA GLN FB 51 -22.29 71.86 -0.93
C GLN FB 51 -23.44 72.79 -0.60
N LEU FB 52 -24.28 72.38 0.34
CA LEU FB 52 -25.36 73.22 0.83
C LEU FB 52 -25.05 73.92 2.16
N SER FB 53 -23.86 73.68 2.71
CA SER FB 53 -23.54 74.13 4.07
C SER FB 53 -23.26 75.63 4.18
N PRO FB 54 -23.27 76.17 5.41
CA PRO FB 54 -22.76 77.53 5.63
C PRO FB 54 -21.28 77.61 5.26
N ARG FB 55 -20.56 76.54 5.61
CA ARG FB 55 -19.13 76.45 5.39
C ARG FB 55 -18.78 76.60 3.91
N TYR FB 56 -19.59 76.01 3.05
CA TYR FB 56 -19.38 76.13 1.61
C TYR FB 56 -19.56 77.57 1.15
N ALA FB 57 -20.49 78.27 1.78
CA ALA FB 57 -20.74 79.67 1.45
C ALA FB 57 -19.51 80.50 1.83
N ALA FB 58 -19.07 80.35 3.08
CA ALA FB 58 -17.90 81.07 3.57
C ALA FB 58 -16.67 80.82 2.70
N LYS FB 59 -16.50 79.58 2.28
CA LYS FB 59 -15.36 79.24 1.42
C LYS FB 59 -15.53 79.91 0.08
N GLN FB 60 -16.77 79.99 -0.39
CA GLN FB 60 -17.04 80.64 -1.65
C GLN FB 60 -16.74 82.14 -1.56
N PHE FB 61 -16.91 82.71 -0.37
CA PHE FB 61 -16.55 84.10 -0.14
C PHE FB 61 -15.04 84.28 -0.16
N ALA FB 62 -14.34 83.50 0.65
CA ALA FB 62 -12.90 83.62 0.74
C ALA FB 62 -12.21 83.40 -0.62
N ARG FB 63 -12.82 82.59 -1.49
CA ARG FB 63 -12.29 82.42 -2.83
C ARG FB 63 -12.42 83.69 -3.67
N HIS FB 64 -13.63 84.28 -3.71
CA HIS FB 64 -13.86 85.52 -4.43
C HIS FB 64 -14.39 86.61 -3.48
N GLY FB 65 -15.67 86.51 -3.12
CA GLY FB 65 -16.26 87.27 -2.03
C GLY FB 65 -16.82 88.63 -2.38
N ALA FB 66 -16.27 89.25 -3.41
CA ALA FB 66 -16.91 90.42 -3.98
C ALA FB 66 -17.99 89.95 -4.94
N ALA FB 67 -17.60 89.05 -5.84
CA ALA FB 67 -18.47 88.59 -6.90
C ALA FB 67 -19.32 87.44 -6.39
N SER FB 68 -18.97 86.96 -5.21
CA SER FB 68 -19.61 85.79 -4.62
C SER FB 68 -21.11 85.99 -4.42
N GLY FB 69 -21.49 87.20 -4.03
CA GLY FB 69 -22.88 87.45 -3.68
C GLY FB 69 -23.13 86.89 -2.30
N VAL FB 70 -22.08 86.84 -1.49
CA VAL FB 70 -22.19 86.46 -0.10
C VAL FB 70 -22.26 87.70 0.76
N ALA FB 71 -23.21 87.74 1.69
CA ALA FB 71 -23.26 88.83 2.66
C ALA FB 71 -22.07 88.65 3.59
N ALA FB 72 -21.22 89.68 3.67
CA ALA FB 72 -20.00 89.54 4.45
C ALA FB 72 -20.32 89.39 5.94
N GLY FB 73 -21.38 90.05 6.39
CA GLY FB 73 -21.79 89.98 7.78
C GLY FB 73 -22.19 88.58 8.22
N SER FB 74 -22.39 87.71 7.25
CA SER FB 74 -22.75 86.32 7.52
C SER FB 74 -21.58 85.51 8.01
N LEU FB 75 -20.38 86.08 7.92
CA LEU FB 75 -19.15 85.36 8.25
C LEU FB 75 -18.86 85.37 9.75
N TRP FB 76 -19.72 86.01 10.51
CA TRP FB 76 -19.51 86.08 11.95
C TRP FB 76 -20.59 85.32 12.69
N PRO FB 77 -20.27 84.81 13.88
CA PRO FB 77 -21.23 84.04 14.68
C PRO FB 77 -22.50 84.81 14.99
N SER FB 78 -23.63 84.11 15.03
CA SER FB 78 -24.93 84.72 15.35
C SER FB 78 -24.95 85.09 16.82
N GLN FB 79 -26.05 85.67 17.28
CA GLN FB 79 -26.16 85.98 18.69
C GLN FB 79 -26.22 84.69 19.50
N GLU FB 80 -26.94 83.70 18.98
CA GLU FB 80 -26.97 82.38 19.60
C GLU FB 80 -25.58 81.76 19.61
N GLN FB 81 -24.99 81.64 18.42
CA GLN FB 81 -23.67 81.04 18.26
C GLN FB 81 -22.65 81.73 19.17
N LEU FB 82 -22.74 83.05 19.25
CA LEU FB 82 -21.83 83.83 20.07
C LEU FB 82 -22.03 83.57 21.56
N ARG FB 83 -23.28 83.45 21.97
CA ARG FB 83 -23.57 83.18 23.37
C ARG FB 83 -23.08 81.80 23.78
N GLU FB 84 -23.16 80.84 22.85
CA GLU FB 84 -22.69 79.49 23.15
C GLU FB 84 -21.18 79.42 23.18
N LEU FB 85 -20.54 80.06 22.19
CA LEU FB 85 -19.09 80.15 22.18
C LEU FB 85 -18.60 80.76 23.48
N GLU FB 86 -19.30 81.81 23.91
CA GLU FB 86 -18.98 82.48 25.16
C GLU FB 86 -19.09 81.53 26.32
N ALA FB 87 -20.26 80.89 26.47
CA ALA FB 87 -20.51 79.98 27.57
C ALA FB 87 -19.46 78.87 27.66
N GLU FB 88 -19.19 78.24 26.52
CA GLU FB 88 -18.21 77.18 26.42
C GLU FB 88 -16.81 77.65 26.81
N GLU FB 89 -16.39 78.77 26.22
CA GLU FB 89 -15.06 79.31 26.48
C GLU FB 89 -14.88 79.69 27.94
N ARG FB 90 -15.96 80.13 28.58
CA ARG FB 90 -15.91 80.50 29.99
C ARG FB 90 -15.95 79.27 30.88
N GLU FB 91 -16.52 78.18 30.38
CA GLU FB 91 -16.55 76.92 31.13
C GLU FB 91 -15.22 76.14 31.12
N TRP FB 92 -14.65 75.92 29.94
CA TRP FB 92 -13.50 75.03 29.80
C TRP FB 92 -12.13 75.71 29.72
N TYR FB 93 -12.10 77.04 29.73
CA TYR FB 93 -10.83 77.77 29.67
C TYR FB 93 -10.75 78.84 30.74
N PRO FB 94 -10.15 78.51 31.89
CA PRO FB 94 -10.19 79.41 33.04
C PRO FB 94 -9.46 80.75 32.83
N SER FB 95 -9.57 81.63 33.82
CA SER FB 95 -8.84 82.90 33.83
C SER FB 95 -7.42 82.69 34.32
N LEU FB 96 -6.51 83.51 33.81
CA LEU FB 96 -5.10 83.43 34.21
C LEU FB 96 -4.95 83.50 35.74
N ALA FB 97 -5.69 84.42 36.34
CA ALA FB 97 -5.70 84.58 37.79
C ALA FB 97 -6.25 83.33 38.46
N ALA FB 98 -7.34 82.80 37.90
CA ALA FB 98 -7.98 81.60 38.41
C ALA FB 98 -7.00 80.41 38.42
N MET FB 99 -6.14 80.34 37.41
CA MET FB 99 -5.20 79.24 37.28
C MET FB 99 -3.99 79.39 38.18
N GLN FB 100 -3.46 80.60 38.28
CA GLN FB 100 -2.37 80.85 39.22
C GLN FB 100 -2.84 80.53 40.64
N GLU FB 101 -4.07 80.94 40.94
CA GLU FB 101 -4.70 80.59 42.21
C GLU FB 101 -4.79 79.08 42.37
N SER FB 102 -5.22 78.39 41.31
CA SER FB 102 -5.36 76.94 41.35
C SER FB 102 -4.03 76.24 41.66
N LEU FB 103 -2.94 76.79 41.13
CA LEU FB 103 -1.61 76.21 41.31
C LEU FB 103 -1.03 76.45 42.69
N ARG FB 104 -1.20 77.68 43.19
CA ARG FB 104 -0.63 78.02 44.49
C ARG FB 104 -1.17 77.11 45.60
N VAL FB 105 -2.43 76.69 45.48
CA VAL FB 105 -3.05 75.80 46.47
C VAL FB 105 -2.43 74.40 46.46
N GLN FB 106 -2.25 73.86 45.26
CA GLN FB 106 -1.61 72.56 45.09
C GLN FB 106 -0.18 72.57 45.63
N GLN FB 107 0.60 73.59 45.24
CA GLN FB 107 1.96 73.73 45.72
C GLN FB 107 1.98 73.82 47.25
N LEU FB 108 1.00 74.52 47.81
CA LEU FB 108 0.87 74.62 49.25
C LEU FB 108 0.63 73.26 49.92
N ALA FB 109 -0.32 72.49 49.40
CA ALA FB 109 -0.62 71.16 49.94
C ALA FB 109 0.57 70.22 49.86
N GLU FB 110 1.33 70.30 48.75
CA GLU FB 110 2.54 69.49 48.59
C GLU FB 110 3.62 69.88 49.60
N GLU FB 111 3.77 71.19 49.82
CA GLU FB 111 4.69 71.66 50.84
C GLU FB 111 4.31 71.11 52.22
N GLN FB 112 3.03 71.19 52.57
CA GLN FB 112 2.57 70.67 53.86
C GLN FB 112 2.77 69.15 53.99
N LYS FB 113 2.59 68.43 52.89
CA LYS FB 113 2.90 66.99 52.88
C LYS FB 113 4.37 66.71 53.15
N ARG FB 114 5.26 67.40 52.44
CA ARG FB 114 6.70 67.23 52.65
C ARG FB 114 7.11 67.56 54.08
N GLN FB 115 6.58 68.66 54.61
CA GLN FB 115 6.93 69.07 55.98
C GLN FB 115 6.36 68.10 57.00
N ALA FB 116 5.21 67.50 56.72
CA ALA FB 116 4.62 66.50 57.61
C ALA FB 116 5.45 65.21 57.63
N ARG FB 117 5.88 64.79 56.44
CA ARG FB 117 6.77 63.63 56.32
C ARG FB 117 8.07 63.86 57.09
N GLU FB 118 8.73 64.98 56.81
CA GLU FB 118 10.00 65.31 57.48
C GLU FB 118 9.82 65.40 58.99
N GLN FB 119 8.74 66.03 59.42
CA GLN FB 119 8.40 66.09 60.84
C GLN FB 119 8.34 64.69 61.44
N LEU FB 120 7.55 63.83 60.83
CA LEU FB 120 7.38 62.46 61.30
C LEU FB 120 8.71 61.72 61.42
N ILE FB 121 9.53 61.84 60.38
CA ILE FB 121 10.84 61.19 60.33
C ILE FB 121 11.79 61.70 61.43
N GLU FB 122 11.90 63.01 61.61
CA GLU FB 122 12.72 63.57 62.71
C GLU FB 122 12.22 63.08 64.08
N GLU FB 123 10.91 63.15 64.26
CA GLU FB 123 10.24 62.71 65.48
C GLU FB 123 10.59 61.27 65.85
N CYS FB 124 10.51 60.38 64.87
CA CYS FB 124 10.75 58.97 65.13
C CYS FB 124 12.23 58.62 65.13
N MET FB 125 13.06 59.49 64.57
CA MET FB 125 14.50 59.29 64.61
C MET FB 125 15.09 59.74 65.95
N ALA FB 126 14.39 60.66 66.61
CA ALA FB 126 14.78 61.07 67.96
C ALA FB 126 14.43 59.97 68.97
N LYS FB 127 13.43 59.14 68.64
CA LYS FB 127 12.96 58.09 69.53
C LYS FB 127 13.68 56.76 69.33
N MET FB 128 14.59 56.69 68.38
CA MET FB 128 15.12 55.39 67.96
C MET FB 128 16.04 54.69 68.99
N PRO FB 129 17.09 55.38 69.49
CA PRO FB 129 17.96 54.68 70.45
C PRO FB 129 17.22 54.13 71.68
N GLN FB 130 16.23 54.88 72.17
CA GLN FB 130 15.44 54.43 73.33
C GLN FB 130 14.65 53.19 73.00
N MET FB 131 14.08 53.15 71.81
CA MET FB 131 13.28 52.01 71.36
C MET FB 131 14.12 50.75 71.22
N ILE FB 132 15.20 50.84 70.44
CA ILE FB 132 16.02 49.66 70.17
C ILE FB 132 16.74 49.21 71.44
N GLU FB 133 17.11 50.15 72.30
CA GLU FB 133 17.74 49.76 73.57
C GLU FB 133 16.72 49.07 74.47
N ASN FB 134 15.52 49.63 74.54
CA ASN FB 134 14.45 49.05 75.33
C ASN FB 134 14.12 47.63 74.89
N TRP FB 135 14.12 47.42 73.58
CA TRP FB 135 13.81 46.12 73.01
C TRP FB 135 14.96 45.15 73.19
N ARG FB 136 16.19 45.66 73.17
CA ARG FB 136 17.37 44.84 73.43
C ARG FB 136 17.36 44.35 74.88
N GLN FB 137 17.00 45.23 75.80
CA GLN FB 137 16.84 44.87 77.22
C GLN FB 137 15.68 43.91 77.42
N GLN FB 138 14.62 44.10 76.63
CA GLN FB 138 13.44 43.25 76.68
C GLN FB 138 13.76 41.80 76.26
N GLN FB 139 14.51 41.68 75.17
CA GLN FB 139 14.92 40.38 74.64
C GLN FB 139 15.99 39.73 75.53
N GLN FB 140 16.89 40.55 76.08
CA GLN FB 140 17.94 40.05 76.96
C GLN FB 140 17.36 39.63 78.31
N GLU FB 141 16.21 40.20 78.66
CA GLU FB 141 15.48 39.80 79.84
C GLU FB 141 14.69 38.51 79.57
N ARG FB 142 14.18 38.39 78.34
CA ARG FB 142 13.44 37.19 77.94
C ARG FB 142 14.35 35.95 77.90
N ARG FB 143 15.53 36.10 77.30
CA ARG FB 143 16.53 35.03 77.25
C ARG FB 143 16.92 34.53 78.65
N GLU FB 144 17.13 35.48 79.56
CA GLU FB 144 17.51 35.18 80.95
C GLU FB 144 16.36 34.58 81.75
N LYS FB 145 15.13 34.99 81.42
CA LYS FB 145 13.94 34.39 82.01
C LYS FB 145 13.85 32.92 81.63
N GLU FB 146 14.01 32.64 80.34
CA GLU FB 146 13.94 31.26 79.84
C GLU FB 146 15.07 30.38 80.36
N GLN FB 147 16.30 30.91 80.35
CA GLN FB 147 17.45 30.18 80.88
C GLN FB 147 17.34 29.92 82.38
N ALA FB 148 16.83 30.90 83.13
CA ALA FB 148 16.63 30.72 84.58
C ALA FB 148 15.56 29.65 84.81
N ASP FB 149 14.52 29.64 84.00
CA ASP FB 149 13.53 28.56 84.00
C ASP FB 149 14.17 27.19 83.80
N LYS FB 150 15.01 27.08 82.77
CA LYS FB 150 15.66 25.81 82.44
C LYS FB 150 16.65 25.32 83.50
N ASP FB 151 17.33 26.26 84.18
CA ASP FB 151 18.25 25.92 85.27
C ASP FB 151 17.52 25.54 86.58
N ARG FB 152 16.48 26.31 86.92
CA ARG FB 152 15.66 26.03 88.10
C ARG FB 152 14.85 24.74 87.92
N ARG FB 153 14.64 24.35 86.67
CA ARG FB 153 14.07 23.03 86.34
C ARG FB 153 15.12 21.92 86.37
N ALA FB 154 16.32 22.19 85.85
CA ALA FB 154 17.42 21.22 85.84
C ALA FB 154 17.82 20.82 87.27
N ARG FB 155 17.85 21.81 88.17
CA ARG FB 155 18.20 21.53 89.56
C ARG FB 155 17.08 20.85 90.35
N LEU FB 156 15.82 21.07 89.97
CA LEU FB 156 14.68 20.40 90.62
C LEU FB 156 14.46 18.97 90.12
N GLN FB 157 14.88 18.70 88.88
CA GLN FB 157 14.88 17.32 88.36
C GLN FB 157 16.08 16.54 88.87
N ALA FB 158 17.22 17.22 89.01
CA ALA FB 158 18.43 16.61 89.56
C ALA FB 158 18.21 16.10 90.98
N GLU FB 159 17.64 16.96 91.83
CA GLU FB 159 17.32 16.60 93.22
C GLU FB 159 16.27 15.50 93.28
N PRO GB 40 -68.76 -54.10 -41.08
CA PRO GB 40 -69.53 -54.17 -42.33
C PRO GB 40 -70.03 -52.79 -42.78
N VAL GB 41 -70.28 -51.89 -41.84
CA VAL GB 41 -70.76 -50.54 -42.17
C VAL GB 41 -69.72 -49.47 -41.81
N ALA GB 42 -69.37 -48.66 -42.81
CA ALA GB 42 -68.40 -47.59 -42.65
C ALA GB 42 -69.04 -46.38 -41.99
N ARG GB 43 -68.50 -46.00 -40.83
CA ARG GB 43 -69.11 -44.97 -40.02
C ARG GB 43 -68.15 -43.79 -39.82
N TYR GB 44 -68.53 -42.63 -40.39
CA TYR GB 44 -67.73 -41.42 -40.28
C TYR GB 44 -68.09 -40.58 -39.08
N PRO GB 45 -67.16 -39.72 -38.64
CA PRO GB 45 -67.51 -38.65 -37.70
C PRO GB 45 -68.24 -37.51 -38.40
N PRO GB 46 -69.12 -36.79 -37.69
CA PRO GB 46 -69.88 -35.69 -38.27
C PRO GB 46 -68.98 -34.55 -38.75
N ILE GB 47 -69.44 -33.79 -39.74
CA ILE GB 47 -68.63 -32.78 -40.40
C ILE GB 47 -68.73 -31.39 -39.75
N VAL GB 48 -69.34 -31.34 -38.58
CA VAL GB 48 -69.37 -30.12 -37.77
C VAL GB 48 -67.98 -29.56 -37.42
N ALA GB 49 -67.90 -28.23 -37.34
CA ALA GB 49 -66.66 -27.51 -37.01
C ALA GB 49 -66.17 -27.78 -35.59
N SER GB 50 -64.91 -27.47 -35.35
CA SER GB 50 -64.28 -27.70 -34.05
C SER GB 50 -64.88 -26.84 -32.95
N LEU GB 51 -64.89 -27.38 -31.74
CA LEU GB 51 -65.53 -26.73 -30.61
C LEU GB 51 -64.65 -25.64 -30.00
N THR GB 52 -63.35 -25.92 -29.88
CA THR GB 52 -62.44 -25.05 -29.15
C THR GB 52 -61.58 -24.09 -30.00
N ALA GB 53 -61.65 -24.21 -31.31
CA ALA GB 53 -60.78 -23.44 -32.19
C ALA GB 53 -61.12 -21.95 -32.20
N LYS GB 54 -60.20 -21.15 -32.73
CA LYS GB 54 -60.34 -19.70 -32.81
C LYS GB 54 -61.17 -19.22 -34.01
N SER GB 55 -61.54 -20.10 -34.91
CA SER GB 55 -62.27 -19.73 -36.14
C SER GB 55 -63.70 -19.22 -35.91
N LYS GB 56 -64.29 -18.53 -36.90
CA LYS GB 56 -65.68 -18.07 -36.80
C LYS GB 56 -66.70 -19.20 -36.69
N ALA GB 57 -66.49 -20.25 -37.48
CA ALA GB 57 -67.36 -21.42 -37.45
C ALA GB 57 -67.37 -22.07 -36.06
N ALA GB 58 -66.20 -22.13 -35.45
CA ALA GB 58 -66.07 -22.66 -34.10
C ALA GB 58 -66.90 -21.83 -33.11
N ARG GB 59 -66.73 -20.51 -33.18
CA ARG GB 59 -67.49 -19.57 -32.34
C ARG GB 59 -68.98 -19.85 -32.46
N GLN GB 60 -69.42 -20.04 -33.71
CA GLN GB 60 -70.82 -20.34 -33.97
C GLN GB 60 -71.24 -21.62 -33.28
N ARG GB 61 -70.36 -22.62 -33.28
CA ARG GB 61 -70.69 -23.86 -32.60
C ARG GB 61 -70.85 -23.66 -31.08
N ARG GB 62 -69.97 -22.86 -30.49
CA ARG GB 62 -70.08 -22.58 -29.05
C ARG GB 62 -71.38 -21.81 -28.71
N VAL GB 63 -71.71 -20.84 -29.55
CA VAL GB 63 -72.99 -20.15 -29.46
C VAL GB 63 -74.13 -21.16 -29.42
N GLU GB 64 -74.08 -22.08 -30.38
CA GLU GB 64 -75.05 -23.15 -30.47
C GLU GB 64 -75.08 -23.98 -29.18
N GLN GB 65 -73.95 -24.05 -28.49
CA GLN GB 65 -73.86 -24.81 -27.24
C GLN GB 65 -74.61 -24.17 -26.07
N TRP GB 66 -74.39 -22.88 -25.83
CA TRP GB 66 -75.16 -22.25 -24.73
C TRP GB 66 -76.65 -22.09 -25.10
N GLN GB 67 -76.93 -21.90 -26.39
CA GLN GB 67 -78.33 -21.91 -26.82
C GLN GB 67 -78.97 -23.28 -26.53
N ALA GB 68 -78.24 -24.35 -26.83
CA ALA GB 68 -78.68 -25.70 -26.48
C ALA GB 68 -78.94 -25.83 -24.98
N THR GB 69 -78.16 -25.11 -24.18
CA THR GB 69 -78.41 -25.06 -22.74
C THR GB 69 -79.75 -24.42 -22.42
N VAL GB 70 -80.07 -23.32 -23.08
CA VAL GB 70 -81.38 -22.69 -22.88
C VAL GB 70 -82.54 -23.62 -23.25
N HIS GB 71 -82.48 -24.24 -24.43
CA HIS GB 71 -83.54 -25.18 -24.83
C HIS GB 71 -83.72 -26.27 -23.80
N ALA GB 72 -82.60 -26.73 -23.24
CA ALA GB 72 -82.58 -27.88 -22.37
C ALA GB 72 -82.96 -27.55 -20.93
N ALA GB 73 -83.28 -26.29 -20.65
CA ALA GB 73 -83.64 -25.89 -19.30
C ALA GB 73 -85.11 -26.23 -19.02
N LYS GB 74 -85.53 -26.03 -17.78
CA LYS GB 74 -86.85 -26.46 -17.36
C LYS GB 74 -87.75 -25.30 -16.99
N SER GB 75 -87.49 -24.68 -15.84
CA SER GB 75 -88.28 -23.53 -15.43
C SER GB 75 -88.07 -22.35 -16.39
N VAL GB 76 -89.04 -21.46 -16.46
CA VAL GB 76 -88.91 -20.28 -17.29
C VAL GB 76 -87.88 -19.34 -16.66
N ASP GB 77 -87.78 -19.42 -15.34
CA ASP GB 77 -86.84 -18.62 -14.57
C ASP GB 77 -85.39 -18.94 -14.93
N GLU GB 78 -85.11 -20.20 -15.24
CA GLU GB 78 -83.77 -20.58 -15.66
C GLU GB 78 -83.50 -20.08 -17.07
N LYS GB 79 -84.50 -20.16 -17.93
CA LYS GB 79 -84.36 -19.64 -19.28
C LYS GB 79 -84.04 -18.16 -19.26
N LEU GB 80 -84.77 -17.42 -18.42
CA LEU GB 80 -84.55 -15.98 -18.33
C LEU GB 80 -83.21 -15.66 -17.69
N ARG GB 81 -82.87 -16.42 -16.65
CA ARG GB 81 -81.56 -16.32 -16.02
C ARG GB 81 -80.47 -16.39 -17.06
N ILE GB 82 -80.50 -17.45 -17.87
CA ILE GB 82 -79.45 -17.69 -18.84
C ILE GB 82 -79.48 -16.70 -20.00
N LEU GB 83 -80.65 -16.25 -20.41
CA LEU GB 83 -80.71 -15.28 -21.49
C LEU GB 83 -80.18 -13.91 -21.08
N THR GB 84 -80.46 -13.50 -19.85
CA THR GB 84 -80.07 -12.17 -19.39
C THR GB 84 -78.81 -12.03 -18.52
N LYS GB 85 -78.09 -13.10 -18.24
CA LYS GB 85 -76.97 -12.98 -17.31
C LYS GB 85 -75.73 -12.31 -17.91
N MET GB 86 -75.59 -12.33 -19.23
CA MET GB 86 -74.49 -11.60 -19.86
C MET GB 86 -74.79 -10.11 -19.93
N GLN GB 87 -73.89 -9.31 -19.38
CA GLN GB 87 -74.21 -7.94 -18.97
C GLN GB 87 -73.89 -6.84 -20.01
N PHE GB 88 -73.60 -7.18 -21.27
CA PHE GB 88 -72.97 -6.20 -22.16
C PHE GB 88 -73.79 -4.96 -22.52
N MET GB 89 -73.16 -4.12 -23.35
CA MET GB 89 -73.57 -2.76 -23.67
C MET GB 89 -74.77 -2.69 -24.59
N LYS GB 90 -75.79 -1.92 -24.22
CA LYS GB 90 -77.02 -1.86 -25.01
C LYS GB 90 -77.56 -0.46 -25.20
N TYR GB 91 -78.41 -0.26 -26.21
CA TYR GB 91 -79.10 1.00 -26.36
C TYR GB 91 -80.34 1.01 -25.48
N VAL GB 92 -80.56 2.08 -24.73
CA VAL GB 92 -81.77 2.19 -23.92
C VAL GB 92 -82.85 2.93 -24.70
N VAL GB 93 -83.91 2.23 -25.07
CA VAL GB 93 -84.97 2.84 -25.84
C VAL GB 93 -86.02 3.46 -24.92
N TYR GB 94 -86.22 4.76 -25.04
CA TYR GB 94 -87.24 5.41 -24.23
C TYR GB 94 -88.54 5.48 -25.01
N PRO GB 95 -89.62 4.99 -24.41
CA PRO GB 95 -90.92 4.97 -25.09
C PRO GB 95 -91.47 6.36 -25.32
N GLN GB 96 -91.20 7.27 -24.41
CA GLN GB 96 -91.66 8.64 -24.55
C GLN GB 96 -90.50 9.54 -24.95
N THR GB 97 -90.49 10.00 -26.20
CA THR GB 97 -89.25 10.47 -26.79
C THR GB 97 -89.32 11.86 -27.38
N PHE GB 98 -88.27 12.63 -27.18
CA PHE GB 98 -88.14 13.94 -27.80
C PHE GB 98 -87.56 13.88 -29.22
N ALA GB 99 -86.96 12.74 -29.59
CA ALA GB 99 -86.31 12.60 -30.89
C ALA GB 99 -87.32 12.73 -32.01
N LEU GB 100 -86.88 13.27 -33.14
CA LEU GB 100 -87.82 13.70 -34.16
C LEU GB 100 -88.72 12.58 -34.69
N ASN GB 101 -88.25 11.65 -35.50
CA ASN GB 101 -89.21 10.64 -35.86
C ASN GB 101 -88.78 9.33 -35.25
N ALA GB 102 -89.37 9.04 -34.11
CA ALA GB 102 -88.94 7.90 -33.32
C ALA GB 102 -89.82 6.72 -33.66
N ASP GB 103 -90.90 7.01 -34.39
CA ASP GB 103 -91.82 5.96 -34.80
C ASP GB 103 -91.11 5.03 -35.78
N ASN GB 104 -90.51 5.61 -36.82
CA ASN GB 104 -89.82 4.82 -37.82
C ASN GB 104 -88.66 4.04 -37.22
N TRP GB 105 -87.87 4.74 -36.40
CA TRP GB 105 -86.73 4.12 -35.77
C TRP GB 105 -87.16 2.95 -34.89
N TYR GB 106 -88.25 3.14 -34.17
CA TYR GB 106 -88.67 2.10 -33.23
C TYR GB 106 -89.26 0.92 -33.96
N GLN GB 107 -90.03 1.20 -35.00
CA GLN GB 107 -90.48 0.16 -35.90
C GLN GB 107 -89.28 -0.67 -36.31
N SER GB 108 -88.24 0.01 -36.75
CA SER GB 108 -86.99 -0.63 -37.17
C SER GB 108 -86.43 -1.55 -36.09
N PHE GB 109 -86.25 -1.03 -34.89
CA PHE GB 109 -85.65 -1.83 -33.81
C PHE GB 109 -86.49 -3.05 -33.49
N THR GB 110 -87.80 -2.87 -33.59
CA THR GB 110 -88.75 -3.88 -33.17
C THR GB 110 -89.18 -4.85 -34.28
N LYS GB 111 -88.89 -4.50 -35.53
CA LYS GB 111 -89.50 -5.15 -36.71
C LYS GB 111 -91.02 -5.07 -36.65
N THR GB 112 -91.55 -3.85 -36.56
CA THR GB 112 -92.99 -3.66 -36.47
C THR GB 112 -93.56 -2.93 -37.67
N VAL GB 113 -94.69 -3.41 -38.17
CA VAL GB 113 -95.41 -2.70 -39.23
C VAL GB 113 -96.53 -1.87 -38.65
N PHE GB 114 -96.64 -0.62 -39.07
CA PHE GB 114 -97.69 0.24 -38.57
C PHE GB 114 -98.80 0.48 -39.58
N LEU GB 115 -100.03 0.22 -39.14
CA LEU GB 115 -101.24 0.43 -39.94
C LEU GB 115 -102.21 1.35 -39.22
N SER GB 116 -102.58 2.44 -39.85
CA SER GB 116 -103.54 3.36 -39.25
C SER GB 116 -104.94 2.74 -39.23
N GLY GB 117 -105.73 3.10 -38.23
CA GLY GB 117 -107.05 2.53 -38.05
C GLY GB 117 -107.03 1.29 -37.18
N LEU GB 118 -108.11 1.04 -36.45
CA LEU GB 118 -108.18 -0.09 -35.54
C LEU GB 118 -108.17 -1.42 -36.29
N PRO GB 119 -107.82 -2.53 -35.61
CA PRO GB 119 -107.78 -3.83 -36.28
C PRO GB 119 -109.15 -4.21 -36.83
N PRO GB 120 -109.19 -5.17 -37.78
CA PRO GB 120 -110.48 -5.58 -38.34
C PRO GB 120 -111.46 -6.00 -37.24
N THR GB 121 -112.66 -5.43 -37.28
CA THR GB 121 -113.64 -5.65 -36.22
C THR GB 121 -114.05 -7.12 -36.17
N PRO GB 122 -113.97 -7.73 -34.98
CA PRO GB 122 -114.43 -9.10 -34.79
C PRO GB 122 -115.95 -9.17 -34.78
N ALA GB 123 -116.57 -9.26 -35.96
CA ALA GB 123 -118.03 -9.25 -36.09
C ALA GB 123 -118.69 -10.45 -35.39
N LYS GB 124 -117.86 -11.38 -34.90
CA LYS GB 124 -118.31 -12.53 -34.14
C LYS GB 124 -118.91 -12.17 -32.76
N LEU GB 125 -118.83 -10.90 -32.39
CA LEU GB 125 -119.35 -10.40 -31.12
C LEU GB 125 -120.83 -10.74 -30.90
N GLU GB 126 -121.16 -11.12 -29.67
CA GLU GB 126 -122.54 -11.37 -29.25
C GLU GB 126 -123.28 -10.05 -29.04
N PRO GB 127 -124.63 -10.07 -29.00
CA PRO GB 127 -125.37 -8.82 -28.75
C PRO GB 127 -125.23 -8.29 -27.32
N GLU GB 128 -123.99 -8.10 -26.88
CA GLU GB 128 -123.67 -7.58 -25.55
C GLU GB 128 -124.03 -6.11 -25.25
N PRO GB 129 -123.83 -5.18 -26.21
CA PRO GB 129 -123.90 -3.77 -25.80
C PRO GB 129 -125.27 -3.28 -25.33
N THR GB 130 -125.61 -3.69 -24.10
CA THR GB 130 -126.77 -3.17 -23.37
C THR GB 130 -126.33 -1.94 -22.58
N LEU GB 131 -125.09 -1.53 -22.83
CA LEU GB 131 -124.40 -0.48 -22.08
C LEU GB 131 -125.15 0.83 -21.94
N ASP GB 132 -125.08 1.38 -20.74
CA ASP GB 132 -125.60 2.70 -20.46
C ASP GB 132 -124.51 3.72 -20.80
N ILE GB 133 -124.80 4.58 -21.76
CA ILE GB 133 -123.85 5.60 -22.16
C ILE GB 133 -123.96 6.80 -21.22
N THR GB 134 -125.10 6.92 -20.55
CA THR GB 134 -125.34 8.04 -19.64
C THR GB 134 -124.65 7.80 -18.27
N ALA GB 135 -124.67 6.57 -17.77
CA ALA GB 135 -123.99 6.22 -16.53
C ALA GB 135 -122.46 6.32 -16.69
N LEU GB 136 -121.99 6.12 -17.92
CA LEU GB 136 -120.57 6.26 -18.23
C LEU GB 136 -120.15 7.71 -18.47
N ARG GB 137 -120.96 8.49 -19.19
CA ARG GB 137 -120.75 9.94 -19.28
C ARG GB 137 -120.60 10.50 -17.88
N GLU GB 138 -121.58 10.18 -17.05
CA GLU GB 138 -121.61 10.60 -15.65
C GLU GB 138 -120.33 10.15 -14.94
N ALA GB 139 -120.04 8.85 -14.98
CA ALA GB 139 -118.90 8.29 -14.27
C ALA GB 139 -117.57 8.93 -14.65
N VAL GB 140 -117.38 9.21 -15.94
CA VAL GB 140 -116.15 9.82 -16.42
C VAL GB 140 -116.07 11.30 -16.01
N CYS GB 141 -117.17 12.01 -16.19
CA CYS GB 141 -117.20 13.44 -15.85
C CYS GB 141 -117.06 13.66 -14.36
N ASP GB 142 -117.42 12.65 -13.57
CA ASP GB 142 -117.15 12.70 -12.13
C ASP GB 142 -115.66 12.82 -11.90
N CYS GB 143 -114.88 12.00 -12.61
CA CYS GB 143 -113.43 12.06 -12.53
C CYS GB 143 -112.89 13.40 -13.01
N LEU GB 144 -113.22 13.75 -14.25
CA LEU GB 144 -112.75 14.98 -14.83
C LEU GB 144 -113.00 16.18 -13.93
N LEU GB 145 -114.22 16.28 -13.44
CA LEU GB 145 -114.61 17.42 -12.64
C LEU GB 145 -113.97 17.37 -11.26
N GLN GB 146 -113.88 16.18 -10.68
CA GLN GB 146 -113.24 16.04 -9.39
C GLN GB 146 -111.84 16.58 -9.46
N GLU GB 147 -111.14 16.26 -10.54
CA GLU GB 147 -109.75 16.67 -10.66
C GLU GB 147 -109.57 18.13 -11.05
N HIS GB 148 -110.29 18.58 -12.06
CA HIS GB 148 -110.05 19.91 -12.62
C HIS GB 148 -110.76 20.99 -11.85
N PHE GB 149 -111.74 20.61 -11.02
CA PHE GB 149 -112.51 21.61 -10.29
C PHE GB 149 -112.64 21.34 -8.80
N PHE GB 150 -113.38 20.30 -8.44
CA PHE GB 150 -113.82 20.11 -7.06
C PHE GB 150 -112.69 19.97 -6.06
N LEU GB 151 -111.82 18.99 -6.28
CA LEU GB 151 -110.77 18.68 -5.31
C LEU GB 151 -109.82 19.87 -5.12
N ARG GB 152 -109.62 20.26 -3.87
CA ARG GB 152 -108.73 21.37 -3.52
C ARG GB 152 -107.35 20.87 -3.13
N ARG GB 153 -106.34 21.39 -3.82
CA ARG GB 153 -104.96 21.03 -3.57
C ARG GB 153 -104.28 22.16 -2.82
N LYS GB 154 -103.34 21.84 -1.94
CA LYS GB 154 -102.59 22.85 -1.21
C LYS GB 154 -101.96 23.79 -2.22
N LYS GB 155 -102.22 25.09 -2.07
CA LYS GB 155 -102.09 26.04 -3.18
C LYS GB 155 -100.74 26.01 -3.88
N ARG GB 156 -100.81 25.94 -5.21
CA ARG GB 156 -99.63 25.99 -6.07
C ARG GB 156 -99.24 27.43 -6.39
N ALA GB 157 -98.05 27.82 -5.96
CA ALA GB 157 -97.45 29.09 -6.34
C ALA GB 157 -97.21 29.23 -7.86
N PRO GB 158 -96.82 28.13 -8.57
CA PRO GB 158 -96.68 28.29 -10.02
C PRO GB 158 -97.94 28.79 -10.76
N VAL GB 159 -99.11 28.21 -10.47
CA VAL GB 159 -100.38 28.53 -11.14
C VAL GB 159 -100.30 28.08 -12.62
N ILE GB 160 -99.13 27.56 -13.00
CA ILE GB 160 -98.91 26.98 -14.33
C ILE GB 160 -99.72 25.69 -14.46
N GLN GB 161 -100.13 25.15 -13.31
CA GLN GB 161 -101.01 23.97 -13.24
C GLN GB 161 -100.45 22.79 -14.03
N ASP GB 162 -99.40 22.15 -13.51
CA ASP GB 162 -98.73 21.07 -14.23
C ASP GB 162 -99.75 20.02 -14.65
N ARG GB 163 -99.79 19.73 -15.94
CA ARG GB 163 -100.78 18.80 -16.47
C ARG GB 163 -100.50 17.40 -15.98
N GLU GB 164 -99.26 17.14 -15.59
CA GLU GB 164 -98.91 15.85 -15.00
C GLU GB 164 -99.67 15.69 -13.69
N ALA GB 165 -99.53 16.68 -12.82
CA ALA GB 165 -100.09 16.66 -11.48
C ALA GB 165 -101.63 16.72 -11.46
N ILE GB 166 -102.21 17.29 -12.50
CA ILE GB 166 -103.66 17.28 -12.67
C ILE GB 166 -104.18 15.96 -13.25
N ALA GB 167 -103.53 15.50 -14.33
CA ALA GB 167 -104.07 14.38 -15.10
C ALA GB 167 -103.78 13.02 -14.49
N SER GB 168 -102.66 12.88 -13.76
CA SER GB 168 -102.34 11.60 -13.13
C SER GB 168 -103.49 11.03 -12.29
N PRO GB 169 -103.99 11.81 -11.31
CA PRO GB 169 -105.11 11.24 -10.55
C PRO GB 169 -106.36 11.06 -11.40
N PHE GB 170 -106.57 11.92 -12.40
CA PHE GB 170 -107.71 11.78 -13.29
C PHE GB 170 -107.70 10.44 -14.00
N LEU GB 171 -106.53 10.07 -14.53
CA LEU GB 171 -106.38 8.82 -15.25
C LEU GB 171 -106.54 7.62 -14.33
N ASP GB 172 -105.91 7.70 -13.16
CA ASP GB 172 -106.03 6.62 -12.17
C ASP GB 172 -107.48 6.35 -11.85
N GLN GB 173 -108.19 7.44 -11.57
CA GLN GB 173 -109.60 7.35 -11.23
C GLN GB 173 -110.45 6.87 -12.40
N LEU GB 174 -110.07 7.26 -13.61
CA LEU GB 174 -110.78 6.85 -14.83
C LEU GB 174 -110.72 5.35 -15.02
N VAL GB 175 -109.50 4.81 -14.95
CA VAL GB 175 -109.30 3.37 -15.05
C VAL GB 175 -110.02 2.60 -13.94
N ALA GB 176 -109.80 3.00 -12.69
CA ALA GB 176 -110.45 2.32 -11.57
C ALA GB 176 -111.98 2.37 -11.67
N SER GB 177 -112.51 3.50 -12.11
CA SER GB 177 -113.96 3.66 -12.27
C SER GB 177 -114.55 2.80 -13.39
N LEU GB 178 -114.04 2.96 -14.61
CA LEU GB 178 -114.57 2.22 -15.75
C LEU GB 178 -114.38 0.71 -15.59
N THR GB 179 -113.30 0.33 -14.90
CA THR GB 179 -113.03 -1.07 -14.65
C THR GB 179 -114.23 -1.77 -14.03
N GLY GB 180 -114.76 -1.24 -12.94
CA GLY GB 180 -115.91 -1.87 -12.28
C GLY GB 180 -117.20 -1.80 -13.08
N LEU GB 181 -117.53 -0.59 -13.52
CA LEU GB 181 -118.74 -0.34 -14.29
C LEU GB 181 -118.90 -1.26 -15.48
N LEU GB 182 -117.79 -1.51 -16.16
CA LEU GB 182 -117.82 -2.43 -17.29
C LEU GB 182 -117.53 -3.84 -16.82
N SER GB 183 -117.15 -3.99 -15.55
CA SER GB 183 -116.93 -5.32 -15.00
C SER GB 183 -118.25 -5.99 -14.69
N VAL GB 184 -119.32 -5.20 -14.63
CA VAL GB 184 -120.65 -5.79 -14.57
C VAL GB 184 -120.98 -6.61 -15.82
N HIS GB 185 -120.56 -6.11 -16.97
CA HIS GB 185 -120.75 -6.78 -18.24
C HIS GB 185 -119.70 -7.87 -18.51
N ASN GB 186 -118.45 -7.56 -18.15
CA ASN GB 186 -117.30 -8.38 -18.54
C ASN GB 186 -116.57 -8.90 -17.30
N PRO GB 187 -116.98 -10.10 -16.83
CA PRO GB 187 -116.62 -10.69 -15.53
C PRO GB 187 -115.13 -10.94 -15.34
N VAL GB 188 -114.40 -11.02 -16.45
CA VAL GB 188 -112.96 -11.22 -16.41
C VAL GB 188 -112.25 -10.09 -15.67
N LEU GB 189 -112.74 -8.87 -15.85
CA LEU GB 189 -112.19 -7.69 -15.19
C LEU GB 189 -112.36 -7.75 -13.67
N ALA GB 190 -113.10 -8.73 -13.18
CA ALA GB 190 -113.23 -8.90 -11.75
C ALA GB 190 -112.00 -9.61 -11.18
N ALA GB 191 -111.51 -10.58 -11.95
CA ALA GB 191 -110.36 -11.39 -11.53
C ALA GB 191 -109.06 -10.72 -11.93
N ALA GB 192 -109.17 -9.53 -12.50
CA ALA GB 192 -108.02 -8.81 -13.03
C ALA GB 192 -107.21 -8.12 -11.94
N ALA GB 193 -105.91 -7.98 -12.19
CA ALA GB 193 -105.04 -7.18 -11.33
C ALA GB 193 -104.86 -5.79 -11.94
N LEU GB 194 -104.99 -4.75 -11.13
CA LEU GB 194 -104.71 -3.40 -11.59
C LEU GB 194 -103.32 -2.96 -11.13
N ASP GB 195 -102.46 -2.67 -12.10
CA ASP GB 195 -101.10 -2.23 -11.80
C ASP GB 195 -101.01 -0.71 -11.85
N CYS GB 196 -100.42 -0.13 -10.82
CA CYS GB 196 -100.30 1.31 -10.71
C CYS GB 196 -98.84 1.75 -10.76
N LYS GB 197 -98.45 2.40 -11.86
CA LYS GB 197 -97.08 2.86 -12.09
C LYS GB 197 -96.02 1.85 -11.68
N ARG GB 198 -96.02 0.68 -12.32
CA ARG GB 198 -95.00 -0.31 -12.03
C ARG GB 198 -94.28 -0.75 -13.30
N PRO GB 199 -92.98 -0.99 -13.19
CA PRO GB 199 -92.05 -1.23 -14.29
C PRO GB 199 -92.43 -2.36 -15.24
N VAL GB 200 -92.15 -2.14 -16.53
CA VAL GB 200 -92.20 -3.17 -17.55
C VAL GB 200 -90.86 -3.16 -18.28
N HIS GB 201 -90.14 -4.26 -18.22
CA HIS GB 201 -88.81 -4.29 -18.83
C HIS GB 201 -88.70 -5.32 -19.93
N PHE GB 202 -88.11 -4.95 -21.06
CA PHE GB 202 -87.83 -5.94 -22.09
C PHE GB 202 -86.48 -5.74 -22.72
N PHE GB 203 -85.79 -6.85 -22.96
CA PHE GB 203 -84.43 -6.80 -23.47
C PHE GB 203 -84.31 -7.71 -24.67
N TRP GB 204 -83.79 -7.19 -25.77
CA TRP GB 204 -83.68 -8.06 -26.93
C TRP GB 204 -82.52 -7.72 -27.83
N LEU GB 205 -82.20 -8.65 -28.72
CA LEU GB 205 -81.14 -8.44 -29.70
C LEU GB 205 -81.69 -8.20 -31.09
N ARG GB 206 -81.01 -7.32 -31.83
CA ARG GB 206 -81.38 -7.02 -33.19
C ARG GB 206 -80.12 -6.74 -34.02
N GLY GB 207 -80.10 -7.28 -35.25
CA GLY GB 207 -79.04 -7.00 -36.19
C GLY GB 207 -77.62 -7.34 -35.78
N GLU GB 208 -76.68 -6.81 -36.57
CA GLU GB 208 -75.25 -6.97 -36.36
C GLU GB 208 -74.58 -5.63 -36.38
N GLU GB 209 -73.33 -5.60 -35.92
CA GLU GB 209 -72.52 -4.42 -36.10
C GLU GB 209 -71.05 -4.83 -36.20
N ILE GB 210 -70.31 -4.17 -37.07
CA ILE GB 210 -68.87 -4.29 -37.01
C ILE GB 210 -68.40 -3.19 -36.07
N ILE GB 211 -67.79 -3.59 -34.95
CA ILE GB 211 -67.39 -2.65 -33.92
C ILE GB 211 -66.43 -1.60 -34.46
N PRO GB 212 -66.84 -0.33 -34.39
CA PRO GB 212 -66.02 0.75 -34.94
C PRO GB 212 -64.66 0.96 -34.26
N ARG GB 213 -64.64 1.07 -32.93
CA ARG GB 213 -63.45 1.56 -32.24
C ARG GB 213 -63.06 0.67 -31.08
N GLY GB 214 -61.83 0.81 -30.62
CA GLY GB 214 -61.36 0.06 -29.46
C GLY GB 214 -60.51 -1.12 -29.84
N HIS GB 215 -60.20 -1.99 -28.88
CA HIS GB 215 -59.32 -3.11 -29.14
C HIS GB 215 -60.08 -4.26 -29.75
N ARG GB 216 -61.40 -4.15 -29.70
CA ARG GB 216 -62.28 -5.11 -30.36
C ARG GB 216 -62.74 -4.60 -31.72
N LYS GB 217 -62.16 -3.50 -32.17
CA LYS GB 217 -62.50 -2.94 -33.48
C LYS GB 217 -62.39 -3.97 -34.60
N GLY GB 218 -63.44 -4.03 -35.42
CA GLY GB 218 -63.44 -4.89 -36.57
C GLY GB 218 -64.21 -6.19 -36.37
N ARG GB 219 -64.40 -6.60 -35.13
CA ARG GB 219 -65.12 -7.85 -34.90
C ARG GB 219 -66.62 -7.61 -35.02
N VAL GB 220 -67.39 -8.68 -34.93
CA VAL GB 220 -68.82 -8.57 -35.20
C VAL GB 220 -69.65 -8.84 -33.94
N ASP GB 221 -70.57 -7.92 -33.67
CA ASP GB 221 -71.39 -7.97 -32.47
C ASP GB 221 -72.84 -7.59 -32.79
N ALA GB 222 -73.75 -8.12 -31.99
CA ALA GB 222 -75.18 -7.83 -32.14
C ALA GB 222 -75.54 -6.50 -31.50
N LEU GB 223 -76.56 -5.83 -32.03
CA LEU GB 223 -77.04 -4.62 -31.39
C LEU GB 223 -78.05 -4.99 -30.31
N ARG GB 224 -77.84 -4.51 -29.10
CA ARG GB 224 -78.74 -4.87 -28.03
C ARG GB 224 -79.62 -3.70 -27.63
N TYR GB 225 -80.86 -3.99 -27.23
CA TYR GB 225 -81.77 -2.93 -26.77
C TYR GB 225 -82.46 -3.30 -25.47
N GLN GB 226 -82.68 -2.28 -24.64
CA GLN GB 226 -83.44 -2.44 -23.43
C GLN GB 226 -84.52 -1.39 -23.36
N ILE GB 227 -85.72 -1.81 -23.03
CA ILE GB 227 -86.77 -0.86 -22.70
C ILE GB 227 -87.12 -1.01 -21.25
N ASN GB 228 -86.80 0.04 -20.50
CA ASN GB 228 -87.33 0.22 -19.16
C ASN GB 228 -88.53 1.15 -19.26
N ASP GB 229 -89.70 0.64 -18.90
CA ASP GB 229 -90.93 1.38 -19.07
C ASP GB 229 -91.68 1.47 -17.74
N LYS GB 230 -92.51 2.50 -17.60
CA LYS GB 230 -93.35 2.65 -16.41
C LYS GB 230 -94.73 3.13 -16.81
N PRO GB 231 -95.63 2.20 -17.15
CA PRO GB 231 -96.97 2.56 -17.57
C PRO GB 231 -97.78 3.06 -16.39
N HIS GB 232 -98.65 4.02 -16.62
CA HIS GB 232 -99.47 4.58 -15.55
C HIS GB 232 -100.35 3.51 -14.94
N ASN GB 233 -100.95 2.69 -15.80
CA ASN GB 233 -101.82 1.62 -15.36
C ASN GB 233 -101.80 0.40 -16.27
N GLN GB 234 -101.92 -0.77 -15.65
CA GLN GB 234 -102.06 -2.01 -16.41
C GLN GB 234 -103.23 -2.83 -15.93
N ILE GB 235 -103.70 -3.71 -16.80
CA ILE GB 235 -104.66 -4.70 -16.38
C ILE GB 235 -104.13 -6.08 -16.73
N ARG GB 236 -103.86 -6.89 -15.71
CA ARG GB 236 -103.32 -8.22 -15.96
C ARG GB 236 -104.35 -9.33 -15.68
N ILE GB 237 -104.37 -10.32 -16.57
CA ILE GB 237 -105.36 -11.39 -16.60
C ILE GB 237 -104.72 -12.79 -16.48
N SER GB 238 -105.53 -13.80 -16.15
CA SER GB 238 -105.02 -15.17 -16.05
C SER GB 238 -105.05 -15.92 -17.37
N ARG GB 239 -105.77 -15.39 -18.36
CA ARG GB 239 -105.85 -16.06 -19.66
C ARG GB 239 -105.74 -15.09 -20.82
N GLN GB 240 -105.18 -15.57 -21.94
CA GLN GB 240 -104.74 -14.69 -23.02
C GLN GB 240 -105.88 -14.13 -23.87
N LEU GB 241 -105.70 -12.91 -24.34
CA LEU GB 241 -106.61 -12.31 -25.33
C LEU GB 241 -106.45 -12.97 -26.70
N PRO GB 242 -107.52 -12.96 -27.52
CA PRO GB 242 -107.50 -13.56 -28.86
C PRO GB 242 -106.77 -12.74 -29.90
N GLU GB 243 -106.22 -13.42 -30.91
CA GLU GB 243 -105.45 -12.78 -31.97
C GLU GB 243 -106.32 -11.93 -32.91
N PHE GB 244 -105.76 -10.82 -33.35
CA PHE GB 244 -106.49 -9.93 -34.24
C PHE GB 244 -106.43 -10.36 -35.70
N VAL GB 245 -105.33 -10.99 -36.07
CA VAL GB 245 -105.18 -11.58 -37.39
C VAL GB 245 -104.44 -12.90 -37.17
N PRO GB 246 -104.44 -13.81 -38.16
CA PRO GB 246 -103.68 -15.03 -37.90
C PRO GB 246 -102.17 -14.78 -37.83
N LEU GB 247 -101.40 -15.81 -37.50
CA LEU GB 247 -99.98 -15.66 -37.20
C LEU GB 247 -99.16 -15.34 -38.44
N ASP GB 248 -99.57 -15.92 -39.55
CA ASP GB 248 -98.88 -15.78 -40.83
C ASP GB 248 -99.44 -14.66 -41.70
N TYR GB 249 -100.40 -13.90 -41.15
CA TYR GB 249 -101.04 -12.82 -41.89
C TYR GB 249 -100.01 -11.89 -42.51
N SER GB 250 -100.17 -11.63 -43.79
CA SER GB 250 -99.17 -10.88 -44.54
C SER GB 250 -99.69 -9.53 -45.02
N ILE GB 251 -98.77 -8.59 -45.17
CA ILE GB 251 -99.12 -7.23 -45.55
C ILE GB 251 -98.16 -6.73 -46.63
N PRO GB 252 -98.69 -6.00 -47.63
CA PRO GB 252 -97.83 -5.41 -48.65
C PRO GB 252 -96.77 -4.44 -48.09
N ILE GB 253 -97.09 -3.73 -47.01
CA ILE GB 253 -96.21 -2.70 -46.45
C ILE GB 253 -95.00 -3.31 -45.73
N GLU GB 254 -93.83 -2.72 -45.95
CA GLU GB 254 -92.59 -3.27 -45.42
C GLU GB 254 -92.01 -2.43 -44.28
N VAL GB 255 -91.36 -3.11 -43.34
CA VAL GB 255 -90.70 -2.46 -42.21
C VAL GB 255 -89.58 -1.53 -42.67
N PRO GB 256 -89.64 -0.24 -42.26
CA PRO GB 256 -88.66 0.77 -42.70
C PRO GB 256 -87.23 0.45 -42.26
N VAL GB 257 -86.30 0.51 -43.21
CA VAL GB 257 -84.90 0.29 -42.89
C VAL GB 257 -84.17 1.62 -42.80
N MET GB 258 -83.74 1.99 -41.60
CA MET GB 258 -83.02 3.24 -41.40
C MET GB 258 -81.62 3.12 -41.95
N SER GB 259 -81.15 4.13 -42.67
CA SER GB 259 -79.74 4.16 -43.01
C SER GB 259 -79.05 5.15 -42.09
N CYS GB 260 -78.43 4.61 -41.05
CA CYS GB 260 -77.73 5.35 -40.01
C CYS GB 260 -77.38 4.38 -38.90
N LYS GB 261 -76.62 4.84 -37.92
CA LYS GB 261 -76.56 4.13 -36.66
C LYS GB 261 -77.74 4.62 -35.84
N PRO GB 262 -78.17 3.82 -34.84
CA PRO GB 262 -79.20 4.31 -33.92
C PRO GB 262 -78.77 5.57 -33.19
N ASP GB 263 -77.47 5.79 -33.11
CA ASP GB 263 -76.90 6.92 -32.37
C ASP GB 263 -77.42 8.27 -32.81
N LYS GB 264 -77.76 8.40 -34.09
CA LYS GB 264 -78.09 9.72 -34.60
C LYS GB 264 -79.54 10.07 -34.31
N LEU GB 265 -80.24 9.18 -33.61
CA LEU GB 265 -81.66 9.38 -33.31
C LEU GB 265 -81.99 10.67 -32.53
N PRO GB 266 -81.32 10.93 -31.39
CA PRO GB 266 -80.24 10.30 -30.62
C PRO GB 266 -80.66 9.13 -29.73
N LEU GB 267 -79.70 8.23 -29.52
CA LEU GB 267 -79.87 7.08 -28.67
C LEU GB 267 -78.53 6.82 -28.00
N PHE GB 268 -78.53 6.32 -26.77
CA PHE GB 268 -77.24 6.18 -26.11
C PHE GB 268 -77.02 4.80 -25.53
N LYS GB 269 -75.80 4.31 -25.64
CA LYS GB 269 -75.45 3.03 -25.05
C LYS GB 269 -75.15 3.19 -23.57
N ARG GB 270 -75.46 2.16 -22.81
CA ARG GB 270 -75.16 2.11 -21.39
C ARG GB 270 -75.16 0.65 -21.04
N GLN GB 271 -74.61 0.25 -19.91
CA GLN GB 271 -74.83 -1.14 -19.52
C GLN GB 271 -75.07 -1.34 -18.03
N TYR GB 272 -76.04 -2.20 -17.75
CA TYR GB 272 -76.50 -2.55 -16.42
C TYR GB 272 -77.33 -3.81 -16.58
N GLU GB 273 -78.00 -4.29 -15.53
CA GLU GB 273 -78.71 -5.56 -15.63
C GLU GB 273 -79.80 -5.52 -16.70
N ASN GB 274 -79.82 -6.56 -17.54
CA ASN GB 274 -80.84 -6.68 -18.57
C ASN GB 274 -82.01 -7.44 -18.00
N THR GB 275 -83.18 -6.81 -17.97
CA THR GB 275 -84.31 -7.48 -17.36
C THR GB 275 -85.48 -7.64 -18.31
N ILE GB 276 -86.09 -8.82 -18.28
CA ILE GB 276 -87.37 -9.04 -18.92
C ILE GB 276 -88.39 -9.22 -17.84
N PHE GB 277 -89.29 -8.24 -17.72
CA PHE GB 277 -90.20 -8.15 -16.61
C PHE GB 277 -91.55 -7.61 -17.07
N ILE GB 278 -92.63 -8.29 -16.67
CA ILE GB 278 -93.94 -8.06 -17.25
C ILE GB 278 -94.79 -7.00 -16.52
N GLY GB 279 -94.30 -6.55 -15.38
CA GLY GB 279 -95.11 -5.84 -14.41
C GLY GB 279 -95.26 -6.73 -13.20
N SER GB 280 -94.81 -7.98 -13.33
CA SER GB 280 -94.75 -8.91 -12.21
C SER GB 280 -93.75 -10.05 -12.45
N LYS GB 281 -93.34 -10.71 -11.37
CA LYS GB 281 -92.44 -11.84 -11.46
C LYS GB 281 -93.11 -13.05 -12.10
N THR GB 282 -92.28 -13.99 -12.52
CA THR GB 282 -92.75 -15.23 -13.15
C THR GB 282 -93.77 -16.00 -12.30
N ALA GB 283 -93.56 -16.01 -10.98
CA ALA GB 283 -94.35 -16.84 -10.07
C ALA GB 283 -95.82 -16.42 -9.99
N ASP GB 284 -96.14 -15.29 -10.58
CA ASP GB 284 -97.50 -14.76 -10.57
C ASP GB 284 -98.43 -15.54 -11.50
N PRO GB 285 -99.58 -15.97 -10.98
CA PRO GB 285 -100.64 -16.58 -11.79
C PRO GB 285 -101.29 -15.68 -12.84
N LEU GB 286 -101.13 -14.36 -12.80
CA LEU GB 286 -101.68 -13.55 -13.90
C LEU GB 286 -100.61 -13.15 -14.91
N CYS GB 287 -100.57 -13.87 -16.02
CA CYS GB 287 -99.44 -13.80 -16.95
C CYS GB 287 -99.65 -12.96 -18.19
N TYR GB 288 -100.84 -12.42 -18.36
CA TYR GB 288 -101.14 -11.84 -19.65
C TYR GB 288 -101.63 -10.43 -19.52
N GLY GB 289 -101.42 -9.66 -20.56
CA GLY GB 289 -101.81 -8.27 -20.56
C GLY GB 289 -103.20 -8.05 -21.11
N HIS GB 290 -103.84 -6.98 -20.66
CA HIS GB 290 -105.13 -6.63 -21.21
C HIS GB 290 -105.00 -5.32 -21.98
N THR GB 291 -104.93 -4.21 -21.24
CA THR GB 291 -104.58 -2.94 -21.83
C THR GB 291 -103.67 -2.15 -20.89
N GLN GB 292 -102.94 -1.21 -21.49
CA GLN GB 292 -102.04 -0.32 -20.77
C GLN GB 292 -102.53 1.12 -20.86
N PHE GB 293 -102.19 1.93 -19.86
CA PHE GB 293 -102.56 3.33 -19.88
C PHE GB 293 -101.32 4.18 -19.70
N HIS GB 294 -100.96 4.94 -20.72
CA HIS GB 294 -99.77 5.76 -20.68
C HIS GB 294 -100.13 7.23 -20.66
N LEU GB 295 -99.76 7.90 -19.58
CA LEU GB 295 -99.93 9.34 -19.51
C LEU GB 295 -98.70 10.00 -20.08
N LEU GB 296 -98.88 10.91 -21.03
CA LEU GB 296 -97.74 11.58 -21.65
C LEU GB 296 -97.09 12.55 -20.69
N PRO GB 297 -95.76 12.48 -20.56
CA PRO GB 297 -94.98 13.35 -19.69
C PRO GB 297 -95.01 14.80 -20.15
N ASP GB 298 -94.60 15.70 -19.26
CA ASP GB 298 -94.78 17.12 -19.46
C ASP GB 298 -94.06 17.70 -20.69
N LYS GB 299 -92.84 17.24 -20.96
CA LYS GB 299 -92.04 17.76 -22.07
C LYS GB 299 -92.77 17.69 -23.41
N LEU GB 300 -93.63 16.70 -23.53
CA LEU GB 300 -94.23 16.30 -24.80
C LEU GB 300 -95.60 16.92 -25.09
N LYS GB 301 -96.02 17.87 -24.26
CA LYS GB 301 -97.30 18.56 -24.45
C LYS GB 301 -97.48 19.11 -25.86
N ARG GB 302 -98.71 19.14 -26.34
CA ARG GB 302 -98.99 19.67 -27.67
C ARG GB 302 -98.56 21.11 -27.81
N GLU GB 303 -98.69 21.87 -26.73
CA GLU GB 303 -98.30 23.27 -26.74
C GLU GB 303 -96.80 23.42 -26.96
N LYS GB 304 -96.01 22.74 -26.12
CA LYS GB 304 -94.55 22.80 -26.21
C LYS GB 304 -94.06 22.46 -27.62
N LEU GB 305 -94.57 21.37 -28.17
CA LEU GB 305 -94.20 20.95 -29.51
C LEU GB 305 -94.61 22.00 -30.53
N LEU GB 306 -95.77 22.61 -30.32
CA LEU GB 306 -96.19 23.68 -31.23
C LEU GB 306 -95.26 24.89 -31.18
N LYS GB 307 -94.60 25.09 -30.04
CA LYS GB 307 -93.65 26.19 -29.89
C LYS GB 307 -92.32 25.91 -30.58
N GLN GB 308 -91.96 24.63 -30.65
CA GLN GB 308 -90.65 24.20 -31.17
C GLN GB 308 -90.64 24.07 -32.69
N ASN GB 309 -91.74 24.48 -33.33
CA ASN GB 309 -91.91 24.37 -34.78
C ASN GB 309 -92.02 22.91 -35.22
N CYS GB 310 -92.55 22.07 -34.33
CA CYS GB 310 -92.85 20.69 -34.66
C CYS GB 310 -94.36 20.48 -34.76
N ALA GB 311 -94.87 20.32 -35.97
CA ALA GB 311 -96.29 20.15 -36.15
C ALA GB 311 -96.63 18.67 -36.08
N ASP GB 312 -96.11 17.92 -37.04
CA ASP GB 312 -96.44 16.51 -37.22
C ASP GB 312 -96.14 15.67 -35.98
N GLN GB 313 -95.09 16.06 -35.28
CA GLN GB 313 -94.55 15.31 -34.17
C GLN GB 313 -95.56 14.95 -33.10
N ILE GB 314 -96.58 15.79 -32.97
CA ILE GB 314 -97.67 15.60 -32.03
C ILE GB 314 -98.19 14.19 -32.14
N GLU GB 315 -98.35 13.73 -33.38
CA GLU GB 315 -98.80 12.38 -33.60
C GLU GB 315 -97.71 11.37 -33.31
N VAL GB 316 -96.54 11.63 -33.88
CA VAL GB 316 -95.41 10.71 -33.80
C VAL GB 316 -95.13 10.24 -32.38
N VAL GB 317 -95.06 11.19 -31.45
CA VAL GB 317 -94.80 10.89 -30.05
C VAL GB 317 -95.72 9.81 -29.51
N PHE GB 318 -97.01 9.91 -29.83
CA PHE GB 318 -97.95 8.87 -29.45
C PHE GB 318 -97.50 7.53 -30.02
N ARG GB 319 -97.38 7.47 -31.35
CA ARG GB 319 -97.06 6.24 -32.05
C ARG GB 319 -95.91 5.54 -31.37
N ALA GB 320 -94.79 6.25 -31.36
CA ALA GB 320 -93.55 5.75 -30.81
C ALA GB 320 -93.81 5.10 -29.46
N ASN GB 321 -94.48 5.84 -28.58
CA ASN GB 321 -94.77 5.35 -27.24
C ASN GB 321 -95.41 3.96 -27.30
N ALA GB 322 -96.53 3.87 -28.02
CA ALA GB 322 -97.21 2.59 -28.18
C ALA GB 322 -96.24 1.54 -28.66
N ILE GB 323 -95.60 1.82 -29.80
CA ILE GB 323 -94.78 0.86 -30.49
C ILE GB 323 -93.71 0.34 -29.57
N ALA GB 324 -93.24 1.18 -28.65
CA ALA GB 324 -92.25 0.71 -27.70
C ALA GB 324 -92.95 -0.13 -26.65
N SER GB 325 -93.81 0.54 -25.89
CA SER GB 325 -94.34 -0.02 -24.65
C SER GB 325 -95.01 -1.34 -24.89
N LEU GB 326 -95.99 -1.31 -25.78
CA LEU GB 326 -96.73 -2.50 -26.15
C LEU GB 326 -95.78 -3.61 -26.53
N PHE GB 327 -94.83 -3.32 -27.42
CA PHE GB 327 -93.91 -4.35 -27.85
C PHE GB 327 -93.28 -5.00 -26.65
N ALA GB 328 -92.69 -4.16 -25.81
CA ALA GB 328 -91.99 -4.64 -24.63
C ALA GB 328 -92.92 -5.56 -23.88
N TRP GB 329 -94.10 -5.06 -23.58
CA TRP GB 329 -95.06 -5.80 -22.79
C TRP GB 329 -95.34 -7.14 -23.42
N THR GB 330 -95.64 -7.11 -24.70
CA THR GB 330 -95.96 -8.33 -25.40
C THR GB 330 -94.76 -9.25 -25.33
N GLY GB 331 -93.59 -8.70 -25.67
CA GLY GB 331 -92.36 -9.46 -25.72
C GLY GB 331 -92.15 -10.20 -24.44
N ALA GB 332 -92.20 -9.46 -23.34
CA ALA GB 332 -92.04 -10.03 -22.01
C ALA GB 332 -93.07 -11.12 -21.75
N GLN GB 333 -94.33 -10.85 -22.08
CA GLN GB 333 -95.37 -11.85 -21.91
C GLN GB 333 -94.92 -13.13 -22.60
N ALA GB 334 -94.48 -12.98 -23.84
CA ALA GB 334 -94.09 -14.13 -24.63
C ALA GB 334 -92.96 -14.89 -23.91
N MET GB 335 -92.00 -14.17 -23.36
CA MET GB 335 -90.84 -14.85 -22.80
C MET GB 335 -91.15 -15.41 -21.42
N TYR GB 336 -92.31 -15.06 -20.87
CA TYR GB 336 -92.76 -15.69 -19.63
C TYR GB 336 -93.33 -17.05 -19.95
N GLN GB 337 -93.70 -17.24 -21.21
CA GLN GB 337 -94.27 -18.50 -21.66
C GLN GB 337 -93.20 -19.42 -22.23
N GLY GB 338 -91.94 -18.99 -22.11
CA GLY GB 338 -90.82 -19.84 -22.47
C GLY GB 338 -90.35 -19.63 -23.88
N PHE GB 339 -91.11 -18.86 -24.65
CA PHE GB 339 -90.74 -18.52 -26.02
C PHE GB 339 -89.56 -17.56 -26.02
N TRP GB 340 -88.68 -17.70 -27.01
CA TRP GB 340 -87.52 -16.81 -27.13
C TRP GB 340 -86.97 -16.88 -28.54
N SER GB 341 -85.83 -16.25 -28.78
CA SER GB 341 -85.31 -16.08 -30.14
C SER GB 341 -85.23 -17.36 -30.96
N GLU GB 342 -84.90 -18.47 -30.32
CA GLU GB 342 -84.85 -19.74 -31.04
C GLU GB 342 -86.07 -20.65 -30.85
N ALA GB 343 -87.01 -20.26 -30.01
CA ALA GB 343 -88.29 -20.98 -29.90
C ALA GB 343 -89.40 -20.28 -30.70
N ASP GB 344 -89.06 -19.11 -31.23
CA ASP GB 344 -90.00 -18.16 -31.85
C ASP GB 344 -91.30 -18.07 -31.08
N VAL GB 345 -92.43 -18.07 -31.76
CA VAL GB 345 -93.71 -18.02 -31.07
C VAL GB 345 -94.77 -18.82 -31.82
N THR GB 346 -95.51 -19.65 -31.08
CA THR GB 346 -96.58 -20.47 -31.64
C THR GB 346 -97.91 -19.71 -31.87
N ARG GB 347 -98.41 -19.06 -30.81
CA ARG GB 347 -99.66 -18.28 -30.85
C ARG GB 347 -99.39 -16.80 -30.72
N PRO GB 348 -99.93 -15.98 -31.61
CA PRO GB 348 -99.74 -14.53 -31.55
C PRO GB 348 -100.04 -13.96 -30.18
N PHE GB 349 -99.16 -13.09 -29.68
CA PHE GB 349 -99.41 -12.41 -28.40
C PHE GB 349 -99.95 -11.02 -28.65
N VAL GB 350 -101.06 -10.70 -28.02
CA VAL GB 350 -101.70 -9.42 -28.31
C VAL GB 350 -101.87 -8.62 -27.04
N SER GB 351 -101.79 -7.29 -27.16
CA SER GB 351 -102.20 -6.41 -26.07
C SER GB 351 -102.66 -5.06 -26.59
N GLN GB 352 -103.34 -4.33 -25.73
CA GLN GB 352 -103.94 -3.06 -26.11
C GLN GB 352 -103.37 -1.94 -25.29
N GLY GB 353 -103.50 -0.71 -25.79
CA GLY GB 353 -102.99 0.42 -25.05
C GLY GB 353 -103.67 1.74 -25.37
N VAL GB 354 -103.64 2.63 -24.39
CA VAL GB 354 -104.26 3.92 -24.48
C VAL GB 354 -103.20 4.92 -24.12
N ILE GB 355 -103.02 5.94 -24.97
CA ILE GB 355 -102.00 6.93 -24.71
C ILE GB 355 -102.61 8.31 -24.70
N THR GB 356 -102.29 9.04 -23.63
CA THR GB 356 -103.06 10.18 -23.25
C THR GB 356 -102.23 11.37 -22.75
N ASP GB 357 -102.43 12.49 -23.41
CA ASP GB 357 -102.28 13.79 -22.79
C ASP GB 357 -103.63 13.96 -22.13
N GLY GB 358 -103.71 14.56 -20.94
CA GLY GB 358 -104.95 14.56 -20.17
C GLY GB 358 -106.22 14.85 -20.97
N LYS GB 359 -106.11 15.74 -21.96
CA LYS GB 359 -107.20 16.05 -22.87
C LYS GB 359 -107.40 15.03 -24.01
N TYR GB 360 -106.32 14.66 -24.68
CA TYR GB 360 -106.38 13.86 -25.91
C TYR GB 360 -106.04 12.39 -25.73
N PHE GB 361 -106.71 11.53 -26.49
CA PHE GB 361 -106.50 10.08 -26.38
C PHE GB 361 -106.10 9.45 -27.71
N SER GB 362 -105.44 8.30 -27.61
CA SER GB 362 -105.14 7.49 -28.78
C SER GB 362 -105.16 6.03 -28.40
N PHE GB 363 -105.64 5.19 -29.32
CA PHE GB 363 -105.84 3.78 -29.01
C PHE GB 363 -105.00 2.91 -29.91
N PHE GB 364 -104.31 1.96 -29.30
CA PHE GB 364 -103.37 1.14 -30.04
C PHE GB 364 -103.56 -0.33 -29.73
N CYS GB 365 -103.37 -1.13 -30.77
CA CYS GB 365 -103.44 -2.57 -30.63
C CYS GB 365 -102.16 -3.15 -31.19
N TYR GB 366 -101.59 -4.10 -30.46
CA TYR GB 366 -100.31 -4.63 -30.86
C TYR GB 366 -100.35 -6.14 -30.88
N GLN GB 367 -99.99 -6.70 -32.03
CA GLN GB 367 -99.81 -8.13 -32.15
C GLN GB 367 -98.34 -8.46 -32.42
N LEU GB 368 -97.75 -9.15 -31.47
CA LEU GB 368 -96.41 -9.69 -31.56
C LEU GB 368 -96.48 -11.09 -32.12
N ASN GB 369 -95.84 -11.29 -33.27
CA ASN GB 369 -95.73 -12.59 -33.92
C ASN GB 369 -94.32 -13.15 -33.77
N THR GB 370 -93.36 -12.42 -34.34
CA THR GB 370 -91.96 -12.82 -34.29
C THR GB 370 -91.26 -12.39 -33.03
N LEU GB 371 -90.71 -13.35 -32.29
CA LEU GB 371 -89.83 -13.00 -31.21
C LEU GB 371 -88.37 -13.10 -31.64
N ALA GB 372 -88.12 -13.57 -32.86
CA ALA GB 372 -86.75 -13.68 -33.31
C ALA GB 372 -86.41 -12.56 -34.27
N LEU GB 373 -85.74 -11.56 -33.70
CA LEU GB 373 -85.18 -10.42 -34.42
C LEU GB 373 -83.66 -10.51 -34.54
N THR GB 374 -83.13 -11.59 -33.99
CA THR GB 374 -81.70 -11.88 -33.96
C THR GB 374 -81.13 -11.95 -35.37
N ALA GB 375 -79.86 -11.61 -35.53
CA ALA GB 375 -79.17 -11.75 -36.81
C ALA GB 375 -79.33 -13.13 -37.45
N GLN GB 376 -79.05 -14.19 -36.71
CA GLN GB 376 -79.12 -15.57 -37.24
C GLN GB 376 -80.57 -15.98 -37.49
N ALA GB 377 -81.44 -15.56 -36.58
CA ALA GB 377 -82.83 -15.98 -36.57
C ALA GB 377 -83.72 -15.20 -37.54
N ASP GB 378 -83.25 -14.06 -38.02
CA ASP GB 378 -84.08 -13.22 -38.88
C ASP GB 378 -83.82 -13.42 -40.37
N GLN GB 379 -82.93 -14.36 -40.69
CA GLN GB 379 -82.53 -14.53 -42.08
C GLN GB 379 -83.69 -14.94 -43.00
N ASN GB 380 -84.30 -16.09 -42.69
CA ASN GB 380 -85.34 -16.63 -43.55
C ASN GB 380 -86.75 -16.30 -43.06
N ASN GB 381 -86.84 -15.55 -41.97
CA ASN GB 381 -88.11 -15.33 -41.30
C ASN GB 381 -89.03 -14.30 -41.99
N PRO GB 382 -90.18 -14.77 -42.50
CA PRO GB 382 -91.24 -14.00 -43.17
C PRO GB 382 -92.11 -13.10 -42.26
N ARG GB 383 -92.34 -13.52 -41.02
CA ARG GB 383 -93.31 -12.87 -40.13
C ARG GB 383 -92.96 -11.44 -39.75
N LYS GB 384 -93.96 -10.69 -39.32
CA LYS GB 384 -93.77 -9.34 -38.82
C LYS GB 384 -94.61 -9.12 -37.56
N ASN GB 385 -94.28 -8.10 -36.77
CA ASN GB 385 -95.14 -7.67 -35.69
C ASN GB 385 -96.00 -6.53 -36.21
N ILE GB 386 -97.27 -6.52 -35.83
CA ILE GB 386 -98.18 -5.53 -36.39
C ILE GB 386 -98.73 -4.64 -35.30
N CYS GB 387 -98.83 -3.35 -35.62
CA CYS GB 387 -99.38 -2.37 -34.69
C CYS GB 387 -100.39 -1.46 -35.35
N TRP GB 388 -101.63 -1.52 -34.87
CA TRP GB 388 -102.69 -0.64 -35.33
C TRP GB 388 -102.86 0.54 -34.38
N GLY GB 389 -103.14 1.71 -34.92
CA GLY GB 389 -103.30 2.87 -34.08
C GLY GB 389 -104.29 3.87 -34.58
N THR GB 390 -104.78 4.66 -33.64
CA THR GB 390 -105.80 5.66 -33.90
C THR GB 390 -105.16 7.02 -34.02
N GLN GB 391 -105.71 7.88 -34.87
CA GLN GB 391 -105.34 9.27 -34.82
C GLN GB 391 -105.69 9.81 -33.43
N SER GB 392 -104.89 10.74 -32.93
CA SER GB 392 -105.16 11.35 -31.63
C SER GB 392 -106.48 12.12 -31.70
N LYS GB 393 -107.08 12.41 -30.56
CA LYS GB 393 -108.45 12.94 -30.54
C LYS GB 393 -108.91 13.34 -29.13
N PRO GB 394 -109.57 14.52 -29.03
CA PRO GB 394 -110.00 15.09 -27.75
C PRO GB 394 -111.16 14.35 -27.10
N LEU GB 395 -111.07 14.20 -25.78
CA LEU GB 395 -112.13 13.65 -24.96
C LEU GB 395 -113.16 14.72 -24.71
N TYR GB 396 -112.68 15.79 -24.08
CA TYR GB 396 -113.51 16.92 -23.72
C TYR GB 396 -112.97 18.18 -24.39
N GLU GB 397 -113.76 19.22 -24.35
CA GLU GB 397 -113.31 20.51 -24.80
C GLU GB 397 -113.55 21.55 -23.72
N THR GB 398 -112.47 22.04 -23.12
CA THR GB 398 -112.54 23.20 -22.22
C THR GB 398 -113.48 23.07 -21.01
N ILE GB 399 -113.10 22.30 -20.00
CA ILE GB 399 -113.82 22.32 -18.73
C ILE GB 399 -113.94 23.75 -18.19
N GLU GB 400 -115.16 24.14 -17.83
CA GLU GB 400 -115.41 25.44 -17.22
C GLU GB 400 -116.33 25.35 -15.99
N ASP GB 401 -115.78 25.66 -14.82
CA ASP GB 401 -116.59 25.84 -13.61
C ASP GB 401 -117.59 24.72 -13.32
N ASN GB 402 -117.09 23.49 -13.20
CA ASN GB 402 -117.91 22.31 -12.86
C ASN GB 402 -118.80 21.82 -14.01
N ASN GB 403 -118.74 22.53 -15.14
CA ASN GB 403 -119.32 22.03 -16.39
C ASN GB 403 -118.24 21.47 -17.34
N VAL GB 404 -118.52 20.34 -17.97
CA VAL GB 404 -117.63 19.81 -19.00
C VAL GB 404 -118.23 20.13 -20.35
N LYS GB 405 -117.62 21.06 -21.08
CA LYS GB 405 -118.37 21.67 -22.18
C LYS GB 405 -118.49 20.74 -23.38
N GLY GB 406 -117.42 20.55 -24.13
CA GLY GB 406 -117.47 19.65 -25.26
C GLY GB 406 -117.33 18.26 -24.72
N PHE GB 407 -117.93 17.28 -25.38
CA PHE GB 407 -117.70 15.90 -24.98
C PHE GB 407 -117.82 14.97 -26.18
N ASN GB 408 -116.95 13.97 -26.23
CA ASN GB 408 -116.95 13.01 -27.34
C ASN GB 408 -117.28 11.62 -26.86
N ASP GB 409 -118.36 11.07 -27.38
CA ASP GB 409 -118.76 9.73 -26.98
C ASP GB 409 -117.93 8.67 -27.69
N ASP GB 410 -117.46 8.98 -28.90
CA ASP GB 410 -116.65 8.03 -29.68
C ASP GB 410 -115.43 7.56 -28.90
N VAL GB 411 -114.81 8.49 -28.19
CA VAL GB 411 -113.69 8.20 -27.32
C VAL GB 411 -114.09 7.19 -26.23
N LEU GB 412 -115.21 7.46 -25.56
CA LEU GB 412 -115.74 6.53 -24.57
C LEU GB 412 -116.03 5.15 -25.17
N LEU GB 413 -116.53 5.15 -26.41
CA LEU GB 413 -116.93 3.94 -27.09
C LEU GB 413 -115.74 3.07 -27.41
N GLN GB 414 -114.61 3.69 -27.76
CA GLN GB 414 -113.41 2.93 -28.07
C GLN GB 414 -112.74 2.42 -26.80
N LEU GB 415 -112.72 3.27 -25.77
CA LEU GB 415 -112.22 2.86 -24.45
C LEU GB 415 -113.03 1.64 -23.99
N VAL GB 416 -114.32 1.69 -24.28
CA VAL GB 416 -115.26 0.63 -23.96
C VAL GB 416 -114.98 -0.64 -24.76
N GLN GB 417 -114.73 -0.48 -26.06
CA GLN GB 417 -114.29 -1.60 -26.90
C GLN GB 417 -113.15 -2.32 -26.23
N PHE GB 418 -112.06 -1.59 -26.03
CA PHE GB 418 -110.86 -2.15 -25.43
C PHE GB 418 -111.13 -2.83 -24.08
N LEU GB 419 -111.98 -2.21 -23.25
CA LEU GB 419 -112.23 -2.78 -21.94
C LEU GB 419 -113.24 -3.93 -21.98
N LEU GB 420 -113.81 -4.17 -23.16
CA LEU GB 420 -114.77 -5.26 -23.33
C LEU GB 420 -114.16 -6.52 -23.95
N ASN GB 421 -112.88 -6.48 -24.29
CA ASN GB 421 -112.19 -7.64 -24.85
C ASN GB 421 -112.14 -8.80 -23.85
N ARG GB 422 -112.22 -10.02 -24.36
CA ARG GB 422 -112.26 -11.20 -23.49
C ARG GB 422 -111.45 -12.34 -24.05
N PRO GB 423 -110.91 -13.19 -23.16
CA PRO GB 423 -110.34 -14.48 -23.60
C PRO GB 423 -111.43 -15.39 -24.15
N LYS GB 424 -111.12 -16.19 -25.16
CA LYS GB 424 -112.09 -17.14 -25.70
C LYS GB 424 -112.39 -18.21 -24.65
N GLU GB 425 -113.58 -18.78 -24.73
CA GLU GB 425 -114.09 -19.62 -23.64
C GLU GB 425 -114.31 -21.06 -24.07
N ASP GB 426 -113.79 -21.98 -23.27
CA ASP GB 426 -113.89 -23.41 -23.54
C ASP GB 426 -114.51 -24.14 -22.35
N PHE HB 35 61.13 -62.21 -4.78
CA PHE HB 35 59.85 -62.72 -5.25
C PHE HB 35 59.85 -64.23 -5.11
N ARG HB 36 59.13 -64.69 -4.09
CA ARG HB 36 59.20 -66.07 -3.69
C ARG HB 36 57.86 -66.78 -3.87
N GLU HB 37 57.78 -67.67 -4.84
CA GLU HB 37 56.52 -68.35 -5.11
C GLU HB 37 56.34 -69.55 -4.19
N VAL HB 38 55.10 -69.77 -3.76
CA VAL HB 38 54.77 -70.94 -2.94
C VAL HB 38 53.97 -71.96 -3.74
N VAL HB 39 54.52 -73.16 -3.87
CA VAL HB 39 53.93 -74.15 -4.75
C VAL HB 39 53.27 -75.28 -3.95
N GLU HB 40 52.12 -75.73 -4.42
CA GLU HB 40 51.39 -76.83 -3.80
C GLU HB 40 51.07 -77.94 -4.81
N ILE HB 41 51.37 -79.18 -4.45
CA ILE HB 41 51.16 -80.33 -5.32
C ILE HB 41 50.39 -81.46 -4.61
N LEU HB 42 49.47 -82.09 -5.34
CA LEU HB 42 48.70 -83.23 -4.83
C LEU HB 42 49.07 -84.55 -5.52
N ASP HB 43 49.74 -85.43 -4.81
CA ASP HB 43 50.11 -86.75 -5.34
C ASP HB 43 49.72 -87.90 -4.40
N GLY HB 44 48.76 -88.72 -4.83
CA GLY HB 44 48.42 -89.95 -4.12
C GLY HB 44 48.14 -89.82 -2.64
N LYS HB 45 47.21 -88.93 -2.28
CA LYS HB 45 46.87 -88.64 -0.88
C LYS HB 45 48.05 -88.09 -0.07
N THR HB 46 49.03 -87.52 -0.76
CA THR HB 46 50.11 -86.78 -0.10
C THR HB 46 50.22 -85.39 -0.73
N THR HB 47 50.30 -84.37 0.11
CA THR HB 47 50.34 -82.99 -0.37
C THR HB 47 51.66 -82.30 -0.04
N ILE HB 48 52.33 -81.79 -1.05
CA ILE HB 48 53.60 -81.12 -0.84
C ILE HB 48 53.47 -79.61 -1.02
N ILE HB 49 53.91 -78.85 -0.02
CA ILE HB 49 53.92 -77.39 -0.08
C ILE HB 49 55.35 -76.89 0.11
N GLU HB 50 55.85 -76.13 -0.85
CA GLU HB 50 57.25 -75.71 -0.78
C GLU HB 50 57.48 -74.28 -1.26
N GLY HB 51 58.42 -73.61 -0.60
CA GLY HB 51 58.86 -72.29 -1.03
C GLY HB 51 59.91 -72.39 -2.11
N ARG HB 52 59.84 -71.49 -3.09
CA ARG HB 52 60.77 -71.48 -4.22
C ARG HB 52 61.13 -70.04 -4.61
N ILE HB 53 62.42 -69.73 -4.70
CA ILE HB 53 62.86 -68.35 -4.96
C ILE HB 53 63.16 -68.06 -6.43
N THR HB 54 62.56 -66.98 -6.95
CA THR HB 54 62.83 -66.50 -8.30
C THR HB 54 63.72 -65.26 -8.23
N GLU HB 55 64.00 -64.65 -9.38
CA GLU HB 55 64.90 -63.50 -9.43
C GLU HB 55 64.18 -62.16 -9.32
N THR HB 56 64.64 -61.33 -8.39
CA THR HB 56 64.11 -59.99 -8.22
C THR HB 56 64.96 -58.98 -8.97
N PRO HB 57 64.33 -58.14 -9.79
CA PRO HB 57 65.04 -57.02 -10.38
C PRO HB 57 65.58 -56.10 -9.28
N GLN HB 58 66.60 -55.33 -9.60
CA GLN HB 58 67.29 -54.52 -8.59
C GLN HB 58 67.14 -53.04 -8.88
N GLU HB 59 67.31 -52.24 -7.82
CA GLU HB 59 67.26 -50.79 -7.95
C GLU HB 59 68.26 -50.32 -9.01
N SER HB 60 67.79 -49.47 -9.92
CA SER HB 60 68.61 -48.96 -11.00
C SER HB 60 69.89 -48.32 -10.44
N PRO HB 61 71.02 -48.54 -11.11
CA PRO HB 61 72.37 -48.33 -10.56
C PRO HB 61 72.66 -46.96 -9.92
N ASN HB 62 72.22 -45.87 -10.56
CA ASN HB 62 72.72 -44.55 -10.17
C ASN HB 62 71.65 -43.49 -9.88
N PRO HB 63 71.22 -43.40 -8.61
CA PRO HB 63 70.25 -42.37 -8.20
C PRO HB 63 70.84 -40.96 -8.15
N PRO HB 64 70.01 -39.95 -8.45
CA PRO HB 64 70.31 -38.51 -8.42
C PRO HB 64 70.60 -37.93 -7.03
N ASN HB 65 69.97 -38.49 -6.00
CA ASN HB 65 70.11 -37.99 -4.64
C ASN HB 65 70.46 -39.08 -3.63
N PRO HB 66 71.60 -39.75 -3.82
CA PRO HB 66 71.94 -40.97 -3.07
C PRO HB 66 71.84 -40.80 -1.57
N THR HB 67 72.10 -39.59 -1.09
CA THR HB 67 71.93 -39.28 0.32
C THR HB 67 70.46 -39.41 0.72
N GLY HB 68 69.58 -39.23 -0.26
CA GLY HB 68 68.14 -39.26 -0.05
C GLY HB 68 67.67 -40.52 0.65
N GLN HB 69 66.69 -40.33 1.55
CA GLN HB 69 66.27 -41.36 2.49
C GLN HB 69 65.29 -42.37 1.88
N CYS HB 70 64.17 -41.82 1.42
CA CYS HB 70 63.02 -42.55 0.91
C CYS HB 70 63.08 -42.74 -0.61
N PRO HB 71 62.67 -43.92 -1.11
CA PRO HB 71 62.77 -44.27 -2.54
C PRO HB 71 62.24 -43.24 -3.53
N ILE HB 72 61.14 -42.56 -3.24
CA ILE HB 72 60.64 -41.52 -4.14
C ILE HB 72 61.62 -40.35 -4.25
N CYS HB 73 62.24 -40.03 -3.12
CA CYS HB 73 62.98 -38.80 -2.92
C CYS HB 73 64.37 -38.84 -3.51
N ARG HB 74 64.97 -40.02 -3.49
CA ARG HB 74 66.31 -40.14 -4.02
C ARG HB 74 66.27 -40.20 -5.54
N TRP HB 75 65.10 -40.39 -6.11
CA TRP HB 75 64.96 -40.28 -7.55
C TRP HB 75 64.38 -38.94 -7.98
N ASN HB 76 64.21 -38.05 -6.99
CA ASN HB 76 63.74 -36.68 -7.22
C ASN HB 76 62.33 -36.62 -7.75
N LEU HB 77 61.53 -37.61 -7.36
CA LEU HB 77 60.17 -37.71 -7.83
C LEU HB 77 59.18 -37.07 -6.88
N LYS HB 78 59.65 -36.54 -5.76
CA LYS HB 78 58.73 -35.92 -4.80
C LYS HB 78 57.99 -34.75 -5.44
N HIS HB 79 56.67 -34.72 -5.24
CA HIS HB 79 55.78 -33.68 -5.79
C HIS HB 79 55.74 -33.67 -7.32
N LYS HB 80 56.05 -34.80 -7.93
CA LYS HB 80 56.16 -34.88 -9.39
C LYS HB 80 55.21 -35.94 -9.96
N TYR HB 81 55.35 -37.17 -9.51
CA TYR HB 81 54.41 -38.20 -9.95
C TYR HB 81 52.95 -37.92 -9.64
N ASN HB 82 52.09 -38.33 -10.56
CA ASN HB 82 50.64 -38.14 -10.50
C ASN HB 82 49.96 -39.52 -10.56
N TYR HB 83 48.62 -39.56 -10.60
CA TYR HB 83 47.89 -40.83 -10.74
C TYR HB 83 48.13 -41.42 -12.11
N GLU HB 84 48.60 -40.56 -12.99
CA GLU HB 84 48.75 -40.85 -14.38
C GLU HB 84 50.00 -41.64 -14.69
N ASP HB 85 50.98 -41.59 -13.77
CA ASP HB 85 52.27 -42.20 -14.03
C ASP HB 85 52.30 -43.61 -13.52
N VAL HB 86 52.13 -44.52 -14.47
CA VAL HB 86 51.91 -45.90 -14.16
C VAL HB 86 53.23 -46.61 -13.99
N LEU HB 87 54.19 -46.29 -14.84
CA LEU HB 87 55.51 -46.91 -14.79
C LEU HB 87 56.07 -46.80 -13.38
N LEU HB 88 55.77 -45.70 -12.70
CA LEU HB 88 56.19 -45.56 -11.32
C LEU HB 88 55.30 -46.37 -10.39
N LEU HB 89 53.99 -46.27 -10.56
CA LEU HB 89 53.08 -46.86 -9.59
C LEU HB 89 53.12 -48.39 -9.55
N SER HB 90 53.27 -49.02 -10.70
CA SER HB 90 53.23 -50.47 -10.79
C SER HB 90 54.37 -51.14 -10.03
N GLN HB 91 55.36 -50.36 -9.63
CA GLN HB 91 56.48 -50.89 -8.89
C GLN HB 91 56.12 -51.20 -7.45
N PHE HB 92 55.21 -50.44 -6.85
CA PHE HB 92 54.66 -50.86 -5.57
C PHE HB 92 53.21 -51.26 -5.72
N ILE HB 93 52.98 -52.57 -5.72
CA ILE HB 93 51.68 -53.23 -5.73
C ILE HB 93 51.95 -54.71 -5.82
N ARG HB 94 50.87 -55.48 -5.82
CA ARG HB 94 50.96 -56.92 -5.91
C ARG HB 94 50.44 -57.32 -7.27
N PRO HB 95 50.84 -58.49 -7.77
CA PRO HB 95 50.35 -58.96 -9.07
C PRO HB 95 48.83 -58.94 -9.17
N HIS HB 96 48.17 -58.97 -8.01
CA HIS HB 96 46.72 -58.96 -7.94
C HIS HB 96 46.12 -57.58 -7.75
N GLY HB 97 46.95 -56.55 -7.71
CA GLY HB 97 46.48 -55.18 -7.77
C GLY HB 97 46.49 -54.39 -6.48
N GLY HB 98 46.75 -55.07 -5.37
CA GLY HB 98 46.76 -54.41 -4.08
C GLY HB 98 48.11 -53.79 -3.74
N MET HB 99 48.06 -52.70 -3.00
CA MET HB 99 49.24 -52.03 -2.48
C MET HB 99 50.21 -52.95 -1.72
N LEU HB 100 51.51 -52.77 -1.95
CA LEU HB 100 52.54 -53.42 -1.15
C LEU HB 100 52.61 -52.78 0.23
N PRO HB 101 53.07 -53.53 1.24
CA PRO HB 101 53.17 -52.90 2.57
C PRO HB 101 54.31 -51.90 2.64
N ARG HB 102 54.25 -51.04 3.63
CA ARG HB 102 55.17 -49.90 3.72
C ARG HB 102 56.59 -50.26 4.16
N ARG HB 103 56.72 -51.14 5.14
CA ARG HB 103 58.04 -51.46 5.69
C ARG HB 103 58.90 -52.23 4.70
N ILE HB 104 58.25 -52.89 3.74
CA ILE HB 104 58.97 -53.57 2.69
C ILE HB 104 59.48 -52.57 1.67
N THR HB 105 58.60 -51.69 1.24
CA THR HB 105 58.93 -50.73 0.20
C THR HB 105 59.92 -49.67 0.68
N GLY HB 106 59.71 -49.17 1.90
CA GLY HB 106 60.63 -48.21 2.47
C GLY HB 106 60.19 -46.79 2.24
N LEU HB 107 58.94 -46.59 1.83
CA LEU HB 107 58.48 -45.26 1.51
C LEU HB 107 58.35 -44.37 2.76
N CYS HB 108 58.65 -43.07 2.60
CA CYS HB 108 58.35 -42.09 3.66
C CYS HB 108 56.83 -42.08 3.81
N GLN HB 109 56.36 -42.09 5.05
CA GLN HB 109 54.94 -42.33 5.35
C GLN HB 109 53.97 -41.54 4.47
N GLU HB 110 54.21 -40.23 4.41
CA GLU HB 110 53.44 -39.33 3.58
C GLU HB 110 53.36 -39.82 2.13
N GLU HB 111 54.52 -40.14 1.57
CA GLU HB 111 54.56 -40.57 0.19
C GLU HB 111 53.87 -41.92 0.00
N HIS HB 112 53.92 -42.77 1.02
CA HIS HB 112 53.20 -44.02 0.95
C HIS HB 112 51.73 -43.74 0.74
N LEU HB 113 51.17 -42.86 1.57
CA LEU HB 113 49.77 -42.53 1.39
C LEU HB 113 49.48 -41.95 0.01
N LYS HB 114 50.34 -41.04 -0.47
CA LYS HB 114 50.14 -40.49 -1.81
C LYS HB 114 50.11 -41.56 -2.88
N ILE HB 115 51.04 -42.50 -2.80
CA ILE HB 115 51.12 -43.55 -3.80
C ILE HB 115 49.90 -44.47 -3.70
N GLU HB 116 49.39 -44.65 -2.50
CA GLU HB 116 48.20 -45.47 -2.35
C GLU HB 116 46.97 -44.82 -3.01
N GLU HB 117 46.78 -43.52 -2.74
CA GLU HB 117 45.75 -42.74 -3.40
C GLU HB 117 45.84 -42.84 -4.90
N CYS HB 118 47.05 -42.60 -5.40
CA CYS HB 118 47.28 -42.67 -6.84
C CYS HB 118 46.95 -44.03 -7.40
N VAL HB 119 47.33 -45.10 -6.71
CA VAL HB 119 47.07 -46.43 -7.22
C VAL HB 119 45.58 -46.71 -7.29
N LYS HB 120 44.85 -46.36 -6.23
CA LYS HB 120 43.40 -46.48 -6.28
C LYS HB 120 42.85 -45.74 -7.49
N MET HB 121 43.22 -44.47 -7.58
CA MET HB 121 42.72 -43.59 -8.62
C MET HB 121 43.02 -44.14 -10.01
N ALA HB 122 44.14 -44.84 -10.14
CA ALA HB 122 44.59 -45.37 -11.43
C ALA HB 122 43.88 -46.66 -11.78
N HIS HB 123 43.65 -47.51 -10.77
CA HIS HB 123 42.79 -48.67 -10.96
C HIS HB 123 41.44 -48.23 -11.49
N ARG HB 124 40.84 -47.26 -10.79
CA ARG HB 124 39.52 -46.78 -11.15
C ARG HB 124 39.52 -46.17 -12.53
N ALA HB 125 40.64 -45.57 -12.91
CA ALA HB 125 40.73 -44.88 -14.18
C ALA HB 125 40.85 -45.85 -15.35
N GLY HB 126 41.06 -47.13 -15.05
CA GLY HB 126 41.16 -48.15 -16.08
C GLY HB 126 42.55 -48.35 -16.65
N LEU HB 127 43.56 -48.03 -15.86
CA LEU HB 127 44.95 -48.25 -16.23
C LEU HB 127 45.37 -49.37 -15.30
N LEU HB 128 46.43 -50.10 -15.65
CA LEU HB 128 46.74 -51.38 -15.00
C LEU HB 128 45.64 -52.44 -15.16
N PRO HB 129 45.22 -52.74 -16.41
CA PRO HB 129 44.22 -53.79 -16.63
C PRO HB 129 44.77 -55.20 -16.39
N ASN HB 130 46.09 -55.34 -16.35
CA ASN HB 130 46.71 -56.64 -16.13
C ASN HB 130 46.80 -57.03 -14.66
N HIS HB 131 46.55 -56.06 -13.79
CA HIS HB 131 46.76 -56.28 -12.38
C HIS HB 131 45.50 -56.69 -11.61
N ARG HB 132 44.42 -56.95 -12.33
CA ARG HB 132 43.25 -57.58 -11.73
C ARG HB 132 43.49 -59.07 -11.43
N PRO HB 133 42.74 -59.65 -10.48
CA PRO HB 133 42.77 -61.11 -10.26
C PRO HB 133 42.05 -61.85 -11.39
N LYS HB 134 42.62 -62.95 -11.88
CA LYS HB 134 42.06 -63.67 -13.02
C LYS HB 134 40.98 -64.68 -12.61
N LEU HB 135 39.79 -64.53 -13.18
CA LEU HB 135 38.64 -65.39 -12.83
C LEU HB 135 37.85 -65.89 -14.06
N PRO HB 136 38.18 -67.09 -14.58
CA PRO HB 136 37.73 -67.64 -15.89
C PRO HB 136 36.22 -67.53 -16.16
N GLU HB 137 35.41 -67.57 -15.12
CA GLU HB 137 33.96 -67.49 -15.28
C GLU HB 137 33.47 -66.06 -15.54
N GLY HB 138 33.95 -65.12 -14.74
CA GLY HB 138 33.39 -63.78 -14.68
C GLY HB 138 33.72 -62.80 -15.79
N PHE HB 139 34.60 -63.19 -16.70
CA PHE HB 139 34.92 -62.37 -17.87
C PHE HB 139 33.77 -62.44 -18.88
N VAL HB 140 33.08 -63.57 -18.88
CA VAL HB 140 31.96 -63.82 -19.80
C VAL HB 140 30.71 -62.95 -19.55
N PRO HB 141 30.25 -62.79 -18.29
CA PRO HB 141 29.02 -62.02 -18.05
C PRO HB 141 29.15 -60.51 -18.20
N LYS HB 142 29.01 -60.01 -19.41
CA LYS HB 142 29.10 -58.58 -19.71
C LYS HB 142 28.19 -57.74 -18.81
N SER HB 143 28.68 -56.56 -18.46
CA SER HB 143 27.90 -55.51 -17.84
C SER HB 143 28.00 -54.29 -18.75
N LYS HB 144 27.15 -53.28 -18.54
CA LYS HB 144 27.18 -52.08 -19.38
C LYS HB 144 28.60 -51.56 -19.49
N PRO HB 145 29.07 -51.33 -20.73
CA PRO HB 145 30.49 -51.06 -21.00
C PRO HB 145 31.04 -50.01 -20.04
N ARG HB 146 32.22 -50.29 -19.51
CA ARG HB 146 32.73 -49.53 -18.37
C ARG HB 146 32.72 -48.04 -18.67
N LEU HB 147 32.08 -47.27 -17.80
CA LEU HB 147 32.10 -45.83 -17.90
C LEU HB 147 33.53 -45.32 -17.76
N ASN HB 148 34.01 -44.56 -18.73
CA ASN HB 148 35.34 -44.03 -18.64
C ASN HB 148 35.39 -42.90 -17.63
N ARG HB 149 36.27 -43.04 -16.65
CA ARG HB 149 36.39 -42.03 -15.62
C ARG HB 149 37.85 -41.86 -15.29
N TYR HB 150 38.19 -40.75 -14.65
CA TYR HB 150 39.56 -40.52 -14.24
C TYR HB 150 39.56 -39.58 -13.05
N LEU HB 151 40.63 -39.62 -12.26
CA LEU HB 151 40.76 -38.73 -11.12
C LEU HB 151 39.63 -38.90 -10.12
N THR HB 152 39.26 -40.14 -9.81
CA THR HB 152 38.12 -40.37 -8.91
C THR HB 152 38.57 -40.71 -7.49
N ARG HB 153 38.20 -39.83 -6.56
CA ARG HB 153 38.65 -39.91 -5.18
C ARG HB 153 37.94 -40.98 -4.37
N TRP HB 154 36.63 -41.09 -4.55
CA TRP HB 154 35.85 -42.11 -3.87
C TRP HB 154 35.70 -43.36 -4.73
N SER HB 155 35.04 -44.37 -4.18
CA SER HB 155 34.63 -45.54 -4.95
C SER HB 155 33.26 -45.32 -5.53
N PRO HB 156 33.01 -45.83 -6.72
CA PRO HB 156 31.71 -45.64 -7.37
C PRO HB 156 30.51 -46.16 -6.57
N ARG HB 157 30.59 -47.32 -5.94
CA ARG HB 157 29.43 -47.87 -5.23
C ARG HB 157 29.02 -47.06 -3.99
N SER HB 158 29.92 -46.22 -3.50
CA SER HB 158 29.70 -45.58 -2.21
C SER HB 158 29.14 -44.17 -2.29
N VAL HB 159 28.89 -43.68 -3.49
CA VAL HB 159 28.54 -42.26 -3.59
C VAL HB 159 27.09 -42.04 -3.95
N LYS HB 160 26.39 -41.36 -3.04
CA LYS HB 160 25.01 -40.92 -3.29
C LYS HB 160 24.98 -39.81 -4.32
N PRO HB 161 24.03 -39.90 -5.27
CA PRO HB 161 23.85 -38.80 -6.22
C PRO HB 161 23.42 -37.55 -5.47
N ILE HB 162 23.93 -36.38 -5.85
CA ILE HB 162 23.53 -35.19 -5.13
C ILE HB 162 22.31 -34.61 -5.85
N TYR HB 163 21.16 -34.75 -5.19
CA TYR HB 163 19.88 -34.36 -5.78
C TYR HB 163 19.66 -32.90 -5.62
N ASN HB 164 20.22 -32.35 -4.55
CA ASN HB 164 19.96 -30.97 -4.22
C ASN HB 164 20.96 -29.86 -4.55
N LYS HB 165 22.13 -30.15 -5.12
CA LYS HB 165 22.93 -29.07 -5.71
C LYS HB 165 23.13 -27.94 -4.72
N GLY HB 166 22.28 -26.92 -4.87
CA GLY HB 166 22.17 -25.83 -3.92
C GLY HB 166 22.59 -24.55 -4.60
N HIS HB 167 22.20 -23.42 -4.05
CA HIS HB 167 22.39 -22.18 -4.77
C HIS HB 167 23.80 -21.67 -4.65
N ARG HB 168 24.01 -20.52 -5.27
CA ARG HB 168 25.31 -19.91 -5.39
C ARG HB 168 26.04 -19.82 -4.05
N TRP HB 169 25.31 -19.50 -2.98
CA TRP HB 169 25.94 -19.35 -1.66
C TRP HB 169 26.16 -20.64 -0.88
N ASN HB 170 25.20 -21.54 -0.85
CA ASN HB 170 25.48 -22.85 -0.28
C ASN HB 170 25.47 -23.89 -1.38
N LYS HB 171 26.63 -24.34 -1.80
CA LYS HB 171 26.68 -25.15 -3.01
C LYS HB 171 27.40 -26.45 -2.78
N VAL HB 172 26.81 -27.54 -3.24
CA VAL HB 172 27.44 -28.82 -3.06
C VAL HB 172 28.44 -29.06 -4.18
N ARG HB 173 29.69 -29.24 -3.80
CA ARG HB 173 30.78 -29.38 -4.74
C ARG HB 173 31.17 -30.84 -4.86
N MET HB 174 31.55 -31.25 -6.07
CA MET HB 174 31.91 -32.64 -6.31
C MET HB 174 33.41 -32.82 -6.37
N PRO HB 175 33.96 -33.61 -5.44
CA PRO HB 175 35.40 -33.84 -5.30
C PRO HB 175 36.05 -34.45 -6.53
N VAL HB 176 37.20 -33.91 -6.92
CA VAL HB 176 37.96 -34.41 -8.05
C VAL HB 176 39.44 -34.52 -7.71
N GLY HB 177 40.00 -35.72 -7.82
CA GLY HB 177 41.36 -35.96 -7.38
C GLY HB 177 41.40 -35.96 -5.87
N SER HB 178 42.58 -36.12 -5.29
CA SER HB 178 42.68 -36.15 -3.85
C SER HB 178 43.54 -35.02 -3.34
N PRO HB 179 43.20 -34.50 -2.16
CA PRO HB 179 43.95 -33.46 -1.46
C PRO HB 179 45.36 -33.90 -1.06
N LEU HB 180 45.66 -35.20 -1.10
CA LEU HB 180 47.03 -35.66 -0.81
C LEU HB 180 48.02 -35.17 -1.84
N LEU HB 181 47.53 -34.95 -3.06
CA LEU HB 181 48.34 -34.50 -4.17
C LEU HB 181 48.33 -32.99 -4.36
N LYS HB 182 47.72 -32.26 -3.44
CA LYS HB 182 47.60 -30.81 -3.61
C LYS HB 182 48.96 -30.10 -3.59
N ASP HB 183 50.01 -30.85 -3.28
CA ASP HB 183 51.36 -30.30 -3.28
C ASP HB 183 52.19 -30.56 -4.54
N ASN HB 184 51.62 -31.21 -5.54
CA ASN HB 184 52.31 -31.42 -6.82
C ASN HB 184 52.71 -30.07 -7.42
N VAL HB 185 53.84 -30.05 -8.12
CA VAL HB 185 54.30 -28.81 -8.72
C VAL HB 185 53.34 -28.32 -9.81
N SER HB 186 52.90 -27.07 -9.71
CA SER HB 186 52.01 -26.49 -10.71
C SER HB 186 52.80 -25.63 -11.68
N TYR HB 187 52.82 -26.03 -12.94
CA TYR HB 187 53.55 -25.30 -13.95
C TYR HB 187 52.79 -24.07 -14.41
N SER HB 188 51.46 -24.14 -14.32
CA SER HB 188 50.64 -22.99 -14.66
C SER HB 188 50.75 -21.92 -13.57
N GLY HB 189 50.91 -22.37 -12.33
CA GLY HB 189 50.99 -21.47 -11.19
C GLY HB 189 49.68 -21.38 -10.42
N ARG HB 190 48.58 -21.71 -11.08
CA ARG HB 190 47.27 -21.74 -10.41
C ARG HB 190 47.12 -23.08 -9.70
N PRO HB 191 46.62 -23.04 -8.45
CA PRO HB 191 46.49 -24.26 -7.65
C PRO HB 191 45.46 -25.18 -8.30
N LEU HB 192 45.71 -26.49 -8.27
CA LEU HB 192 44.78 -27.45 -8.83
C LEU HB 192 43.40 -27.28 -8.22
N LEU HB 193 42.38 -27.46 -9.02
CA LEU HB 193 41.02 -27.27 -8.56
C LEU HB 193 40.40 -28.58 -8.09
N LEU HB 194 40.24 -28.73 -6.77
CA LEU HB 194 39.91 -30.03 -6.20
C LEU HB 194 38.43 -30.31 -6.07
N TYR HB 195 37.62 -29.27 -6.24
CA TYR HB 195 36.18 -29.43 -6.13
C TYR HB 195 35.46 -28.74 -7.25
N HIS HB 196 34.74 -29.52 -8.05
CA HIS HB 196 33.70 -28.97 -8.88
C HIS HB 196 32.55 -29.96 -9.07
N ALA IB 1 22.88 2.14 91.89
CA ALA IB 1 23.66 2.43 93.10
C ALA IB 1 24.38 1.18 93.60
N ALA IB 2 25.59 1.37 94.13
CA ALA IB 2 26.36 0.25 94.67
C ALA IB 2 27.02 0.59 96.01
N ALA IB 3 26.63 -0.14 97.07
CA ALA IB 3 27.31 -0.09 98.36
C ALA IB 3 27.38 -1.50 98.96
N ALA IB 4 28.59 -1.95 99.31
CA ALA IB 4 28.79 -3.31 99.81
C ALA IB 4 29.43 -3.29 101.20
N ALA IB 5 28.73 -3.84 102.19
CA ALA IB 5 29.18 -3.77 103.58
C ALA IB 5 30.20 -4.87 103.92
N ALA IB 6 31.24 -4.48 104.64
CA ALA IB 6 32.24 -5.43 105.12
C ALA IB 6 31.94 -5.82 106.57
N ALA IB 7 31.71 -7.11 106.79
CA ALA IB 7 31.31 -7.61 108.11
C ALA IB 7 32.49 -8.19 108.89
N ALA IB 8 32.67 -7.71 110.12
CA ALA IB 8 33.78 -8.15 110.97
C ALA IB 8 33.39 -9.38 111.79
N ALA IB 9 20.13 2.84 87.33
CA ALA IB 9 19.10 2.85 86.29
C ALA IB 9 19.58 2.17 85.00
N ALA IB 10 20.90 2.05 84.84
CA ALA IB 10 21.49 1.33 83.71
C ALA IB 10 21.47 -0.19 83.91
N ALA IB 11 21.89 -0.62 85.11
CA ALA IB 11 21.84 -2.02 85.51
C ALA IB 11 20.40 -2.44 85.83
N ALA IB 12 19.53 -1.45 86.06
CA ALA IB 12 18.11 -1.67 86.31
C ALA IB 12 17.35 -1.96 85.01
N ALA IB 13 17.79 -1.29 83.94
CA ALA IB 13 17.30 -1.49 82.58
C ALA IB 13 17.89 -2.78 81.98
N ALA IB 14 19.14 -3.07 82.33
CA ALA IB 14 19.78 -4.34 81.95
C ALA IB 14 19.15 -5.54 82.68
N ALA IB 15 18.74 -5.32 83.94
CA ALA IB 15 18.06 -6.36 84.73
C ALA IB 15 16.57 -6.50 84.35
N ALA IB 16 15.96 -5.43 83.86
CA ALA IB 16 14.60 -5.48 83.32
C ALA IB 16 14.59 -6.22 81.98
N ALA IB 17 15.64 -6.02 81.19
CA ALA IB 17 15.82 -6.75 79.92
C ALA IB 17 16.21 -8.22 80.15
N ALA IB 18 16.97 -8.49 81.21
CA ALA IB 18 17.32 -9.88 81.57
C ALA IB 18 16.11 -10.63 82.16
N ALA IB 19 15.31 -9.91 82.96
CA ALA IB 19 14.10 -10.50 83.54
C ALA IB 19 12.98 -10.67 82.49
N ALA IB 20 12.99 -9.82 81.47
CA ALA IB 20 12.06 -9.96 80.34
C ALA IB 20 12.50 -11.03 79.33
N ALA IB 21 13.82 -11.24 79.23
CA ALA IB 21 14.36 -12.28 78.34
C ALA IB 21 14.44 -13.65 79.03
N ALA IB 22 14.24 -13.67 80.35
CA ALA IB 22 14.14 -14.92 81.09
C ALA IB 22 12.76 -15.56 80.93
N ALA IB 23 11.72 -14.73 80.93
CA ALA IB 23 10.34 -15.20 80.79
C ALA IB 23 9.93 -15.38 79.33
N ALA IB 24 17.27 -0.60 78.25
CA ALA IB 24 16.39 0.56 78.42
C ALA IB 24 15.21 0.51 77.45
N ALA IB 25 15.46 0.92 76.20
CA ALA IB 25 14.47 0.94 75.14
C ALA IB 25 14.26 -0.43 74.50
N ALA IB 26 15.33 -1.21 74.39
CA ALA IB 26 15.28 -2.56 73.80
C ALA IB 26 14.45 -3.50 74.69
N ALA IB 27 14.41 -3.21 75.99
CA ALA IB 27 13.59 -3.96 76.96
C ALA IB 27 12.11 -3.62 76.78
N ALA IB 28 11.82 -2.36 76.44
CA ALA IB 28 10.45 -1.92 76.15
C ALA IB 28 9.94 -2.50 74.82
N ALA IB 29 10.84 -2.60 73.84
CA ALA IB 29 10.50 -3.20 72.54
C ALA IB 29 10.30 -4.72 72.64
N ALA IB 30 11.21 -5.40 73.33
CA ALA IB 30 11.13 -6.86 73.51
C ALA IB 30 9.97 -7.26 74.44
N ALA IB 31 9.66 -6.43 75.44
CA ALA IB 31 8.51 -6.68 76.33
C ALA IB 31 7.18 -6.28 75.68
N ALA IB 32 7.21 -5.34 74.73
CA ALA IB 32 6.02 -5.02 73.94
C ALA IB 32 5.70 -6.14 72.94
N ALA IB 33 6.75 -6.67 72.30
CA ALA IB 33 6.60 -7.83 71.39
C ALA IB 33 6.24 -9.11 72.15
N ALA IB 34 6.73 -9.23 73.39
CA ALA IB 34 6.42 -10.39 74.24
C ALA IB 34 5.02 -10.32 74.86
N ALA IB 35 4.56 -9.11 75.19
CA ALA IB 35 3.19 -8.93 75.70
C ALA IB 35 2.17 -9.04 74.57
N ALA IB 36 2.56 -8.63 73.35
CA ALA IB 36 1.72 -8.80 72.17
C ALA IB 36 1.74 -10.24 71.65
N ALA IB 37 2.79 -10.99 71.99
CA ALA IB 37 2.85 -12.44 71.70
C ALA IB 37 2.06 -13.25 72.74
N ALA IB 38 2.05 -12.78 73.98
CA ALA IB 38 1.31 -13.43 75.08
C ALA IB 38 -0.18 -13.09 75.05
N ALA IB 39 -0.54 -11.95 74.46
CA ALA IB 39 -1.93 -11.56 74.29
C ALA IB 39 -2.56 -12.25 73.07
N ALA IB 40 -1.71 -12.89 72.25
CA ALA IB 40 -2.14 -13.57 71.04
C ALA IB 40 -2.41 -15.05 71.28
N ALA IB 41 32.01 -22.49 108.64
CA ALA IB 41 33.00 -23.37 109.24
C ALA IB 41 34.20 -22.58 109.78
N ALA IB 42 34.81 -21.75 108.93
CA ALA IB 42 35.93 -20.90 109.36
C ALA IB 42 35.42 -19.64 110.07
N ALA IB 43 34.22 -19.20 109.71
CA ALA IB 43 33.58 -18.05 110.35
C ALA IB 43 32.95 -18.43 111.70
N ALA IB 44 32.55 -19.69 111.84
CA ALA IB 44 32.01 -20.20 113.10
C ALA IB 44 33.14 -20.49 114.11
N ALA IB 45 34.31 -20.86 113.58
CA ALA IB 45 35.52 -21.07 114.38
C ALA IB 45 36.15 -19.72 114.77
N ALA IB 46 36.09 -18.76 113.86
CA ALA IB 46 36.54 -17.39 114.14
C ALA IB 46 35.58 -16.69 115.11
N ALA IB 47 34.29 -17.02 115.03
CA ALA IB 47 33.30 -16.50 115.98
C ALA IB 47 33.42 -17.19 117.35
N ALA IB 48 33.84 -18.47 117.35
CA ALA IB 48 34.15 -19.18 118.59
C ALA IB 48 35.37 -18.55 119.28
N ALA IB 49 36.40 -18.26 118.48
CA ALA IB 49 37.63 -17.63 118.99
C ALA IB 49 37.39 -16.19 119.47
N ALA IB 50 36.56 -15.43 118.74
CA ALA IB 50 36.28 -14.03 119.07
C ALA IB 50 35.25 -13.88 120.21
N ALA IB 51 34.36 -14.85 120.37
CA ALA IB 51 33.44 -14.87 121.51
C ALA IB 51 34.11 -15.41 122.78
N ALA IB 52 35.09 -16.30 122.61
CA ALA IB 52 35.86 -16.83 123.74
C ALA IB 52 36.97 -15.87 124.20
N ALA IB 53 37.48 -15.04 123.29
CA ALA IB 53 38.50 -14.05 123.64
C ALA IB 53 37.90 -12.78 124.26
N ALA IB 54 36.60 -12.56 124.05
CA ALA IB 54 35.89 -11.40 124.59
C ALA IB 54 35.51 -11.61 126.07
N ALA IB 55 35.32 -12.88 126.45
CA ALA IB 55 34.98 -13.24 127.82
C ALA IB 55 36.21 -13.69 128.60
N ALA IB 56 38.27 -3.61 114.26
CA ALA IB 56 38.95 -3.84 115.53
C ALA IB 56 39.47 -5.28 115.69
N ALA IB 57 38.72 -6.25 115.17
CA ALA IB 57 39.07 -7.67 115.35
C ALA IB 57 40.35 -8.08 114.60
N ALA IB 58 40.39 -7.87 113.29
CA ALA IB 58 41.59 -8.19 112.52
C ALA IB 58 42.70 -7.18 112.75
N ALA IB 59 42.39 -6.10 113.49
CA ALA IB 59 43.42 -5.15 113.93
C ALA IB 59 44.26 -5.80 115.02
N ALA IB 60 43.57 -6.48 115.94
CA ALA IB 60 44.25 -7.26 116.97
C ALA IB 60 44.84 -8.55 116.39
N ALA IB 61 44.21 -9.10 115.36
CA ALA IB 61 44.75 -10.29 114.69
C ALA IB 61 46.05 -9.95 113.93
N ALA IB 62 46.07 -8.78 113.30
CA ALA IB 62 47.22 -8.27 112.55
C ALA IB 62 48.30 -7.78 113.51
N ALA IB 63 47.88 -7.36 114.70
CA ALA IB 63 48.79 -6.96 115.76
C ALA IB 63 49.47 -8.20 116.35
N ALA IB 64 48.74 -9.32 116.39
CA ALA IB 64 49.29 -10.59 116.87
C ALA IB 64 50.16 -11.26 115.79
N ALA IB 65 49.86 -10.99 114.53
CA ALA IB 65 50.67 -11.48 113.42
C ALA IB 65 52.02 -10.77 113.36
N ALA IB 66 52.00 -9.44 113.49
CA ALA IB 66 53.23 -8.65 113.51
C ALA IB 66 54.03 -8.91 114.78
N ALA IB 67 4.83 19.82 95.83
CA ALA IB 67 3.98 19.36 94.72
C ALA IB 67 4.72 19.41 93.38
N ALA IB 68 5.55 20.44 93.18
CA ALA IB 68 6.32 20.60 91.94
C ALA IB 68 7.59 19.74 91.92
N ALA IB 69 8.31 19.69 93.05
CA ALA IB 69 9.54 18.90 93.15
C ALA IB 69 9.24 17.39 93.21
N ALA IB 70 8.03 17.03 93.63
CA ALA IB 70 7.60 15.63 93.64
C ALA IB 70 7.25 15.16 92.23
N ALA IB 71 6.73 16.09 91.40
CA ALA IB 71 6.48 15.81 89.99
C ALA IB 71 7.79 15.80 89.19
N ALA IB 72 8.75 16.64 89.59
CA ALA IB 72 10.08 16.64 88.98
C ALA IB 72 10.89 15.39 89.35
N ALA IB 73 10.70 14.89 90.58
CA ALA IB 73 11.34 13.65 91.04
C ALA IB 73 10.69 12.39 90.44
N ALA IB 74 9.36 12.40 90.32
CA ALA IB 74 8.65 11.32 89.63
C ALA IB 74 8.96 11.32 88.12
N ALA IB 75 9.24 12.51 87.58
CA ALA IB 75 9.66 12.63 86.17
C ALA IB 75 11.12 12.18 85.97
N ALA IB 76 11.98 12.44 86.95
CA ALA IB 76 13.37 11.97 86.89
C ALA IB 76 13.46 10.45 87.11
N ALA IB 77 12.52 9.90 87.88
CA ALA IB 77 12.43 8.44 88.07
C ALA IB 77 11.79 7.75 86.86
N ALA IB 78 10.86 8.44 86.18
CA ALA IB 78 10.27 7.94 84.94
C ALA IB 78 11.24 8.05 83.74
N ALA IB 79 12.16 9.02 83.81
CA ALA IB 79 13.25 9.13 82.83
C ALA IB 79 14.42 8.19 83.13
N ALA IB 80 14.60 7.83 84.40
CA ALA IB 80 15.61 6.83 84.80
C ALA IB 80 15.14 5.39 84.56
N ALA IB 81 13.83 5.15 84.64
CA ALA IB 81 13.26 3.83 84.37
C ALA IB 81 13.23 3.53 82.86
N ALA IB 82 12.92 4.55 82.07
CA ALA IB 82 12.85 4.43 80.61
C ALA IB 82 14.23 4.17 79.98
#